data_9CC9
#
_entry.id   9CC9
#
_cell.length_a   1.00
_cell.length_b   1.00
_cell.length_c   1.00
_cell.angle_alpha   90.00
_cell.angle_beta   90.00
_cell.angle_gamma   90.00
#
_symmetry.space_group_name_H-M   'P 1'
#
loop_
_entity.id
_entity.type
_entity.pdbx_description
1 polymer 'NLR-required for cell death 4'
2 non-polymer "ADENOSINE-5'-TRIPHOSPHATE"
#
_entity_poly.entity_id   1
_entity_poly.type   'polypeptide(L)'
_entity_poly.pdbx_seq_one_letter_code
;MADAVVNFEVENLLQLLTDNVKLIGSAKGELENLLKEVQHLKGFLDDAAKLPSDSEQWKVLVEEIQKTVHTAEDAVDKFV
VQAKLHKEKNKMARILDVGHLATVRNLAAEVKGIHDQVKELRLNNQALQARPTLELPKKGSSETTQQGPALEDDEVVGFD
EEANKVINRLVKESKDLDIIPVVGMPGLGKTTLARKIYKDPKLSYEFFGVHWVYVGQSYKIKDVFLNILKFFTRRTEDYQ
HEDVDALAKVIAGFINKGGRCLICLDDVWETKVIDYVKTIFPENEKGHRVMMTTRNKVLATYANSDPHDLKFLTPKESFE
LLVKRVFGKKPCPKDLVGHGESIAGKCGGVPLAVVVIAGALRGRPNTSDWIRVERNVVQHLYTNSEESCLKFVEMSYDHL
PQEVQTCFLYCGVFPRGFDIPSWKVIRLWIAEGLIKPQESYTLEEIAEFYLNDLVNRNLVILQQKRSDGQIKTCRLHVML
HQFCKKEASNKWLFQEVSLTPDQAIPIEDPNKSRRLCIQPSNLKDFLSKKPSAEHVRSFYCFSSKEKQIRGLTPNDIKLI
HKAFPLVRVLDVESLKFLFSKDFNQLFHLRYIAISGDFNAIPLTFGKFWNLQTLILNTSTSESTLDVKADIWNMLQLRHL
HTNIPAKLQPPTATTSGKASCLQTLCMVAPESCEKEVLAKACHLKKLSIRGQMAAFLGAYKGGINNLVELKCLEQLKLLN
DVLYMNKAPHLPQTFSQLVRTVKKLTLTNTRFAWSEADKLGQLESLEILKFKENAFAGDSWKPKMGFSALRVLWIERAEF
ETWEASEINFPVLRNLVLMSCDKLETVPFELANLSDLYEMRLENTSKAVKSAKAILESKTDKNIKFNLTIFPPEAGSKAT
Q
;
_entity_poly.pdbx_strand_id   A,B,C,D,E,F,G,H,I,J,K,L
#
# COMPACT_ATOMS: atom_id res chain seq x y z
N PHE A 8 1.61 -13.06 -19.21
CA PHE A 8 2.26 -12.38 -20.36
C PHE A 8 1.21 -11.82 -21.32
N GLU A 9 0.31 -12.69 -21.76
CA GLU A 9 -0.75 -12.25 -22.68
C GLU A 9 -1.69 -11.26 -22.00
N VAL A 10 -1.96 -11.46 -20.70
CA VAL A 10 -2.81 -10.51 -19.98
C VAL A 10 -2.15 -9.14 -19.94
N GLU A 11 -0.89 -9.09 -19.49
CA GLU A 11 -0.17 -7.82 -19.44
C GLU A 11 0.03 -7.26 -20.84
N ASN A 12 0.31 -8.13 -21.81
CA ASN A 12 0.45 -7.69 -23.19
C ASN A 12 -0.80 -6.94 -23.58
N LEU A 13 -1.92 -7.65 -23.66
CA LEU A 13 -3.16 -7.04 -24.12
C LEU A 13 -3.49 -5.78 -23.33
N LEU A 14 -3.21 -5.79 -22.01
CA LEU A 14 -3.46 -4.60 -21.20
C LEU A 14 -2.69 -3.40 -21.75
N GLN A 15 -1.37 -3.55 -21.91
CA GLN A 15 -0.56 -2.45 -22.41
C GLN A 15 -0.97 -2.07 -23.82
N LEU A 16 -1.25 -3.06 -24.67
CA LEU A 16 -1.60 -2.81 -26.05
C LEU A 16 -2.87 -1.96 -26.14
N LEU A 17 -3.89 -2.32 -25.38
CA LEU A 17 -5.12 -1.54 -25.39
C LEU A 17 -4.90 -0.16 -24.78
N THR A 18 -4.18 -0.09 -23.67
CA THR A 18 -4.01 1.19 -22.97
C THR A 18 -3.29 2.20 -23.84
N ASP A 19 -2.20 1.80 -24.49
CA ASP A 19 -1.42 2.74 -25.28
C ASP A 19 -2.22 3.24 -26.48
N ASN A 20 -2.94 2.35 -27.17
CA ASN A 20 -3.69 2.75 -28.35
C ASN A 20 -4.81 3.72 -28.04
N VAL A 21 -5.22 3.83 -26.77
CA VAL A 21 -6.22 4.82 -26.40
C VAL A 21 -5.70 6.23 -26.60
N SER A 26 -1.61 6.56 -25.75
CA SER A 26 -2.71 7.18 -26.54
C SER A 26 -2.09 7.34 -27.86
N ALA A 27 -2.75 6.78 -28.82
CA ALA A 27 -1.73 6.73 -29.87
C ALA A 27 -1.73 7.99 -30.72
N LYS A 28 -2.92 8.52 -31.03
CA LYS A 28 -2.99 9.69 -31.90
C LYS A 28 -2.40 10.92 -31.23
N GLY A 29 -2.66 11.11 -29.93
CA GLY A 29 -2.07 12.22 -29.22
C GLY A 29 -0.55 12.12 -29.16
N GLU A 30 -0.03 10.92 -28.88
CA GLU A 30 1.40 10.70 -28.95
C GLU A 30 1.93 11.06 -30.33
N LEU A 31 1.22 10.65 -31.37
CA LEU A 31 1.65 10.90 -32.74
C LEU A 31 1.74 12.40 -33.00
N GLU A 32 0.69 13.14 -32.65
CA GLU A 32 0.64 14.57 -32.94
C GLU A 32 1.70 15.32 -32.14
N ASN A 33 1.86 14.98 -30.86
CA ASN A 33 2.89 15.64 -30.07
C ASN A 33 4.28 15.35 -30.60
N LEU A 34 4.54 14.09 -31.00
CA LEU A 34 5.81 13.77 -31.63
C LEU A 34 6.00 14.60 -32.89
N LEU A 35 4.95 14.78 -33.67
CA LEU A 35 5.06 15.55 -34.90
C LEU A 35 5.40 17.00 -34.61
N LYS A 36 4.75 17.60 -33.61
CA LYS A 36 5.10 18.98 -33.25
C LYS A 36 6.56 19.08 -32.82
N GLU A 37 7.00 18.17 -31.96
CA GLU A 37 8.36 18.27 -31.45
C GLU A 37 9.39 18.00 -32.54
N VAL A 38 9.05 17.12 -33.50
CA VAL A 38 9.95 16.90 -34.63
C VAL A 38 9.95 18.11 -35.55
N GLN A 39 8.83 18.81 -35.67
CA GLN A 39 8.85 20.09 -36.38
C GLN A 39 9.79 21.08 -35.71
N HIS A 40 9.77 21.10 -34.37
CA HIS A 40 10.72 21.92 -33.63
C HIS A 40 12.15 21.56 -33.99
N LEU A 41 12.48 20.27 -33.94
CA LEU A 41 13.85 19.86 -34.23
C LEU A 41 14.21 20.16 -35.68
N LYS A 42 13.24 20.08 -36.59
CA LYS A 42 13.53 20.37 -37.98
C LYS A 42 13.79 21.86 -38.19
N GLY A 43 13.03 22.72 -37.50
CA GLY A 43 13.34 24.14 -37.53
C GLY A 43 14.71 24.42 -36.96
N PHE A 44 15.06 23.76 -35.86
CA PHE A 44 16.41 23.91 -35.34
C PHE A 44 17.44 23.48 -36.37
N LEU A 45 17.17 22.41 -37.11
CA LEU A 45 18.11 21.96 -38.12
C LEU A 45 18.25 22.99 -39.23
N ASP A 46 17.14 23.60 -39.63
CA ASP A 46 17.21 24.65 -40.65
C ASP A 46 18.07 25.81 -40.15
N ASP A 47 17.95 26.15 -38.86
CA ASP A 47 18.85 27.14 -38.28
C ASP A 47 20.29 26.65 -38.34
N ALA A 48 20.53 25.42 -37.88
CA ALA A 48 21.89 24.93 -37.69
C ALA A 48 22.65 24.86 -39.00
N ALA A 49 21.98 24.42 -40.07
CA ALA A 49 22.65 24.33 -41.36
C ALA A 49 23.26 25.67 -41.75
N LYS A 50 22.48 26.75 -41.61
CA LYS A 50 22.98 28.07 -41.95
C LYS A 50 24.15 28.46 -41.05
N LEU A 51 24.03 28.20 -39.77
CA LEU A 51 25.02 28.69 -38.80
C LEU A 51 26.36 28.02 -39.05
N PRO A 52 27.43 28.77 -39.30
CA PRO A 52 28.76 28.15 -39.40
C PRO A 52 29.19 27.56 -38.07
N SER A 53 29.86 26.42 -38.14
CA SER A 53 30.26 25.71 -36.94
C SER A 53 31.56 24.98 -37.16
N ASP A 54 32.33 24.81 -36.08
CA ASP A 54 33.59 24.10 -36.13
C ASP A 54 33.82 23.23 -34.91
N SER A 55 32.83 23.07 -34.03
CA SER A 55 32.99 22.31 -32.81
C SER A 55 32.49 20.89 -33.00
N GLU A 56 33.32 19.91 -32.62
CA GLU A 56 32.98 18.52 -32.86
C GLU A 56 31.71 18.12 -32.12
N GLN A 57 31.55 18.60 -30.88
CA GLN A 57 30.35 18.30 -30.13
C GLN A 57 29.10 18.78 -30.85
N TRP A 58 29.19 19.95 -31.50
CA TRP A 58 28.02 20.48 -32.19
C TRP A 58 27.71 19.69 -33.44
N LYS A 59 28.73 19.22 -34.15
CA LYS A 59 28.47 18.30 -35.25
C LYS A 59 27.84 17.01 -34.74
N VAL A 60 28.26 16.54 -33.57
CA VAL A 60 27.63 15.37 -32.96
C VAL A 60 26.15 15.64 -32.71
N LEU A 61 25.84 16.80 -32.13
CA LEU A 61 24.45 17.12 -31.83
C LEU A 61 23.63 17.26 -33.10
N VAL A 62 24.20 17.86 -34.15
CA VAL A 62 23.46 17.98 -35.41
C VAL A 62 23.24 16.62 -36.03
N GLU A 63 24.26 15.75 -36.03
CA GLU A 63 24.07 14.39 -36.48
C GLU A 63 22.94 13.72 -35.71
N GLU A 64 22.92 13.90 -34.40
CA GLU A 64 21.93 13.23 -33.58
C GLU A 64 20.53 13.75 -33.85
N ILE A 65 20.37 15.06 -34.01
CA ILE A 65 19.03 15.59 -34.27
C ILE A 65 18.58 15.18 -35.67
N GLN A 66 19.49 15.15 -36.64
CA GLN A 66 19.11 14.68 -37.96
C GLN A 66 18.64 13.23 -37.91
N LYS A 67 19.40 12.37 -37.23
CA LYS A 67 19.02 10.96 -37.15
C LYS A 67 17.70 10.79 -36.41
N THR A 68 17.51 11.51 -35.30
CA THR A 68 16.26 11.41 -34.55
C THR A 68 15.09 11.90 -35.36
N VAL A 69 15.27 13.01 -36.09
CA VAL A 69 14.19 13.57 -36.88
C VAL A 69 13.79 12.62 -38.01
N HIS A 70 14.78 12.04 -38.68
CA HIS A 70 14.45 11.12 -39.76
C HIS A 70 13.87 9.82 -39.22
N THR A 71 14.34 9.36 -38.05
CA THR A 71 13.75 8.19 -37.41
C THR A 71 12.28 8.44 -37.09
N ALA A 72 11.97 9.60 -36.52
CA ALA A 72 10.58 9.92 -36.20
C ALA A 72 9.75 10.07 -37.46
N GLU A 73 10.34 10.58 -38.54
CA GLU A 73 9.61 10.65 -39.81
C GLU A 73 9.29 9.26 -40.33
N ASP A 74 10.24 8.33 -40.24
CA ASP A 74 9.93 6.95 -40.61
C ASP A 74 8.81 6.38 -39.75
N ALA A 75 8.86 6.64 -38.44
CA ALA A 75 7.82 6.13 -37.56
C ALA A 75 6.45 6.68 -37.95
N VAL A 76 6.37 7.98 -38.22
CA VAL A 76 5.09 8.59 -38.57
C VAL A 76 4.57 8.01 -39.89
N ASP A 77 5.44 7.89 -40.88
CA ASP A 77 5.00 7.37 -42.17
C ASP A 77 4.57 5.91 -42.05
N LYS A 78 5.30 5.10 -41.27
CA LYS A 78 4.90 3.72 -41.05
C LYS A 78 3.54 3.64 -40.38
N PHE A 79 3.29 4.48 -39.37
CA PHE A 79 2.01 4.43 -38.68
C PHE A 79 0.87 4.78 -39.62
N VAL A 80 1.04 5.83 -40.44
CA VAL A 80 -0.03 6.20 -41.35
C VAL A 80 -0.23 5.14 -42.43
N VAL A 81 0.86 4.53 -42.89
CA VAL A 81 0.74 3.47 -43.89
C VAL A 81 -0.02 2.28 -43.31
N GLN A 82 0.28 1.92 -42.07
CA GLN A 82 -0.47 0.84 -41.43
C GLN A 82 -1.94 1.21 -41.30
N ALA A 83 -2.23 2.46 -40.93
CA ALA A 83 -3.63 2.88 -40.81
C ALA A 83 -4.35 2.72 -42.13
N LYS A 84 -3.72 3.15 -43.22
CA LYS A 84 -4.34 3.00 -44.54
C LYS A 84 -4.53 1.53 -44.89
N LEU A 85 -3.54 0.69 -44.58
CA LEU A 85 -3.68 -0.74 -44.84
C LEU A 85 -4.87 -1.32 -44.08
N HIS A 86 -4.99 -0.98 -42.80
CA HIS A 86 -6.09 -1.50 -41.99
C HIS A 86 -7.43 -1.04 -42.54
N LYS A 87 -7.53 0.23 -42.92
CA LYS A 87 -8.77 0.72 -43.52
C LYS A 87 -9.05 0.04 -44.86
N GLU A 88 -8.00 -0.43 -45.53
CA GLU A 88 -8.20 -1.12 -46.81
C GLU A 88 -8.77 -2.52 -46.61
N LYS A 89 -8.54 -3.13 -45.44
CA LYS A 89 -9.07 -4.45 -45.16
C LYS A 89 -10.56 -4.38 -44.86
N ASN A 90 -11.25 -5.51 -45.09
CA ASN A 90 -12.68 -5.58 -44.84
C ASN A 90 -12.96 -5.54 -43.33
N LYS A 91 -14.22 -5.23 -43.00
CA LYS A 91 -14.59 -5.10 -41.59
C LYS A 91 -14.30 -6.37 -40.82
N MET A 92 -14.65 -7.53 -41.39
CA MET A 92 -14.27 -8.79 -40.76
C MET A 92 -12.75 -8.95 -40.75
N ALA A 93 -12.09 -8.62 -41.86
CA ALA A 93 -10.64 -8.67 -41.90
C ALA A 93 -10.00 -7.56 -41.07
N ARG A 94 -10.78 -6.57 -40.64
CA ARG A 94 -10.27 -5.52 -39.77
C ARG A 94 -10.34 -5.95 -38.32
N ILE A 95 -11.54 -6.27 -37.84
CA ILE A 95 -11.70 -6.66 -36.44
C ILE A 95 -10.94 -7.94 -36.13
N LEU A 96 -11.01 -8.91 -37.04
CA LEU A 96 -10.48 -10.24 -36.76
C LEU A 96 -8.97 -10.26 -36.68
N ASP A 97 -8.28 -9.43 -37.47
CA ASP A 97 -6.83 -9.51 -37.57
C ASP A 97 -6.18 -9.29 -36.21
N VAL A 98 -5.23 -10.16 -35.86
CA VAL A 98 -4.53 -10.10 -34.58
C VAL A 98 -3.09 -9.65 -34.75
N GLY A 99 -2.39 -10.14 -35.77
CA GLY A 99 -1.08 -9.58 -36.07
C GLY A 99 -1.15 -8.09 -36.29
N HIS A 100 -2.28 -7.60 -36.79
CA HIS A 100 -2.51 -6.17 -36.91
C HIS A 100 -2.32 -5.48 -35.56
N LEU A 101 -2.98 -5.98 -34.52
CA LEU A 101 -2.87 -5.33 -33.21
C LEU A 101 -1.45 -5.43 -32.68
N ALA A 102 -0.83 -6.59 -32.81
CA ALA A 102 0.56 -6.74 -32.38
C ALA A 102 1.43 -5.65 -32.98
N THR A 103 1.49 -5.60 -34.32
CA THR A 103 2.38 -4.66 -34.98
C THR A 103 1.98 -3.22 -34.68
N VAL A 104 0.68 -2.93 -34.63
CA VAL A 104 0.23 -1.57 -34.40
C VAL A 104 0.66 -1.08 -33.04
N ARG A 105 0.51 -1.90 -32.01
CA ARG A 105 0.88 -1.46 -30.67
C ARG A 105 2.39 -1.45 -30.48
N ASN A 106 3.13 -2.30 -31.18
CA ASN A 106 4.58 -2.13 -31.19
C ASN A 106 4.97 -0.79 -31.83
N LEU A 107 4.30 -0.43 -32.92
CA LEU A 107 4.57 0.84 -33.57
C LEU A 107 4.24 2.01 -32.66
N ALA A 108 3.13 1.92 -31.93
CA ALA A 108 2.79 2.97 -30.98
C ALA A 108 3.81 3.05 -29.86
N ALA A 109 4.33 1.91 -29.43
CA ALA A 109 5.40 1.92 -28.43
C ALA A 109 6.64 2.62 -28.95
N GLU A 110 7.02 2.33 -30.20
CA GLU A 110 8.18 2.98 -30.81
C GLU A 110 7.96 4.49 -30.94
N VAL A 111 6.75 4.88 -31.35
CA VAL A 111 6.43 6.30 -31.49
C VAL A 111 6.51 6.99 -30.13
N LYS A 112 5.98 6.35 -29.09
CA LYS A 112 6.08 6.92 -27.75
C LYS A 112 7.53 7.07 -27.33
N GLY A 113 8.34 6.04 -27.60
CA GLY A 113 9.74 6.13 -27.23
C GLY A 113 10.45 7.28 -27.92
N ILE A 114 10.23 7.44 -29.22
CA ILE A 114 10.89 8.52 -29.93
C ILE A 114 10.31 9.88 -29.52
N HIS A 115 9.03 9.94 -29.16
CA HIS A 115 8.48 11.19 -28.67
C HIS A 115 9.16 11.62 -27.38
N ASP A 116 9.32 10.68 -26.43
CA ASP A 116 10.06 11.03 -25.23
C ASP A 116 11.50 11.37 -25.55
N GLN A 117 12.08 10.71 -26.56
CA GLN A 117 13.43 11.04 -26.99
C GLN A 117 13.51 12.50 -27.44
N VAL A 118 12.53 12.95 -28.21
CA VAL A 118 12.53 14.33 -28.67
C VAL A 118 12.30 15.29 -27.51
N LYS A 119 11.41 14.94 -26.58
CA LYS A 119 11.19 15.78 -25.41
C LYS A 119 12.49 15.99 -24.65
N GLU A 120 13.22 14.90 -24.39
CA GLU A 120 14.47 15.03 -23.65
C GLU A 120 15.57 15.66 -24.51
N LEU A 121 15.51 15.48 -25.83
CA LEU A 121 16.46 16.15 -26.70
C LEU A 121 16.31 17.66 -26.58
N ARG A 122 15.08 18.15 -26.56
CA ARG A 122 14.85 19.57 -26.37
C ARG A 122 15.27 20.02 -24.98
N LEU A 123 14.82 19.30 -23.95
CA LEU A 123 15.01 19.80 -22.59
C LEU A 123 16.48 19.74 -22.17
N ASN A 124 17.14 18.61 -22.41
CA ASN A 124 18.51 18.44 -21.92
C ASN A 124 19.46 19.42 -22.58
N ASN A 125 19.35 19.61 -23.89
CA ASN A 125 20.32 20.37 -24.67
C ASN A 125 19.86 21.81 -24.79
N GLN A 126 20.65 22.73 -24.23
CA GLN A 126 20.36 24.15 -24.28
C GLN A 126 20.50 24.72 -25.69
N ALA A 127 21.20 24.02 -26.59
CA ALA A 127 21.41 24.55 -27.93
C ALA A 127 20.10 24.83 -28.64
N LEU A 128 19.02 24.17 -28.23
CA LEU A 128 17.77 24.16 -28.97
C LEU A 128 16.81 25.28 -28.58
N GLN A 129 17.11 26.05 -27.54
CA GLN A 129 16.14 27.02 -27.04
C GLN A 129 15.77 28.02 -28.13
N ALA A 130 14.48 28.32 -28.22
CA ALA A 130 14.00 29.25 -29.24
C ALA A 130 14.65 30.61 -29.04
N ARG A 131 15.04 31.24 -30.16
CA ARG A 131 15.67 32.55 -30.14
C ARG A 131 14.98 33.46 -31.15
N PRO A 132 14.85 34.76 -30.85
CA PRO A 132 14.10 35.64 -31.76
C PRO A 132 14.74 35.80 -33.12
N THR A 133 15.97 36.31 -33.13
CA THR A 133 16.75 36.46 -34.36
C THR A 133 18.18 36.11 -33.98
N LEU A 134 18.52 34.82 -34.03
CA LEU A 134 19.86 34.42 -33.61
C LEU A 134 20.28 33.20 -34.43
N GLU A 135 20.94 33.46 -35.54
CA GLU A 135 21.96 32.59 -36.09
C GLU A 135 23.24 33.40 -36.09
N LEU A 136 24.36 32.73 -35.91
CA LEU A 136 25.62 33.45 -35.71
C LEU A 136 26.55 33.23 -36.89
N PRO A 137 26.44 34.03 -37.97
CA PRO A 137 27.39 33.90 -39.08
C PRO A 137 28.79 34.35 -38.71
N GLN A 146 40.60 38.15 -51.17
CA GLN A 146 41.92 38.56 -51.61
C GLN A 146 42.34 37.73 -52.82
N GLN A 147 42.92 38.40 -53.82
CA GLN A 147 43.28 37.76 -55.08
C GLN A 147 44.59 36.99 -54.90
N GLY A 148 45.10 36.43 -56.00
CA GLY A 148 46.37 35.75 -55.98
C GLY A 148 47.52 36.70 -56.26
N PRO A 149 48.68 36.15 -56.60
CA PRO A 149 49.84 37.01 -56.91
C PRO A 149 49.53 38.08 -57.96
N ALA A 150 48.97 37.63 -59.09
CA ALA A 150 48.74 38.44 -60.29
C ALA A 150 49.78 38.06 -61.34
N LEU A 151 49.31 37.73 -62.54
CA LEU A 151 50.16 37.14 -63.56
C LEU A 151 50.69 38.18 -64.53
N GLU A 152 51.58 37.74 -65.40
CA GLU A 152 51.98 38.47 -66.60
C GLU A 152 51.57 37.63 -67.80
N ASP A 153 51.69 38.23 -68.99
CA ASP A 153 51.05 37.64 -70.16
C ASP A 153 51.57 36.24 -70.48
N ASP A 154 52.75 35.87 -70.00
CA ASP A 154 53.28 34.53 -70.24
C ASP A 154 52.68 33.50 -69.30
N GLU A 155 52.00 33.92 -68.24
CA GLU A 155 51.35 33.01 -67.30
C GLU A 155 49.88 32.80 -67.62
N VAL A 156 49.36 33.40 -68.68
CA VAL A 156 47.98 33.21 -69.10
C VAL A 156 47.99 32.26 -70.30
N VAL A 157 47.22 31.18 -70.19
CA VAL A 157 47.28 30.08 -71.14
C VAL A 157 46.01 30.07 -71.97
N GLY A 158 46.18 30.01 -73.30
CA GLY A 158 45.07 29.78 -74.20
C GLY A 158 44.04 30.87 -74.27
N PHE A 159 44.24 31.99 -73.59
CA PHE A 159 43.31 33.11 -73.64
C PHE A 159 43.69 34.13 -74.70
N ASP A 160 44.76 33.89 -75.45
CA ASP A 160 45.19 34.85 -76.46
C ASP A 160 44.07 35.15 -77.44
N GLU A 161 43.50 34.09 -78.04
CA GLU A 161 42.38 34.30 -78.95
C GLU A 161 41.17 34.87 -78.24
N GLU A 162 40.93 34.42 -77.00
CA GLU A 162 39.81 34.96 -76.24
C GLU A 162 40.00 36.44 -75.94
N ALA A 163 41.19 36.84 -75.51
CA ALA A 163 41.44 38.24 -75.24
C ALA A 163 41.31 39.07 -76.50
N ASN A 164 41.83 38.56 -77.63
CA ASN A 164 41.70 39.29 -78.89
C ASN A 164 40.24 39.45 -79.27
N LYS A 165 39.44 38.38 -79.11
CA LYS A 165 38.02 38.46 -79.43
C LYS A 165 37.32 39.49 -78.55
N VAL A 166 37.62 39.49 -77.25
CA VAL A 166 36.97 40.43 -76.34
C VAL A 166 37.37 41.86 -76.67
N ILE A 167 38.65 42.08 -76.96
CA ILE A 167 39.11 43.43 -77.30
C ILE A 167 38.50 43.89 -78.62
N ASN A 168 38.35 42.97 -79.57
CA ASN A 168 37.66 43.30 -80.82
C ASN A 168 36.22 43.70 -80.55
N ARG A 169 35.52 42.93 -79.70
CA ARG A 169 34.18 43.31 -79.32
C ARG A 169 34.15 44.70 -78.70
N LEU A 170 35.16 45.00 -77.88
CA LEU A 170 35.27 46.29 -77.22
C LEU A 170 35.43 47.44 -78.20
N VAL A 171 36.54 47.44 -78.94
CA VAL A 171 36.98 48.63 -79.65
C VAL A 171 36.12 48.97 -80.85
N LYS A 172 35.30 48.03 -81.32
CA LYS A 172 34.42 48.31 -82.45
C LYS A 172 33.69 49.62 -82.24
N GLU A 173 33.85 50.54 -83.19
CA GLU A 173 33.24 51.85 -83.07
C GLU A 173 31.72 51.73 -82.97
N SER A 174 31.16 52.43 -81.98
CA SER A 174 29.71 52.44 -81.78
C SER A 174 29.37 53.59 -80.85
N LYS A 175 28.53 54.52 -81.31
CA LYS A 175 28.27 55.72 -80.54
C LYS A 175 27.68 55.37 -79.18
N ASP A 176 26.75 54.44 -79.13
CA ASP A 176 26.10 54.06 -77.87
C ASP A 176 27.11 53.42 -76.93
N LEU A 177 26.84 53.56 -75.63
CA LEU A 177 27.68 52.93 -74.61
C LEU A 177 27.40 51.44 -74.57
N ASP A 178 28.13 50.67 -75.38
CA ASP A 178 27.98 49.23 -75.40
C ASP A 178 28.86 48.59 -74.34
N ILE A 179 28.43 47.44 -73.85
CA ILE A 179 29.11 46.75 -72.76
C ILE A 179 29.59 45.40 -73.29
N ILE A 180 30.66 44.89 -72.68
CA ILE A 180 31.23 43.60 -73.05
C ILE A 180 31.43 42.77 -71.78
N PRO A 181 30.51 41.89 -71.43
CA PRO A 181 30.65 41.10 -70.20
C PRO A 181 31.33 39.76 -70.41
N VAL A 182 32.04 39.33 -69.36
CA VAL A 182 32.65 38.01 -69.30
C VAL A 182 31.97 37.24 -68.18
N VAL A 183 31.39 36.10 -68.54
CA VAL A 183 30.57 35.32 -67.60
C VAL A 183 30.99 33.86 -67.67
N GLY A 184 30.78 33.15 -66.57
CA GLY A 184 31.11 31.74 -66.51
C GLY A 184 31.01 31.22 -65.09
N MET A 185 31.47 29.99 -64.92
CA MET A 185 31.37 29.28 -63.66
C MET A 185 32.42 29.78 -62.67
N PRO A 186 32.26 29.45 -61.40
CA PRO A 186 33.26 29.85 -60.39
C PRO A 186 34.63 29.31 -60.71
N GLY A 187 35.66 30.11 -60.41
CA GLY A 187 37.01 29.67 -60.64
C GLY A 187 37.36 29.43 -62.08
N LEU A 188 36.59 30.02 -63.01
CA LEU A 188 36.84 29.76 -64.42
C LEU A 188 37.97 30.61 -64.98
N GLY A 189 38.39 31.66 -64.27
CA GLY A 189 39.48 32.50 -64.73
C GLY A 189 39.07 33.79 -65.39
N LYS A 190 37.81 34.21 -65.23
CA LYS A 190 37.35 35.44 -65.88
C LYS A 190 38.25 36.62 -65.55
N THR A 191 38.50 36.85 -64.26
CA THR A 191 39.31 38.00 -63.89
C THR A 191 40.68 37.94 -64.55
N THR A 192 41.20 36.74 -64.81
CA THR A 192 42.47 36.65 -65.53
C THR A 192 42.32 37.14 -66.96
N LEU A 193 41.22 36.79 -67.62
CA LEU A 193 40.99 37.32 -68.96
C LEU A 193 40.88 38.84 -68.93
N ALA A 194 40.15 39.37 -67.95
CA ALA A 194 40.00 40.82 -67.86
C ALA A 194 41.35 41.49 -67.63
N ARG A 195 42.15 40.96 -66.70
CA ARG A 195 43.46 41.53 -66.44
C ARG A 195 44.34 41.46 -67.69
N LYS A 196 44.31 40.32 -68.39
CA LYS A 196 45.04 40.25 -69.65
C LYS A 196 44.52 41.27 -70.64
N ILE A 197 43.19 41.41 -70.73
CA ILE A 197 42.61 42.49 -71.52
C ILE A 197 43.10 43.84 -71.03
N TYR A 198 43.19 43.99 -69.70
CA TYR A 198 43.55 45.26 -69.09
C TYR A 198 45.00 45.65 -69.36
N LYS A 199 45.82 44.74 -69.90
CA LYS A 199 47.23 45.02 -70.13
C LYS A 199 47.63 44.84 -71.60
N ASP A 200 46.71 45.03 -72.53
CA ASP A 200 47.11 45.01 -73.94
C ASP A 200 47.50 46.41 -74.40
N PRO A 201 48.60 46.54 -75.15
CA PRO A 201 48.85 47.84 -75.80
C PRO A 201 47.70 48.28 -76.69
N LYS A 202 47.06 47.35 -77.40
CA LYS A 202 45.96 47.72 -78.28
C LYS A 202 44.89 48.49 -77.53
N LEU A 203 44.53 48.02 -76.33
CA LEU A 203 43.54 48.71 -75.52
C LEU A 203 43.97 50.13 -75.22
N SER A 204 45.26 50.32 -74.89
CA SER A 204 45.77 51.67 -74.68
C SER A 204 45.63 52.51 -75.94
N TYR A 205 45.91 51.91 -77.10
CA TYR A 205 45.80 52.65 -78.36
C TYR A 205 44.36 53.13 -78.58
N GLU A 206 43.39 52.27 -78.33
CA GLU A 206 42.00 52.58 -78.67
C GLU A 206 41.29 53.41 -77.60
N PHE A 207 41.83 53.49 -76.38
CA PHE A 207 41.17 54.22 -75.30
C PHE A 207 42.19 55.05 -74.55
N PHE A 208 41.83 56.31 -74.27
CA PHE A 208 42.73 57.18 -73.52
C PHE A 208 42.95 56.66 -72.10
N GLY A 209 41.85 56.40 -71.39
CA GLY A 209 41.94 56.02 -70.00
C GLY A 209 41.20 54.74 -69.67
N VAL A 210 41.93 53.72 -69.26
CA VAL A 210 41.36 52.44 -68.86
C VAL A 210 41.57 52.29 -67.36
N HIS A 211 40.48 52.06 -66.63
CA HIS A 211 40.54 51.87 -65.20
C HIS A 211 39.84 50.57 -64.82
N TRP A 212 40.19 50.08 -63.64
CA TRP A 212 39.76 48.77 -63.14
C TRP A 212 39.05 48.94 -61.81
N VAL A 213 37.99 48.16 -61.60
CA VAL A 213 37.23 48.20 -60.35
C VAL A 213 36.79 46.79 -60.00
N TYR A 214 36.90 46.45 -58.71
CA TYR A 214 36.46 45.17 -58.18
C TYR A 214 35.19 45.42 -57.37
N VAL A 215 34.13 44.69 -57.71
CA VAL A 215 32.86 44.81 -57.00
C VAL A 215 32.64 43.59 -56.13
N GLY A 216 32.54 42.41 -56.75
CA GLY A 216 32.22 41.21 -56.00
C GLY A 216 30.78 41.23 -55.51
N GLN A 217 30.35 40.17 -54.81
CA GLN A 217 28.98 40.15 -54.32
C GLN A 217 28.73 41.31 -53.36
N SER A 218 29.65 41.57 -52.44
CA SER A 218 29.50 42.60 -51.43
C SER A 218 30.31 43.83 -51.81
N TYR A 219 29.66 44.99 -51.81
CA TYR A 219 30.30 46.23 -52.25
C TYR A 219 29.43 47.38 -51.79
N LYS A 220 29.99 48.58 -51.87
CA LYS A 220 29.24 49.81 -51.71
C LYS A 220 29.52 50.70 -52.91
N ILE A 221 28.47 51.31 -53.46
CA ILE A 221 28.64 52.14 -54.65
C ILE A 221 29.68 53.23 -54.40
N LYS A 222 29.54 53.93 -53.27
CA LYS A 222 30.42 55.06 -52.98
C LYS A 222 31.88 54.66 -53.08
N ASP A 223 32.23 53.49 -52.54
CA ASP A 223 33.59 52.99 -52.70
C ASP A 223 33.93 52.83 -54.17
N VAL A 224 32.99 52.29 -54.96
CA VAL A 224 33.26 52.08 -56.38
C VAL A 224 33.46 53.42 -57.07
N PHE A 225 32.52 54.36 -56.88
CA PHE A 225 32.62 55.64 -57.56
C PHE A 225 33.87 56.39 -57.15
N LEU A 226 34.18 56.42 -55.85
CA LEU A 226 35.38 57.10 -55.40
C LEU A 226 36.62 56.53 -56.07
N ASN A 227 36.73 55.20 -56.14
CA ASN A 227 37.88 54.59 -56.79
C ASN A 227 37.91 54.92 -58.28
N ILE A 228 36.74 55.00 -58.92
CA ILE A 228 36.71 55.47 -60.31
C ILE A 228 37.23 56.90 -60.40
N LEU A 229 36.78 57.76 -59.48
CA LEU A 229 37.18 59.15 -59.51
C LEU A 229 38.69 59.30 -59.34
N LYS A 230 39.33 58.38 -58.62
CA LYS A 230 40.77 58.47 -58.42
C LYS A 230 41.51 58.46 -59.74
N PHE A 231 41.10 57.60 -60.67
CA PHE A 231 41.80 57.53 -61.95
C PHE A 231 41.77 58.85 -62.70
N PHE A 232 40.73 59.66 -62.48
CA PHE A 232 40.58 60.92 -63.18
C PHE A 232 41.06 62.12 -62.37
N THR A 233 41.40 61.94 -61.10
CA THR A 233 41.97 63.00 -60.29
C THR A 233 42.45 62.41 -58.99
N ARG A 234 43.58 62.92 -58.50
CA ARG A 234 44.15 62.46 -57.25
C ARG A 234 43.54 63.15 -56.04
N ARG A 235 42.55 64.02 -56.25
CA ARG A 235 41.92 64.78 -55.18
C ARG A 235 40.56 64.21 -54.79
N THR A 236 40.42 62.89 -54.78
CA THR A 236 39.19 62.28 -54.28
C THR A 236 38.91 62.73 -52.85
N GLU A 237 39.97 63.10 -52.12
CA GLU A 237 39.77 63.65 -50.77
C GLU A 237 38.83 64.85 -50.81
N ASP A 238 38.83 65.61 -51.91
CA ASP A 238 37.94 66.76 -52.02
C ASP A 238 36.50 66.34 -52.30
N TYR A 239 36.32 65.33 -53.13
CA TYR A 239 35.00 64.91 -53.57
C TYR A 239 34.38 63.82 -52.69
N GLN A 240 35.03 63.46 -51.59
CA GLN A 240 34.46 62.47 -50.69
C GLN A 240 33.15 62.96 -50.07
N HIS A 241 32.90 64.26 -50.11
CA HIS A 241 31.71 64.85 -49.52
C HIS A 241 30.56 65.02 -50.52
N GLU A 242 30.76 64.64 -51.78
CA GLU A 242 29.75 64.84 -52.80
C GLU A 242 28.77 63.67 -52.83
N ASP A 243 27.52 63.99 -53.15
CA ASP A 243 26.47 62.97 -53.20
C ASP A 243 26.68 62.06 -54.42
N VAL A 244 25.91 60.97 -54.45
CA VAL A 244 26.11 59.97 -55.50
C VAL A 244 25.94 60.58 -56.88
N ASP A 245 24.88 61.37 -57.07
CA ASP A 245 24.66 61.99 -58.37
C ASP A 245 25.68 63.08 -58.65
N ALA A 246 26.11 63.81 -57.62
CA ALA A 246 27.17 64.78 -57.81
C ALA A 246 28.45 64.10 -58.29
N LEU A 247 28.79 62.97 -57.68
CA LEU A 247 29.96 62.20 -58.12
C LEU A 247 29.75 61.67 -59.53
N ALA A 248 28.54 61.26 -59.86
CA ALA A 248 28.27 60.79 -61.23
C ALA A 248 28.54 61.90 -62.23
N LYS A 249 28.04 63.11 -61.95
CA LYS A 249 28.28 64.23 -62.86
C LYS A 249 29.77 64.57 -62.93
N VAL A 250 30.46 64.54 -61.80
CA VAL A 250 31.89 64.84 -61.79
C VAL A 250 32.65 63.85 -62.66
N ILE A 251 32.35 62.56 -62.51
CA ILE A 251 33.04 61.55 -63.31
C ILE A 251 32.67 61.68 -64.77
N ALA A 252 31.42 62.04 -65.07
CA ALA A 252 31.04 62.27 -66.47
C ALA A 252 31.86 63.39 -67.08
N GLY A 253 32.04 64.49 -66.34
CA GLY A 253 32.86 65.58 -66.85
C GLY A 253 34.32 65.16 -67.02
N PHE A 254 34.84 64.42 -66.05
CA PHE A 254 36.22 63.94 -66.16
C PHE A 254 36.39 63.06 -67.39
N ILE A 255 35.42 62.18 -67.65
CA ILE A 255 35.49 61.32 -68.83
C ILE A 255 35.42 62.16 -70.09
N ASN A 256 34.52 63.14 -70.11
CA ASN A 256 34.41 64.02 -71.27
C ASN A 256 35.76 64.66 -71.58
N LYS A 257 36.43 65.17 -70.55
CA LYS A 257 37.77 65.71 -70.75
C LYS A 257 38.72 64.64 -71.27
N GLY A 258 38.65 63.44 -70.69
CA GLY A 258 39.53 62.37 -71.10
C GLY A 258 39.27 61.83 -72.50
N GLY A 259 38.00 61.66 -72.86
CA GLY A 259 37.65 61.06 -74.13
C GLY A 259 37.18 59.63 -73.98
N ARG A 260 37.43 58.80 -75.00
CA ARG A 260 37.00 57.41 -74.96
C ARG A 260 37.60 56.71 -73.74
N CYS A 261 36.78 55.91 -73.07
CA CYS A 261 37.20 55.24 -71.85
C CYS A 261 36.56 53.86 -71.78
N LEU A 262 37.36 52.87 -71.37
CA LEU A 262 36.87 51.53 -71.06
C LEU A 262 37.11 51.28 -69.58
N ILE A 263 36.06 50.89 -68.86
CA ILE A 263 36.12 50.63 -67.43
C ILE A 263 35.98 49.12 -67.23
N CYS A 264 36.97 48.52 -66.59
CA CYS A 264 36.93 47.11 -66.27
C CYS A 264 36.25 46.93 -64.92
N LEU A 265 35.27 46.04 -64.86
CA LEU A 265 34.52 45.75 -63.64
C LEU A 265 34.67 44.27 -63.31
N ASP A 266 35.10 43.98 -62.08
CA ASP A 266 35.36 42.62 -61.64
C ASP A 266 34.20 42.15 -60.78
N ASP A 267 33.55 41.06 -61.20
CA ASP A 267 32.59 40.33 -60.38
C ASP A 267 31.45 41.25 -59.94
N VAL A 268 30.68 41.70 -60.94
CA VAL A 268 29.44 42.42 -60.70
C VAL A 268 28.30 41.41 -60.84
N TRP A 269 27.44 41.34 -59.83
CA TRP A 269 26.39 40.34 -59.81
C TRP A 269 24.97 40.90 -59.83
N GLU A 270 24.76 42.17 -59.48
CA GLU A 270 23.42 42.73 -59.37
C GLU A 270 23.21 43.83 -60.39
N THR A 271 22.07 43.78 -61.09
CA THR A 271 21.80 44.69 -62.21
C THR A 271 21.84 46.15 -61.77
N LYS A 272 21.43 46.43 -60.53
CA LYS A 272 21.46 47.79 -60.03
C LYS A 272 22.85 48.38 -60.20
N VAL A 273 23.89 47.55 -60.05
CA VAL A 273 25.25 48.03 -60.26
C VAL A 273 25.45 48.47 -61.69
N ILE A 274 24.98 47.65 -62.65
CA ILE A 274 25.12 48.02 -64.06
C ILE A 274 24.47 49.38 -64.30
N ASP A 275 23.23 49.54 -63.84
CA ASP A 275 22.54 50.79 -64.14
C ASP A 275 23.06 51.95 -63.29
N TYR A 276 23.86 51.66 -62.27
CA TYR A 276 24.63 52.71 -61.61
C TYR A 276 25.87 53.08 -62.41
N VAL A 277 26.39 52.16 -63.21
CA VAL A 277 27.61 52.46 -63.98
C VAL A 277 27.29 53.25 -65.24
N LYS A 278 26.15 53.01 -65.87
CA LYS A 278 25.79 53.81 -67.04
C LYS A 278 25.74 55.30 -66.70
N THR A 279 25.52 55.62 -65.43
CA THR A 279 25.35 57.02 -65.04
C THR A 279 26.62 57.82 -65.25
N ILE A 280 27.76 57.26 -64.87
CA ILE A 280 29.00 58.02 -64.89
C ILE A 280 29.39 58.44 -66.29
N PHE A 281 28.97 57.69 -67.31
CA PHE A 281 29.47 57.91 -68.65
C PHE A 281 28.73 59.06 -69.33
N PRO A 282 29.42 60.09 -69.82
CA PRO A 282 28.73 61.20 -70.47
C PRO A 282 28.20 60.82 -71.84
N GLU A 283 27.20 61.58 -72.30
CA GLU A 283 26.60 61.36 -73.60
C GLU A 283 27.34 62.12 -74.69
N ASN A 284 28.67 61.98 -74.71
CA ASN A 284 29.51 62.69 -75.67
C ASN A 284 29.68 61.93 -76.98
N GLU A 285 28.80 60.97 -77.26
CA GLU A 285 28.85 60.19 -78.49
C GLU A 285 30.27 59.77 -78.82
N LYS A 286 30.97 59.28 -77.79
CA LYS A 286 32.33 58.78 -77.93
C LYS A 286 32.40 57.27 -77.95
N GLY A 287 31.29 56.58 -77.74
CA GLY A 287 31.27 55.13 -77.82
C GLY A 287 32.12 54.46 -76.76
N HIS A 288 31.99 54.90 -75.52
CA HIS A 288 32.74 54.29 -74.43
C HIS A 288 32.34 52.83 -74.27
N ARG A 289 33.06 52.13 -73.40
CA ARG A 289 32.83 50.72 -73.15
C ARG A 289 32.94 50.43 -71.66
N VAL A 290 32.24 49.40 -71.21
CA VAL A 290 32.35 48.90 -69.85
C VAL A 290 32.55 47.39 -69.93
N MET A 291 33.59 46.89 -69.29
CA MET A 291 33.85 45.46 -69.17
C MET A 291 33.50 45.03 -67.76
N MET A 292 32.64 44.03 -67.64
CA MET A 292 32.18 43.54 -66.35
C MET A 292 32.16 42.04 -66.33
N THR A 293 32.70 41.45 -65.27
CA THR A 293 32.66 40.01 -65.05
C THR A 293 31.55 39.69 -64.07
N THR A 294 30.81 38.63 -64.37
CA THR A 294 29.57 38.33 -63.64
C THR A 294 29.30 36.83 -63.70
N ARG A 295 28.99 36.24 -62.55
CA ARG A 295 28.67 34.81 -62.50
C ARG A 295 27.22 34.53 -62.84
N ASN A 296 26.43 35.55 -63.13
CA ASN A 296 25.01 35.39 -63.44
C ASN A 296 24.81 35.60 -64.93
N LYS A 297 24.59 34.51 -65.67
CA LYS A 297 24.50 34.62 -67.13
C LYS A 297 23.45 35.64 -67.56
N VAL A 298 22.36 35.75 -66.80
CA VAL A 298 21.32 36.71 -67.16
C VAL A 298 21.86 38.14 -67.04
N LEU A 299 22.61 38.41 -65.99
CA LEU A 299 23.22 39.72 -65.82
C LEU A 299 24.12 40.05 -67.00
N ALA A 300 24.96 39.10 -67.40
CA ALA A 300 25.79 39.30 -68.58
C ALA A 300 24.92 39.57 -69.80
N THR A 301 23.83 38.81 -69.97
CA THR A 301 22.98 38.98 -71.13
C THR A 301 22.40 40.39 -71.16
N TYR A 302 22.09 40.95 -70.00
CA TYR A 302 21.64 42.34 -69.99
C TYR A 302 22.80 43.27 -70.34
N ALA A 303 23.97 43.06 -69.73
CA ALA A 303 25.11 43.93 -70.00
C ALA A 303 25.35 44.04 -71.50
N ASN A 304 25.43 42.90 -72.18
CA ASN A 304 25.47 42.86 -73.63
C ASN A 304 24.47 41.82 -74.11
N SER A 305 23.74 42.15 -75.19
CA SER A 305 22.73 41.25 -75.71
C SER A 305 23.32 39.92 -76.19
N ASP A 306 24.63 39.86 -76.39
CA ASP A 306 25.30 38.63 -76.80
C ASP A 306 26.48 38.39 -75.86
N PRO A 307 26.36 37.48 -74.89
CA PRO A 307 27.42 37.36 -73.88
C PRO A 307 28.72 36.85 -74.47
N HIS A 308 29.74 36.72 -73.62
CA HIS A 308 31.02 36.10 -73.99
C HIS A 308 31.29 35.04 -72.95
N ASP A 309 30.70 33.86 -73.14
CA ASP A 309 30.89 32.77 -72.21
C ASP A 309 32.34 32.33 -72.29
N LEU A 310 33.09 32.61 -71.22
CA LEU A 310 34.50 32.28 -71.16
C LEU A 310 34.74 30.86 -71.64
N LYS A 311 35.69 30.70 -72.57
CA LYS A 311 35.88 29.42 -73.20
C LYS A 311 36.29 28.39 -72.15
N PHE A 312 36.44 27.14 -72.55
CA PHE A 312 36.90 26.09 -71.66
C PHE A 312 38.33 25.71 -72.02
N LEU A 313 39.23 25.75 -71.03
CA LEU A 313 40.60 25.34 -71.27
C LEU A 313 40.63 23.89 -71.76
N THR A 314 41.40 23.65 -72.81
CA THR A 314 41.56 22.30 -73.32
C THR A 314 42.48 21.51 -72.40
N PRO A 315 42.44 20.19 -72.48
CA PRO A 315 43.30 19.38 -71.60
C PRO A 315 44.77 19.73 -71.72
N LYS A 316 45.24 20.01 -72.93
CA LYS A 316 46.63 20.43 -73.09
C LYS A 316 46.89 21.75 -72.37
N GLU A 317 45.93 22.68 -72.45
CA GLU A 317 46.08 23.94 -71.72
C GLU A 317 46.12 23.69 -70.21
N SER A 318 45.27 22.79 -69.71
CA SER A 318 45.27 22.50 -68.28
C SER A 318 46.59 21.87 -67.84
N PHE A 319 47.13 20.95 -68.65
CA PHE A 319 48.43 20.37 -68.31
C PHE A 319 49.53 21.41 -68.34
N GLU A 320 49.53 22.28 -69.35
CA GLU A 320 50.50 23.36 -69.42
C GLU A 320 50.40 24.23 -68.18
N LEU A 321 49.16 24.52 -67.74
CA LEU A 321 48.99 25.33 -66.54
C LEU A 321 49.58 24.64 -65.32
N LEU A 322 49.20 23.38 -65.10
CA LEU A 322 49.71 22.68 -63.91
C LEU A 322 51.23 22.64 -63.90
N VAL A 323 51.83 22.46 -65.09
CA VAL A 323 53.28 22.65 -65.21
C VAL A 323 53.63 24.06 -64.79
N LYS A 324 52.81 25.03 -65.16
CA LYS A 324 52.97 26.41 -64.74
C LYS A 324 52.51 26.57 -63.29
N ARG A 325 53.20 25.88 -62.38
CA ARG A 325 52.95 26.01 -60.96
C ARG A 325 53.71 24.94 -60.21
N VAL A 326 53.35 23.67 -60.41
CA VAL A 326 54.08 22.63 -59.71
C VAL A 326 55.53 22.62 -60.14
N PHE A 327 55.82 23.16 -61.32
CA PHE A 327 57.21 23.36 -61.71
C PHE A 327 57.42 24.69 -62.41
N GLY A 328 56.48 25.62 -62.31
CA GLY A 328 56.65 26.95 -62.86
C GLY A 328 57.08 26.94 -64.31
N LYS A 329 58.28 27.44 -64.59
CA LYS A 329 58.80 27.48 -65.95
C LYS A 329 59.79 26.37 -66.26
N LYS A 330 60.43 25.80 -65.24
CA LYS A 330 61.25 24.62 -65.46
C LYS A 330 60.36 23.50 -65.97
N PRO A 331 60.67 22.88 -67.10
CA PRO A 331 59.75 21.87 -67.65
C PRO A 331 59.53 20.74 -66.66
N CYS A 332 58.30 20.23 -66.67
CA CYS A 332 57.97 19.14 -65.77
C CYS A 332 58.81 17.91 -66.11
N PRO A 333 59.35 17.21 -65.13
CA PRO A 333 60.18 16.02 -65.43
C PRO A 333 59.39 14.96 -66.19
N LYS A 334 60.14 13.98 -66.70
CA LYS A 334 59.58 13.07 -67.71
C LYS A 334 58.51 12.15 -67.11
N ASP A 335 58.79 11.51 -65.98
CA ASP A 335 57.87 10.49 -65.49
C ASP A 335 56.64 11.11 -64.83
N LEU A 336 56.71 12.37 -64.42
CA LEU A 336 55.53 13.04 -63.90
C LEU A 336 54.57 13.46 -65.00
N VAL A 337 54.99 13.37 -66.27
CA VAL A 337 54.10 13.76 -67.37
C VAL A 337 52.91 12.82 -67.47
N GLY A 338 53.16 11.51 -67.40
CA GLY A 338 52.05 10.56 -67.40
C GLY A 338 51.05 10.90 -66.32
N HIS A 339 51.52 10.86 -65.07
CA HIS A 339 50.68 11.27 -63.96
C HIS A 339 50.21 12.70 -64.14
N GLY A 340 51.10 13.58 -64.61
CA GLY A 340 50.70 14.96 -64.84
C GLY A 340 49.58 15.08 -65.84
N GLU A 341 49.68 14.37 -66.96
CA GLU A 341 48.60 14.40 -67.95
C GLU A 341 47.31 13.89 -67.34
N SER A 342 47.39 12.82 -66.55
CA SER A 342 46.18 12.33 -65.89
C SER A 342 45.54 13.41 -65.03
N ILE A 343 46.34 14.09 -64.21
CA ILE A 343 45.81 15.11 -63.32
C ILE A 343 45.37 16.36 -64.08
N ALA A 344 45.79 16.50 -65.33
CA ALA A 344 45.41 17.68 -66.11
C ALA A 344 44.05 17.53 -66.76
N GLY A 345 43.84 16.42 -67.48
CA GLY A 345 42.57 16.23 -68.15
C GLY A 345 41.40 16.08 -67.20
N LYS A 346 41.65 15.55 -66.01
CA LYS A 346 40.58 15.21 -65.09
C LYS A 346 39.86 16.44 -64.53
N CYS A 347 40.40 17.64 -64.74
CA CYS A 347 39.83 18.83 -64.11
C CYS A 347 38.64 19.42 -64.86
N GLY A 348 38.27 18.84 -66.00
CA GLY A 348 37.07 19.24 -66.69
C GLY A 348 37.20 20.44 -67.61
N GLY A 349 38.30 21.18 -67.53
CA GLY A 349 38.51 22.32 -68.39
C GLY A 349 38.24 23.66 -67.74
N VAL A 350 38.65 23.83 -66.48
CA VAL A 350 38.55 25.07 -65.75
C VAL A 350 39.89 25.29 -65.08
N PRO A 351 40.51 26.46 -65.19
CA PRO A 351 41.81 26.61 -64.57
C PRO A 351 41.88 26.56 -63.07
N LEU A 352 40.79 26.69 -62.31
CA LEU A 352 40.96 26.78 -60.85
C LEU A 352 41.16 25.40 -60.25
N ALA A 353 40.53 24.37 -60.82
CA ALA A 353 40.82 22.99 -60.39
C ALA A 353 42.30 22.65 -60.60
N VAL A 354 42.84 23.00 -61.77
CA VAL A 354 44.27 22.83 -62.01
C VAL A 354 45.06 23.58 -60.96
N VAL A 355 44.71 24.84 -60.72
CA VAL A 355 45.47 25.67 -59.79
C VAL A 355 45.46 25.04 -58.40
N VAL A 356 44.29 24.62 -57.94
CA VAL A 356 44.17 24.12 -56.56
C VAL A 356 44.94 22.82 -56.40
N ILE A 357 44.77 21.89 -57.34
CA ILE A 357 45.48 20.61 -57.19
C ILE A 357 46.97 20.83 -57.36
N ALA A 358 47.37 21.79 -58.18
CA ALA A 358 48.77 22.21 -58.23
C ALA A 358 49.24 22.64 -56.85
N GLY A 359 48.46 23.53 -56.22
CA GLY A 359 48.79 23.95 -54.86
C GLY A 359 49.01 22.77 -53.95
N ALA A 360 48.16 21.75 -54.08
CA ALA A 360 48.36 20.53 -53.31
C ALA A 360 49.67 19.84 -53.68
N LEU A 361 50.07 19.94 -54.95
CA LEU A 361 51.25 19.26 -55.46
C LEU A 361 52.53 20.07 -55.37
N ARG A 362 52.49 21.27 -54.80
CA ARG A 362 53.66 22.15 -54.86
C ARG A 362 54.86 21.49 -54.21
N GLY A 363 55.95 21.41 -54.96
CA GLY A 363 57.17 20.83 -54.44
C GLY A 363 57.00 19.41 -53.95
N ARG A 364 56.37 18.57 -54.77
CA ARG A 364 56.22 17.14 -54.48
C ARG A 364 56.68 16.32 -55.68
N PRO A 365 57.95 16.47 -56.08
CA PRO A 365 58.47 15.71 -57.21
C PRO A 365 58.67 14.23 -56.94
N ASN A 366 58.28 13.73 -55.77
CA ASN A 366 58.32 12.31 -55.49
C ASN A 366 57.02 11.67 -55.95
N THR A 367 57.11 10.78 -56.95
CA THR A 367 55.92 10.34 -57.66
C THR A 367 54.94 9.58 -56.78
N SER A 368 55.37 9.16 -55.58
CA SER A 368 54.42 8.57 -54.64
C SER A 368 53.25 9.51 -54.39
N ASP A 369 53.56 10.79 -54.10
CA ASP A 369 52.48 11.74 -53.86
C ASP A 369 51.76 12.14 -55.14
N TRP A 370 52.45 12.15 -56.28
CA TRP A 370 51.75 12.40 -57.53
C TRP A 370 50.66 11.36 -57.76
N ILE A 371 50.97 10.10 -57.46
CA ILE A 371 49.97 9.04 -57.60
C ILE A 371 48.92 9.17 -56.50
N ARG A 372 49.32 9.62 -55.31
CA ARG A 372 48.33 9.89 -54.27
C ARG A 372 47.29 10.88 -54.77
N VAL A 373 47.73 11.92 -55.47
CA VAL A 373 46.81 12.98 -55.87
C VAL A 373 46.04 12.59 -57.12
N GLU A 374 46.64 11.79 -58.01
CA GLU A 374 45.99 11.50 -59.28
C GLU A 374 44.75 10.63 -59.09
N ARG A 375 44.88 9.54 -58.31
CA ARG A 375 43.79 8.57 -58.21
C ARG A 375 42.43 9.24 -58.12
N ASN A 376 42.33 10.31 -57.34
CA ASN A 376 41.06 11.05 -57.22
C ASN A 376 41.39 12.53 -57.17
N VAL A 377 41.00 13.28 -58.19
CA VAL A 377 41.38 14.68 -58.31
C VAL A 377 40.15 15.57 -58.29
N VAL A 378 39.09 15.13 -57.63
CA VAL A 378 37.96 15.98 -57.29
C VAL A 378 37.84 16.17 -55.79
N GLN A 379 38.14 15.12 -55.01
CA GLN A 379 38.22 15.28 -53.56
C GLN A 379 39.34 16.24 -53.18
N HIS A 380 40.45 16.20 -53.92
CA HIS A 380 41.61 16.98 -53.54
C HIS A 380 41.31 18.46 -53.49
N LEU A 381 40.30 18.92 -54.20
CA LEU A 381 39.77 20.23 -53.94
C LEU A 381 38.81 20.14 -52.76
N TYR A 382 38.65 21.25 -52.05
CA TYR A 382 37.80 21.34 -50.85
C TYR A 382 38.43 20.68 -49.64
N THR A 383 39.76 20.57 -49.60
CA THR A 383 40.47 20.02 -48.45
C THR A 383 41.65 20.93 -48.12
N ASN A 384 42.04 20.90 -46.84
CA ASN A 384 43.22 21.63 -46.38
C ASN A 384 42.99 23.14 -46.42
N SER A 385 44.06 23.92 -46.34
CA SER A 385 43.93 25.36 -46.29
C SER A 385 43.66 25.96 -47.67
N GLU A 386 44.43 25.52 -48.67
CA GLU A 386 44.33 26.10 -50.00
C GLU A 386 43.29 25.38 -50.85
N GLU A 387 42.07 25.24 -50.32
CA GLU A 387 40.97 24.57 -50.99
C GLU A 387 40.08 25.55 -51.74
N SER A 388 40.62 26.69 -52.16
CA SER A 388 39.85 27.87 -52.50
C SER A 388 38.62 27.54 -53.36
N CYS A 389 38.65 26.41 -54.07
CA CYS A 389 37.50 26.01 -54.86
C CYS A 389 36.21 26.08 -54.06
N LEU A 390 36.21 25.53 -52.83
CA LEU A 390 35.00 25.46 -52.02
C LEU A 390 34.38 26.82 -51.83
N LYS A 391 35.10 27.71 -51.13
CA LYS A 391 34.56 29.04 -50.85
C LYS A 391 34.27 29.79 -52.14
N PHE A 392 35.03 29.52 -53.20
CA PHE A 392 34.75 30.17 -54.48
C PHE A 392 33.36 29.81 -54.99
N VAL A 393 32.96 28.55 -54.88
CA VAL A 393 31.61 28.16 -55.26
C VAL A 393 30.59 28.67 -54.24
N GLU A 394 30.95 28.64 -52.96
CA GLU A 394 30.02 29.06 -51.93
C GLU A 394 29.70 30.54 -52.04
N MET A 395 30.57 31.30 -52.70
CA MET A 395 30.32 32.72 -52.88
C MET A 395 29.04 32.95 -53.68
N SER A 396 28.59 31.94 -54.43
CA SER A 396 27.34 31.99 -55.16
C SER A 396 26.32 30.97 -54.71
N TYR A 397 26.72 29.91 -54.00
CA TYR A 397 25.70 28.98 -53.53
C TYR A 397 24.71 29.69 -52.61
N ASP A 398 25.20 30.53 -51.70
CA ASP A 398 24.29 31.35 -50.88
C ASP A 398 23.47 32.28 -51.74
N HIS A 399 23.95 32.60 -52.95
CA HIS A 399 23.19 33.41 -53.91
C HIS A 399 21.90 32.72 -54.31
N LEU A 400 21.67 31.48 -53.89
CA LEU A 400 20.45 30.79 -54.29
C LEU A 400 19.52 30.65 -53.09
N PRO A 401 18.23 30.90 -53.25
CA PRO A 401 17.28 30.67 -52.15
C PRO A 401 17.27 29.21 -51.74
N GLN A 402 16.65 28.96 -50.59
CA GLN A 402 16.71 27.62 -50.01
C GLN A 402 16.10 26.58 -50.94
N GLU A 403 15.03 26.94 -51.64
CA GLU A 403 14.39 25.99 -52.54
C GLU A 403 15.37 25.56 -53.64
N VAL A 404 15.98 26.52 -54.32
CA VAL A 404 16.97 26.18 -55.34
C VAL A 404 18.27 25.71 -54.70
N GLN A 405 18.53 26.11 -53.46
CA GLN A 405 19.65 25.52 -52.73
C GLN A 405 19.52 24.00 -52.71
N THR A 406 18.36 23.52 -52.26
CA THR A 406 18.15 22.08 -52.16
C THR A 406 18.06 21.45 -53.53
N CYS A 407 17.26 22.03 -54.43
CA CYS A 407 17.14 21.48 -55.78
C CYS A 407 18.51 21.32 -56.42
N PHE A 408 19.42 22.25 -56.15
CA PHE A 408 20.78 22.14 -56.66
C PHE A 408 21.49 20.92 -56.09
N LEU A 409 21.47 20.76 -54.77
CA LEU A 409 22.20 19.67 -54.15
C LEU A 409 21.76 18.32 -54.70
N TYR A 410 20.53 18.21 -55.19
CA TYR A 410 20.06 16.96 -55.77
C TYR A 410 20.36 16.84 -57.25
N CYS A 411 21.04 17.83 -57.83
CA CYS A 411 21.85 17.56 -59.01
C CYS A 411 23.16 16.88 -58.66
N GLY A 412 23.52 16.84 -57.38
CA GLY A 412 24.76 16.25 -56.94
C GLY A 412 24.66 14.77 -56.64
N VAL A 413 23.65 14.11 -57.21
CA VAL A 413 23.46 12.69 -57.02
C VAL A 413 23.72 11.89 -58.30
N PHE A 414 23.62 12.52 -59.47
CA PHE A 414 23.90 11.82 -60.70
C PHE A 414 25.39 11.58 -60.83
N PRO A 415 25.82 10.40 -61.33
CA PRO A 415 27.24 10.06 -61.29
C PRO A 415 28.11 11.08 -62.01
N ARG A 416 29.34 11.23 -61.52
CA ARG A 416 30.25 12.21 -62.09
C ARG A 416 30.44 11.96 -63.57
N GLY A 417 30.26 13.00 -64.38
CA GLY A 417 30.27 12.87 -65.82
C GLY A 417 28.95 12.46 -66.41
N PHE A 418 27.96 12.12 -65.59
CA PHE A 418 26.64 11.77 -66.09
C PHE A 418 25.97 12.99 -66.71
N ASP A 419 25.10 12.74 -67.69
CA ASP A 419 24.29 13.77 -68.31
C ASP A 419 22.89 13.67 -67.71
N ILE A 420 22.51 14.68 -66.95
CA ILE A 420 21.28 14.66 -66.15
C ILE A 420 20.13 15.12 -67.04
N PRO A 421 19.17 14.26 -67.38
CA PRO A 421 18.05 14.71 -68.21
C PRO A 421 17.23 15.77 -67.49
N SER A 422 16.60 16.63 -68.30
CA SER A 422 15.77 17.68 -67.73
C SER A 422 14.54 17.11 -67.04
N TRP A 423 13.82 16.21 -67.71
CA TRP A 423 12.60 15.66 -67.12
C TRP A 423 12.93 14.74 -65.94
N LYS A 424 13.99 13.94 -66.06
CA LYS A 424 14.37 13.05 -64.98
C LYS A 424 14.66 13.84 -63.70
N VAL A 425 15.51 14.87 -63.79
CA VAL A 425 15.83 15.66 -62.61
C VAL A 425 14.62 16.45 -62.14
N ILE A 426 13.82 16.94 -63.08
CA ILE A 426 12.64 17.73 -62.70
C ILE A 426 11.73 16.90 -61.82
N ARG A 427 11.40 15.68 -62.26
CA ARG A 427 10.56 14.81 -61.45
C ARG A 427 11.28 14.37 -60.18
N LEU A 428 12.58 14.10 -60.27
CA LEU A 428 13.33 13.70 -59.08
C LEU A 428 13.23 14.75 -57.99
N TRP A 429 13.53 16.01 -58.32
CA TRP A 429 13.23 17.10 -57.40
C TRP A 429 11.81 16.97 -56.86
N ILE A 430 10.82 17.02 -57.75
CA ILE A 430 9.43 17.00 -57.34
C ILE A 430 9.04 15.70 -56.66
N ALA A 431 9.83 14.65 -56.84
CA ALA A 431 9.57 13.36 -56.20
C ALA A 431 10.32 13.19 -54.90
N GLU A 432 11.28 14.06 -54.60
CA GLU A 432 12.00 13.99 -53.34
C GLU A 432 11.37 14.83 -52.23
N GLY A 433 10.32 15.58 -52.53
CA GLY A 433 9.72 16.44 -51.55
C GLY A 433 10.46 17.75 -51.34
N LEU A 434 11.21 18.19 -52.33
CA LEU A 434 12.02 19.40 -52.23
C LEU A 434 11.25 20.64 -52.67
N ILE A 435 10.57 20.57 -53.81
CA ILE A 435 9.75 21.69 -54.27
C ILE A 435 8.54 21.84 -53.36
N LYS A 436 7.98 23.05 -53.35
CA LYS A 436 6.72 23.30 -52.67
C LYS A 436 5.80 24.08 -53.59
N PRO A 437 4.50 23.81 -53.55
CA PRO A 437 3.60 24.42 -54.53
C PRO A 437 3.49 25.92 -54.36
N GLN A 438 3.26 26.60 -55.47
CA GLN A 438 2.99 28.03 -55.48
C GLN A 438 1.50 28.26 -55.76
N GLU A 439 1.13 29.52 -55.94
CA GLU A 439 -0.26 29.91 -55.89
C GLU A 439 -0.92 30.03 -57.27
N SER A 440 -0.14 30.00 -58.35
CA SER A 440 -0.74 29.85 -59.67
C SER A 440 0.11 28.99 -60.61
N TYR A 441 0.95 28.11 -60.09
CA TYR A 441 1.87 27.35 -60.91
C TYR A 441 1.76 25.86 -60.62
N THR A 442 2.24 25.06 -61.57
CA THR A 442 2.25 23.61 -61.47
C THR A 442 3.68 23.12 -61.26
N LEU A 443 3.86 22.20 -60.31
CA LEU A 443 5.20 21.82 -59.87
C LEU A 443 6.16 21.60 -61.04
N GLU A 444 5.65 21.11 -62.17
CA GLU A 444 6.53 20.87 -63.31
C GLU A 444 7.22 22.15 -63.75
N GLU A 445 6.45 23.23 -63.89
CA GLU A 445 7.04 24.47 -64.40
C GLU A 445 7.83 25.21 -63.34
N ILE A 446 7.46 25.08 -62.07
CA ILE A 446 8.31 25.62 -61.00
C ILE A 446 9.67 24.96 -61.02
N ALA A 447 9.70 23.63 -61.17
CA ALA A 447 10.97 22.92 -61.19
C ALA A 447 11.77 23.25 -62.45
N GLU A 448 11.09 23.36 -63.59
CA GLU A 448 11.79 23.73 -64.82
C GLU A 448 12.38 25.12 -64.71
N PHE A 449 11.65 26.05 -64.08
CA PHE A 449 12.20 27.37 -63.81
C PHE A 449 13.38 27.30 -62.86
N TYR A 450 13.31 26.45 -61.84
CA TYR A 450 14.44 26.33 -60.92
C TYR A 450 15.68 25.88 -61.65
N LEU A 451 15.55 24.87 -62.51
CA LEU A 451 16.74 24.43 -63.27
C LEU A 451 17.16 25.49 -64.28
N ASN A 452 16.19 26.18 -64.89
CA ASN A 452 16.52 27.27 -65.80
C ASN A 452 17.40 28.29 -65.09
N ASP A 453 17.03 28.68 -63.88
CA ASP A 453 17.88 29.58 -63.11
C ASP A 453 19.21 28.94 -62.77
N LEU A 454 19.19 27.65 -62.41
CA LEU A 454 20.42 26.97 -62.05
C LEU A 454 21.39 26.97 -63.22
N VAL A 455 20.88 27.18 -64.43
CA VAL A 455 21.75 27.46 -65.57
C VAL A 455 22.04 28.95 -65.67
N ASN A 456 21.06 29.79 -65.37
CA ASN A 456 21.27 31.23 -65.45
C ASN A 456 22.45 31.65 -64.59
N ARG A 457 22.53 31.13 -63.37
CA ARG A 457 23.60 31.47 -62.45
C ARG A 457 24.90 30.73 -62.75
N ASN A 458 25.00 30.12 -63.94
CA ASN A 458 26.13 29.31 -64.38
C ASN A 458 26.35 28.10 -63.48
N LEU A 459 25.45 27.86 -62.53
CA LEU A 459 25.71 26.82 -61.54
C LEU A 459 25.79 25.45 -62.18
N VAL A 460 24.83 25.11 -63.04
CA VAL A 460 24.70 23.75 -63.55
C VAL A 460 24.83 23.80 -65.06
N ILE A 461 25.89 23.20 -65.58
CA ILE A 461 26.21 23.19 -67.00
C ILE A 461 24.99 22.73 -67.80
N LEU A 462 24.86 23.24 -69.02
CA LEU A 462 23.76 22.88 -69.92
C LEU A 462 24.30 22.74 -71.33
N GLN A 463 24.46 21.52 -71.82
CA GLN A 463 24.84 21.30 -73.22
C GLN A 463 23.85 20.30 -73.83
N GLN A 464 22.64 20.79 -74.11
CA GLN A 464 21.74 20.24 -75.09
C GLN A 464 20.50 21.12 -75.05
N LYS A 465 19.84 21.34 -76.19
CA LYS A 465 18.72 22.25 -76.23
C LYS A 465 17.54 21.58 -76.91
N ARG A 466 16.41 21.53 -76.21
CA ARG A 466 15.17 21.09 -76.83
C ARG A 466 14.78 22.07 -77.92
N SER A 467 14.02 21.59 -78.90
CA SER A 467 13.63 22.44 -80.01
C SER A 467 13.00 23.73 -79.51
N ASP A 468 12.18 23.65 -78.47
CA ASP A 468 11.63 24.86 -77.86
C ASP A 468 12.71 25.76 -77.31
N GLY A 469 13.91 25.23 -77.05
CA GLY A 469 14.98 26.01 -76.48
C GLY A 469 15.13 25.91 -74.98
N GLN A 470 14.64 24.84 -74.37
CA GLN A 470 14.76 24.64 -72.93
C GLN A 470 15.79 23.54 -72.66
N ILE A 471 16.17 23.43 -71.38
CA ILE A 471 17.18 22.46 -70.98
C ILE A 471 16.72 21.06 -71.35
N LYS A 472 17.66 20.28 -71.91
CA LYS A 472 17.44 18.85 -72.11
C LYS A 472 18.41 18.01 -71.28
N THR A 473 19.71 18.28 -71.38
CA THR A 473 20.68 17.67 -70.49
C THR A 473 21.41 18.76 -69.70
N CYS A 474 21.80 18.40 -68.48
CA CYS A 474 22.57 19.28 -67.64
C CYS A 474 23.56 18.44 -66.85
N ARG A 475 24.73 18.98 -66.61
CA ARG A 475 25.79 18.27 -65.90
C ARG A 475 26.31 19.14 -64.77
N LEU A 476 26.87 18.49 -63.76
CA LEU A 476 27.53 19.15 -62.65
C LEU A 476 29.03 19.05 -62.87
N HIS A 477 29.71 20.19 -62.98
CA HIS A 477 31.15 20.14 -63.26
C HIS A 477 31.86 19.36 -62.17
N VAL A 478 32.85 18.56 -62.57
CA VAL A 478 33.56 17.69 -61.64
C VAL A 478 33.80 18.40 -60.31
N MET A 479 34.32 19.62 -60.37
CA MET A 479 34.49 20.41 -59.14
C MET A 479 33.16 20.64 -58.44
N LEU A 480 32.16 21.13 -59.17
CA LEU A 480 30.87 21.35 -58.54
C LEU A 480 30.21 20.02 -58.16
N HIS A 481 30.51 18.94 -58.89
CA HIS A 481 29.96 17.65 -58.52
C HIS A 481 30.45 17.22 -57.16
N GLN A 482 31.77 17.27 -56.94
CA GLN A 482 32.30 16.89 -55.64
C GLN A 482 31.83 17.85 -54.56
N PHE A 483 31.67 19.15 -54.90
CA PHE A 483 31.15 20.09 -53.92
C PHE A 483 29.75 19.71 -53.49
N CYS A 484 28.88 19.40 -54.44
CA CYS A 484 27.52 18.99 -54.10
C CYS A 484 27.52 17.70 -53.29
N LYS A 485 28.34 16.73 -53.70
CA LYS A 485 28.36 15.45 -52.98
C LYS A 485 28.78 15.66 -51.54
N LYS A 486 29.85 16.41 -51.31
CA LYS A 486 30.32 16.63 -49.94
C LYS A 486 29.34 17.49 -49.15
N GLU A 487 28.69 18.45 -49.80
CA GLU A 487 27.75 19.31 -49.09
C GLU A 487 26.52 18.53 -48.65
N ALA A 488 25.97 17.72 -49.56
CA ALA A 488 24.85 16.85 -49.20
C ALA A 488 25.26 15.90 -48.09
N SER A 489 26.44 15.29 -48.22
CA SER A 489 26.91 14.35 -47.20
C SER A 489 26.99 15.01 -45.83
N ASN A 490 27.51 16.24 -45.78
CA ASN A 490 27.48 16.98 -44.53
C ASN A 490 26.05 17.18 -44.05
N LYS A 491 25.15 17.56 -44.96
CA LYS A 491 23.74 17.71 -44.60
C LYS A 491 22.99 16.38 -44.59
N TRP A 492 23.58 15.32 -45.18
CA TRP A 492 23.07 13.96 -45.22
C TRP A 492 21.86 13.81 -46.14
N LEU A 493 21.53 14.80 -46.96
CA LEU A 493 20.36 14.67 -47.82
C LEU A 493 20.46 13.45 -48.72
N PHE A 494 21.67 13.00 -49.02
CA PHE A 494 21.92 11.70 -49.64
C PHE A 494 23.43 11.44 -49.60
N GLN A 495 23.86 10.38 -50.25
CA GLN A 495 25.25 9.95 -50.15
C GLN A 495 25.50 8.90 -51.23
N GLU A 496 26.78 8.71 -51.55
CA GLU A 496 27.20 7.69 -52.51
C GLU A 496 28.04 6.64 -51.78
N VAL A 497 27.64 5.37 -51.94
CA VAL A 497 28.33 4.29 -51.25
C VAL A 497 29.65 4.00 -51.95
N SER A 498 30.72 3.86 -51.18
CA SER A 498 32.03 3.51 -51.70
C SER A 498 32.66 2.48 -50.79
N LEU A 499 33.61 1.72 -51.33
CA LEU A 499 34.24 0.62 -50.60
C LEU A 499 35.71 0.55 -51.00
N THR A 500 36.60 0.96 -50.09
CA THR A 500 38.01 0.66 -50.27
C THR A 500 38.19 -0.85 -50.14
N PRO A 501 38.70 -1.54 -51.16
CA PRO A 501 38.40 -2.98 -51.29
C PRO A 501 37.17 -3.43 -50.51
N ASP A 502 37.31 -3.66 -49.20
CA ASP A 502 36.22 -4.08 -48.34
C ASP A 502 35.58 -2.84 -47.70
N GLN A 503 34.79 -3.03 -46.63
CA GLN A 503 34.22 -1.95 -45.84
C GLN A 503 33.06 -1.29 -46.57
N ALA A 504 32.61 -0.13 -46.07
CA ALA A 504 31.38 0.48 -46.55
C ALA A 504 31.51 1.96 -46.91
N ILE A 505 32.72 2.52 -46.91
CA ILE A 505 32.91 3.90 -47.32
C ILE A 505 34.27 4.05 -47.97
N ASP A 509 29.95 5.11 -42.68
CA ASP A 509 28.80 4.67 -41.90
C ASP A 509 27.51 5.01 -42.64
N PRO A 510 27.14 4.18 -43.62
CA PRO A 510 25.92 4.43 -44.39
C PRO A 510 24.69 4.65 -43.52
N ASN A 511 24.75 4.24 -42.24
CA ASN A 511 23.66 4.53 -41.32
C ASN A 511 23.44 6.04 -41.20
N LYS A 512 24.48 6.83 -41.43
CA LYS A 512 24.37 8.28 -41.50
C LYS A 512 24.16 8.76 -42.93
N SER A 513 23.47 7.97 -43.73
CA SER A 513 23.16 8.30 -45.12
C SER A 513 21.64 8.18 -45.27
N ARG A 514 20.95 9.32 -45.28
CA ARG A 514 19.51 9.30 -45.44
C ARG A 514 19.12 8.65 -46.76
N ARG A 515 20.04 8.61 -47.71
CA ARG A 515 19.82 7.92 -48.97
C ARG A 515 21.14 7.36 -49.47
N LEU A 516 21.05 6.37 -50.35
CA LEU A 516 22.21 5.68 -50.90
C LEU A 516 22.22 5.83 -52.41
N CYS A 517 23.31 6.35 -52.95
CA CYS A 517 23.51 6.45 -54.39
C CYS A 517 24.64 5.49 -54.75
N ILE A 518 24.27 4.30 -55.21
CA ILE A 518 25.23 3.26 -55.50
C ILE A 518 25.48 3.20 -57.00
N GLN A 519 26.50 2.46 -57.39
CA GLN A 519 26.86 2.28 -58.78
C GLN A 519 26.76 0.81 -59.17
N PRO A 520 26.47 0.50 -60.44
CA PRO A 520 26.31 -0.91 -60.81
C PRO A 520 27.54 -1.75 -60.52
N SER A 521 28.73 -1.17 -60.67
CA SER A 521 29.95 -1.95 -60.44
C SER A 521 30.03 -2.46 -59.02
N ASN A 522 29.67 -1.63 -58.04
CA ASN A 522 29.76 -1.98 -56.63
C ASN A 522 28.47 -2.57 -56.07
N LEU A 523 27.40 -2.61 -56.85
CA LEU A 523 26.11 -3.03 -56.33
C LEU A 523 26.16 -4.48 -55.85
N LYS A 524 26.80 -5.35 -56.64
CA LYS A 524 26.84 -6.77 -56.28
C LYS A 524 27.50 -6.97 -54.93
N ASP A 525 28.63 -6.29 -54.69
CA ASP A 525 29.30 -6.41 -53.40
C ASP A 525 28.44 -5.83 -52.29
N PHE A 526 27.75 -4.72 -52.55
CA PHE A 526 26.86 -4.15 -51.55
C PHE A 526 25.79 -5.17 -51.14
N LEU A 527 25.25 -5.90 -52.10
CA LEU A 527 24.29 -6.96 -51.79
C LEU A 527 24.96 -8.10 -51.03
N SER A 528 26.26 -8.33 -51.26
CA SER A 528 26.95 -9.42 -50.58
C SER A 528 26.94 -9.23 -49.07
N LYS A 529 26.85 -8.00 -48.59
CA LYS A 529 26.76 -7.73 -47.16
C LYS A 529 25.33 -7.80 -46.65
N LYS A 530 24.36 -8.13 -47.50
CA LYS A 530 22.97 -8.24 -47.10
C LYS A 530 22.50 -6.91 -46.52
N PRO A 531 22.38 -5.88 -47.35
CA PRO A 531 21.97 -4.56 -46.84
C PRO A 531 20.59 -4.61 -46.20
N SER A 532 20.43 -3.88 -45.11
CA SER A 532 19.16 -3.80 -44.41
C SER A 532 19.09 -2.45 -43.72
N ALA A 533 18.25 -1.56 -44.23
CA ALA A 533 18.12 -0.21 -43.68
C ALA A 533 16.65 0.18 -43.65
N GLU A 534 16.34 1.08 -42.71
CA GLU A 534 15.00 1.64 -42.56
C GLU A 534 14.98 3.13 -42.84
N HIS A 535 15.93 3.88 -42.27
CA HIS A 535 15.99 5.31 -42.51
C HIS A 535 16.25 5.64 -43.97
N VAL A 536 16.86 4.73 -44.73
CA VAL A 536 17.03 5.00 -46.15
C VAL A 536 15.67 5.27 -46.76
N ARG A 537 15.62 6.24 -47.68
CA ARG A 537 14.35 6.65 -48.25
C ARG A 537 14.41 6.80 -49.76
N SER A 538 15.30 6.08 -50.42
CA SER A 538 15.38 6.06 -51.88
C SER A 538 16.50 5.09 -52.25
N PHE A 539 16.64 4.84 -53.55
CA PHE A 539 17.74 4.02 -54.04
C PHE A 539 18.13 4.54 -55.42
N TYR A 540 19.29 5.21 -55.49
CA TYR A 540 19.80 5.74 -56.74
C TYR A 540 20.89 4.81 -57.25
N CYS A 541 20.65 4.19 -58.42
CA CYS A 541 21.66 3.41 -59.12
C CYS A 541 21.47 3.68 -60.62
N PHE A 542 22.19 4.65 -61.13
CA PHE A 542 22.09 5.05 -62.53
C PHE A 542 23.18 4.35 -63.34
N SER A 543 23.03 4.40 -64.67
CA SER A 543 23.96 3.77 -65.59
C SER A 543 24.68 4.86 -66.35
N SER A 544 25.78 5.35 -65.77
CA SER A 544 26.64 6.29 -66.49
C SER A 544 27.19 5.64 -67.76
N LYS A 545 27.64 4.39 -67.65
CA LYS A 545 27.96 3.56 -68.81
C LYS A 545 26.66 2.91 -69.24
N GLU A 546 25.95 3.56 -70.15
CA GLU A 546 24.58 3.18 -70.48
C GLU A 546 24.52 1.73 -70.95
N LYS A 547 23.50 1.02 -70.47
CA LYS A 547 23.18 -0.33 -70.91
C LYS A 547 24.24 -1.37 -70.51
N GLN A 548 25.04 -1.06 -69.50
CA GLN A 548 26.05 -2.02 -69.00
C GLN A 548 25.48 -2.82 -67.84
N ILE A 549 24.38 -3.51 -68.10
CA ILE A 549 23.72 -4.31 -67.07
C ILE A 549 24.65 -5.46 -66.70
N ARG A 550 25.16 -5.44 -65.47
CA ARG A 550 26.12 -6.44 -65.03
C ARG A 550 25.38 -7.71 -64.60
N GLY A 551 26.10 -8.65 -64.00
CA GLY A 551 25.53 -9.92 -63.61
C GLY A 551 24.69 -9.82 -62.35
N LEU A 552 23.53 -9.17 -62.46
CA LEU A 552 22.60 -9.02 -61.34
C LEU A 552 21.50 -10.06 -61.48
N THR A 553 21.44 -10.98 -60.53
CA THR A 553 20.45 -12.05 -60.53
C THR A 553 19.14 -11.58 -59.91
N PRO A 554 18.04 -12.31 -60.14
CA PRO A 554 16.78 -11.92 -59.49
C PRO A 554 16.89 -11.87 -57.97
N ASN A 555 17.70 -12.74 -57.37
CA ASN A 555 17.95 -12.65 -55.94
C ASN A 555 18.48 -11.27 -55.55
N ASP A 556 19.30 -10.65 -56.42
CA ASP A 556 19.78 -9.31 -56.13
C ASP A 556 18.63 -8.32 -56.07
N ILE A 557 17.68 -8.43 -56.99
CA ILE A 557 16.54 -7.51 -57.00
C ILE A 557 15.67 -7.73 -55.77
N LYS A 558 15.49 -8.99 -55.37
CA LYS A 558 14.75 -9.26 -54.14
C LYS A 558 15.47 -8.68 -52.93
N LEU A 559 16.80 -8.80 -52.90
CA LEU A 559 17.55 -8.22 -51.80
C LEU A 559 17.39 -6.70 -51.77
N ILE A 560 17.36 -6.07 -52.95
CA ILE A 560 17.07 -4.65 -53.02
C ILE A 560 15.71 -4.36 -52.39
N HIS A 561 14.70 -5.11 -52.80
CA HIS A 561 13.36 -4.91 -52.24
C HIS A 561 13.38 -5.00 -50.72
N LYS A 562 14.16 -5.94 -50.19
CA LYS A 562 14.20 -6.14 -48.74
C LYS A 562 14.96 -5.00 -48.05
N ALA A 563 16.11 -4.61 -48.60
CA ALA A 563 17.01 -3.73 -47.87
C ALA A 563 16.38 -2.37 -47.62
N PHE A 564 15.68 -1.82 -48.62
CA PHE A 564 15.13 -0.47 -48.54
C PHE A 564 13.61 -0.57 -48.54
N PRO A 565 12.97 -0.61 -47.37
CA PRO A 565 11.52 -0.79 -47.33
C PRO A 565 10.73 0.51 -47.39
N LEU A 566 11.34 1.62 -46.96
CA LEU A 566 10.66 2.91 -46.88
C LEU A 566 11.02 3.81 -48.06
N VAL A 567 11.26 3.25 -49.24
CA VAL A 567 11.77 4.04 -50.35
C VAL A 567 10.66 4.94 -50.87
N ARG A 568 10.95 6.24 -50.93
CA ARG A 568 10.08 7.16 -51.65
C ARG A 568 10.46 7.23 -53.12
N VAL A 569 11.76 7.18 -53.42
CA VAL A 569 12.29 7.31 -54.77
C VAL A 569 13.13 6.08 -55.06
N LEU A 570 12.56 5.14 -55.80
CA LEU A 570 13.28 3.95 -56.26
C LEU A 570 13.57 4.14 -57.74
N ASP A 571 14.81 4.47 -58.06
CA ASP A 571 15.22 4.81 -59.43
C ASP A 571 16.39 3.92 -59.82
N VAL A 572 16.11 2.85 -60.57
CA VAL A 572 17.16 1.98 -61.07
C VAL A 572 16.79 1.48 -62.46
N GLU A 573 17.54 1.89 -63.48
CA GLU A 573 17.48 1.23 -64.78
C GLU A 573 18.90 0.91 -65.23
N SER A 574 19.46 -0.14 -64.64
CA SER A 574 20.44 -1.00 -65.30
C SER A 574 20.32 -2.34 -64.57
N LEU A 575 19.39 -3.16 -65.04
CA LEU A 575 18.90 -4.31 -64.25
C LEU A 575 17.89 -5.09 -65.06
N LYS A 576 17.42 -6.20 -64.51
CA LYS A 576 16.22 -6.90 -65.00
C LYS A 576 15.27 -6.96 -63.80
N PHE A 577 14.49 -5.90 -63.61
CA PHE A 577 13.64 -5.79 -62.44
C PHE A 577 12.46 -6.76 -62.54
N LEU A 578 11.92 -7.12 -61.38
CA LEU A 578 10.76 -7.99 -61.30
C LEU A 578 9.84 -7.47 -60.19
N PHE A 579 8.56 -7.80 -60.31
CA PHE A 579 7.56 -7.36 -59.34
C PHE A 579 7.42 -8.40 -58.23
N SER A 580 8.38 -8.39 -57.32
CA SER A 580 8.34 -9.30 -56.19
C SER A 580 7.24 -8.90 -55.21
N LYS A 581 6.85 -9.86 -54.37
CA LYS A 581 5.86 -9.56 -53.34
C LYS A 581 6.34 -8.45 -52.42
N ASP A 582 7.60 -8.53 -52.00
CA ASP A 582 8.16 -7.51 -51.13
C ASP A 582 8.14 -6.15 -51.81
N PHE A 583 8.55 -6.10 -53.08
CA PHE A 583 8.52 -4.83 -53.81
C PHE A 583 7.11 -4.27 -53.88
N ASN A 584 6.10 -5.13 -53.86
CA ASN A 584 4.71 -4.67 -53.93
C ASN A 584 4.25 -4.00 -52.65
N GLN A 585 4.99 -4.14 -51.55
CA GLN A 585 4.59 -3.58 -50.26
C GLN A 585 4.95 -2.10 -50.12
N LEU A 586 5.86 -1.58 -50.96
CA LEU A 586 6.45 -0.27 -50.73
C LEU A 586 5.41 0.82 -50.98
N PHE A 587 4.53 0.99 -49.99
CA PHE A 587 3.44 1.96 -50.13
C PHE A 587 3.91 3.40 -50.02
N HIS A 588 5.09 3.65 -49.46
CA HIS A 588 5.63 5.00 -49.37
C HIS A 588 6.16 5.50 -50.68
N LEU A 589 6.03 4.68 -51.71
CA LEU A 589 6.72 4.92 -52.96
C LEU A 589 6.21 6.19 -53.64
N ARG A 590 7.15 6.96 -54.20
CA ARG A 590 6.83 8.19 -54.92
C ARG A 590 7.19 8.12 -56.39
N TYR A 591 8.40 7.69 -56.72
CA TYR A 591 8.94 7.81 -58.07
C TYR A 591 9.61 6.50 -58.44
N ILE A 592 9.26 5.96 -59.61
CA ILE A 592 9.79 4.69 -60.08
C ILE A 592 10.54 4.88 -61.39
N ALA A 593 11.72 4.28 -61.47
CA ALA A 593 12.49 4.20 -62.71
C ALA A 593 13.03 2.77 -62.78
N ILE A 594 12.30 1.89 -63.46
CA ILE A 594 12.65 0.48 -63.54
C ILE A 594 12.55 0.00 -64.98
N SER A 595 13.19 -1.13 -65.25
CA SER A 595 13.20 -1.75 -66.57
C SER A 595 13.21 -3.27 -66.41
N GLY A 596 12.79 -3.95 -67.46
CA GLY A 596 12.74 -5.40 -67.44
C GLY A 596 11.87 -5.91 -68.57
N ASP A 597 11.22 -7.05 -68.31
CA ASP A 597 10.30 -7.69 -69.25
C ASP A 597 8.96 -7.85 -68.57
N PHE A 598 8.08 -6.86 -68.75
CA PHE A 598 6.76 -6.84 -68.15
C PHE A 598 5.72 -6.71 -69.26
N ASN A 599 4.73 -7.61 -69.25
CA ASN A 599 3.68 -7.60 -70.25
C ASN A 599 2.50 -6.73 -69.86
N ALA A 600 2.35 -6.42 -68.57
CA ALA A 600 1.23 -5.67 -68.06
C ALA A 600 1.55 -5.28 -66.62
N ILE A 601 1.23 -4.05 -66.25
CA ILE A 601 1.53 -3.56 -64.91
C ILE A 601 0.60 -4.27 -63.93
N PRO A 602 1.12 -5.02 -62.97
CA PRO A 602 0.23 -5.73 -62.04
C PRO A 602 -0.54 -4.76 -61.15
N LEU A 603 -1.68 -5.24 -60.66
CA LEU A 603 -2.49 -4.44 -59.76
C LEU A 603 -1.73 -4.06 -58.49
N THR A 604 -0.66 -4.80 -58.17
CA THR A 604 0.14 -4.47 -56.99
C THR A 604 0.50 -2.98 -56.96
N PHE A 605 0.66 -2.35 -58.12
CA PHE A 605 0.92 -0.92 -58.17
C PHE A 605 -0.28 -0.09 -57.75
N GLY A 606 -1.46 -0.69 -57.62
CA GLY A 606 -2.62 0.01 -57.09
C GLY A 606 -2.59 0.25 -55.61
N LYS A 607 -1.63 -0.36 -54.89
CA LYS A 607 -1.45 -0.13 -53.47
C LYS A 607 -0.46 0.99 -53.17
N PHE A 608 0.25 1.49 -54.18
CA PHE A 608 1.25 2.55 -53.99
C PHE A 608 0.55 3.90 -54.04
N TRP A 609 -0.21 4.17 -52.97
CA TRP A 609 -1.00 5.39 -52.88
C TRP A 609 -0.12 6.64 -52.87
N ASN A 610 1.14 6.54 -52.45
CA ASN A 610 2.02 7.69 -52.42
C ASN A 610 2.65 8.00 -53.77
N LEU A 611 2.48 7.13 -54.76
CA LEU A 611 3.16 7.31 -56.05
C LEU A 611 2.82 8.66 -56.67
N GLN A 612 3.83 9.26 -57.29
CA GLN A 612 3.66 10.50 -58.04
C GLN A 612 4.10 10.32 -59.49
N THR A 613 5.09 9.46 -59.72
CA THR A 613 5.70 9.30 -61.03
C THR A 613 5.92 7.81 -61.31
N LEU A 614 6.01 7.48 -62.59
CA LEU A 614 6.30 6.10 -62.98
C LEU A 614 6.92 6.10 -64.37
N ILE A 615 8.19 5.71 -64.46
CA ILE A 615 8.88 5.52 -65.73
C ILE A 615 8.98 4.02 -65.96
N LEU A 616 8.63 3.59 -67.18
CA LEU A 616 8.63 2.18 -67.53
C LEU A 616 9.38 1.99 -68.83
N ASN A 617 10.28 1.01 -68.85
CA ASN A 617 11.05 0.62 -70.03
C ASN A 617 11.06 -0.91 -70.06
N THR A 618 10.08 -1.49 -70.75
CA THR A 618 9.90 -2.93 -70.77
C THR A 618 10.46 -3.50 -72.07
N SER A 619 11.16 -4.63 -71.95
CA SER A 619 11.76 -5.32 -73.09
C SER A 619 10.82 -6.32 -73.73
N THR A 620 9.57 -6.40 -73.27
CA THR A 620 8.64 -7.39 -73.78
C THR A 620 8.41 -7.20 -75.28
N SER A 621 8.26 -8.33 -75.98
CA SER A 621 7.89 -8.30 -77.39
C SER A 621 6.43 -7.92 -77.60
N GLU A 622 5.63 -7.84 -76.53
CA GLU A 622 4.22 -7.49 -76.66
C GLU A 622 4.06 -6.14 -77.34
N SER A 623 3.08 -6.05 -78.23
CA SER A 623 2.81 -4.80 -78.92
C SER A 623 2.25 -3.74 -77.97
N THR A 624 1.48 -4.15 -76.96
CA THR A 624 0.86 -3.23 -76.02
C THR A 624 1.04 -3.72 -74.61
N LEU A 625 1.15 -2.78 -73.68
CA LEU A 625 1.22 -3.06 -72.25
C LEU A 625 -0.12 -2.74 -71.61
N ASP A 626 -0.66 -3.68 -70.84
CA ASP A 626 -1.95 -3.51 -70.21
C ASP A 626 -1.75 -3.06 -68.76
N VAL A 627 -2.31 -1.91 -68.40
CA VAL A 627 -2.11 -1.33 -67.08
C VAL A 627 -3.22 -1.88 -66.19
N LYS A 628 -2.94 -3.02 -65.55
CA LYS A 628 -3.92 -3.63 -64.66
C LYS A 628 -4.18 -2.76 -63.45
N ALA A 629 -3.13 -2.14 -62.90
CA ALA A 629 -3.29 -1.26 -61.75
C ALA A 629 -4.24 -0.12 -62.09
N ASP A 630 -5.16 0.17 -61.18
CA ASP A 630 -6.12 1.26 -61.39
C ASP A 630 -5.42 2.61 -61.21
N ILE A 631 -4.80 3.10 -62.28
CA ILE A 631 -4.09 4.37 -62.23
C ILE A 631 -4.99 5.50 -61.77
N TRP A 632 -6.31 5.38 -61.98
CA TRP A 632 -7.21 6.48 -61.67
C TRP A 632 -7.31 6.73 -60.17
N ASN A 633 -7.26 5.69 -59.36
CA ASN A 633 -7.37 5.85 -57.92
C ASN A 633 -6.14 6.50 -57.29
N MET A 634 -4.99 6.46 -57.96
CA MET A 634 -3.75 7.02 -57.41
C MET A 634 -3.82 8.53 -57.55
N LEU A 635 -4.35 9.18 -56.52
CA LEU A 635 -4.50 10.63 -56.55
C LEU A 635 -3.15 11.33 -56.63
N GLN A 636 -2.17 10.83 -55.88
CA GLN A 636 -0.85 11.45 -55.89
C GLN A 636 -0.15 11.34 -57.24
N LEU A 637 -0.61 10.44 -58.10
CA LEU A 637 0.06 10.23 -59.38
C LEU A 637 0.11 11.53 -60.17
N ARG A 638 1.26 11.77 -60.82
CA ARG A 638 1.44 12.94 -61.67
C ARG A 638 1.89 12.59 -63.07
N HIS A 639 2.80 11.63 -63.23
CA HIS A 639 3.40 11.36 -64.54
C HIS A 639 3.67 9.87 -64.68
N LEU A 640 3.06 9.25 -65.69
CA LEU A 640 3.34 7.87 -66.06
C LEU A 640 4.10 7.87 -67.38
N HIS A 641 5.18 7.09 -67.45
CA HIS A 641 5.99 6.99 -68.65
C HIS A 641 6.18 5.52 -69.00
N THR A 642 5.99 5.20 -70.27
CA THR A 642 6.21 3.86 -70.79
C THR A 642 6.98 3.96 -72.10
N ASN A 643 7.83 2.98 -72.36
CA ASN A 643 8.57 2.96 -73.62
C ASN A 643 7.75 2.41 -74.78
N ILE A 644 6.62 1.77 -74.51
CA ILE A 644 5.75 1.24 -75.55
C ILE A 644 4.32 1.70 -75.26
N PRO A 645 3.45 1.67 -76.27
CA PRO A 645 2.09 2.15 -76.07
C PRO A 645 1.39 1.39 -74.94
N ALA A 646 0.58 2.11 -74.17
CA ALA A 646 -0.07 1.59 -72.98
C ALA A 646 -1.57 1.45 -73.24
N LYS A 647 -2.13 0.31 -72.85
CA LYS A 647 -3.57 0.04 -72.99
C LYS A 647 -4.23 0.28 -71.63
N LEU A 648 -4.44 1.55 -71.33
CA LEU A 648 -5.07 1.93 -70.07
C LEU A 648 -6.52 1.45 -70.01
N GLN A 649 -6.92 0.95 -68.85
CA GLN A 649 -8.32 0.65 -68.61
C GLN A 649 -9.10 1.94 -68.38
N PRO A 650 -10.33 2.06 -68.91
CA PRO A 650 -11.11 3.27 -68.68
C PRO A 650 -11.51 3.39 -67.22
N PRO A 651 -11.73 4.61 -66.73
CA PRO A 651 -12.16 4.76 -65.33
C PRO A 651 -13.58 4.26 -65.13
N THR A 652 -13.79 3.53 -64.04
CA THR A 652 -15.09 2.99 -63.73
C THR A 652 -15.94 4.03 -63.01
N ALA A 653 -17.20 3.69 -62.75
CA ALA A 653 -18.11 4.62 -62.09
C ALA A 653 -17.62 4.95 -60.68
N THR A 654 -17.13 3.96 -59.95
CA THR A 654 -16.65 4.20 -58.60
C THR A 654 -15.47 5.15 -58.60
N THR A 655 -14.56 4.99 -59.54
CA THR A 655 -13.38 5.85 -59.63
C THR A 655 -13.73 7.28 -60.00
N SER A 656 -14.95 7.54 -60.47
CA SER A 656 -15.33 8.89 -60.88
C SER A 656 -15.15 9.86 -59.72
N GLY A 657 -14.56 11.01 -60.01
CA GLY A 657 -14.31 12.02 -59.01
C GLY A 657 -13.61 13.24 -59.55
N LYS A 658 -12.68 13.79 -58.77
CA LYS A 658 -11.93 14.97 -59.21
C LYS A 658 -11.02 14.61 -60.38
N ALA A 659 -10.64 15.62 -61.15
CA ALA A 659 -9.71 15.41 -62.25
C ALA A 659 -8.37 14.92 -61.71
N SER A 660 -7.79 13.95 -62.41
CA SER A 660 -6.55 13.34 -61.95
C SER A 660 -5.40 14.34 -61.99
N CYS A 661 -4.45 14.15 -61.07
CA CYS A 661 -3.24 14.97 -61.04
C CYS A 661 -2.32 14.70 -62.22
N LEU A 662 -2.59 13.66 -63.00
CA LEU A 662 -1.74 13.28 -64.13
C LEU A 662 -1.50 14.46 -65.06
N GLN A 663 -0.24 14.86 -65.22
CA GLN A 663 0.13 15.90 -66.18
C GLN A 663 0.65 15.30 -67.48
N THR A 664 1.57 14.35 -67.38
CA THR A 664 2.24 13.76 -68.53
C THR A 664 1.90 12.28 -68.64
N LEU A 665 1.42 11.88 -69.83
CA LEU A 665 1.05 10.49 -70.09
C LEU A 665 1.66 10.11 -71.44
N CYS A 666 2.76 9.37 -71.40
CA CYS A 666 3.56 9.08 -72.57
C CYS A 666 3.34 7.66 -73.07
N MET A 667 3.44 7.49 -74.39
CA MET A 667 3.29 6.20 -75.05
C MET A 667 1.94 5.56 -74.71
N VAL A 668 0.89 6.21 -75.20
CA VAL A 668 -0.48 5.78 -75.01
C VAL A 668 -0.93 5.03 -76.26
N ALA A 669 -1.49 3.85 -76.07
CA ALA A 669 -2.11 3.15 -77.19
C ALA A 669 -3.37 3.91 -77.62
N PRO A 670 -3.63 4.06 -78.92
CA PRO A 670 -4.83 4.80 -79.32
C PRO A 670 -6.10 4.21 -78.73
N GLU A 671 -6.17 2.89 -78.58
CA GLU A 671 -7.30 2.29 -77.89
C GLU A 671 -7.43 2.81 -76.47
N SER A 672 -6.32 3.19 -75.85
CA SER A 672 -6.32 3.69 -74.48
C SER A 672 -6.77 5.14 -74.39
N CYS A 673 -7.20 5.75 -75.50
CA CYS A 673 -7.69 7.12 -75.52
C CYS A 673 -9.20 7.06 -75.72
N GLU A 674 -9.92 7.00 -74.60
CA GLU A 674 -11.38 6.95 -74.60
C GLU A 674 -11.94 8.26 -74.05
N LYS A 675 -13.24 8.44 -74.23
CA LYS A 675 -13.90 9.63 -73.71
C LYS A 675 -13.74 9.72 -72.20
N GLU A 676 -13.97 8.61 -71.50
CA GLU A 676 -13.88 8.62 -70.04
C GLU A 676 -12.44 8.80 -69.58
N VAL A 677 -11.49 8.16 -70.25
CA VAL A 677 -10.09 8.29 -69.86
C VAL A 677 -9.65 9.74 -69.98
N LEU A 678 -9.92 10.36 -71.14
CA LEU A 678 -9.49 11.73 -71.35
C LEU A 678 -10.27 12.69 -70.46
N ALA A 679 -11.51 12.38 -70.13
CA ALA A 679 -12.25 13.19 -69.17
C ALA A 679 -11.59 13.14 -67.79
N LYS A 680 -11.15 11.95 -67.37
CA LYS A 680 -10.50 11.81 -66.07
C LYS A 680 -9.14 12.49 -66.03
N ALA A 681 -8.54 12.77 -67.18
CA ALA A 681 -7.22 13.40 -67.27
C ALA A 681 -7.29 14.69 -68.08
N CYS A 682 -8.32 15.50 -67.83
CA CYS A 682 -8.47 16.74 -68.58
C CYS A 682 -7.27 17.67 -68.39
N HIS A 683 -6.61 17.61 -67.24
CA HIS A 683 -5.42 18.40 -67.00
C HIS A 683 -4.17 17.79 -67.63
N LEU A 684 -4.32 16.75 -68.44
CA LEU A 684 -3.17 16.15 -69.10
C LEU A 684 -2.52 17.17 -70.04
N LYS A 685 -1.18 17.25 -69.96
CA LYS A 685 -0.42 18.21 -70.74
C LYS A 685 0.42 17.54 -71.82
N LYS A 686 1.20 16.53 -71.47
CA LYS A 686 2.06 15.82 -72.41
C LYS A 686 1.45 14.46 -72.71
N LEU A 687 0.86 14.31 -73.89
CA LEU A 687 0.24 13.06 -74.31
C LEU A 687 0.93 12.56 -75.57
N SER A 688 1.26 11.27 -75.60
CA SER A 688 1.83 10.63 -76.77
C SER A 688 1.04 9.37 -77.09
N ILE A 689 0.67 9.22 -78.35
CA ILE A 689 -0.17 8.11 -78.79
C ILE A 689 0.52 7.40 -79.94
N ARG A 690 0.55 6.07 -79.90
CA ARG A 690 1.21 5.28 -80.94
C ARG A 690 0.45 3.99 -81.18
N GLY A 691 0.36 3.60 -82.45
CA GLY A 691 -0.32 2.38 -82.83
C GLY A 691 -0.76 2.40 -84.28
N GLN A 692 -2.02 2.04 -84.54
CA GLN A 692 -2.62 2.15 -85.86
C GLN A 692 -3.45 3.42 -85.92
N MET A 693 -3.16 4.27 -86.89
CA MET A 693 -3.71 5.63 -86.93
C MET A 693 -4.84 5.79 -87.93
N ALA A 694 -4.78 5.13 -89.09
CA ALA A 694 -5.85 5.29 -90.08
C ALA A 694 -7.21 4.94 -89.47
N ALA A 695 -7.24 4.04 -88.50
CA ALA A 695 -8.44 3.75 -87.73
C ALA A 695 -8.60 4.67 -86.53
N PHE A 696 -7.99 5.87 -86.58
CA PHE A 696 -8.04 6.83 -85.51
C PHE A 696 -8.68 8.16 -85.89
N LEU A 697 -8.62 8.54 -87.17
CA LEU A 697 -9.06 9.87 -87.57
C LEU A 697 -10.52 9.91 -87.99
N GLY A 698 -11.13 8.75 -88.25
CA GLY A 698 -12.49 8.73 -88.74
C GLY A 698 -13.49 9.19 -87.69
N ALA A 699 -14.71 9.43 -88.17
CA ALA A 699 -15.77 9.91 -87.28
C ALA A 699 -16.05 8.89 -86.18
N TYR A 700 -16.30 7.64 -86.55
CA TYR A 700 -16.42 6.59 -85.56
C TYR A 700 -15.10 6.29 -84.88
N LYS A 701 -14.00 6.81 -85.42
CA LYS A 701 -12.71 6.85 -84.73
C LYS A 701 -12.56 8.11 -83.90
N GLY A 702 -13.67 8.65 -83.39
CA GLY A 702 -13.70 9.91 -82.68
C GLY A 702 -12.79 9.96 -81.46
N GLY A 703 -12.08 8.87 -81.17
CA GLY A 703 -10.98 8.94 -80.24
C GLY A 703 -10.16 10.19 -80.50
N ILE A 704 -10.01 10.55 -81.78
CA ILE A 704 -9.46 11.85 -82.13
C ILE A 704 -10.36 12.97 -81.62
N ASN A 705 -11.67 12.82 -81.81
CA ASN A 705 -12.61 13.79 -81.26
C ASN A 705 -12.62 13.78 -79.74
N ASN A 706 -12.31 12.62 -79.13
CA ASN A 706 -12.30 12.52 -77.69
C ASN A 706 -11.24 13.40 -77.05
N LEU A 707 -10.26 13.87 -77.84
CA LEU A 707 -9.21 14.72 -77.28
C LEU A 707 -9.74 16.05 -76.79
N VAL A 708 -10.97 16.41 -77.14
CA VAL A 708 -11.57 17.67 -76.71
C VAL A 708 -11.58 17.74 -75.19
N GLU A 709 -11.56 16.59 -74.53
CA GLU A 709 -11.58 16.57 -73.07
C GLU A 709 -10.35 17.25 -72.49
N LEU A 710 -9.17 16.99 -73.05
CA LEU A 710 -7.95 17.57 -72.52
C LEU A 710 -8.02 19.09 -72.60
N LYS A 711 -7.78 19.75 -71.46
CA LYS A 711 -7.88 21.21 -71.37
C LYS A 711 -6.53 21.89 -71.54
N CYS A 712 -5.50 21.39 -70.86
CA CYS A 712 -4.17 21.99 -70.87
C CYS A 712 -3.18 21.11 -71.62
N LEU A 713 -3.66 20.37 -72.62
CA LEU A 713 -2.79 19.53 -73.43
C LEU A 713 -1.78 20.43 -74.15
N GLU A 714 -0.50 20.10 -74.02
CA GLU A 714 0.58 20.86 -74.64
C GLU A 714 1.28 20.08 -75.74
N GLN A 715 1.76 18.88 -75.45
CA GLN A 715 2.49 18.05 -76.41
C GLN A 715 1.61 16.93 -76.92
N LEU A 716 1.83 16.54 -78.17
CA LEU A 716 1.06 15.47 -78.79
C LEU A 716 1.96 14.80 -79.84
N LYS A 717 2.43 13.60 -79.53
CA LYS A 717 3.28 12.84 -80.44
C LYS A 717 2.47 11.72 -81.06
N LEU A 718 2.47 11.64 -82.39
CA LEU A 718 1.70 10.66 -83.14
C LEU A 718 2.66 9.75 -83.88
N LEU A 719 2.57 8.45 -83.61
CA LEU A 719 3.50 7.47 -84.15
C LEU A 719 2.72 6.26 -84.66
N ASN A 720 3.03 5.83 -85.87
CA ASN A 720 2.38 4.68 -86.50
C ASN A 720 3.37 3.52 -86.57
N ASP A 721 2.98 2.40 -85.99
CA ASP A 721 3.86 1.23 -85.95
C ASP A 721 3.80 0.38 -87.21
N VAL A 722 2.87 0.66 -88.11
CA VAL A 722 2.72 -0.11 -89.34
C VAL A 722 3.32 0.67 -90.51
N LEU A 723 4.13 -0.01 -91.30
CA LEU A 723 4.70 0.58 -92.50
C LEU A 723 3.85 0.35 -93.73
N TYR A 724 2.89 -0.56 -93.68
CA TYR A 724 1.97 -0.83 -94.79
C TYR A 724 0.58 -0.43 -94.33
N MET A 725 0.14 0.76 -94.73
CA MET A 725 -1.15 1.29 -94.33
C MET A 725 -2.19 0.96 -95.37
N ASN A 726 -3.39 0.58 -94.90
CA ASN A 726 -4.46 0.21 -95.81
C ASN A 726 -4.88 1.39 -96.68
N LYS A 727 -5.03 2.56 -96.07
CA LYS A 727 -5.41 3.77 -96.80
C LYS A 727 -4.70 4.97 -96.19
N ALA A 728 -4.19 5.84 -97.06
CA ALA A 728 -3.48 7.02 -96.58
C ALA A 728 -4.40 7.83 -95.67
N PRO A 729 -3.96 8.17 -94.45
CA PRO A 729 -4.86 8.85 -93.52
C PRO A 729 -5.11 10.30 -93.94
N HIS A 730 -5.94 10.98 -93.13
CA HIS A 730 -6.36 12.33 -93.44
C HIS A 730 -6.77 13.04 -92.15
N LEU A 731 -6.06 14.11 -91.82
CA LEU A 731 -6.33 14.81 -90.56
C LEU A 731 -7.77 15.31 -90.56
N PRO A 732 -8.51 15.16 -89.47
CA PRO A 732 -9.90 15.64 -89.46
C PRO A 732 -9.97 17.15 -89.55
N GLN A 733 -11.07 17.64 -90.13
CA GLN A 733 -11.29 19.09 -90.18
C GLN A 733 -11.36 19.67 -88.78
N THR A 734 -11.96 18.95 -87.84
CA THR A 734 -11.98 19.39 -86.45
C THR A 734 -10.58 19.43 -85.86
N PHE A 735 -9.62 18.71 -86.44
CA PHE A 735 -8.27 18.62 -85.91
C PHE A 735 -7.75 19.97 -85.47
N SER A 736 -8.11 21.03 -86.21
CA SER A 736 -7.64 22.36 -85.86
C SER A 736 -8.03 22.73 -84.44
N GLN A 737 -9.31 22.58 -84.10
CA GLN A 737 -9.77 22.88 -82.75
C GLN A 737 -9.73 21.67 -81.82
N LEU A 738 -9.50 20.48 -82.35
CA LEU A 738 -9.34 19.31 -81.47
C LEU A 738 -8.12 19.46 -80.60
N VAL A 739 -7.02 19.96 -81.15
CA VAL A 739 -5.75 20.06 -80.45
C VAL A 739 -5.35 21.52 -80.29
N ARG A 740 -6.35 22.40 -80.17
CA ARG A 740 -6.07 23.83 -80.12
C ARG A 740 -5.08 24.18 -79.03
N THR A 741 -5.04 23.42 -77.94
CA THR A 741 -4.13 23.71 -76.84
C THR A 741 -2.74 23.14 -77.05
N VAL A 742 -2.52 22.31 -78.06
CA VAL A 742 -1.23 21.66 -78.25
C VAL A 742 -0.20 22.70 -78.66
N LYS A 743 0.96 22.66 -78.00
CA LYS A 743 2.10 23.48 -78.40
C LYS A 743 3.14 22.68 -79.18
N LYS A 744 3.35 21.43 -78.82
CA LYS A 744 4.30 20.55 -79.49
C LYS A 744 3.56 19.41 -80.15
N LEU A 745 3.90 19.13 -81.41
CA LEU A 745 3.18 18.12 -82.19
C LEU A 745 4.19 17.43 -83.09
N THR A 746 4.66 16.27 -82.66
CA THR A 746 5.60 15.47 -83.43
C THR A 746 4.86 14.33 -84.12
N LEU A 747 4.86 14.35 -85.44
CA LEU A 747 4.24 13.30 -86.24
C LEU A 747 5.33 12.42 -86.83
N THR A 748 5.24 11.12 -86.58
CA THR A 748 6.26 10.17 -87.02
C THR A 748 5.60 9.06 -87.82
N ASN A 749 6.15 8.77 -89.00
CA ASN A 749 5.66 7.68 -89.85
C ASN A 749 4.18 7.81 -90.15
N THR A 750 3.71 9.04 -90.37
CA THR A 750 2.30 9.24 -90.70
C THR A 750 2.06 9.15 -92.21
N ARG A 751 3.03 9.50 -93.03
CA ARG A 751 2.93 9.38 -94.49
C ARG A 751 1.72 10.18 -95.00
N PHE A 752 1.79 11.49 -94.75
CA PHE A 752 0.70 12.40 -95.06
C PHE A 752 1.03 13.23 -96.30
N ALA A 753 0.01 13.45 -97.13
CA ALA A 753 0.17 14.32 -98.28
C ALA A 753 0.39 15.75 -97.83
N TRP A 754 1.34 16.43 -98.49
CA TRP A 754 1.70 17.79 -98.08
C TRP A 754 0.49 18.72 -98.09
N SER A 755 -0.52 18.41 -98.92
CA SER A 755 -1.77 19.16 -98.84
C SER A 755 -2.34 19.11 -97.43
N GLU A 756 -2.18 17.97 -96.75
CA GLU A 756 -2.64 17.87 -95.37
C GLU A 756 -1.90 18.84 -94.46
N ALA A 757 -0.67 19.21 -94.82
CA ALA A 757 0.11 20.12 -93.99
C ALA A 757 -0.57 21.49 -93.89
N ASP A 758 -1.26 21.90 -94.95
CA ASP A 758 -1.90 23.21 -94.96
C ASP A 758 -2.84 23.37 -93.77
N LYS A 759 -3.52 22.28 -93.39
CA LYS A 759 -4.36 22.33 -92.20
C LYS A 759 -3.52 22.60 -90.96
N LEU A 760 -2.27 22.14 -90.95
CA LEU A 760 -1.41 22.36 -89.79
C LEU A 760 -1.20 23.84 -89.51
N GLY A 761 -1.47 24.71 -90.48
CA GLY A 761 -1.48 26.13 -90.22
C GLY A 761 -2.71 26.61 -89.47
N GLN A 762 -3.65 25.71 -89.18
CA GLN A 762 -4.89 26.08 -88.51
C GLN A 762 -4.84 25.90 -87.00
N LEU A 763 -3.68 25.55 -86.44
CA LEU A 763 -3.52 25.45 -85.00
C LEU A 763 -3.07 26.81 -84.45
N GLU A 764 -3.88 27.38 -83.57
CA GLU A 764 -3.55 28.68 -82.99
C GLU A 764 -2.32 28.60 -82.10
N SER A 765 -2.20 27.52 -81.33
CA SER A 765 -1.18 27.40 -80.30
C SER A 765 0.00 26.55 -80.73
N LEU A 766 0.13 26.23 -82.01
CA LEU A 766 1.27 25.44 -82.47
C LEU A 766 2.57 26.16 -82.15
N GLU A 767 3.51 25.43 -81.57
CA GLU A 767 4.82 25.96 -81.23
C GLU A 767 5.96 25.11 -81.76
N ILE A 768 5.79 23.80 -81.82
CA ILE A 768 6.86 22.91 -82.28
C ILE A 768 6.27 21.99 -83.34
N LEU A 769 7.10 21.59 -84.29
CA LEU A 769 6.66 20.75 -85.40
C LEU A 769 7.80 19.85 -85.83
N LYS A 770 7.69 18.55 -85.53
CA LYS A 770 8.70 17.55 -85.87
C LYS A 770 8.10 16.54 -86.84
N PHE A 771 8.46 16.64 -88.12
CA PHE A 771 8.13 15.62 -89.10
C PHE A 771 9.27 14.60 -89.13
N LYS A 772 9.03 13.43 -88.55
CA LYS A 772 10.07 12.41 -88.40
C LYS A 772 9.70 11.17 -89.20
N GLU A 773 10.70 10.60 -89.88
CA GLU A 773 10.57 9.31 -90.55
C GLU A 773 9.40 9.31 -91.55
N ASN A 774 9.54 10.15 -92.58
CA ASN A 774 8.55 10.22 -93.64
C ASN A 774 7.17 10.54 -93.07
N ALA A 775 7.13 11.52 -92.16
CA ALA A 775 5.87 11.92 -91.55
C ALA A 775 4.89 12.40 -92.62
N PHE A 776 5.37 13.18 -93.58
CA PHE A 776 4.55 13.67 -94.68
C PHE A 776 5.09 13.11 -95.98
N ALA A 777 4.20 12.51 -96.77
CA ALA A 777 4.57 11.91 -98.04
C ALA A 777 4.28 12.88 -99.18
N GLY A 778 5.23 13.00 -100.11
CA GLY A 778 5.06 13.90 -101.24
C GLY A 778 6.39 14.34 -101.81
N ASP A 779 6.48 14.44 -103.14
CA ASP A 779 7.72 14.83 -103.78
C ASP A 779 8.12 16.25 -103.37
N SER A 780 7.15 17.16 -103.33
CA SER A 780 7.41 18.55 -102.99
C SER A 780 6.35 19.07 -102.04
N TRP A 781 6.72 20.06 -101.24
CA TRP A 781 5.81 20.68 -100.29
C TRP A 781 5.59 22.13 -100.69
N LYS A 782 4.33 22.51 -100.84
CA LYS A 782 3.95 23.87 -101.21
C LYS A 782 2.93 24.38 -100.20
N PRO A 783 3.39 24.75 -99.00
CA PRO A 783 2.46 25.21 -97.97
C PRO A 783 1.81 26.53 -98.38
N LYS A 784 0.56 26.71 -97.94
CA LYS A 784 -0.18 27.94 -98.20
C LYS A 784 -0.58 28.65 -96.91
N MET A 785 -1.14 27.92 -95.96
CA MET A 785 -1.61 28.54 -94.72
C MET A 785 -0.44 29.10 -93.93
N GLY A 786 -0.61 30.30 -93.39
CA GLY A 786 0.39 30.86 -92.52
C GLY A 786 0.36 30.23 -91.13
N PHE A 787 1.52 30.27 -90.47
CA PHE A 787 1.69 29.73 -89.13
C PHE A 787 2.08 30.91 -88.24
N SER A 788 1.07 31.58 -87.69
CA SER A 788 1.27 32.89 -87.07
C SER A 788 2.15 32.83 -85.83
N ALA A 789 2.40 31.64 -85.28
CA ALA A 789 3.13 31.53 -84.03
C ALA A 789 4.24 30.49 -84.03
N LEU A 790 4.36 29.66 -85.06
CA LEU A 790 5.36 28.59 -85.03
C LEU A 790 6.74 29.17 -84.82
N ARG A 791 7.52 28.53 -83.94
CA ARG A 791 8.87 28.97 -83.62
C ARG A 791 9.95 28.09 -84.24
N VAL A 792 9.89 26.78 -84.03
CA VAL A 792 10.93 25.86 -84.51
C VAL A 792 10.27 24.84 -85.43
N LEU A 793 10.58 24.92 -86.71
CA LEU A 793 10.28 23.83 -87.63
C LEU A 793 11.33 22.73 -87.46
N TRP A 794 10.93 21.51 -87.77
CA TRP A 794 11.79 20.36 -87.51
C TRP A 794 11.37 19.23 -88.45
N ILE A 795 12.29 18.81 -89.31
CA ILE A 795 12.01 17.79 -90.33
C ILE A 795 13.16 16.79 -90.33
N GLU A 796 12.85 15.53 -90.06
CA GLU A 796 13.80 14.43 -90.16
C GLU A 796 13.48 13.56 -91.36
N ARG A 797 14.51 13.19 -92.13
CA ARG A 797 14.41 12.15 -93.14
C ARG A 797 13.20 12.37 -94.05
N ALA A 798 13.12 13.54 -94.66
CA ALA A 798 12.00 13.86 -95.53
C ALA A 798 12.31 13.42 -96.96
N GLU A 799 11.45 12.57 -97.52
CA GLU A 799 11.63 12.13 -98.89
C GLU A 799 11.29 13.20 -99.91
N PHE A 800 10.60 14.27 -99.49
CA PHE A 800 10.23 15.32 -100.42
C PHE A 800 11.47 16.06 -100.92
N GLU A 801 11.35 16.62 -102.12
CA GLU A 801 12.48 17.14 -102.87
C GLU A 801 12.55 18.65 -102.91
N THR A 802 11.43 19.33 -103.20
CA THR A 802 11.42 20.78 -103.35
C THR A 802 10.42 21.39 -102.39
N TRP A 803 10.83 22.48 -101.74
CA TRP A 803 9.98 23.22 -100.81
C TRP A 803 9.75 24.63 -101.36
N GLU A 804 8.50 25.07 -101.32
CA GLU A 804 8.11 26.36 -101.88
C GLU A 804 7.41 27.21 -100.83
N ALA A 805 7.87 27.13 -99.59
CA ALA A 805 7.32 27.96 -98.53
C ALA A 805 7.73 29.42 -98.72
N SER A 806 6.92 30.32 -98.19
CA SER A 806 7.12 31.75 -98.36
C SER A 806 7.03 32.44 -96.99
N GLU A 807 7.12 33.77 -97.03
CA GLU A 807 7.12 34.54 -95.78
C GLU A 807 5.81 34.36 -95.02
N ILE A 808 4.68 34.43 -95.73
CA ILE A 808 3.39 34.33 -95.07
C ILE A 808 3.21 32.97 -94.43
N ASN A 809 3.85 31.94 -94.98
CA ASN A 809 3.70 30.60 -94.43
C ASN A 809 4.24 30.51 -93.01
N PHE A 810 5.41 31.08 -92.76
CA PHE A 810 6.08 31.00 -91.46
C PHE A 810 6.49 32.39 -91.02
N PRO A 811 5.52 33.25 -90.69
CA PRO A 811 5.86 34.64 -90.35
C PRO A 811 6.80 34.78 -89.16
N VAL A 812 6.70 33.91 -88.17
CA VAL A 812 7.44 34.09 -86.92
C VAL A 812 8.40 32.93 -86.71
N LEU A 813 8.87 32.33 -87.80
CA LEU A 813 9.86 31.27 -87.72
C LEU A 813 11.05 31.74 -86.90
N ARG A 814 11.39 30.98 -85.86
CA ARG A 814 12.60 31.22 -85.08
C ARG A 814 13.68 30.18 -85.29
N ASN A 815 13.30 28.94 -85.57
CA ASN A 815 14.25 27.89 -85.90
C ASN A 815 13.72 27.11 -87.09
N LEU A 816 14.64 26.63 -87.93
CA LEU A 816 14.31 25.78 -89.07
C LEU A 816 15.36 24.69 -89.14
N VAL A 817 15.02 23.49 -88.68
CA VAL A 817 15.94 22.38 -88.63
C VAL A 817 15.46 21.33 -89.63
N LEU A 818 16.30 21.02 -90.62
CA LEU A 818 16.01 20.00 -91.62
C LEU A 818 17.16 19.01 -91.60
N MET A 819 16.84 17.73 -91.41
CA MET A 819 17.83 16.69 -91.15
C MET A 819 17.53 15.47 -92.00
N SER A 820 18.60 14.82 -92.46
CA SER A 820 18.50 13.65 -93.34
C SER A 820 17.62 13.94 -94.55
N CYS A 821 17.61 15.19 -94.99
CA CYS A 821 16.84 15.59 -96.16
C CYS A 821 17.65 15.32 -97.43
N ASP A 822 18.07 14.07 -97.61
CA ASP A 822 18.85 13.72 -98.79
C ASP A 822 18.06 13.90 -100.08
N LYS A 823 16.74 14.04 -99.99
CA LYS A 823 15.90 14.26 -101.15
C LYS A 823 15.62 15.74 -101.41
N LEU A 824 15.61 16.56 -100.35
CA LEU A 824 15.28 17.97 -100.50
C LEU A 824 16.25 18.65 -101.47
N GLU A 825 15.71 19.56 -102.28
CA GLU A 825 16.49 20.19 -103.35
C GLU A 825 17.07 21.53 -102.90
N THR A 826 16.22 22.46 -102.49
CA THR A 826 16.66 23.80 -102.13
C THR A 826 15.68 24.43 -101.16
N VAL A 827 16.20 25.03 -100.09
CA VAL A 827 15.34 25.81 -99.19
C VAL A 827 14.87 27.06 -99.93
N PRO A 828 13.58 27.37 -99.93
CA PRO A 828 13.12 28.55 -100.69
C PRO A 828 13.80 29.82 -100.20
N PHE A 829 14.19 30.67 -101.14
CA PHE A 829 14.80 31.95 -100.80
C PHE A 829 13.83 32.86 -100.05
N GLU A 830 12.52 32.63 -100.21
CA GLU A 830 11.54 33.52 -99.60
C GLU A 830 11.69 33.58 -98.09
N LEU A 831 12.21 32.52 -97.48
CA LEU A 831 12.39 32.52 -96.03
C LEU A 831 13.43 33.54 -95.58
N ALA A 832 14.20 34.10 -96.51
CA ALA A 832 15.21 35.07 -96.15
C ALA A 832 14.58 36.32 -95.54
N ASN A 833 13.47 36.78 -96.10
CA ASN A 833 12.86 38.01 -95.62
C ASN A 833 12.47 37.93 -94.15
N LEU A 834 12.28 36.71 -93.63
CA LEU A 834 11.79 36.55 -92.26
C LEU A 834 12.75 37.17 -91.26
N SER A 835 12.35 38.28 -90.65
CA SER A 835 13.18 38.93 -89.64
C SER A 835 13.32 38.05 -88.41
N ASP A 836 12.24 37.40 -88.00
CA ASP A 836 12.29 36.57 -86.80
C ASP A 836 13.28 35.42 -86.97
N LEU A 837 13.28 34.78 -88.14
CA LEU A 837 14.15 33.64 -88.36
C LEU A 837 15.60 34.00 -88.05
N TYR A 838 16.18 33.32 -87.07
CA TYR A 838 17.61 33.46 -86.76
C TYR A 838 18.37 32.15 -86.83
N GLU A 839 17.70 31.02 -86.64
CA GLU A 839 18.33 29.72 -86.58
C GLU A 839 17.93 28.88 -87.79
N MET A 840 18.86 28.05 -88.24
CA MET A 840 18.61 27.14 -89.36
C MET A 840 19.71 26.10 -89.39
N ARG A 841 19.33 24.82 -89.49
CA ARG A 841 20.28 23.73 -89.44
C ARG A 841 19.92 22.69 -90.48
N LEU A 842 20.91 22.31 -91.29
CA LEU A 842 20.76 21.25 -92.28
C LEU A 842 21.70 20.11 -91.91
N GLU A 843 21.14 19.00 -91.47
CA GLU A 843 21.91 17.83 -91.06
C GLU A 843 21.78 16.75 -92.14
N ASN A 844 22.91 16.35 -92.72
CA ASN A 844 22.92 15.32 -93.76
C ASN A 844 21.91 15.67 -94.86
N THR A 845 21.92 16.93 -95.27
CA THR A 845 20.99 17.43 -96.27
C THR A 845 21.63 17.44 -97.64
N SER A 846 20.79 17.33 -98.67
CA SER A 846 21.24 17.29 -100.06
C SER A 846 21.54 18.69 -100.57
N LYS A 847 21.61 18.85 -101.89
CA LYS A 847 22.02 20.10 -102.53
C LYS A 847 21.43 21.33 -101.86
N ALA A 848 20.26 21.18 -101.22
CA ALA A 848 19.69 22.28 -100.46
C ALA A 848 20.69 22.92 -99.52
N VAL A 849 21.78 22.22 -99.19
CA VAL A 849 22.86 22.83 -98.41
C VAL A 849 23.39 24.08 -99.11
N LYS A 850 23.50 24.02 -100.44
CA LYS A 850 23.97 25.19 -101.18
C LYS A 850 23.02 26.37 -101.02
N SER A 851 21.70 26.11 -101.08
CA SER A 851 20.74 27.16 -100.82
C SER A 851 20.84 27.65 -99.38
N ALA A 852 21.27 26.79 -98.45
CA ALA A 852 21.56 27.25 -97.10
C ALA A 852 22.69 28.26 -97.10
N LYS A 853 23.74 28.02 -97.90
CA LYS A 853 24.80 28.99 -98.03
C LYS A 853 24.28 30.28 -98.64
N ALA A 854 23.38 30.18 -99.62
CA ALA A 854 22.81 31.37 -100.24
C ALA A 854 22.04 32.21 -99.23
N ILE A 855 21.18 31.57 -98.43
CA ILE A 855 20.43 32.30 -97.42
C ILE A 855 21.37 32.92 -96.39
N LEU A 856 22.40 32.17 -95.98
CA LEU A 856 23.36 32.72 -95.03
C LEU A 856 24.04 33.95 -95.59
N GLU A 857 24.45 33.90 -96.86
CA GLU A 857 25.09 35.05 -97.48
C GLU A 857 24.15 36.23 -97.57
N SER A 858 22.89 35.99 -97.94
CA SER A 858 21.92 37.07 -98.06
C SER A 858 21.69 37.74 -96.70
N LYS A 859 21.54 36.92 -95.65
CA LYS A 859 21.30 37.49 -94.32
C LYS A 859 22.54 38.22 -93.80
N THR A 860 23.73 37.70 -94.10
CA THR A 860 24.95 38.42 -93.71
C THR A 860 25.03 39.75 -94.43
N ASP A 861 24.68 39.79 -95.71
CA ASP A 861 24.62 41.06 -96.43
C ASP A 861 23.63 42.01 -95.76
N LYS A 862 22.45 41.50 -95.40
CA LYS A 862 21.53 42.30 -94.60
C LYS A 862 22.02 42.48 -93.18
N ASN A 863 23.06 41.75 -92.78
CA ASN A 863 23.66 41.87 -91.45
C ASN A 863 22.63 41.60 -90.36
N ILE A 864 22.00 40.43 -90.44
CA ILE A 864 21.00 40.00 -89.48
C ILE A 864 21.58 38.82 -88.70
N LYS A 865 21.54 38.89 -87.36
CA LYS A 865 22.16 37.92 -86.47
C LYS A 865 21.71 36.48 -86.68
N PHE A 866 22.41 35.72 -87.50
CA PHE A 866 21.90 34.44 -87.94
C PHE A 866 22.97 33.37 -87.78
N ASN A 867 22.51 32.15 -87.48
CA ASN A 867 23.38 31.00 -87.24
C ASN A 867 23.05 29.90 -88.22
N LEU A 868 24.08 29.33 -88.82
CA LEU A 868 23.97 28.22 -89.76
C LEU A 868 24.85 27.09 -89.26
N THR A 869 24.30 25.88 -89.22
CA THR A 869 25.04 24.69 -88.83
C THR A 869 24.96 23.65 -89.94
N ILE A 870 26.12 23.12 -90.32
CA ILE A 870 26.19 22.09 -91.36
C ILE A 870 27.05 20.96 -90.83
N PHE A 871 26.56 19.73 -91.00
CA PHE A 871 27.27 18.53 -90.59
C PHE A 871 27.33 17.58 -91.78
N PRO A 872 28.46 16.88 -91.98
CA PRO A 872 29.71 16.96 -91.21
C PRO A 872 30.55 18.18 -91.56
N PHE B 8 17.63 -14.97 -2.54
CA PHE B 8 18.81 -14.44 -3.27
C PHE B 8 18.77 -14.86 -4.73
N GLU B 9 18.68 -16.17 -4.97
CA GLU B 9 18.63 -16.67 -6.34
C GLU B 9 17.34 -16.23 -7.04
N VAL B 10 16.22 -16.19 -6.31
CA VAL B 10 14.99 -15.67 -6.89
C VAL B 10 15.19 -14.22 -7.32
N GLU B 11 15.68 -13.39 -6.41
CA GLU B 11 15.93 -11.99 -6.71
C GLU B 11 16.98 -11.85 -7.80
N ASN B 12 18.05 -12.64 -7.72
CA ASN B 12 19.12 -12.59 -8.71
C ASN B 12 18.54 -12.81 -10.10
N LEU B 13 17.80 -13.91 -10.27
CA LEU B 13 17.26 -14.24 -11.58
C LEU B 13 16.23 -13.21 -12.02
N LEU B 14 15.43 -12.68 -11.09
CA LEU B 14 14.45 -11.68 -11.46
C LEU B 14 15.10 -10.46 -12.09
N GLN B 15 16.06 -9.86 -11.39
CA GLN B 15 16.71 -8.66 -11.94
C GLN B 15 17.54 -9.02 -13.16
N LEU B 16 18.11 -10.22 -13.18
CA LEU B 16 18.90 -10.65 -14.32
C LEU B 16 18.05 -10.67 -15.58
N LEU B 17 16.87 -11.29 -15.49
CA LEU B 17 15.98 -11.36 -16.65
C LEU B 17 15.44 -9.98 -17.00
N THR B 18 15.06 -9.19 -15.99
CA THR B 18 14.52 -7.85 -16.27
C THR B 18 15.52 -7.00 -17.03
N ASP B 19 16.81 -7.15 -16.70
CA ASP B 19 17.83 -6.31 -17.31
C ASP B 19 18.06 -6.66 -18.78
N ASN B 20 18.10 -7.96 -19.09
CA ASN B 20 18.43 -8.39 -20.45
C ASN B 20 17.41 -7.88 -21.45
N VAL B 21 16.16 -7.70 -21.02
CA VAL B 21 15.11 -7.25 -21.93
C VAL B 21 15.41 -5.87 -22.48
N SER B 26 16.73 -4.14 -20.67
CA SER B 26 17.07 -3.36 -21.89
C SER B 26 18.53 -3.47 -22.14
N ALA B 27 18.98 -4.63 -22.49
CA ALA B 27 20.43 -4.46 -22.53
C ALA B 27 20.86 -3.69 -23.78
N LYS B 28 20.26 -4.00 -24.93
CA LYS B 28 20.68 -3.35 -26.17
C LYS B 28 20.33 -1.87 -26.17
N GLY B 29 19.17 -1.50 -25.65
CA GLY B 29 18.83 -0.09 -25.56
C GLY B 29 19.77 0.67 -24.65
N GLU B 30 20.08 0.10 -23.49
CA GLU B 30 21.07 0.71 -22.60
C GLU B 30 22.40 0.86 -23.32
N LEU B 31 22.79 -0.17 -24.08
CA LEU B 31 24.05 -0.15 -24.78
C LEU B 31 24.09 0.99 -25.79
N GLU B 32 23.03 1.11 -26.60
CA GLU B 32 23.00 2.14 -27.64
C GLU B 32 22.98 3.54 -27.03
N ASN B 33 22.17 3.73 -25.98
CA ASN B 33 22.13 5.04 -25.34
C ASN B 33 23.48 5.39 -24.74
N LEU B 34 24.13 4.44 -24.07
CA LEU B 34 25.45 4.70 -23.53
C LEU B 34 26.43 5.07 -24.63
N LEU B 35 26.38 4.34 -25.75
CA LEU B 35 27.31 4.63 -26.83
C LEU B 35 27.08 6.02 -27.41
N LYS B 36 25.82 6.40 -27.62
CA LYS B 36 25.55 7.73 -28.15
C LYS B 36 26.02 8.82 -27.19
N GLU B 37 25.75 8.65 -25.91
CA GLU B 37 26.19 9.65 -24.95
C GLU B 37 27.72 9.68 -24.85
N VAL B 38 28.38 8.56 -25.06
CA VAL B 38 29.83 8.55 -25.08
C VAL B 38 30.36 9.24 -26.34
N GLN B 39 29.64 9.13 -27.45
CA GLN B 39 29.98 9.96 -28.61
C GLN B 39 29.90 11.44 -28.26
N HIS B 40 28.85 11.82 -27.54
CA HIS B 40 28.74 13.19 -27.05
C HIS B 40 29.98 13.59 -26.25
N LEU B 41 30.35 12.76 -25.28
CA LEU B 41 31.48 13.13 -24.43
C LEU B 41 32.78 13.14 -25.23
N LYS B 42 32.89 12.31 -26.26
CA LYS B 42 34.10 12.31 -27.07
C LYS B 42 34.19 13.59 -27.91
N GLY B 43 33.06 14.04 -28.45
CA GLY B 43 33.05 15.33 -29.13
C GLY B 43 33.44 16.46 -28.19
N PHE B 44 32.87 16.47 -26.99
CA PHE B 44 33.28 17.46 -26.01
C PHE B 44 34.77 17.36 -25.75
N LEU B 45 35.30 16.14 -25.70
CA LEU B 45 36.72 15.97 -25.38
C LEU B 45 37.58 16.54 -26.48
N ASP B 46 37.20 16.34 -27.75
CA ASP B 46 37.93 16.98 -28.83
C ASP B 46 37.91 18.50 -28.67
N ASP B 47 36.72 19.05 -28.41
CA ASP B 47 36.61 20.49 -28.18
C ASP B 47 37.57 20.93 -27.07
N ALA B 48 37.53 20.26 -25.93
CA ALA B 48 38.34 20.66 -24.78
C ALA B 48 39.82 20.55 -25.11
N ALA B 49 40.21 19.51 -25.83
CA ALA B 49 41.60 19.38 -26.25
C ALA B 49 42.03 20.59 -27.07
N LYS B 50 41.18 21.03 -27.99
CA LYS B 50 41.50 22.22 -28.76
C LYS B 50 41.62 23.45 -27.86
N LEU B 51 40.73 23.56 -26.88
CA LEU B 51 40.69 24.75 -26.05
C LEU B 51 42.00 24.94 -25.29
N PRO B 52 42.39 26.18 -25.01
CA PRO B 52 43.42 26.41 -24.00
C PRO B 52 42.80 26.45 -22.60
N SER B 53 43.46 25.79 -21.66
CA SER B 53 42.94 25.63 -20.32
C SER B 53 44.00 26.02 -19.29
N ASP B 54 43.56 26.65 -18.20
CA ASP B 54 44.44 27.01 -17.11
C ASP B 54 43.85 26.73 -15.74
N SER B 55 42.64 26.18 -15.66
CA SER B 55 41.96 25.95 -14.39
C SER B 55 42.09 24.49 -13.99
N GLU B 56 42.59 24.26 -12.77
CA GLU B 56 42.76 22.90 -12.30
C GLU B 56 41.44 22.14 -12.31
N GLN B 57 40.33 22.83 -12.06
CA GLN B 57 39.03 22.19 -12.13
C GLN B 57 38.74 21.68 -13.54
N TRP B 58 39.12 22.46 -14.55
CA TRP B 58 38.89 22.00 -15.92
C TRP B 58 39.74 20.78 -16.24
N LYS B 59 40.98 20.75 -15.78
CA LYS B 59 41.79 19.55 -15.98
C LYS B 59 41.18 18.37 -15.25
N VAL B 60 40.61 18.59 -14.06
CA VAL B 60 39.92 17.51 -13.36
C VAL B 60 38.76 16.99 -14.19
N LEU B 61 37.95 17.90 -14.74
CA LEU B 61 36.79 17.48 -15.52
C LEU B 61 37.21 16.76 -16.80
N VAL B 62 38.29 17.23 -17.44
CA VAL B 62 38.75 16.56 -18.66
C VAL B 62 39.29 15.17 -18.32
N GLU B 63 40.08 15.07 -17.26
CA GLU B 63 40.51 13.75 -16.79
C GLU B 63 39.30 12.84 -16.58
N GLU B 64 38.26 13.37 -15.93
CA GLU B 64 37.12 12.54 -15.59
C GLU B 64 36.36 12.11 -16.83
N ILE B 65 36.16 13.01 -17.79
CA ILE B 65 35.44 12.62 -19.00
C ILE B 65 36.25 11.65 -19.83
N GLN B 66 37.58 11.84 -19.89
CA GLN B 66 38.41 10.88 -20.60
C GLN B 66 38.29 9.50 -19.95
N LYS B 67 38.37 9.44 -18.62
CA LYS B 67 38.31 8.14 -17.95
C LYS B 67 36.95 7.50 -18.11
N THR B 68 35.87 8.29 -18.00
CA THR B 68 34.53 7.74 -18.19
C THR B 68 34.33 7.25 -19.62
N VAL B 69 34.85 8.00 -20.59
CA VAL B 69 34.71 7.62 -22.00
C VAL B 69 35.44 6.32 -22.26
N HIS B 70 36.66 6.20 -21.75
CA HIS B 70 37.41 4.97 -21.98
C HIS B 70 36.82 3.79 -21.18
N THR B 71 36.27 4.05 -20.00
CA THR B 71 35.57 3.02 -19.25
C THR B 71 34.38 2.49 -20.05
N ALA B 72 33.59 3.40 -20.63
CA ALA B 72 32.45 2.98 -21.44
C ALA B 72 32.92 2.23 -22.68
N GLU B 73 34.05 2.63 -23.26
CA GLU B 73 34.61 1.90 -24.40
C GLU B 73 34.98 0.47 -24.00
N ASP B 74 35.62 0.31 -22.85
CA ASP B 74 35.93 -1.05 -22.39
C ASP B 74 34.64 -1.85 -22.18
N ALA B 75 33.63 -1.25 -21.58
CA ALA B 75 32.40 -1.97 -21.34
C ALA B 75 31.75 -2.42 -22.65
N VAL B 76 31.69 -1.52 -23.64
CA VAL B 76 31.06 -1.87 -24.91
C VAL B 76 31.85 -2.98 -25.61
N ASP B 77 33.18 -2.88 -25.63
CA ASP B 77 33.97 -3.91 -26.28
C ASP B 77 33.82 -5.25 -25.58
N LYS B 78 33.78 -5.25 -24.24
CA LYS B 78 33.58 -6.48 -23.49
C LYS B 78 32.23 -7.10 -23.84
N PHE B 79 31.18 -6.28 -23.89
CA PHE B 79 29.85 -6.80 -24.19
C PHE B 79 29.78 -7.43 -25.57
N VAL B 80 30.35 -6.75 -26.57
CA VAL B 80 30.30 -7.30 -27.93
C VAL B 80 31.14 -8.56 -28.02
N VAL B 81 32.29 -8.58 -27.34
CA VAL B 81 33.14 -9.77 -27.36
C VAL B 81 32.41 -10.96 -26.75
N GLN B 82 31.72 -10.72 -25.63
CA GLN B 82 30.93 -11.80 -25.02
C GLN B 82 29.83 -12.27 -25.95
N ALA B 83 29.17 -11.33 -26.65
CA ALA B 83 28.11 -11.72 -27.58
C ALA B 83 28.66 -12.62 -28.67
N LYS B 84 29.81 -12.26 -29.24
CA LYS B 84 30.41 -13.11 -30.26
C LYS B 84 30.80 -14.47 -29.68
N LEU B 85 31.34 -14.48 -28.46
CA LEU B 85 31.70 -15.74 -27.83
C LEU B 85 30.48 -16.65 -27.71
N HIS B 86 29.35 -16.09 -27.28
CA HIS B 86 28.13 -16.86 -27.17
C HIS B 86 27.72 -17.40 -28.54
N LYS B 87 27.75 -16.55 -29.56
CA LYS B 87 27.37 -17.01 -30.90
C LYS B 87 28.30 -18.12 -31.39
N GLU B 88 29.55 -18.14 -30.92
CA GLU B 88 30.46 -19.22 -31.29
C GLU B 88 30.00 -20.56 -30.72
N LYS B 89 29.51 -20.55 -29.49
CA LYS B 89 29.13 -21.79 -28.83
C LYS B 89 27.93 -22.43 -29.52
N ASN B 90 27.88 -23.76 -29.47
CA ASN B 90 26.76 -24.49 -30.04
C ASN B 90 25.47 -24.17 -29.28
N LYS B 91 24.35 -24.51 -29.90
CA LYS B 91 23.05 -24.17 -29.32
C LYS B 91 22.88 -24.79 -27.93
N MET B 92 23.29 -26.04 -27.77
CA MET B 92 23.18 -26.68 -26.47
C MET B 92 24.03 -25.96 -25.43
N ALA B 93 25.29 -25.68 -25.76
CA ALA B 93 26.14 -24.94 -24.84
C ALA B 93 25.73 -23.47 -24.74
N ARG B 94 24.97 -22.97 -25.71
CA ARG B 94 24.45 -21.60 -25.62
C ARG B 94 23.35 -21.52 -24.58
N ILE B 95 22.31 -22.33 -24.73
CA ILE B 95 21.19 -22.32 -23.79
C ILE B 95 21.64 -22.77 -22.40
N LEU B 96 22.44 -23.84 -22.36
CA LEU B 96 22.77 -24.48 -21.09
C LEU B 96 23.67 -23.64 -20.21
N ASP B 97 24.53 -22.81 -20.78
CA ASP B 97 25.53 -22.10 -19.99
C ASP B 97 24.84 -21.16 -19.00
N VAL B 98 25.26 -21.23 -17.74
CA VAL B 98 24.73 -20.39 -16.68
C VAL B 98 25.76 -19.39 -16.18
N GLY B 99 27.04 -19.78 -16.17
CA GLY B 99 28.08 -18.80 -15.87
C GLY B 99 28.06 -17.65 -16.84
N HIS B 100 27.89 -17.95 -18.13
CA HIS B 100 27.70 -16.91 -19.14
C HIS B 100 26.60 -15.94 -18.74
N LEU B 101 25.48 -16.48 -18.27
CA LEU B 101 24.36 -15.63 -17.83
C LEU B 101 24.80 -14.67 -16.74
N ALA B 102 25.51 -15.18 -15.72
CA ALA B 102 25.97 -14.33 -14.63
C ALA B 102 26.88 -13.22 -15.15
N THR B 103 27.90 -13.59 -15.93
CA THR B 103 28.86 -12.59 -16.40
C THR B 103 28.17 -11.56 -17.30
N VAL B 104 27.31 -12.02 -18.21
CA VAL B 104 26.71 -11.08 -19.15
C VAL B 104 25.80 -10.10 -18.43
N ARG B 105 25.07 -10.55 -17.41
CA ARG B 105 24.21 -9.60 -16.73
C ARG B 105 24.99 -8.70 -15.78
N ASN B 106 26.09 -9.18 -15.19
CA ASN B 106 26.97 -8.25 -14.48
C ASN B 106 27.48 -7.18 -15.42
N LEU B 107 27.85 -7.57 -16.64
CA LEU B 107 28.29 -6.60 -17.64
C LEU B 107 27.18 -5.62 -17.97
N ALA B 108 25.95 -6.12 -18.12
CA ALA B 108 24.83 -5.22 -18.39
C ALA B 108 24.64 -4.23 -17.27
N ALA B 109 24.73 -4.69 -16.02
CA ALA B 109 24.59 -3.80 -14.88
C ALA B 109 25.68 -2.74 -14.87
N GLU B 110 26.92 -3.12 -15.17
CA GLU B 110 28.01 -2.15 -15.27
C GLU B 110 27.72 -1.13 -16.37
N VAL B 111 27.19 -1.61 -17.49
CA VAL B 111 26.88 -0.71 -18.60
C VAL B 111 25.82 0.30 -18.19
N LYS B 112 24.79 -0.15 -17.46
CA LYS B 112 23.77 0.79 -17.00
C LYS B 112 24.35 1.79 -16.03
N GLY B 113 25.21 1.31 -15.11
CA GLY B 113 25.84 2.23 -14.18
C GLY B 113 26.62 3.32 -14.90
N ILE B 114 27.41 2.93 -15.90
CA ILE B 114 28.19 3.90 -16.64
C ILE B 114 27.30 4.78 -17.50
N HIS B 115 26.20 4.25 -18.01
CA HIS B 115 25.27 5.08 -18.80
C HIS B 115 24.66 6.17 -17.94
N ASP B 116 24.19 5.81 -16.74
CA ASP B 116 23.68 6.84 -15.84
C ASP B 116 24.79 7.78 -15.41
N GLN B 117 26.02 7.28 -15.29
CA GLN B 117 27.16 8.14 -14.98
C GLN B 117 27.35 9.18 -16.07
N VAL B 118 27.21 8.77 -17.34
CA VAL B 118 27.34 9.71 -18.45
C VAL B 118 26.18 10.68 -18.48
N LYS B 119 24.97 10.20 -18.20
CA LYS B 119 23.80 11.09 -18.16
C LYS B 119 24.01 12.19 -17.12
N GLU B 120 24.43 11.81 -15.92
CA GLU B 120 24.66 12.80 -14.88
C GLU B 120 25.90 13.65 -15.16
N LEU B 121 26.89 13.08 -15.87
CA LEU B 121 28.04 13.87 -16.28
C LEU B 121 27.62 15.01 -17.18
N ARG B 122 26.75 14.72 -18.15
CA ARG B 122 26.25 15.77 -19.03
C ARG B 122 25.37 16.75 -18.28
N LEU B 123 24.44 16.25 -17.47
CA LEU B 123 23.45 17.12 -16.87
C LEU B 123 24.05 18.00 -15.78
N ASN B 124 24.85 17.42 -14.89
CA ASN B 124 25.37 18.18 -13.75
C ASN B 124 26.35 19.25 -14.20
N ASN B 125 27.27 18.91 -15.09
CA ASN B 125 28.36 19.80 -15.47
C ASN B 125 27.91 20.68 -16.63
N GLN B 126 27.80 21.99 -16.36
CA GLN B 126 27.27 22.92 -17.37
C GLN B 126 28.23 23.06 -18.54
N ALA B 127 29.52 22.81 -18.33
CA ALA B 127 30.53 23.02 -19.36
C ALA B 127 30.20 22.24 -20.63
N LEU B 128 29.55 21.09 -20.47
CA LEU B 128 29.34 20.17 -21.58
C LEU B 128 28.28 20.64 -22.57
N GLN B 129 27.55 21.70 -22.26
CA GLN B 129 26.41 22.08 -23.09
C GLN B 129 26.85 22.35 -24.52
N ALA B 130 26.04 21.87 -25.47
CA ALA B 130 26.35 22.05 -26.88
C ALA B 130 26.42 23.53 -27.22
N ARG B 131 27.40 23.89 -28.05
CA ARG B 131 27.60 25.27 -28.47
C ARG B 131 27.65 25.35 -29.99
N PRO B 132 27.07 26.38 -30.61
CA PRO B 132 27.02 26.40 -32.07
C PRO B 132 28.39 26.48 -32.71
N THR B 133 29.14 27.55 -32.41
CA THR B 133 30.51 27.70 -32.85
C THR B 133 31.26 28.33 -31.68
N LEU B 134 31.75 27.50 -30.77
CA LEU B 134 32.42 28.03 -29.58
C LEU B 134 33.57 27.11 -29.18
N GLU B 135 34.74 27.39 -29.75
CA GLU B 135 36.02 27.11 -29.11
C GLU B 135 36.65 28.46 -28.82
N LEU B 136 37.34 28.57 -27.69
CA LEU B 136 37.76 29.87 -27.15
C LEU B 136 39.28 29.87 -27.01
N PRO B 137 40.01 30.12 -28.11
CA PRO B 137 41.47 30.19 -28.03
C PRO B 137 41.95 31.46 -27.32
N GLN B 146 58.27 37.21 -30.61
CA GLN B 146 59.40 38.09 -30.39
C GLN B 146 60.70 37.30 -30.38
N GLN B 147 61.73 37.86 -31.02
CA GLN B 147 63.00 37.18 -31.20
C GLN B 147 63.83 37.36 -29.92
N GLY B 148 65.07 36.86 -29.94
CA GLY B 148 65.99 37.03 -28.83
C GLY B 148 66.77 38.32 -28.94
N PRO B 149 67.87 38.42 -28.20
CA PRO B 149 68.70 39.63 -28.28
C PRO B 149 69.14 39.97 -29.68
N ALA B 150 69.77 39.01 -30.37
CA ALA B 150 70.40 39.16 -31.68
C ALA B 150 71.90 39.04 -31.54
N LEU B 151 72.47 37.96 -32.05
CA LEU B 151 73.88 37.66 -31.86
C LEU B 151 74.74 38.50 -32.80
N GLU B 152 76.05 38.36 -32.66
CA GLU B 152 77.03 38.88 -33.60
C GLU B 152 77.89 37.71 -34.06
N ASP B 153 78.80 37.97 -35.01
CA ASP B 153 79.49 36.87 -35.67
C ASP B 153 80.18 35.95 -34.68
N ASP B 154 80.80 36.51 -33.64
CA ASP B 154 81.50 35.68 -32.67
C ASP B 154 80.54 34.83 -31.84
N GLU B 155 79.26 35.22 -31.75
CA GLU B 155 78.28 34.45 -31.00
C GLU B 155 77.66 33.32 -31.81
N VAL B 156 77.91 33.27 -33.11
CA VAL B 156 77.44 32.18 -33.96
C VAL B 156 78.53 31.11 -33.99
N VAL B 157 78.10 29.84 -34.00
CA VAL B 157 78.99 28.70 -33.82
C VAL B 157 78.81 27.75 -34.99
N GLY B 158 79.93 27.38 -35.61
CA GLY B 158 79.94 26.30 -36.58
C GLY B 158 79.15 26.56 -37.85
N PHE B 159 78.64 27.78 -38.01
CA PHE B 159 77.91 28.16 -39.20
C PHE B 159 78.78 28.86 -40.23
N ASP B 160 80.07 29.01 -39.95
CA ASP B 160 80.96 29.70 -40.88
C ASP B 160 80.95 29.01 -42.24
N GLU B 161 81.19 27.70 -42.27
CA GLU B 161 81.13 26.98 -43.53
C GLU B 161 79.73 27.02 -44.12
N GLU B 162 78.70 26.86 -43.29
CA GLU B 162 77.34 26.93 -43.78
C GLU B 162 77.03 28.31 -44.35
N ALA B 163 77.41 29.36 -43.63
CA ALA B 163 77.16 30.71 -44.11
C ALA B 163 77.86 30.96 -45.44
N ASN B 164 79.12 30.54 -45.54
CA ASN B 164 79.85 30.72 -46.80
C ASN B 164 79.19 29.93 -47.93
N LYS B 165 78.75 28.70 -47.65
CA LYS B 165 78.09 27.90 -48.68
C LYS B 165 76.82 28.58 -49.17
N VAL B 166 76.00 29.06 -48.24
CA VAL B 166 74.74 29.70 -48.63
C VAL B 166 74.99 30.98 -49.40
N ILE B 167 75.95 31.80 -48.94
CA ILE B 167 76.26 33.04 -49.63
C ILE B 167 76.78 32.75 -51.03
N ASN B 168 77.67 31.77 -51.15
CA ASN B 168 78.11 31.31 -52.47
C ASN B 168 76.92 30.98 -53.35
N ARG B 169 76.08 30.04 -52.91
CA ARG B 169 74.88 29.68 -53.66
C ARG B 169 74.13 30.93 -54.12
N LEU B 170 74.00 31.91 -53.22
CA LEU B 170 73.31 33.14 -53.56
C LEU B 170 74.01 33.87 -54.71
N VAL B 171 75.34 33.97 -54.63
CA VAL B 171 76.05 34.96 -55.43
C VAL B 171 76.24 34.52 -56.88
N LYS B 172 76.24 33.21 -57.15
CA LYS B 172 76.54 32.74 -58.49
C LYS B 172 75.63 33.42 -59.51
N GLU B 173 76.24 33.96 -60.56
CA GLU B 173 75.49 34.66 -61.59
C GLU B 173 74.49 33.71 -62.24
N SER B 174 73.24 34.18 -62.35
CA SER B 174 72.19 33.41 -63.02
C SER B 174 71.07 34.39 -63.33
N LYS B 175 70.82 34.62 -64.63
CA LYS B 175 69.89 35.67 -65.01
C LYS B 175 68.51 35.44 -64.41
N ASP B 176 68.11 34.19 -64.25
CA ASP B 176 66.82 33.89 -63.64
C ASP B 176 66.83 34.23 -62.15
N LEU B 177 65.65 34.52 -61.62
CA LEU B 177 65.48 34.81 -60.19
C LEU B 177 65.51 33.47 -59.46
N ASP B 178 66.68 33.11 -58.96
CA ASP B 178 66.86 31.86 -58.26
C ASP B 178 66.77 32.06 -56.75
N ILE B 179 66.20 31.08 -56.07
CA ILE B 179 65.95 31.14 -54.64
C ILE B 179 66.92 30.22 -53.91
N ILE B 180 67.23 30.60 -52.68
CA ILE B 180 68.12 29.84 -51.81
C ILE B 180 67.43 29.64 -50.46
N PRO B 181 66.67 28.56 -50.27
CA PRO B 181 65.94 28.36 -49.01
C PRO B 181 66.74 27.62 -47.96
N VAL B 182 66.45 27.95 -46.71
CA VAL B 182 67.03 27.30 -45.54
C VAL B 182 65.90 26.67 -44.75
N VAL B 183 65.98 25.35 -44.52
CA VAL B 183 64.90 24.58 -43.94
C VAL B 183 65.46 23.66 -42.86
N GLY B 184 64.60 23.30 -41.91
CA GLY B 184 65.03 22.43 -40.82
C GLY B 184 63.88 22.11 -39.88
N MET B 185 64.20 22.08 -38.59
CA MET B 185 63.26 21.79 -37.53
C MET B 185 63.07 22.99 -36.65
N PRO B 186 62.05 22.99 -35.79
CA PRO B 186 61.80 24.14 -34.92
C PRO B 186 63.02 24.48 -34.09
N GLY B 187 63.34 25.78 -34.03
CA GLY B 187 64.45 26.24 -33.24
C GLY B 187 65.76 25.59 -33.64
N LEU B 188 65.98 25.42 -34.93
CA LEU B 188 67.23 24.83 -35.41
C LEU B 188 68.33 25.84 -35.68
N GLY B 189 68.02 27.14 -35.59
CA GLY B 189 69.00 28.18 -35.84
C GLY B 189 68.93 28.80 -37.22
N LYS B 190 67.90 28.50 -38.01
CA LYS B 190 67.83 28.99 -39.38
C LYS B 190 67.89 30.51 -39.42
N THR B 191 67.04 31.18 -38.63
CA THR B 191 67.06 32.63 -38.63
C THR B 191 68.44 33.15 -38.25
N THR B 192 69.19 32.42 -37.42
CA THR B 192 70.53 32.85 -37.09
C THR B 192 71.46 32.73 -38.29
N LEU B 193 71.32 31.67 -39.08
CA LEU B 193 72.10 31.57 -40.31
C LEU B 193 71.78 32.73 -41.24
N ALA B 194 70.50 33.06 -41.39
CA ALA B 194 70.12 34.18 -42.26
C ALA B 194 70.69 35.49 -41.72
N ARG B 195 70.56 35.73 -40.41
CA ARG B 195 71.06 36.97 -39.84
C ARG B 195 72.57 37.08 -40.04
N LYS B 196 73.30 35.99 -39.83
CA LYS B 196 74.72 35.98 -40.16
C LYS B 196 74.91 36.37 -41.63
N ILE B 197 74.39 35.54 -42.53
CA ILE B 197 74.45 35.79 -43.97
C ILE B 197 74.13 37.25 -44.23
N TYR B 198 73.08 37.75 -43.58
CA TYR B 198 72.63 39.12 -43.79
C TYR B 198 73.68 40.16 -43.46
N LYS B 199 74.67 39.82 -42.63
CA LYS B 199 75.69 40.78 -42.20
C LYS B 199 77.08 40.44 -42.74
N ASP B 200 77.18 39.62 -43.79
CA ASP B 200 78.48 39.37 -44.39
C ASP B 200 78.84 40.50 -45.35
N PRO B 201 80.03 41.08 -45.25
CA PRO B 201 80.43 42.09 -46.24
C PRO B 201 80.40 41.57 -47.66
N LYS B 202 80.71 40.28 -47.87
CA LYS B 202 80.62 39.71 -49.21
C LYS B 202 79.26 39.99 -49.84
N LEU B 203 78.20 39.76 -49.07
CA LEU B 203 76.86 40.02 -49.58
C LEU B 203 76.70 41.47 -50.00
N SER B 204 77.27 42.40 -49.21
CA SER B 204 77.24 43.81 -49.60
C SER B 204 77.96 44.03 -50.93
N TYR B 205 79.10 43.37 -51.10
CA TYR B 205 79.86 43.55 -52.35
C TYR B 205 79.06 43.05 -53.54
N GLU B 206 78.41 41.88 -53.42
CA GLU B 206 77.74 41.27 -54.56
C GLU B 206 76.37 41.88 -54.86
N PHE B 207 75.75 42.55 -53.89
CA PHE B 207 74.39 43.07 -54.07
C PHE B 207 74.32 44.51 -53.61
N PHE B 208 73.62 45.34 -54.38
CA PHE B 208 73.49 46.75 -54.03
C PHE B 208 72.75 46.92 -52.72
N GLY B 209 71.58 46.30 -52.60
CA GLY B 209 70.77 46.45 -51.41
C GLY B 209 70.20 45.14 -50.91
N VAL B 210 70.55 44.76 -49.68
CA VAL B 210 70.04 43.57 -49.04
C VAL B 210 69.07 44.01 -47.96
N HIS B 211 67.81 43.57 -48.08
CA HIS B 211 66.78 43.91 -47.11
C HIS B 211 66.22 42.65 -46.48
N TRP B 212 65.70 42.81 -45.27
CA TRP B 212 65.27 41.70 -44.43
C TRP B 212 63.76 41.80 -44.20
N VAL B 213 63.10 40.65 -44.16
CA VAL B 213 61.67 40.58 -43.89
C VAL B 213 61.38 39.30 -43.13
N TYR B 214 60.42 39.37 -42.21
CA TYR B 214 59.97 38.22 -41.43
C TYR B 214 58.49 38.01 -41.72
N VAL B 215 58.11 36.77 -41.99
CA VAL B 215 56.73 36.40 -42.29
C VAL B 215 56.14 35.56 -41.17
N GLY B 216 56.68 34.37 -40.94
CA GLY B 216 56.09 33.45 -39.97
C GLY B 216 54.77 32.91 -40.49
N GLN B 217 54.14 32.08 -39.65
CA GLN B 217 52.86 31.51 -40.04
C GLN B 217 51.82 32.61 -40.23
N SER B 218 51.79 33.59 -39.33
CA SER B 218 50.81 34.68 -39.38
C SER B 218 51.47 35.93 -39.94
N TYR B 219 50.77 36.58 -40.86
CA TYR B 219 51.31 37.75 -41.56
C TYR B 219 50.21 38.34 -42.43
N LYS B 220 50.52 39.45 -43.06
CA LYS B 220 49.72 39.99 -44.15
C LYS B 220 50.68 40.43 -45.25
N ILE B 221 50.30 40.16 -46.51
CA ILE B 221 51.18 40.51 -47.63
C ILE B 221 51.48 42.00 -47.61
N LYS B 222 50.44 42.82 -47.47
CA LYS B 222 50.63 44.26 -47.55
C LYS B 222 51.65 44.74 -46.53
N ASP B 223 51.65 44.13 -45.33
CA ASP B 223 52.70 44.42 -44.37
C ASP B 223 54.06 44.10 -44.96
N VAL B 224 54.20 42.92 -45.58
CA VAL B 224 55.49 42.53 -46.15
C VAL B 224 55.88 43.49 -47.26
N PHE B 225 54.96 43.79 -48.17
CA PHE B 225 55.29 44.67 -49.28
C PHE B 225 55.63 46.06 -48.80
N LEU B 226 54.91 46.58 -47.81
CA LEU B 226 55.21 47.91 -47.28
C LEU B 226 56.60 47.93 -46.65
N ASN B 227 56.93 46.89 -45.88
CA ASN B 227 58.25 46.85 -45.24
C ASN B 227 59.35 46.75 -46.29
N ILE B 228 59.10 45.99 -47.37
CA ILE B 228 60.06 45.93 -48.46
C ILE B 228 60.24 47.31 -49.07
N LEU B 229 59.13 47.99 -49.37
CA LEU B 229 59.19 49.30 -49.99
C LEU B 229 59.95 50.29 -49.11
N LYS B 230 59.81 50.17 -47.79
CA LYS B 230 60.53 51.08 -46.89
C LYS B 230 62.01 51.11 -47.21
N PHE B 231 62.61 49.95 -47.48
CA PHE B 231 64.03 49.92 -47.81
C PHE B 231 64.33 50.74 -49.05
N PHE B 232 63.45 50.68 -50.04
CA PHE B 232 63.69 51.38 -51.31
C PHE B 232 63.25 52.83 -51.29
N THR B 233 62.56 53.26 -50.23
CA THR B 233 62.19 54.66 -50.08
C THR B 233 61.58 54.84 -48.69
N ARG B 234 61.81 56.02 -48.12
CA ARG B 234 61.30 56.33 -46.79
C ARG B 234 59.91 56.92 -46.81
N ARG B 235 59.29 57.01 -47.99
CA ARG B 235 57.98 57.64 -48.16
C ARG B 235 56.88 56.59 -48.33
N THR B 236 56.98 55.48 -47.61
CA THR B 236 55.90 54.49 -47.62
C THR B 236 54.58 55.11 -47.20
N GLU B 237 54.61 56.21 -46.43
CA GLU B 237 53.39 56.91 -46.08
C GLU B 237 52.60 57.32 -47.32
N ASP B 238 53.29 57.55 -48.43
CA ASP B 238 52.60 57.94 -49.66
C ASP B 238 51.97 56.73 -50.35
N TYR B 239 52.65 55.59 -50.33
CA TYR B 239 52.23 54.42 -51.10
C TYR B 239 51.36 53.46 -50.30
N GLN B 240 51.01 53.81 -49.06
CA GLN B 240 50.10 52.95 -48.30
C GLN B 240 48.73 52.86 -48.95
N HIS B 241 48.40 53.79 -49.85
CA HIS B 241 47.12 53.80 -50.54
C HIS B 241 47.14 52.99 -51.83
N GLU B 242 48.29 52.46 -52.23
CA GLU B 242 48.40 51.70 -53.46
C GLU B 242 47.99 50.25 -53.24
N ASP B 243 47.50 49.63 -54.30
CA ASP B 243 47.05 48.24 -54.24
C ASP B 243 48.25 47.30 -54.29
N VAL B 244 47.96 46.01 -54.11
CA VAL B 244 49.03 45.01 -54.03
C VAL B 244 49.84 45.01 -55.33
N ASP B 245 49.16 45.02 -56.48
CA ASP B 245 49.86 44.95 -57.76
C ASP B 245 50.54 46.26 -58.10
N ALA B 246 49.91 47.39 -57.77
CA ALA B 246 50.59 48.68 -57.93
C ALA B 246 51.85 48.72 -57.08
N LEU B 247 51.77 48.21 -55.85
CA LEU B 247 52.95 48.13 -55.00
C LEU B 247 54.00 47.21 -55.60
N ALA B 248 53.57 46.10 -56.20
CA ALA B 248 54.51 45.20 -56.85
C ALA B 248 55.26 45.90 -57.97
N LYS B 249 54.54 46.65 -58.81
CA LYS B 249 55.18 47.39 -59.88
C LYS B 249 56.12 48.45 -59.34
N VAL B 250 55.70 49.14 -58.28
CA VAL B 250 56.54 50.18 -57.67
C VAL B 250 57.84 49.58 -57.17
N ILE B 251 57.76 48.45 -56.45
CA ILE B 251 58.96 47.82 -55.93
C ILE B 251 59.82 47.28 -57.07
N ALA B 252 59.19 46.78 -58.14
CA ALA B 252 59.97 46.33 -59.28
C ALA B 252 60.79 47.48 -59.86
N GLY B 253 60.17 48.65 -60.02
CA GLY B 253 60.92 49.79 -60.52
C GLY B 253 62.01 50.24 -59.57
N PHE B 254 61.71 50.23 -58.27
CA PHE B 254 62.72 50.61 -57.28
C PHE B 254 63.91 49.68 -57.35
N ILE B 255 63.67 48.37 -57.47
CA ILE B 255 64.76 47.41 -57.59
C ILE B 255 65.53 47.63 -58.88
N ASN B 256 64.81 47.85 -59.99
CA ASN B 256 65.47 48.14 -61.26
C ASN B 256 66.47 49.28 -61.09
N LYS B 257 66.05 50.36 -60.43
CA LYS B 257 66.97 51.45 -60.15
C LYS B 257 68.11 50.97 -59.25
N GLY B 258 67.79 50.18 -58.24
CA GLY B 258 68.83 49.73 -57.32
C GLY B 258 69.83 48.78 -57.96
N GLY B 259 69.34 47.81 -58.73
CA GLY B 259 70.20 46.79 -59.30
C GLY B 259 70.02 45.45 -58.63
N ARG B 260 71.08 44.64 -58.61
CA ARG B 260 71.00 43.33 -57.98
C ARG B 260 70.57 43.45 -56.53
N CYS B 261 69.63 42.61 -56.11
CA CYS B 261 69.07 42.65 -54.77
C CYS B 261 68.85 41.26 -54.24
N LEU B 262 69.16 41.06 -52.96
CA LEU B 262 68.82 39.84 -52.23
C LEU B 262 67.89 40.21 -51.08
N ILE B 263 66.76 39.52 -50.99
CA ILE B 263 65.75 39.78 -49.98
C ILE B 263 65.72 38.59 -49.02
N CYS B 264 65.86 38.87 -47.73
CA CYS B 264 65.79 37.84 -46.70
C CYS B 264 64.34 37.66 -46.30
N LEU B 265 63.91 36.40 -46.17
CA LEU B 265 62.56 36.06 -45.77
C LEU B 265 62.63 35.09 -44.60
N ASP B 266 62.21 35.53 -43.42
CA ASP B 266 62.28 34.73 -42.21
C ASP B 266 60.98 33.94 -42.04
N ASP B 267 61.07 32.61 -42.10
CA ASP B 267 59.98 31.72 -41.73
C ASP B 267 58.74 31.98 -42.58
N VAL B 268 58.89 31.71 -43.87
CA VAL B 268 57.76 31.65 -44.79
C VAL B 268 57.33 30.20 -44.90
N TRP B 269 56.06 29.92 -44.64
CA TRP B 269 55.56 28.55 -44.68
C TRP B 269 54.51 28.30 -45.76
N GLU B 270 54.29 29.21 -46.71
CA GLU B 270 53.23 29.03 -47.69
C GLU B 270 53.70 29.37 -49.10
N THR B 271 53.34 28.52 -50.05
CA THR B 271 53.73 28.72 -51.43
C THR B 271 53.18 30.02 -51.99
N LYS B 272 51.94 30.37 -51.62
CA LYS B 272 51.35 31.60 -52.10
C LYS B 272 52.26 32.78 -51.80
N VAL B 273 52.93 32.75 -50.64
CA VAL B 273 53.82 33.85 -50.27
C VAL B 273 54.97 33.95 -51.26
N ILE B 274 55.60 32.82 -51.57
CA ILE B 274 56.71 32.83 -52.52
C ILE B 274 56.23 33.39 -53.85
N ASP B 275 55.12 32.85 -54.37
CA ASP B 275 54.62 33.29 -55.66
C ASP B 275 54.18 34.75 -55.62
N TYR B 276 53.93 35.30 -54.44
CA TYR B 276 53.76 36.74 -54.31
C TYR B 276 55.10 37.46 -54.39
N VAL B 277 56.16 36.86 -53.86
CA VAL B 277 57.45 37.56 -53.80
C VAL B 277 58.12 37.60 -55.17
N LYS B 278 57.89 36.61 -56.03
CA LYS B 278 58.46 36.68 -57.38
C LYS B 278 58.02 37.95 -58.09
N THR B 279 56.85 38.47 -57.73
CA THR B 279 56.30 39.62 -58.45
C THR B 279 57.16 40.86 -58.28
N ILE B 280 57.61 41.13 -57.06
CA ILE B 280 58.28 42.40 -56.77
C ILE B 280 59.57 42.53 -57.56
N PHE B 281 60.14 41.43 -58.04
CA PHE B 281 61.44 41.48 -58.68
C PHE B 281 61.28 41.76 -60.17
N PRO B 282 61.90 42.82 -60.70
CA PRO B 282 61.76 43.11 -62.13
C PRO B 282 62.50 42.11 -63.00
N GLU B 283 62.06 42.01 -64.25
CA GLU B 283 62.68 41.13 -65.24
C GLU B 283 63.83 41.82 -65.97
N ASN B 284 64.74 42.41 -65.21
CA ASN B 284 65.87 43.14 -65.78
C ASN B 284 67.07 42.25 -66.02
N GLU B 285 66.92 40.94 -65.91
CA GLU B 285 68.00 40.00 -66.16
C GLU B 285 69.24 40.37 -65.36
N LYS B 286 69.01 40.73 -64.11
CA LYS B 286 70.09 41.02 -63.17
C LYS B 286 70.39 39.84 -62.26
N GLY B 287 69.66 38.74 -62.38
CA GLY B 287 69.92 37.56 -61.58
C GLY B 287 69.77 37.82 -60.10
N HIS B 288 68.66 38.45 -59.70
CA HIS B 288 68.44 38.74 -58.30
C HIS B 288 68.32 37.45 -57.50
N ARG B 289 68.19 37.58 -56.18
CA ARG B 289 68.07 36.44 -55.30
C ARG B 289 67.04 36.74 -54.21
N VAL B 290 66.40 35.68 -53.73
CA VAL B 290 65.59 35.71 -52.52
C VAL B 290 65.94 34.49 -51.70
N MET B 291 66.38 34.70 -50.47
CA MET B 291 66.74 33.62 -49.55
C MET B 291 65.71 33.61 -48.44
N MET B 292 65.07 32.47 -48.24
CA MET B 292 63.89 32.37 -47.38
C MET B 292 64.06 31.19 -46.42
N THR B 293 63.53 31.34 -45.22
CA THR B 293 63.53 30.27 -44.24
C THR B 293 62.13 29.69 -44.10
N THR B 294 62.06 28.36 -44.04
CA THR B 294 60.78 27.66 -44.10
C THR B 294 60.91 26.32 -43.37
N ARG B 295 60.00 26.08 -42.42
CA ARG B 295 59.98 24.81 -41.69
C ARG B 295 59.33 23.70 -42.47
N ASN B 296 59.07 23.88 -43.75
CA ASN B 296 58.38 22.89 -44.58
C ASN B 296 59.30 22.51 -45.73
N LYS B 297 59.89 21.32 -45.65
CA LYS B 297 60.85 20.92 -46.67
C LYS B 297 60.29 21.00 -48.07
N VAL B 298 58.98 20.75 -48.24
CA VAL B 298 58.38 20.85 -49.58
C VAL B 298 58.43 22.30 -50.06
N LEU B 299 58.12 23.25 -49.19
CA LEU B 299 58.17 24.66 -49.56
C LEU B 299 59.58 25.05 -49.98
N ALA B 300 60.57 24.63 -49.20
CA ALA B 300 61.96 24.87 -49.59
C ALA B 300 62.25 24.26 -50.96
N THR B 301 61.79 23.03 -51.18
CA THR B 301 62.07 22.36 -52.45
C THR B 301 61.48 23.12 -53.62
N TYR B 302 60.26 23.62 -53.48
CA TYR B 302 59.72 24.46 -54.55
C TYR B 302 60.53 25.73 -54.70
N ALA B 303 60.91 26.35 -53.58
CA ALA B 303 61.68 27.59 -53.65
C ALA B 303 62.95 27.37 -54.45
N ASN B 304 63.73 26.37 -54.09
CA ASN B 304 64.88 25.94 -54.88
C ASN B 304 64.81 24.43 -55.08
N SER B 305 65.11 23.98 -56.30
CA SER B 305 65.03 22.57 -56.61
C SER B 305 66.01 21.74 -55.80
N ASP B 306 67.00 22.36 -55.16
CA ASP B 306 67.97 21.65 -54.34
C ASP B 306 68.13 22.43 -53.03
N PRO B 307 67.48 21.99 -51.95
CA PRO B 307 67.43 22.83 -50.74
C PRO B 307 68.78 22.98 -50.07
N HIS B 308 68.79 23.68 -48.95
CA HIS B 308 69.96 23.79 -48.07
C HIS B 308 69.49 23.41 -46.68
N ASP B 309 69.45 22.12 -46.40
CA ASP B 309 69.02 21.64 -45.09
C ASP B 309 70.03 22.10 -44.06
N LEU B 310 69.57 22.83 -43.05
CA LEU B 310 70.46 23.35 -42.04
C LEU B 310 71.23 22.22 -41.39
N LYS B 311 72.55 22.38 -41.30
CA LYS B 311 73.38 21.29 -40.80
C LYS B 311 73.02 21.02 -39.35
N PHE B 312 73.64 20.02 -38.75
CA PHE B 312 73.43 19.69 -37.35
C PHE B 312 74.70 20.04 -36.57
N LEU B 313 74.54 20.84 -35.51
CA LEU B 313 75.68 21.18 -34.67
C LEU B 313 76.29 19.92 -34.08
N THR B 314 77.61 19.82 -34.15
CA THR B 314 78.30 18.71 -33.52
C THR B 314 78.33 18.91 -32.01
N PRO B 315 78.53 17.83 -31.25
CA PRO B 315 78.51 17.97 -29.79
C PRO B 315 79.50 18.99 -29.25
N LYS B 316 80.69 19.07 -29.85
CA LYS B 316 81.65 20.08 -29.40
C LYS B 316 81.10 21.48 -29.64
N GLU B 317 80.45 21.70 -30.78
CA GLU B 317 79.83 23.00 -31.03
C GLU B 317 78.73 23.30 -30.03
N SER B 318 77.92 22.30 -29.67
CA SER B 318 76.87 22.52 -28.68
C SER B 318 77.46 22.88 -27.32
N PHE B 319 78.55 22.19 -26.92
CA PHE B 319 79.20 22.52 -25.67
C PHE B 319 79.78 23.93 -25.72
N GLU B 320 80.36 24.31 -26.85
CA GLU B 320 80.88 25.67 -27.00
C GLU B 320 79.76 26.68 -26.86
N LEU B 321 78.60 26.41 -27.46
CA LEU B 321 77.47 27.33 -27.34
C LEU B 321 77.03 27.46 -25.89
N LEU B 322 76.90 26.34 -25.19
CA LEU B 322 76.46 26.41 -23.80
C LEU B 322 77.48 27.17 -22.95
N VAL B 323 78.77 26.94 -23.19
CA VAL B 323 79.80 27.72 -22.50
C VAL B 323 79.59 29.20 -22.77
N LYS B 324 79.41 29.55 -24.05
CA LYS B 324 79.19 30.93 -24.44
C LYS B 324 78.03 31.53 -23.66
N ARG B 325 76.95 30.78 -23.52
CA ARG B 325 75.73 31.35 -22.96
C ARG B 325 75.78 31.44 -21.45
N VAL B 326 76.00 30.31 -20.78
CA VAL B 326 75.96 30.30 -19.33
C VAL B 326 77.23 30.89 -18.72
N PHE B 327 78.23 31.25 -19.54
CA PHE B 327 79.38 31.97 -19.00
C PHE B 327 79.87 33.05 -19.95
N GLY B 328 78.99 33.64 -20.74
CA GLY B 328 79.39 34.70 -21.65
C GLY B 328 80.63 34.32 -22.45
N LYS B 329 81.74 35.03 -22.21
CA LYS B 329 83.01 34.69 -22.82
C LYS B 329 84.02 34.12 -21.85
N LYS B 330 83.84 34.33 -20.55
CA LYS B 330 84.74 33.71 -19.58
C LYS B 330 84.61 32.20 -19.68
N PRO B 331 85.71 31.46 -19.60
CA PRO B 331 85.63 30.01 -19.81
C PRO B 331 84.79 29.33 -18.75
N CYS B 332 84.15 28.24 -19.13
CA CYS B 332 83.42 27.44 -18.17
C CYS B 332 84.38 26.85 -17.14
N PRO B 333 84.05 26.89 -15.86
CA PRO B 333 84.98 26.35 -14.85
C PRO B 333 85.20 24.86 -15.02
N LYS B 334 86.31 24.38 -14.45
CA LYS B 334 86.84 23.06 -14.81
C LYS B 334 85.86 21.95 -14.49
N ASP B 335 85.31 21.93 -13.28
CA ASP B 335 84.50 20.78 -12.88
C ASP B 335 83.18 20.75 -13.63
N LEU B 336 82.65 21.91 -14.00
CA LEU B 336 81.40 21.95 -14.76
C LEU B 336 81.59 21.45 -16.18
N VAL B 337 82.84 21.30 -16.64
CA VAL B 337 83.08 20.84 -18.01
C VAL B 337 82.53 19.43 -18.21
N GLY B 338 82.75 18.54 -17.24
CA GLY B 338 82.20 17.21 -17.34
C GLY B 338 80.69 17.26 -17.48
N HIS B 339 80.04 17.91 -16.52
CA HIS B 339 78.58 18.05 -16.58
C HIS B 339 78.15 18.86 -17.80
N GLY B 340 78.88 19.93 -18.11
CA GLY B 340 78.56 20.69 -19.30
C GLY B 340 78.68 19.87 -20.57
N GLU B 341 79.76 19.08 -20.67
CA GLU B 341 79.88 18.18 -21.80
C GLU B 341 78.67 17.26 -21.88
N SER B 342 78.28 16.68 -20.75
CA SER B 342 77.11 15.82 -20.74
C SER B 342 75.89 16.53 -21.30
N ILE B 343 75.68 17.78 -20.88
CA ILE B 343 74.50 18.51 -21.33
C ILE B 343 74.58 18.76 -22.84
N ALA B 344 75.80 19.02 -23.34
CA ALA B 344 75.94 19.37 -24.75
C ALA B 344 75.60 18.20 -25.66
N GLY B 345 76.16 17.02 -25.37
CA GLY B 345 75.92 15.88 -26.22
C GLY B 345 74.48 15.43 -26.24
N LYS B 346 73.79 15.55 -25.11
CA LYS B 346 72.44 15.02 -24.98
C LYS B 346 71.41 15.81 -25.77
N CYS B 347 71.77 16.96 -26.32
CA CYS B 347 70.77 17.81 -26.97
C CYS B 347 70.49 17.42 -28.42
N GLY B 348 71.17 16.40 -28.94
CA GLY B 348 70.85 15.89 -30.26
C GLY B 348 71.45 16.68 -31.40
N GLY B 349 72.12 17.79 -31.13
CA GLY B 349 72.67 18.60 -32.19
C GLY B 349 71.74 19.66 -32.74
N VAL B 350 70.93 20.29 -31.90
CA VAL B 350 70.08 21.41 -32.31
C VAL B 350 70.31 22.55 -31.34
N PRO B 351 70.58 23.77 -31.82
CA PRO B 351 71.12 24.81 -30.94
C PRO B 351 70.14 25.24 -29.87
N LEU B 352 68.83 25.17 -30.16
CA LEU B 352 67.86 25.74 -29.24
C LEU B 352 67.71 24.91 -27.98
N ALA B 353 67.93 23.60 -28.05
CA ALA B 353 67.94 22.80 -26.83
C ALA B 353 69.08 23.24 -25.91
N VAL B 354 70.26 23.45 -26.47
CA VAL B 354 71.37 24.01 -25.71
C VAL B 354 70.96 25.35 -25.11
N VAL B 355 70.34 26.21 -25.93
CA VAL B 355 69.96 27.54 -25.47
C VAL B 355 69.04 27.43 -24.26
N VAL B 356 68.02 26.58 -24.35
CA VAL B 356 67.01 26.53 -23.31
C VAL B 356 67.59 25.96 -22.03
N ILE B 357 68.35 24.87 -22.12
CA ILE B 357 68.92 24.31 -20.90
C ILE B 357 69.93 25.28 -20.29
N ALA B 358 70.68 26.00 -21.12
CA ALA B 358 71.55 27.04 -20.60
C ALA B 358 70.74 28.07 -19.84
N GLY B 359 69.63 28.52 -20.42
CA GLY B 359 68.75 29.43 -19.72
C GLY B 359 68.38 28.92 -18.35
N ALA B 360 68.03 27.63 -18.27
CA ALA B 360 67.74 27.04 -16.96
C ALA B 360 68.98 27.05 -16.07
N LEU B 361 70.17 27.00 -16.67
CA LEU B 361 71.43 26.95 -15.93
C LEU B 361 72.05 28.31 -15.69
N ARG B 362 71.38 29.40 -16.06
CA ARG B 362 72.00 30.72 -15.98
C ARG B 362 72.41 31.05 -14.56
N GLY B 363 73.70 31.32 -14.37
CA GLY B 363 74.20 31.71 -13.07
C GLY B 363 73.96 30.66 -12.00
N ARG B 364 74.29 29.41 -12.29
CA ARG B 364 74.21 28.32 -11.33
C ARG B 364 75.55 27.61 -11.24
N PRO B 365 76.62 28.34 -10.94
CA PRO B 365 77.96 27.72 -10.92
C PRO B 365 78.11 26.63 -9.87
N ASN B 366 77.13 26.48 -8.98
CA ASN B 366 77.16 25.39 -8.01
C ASN B 366 76.79 24.08 -8.69
N THR B 367 77.68 23.09 -8.57
CA THR B 367 77.54 21.85 -9.34
C THR B 367 76.33 21.04 -8.92
N SER B 368 75.73 21.34 -7.76
CA SER B 368 74.51 20.62 -7.38
C SER B 368 73.42 20.82 -8.42
N ASP B 369 73.23 22.06 -8.88
CA ASP B 369 72.20 22.30 -9.87
C ASP B 369 72.61 21.80 -11.26
N TRP B 370 73.89 21.88 -11.60
CA TRP B 370 74.30 21.32 -12.88
C TRP B 370 74.01 19.82 -12.94
N ILE B 371 74.23 19.13 -11.82
CA ILE B 371 73.91 17.70 -11.78
C ILE B 371 72.40 17.49 -11.77
N ARG B 372 71.65 18.37 -11.11
CA ARG B 372 70.20 18.27 -11.21
C ARG B 372 69.76 18.30 -12.67
N VAL B 373 70.26 19.29 -13.42
CA VAL B 373 69.79 19.48 -14.78
C VAL B 373 70.29 18.36 -15.69
N GLU B 374 71.52 17.89 -15.48
CA GLU B 374 72.06 16.87 -16.37
C GLU B 374 71.29 15.57 -16.30
N ARG B 375 70.99 15.10 -15.08
CA ARG B 375 70.42 13.77 -14.88
C ARG B 375 69.32 13.46 -15.88
N ASN B 376 68.63 14.50 -16.34
CA ASN B 376 67.69 14.38 -17.45
C ASN B 376 67.62 15.73 -18.14
N VAL B 377 67.87 15.76 -19.44
CA VAL B 377 68.00 17.02 -20.16
C VAL B 377 67.02 17.10 -21.33
N VAL B 378 66.05 16.19 -21.36
CA VAL B 378 64.97 16.33 -22.33
C VAL B 378 63.71 16.84 -21.64
N GLN B 379 63.46 16.40 -20.41
CA GLN B 379 62.35 16.94 -19.63
C GLN B 379 62.57 18.41 -19.31
N HIS B 380 63.81 18.81 -19.07
CA HIS B 380 64.07 20.16 -18.62
C HIS B 380 63.61 21.21 -19.62
N LEU B 381 63.62 20.91 -20.90
CA LEU B 381 62.90 21.77 -21.81
C LEU B 381 61.41 21.56 -21.60
N TYR B 382 60.62 22.57 -21.94
CA TYR B 382 59.16 22.56 -21.74
C TYR B 382 58.78 22.72 -20.27
N THR B 383 59.58 23.43 -19.49
CA THR B 383 59.27 23.72 -18.11
C THR B 383 59.57 25.18 -17.81
N ASN B 384 58.87 25.71 -16.80
CA ASN B 384 59.12 27.07 -16.34
C ASN B 384 58.70 28.08 -17.38
N SER B 385 59.07 29.36 -17.19
CA SER B 385 58.67 30.40 -18.13
C SER B 385 59.42 30.26 -19.45
N GLU B 386 60.73 30.05 -19.39
CA GLU B 386 61.56 30.02 -20.59
C GLU B 386 61.58 28.62 -21.21
N GLU B 387 60.40 28.06 -21.42
CA GLU B 387 60.23 26.73 -22.00
C GLU B 387 60.29 26.74 -23.51
N SER B 388 60.81 27.81 -24.09
CA SER B 388 60.46 28.21 -25.46
C SER B 388 60.39 27.05 -26.45
N CYS B 389 61.11 25.96 -26.19
CA CYS B 389 61.06 24.83 -27.11
C CYS B 389 59.62 24.39 -27.37
N LEU B 390 58.78 24.36 -26.35
CA LEU B 390 57.42 23.87 -26.52
C LEU B 390 56.68 24.68 -27.57
N LYS B 391 56.46 25.96 -27.30
CA LYS B 391 55.74 26.82 -28.24
C LYS B 391 56.44 26.85 -29.60
N PHE B 392 57.77 26.74 -29.59
CA PHE B 392 58.49 26.73 -30.86
C PHE B 392 58.06 25.55 -31.72
N VAL B 393 57.94 24.36 -31.12
CA VAL B 393 57.46 23.21 -31.88
C VAL B 393 55.99 23.35 -32.21
N GLU B 394 55.21 23.86 -31.27
CA GLU B 394 53.76 24.00 -31.50
C GLU B 394 53.48 24.96 -32.63
N MET B 395 54.46 25.80 -32.98
CA MET B 395 54.30 26.70 -34.12
C MET B 395 53.96 25.93 -35.39
N SER B 396 54.22 24.62 -35.42
CA SER B 396 53.94 23.79 -36.59
C SER B 396 53.05 22.60 -36.30
N TYR B 397 53.06 22.06 -35.07
CA TYR B 397 52.15 20.96 -34.77
C TYR B 397 50.73 21.34 -35.14
N ASP B 398 50.30 22.54 -34.78
CA ASP B 398 49.01 23.06 -35.22
C ASP B 398 48.96 23.30 -36.72
N HIS B 399 50.11 23.31 -37.39
CA HIS B 399 50.18 23.27 -38.85
C HIS B 399 49.98 21.86 -39.40
N LEU B 400 49.50 20.93 -38.56
CA LEU B 400 49.19 19.59 -38.99
C LEU B 400 47.72 19.26 -38.74
N PRO B 401 47.02 18.67 -39.71
CA PRO B 401 45.63 18.28 -39.47
C PRO B 401 45.52 17.24 -38.36
N GLN B 402 44.28 17.04 -37.90
CA GLN B 402 44.07 16.21 -36.72
C GLN B 402 44.52 14.77 -36.96
N GLU B 403 44.27 14.24 -38.15
CA GLU B 403 44.69 12.87 -38.43
C GLU B 403 46.19 12.72 -38.27
N VAL B 404 46.96 13.59 -38.94
CA VAL B 404 48.41 13.56 -38.79
C VAL B 404 48.83 14.11 -37.44
N GLN B 405 48.01 14.93 -36.79
CA GLN B 405 48.30 15.28 -35.41
C GLN B 405 48.42 14.02 -34.56
N THR B 406 47.41 13.15 -34.63
CA THR B 406 47.44 11.93 -33.84
C THR B 406 48.53 10.97 -34.32
N CYS B 407 48.58 10.72 -35.63
CA CYS B 407 49.60 9.83 -36.15
C CYS B 407 51.00 10.29 -35.76
N PHE B 408 51.18 11.60 -35.59
CA PHE B 408 52.42 12.14 -35.08
C PHE B 408 52.64 11.74 -33.62
N LEU B 409 51.67 12.04 -32.75
CA LEU B 409 51.86 11.79 -31.33
C LEU B 409 52.23 10.34 -31.07
N TYR B 410 51.79 9.42 -31.92
CA TYR B 410 52.10 8.01 -31.72
C TYR B 410 53.44 7.62 -32.31
N CYS B 411 54.21 8.58 -32.80
CA CYS B 411 55.65 8.39 -32.91
C CYS B 411 56.35 8.54 -31.56
N GLY B 412 55.63 9.05 -30.55
CA GLY B 412 56.22 9.26 -29.24
C GLY B 412 56.33 8.04 -28.36
N VAL B 413 55.73 6.91 -28.77
CA VAL B 413 55.88 5.68 -28.00
C VAL B 413 57.29 5.15 -28.09
N PHE B 414 57.90 5.24 -29.25
CA PHE B 414 59.18 4.57 -29.48
C PHE B 414 60.25 5.18 -28.59
N PRO B 415 61.09 4.37 -27.95
CA PRO B 415 62.02 4.90 -26.95
C PRO B 415 62.95 5.96 -27.52
N ARG B 416 63.33 6.91 -26.66
CA ARG B 416 64.18 8.00 -27.10
C ARG B 416 65.45 7.47 -27.72
N GLY B 417 65.76 7.93 -28.93
CA GLY B 417 66.88 7.42 -29.70
C GLY B 417 66.57 6.18 -30.51
N PHE B 418 65.40 5.59 -30.32
CA PHE B 418 65.01 4.42 -31.11
C PHE B 418 64.88 4.79 -32.58
N ASP B 419 65.06 3.82 -33.46
CA ASP B 419 64.85 4.01 -34.89
C ASP B 419 63.50 3.39 -35.24
N ILE B 420 62.55 4.24 -35.61
CA ILE B 420 61.16 3.83 -35.79
C ILE B 420 61.00 3.33 -37.23
N PRO B 421 60.87 2.02 -37.46
CA PRO B 421 60.75 1.54 -38.84
C PRO B 421 59.49 2.06 -39.51
N SER B 422 59.56 2.20 -40.83
CA SER B 422 58.42 2.71 -41.58
C SER B 422 57.23 1.77 -41.49
N TRP B 423 57.45 0.47 -41.71
CA TRP B 423 56.33 -0.46 -41.71
C TRP B 423 55.80 -0.68 -40.29
N LYS B 424 56.68 -0.75 -39.30
CA LYS B 424 56.22 -0.91 -37.93
C LYS B 424 55.32 0.25 -37.51
N VAL B 425 55.77 1.49 -37.74
CA VAL B 425 54.96 2.65 -37.35
C VAL B 425 53.70 2.75 -38.19
N ILE B 426 53.78 2.39 -39.48
CA ILE B 426 52.60 2.43 -40.31
C ILE B 426 51.52 1.52 -39.76
N ARG B 427 51.89 0.27 -39.48
CA ARG B 427 50.93 -0.68 -38.94
C ARG B 427 50.56 -0.36 -37.51
N LEU B 428 51.41 0.36 -36.77
CA LEU B 428 51.03 0.78 -35.43
C LEU B 428 49.94 1.84 -35.48
N TRP B 429 50.14 2.87 -36.30
CA TRP B 429 49.05 3.80 -36.56
C TRP B 429 47.78 3.05 -36.96
N ILE B 430 47.85 2.29 -38.05
CA ILE B 430 46.66 1.64 -38.58
C ILE B 430 46.09 0.60 -37.63
N ALA B 431 46.85 0.20 -36.60
CA ALA B 431 46.37 -0.76 -35.63
C ALA B 431 45.81 -0.11 -34.38
N GLU B 432 46.06 1.17 -34.17
CA GLU B 432 45.51 1.90 -33.04
C GLU B 432 44.18 2.56 -33.36
N GLY B 433 43.70 2.46 -34.60
CA GLY B 433 42.48 3.12 -35.00
C GLY B 433 42.61 4.61 -35.21
N LEU B 434 43.83 5.13 -35.27
CA LEU B 434 44.01 6.57 -35.43
C LEU B 434 43.63 7.02 -36.83
N ILE B 435 43.99 6.25 -37.85
CA ILE B 435 43.69 6.61 -39.23
C ILE B 435 42.27 6.18 -39.56
N LYS B 436 41.67 6.86 -40.54
CA LYS B 436 40.34 6.53 -41.01
C LYS B 436 40.38 6.34 -42.52
N PRO B 437 39.55 5.44 -43.07
CA PRO B 437 39.65 5.15 -44.50
C PRO B 437 39.27 6.35 -45.35
N GLN B 438 39.91 6.44 -46.51
CA GLN B 438 39.55 7.43 -47.52
C GLN B 438 38.78 6.74 -48.64
N GLU B 439 38.35 7.56 -49.60
CA GLU B 439 37.34 7.12 -50.55
C GLU B 439 37.91 6.33 -51.74
N SER B 440 39.23 6.33 -51.94
CA SER B 440 39.81 5.48 -52.97
C SER B 440 41.15 4.87 -52.58
N TYR B 441 41.63 5.05 -51.34
CA TYR B 441 42.96 4.64 -50.97
C TYR B 441 42.90 3.49 -49.97
N THR B 442 44.06 2.90 -49.72
CA THR B 442 44.22 1.80 -48.77
C THR B 442 44.97 2.31 -47.53
N LEU B 443 44.56 1.84 -46.36
CA LEU B 443 45.06 2.40 -45.11
C LEU B 443 46.58 2.42 -45.08
N GLU B 444 47.22 1.41 -45.67
CA GLU B 444 48.68 1.38 -45.67
C GLU B 444 49.25 2.58 -46.41
N GLU B 445 48.70 2.91 -47.58
CA GLU B 445 49.25 4.03 -48.34
C GLU B 445 48.83 5.38 -47.78
N ILE B 446 47.64 5.47 -47.17
CA ILE B 446 47.29 6.70 -46.46
C ILE B 446 48.28 6.94 -45.34
N ALA B 447 48.63 5.88 -44.59
CA ALA B 447 49.57 6.03 -43.48
C ALA B 447 50.97 6.35 -43.99
N GLU B 448 51.39 5.73 -45.10
CA GLU B 448 52.70 6.03 -45.65
C GLU B 448 52.76 7.48 -46.12
N PHE B 449 51.68 7.97 -46.72
CA PHE B 449 51.60 9.39 -47.05
C PHE B 449 51.63 10.25 -45.81
N TYR B 450 50.98 9.83 -44.74
CA TYR B 450 51.01 10.63 -43.52
C TYR B 450 52.42 10.75 -42.99
N LEU B 451 53.19 9.66 -42.99
CA LEU B 451 54.56 9.75 -42.50
C LEU B 451 55.45 10.51 -43.49
N ASN B 452 55.26 10.29 -44.78
CA ASN B 452 55.97 11.08 -45.78
C ASN B 452 55.75 12.57 -45.53
N ASP B 453 54.49 12.97 -45.38
CA ASP B 453 54.17 14.35 -45.09
C ASP B 453 54.75 14.79 -43.75
N LEU B 454 54.80 13.88 -42.77
CA LEU B 454 55.38 14.22 -41.48
C LEU B 454 56.85 14.58 -41.64
N VAL B 455 57.54 13.91 -42.56
CA VAL B 455 58.91 14.32 -42.87
C VAL B 455 58.91 15.61 -43.69
N ASN B 456 57.93 15.78 -44.59
CA ASN B 456 57.85 17.00 -45.38
C ASN B 456 57.88 18.22 -44.48
N ARG B 457 57.15 18.20 -43.39
CA ARG B 457 57.10 19.30 -42.44
C ARG B 457 58.28 19.28 -41.47
N ASN B 458 59.31 18.49 -41.75
CA ASN B 458 60.47 18.28 -40.89
C ASN B 458 60.07 17.81 -39.50
N LEU B 459 58.83 17.39 -39.32
CA LEU B 459 58.37 17.00 -38.00
C LEU B 459 59.13 15.82 -37.45
N VAL B 460 59.43 14.83 -38.28
CA VAL B 460 59.97 13.57 -37.81
C VAL B 460 61.18 13.22 -38.67
N ILE B 461 62.35 13.18 -38.06
CA ILE B 461 63.61 12.92 -38.74
C ILE B 461 63.47 11.67 -39.62
N LEU B 462 64.17 11.66 -40.74
CA LEU B 462 64.19 10.51 -41.64
C LEU B 462 65.63 10.32 -42.10
N GLN B 463 66.32 9.32 -41.54
CA GLN B 463 67.66 8.95 -42.03
C GLN B 463 67.67 7.45 -42.27
N GLN B 464 67.03 7.04 -43.36
CA GLN B 464 67.28 5.80 -44.07
C GLN B 464 66.35 5.80 -45.26
N LYS B 465 66.79 5.33 -46.42
CA LYS B 465 65.98 5.39 -47.62
C LYS B 465 65.94 4.02 -48.27
N ARG B 466 64.73 3.46 -48.41
CA ARG B 466 64.56 2.25 -49.19
C ARG B 466 65.12 2.47 -50.60
N SER B 467 65.32 1.36 -51.31
CA SER B 467 65.72 1.48 -52.70
C SER B 467 64.81 2.44 -53.45
N ASP B 468 63.50 2.29 -53.27
CA ASP B 468 62.55 3.21 -53.88
C ASP B 468 62.75 4.65 -53.44
N GLY B 469 63.44 4.87 -52.32
CA GLY B 469 63.60 6.19 -51.78
C GLY B 469 62.58 6.57 -50.74
N GLN B 470 61.82 5.60 -50.22
CA GLN B 470 60.82 5.85 -49.22
C GLN B 470 61.42 5.72 -47.83
N ILE B 471 60.63 6.14 -46.82
CA ILE B 471 61.11 6.10 -45.45
C ILE B 471 61.44 4.68 -45.04
N LYS B 472 62.57 4.51 -44.36
CA LYS B 472 62.95 3.23 -43.79
C LYS B 472 63.23 3.30 -42.30
N THR B 473 63.73 4.43 -41.79
CA THR B 473 63.83 4.64 -40.36
C THR B 473 63.62 6.12 -40.08
N CYS B 474 62.62 6.43 -39.27
CA CYS B 474 62.35 7.79 -38.84
C CYS B 474 62.51 7.87 -37.34
N ARG B 475 63.13 8.95 -36.87
CA ARG B 475 63.34 9.16 -35.45
C ARG B 475 62.64 10.44 -35.04
N LEU B 476 62.25 10.49 -33.77
CA LEU B 476 61.62 11.67 -33.18
C LEU B 476 62.65 12.38 -32.34
N HIS B 477 63.00 13.62 -32.71
CA HIS B 477 64.15 14.27 -32.11
C HIS B 477 63.98 14.38 -30.60
N VAL B 478 65.09 14.21 -29.88
CA VAL B 478 65.07 14.18 -28.42
C VAL B 478 64.12 15.23 -27.86
N MET B 479 64.30 16.49 -28.26
CA MET B 479 63.36 17.53 -27.86
C MET B 479 61.95 17.20 -28.34
N LEU B 480 61.82 16.83 -29.61
CA LEU B 480 60.49 16.46 -30.10
C LEU B 480 60.01 15.18 -29.44
N HIS B 481 60.92 14.30 -29.01
CA HIS B 481 60.50 13.09 -28.33
C HIS B 481 59.83 13.43 -27.00
N GLN B 482 60.49 14.26 -26.21
CA GLN B 482 59.89 14.66 -24.93
C GLN B 482 58.60 15.46 -25.17
N PHE B 483 58.57 16.26 -26.24
CA PHE B 483 57.34 17.00 -26.55
C PHE B 483 56.19 16.05 -26.82
N CYS B 484 56.41 15.04 -27.67
CA CYS B 484 55.36 14.08 -27.99
C CYS B 484 54.94 13.32 -26.74
N LYS B 485 55.93 12.88 -25.95
CA LYS B 485 55.60 12.08 -24.76
C LYS B 485 54.74 12.90 -23.80
N LYS B 486 55.14 14.14 -23.52
CA LYS B 486 54.40 14.97 -22.58
C LYS B 486 53.03 15.36 -23.16
N GLU B 487 52.96 15.57 -24.48
CA GLU B 487 51.68 15.94 -25.08
C GLU B 487 50.69 14.77 -25.01
N ALA B 488 51.14 13.58 -25.37
CA ALA B 488 50.30 12.40 -25.22
C ALA B 488 49.88 12.23 -23.77
N SER B 489 50.82 12.35 -22.84
CA SER B 489 50.49 12.19 -21.42
C SER B 489 49.41 13.18 -20.99
N ASN B 490 49.52 14.43 -21.43
CA ASN B 490 48.44 15.38 -21.16
C ASN B 490 47.13 14.90 -21.76
N LYS B 491 47.17 14.42 -23.00
CA LYS B 491 45.98 13.87 -23.63
C LYS B 491 45.71 12.41 -23.25
N TRP B 492 46.70 11.73 -22.66
CA TRP B 492 46.63 10.36 -22.14
C TRP B 492 46.60 9.31 -23.24
N LEU B 493 46.79 9.68 -24.50
CA LEU B 493 46.69 8.68 -25.57
C LEU B 493 47.64 7.52 -25.32
N PHE B 494 48.73 7.76 -24.61
CA PHE B 494 49.57 6.71 -24.06
C PHE B 494 50.51 7.33 -23.04
N GLN B 495 51.48 6.55 -22.56
CA GLN B 495 52.34 7.00 -21.48
C GLN B 495 53.51 6.04 -21.36
N GLU B 496 54.55 6.49 -20.68
CA GLU B 496 55.73 5.68 -20.41
C GLU B 496 55.86 5.47 -18.90
N VAL B 497 55.95 4.21 -18.48
CA VAL B 497 56.07 3.91 -17.06
C VAL B 497 57.48 4.23 -16.59
N SER B 498 57.57 4.86 -15.42
CA SER B 498 58.86 5.18 -14.80
C SER B 498 58.74 4.92 -13.31
N LEU B 499 59.89 4.70 -12.68
CA LEU B 499 59.93 4.34 -11.26
C LEU B 499 61.16 4.98 -10.63
N THR B 500 60.96 6.06 -9.89
CA THR B 500 62.03 6.56 -9.03
C THR B 500 62.25 5.53 -7.93
N PRO B 501 63.45 4.94 -7.82
CA PRO B 501 63.57 3.63 -7.18
C PRO B 501 62.26 2.85 -7.08
N ASP B 502 61.41 3.18 -6.10
CA ASP B 502 60.13 2.53 -5.90
C ASP B 502 59.03 3.34 -6.61
N GLN B 503 57.77 3.09 -6.26
CA GLN B 503 56.64 3.85 -6.78
C GLN B 503 56.28 3.45 -8.20
N ALA B 504 55.43 4.25 -8.86
CA ALA B 504 54.89 3.90 -10.17
C ALA B 504 55.11 4.97 -11.22
N ILE B 505 55.77 6.07 -10.89
CA ILE B 505 56.06 7.10 -11.88
C ILE B 505 57.43 7.71 -11.59
N ASP B 509 50.52 7.96 -11.81
CA ASP B 509 49.28 7.20 -11.67
C ASP B 509 48.96 6.49 -12.99
N PRO B 510 49.61 5.35 -13.23
CA PRO B 510 49.31 4.60 -14.47
C PRO B 510 47.83 4.37 -14.72
N ASN B 511 46.99 4.49 -13.68
CA ASN B 511 45.55 4.41 -13.91
C ASN B 511 45.05 5.54 -14.80
N LYS B 512 45.81 6.64 -14.89
CA LYS B 512 45.54 7.70 -15.86
C LYS B 512 46.36 7.52 -17.12
N SER B 513 46.59 6.28 -17.53
CA SER B 513 47.38 5.95 -18.71
C SER B 513 46.56 4.99 -19.55
N ARG B 514 45.98 5.52 -20.64
CA ARG B 514 45.23 4.64 -21.53
C ARG B 514 46.12 3.55 -22.11
N ARG B 515 47.43 3.75 -22.11
CA ARG B 515 48.37 2.74 -22.57
C ARG B 515 49.65 2.88 -21.77
N LEU B 516 50.44 1.81 -21.75
CA LEU B 516 51.67 1.75 -20.98
C LEU B 516 52.82 1.34 -21.90
N CYS B 517 53.80 2.23 -22.03
CA CYS B 517 55.06 1.93 -22.69
C CYS B 517 56.11 1.71 -21.62
N ILE B 518 56.66 0.51 -21.55
CA ILE B 518 57.59 0.12 -20.49
C ILE B 518 58.90 -0.29 -21.12
N GLN B 519 60.00 0.24 -20.58
CA GLN B 519 61.31 -0.20 -20.99
C GLN B 519 61.59 -1.61 -20.48
N PRO B 520 62.32 -2.43 -21.24
CA PRO B 520 62.60 -3.79 -20.75
C PRO B 520 63.29 -3.83 -19.40
N SER B 521 64.19 -2.88 -19.14
CA SER B 521 64.96 -2.90 -17.90
C SER B 521 64.03 -2.81 -16.68
N ASN B 522 63.05 -1.91 -16.72
CA ASN B 522 62.11 -1.75 -15.63
C ASN B 522 60.91 -2.67 -15.72
N LEU B 523 60.83 -3.50 -16.77
CA LEU B 523 59.67 -4.36 -16.94
C LEU B 523 59.54 -5.35 -15.79
N LYS B 524 60.65 -5.95 -15.37
CA LYS B 524 60.60 -6.91 -14.28
C LYS B 524 60.08 -6.27 -13.01
N ASP B 525 60.57 -5.08 -12.69
CA ASP B 525 60.12 -4.39 -11.48
C ASP B 525 58.66 -3.99 -11.57
N PHE B 526 58.24 -3.50 -12.73
CA PHE B 526 56.83 -3.16 -12.91
C PHE B 526 55.95 -4.40 -12.78
N LEU B 527 56.47 -5.55 -13.21
CA LEU B 527 55.75 -6.81 -13.08
C LEU B 527 55.72 -7.27 -11.63
N SER B 528 56.74 -6.92 -10.84
CA SER B 528 56.79 -7.36 -9.46
C SER B 528 55.59 -6.85 -8.66
N LYS B 529 55.10 -5.65 -8.99
CA LYS B 529 53.91 -5.12 -8.32
C LYS B 529 52.62 -5.79 -8.80
N LYS B 530 52.72 -6.84 -9.62
CA LYS B 530 51.55 -7.56 -10.10
C LYS B 530 50.62 -6.60 -10.84
N PRO B 531 51.02 -6.12 -12.01
CA PRO B 531 50.16 -5.17 -12.74
C PRO B 531 48.82 -5.79 -13.08
N SER B 532 47.77 -4.97 -12.99
CA SER B 532 46.41 -5.42 -13.30
C SER B 532 45.62 -4.19 -13.73
N ALA B 533 45.28 -4.11 -15.00
CA ALA B 533 44.54 -2.98 -15.53
C ALA B 533 43.51 -3.46 -16.54
N GLU B 534 42.43 -2.71 -16.66
CA GLU B 534 41.38 -2.94 -17.65
C GLU B 534 41.31 -1.83 -18.68
N HIS B 535 41.44 -0.58 -18.27
CA HIS B 535 41.46 0.54 -19.20
C HIS B 535 42.66 0.49 -20.15
N VAL B 536 43.76 -0.12 -19.73
CA VAL B 536 44.90 -0.28 -20.62
C VAL B 536 44.43 -0.97 -21.89
N ARG B 537 44.96 -0.52 -23.03
CA ARG B 537 44.53 -1.07 -24.31
C ARG B 537 45.70 -1.33 -25.25
N SER B 538 46.88 -1.62 -24.71
CA SER B 538 48.04 -1.97 -25.52
C SER B 538 49.17 -2.32 -24.57
N PHE B 539 50.31 -2.69 -25.15
CA PHE B 539 51.50 -2.95 -24.35
C PHE B 539 52.72 -2.75 -25.23
N TYR B 540 53.44 -1.66 -25.00
CA TYR B 540 54.64 -1.33 -25.76
C TYR B 540 55.87 -1.64 -24.93
N CYS B 541 56.73 -2.52 -25.44
CA CYS B 541 58.04 -2.76 -24.84
C CYS B 541 58.99 -3.11 -25.98
N PHE B 542 59.69 -2.10 -26.49
CA PHE B 542 60.63 -2.28 -27.59
C PHE B 542 62.04 -2.44 -27.06
N SER B 543 62.91 -2.99 -27.91
CA SER B 543 64.30 -3.23 -27.55
C SER B 543 65.17 -2.18 -28.25
N SER B 544 65.29 -1.02 -27.61
CA SER B 544 66.22 -0.01 -28.11
C SER B 544 67.65 -0.55 -28.12
N LYS B 545 68.04 -1.23 -27.06
CA LYS B 545 69.27 -2.03 -27.04
C LYS B 545 68.89 -3.39 -27.60
N GLU B 546 69.02 -3.52 -28.92
CA GLU B 546 68.46 -4.66 -29.62
C GLU B 546 69.00 -5.98 -29.07
N LYS B 547 68.10 -6.94 -28.90
CA LYS B 547 68.43 -8.32 -28.52
C LYS B 547 68.95 -8.43 -27.10
N GLN B 548 68.65 -7.46 -26.24
CA GLN B 548 69.05 -7.51 -24.83
C GLN B 548 67.93 -8.10 -23.98
N ILE B 549 67.54 -9.32 -24.33
CA ILE B 549 66.46 -10.01 -23.63
C ILE B 549 66.95 -10.30 -22.20
N ARG B 550 66.34 -9.66 -21.21
CA ARG B 550 66.75 -9.82 -19.83
C ARG B 550 66.13 -11.09 -19.25
N GLY B 551 66.33 -11.31 -17.95
CA GLY B 551 65.87 -12.52 -17.31
C GLY B 551 64.38 -12.55 -17.07
N LEU B 552 63.61 -12.65 -18.15
CA LEU B 552 62.16 -12.74 -18.07
C LEU B 552 61.73 -14.20 -18.11
N THR B 553 61.10 -14.66 -17.04
CA THR B 553 60.67 -16.04 -16.90
C THR B 553 59.29 -16.23 -17.51
N PRO B 554 58.89 -17.49 -17.77
CA PRO B 554 57.54 -17.73 -18.30
C PRO B 554 56.45 -17.15 -17.41
N ASN B 555 56.63 -17.20 -16.10
CA ASN B 555 55.68 -16.56 -15.19
C ASN B 555 55.53 -15.07 -15.50
N ASP B 556 56.64 -14.41 -15.89
CA ASP B 556 56.54 -13.01 -16.25
C ASP B 556 55.60 -12.80 -17.42
N ILE B 557 55.72 -13.64 -18.45
CA ILE B 557 54.90 -13.49 -19.63
C ILE B 557 53.44 -13.81 -19.30
N LYS B 558 53.21 -14.82 -18.45
CA LYS B 558 51.85 -15.13 -18.04
C LYS B 558 51.21 -13.98 -17.28
N LEU B 559 51.97 -13.38 -16.35
CA LEU B 559 51.43 -12.25 -15.60
C LEU B 559 51.22 -11.05 -16.50
N ILE B 560 52.04 -10.90 -17.54
CA ILE B 560 51.79 -9.87 -18.54
C ILE B 560 50.45 -10.10 -19.22
N HIS B 561 50.22 -11.33 -19.67
CA HIS B 561 48.93 -11.67 -20.26
C HIS B 561 47.79 -11.31 -19.30
N LYS B 562 47.98 -11.60 -18.02
CA LYS B 562 46.93 -11.31 -17.04
C LYS B 562 46.69 -9.82 -16.89
N ALA B 563 47.77 -9.03 -16.82
CA ALA B 563 47.64 -7.63 -16.41
C ALA B 563 46.79 -6.84 -17.39
N PHE B 564 47.01 -7.06 -18.69
CA PHE B 564 46.35 -6.29 -19.75
C PHE B 564 45.43 -7.23 -20.51
N PRO B 565 44.13 -7.29 -20.17
CA PRO B 565 43.23 -8.21 -20.86
C PRO B 565 42.58 -7.62 -22.10
N LEU B 566 42.43 -6.30 -22.15
CA LEU B 566 41.76 -5.62 -23.26
C LEU B 566 42.75 -5.06 -24.27
N VAL B 567 43.88 -5.74 -24.48
CA VAL B 567 44.93 -5.17 -25.33
C VAL B 567 44.48 -5.19 -26.78
N ARG B 568 44.52 -4.02 -27.42
CA ARG B 568 44.38 -3.96 -28.87
C ARG B 568 45.75 -4.12 -29.54
N VAL B 569 46.79 -3.60 -28.89
CA VAL B 569 48.13 -3.54 -29.46
C VAL B 569 49.10 -4.14 -28.45
N LEU B 570 49.39 -5.43 -28.60
CA LEU B 570 50.37 -6.12 -27.77
C LEU B 570 51.64 -6.28 -28.60
N ASP B 571 52.55 -5.33 -28.45
CA ASP B 571 53.79 -5.29 -29.21
C ASP B 571 54.97 -5.38 -28.25
N VAL B 572 55.61 -6.54 -28.21
CA VAL B 572 56.80 -6.73 -27.40
C VAL B 572 57.74 -7.69 -28.11
N GLU B 573 58.94 -7.21 -28.48
CA GLU B 573 59.98 -8.11 -28.98
C GLU B 573 61.29 -7.79 -28.25
N SER B 574 61.37 -8.26 -27.00
CA SER B 574 62.63 -8.72 -26.41
C SER B 574 62.20 -9.64 -25.26
N LEU B 575 62.06 -10.93 -25.56
CA LEU B 575 61.35 -11.83 -24.68
C LEU B 575 61.40 -13.25 -25.24
N LYS B 576 60.87 -14.22 -24.49
CA LYS B 576 60.57 -15.55 -25.00
C LYS B 576 59.07 -15.75 -24.79
N PHE B 577 58.28 -15.30 -25.75
CA PHE B 577 56.84 -15.32 -25.59
C PHE B 577 56.30 -16.75 -25.68
N LEU B 578 55.13 -16.96 -25.08
CA LEU B 578 54.46 -18.25 -25.09
C LEU B 578 52.97 -18.02 -25.27
N PHE B 579 52.27 -19.05 -25.76
CA PHE B 579 50.85 -18.94 -26.05
C PHE B 579 50.02 -19.44 -24.87
N SER B 580 50.13 -18.71 -23.76
CA SER B 580 49.39 -19.07 -22.57
C SER B 580 47.89 -19.05 -22.83
N LYS B 581 47.15 -19.84 -22.04
CA LYS B 581 45.70 -19.84 -22.16
C LYS B 581 45.14 -18.44 -22.01
N ASP B 582 45.65 -17.69 -21.04
CA ASP B 582 45.20 -16.31 -20.84
C ASP B 582 45.44 -15.47 -22.10
N PHE B 583 46.65 -15.55 -22.65
CA PHE B 583 46.94 -14.82 -23.88
C PHE B 583 46.03 -15.25 -25.01
N ASN B 584 45.61 -16.52 -25.00
CA ASN B 584 44.73 -17.02 -26.06
C ASN B 584 43.33 -16.43 -25.98
N GLN B 585 42.97 -15.78 -24.87
CA GLN B 585 41.65 -15.20 -24.72
C GLN B 585 41.54 -13.79 -25.31
N LEU B 586 42.67 -13.15 -25.61
CA LEU B 586 42.66 -11.73 -25.98
C LEU B 586 42.06 -11.57 -27.37
N PHE B 587 40.73 -11.50 -27.42
CA PHE B 587 40.02 -11.37 -28.69
C PHE B 587 40.10 -9.96 -29.25
N HIS B 588 40.27 -8.95 -28.42
CA HIS B 588 40.34 -7.57 -28.89
C HIS B 588 41.60 -7.29 -29.70
N LEU B 589 42.50 -8.26 -29.81
CA LEU B 589 43.84 -8.01 -30.34
C LEU B 589 43.76 -7.44 -31.75
N ARG B 590 44.68 -6.53 -32.05
CA ARG B 590 44.78 -5.87 -33.34
C ARG B 590 46.10 -6.09 -34.04
N TYR B 591 47.21 -6.01 -33.31
CA TYR B 591 48.53 -6.03 -33.93
C TYR B 591 49.48 -6.69 -32.94
N ILE B 592 50.17 -7.73 -33.37
CA ILE B 592 51.02 -8.54 -32.50
C ILE B 592 52.44 -8.52 -33.00
N ALA B 593 53.37 -8.23 -32.11
CA ALA B 593 54.80 -8.36 -32.36
C ALA B 593 55.37 -9.21 -31.22
N ILE B 594 55.51 -10.52 -31.46
CA ILE B 594 55.98 -11.45 -30.44
C ILE B 594 57.10 -12.29 -31.04
N SER B 595 57.88 -12.90 -30.16
CA SER B 595 58.99 -13.76 -30.55
C SER B 595 59.16 -14.86 -29.52
N GLY B 596 59.81 -15.94 -29.94
CA GLY B 596 60.02 -17.09 -29.08
C GLY B 596 60.40 -18.31 -29.91
N ASP B 597 59.96 -19.47 -29.43
CA ASP B 597 60.19 -20.75 -30.10
C ASP B 597 58.83 -21.38 -30.38
N PHE B 598 58.28 -21.09 -31.57
CA PHE B 598 57.00 -21.62 -32.00
C PHE B 598 57.17 -22.41 -33.28
N ASN B 599 56.68 -23.65 -33.28
CA ASN B 599 56.75 -24.52 -34.45
C ASN B 599 55.56 -24.36 -35.37
N ALA B 600 54.47 -23.77 -34.89
CA ALA B 600 53.25 -23.62 -35.66
C ALA B 600 52.30 -22.72 -34.89
N ILE B 601 51.59 -21.86 -35.62
CA ILE B 601 50.68 -20.92 -34.97
C ILE B 601 49.49 -21.70 -34.44
N PRO B 602 49.21 -21.67 -33.14
CA PRO B 602 48.08 -22.43 -32.61
C PRO B 602 46.76 -21.89 -33.11
N LEU B 603 45.74 -22.76 -33.11
CA LEU B 603 44.42 -22.36 -33.54
C LEU B 603 43.84 -21.24 -32.68
N THR B 604 44.39 -21.03 -31.48
CA THR B 604 43.90 -19.95 -30.63
C THR B 604 43.95 -18.62 -31.36
N PHE B 605 44.88 -18.45 -32.30
CA PHE B 605 44.89 -17.25 -33.11
C PHE B 605 43.69 -17.16 -34.05
N GLY B 606 42.92 -18.24 -34.19
CA GLY B 606 41.70 -18.20 -34.98
C GLY B 606 40.51 -17.58 -34.29
N LYS B 607 40.66 -17.19 -33.02
CA LYS B 607 39.61 -16.50 -32.28
C LYS B 607 39.84 -15.00 -32.20
N PHE B 608 41.01 -14.52 -32.62
CA PHE B 608 41.34 -13.09 -32.55
C PHE B 608 40.73 -12.39 -33.75
N TRP B 609 39.41 -12.23 -33.70
CA TRP B 609 38.69 -11.60 -34.79
C TRP B 609 39.14 -10.15 -35.02
N ASN B 610 39.36 -9.41 -33.94
CA ASN B 610 39.75 -8.02 -34.08
C ASN B 610 41.13 -7.86 -34.72
N LEU B 611 41.90 -8.95 -34.82
CA LEU B 611 43.27 -8.84 -35.26
C LEU B 611 43.37 -8.21 -36.65
N GLN B 612 44.35 -7.34 -36.81
CA GLN B 612 44.68 -6.75 -38.10
C GLN B 612 46.08 -7.07 -38.58
N THR B 613 47.03 -7.32 -37.69
CA THR B 613 48.42 -7.56 -38.07
C THR B 613 48.99 -8.66 -37.18
N LEU B 614 50.03 -9.31 -37.68
CA LEU B 614 50.74 -10.32 -36.89
C LEU B 614 52.17 -10.41 -37.39
N ILE B 615 53.11 -10.01 -36.54
CA ILE B 615 54.53 -10.15 -36.80
C ILE B 615 55.02 -11.35 -36.00
N LEU B 616 55.71 -12.27 -36.67
CA LEU B 616 56.22 -13.49 -36.04
C LEU B 616 57.71 -13.58 -36.27
N ASN B 617 58.45 -13.83 -35.18
CA ASN B 617 59.91 -14.02 -35.23
C ASN B 617 60.22 -15.19 -34.31
N THR B 618 60.25 -16.39 -34.88
CA THR B 618 60.41 -17.62 -34.13
C THR B 618 61.85 -18.10 -34.22
N SER B 619 62.38 -18.56 -33.08
CA SER B 619 63.72 -19.12 -33.01
C SER B 619 63.74 -20.61 -33.29
N THR B 620 62.59 -21.20 -33.62
CA THR B 620 62.52 -22.64 -33.86
C THR B 620 63.46 -23.05 -34.99
N SER B 621 64.09 -24.21 -34.80
CA SER B 621 64.93 -24.80 -35.86
C SER B 621 64.10 -25.35 -37.01
N GLU B 622 62.78 -25.42 -36.87
CA GLU B 622 61.94 -25.95 -37.93
C GLU B 622 62.13 -25.15 -39.22
N SER B 623 62.17 -25.87 -40.34
CA SER B 623 62.33 -25.20 -41.63
C SER B 623 61.09 -24.44 -42.03
N THR B 624 59.90 -24.89 -41.60
CA THR B 624 58.64 -24.26 -41.95
C THR B 624 57.76 -24.14 -40.72
N LEU B 625 56.94 -23.09 -40.70
CA LEU B 625 55.97 -22.87 -39.64
C LEU B 625 54.57 -23.15 -40.18
N ASP B 626 53.81 -23.96 -39.44
CA ASP B 626 52.47 -24.35 -39.87
C ASP B 626 51.45 -23.41 -39.23
N VAL B 627 50.66 -22.75 -40.05
CA VAL B 627 49.65 -21.78 -39.55
C VAL B 627 48.38 -22.58 -39.33
N LYS B 628 48.27 -23.18 -38.15
CA LYS B 628 47.09 -23.96 -37.81
C LYS B 628 45.84 -23.09 -37.74
N ALA B 629 45.98 -21.88 -37.20
CA ALA B 629 44.84 -20.96 -37.10
C ALA B 629 44.30 -20.65 -38.50
N ASP B 630 42.98 -20.59 -38.60
CA ASP B 630 42.33 -20.29 -39.87
C ASP B 630 42.46 -18.81 -40.18
N ILE B 631 43.57 -18.43 -40.82
CA ILE B 631 43.80 -17.03 -41.15
C ILE B 631 42.68 -16.48 -42.02
N TRP B 632 42.04 -17.35 -42.81
CA TRP B 632 41.04 -16.89 -43.76
C TRP B 632 39.83 -16.29 -43.06
N ASN B 633 39.38 -16.92 -41.96
CA ASN B 633 38.20 -16.44 -41.26
C ASN B 633 38.41 -15.08 -40.60
N MET B 634 39.65 -14.70 -40.31
CA MET B 634 39.94 -13.43 -39.65
C MET B 634 39.81 -12.32 -40.69
N LEU B 635 38.59 -11.79 -40.81
CA LEU B 635 38.33 -10.77 -41.81
C LEU B 635 39.14 -9.50 -41.56
N GLN B 636 39.25 -9.09 -40.30
CA GLN B 636 39.97 -7.87 -39.97
C GLN B 636 41.46 -7.98 -40.29
N LEU B 637 41.97 -9.19 -40.50
CA LEU B 637 43.40 -9.37 -40.73
C LEU B 637 43.85 -8.55 -41.94
N ARG B 638 45.02 -7.94 -41.83
CA ARG B 638 45.59 -7.17 -42.93
C ARG B 638 46.99 -7.62 -43.31
N HIS B 639 47.85 -7.94 -42.34
CA HIS B 639 49.24 -8.25 -42.63
C HIS B 639 49.76 -9.29 -41.64
N LEU B 640 50.32 -10.37 -42.18
CA LEU B 640 51.01 -11.38 -41.39
C LEU B 640 52.48 -11.40 -41.80
N HIS B 641 53.36 -11.28 -40.81
CA HIS B 641 54.80 -11.30 -41.05
C HIS B 641 55.42 -12.44 -40.25
N THR B 642 56.27 -13.22 -40.91
CA THR B 642 57.00 -14.31 -40.28
C THR B 642 58.47 -14.19 -40.67
N ASN B 643 59.36 -14.60 -39.78
CA ASN B 643 60.78 -14.58 -40.09
C ASN B 643 61.20 -15.78 -40.93
N ILE B 644 60.35 -16.80 -41.02
CA ILE B 644 60.65 -18.01 -41.78
C ILE B 644 59.45 -18.33 -42.65
N PRO B 645 59.63 -19.17 -43.67
CA PRO B 645 58.50 -19.49 -44.55
C PRO B 645 57.33 -20.09 -43.77
N ALA B 646 56.13 -19.74 -44.20
CA ALA B 646 54.89 -20.17 -43.55
C ALA B 646 54.17 -21.17 -44.43
N LYS B 647 53.78 -22.30 -43.84
CA LYS B 647 53.05 -23.34 -44.56
C LYS B 647 51.56 -23.15 -44.29
N LEU B 648 51.00 -22.14 -44.95
CA LEU B 648 49.59 -21.81 -44.79
C LEU B 648 48.70 -22.92 -45.31
N GLN B 649 47.73 -23.30 -44.49
CA GLN B 649 46.66 -24.19 -44.93
C GLN B 649 45.78 -23.47 -45.96
N PRO B 650 45.34 -24.17 -47.02
CA PRO B 650 44.47 -23.53 -48.02
C PRO B 650 43.10 -23.25 -47.45
N PRO B 651 42.36 -22.33 -48.05
CA PRO B 651 40.99 -22.06 -47.57
C PRO B 651 40.05 -23.20 -47.93
N THR B 652 39.18 -23.54 -46.98
CA THR B 652 38.20 -24.60 -47.18
C THR B 652 36.96 -24.04 -47.88
N ALA B 653 36.03 -24.94 -48.21
CA ALA B 653 34.81 -24.52 -48.89
C ALA B 653 34.00 -23.56 -48.02
N THR B 654 33.90 -23.85 -46.72
CA THR B 654 33.14 -22.99 -45.83
C THR B 654 33.74 -21.59 -45.76
N THR B 655 35.08 -21.50 -45.71
CA THR B 655 35.75 -20.21 -45.65
C THR B 655 35.58 -19.40 -46.93
N SER B 656 35.11 -20.02 -48.01
CA SER B 656 34.96 -19.29 -49.27
C SER B 656 34.06 -18.09 -49.09
N GLY B 657 34.49 -16.95 -49.64
CA GLY B 657 33.73 -15.72 -49.53
C GLY B 657 34.41 -14.55 -50.21
N LYS B 658 34.34 -13.38 -49.60
CA LYS B 658 34.97 -12.19 -50.16
C LYS B 658 36.49 -12.31 -50.10
N ALA B 659 37.16 -11.57 -50.96
CA ALA B 659 38.61 -11.55 -50.96
C ALA B 659 39.14 -11.06 -49.61
N SER B 660 40.18 -11.72 -49.12
CA SER B 660 40.70 -11.41 -47.80
C SER B 660 41.32 -10.01 -47.77
N CYS B 661 41.29 -9.41 -46.59
CA CYS B 661 41.89 -8.09 -46.39
C CYS B 661 43.40 -8.11 -46.46
N LEU B 662 44.02 -9.29 -46.48
CA LEU B 662 45.47 -9.40 -46.48
C LEU B 662 46.08 -8.56 -47.60
N GLN B 663 46.95 -7.63 -47.21
CA GLN B 663 47.76 -6.87 -48.17
C GLN B 663 49.18 -7.39 -48.24
N THR B 664 49.79 -7.66 -47.10
CA THR B 664 51.17 -8.14 -47.01
C THR B 664 51.20 -9.53 -46.41
N LEU B 665 51.92 -10.44 -47.07
CA LEU B 665 52.10 -11.80 -46.59
C LEU B 665 53.57 -12.15 -46.79
N CYS B 666 54.38 -11.98 -45.75
CA CYS B 666 55.82 -12.10 -45.84
C CYS B 666 56.29 -13.48 -45.40
N MET B 667 57.35 -13.95 -46.04
CA MET B 667 57.99 -15.22 -45.73
C MET B 667 56.99 -16.38 -45.88
N VAL B 668 56.58 -16.59 -47.13
CA VAL B 668 55.61 -17.63 -47.47
C VAL B 668 56.37 -18.86 -47.96
N ALA B 669 55.98 -20.03 -47.47
CA ALA B 669 56.51 -21.26 -48.02
C ALA B 669 55.88 -21.50 -49.39
N PRO B 670 56.66 -21.83 -50.42
CA PRO B 670 56.06 -22.03 -51.74
C PRO B 670 54.97 -23.08 -51.75
N GLU B 671 55.07 -24.09 -50.88
CA GLU B 671 54.01 -25.08 -50.77
C GLU B 671 52.68 -24.41 -50.45
N SER B 672 52.70 -23.36 -49.65
CA SER B 672 51.48 -22.65 -49.26
C SER B 672 51.04 -21.64 -50.30
N CYS B 673 51.57 -21.70 -51.52
CA CYS B 673 51.14 -20.84 -52.62
C CYS B 673 50.35 -21.72 -53.59
N GLU B 674 49.06 -21.85 -53.33
CA GLU B 674 48.15 -22.63 -54.14
C GLU B 674 47.18 -21.72 -54.88
N LYS B 675 46.44 -22.32 -55.81
CA LYS B 675 45.44 -21.56 -56.54
C LYS B 675 44.39 -21.00 -55.58
N GLU B 676 43.94 -21.81 -54.63
CA GLU B 676 42.89 -21.37 -53.71
C GLU B 676 43.40 -20.30 -52.76
N VAL B 677 44.60 -20.47 -52.22
CA VAL B 677 45.15 -19.48 -51.30
C VAL B 677 45.29 -18.13 -52.01
N LEU B 678 45.90 -18.13 -53.19
CA LEU B 678 46.12 -16.88 -53.90
C LEU B 678 44.80 -16.29 -54.39
N ALA B 679 43.81 -17.13 -54.68
CA ALA B 679 42.47 -16.62 -54.98
C ALA B 679 41.87 -15.91 -53.77
N LYS B 680 42.06 -16.48 -52.58
CA LYS B 680 41.55 -15.87 -51.36
C LYS B 680 42.31 -14.61 -50.96
N ALA B 681 43.46 -14.34 -51.60
CA ALA B 681 44.27 -13.17 -51.30
C ALA B 681 44.61 -12.43 -52.59
N CYS B 682 43.63 -12.31 -53.49
CA CYS B 682 43.88 -11.65 -54.76
C CYS B 682 44.33 -10.21 -54.57
N HIS B 683 43.92 -9.56 -53.49
CA HIS B 683 44.37 -8.22 -53.17
C HIS B 683 45.73 -8.20 -52.47
N LEU B 684 46.41 -9.35 -52.37
CA LEU B 684 47.72 -9.38 -51.76
C LEU B 684 48.69 -8.49 -52.53
N LYS B 685 49.46 -7.70 -51.80
CA LYS B 685 50.40 -6.75 -52.38
C LYS B 685 51.85 -7.14 -52.15
N LYS B 686 52.25 -7.36 -50.92
CA LYS B 686 53.63 -7.71 -50.57
C LYS B 686 53.69 -9.20 -50.26
N LEU B 687 54.28 -9.97 -51.18
CA LEU B 687 54.39 -11.42 -51.05
C LEU B 687 55.86 -11.81 -51.15
N SER B 688 56.31 -12.69 -50.24
CA SER B 688 57.67 -13.22 -50.26
C SER B 688 57.60 -14.73 -50.10
N ILE B 689 58.37 -15.45 -50.92
CA ILE B 689 58.35 -16.89 -50.94
C ILE B 689 59.78 -17.41 -50.86
N ARG B 690 60.03 -18.36 -49.96
CA ARG B 690 61.37 -18.92 -49.79
C ARG B 690 61.27 -20.44 -49.71
N GLY B 691 62.22 -21.13 -50.33
CA GLY B 691 62.25 -22.58 -50.29
C GLY B 691 63.06 -23.17 -51.43
N GLN B 692 62.48 -24.12 -52.15
CA GLN B 692 63.07 -24.70 -53.33
C GLN B 692 62.34 -24.15 -54.55
N MET B 693 63.10 -23.63 -55.51
CA MET B 693 62.54 -22.86 -56.62
C MET B 693 62.25 -23.71 -57.85
N ALA B 694 63.20 -24.55 -58.28
CA ALA B 694 62.97 -25.36 -59.47
C ALA B 694 61.74 -26.25 -59.30
N ALA B 695 61.52 -26.78 -58.09
CA ALA B 695 60.28 -27.48 -57.79
C ALA B 695 59.08 -26.54 -57.75
N PHE B 696 59.29 -25.25 -57.97
CA PHE B 696 58.22 -24.26 -58.01
C PHE B 696 58.07 -23.59 -59.36
N LEU B 697 59.03 -23.75 -60.27
CA LEU B 697 59.05 -22.97 -61.51
C LEU B 697 58.53 -23.75 -62.71
N GLY B 698 58.43 -25.08 -62.61
CA GLY B 698 57.97 -25.87 -63.73
C GLY B 698 56.48 -25.76 -63.97
N ALA B 699 56.04 -26.36 -65.08
CA ALA B 699 54.64 -26.28 -65.46
C ALA B 699 53.75 -26.95 -64.41
N TYR B 700 54.05 -28.20 -64.05
CA TYR B 700 53.34 -28.82 -62.94
C TYR B 700 53.66 -28.15 -61.61
N LYS B 701 54.69 -27.30 -61.58
CA LYS B 701 54.95 -26.41 -60.46
C LYS B 701 54.25 -25.07 -60.64
N GLY B 702 53.10 -25.06 -61.31
CA GLY B 702 52.37 -23.86 -61.63
C GLY B 702 51.93 -23.05 -60.44
N GLY B 703 52.29 -23.49 -59.23
CA GLY B 703 52.16 -22.65 -58.06
C GLY B 703 52.61 -21.24 -58.39
N ILE B 704 53.68 -21.12 -59.20
CA ILE B 704 54.03 -19.81 -59.75
C ILE B 704 52.96 -19.36 -60.74
N ASN B 705 52.50 -20.26 -61.60
CA ASN B 705 51.41 -19.90 -62.51
C ASN B 705 50.18 -19.48 -61.72
N ASN B 706 50.04 -19.96 -60.48
CA ASN B 706 48.92 -19.56 -59.65
C ASN B 706 49.03 -18.10 -59.20
N LEU B 707 50.20 -17.48 -59.36
CA LEU B 707 50.33 -16.08 -59.00
C LEU B 707 49.42 -15.18 -59.82
N VAL B 708 48.92 -15.68 -60.96
CA VAL B 708 47.94 -14.93 -61.75
C VAL B 708 46.74 -14.57 -60.88
N GLU B 709 46.50 -15.33 -59.81
CA GLU B 709 45.40 -15.01 -58.90
C GLU B 709 45.60 -13.65 -58.26
N LEU B 710 46.83 -13.32 -57.88
CA LEU B 710 47.09 -12.03 -57.24
C LEU B 710 46.85 -10.90 -58.23
N LYS B 711 46.08 -9.89 -57.81
CA LYS B 711 45.71 -8.78 -58.66
C LYS B 711 46.60 -7.56 -58.42
N CYS B 712 46.65 -7.08 -57.18
CA CYS B 712 47.42 -5.88 -56.83
C CYS B 712 48.76 -6.23 -56.20
N LEU B 713 49.31 -7.40 -56.53
CA LEU B 713 50.64 -7.75 -56.07
C LEU B 713 51.64 -6.72 -56.55
N GLU B 714 52.55 -6.30 -55.67
CA GLU B 714 53.56 -5.32 -56.02
C GLU B 714 54.98 -5.76 -55.70
N GLN B 715 55.20 -6.55 -54.65
CA GLN B 715 56.52 -6.95 -54.23
C GLN B 715 56.63 -8.47 -54.22
N LEU B 716 57.81 -8.96 -54.57
CA LEU B 716 58.04 -10.41 -54.67
C LEU B 716 59.51 -10.68 -54.36
N LYS B 717 59.76 -11.29 -53.20
CA LYS B 717 61.09 -11.71 -52.81
C LYS B 717 61.20 -13.22 -53.00
N LEU B 718 62.18 -13.65 -53.78
CA LEU B 718 62.38 -15.07 -54.08
C LEU B 718 63.72 -15.50 -53.48
N LEU B 719 63.67 -16.50 -52.60
CA LEU B 719 64.83 -16.92 -51.84
C LEU B 719 64.93 -18.43 -51.88
N ASN B 720 66.12 -18.95 -52.22
CA ASN B 720 66.36 -20.39 -52.25
C ASN B 720 67.12 -20.79 -51.00
N ASP B 721 66.56 -21.73 -50.24
CA ASP B 721 67.18 -22.17 -49.00
C ASP B 721 68.24 -23.25 -49.20
N VAL B 722 68.42 -23.73 -50.42
CA VAL B 722 69.37 -24.81 -50.73
C VAL B 722 70.55 -24.20 -51.48
N LEU B 723 71.76 -24.52 -51.02
CA LEU B 723 72.97 -24.09 -51.71
C LEU B 723 73.42 -25.09 -52.76
N TYR B 724 73.12 -26.37 -52.57
CA TYR B 724 73.44 -27.43 -53.53
C TYR B 724 72.18 -27.75 -54.31
N MET B 725 72.08 -27.23 -55.52
CA MET B 725 70.88 -27.32 -56.33
C MET B 725 71.04 -28.43 -57.36
N ASN B 726 69.99 -29.25 -57.50
CA ASN B 726 70.06 -30.35 -58.47
C ASN B 726 70.19 -29.83 -59.90
N LYS B 727 69.34 -28.88 -60.28
CA LYS B 727 69.38 -28.27 -61.61
C LYS B 727 69.04 -26.80 -61.50
N ALA B 728 69.63 -26.00 -62.38
CA ALA B 728 69.39 -24.57 -62.38
C ALA B 728 68.03 -24.26 -63.01
N PRO B 729 67.10 -23.64 -62.28
CA PRO B 729 65.79 -23.34 -62.87
C PRO B 729 65.87 -22.37 -64.04
N HIS B 730 64.71 -22.05 -64.61
CA HIS B 730 64.60 -21.16 -65.74
C HIS B 730 63.32 -20.36 -65.61
N LEU B 731 63.44 -19.04 -65.80
CA LEU B 731 62.27 -18.18 -65.63
C LEU B 731 61.25 -18.50 -66.73
N PRO B 732 60.04 -18.93 -66.35
CA PRO B 732 59.07 -19.31 -67.38
C PRO B 732 58.71 -18.15 -68.28
N GLN B 733 58.42 -18.46 -69.54
CA GLN B 733 58.06 -17.40 -70.49
C GLN B 733 56.84 -16.65 -70.03
N THR B 734 55.94 -17.32 -69.32
CA THR B 734 54.80 -16.64 -68.70
C THR B 734 55.24 -15.70 -67.59
N PHE B 735 56.44 -15.89 -67.04
CA PHE B 735 56.90 -15.08 -65.92
C PHE B 735 56.76 -13.59 -66.22
N SER B 736 56.84 -13.21 -67.49
CA SER B 736 56.69 -11.81 -67.86
C SER B 736 55.34 -11.26 -67.40
N GLN B 737 54.27 -12.01 -67.65
CA GLN B 737 52.94 -11.58 -67.25
C GLN B 737 52.49 -12.21 -65.93
N LEU B 738 53.11 -13.30 -65.50
CA LEU B 738 52.75 -13.89 -64.22
C LEU B 738 52.92 -12.87 -63.09
N VAL B 739 53.92 -12.00 -63.21
CA VAL B 739 54.26 -11.04 -62.17
C VAL B 739 54.18 -9.64 -62.73
N ARG B 740 53.26 -9.42 -63.67
CA ARG B 740 53.18 -8.13 -64.36
C ARG B 740 52.92 -6.97 -63.41
N THR B 741 52.27 -7.22 -62.27
CA THR B 741 51.91 -6.16 -61.35
C THR B 741 52.99 -5.87 -60.30
N VAL B 742 54.10 -6.60 -60.32
CA VAL B 742 55.09 -6.50 -59.26
C VAL B 742 55.99 -5.29 -59.51
N LYS B 743 56.10 -4.43 -58.50
CA LYS B 743 57.00 -3.29 -58.54
C LYS B 743 58.40 -3.63 -58.01
N LYS B 744 58.47 -4.34 -56.90
CA LYS B 744 59.72 -4.72 -56.26
C LYS B 744 59.92 -6.22 -56.42
N LEU B 745 61.12 -6.62 -56.82
CA LEU B 745 61.38 -8.03 -57.13
C LEU B 745 62.82 -8.32 -56.74
N THR B 746 63.01 -8.99 -55.60
CA THR B 746 64.32 -9.31 -55.06
C THR B 746 64.59 -10.79 -55.23
N LEU B 747 65.71 -11.12 -55.88
CA LEU B 747 66.16 -12.50 -56.03
C LEU B 747 67.33 -12.74 -55.08
N THR B 748 67.23 -13.80 -54.29
CA THR B 748 68.29 -14.18 -53.35
C THR B 748 68.64 -15.64 -53.55
N ASN B 749 69.93 -15.91 -53.75
CA ASN B 749 70.43 -17.28 -53.89
C ASN B 749 69.70 -18.01 -55.01
N THR B 750 69.49 -17.34 -56.14
CA THR B 750 68.82 -17.94 -57.28
C THR B 750 69.79 -18.42 -58.35
N ARG B 751 71.01 -17.91 -58.37
CA ARG B 751 72.07 -18.40 -59.26
C ARG B 751 71.54 -18.62 -60.68
N PHE B 752 70.88 -17.60 -61.20
CA PHE B 752 70.28 -17.67 -62.53
C PHE B 752 71.27 -17.22 -63.59
N ALA B 753 71.23 -17.88 -64.74
CA ALA B 753 72.08 -17.48 -65.86
C ALA B 753 71.67 -16.09 -66.35
N TRP B 754 72.66 -15.26 -66.65
CA TRP B 754 72.38 -13.90 -67.06
C TRP B 754 71.48 -13.85 -68.29
N SER B 755 71.50 -14.92 -69.10
CA SER B 755 70.49 -15.03 -70.15
C SER B 755 69.09 -14.95 -69.59
N GLU B 756 68.90 -15.43 -68.36
CA GLU B 756 67.62 -15.29 -67.69
C GLU B 756 67.31 -13.85 -67.33
N ALA B 757 68.34 -13.00 -67.23
CA ALA B 757 68.08 -11.59 -66.98
C ALA B 757 67.28 -10.97 -68.12
N ASP B 758 67.47 -11.47 -69.34
CA ASP B 758 66.63 -11.03 -70.45
C ASP B 758 65.16 -11.33 -70.18
N LYS B 759 64.88 -12.49 -69.57
CA LYS B 759 63.50 -12.82 -69.21
C LYS B 759 62.96 -11.85 -68.17
N LEU B 760 63.84 -11.32 -67.31
CA LEU B 760 63.42 -10.31 -66.35
C LEU B 760 63.20 -8.96 -67.01
N GLY B 761 63.53 -8.82 -68.29
CA GLY B 761 63.37 -7.56 -68.99
C GLY B 761 62.01 -7.35 -69.61
N GLN B 762 61.07 -8.29 -69.40
CA GLN B 762 59.74 -8.19 -69.98
C GLN B 762 58.68 -7.94 -68.91
N LEU B 763 59.03 -7.21 -67.85
CA LEU B 763 58.07 -6.79 -66.84
C LEU B 763 57.71 -5.33 -67.09
N GLU B 764 56.43 -5.09 -67.39
CA GLU B 764 55.99 -3.74 -67.71
C GLU B 764 56.09 -2.82 -66.50
N SER B 765 55.82 -3.35 -65.31
CA SER B 765 55.75 -2.56 -64.09
C SER B 765 56.91 -2.84 -63.13
N LEU B 766 58.06 -3.27 -63.66
CA LEU B 766 59.22 -3.48 -62.80
C LEU B 766 59.78 -2.15 -62.35
N GLU B 767 59.95 -1.99 -61.03
CA GLU B 767 60.42 -0.73 -60.45
C GLU B 767 61.74 -0.91 -59.69
N ILE B 768 61.85 -1.94 -58.85
CA ILE B 768 63.04 -2.19 -58.08
C ILE B 768 63.58 -3.56 -58.43
N LEU B 769 64.89 -3.73 -58.30
CA LEU B 769 65.57 -4.94 -58.75
C LEU B 769 66.75 -5.20 -57.83
N LYS B 770 66.66 -6.25 -57.02
CA LYS B 770 67.73 -6.62 -56.10
C LYS B 770 68.26 -8.00 -56.47
N PHE B 771 69.57 -8.08 -56.71
CA PHE B 771 70.29 -9.34 -56.90
C PHE B 771 71.16 -9.56 -55.67
N LYS B 772 70.73 -10.47 -54.79
CA LYS B 772 71.40 -10.69 -53.51
C LYS B 772 71.95 -12.11 -53.47
N GLU B 773 73.20 -12.24 -53.03
CA GLU B 773 73.82 -13.55 -52.77
C GLU B 773 73.79 -14.42 -54.03
N ASN B 774 74.53 -13.98 -55.04
CA ASN B 774 74.65 -14.72 -56.29
C ASN B 774 73.28 -15.00 -56.90
N ALA B 775 72.40 -14.00 -56.88
CA ALA B 775 71.08 -14.16 -57.46
C ALA B 775 71.17 -14.64 -58.91
N PHE B 776 72.11 -14.07 -59.66
CA PHE B 776 72.36 -14.47 -61.03
C PHE B 776 73.77 -15.04 -61.13
N ALA B 777 73.89 -16.25 -61.69
CA ALA B 777 75.16 -16.93 -61.81
C ALA B 777 75.73 -16.72 -63.21
N GLY B 778 76.98 -16.29 -63.27
CA GLY B 778 77.64 -16.06 -64.54
C GLY B 778 78.88 -15.19 -64.38
N ASP B 779 79.89 -15.43 -65.23
CA ASP B 779 81.11 -14.63 -65.16
C ASP B 779 80.85 -13.19 -65.59
N SER B 780 79.99 -12.98 -66.57
CA SER B 780 79.70 -11.64 -67.06
C SER B 780 78.23 -11.55 -67.43
N TRP B 781 77.70 -10.32 -67.37
CA TRP B 781 76.30 -10.05 -67.67
C TRP B 781 76.24 -9.16 -68.89
N LYS B 782 75.51 -9.60 -69.92
CA LYS B 782 75.32 -8.83 -71.15
C LYS B 782 73.83 -8.67 -71.41
N PRO B 783 73.17 -7.77 -70.69
CA PRO B 783 71.73 -7.60 -70.89
C PRO B 783 71.41 -7.05 -72.27
N LYS B 784 70.26 -7.46 -72.80
CA LYS B 784 69.78 -6.98 -74.09
C LYS B 784 68.44 -6.27 -73.97
N MET B 785 67.47 -6.87 -73.31
CA MET B 785 66.13 -6.29 -73.24
C MET B 785 66.16 -4.96 -72.49
N GLY B 786 65.44 -3.99 -73.02
CA GLY B 786 65.30 -2.72 -72.34
C GLY B 786 64.39 -2.82 -71.12
N PHE B 787 64.60 -1.91 -70.18
CA PHE B 787 63.81 -1.83 -68.95
C PHE B 787 63.16 -0.45 -68.93
N SER B 788 61.99 -0.36 -69.56
CA SER B 788 61.40 0.93 -69.88
C SER B 788 61.01 1.74 -68.64
N ALA B 789 60.97 1.11 -67.47
CA ALA B 789 60.53 1.79 -66.26
C ALA B 789 61.42 1.57 -65.05
N LEU B 790 62.41 0.67 -65.13
CA LEU B 790 63.22 0.36 -63.96
C LEU B 790 63.88 1.62 -63.41
N ARG B 791 63.81 1.79 -62.09
CA ARG B 791 64.35 2.96 -61.42
C ARG B 791 65.58 2.62 -60.58
N VAL B 792 65.51 1.57 -59.77
CA VAL B 792 66.62 1.20 -58.89
C VAL B 792 67.12 -0.16 -59.35
N LEU B 793 68.41 -0.25 -59.66
CA LEU B 793 69.09 -1.52 -59.81
C LEU B 793 69.94 -1.75 -58.57
N TRP B 794 69.87 -2.96 -58.03
CA TRP B 794 70.56 -3.28 -56.78
C TRP B 794 71.20 -4.65 -56.95
N ILE B 795 72.53 -4.67 -57.05
CA ILE B 795 73.30 -5.90 -57.19
C ILE B 795 74.17 -6.05 -55.96
N GLU B 796 74.02 -7.16 -55.25
CA GLU B 796 74.76 -7.42 -54.02
C GLU B 796 75.53 -8.71 -54.15
N ARG B 797 76.82 -8.67 -53.85
CA ARG B 797 77.67 -9.86 -53.83
C ARG B 797 77.56 -10.63 -55.14
N ALA B 798 77.68 -9.91 -56.25
CA ALA B 798 77.58 -10.51 -57.58
C ALA B 798 78.97 -10.99 -58.02
N GLU B 799 79.06 -12.27 -58.39
CA GLU B 799 80.33 -12.87 -58.76
C GLU B 799 80.72 -12.56 -60.20
N PHE B 800 79.81 -12.05 -61.01
CA PHE B 800 80.12 -11.81 -62.42
C PHE B 800 81.09 -10.65 -62.55
N GLU B 801 82.10 -10.82 -63.41
CA GLU B 801 83.25 -9.93 -63.44
C GLU B 801 83.06 -8.71 -64.33
N THR B 802 82.37 -8.84 -65.46
CA THR B 802 82.24 -7.75 -66.42
C THR B 802 80.77 -7.50 -66.74
N TRP B 803 80.47 -6.25 -67.07
CA TRP B 803 79.11 -5.84 -67.37
C TRP B 803 79.13 -4.93 -68.58
N GLU B 804 78.19 -5.15 -69.49
CA GLU B 804 78.10 -4.38 -70.73
C GLU B 804 76.68 -3.87 -70.95
N ALA B 805 76.02 -3.44 -69.88
CA ALA B 805 74.71 -2.82 -70.01
C ALA B 805 74.84 -1.50 -70.76
N SER B 806 73.89 -1.24 -71.65
CA SER B 806 73.91 -0.10 -72.55
C SER B 806 72.77 0.85 -72.22
N GLU B 807 72.67 1.92 -73.01
CA GLU B 807 71.64 2.93 -72.77
C GLU B 807 70.25 2.35 -72.95
N ILE B 808 70.05 1.58 -74.02
CA ILE B 808 68.72 1.04 -74.31
C ILE B 808 68.28 0.07 -73.23
N ASN B 809 69.23 -0.58 -72.55
CA ASN B 809 68.87 -1.56 -71.54
C ASN B 809 68.09 -0.91 -70.40
N PHE B 810 68.57 0.22 -69.90
CA PHE B 810 68.01 0.89 -68.73
C PHE B 810 67.71 2.34 -69.09
N PRO B 811 66.71 2.57 -69.95
CA PRO B 811 66.46 3.94 -70.40
C PRO B 811 66.13 4.92 -69.29
N VAL B 812 65.45 4.47 -68.23
CA VAL B 812 64.96 5.38 -67.21
C VAL B 812 65.63 5.09 -65.88
N LEU B 813 66.85 4.58 -65.92
CA LEU B 813 67.62 4.35 -64.71
C LEU B 813 67.70 5.63 -63.90
N ARG B 814 67.21 5.59 -62.67
CA ARG B 814 67.36 6.68 -61.72
C ARG B 814 68.29 6.33 -60.56
N ASN B 815 68.41 5.06 -60.22
CA ASN B 815 69.26 4.60 -59.13
C ASN B 815 69.94 3.31 -59.58
N LEU B 816 71.24 3.18 -59.31
CA LEU B 816 71.98 1.96 -59.62
C LEU B 816 72.88 1.70 -58.42
N VAL B 817 72.67 0.59 -57.72
CA VAL B 817 73.45 0.23 -56.54
C VAL B 817 74.10 -1.12 -56.81
N LEU B 818 75.41 -1.19 -56.63
CA LEU B 818 76.16 -2.45 -56.73
C LEU B 818 77.06 -2.54 -55.52
N MET B 819 76.76 -3.48 -54.62
CA MET B 819 77.49 -3.65 -53.37
C MET B 819 78.15 -5.01 -53.32
N SER B 820 79.26 -5.08 -52.58
CA SER B 820 80.03 -6.31 -52.44
C SER B 820 80.41 -6.86 -53.81
N CYS B 821 80.72 -5.96 -54.73
CA CYS B 821 81.08 -6.33 -56.10
C CYS B 821 82.59 -6.55 -56.24
N ASP B 822 83.11 -7.46 -55.41
CA ASP B 822 84.54 -7.76 -55.44
C ASP B 822 84.96 -8.46 -56.73
N LYS B 823 84.01 -8.95 -57.52
CA LYS B 823 84.32 -9.61 -58.77
C LYS B 823 84.14 -8.72 -59.99
N LEU B 824 83.20 -7.77 -59.95
CA LEU B 824 82.90 -6.95 -61.11
C LEU B 824 84.13 -6.14 -61.52
N GLU B 825 84.28 -5.95 -62.83
CA GLU B 825 85.48 -5.30 -63.36
C GLU B 825 85.28 -3.80 -63.55
N THR B 826 84.29 -3.41 -64.36
CA THR B 826 84.07 -2.00 -64.66
C THR B 826 82.60 -1.78 -65.01
N VAL B 827 82.02 -0.73 -64.45
CA VAL B 827 80.66 -0.35 -64.86
C VAL B 827 80.71 0.17 -66.29
N PRO B 828 79.83 -0.29 -67.18
CA PRO B 828 79.91 0.17 -68.58
C PRO B 828 79.79 1.68 -68.68
N PHE B 829 80.65 2.28 -69.50
CA PHE B 829 80.57 3.72 -69.74
C PHE B 829 79.27 4.08 -70.42
N GLU B 830 78.66 3.15 -71.15
CA GLU B 830 77.44 3.44 -71.90
C GLU B 830 76.36 4.00 -70.98
N LEU B 831 76.34 3.57 -69.72
CA LEU B 831 75.34 4.09 -68.79
C LEU B 831 75.51 5.57 -68.51
N ALA B 832 76.66 6.15 -68.85
CA ALA B 832 76.88 7.57 -68.62
C ALA B 832 75.86 8.42 -69.37
N ASN B 833 75.50 8.01 -70.58
CA ASN B 833 74.60 8.82 -71.39
C ASN B 833 73.25 9.02 -70.72
N LEU B 834 72.83 8.06 -69.88
CA LEU B 834 71.49 8.09 -69.31
C LEU B 834 71.22 9.40 -68.59
N SER B 835 70.31 10.21 -69.12
CA SER B 835 69.96 11.47 -68.49
C SER B 835 69.26 11.24 -67.15
N ASP B 836 68.38 10.25 -67.09
CA ASP B 836 67.64 9.98 -65.86
C ASP B 836 68.58 9.60 -64.72
N LEU B 837 69.59 8.79 -65.02
CA LEU B 837 70.51 8.31 -63.98
C LEU B 837 71.17 9.48 -63.27
N TYR B 838 71.00 9.53 -61.95
CA TYR B 838 71.73 10.48 -61.12
C TYR B 838 72.48 9.83 -59.95
N GLU B 839 72.10 8.63 -59.53
CA GLU B 839 72.67 7.99 -58.35
C GLU B 839 73.54 6.80 -58.73
N MET B 840 74.63 6.63 -57.98
CA MET B 840 75.55 5.51 -58.19
C MET B 840 76.31 5.25 -56.91
N ARG B 841 76.04 4.13 -56.25
CA ARG B 841 76.76 3.71 -55.06
C ARG B 841 77.49 2.40 -55.35
N LEU B 842 78.80 2.37 -55.11
CA LEU B 842 79.60 1.16 -55.22
C LEU B 842 80.13 0.82 -53.83
N GLU B 843 79.60 -0.25 -53.23
CA GLU B 843 79.93 -0.65 -51.87
C GLU B 843 80.77 -1.91 -51.91
N ASN B 844 81.96 -1.85 -51.34
CA ASN B 844 82.90 -2.97 -51.33
C ASN B 844 83.00 -3.59 -52.72
N THR B 845 83.41 -2.76 -53.66
CA THR B 845 83.46 -3.12 -55.07
C THR B 845 84.90 -3.14 -55.56
N SER B 846 85.16 -3.99 -56.56
CA SER B 846 86.49 -4.16 -57.13
C SER B 846 86.81 -3.02 -58.09
N LYS B 847 87.82 -3.21 -58.93
CA LYS B 847 88.35 -2.16 -59.80
C LYS B 847 87.25 -1.31 -60.43
N ALA B 848 86.06 -1.89 -60.60
CA ALA B 848 84.92 -1.13 -61.10
C ALA B 848 84.76 0.22 -60.40
N VAL B 849 85.29 0.38 -59.19
CA VAL B 849 85.27 1.69 -58.53
C VAL B 849 85.94 2.73 -59.42
N LYS B 850 87.02 2.34 -60.11
CA LYS B 850 87.68 3.27 -61.02
C LYS B 850 86.73 3.71 -62.13
N SER B 851 86.00 2.76 -62.72
CA SER B 851 85.03 3.13 -63.75
C SER B 851 83.93 4.00 -63.16
N ALA B 852 83.60 3.83 -61.89
CA ALA B 852 82.67 4.74 -61.23
C ALA B 852 83.23 6.16 -61.22
N LYS B 853 84.53 6.30 -60.94
CA LYS B 853 85.15 7.61 -61.01
C LYS B 853 85.10 8.17 -62.42
N ALA B 854 85.33 7.31 -63.42
CA ALA B 854 85.30 7.77 -64.81
C ALA B 854 83.93 8.28 -65.20
N ILE B 855 82.87 7.54 -64.84
CA ILE B 855 81.52 7.96 -65.18
C ILE B 855 81.15 9.23 -64.42
N LEU B 856 81.58 9.32 -63.15
CA LEU B 856 81.33 10.54 -62.39
C LEU B 856 82.01 11.74 -63.05
N GLU B 857 83.26 11.57 -63.49
CA GLU B 857 83.95 12.66 -64.16
C GLU B 857 83.27 13.05 -65.45
N SER B 858 82.82 12.06 -66.22
CA SER B 858 82.14 12.36 -67.48
C SER B 858 80.86 13.15 -67.23
N LYS B 859 80.08 12.74 -66.23
CA LYS B 859 78.83 13.44 -65.95
C LYS B 859 79.10 14.83 -65.38
N THR B 860 80.14 14.98 -64.56
CA THR B 860 80.50 16.30 -64.06
C THR B 860 80.91 17.22 -65.20
N ASP B 861 81.67 16.69 -66.18
CA ASP B 861 81.99 17.47 -67.37
C ASP B 861 80.72 17.87 -68.11
N LYS B 862 79.78 16.93 -68.26
CA LYS B 862 78.48 17.27 -68.79
C LYS B 862 77.65 18.08 -67.79
N ASN B 863 78.12 18.18 -66.54
CA ASN B 863 77.47 18.99 -65.52
C ASN B 863 76.02 18.56 -65.31
N ILE B 864 75.84 17.25 -65.13
CA ILE B 864 74.54 16.67 -64.82
C ILE B 864 74.51 16.35 -63.33
N LYS B 865 73.44 16.74 -62.66
CA LYS B 865 73.30 16.46 -61.23
C LYS B 865 73.43 14.96 -61.00
N PHE B 866 74.50 14.55 -60.33
CA PHE B 866 74.81 13.13 -60.18
C PHE B 866 75.55 12.93 -58.87
N ASN B 867 75.36 11.76 -58.27
CA ASN B 867 75.96 11.42 -56.99
C ASN B 867 76.70 10.09 -57.11
N LEU B 868 77.88 10.03 -56.49
CA LEU B 868 78.69 8.82 -56.46
C LEU B 868 79.13 8.59 -55.02
N THR B 869 78.75 7.45 -54.46
CA THR B 869 79.11 7.08 -53.09
C THR B 869 80.04 5.87 -53.13
N ILE B 870 81.17 5.99 -52.45
CA ILE B 870 82.17 4.92 -52.37
C ILE B 870 82.50 4.67 -50.91
N PHE B 871 82.51 3.40 -50.51
CA PHE B 871 82.85 2.99 -49.17
C PHE B 871 83.93 1.92 -49.24
N PRO B 872 84.93 1.94 -48.33
CA PRO B 872 85.14 2.94 -47.27
C PRO B 872 85.74 4.24 -47.78
N PHE C 8 15.61 -2.93 17.09
CA PHE C 8 16.78 -2.01 17.00
C PHE C 8 18.00 -2.75 16.44
N GLU C 9 18.37 -3.84 17.11
CA GLU C 9 19.51 -4.62 16.66
C GLU C 9 19.26 -5.26 15.30
N VAL C 10 18.03 -5.74 15.07
CA VAL C 10 17.69 -6.28 13.76
C VAL C 10 17.76 -5.18 12.70
N GLU C 11 17.13 -4.03 12.98
CA GLU C 11 17.19 -2.90 12.08
C GLU C 11 18.63 -2.41 11.92
N ASN C 12 19.39 -2.40 13.02
CA ASN C 12 20.79 -2.00 12.96
C ASN C 12 21.55 -2.88 11.97
N LEU C 13 21.48 -4.19 12.15
CA LEU C 13 22.21 -5.10 11.28
C LEU C 13 21.71 -5.01 9.84
N LEU C 14 20.41 -4.76 9.66
CA LEU C 14 19.89 -4.61 8.30
C LEU C 14 20.56 -3.46 7.58
N GLN C 15 20.56 -2.27 8.18
CA GLN C 15 21.19 -1.11 7.55
C GLN C 15 22.69 -1.30 7.42
N LEU C 16 23.29 -1.93 8.43
CA LEU C 16 24.73 -2.17 8.42
C LEU C 16 25.12 -3.01 7.21
N LEU C 17 24.40 -4.13 7.00
CA LEU C 17 24.67 -4.97 5.85
C LEU C 17 24.36 -4.26 4.54
N THR C 18 23.25 -3.50 4.51
CA THR C 18 22.86 -2.85 3.27
C THR C 18 23.92 -1.86 2.80
N ASP C 19 24.48 -1.07 3.73
CA ASP C 19 25.43 -0.04 3.33
C ASP C 19 26.75 -0.65 2.83
N ASN C 20 27.18 -1.76 3.44
CA ASN C 20 28.47 -2.34 3.07
C ASN C 20 28.49 -2.81 1.63
N VAL C 21 27.35 -3.30 1.13
CA VAL C 21 27.29 -3.78 -0.24
C VAL C 21 27.65 -2.68 -1.24
N SER C 26 26.67 1.31 0.06
CA SER C 26 27.58 0.53 -0.82
C SER C 26 28.87 1.10 -0.44
N ALA C 27 29.68 0.24 0.03
CA ALA C 27 30.59 1.14 0.71
C ALA C 27 31.69 1.62 -0.22
N LYS C 28 32.23 0.73 -1.05
CA LYS C 28 33.36 1.10 -1.91
C LYS C 28 32.91 2.03 -3.04
N GLY C 29 31.71 1.82 -3.58
CA GLY C 29 31.19 2.75 -4.56
C GLY C 29 30.99 4.14 -3.99
N GLU C 30 30.38 4.22 -2.80
CA GLU C 30 30.28 5.49 -2.10
C GLU C 30 31.65 6.11 -1.91
N LEU C 31 32.64 5.28 -1.55
CA LEU C 31 33.99 5.77 -1.31
C LEU C 31 34.56 6.41 -2.57
N GLU C 32 34.48 5.69 -3.70
CA GLU C 32 35.05 6.18 -4.94
C GLU C 32 34.34 7.45 -5.41
N ASN C 33 33.01 7.46 -5.33
CA ASN C 33 32.29 8.67 -5.73
C ASN C 33 32.66 9.85 -4.85
N LEU C 34 32.76 9.63 -3.54
CA LEU C 34 33.20 10.71 -2.66
C LEU C 34 34.58 11.20 -3.04
N LEU C 35 35.49 10.29 -3.37
CA LEU C 35 36.84 10.70 -3.74
C LEU C 35 36.83 11.53 -5.01
N LYS C 36 36.06 11.11 -6.02
CA LYS C 36 35.96 11.89 -7.25
C LYS C 36 35.46 13.30 -6.94
N GLU C 37 34.36 13.40 -6.19
CA GLU C 37 33.78 14.72 -5.97
C GLU C 37 34.68 15.58 -5.09
N VAL C 38 35.42 14.98 -4.16
CA VAL C 38 36.35 15.76 -3.36
C VAL C 38 37.54 16.20 -4.21
N GLN C 39 37.94 15.40 -5.19
CA GLN C 39 38.94 15.87 -6.14
C GLN C 39 38.42 17.07 -6.91
N HIS C 40 37.14 17.03 -7.31
CA HIS C 40 36.51 18.20 -7.93
C HIS C 40 36.64 19.42 -7.03
N LEU C 41 36.27 19.29 -5.77
CA LEU C 41 36.32 20.44 -4.87
C LEU C 41 37.75 20.90 -4.64
N LYS C 42 38.71 19.97 -4.63
CA LYS C 42 40.11 20.37 -4.46
C LYS C 42 40.60 21.15 -5.68
N GLY C 43 40.20 20.73 -6.89
CA GLY C 43 40.51 21.50 -8.07
C GLY C 43 39.89 22.89 -8.02
N PHE C 44 38.64 22.97 -7.58
CA PHE C 44 38.03 24.28 -7.42
C PHE C 44 38.81 25.13 -6.44
N LEU C 45 39.30 24.51 -5.36
CA LEU C 45 40.08 25.27 -4.38
C LEU C 45 41.36 25.78 -5.00
N ASP C 46 42.03 24.95 -5.79
CA ASP C 46 43.25 25.39 -6.46
C ASP C 46 42.95 26.55 -7.39
N ASP C 47 41.78 26.54 -8.02
CA ASP C 47 41.35 27.69 -8.81
C ASP C 47 41.14 28.91 -7.93
N ALA C 48 40.34 28.76 -6.87
CA ALA C 48 39.89 29.91 -6.10
C ALA C 48 41.05 30.59 -5.40
N ALA C 49 42.04 29.82 -4.95
CA ALA C 49 43.20 30.43 -4.30
C ALA C 49 43.85 31.46 -5.22
N LYS C 50 44.04 31.12 -6.50
CA LYS C 50 44.62 32.06 -7.44
C LYS C 50 43.72 33.27 -7.63
N LEU C 51 42.43 33.03 -7.85
CA LEU C 51 41.52 34.12 -8.17
C LEU C 51 41.48 35.13 -7.03
N PRO C 52 41.71 36.41 -7.29
CA PRO C 52 41.58 37.41 -6.22
C PRO C 52 40.13 37.54 -5.78
N SER C 53 39.92 37.45 -4.47
CA SER C 53 38.60 37.49 -3.88
C SER C 53 38.49 38.61 -2.86
N ASP C 54 37.34 39.26 -2.81
CA ASP C 54 37.09 40.33 -1.85
C ASP C 54 35.70 40.28 -1.25
N SER C 55 34.90 39.25 -1.56
CA SER C 55 33.52 39.16 -1.10
C SER C 55 33.43 38.21 0.08
N GLU C 56 32.82 38.67 1.17
CA GLU C 56 32.76 37.87 2.39
C GLU C 56 32.06 36.54 2.13
N GLN C 57 31.03 36.54 1.29
CA GLN C 57 30.35 35.30 0.96
C GLN C 57 31.27 34.32 0.26
N TRP C 58 32.13 34.81 -0.63
CA TRP C 58 33.07 33.92 -1.29
C TRP C 58 34.07 33.34 -0.29
N LYS C 59 34.52 34.13 0.67
CA LYS C 59 35.39 33.57 1.69
C LYS C 59 34.66 32.54 2.53
N VAL C 60 33.36 32.76 2.78
CA VAL C 60 32.57 31.74 3.47
C VAL C 60 32.55 30.45 2.67
N LEU C 61 32.30 30.56 1.36
CA LEU C 61 32.24 29.36 0.53
C LEU C 61 33.59 28.67 0.45
N VAL C 62 34.68 29.43 0.37
CA VAL C 62 35.99 28.80 0.32
C VAL C 62 36.32 28.12 1.63
N GLU C 63 36.06 28.79 2.75
CA GLU C 63 36.21 28.15 4.06
C GLU C 63 35.43 26.85 4.10
N GLU C 64 34.19 26.87 3.60
CA GLU C 64 33.33 25.70 3.71
C GLU C 64 33.82 24.57 2.82
N ILE C 65 34.27 24.88 1.60
CA ILE C 65 34.78 23.81 0.75
C ILE C 65 36.09 23.27 1.30
N GLN C 66 36.92 24.14 1.87
CA GLN C 66 38.15 23.64 2.48
C GLN C 66 37.84 22.68 3.62
N LYS C 67 36.92 23.06 4.51
CA LYS C 67 36.60 22.20 5.64
C LYS C 67 35.93 20.92 5.19
N THR C 68 35.04 20.99 4.20
CA THR C 68 34.39 19.79 3.69
C THR C 68 35.41 18.86 3.03
N VAL C 69 36.35 19.43 2.26
CA VAL C 69 37.37 18.62 1.60
C VAL C 69 38.25 17.92 2.62
N HIS C 70 38.68 18.66 3.65
CA HIS C 70 39.54 18.05 4.65
C HIS C 70 38.77 17.05 5.51
N THR C 71 37.50 17.32 5.79
CA THR C 71 36.66 16.35 6.50
C THR C 71 36.53 15.06 5.70
N ALA C 72 36.29 15.18 4.39
CA ALA C 72 36.18 13.99 3.55
C ALA C 72 37.51 13.24 3.49
N GLU C 73 38.62 13.97 3.48
CA GLU C 73 39.93 13.32 3.50
C GLU C 73 40.15 12.56 4.80
N ASP C 74 39.77 13.15 5.94
CA ASP C 74 39.88 12.42 7.19
C ASP C 74 39.02 11.16 7.16
N ALA C 75 37.79 11.28 6.66
CA ALA C 75 36.91 10.11 6.61
C ALA C 75 37.49 9.02 5.72
N VAL C 76 38.02 9.39 4.56
CA VAL C 76 38.57 8.40 3.64
C VAL C 76 39.77 7.70 4.28
N ASP C 77 40.66 8.46 4.88
CA ASP C 77 41.84 7.85 5.51
C ASP C 77 41.43 6.97 6.69
N LYS C 78 40.43 7.40 7.46
CA LYS C 78 39.94 6.55 8.55
C LYS C 78 39.39 5.24 8.00
N PHE C 79 38.63 5.30 6.92
CA PHE C 79 38.03 4.08 6.37
C PHE C 79 39.11 3.13 5.87
N VAL C 80 40.10 3.64 5.12
CA VAL C 80 41.13 2.73 4.61
C VAL C 80 41.99 2.19 5.75
N VAL C 81 42.24 3.01 6.78
CA VAL C 81 43.00 2.53 7.93
C VAL C 81 42.22 1.43 8.64
N GLN C 82 40.89 1.57 8.75
CA GLN C 82 40.09 0.54 9.37
C GLN C 82 40.12 -0.75 8.54
N ALA C 83 40.08 -0.62 7.21
CA ALA C 83 40.20 -1.79 6.36
C ALA C 83 41.54 -2.49 6.56
N LYS C 84 42.62 -1.71 6.64
CA LYS C 84 43.94 -2.30 6.88
C LYS C 84 43.99 -2.98 8.25
N LEU C 85 43.36 -2.36 9.25
CA LEU C 85 43.31 -2.98 10.57
C LEU C 85 42.58 -4.33 10.51
N HIS C 86 41.45 -4.38 9.81
CA HIS C 86 40.74 -5.63 9.65
C HIS C 86 41.60 -6.68 8.98
N LYS C 87 42.25 -6.32 7.87
CA LYS C 87 43.10 -7.28 7.18
C LYS C 87 44.27 -7.72 8.04
N GLU C 88 44.74 -6.86 8.94
CA GLU C 88 45.84 -7.23 9.82
C GLU C 88 45.42 -8.24 10.88
N LYS C 89 44.13 -8.31 11.21
CA LYS C 89 43.63 -9.31 12.13
C LYS C 89 43.55 -10.67 11.43
N ASN C 90 43.68 -11.72 12.24
CA ASN C 90 43.56 -13.07 11.69
C ASN C 90 42.12 -13.34 11.25
N LYS C 91 41.95 -14.41 10.48
CA LYS C 91 40.65 -14.71 9.91
C LYS C 91 39.60 -14.89 11.00
N MET C 92 39.96 -15.60 12.07
CA MET C 92 39.02 -15.80 13.17
C MET C 92 38.61 -14.46 13.79
N ALA C 93 39.58 -13.61 14.11
CA ALA C 93 39.22 -12.31 14.68
C ALA C 93 38.54 -11.42 13.65
N ARG C 94 38.89 -11.58 12.38
CA ARG C 94 38.22 -10.82 11.33
C ARG C 94 36.73 -11.11 11.31
N ILE C 95 36.38 -12.40 11.26
CA ILE C 95 34.96 -12.78 11.19
C ILE C 95 34.26 -12.49 12.50
N LEU C 96 34.94 -12.77 13.62
CA LEU C 96 34.29 -12.76 14.93
C LEU C 96 34.05 -11.36 15.46
N ASP C 97 34.93 -10.41 15.17
CA ASP C 97 34.87 -9.09 15.78
C ASP C 97 33.58 -8.37 15.38
N VAL C 98 32.79 -7.97 16.37
CA VAL C 98 31.53 -7.26 16.11
C VAL C 98 31.69 -5.76 16.34
N GLY C 99 32.50 -5.34 17.30
CA GLY C 99 32.82 -3.92 17.38
C GLY C 99 33.41 -3.41 16.09
N HIS C 100 34.13 -4.27 15.38
CA HIS C 100 34.69 -3.88 14.08
C HIS C 100 33.59 -3.57 13.09
N LEU C 101 32.55 -4.41 13.00
CA LEU C 101 31.45 -4.11 12.08
C LEU C 101 30.73 -2.84 12.53
N ALA C 102 30.50 -2.69 13.83
CA ALA C 102 29.89 -1.45 14.32
C ALA C 102 30.63 -0.24 13.76
N THR C 103 31.94 -0.16 14.04
CA THR C 103 32.72 1.00 13.63
C THR C 103 32.78 1.13 12.10
N VAL C 104 32.96 0.00 11.40
CA VAL C 104 33.05 0.05 9.94
C VAL C 104 31.81 0.68 9.35
N ARG C 105 30.64 0.25 9.82
CA ARG C 105 29.40 0.75 9.22
C ARG C 105 29.06 2.16 9.70
N ASN C 106 29.48 2.55 10.91
CA ASN C 106 29.38 3.96 11.25
C ASN C 106 30.24 4.81 10.32
N LEU C 107 31.45 4.34 10.00
CA LEU C 107 32.31 5.06 9.09
C LEU C 107 31.69 5.14 7.70
N ALA C 108 31.07 4.06 7.24
CA ALA C 108 30.40 4.08 5.95
C ALA C 108 29.24 5.06 5.94
N ALA C 109 28.50 5.12 7.05
CA ALA C 109 27.41 6.09 7.14
C ALA C 109 27.95 7.52 7.06
N GLU C 110 29.05 7.79 7.78
CA GLU C 110 29.64 9.13 7.73
C GLU C 110 30.13 9.46 6.32
N VAL C 111 30.76 8.50 5.64
CA VAL C 111 31.24 8.73 4.29
C VAL C 111 30.08 9.00 3.36
N LYS C 112 28.99 8.24 3.49
CA LYS C 112 27.81 8.47 2.68
C LYS C 112 27.26 9.89 2.92
N GLY C 113 27.18 10.29 4.18
CA GLY C 113 26.69 11.62 4.49
C GLY C 113 27.54 12.71 3.87
N ILE C 114 28.86 12.58 3.99
CA ILE C 114 29.74 13.61 3.44
C ILE C 114 29.72 13.56 1.91
N HIS C 115 29.54 12.39 1.31
CA HIS C 115 29.43 12.34 -0.15
C HIS C 115 28.19 13.07 -0.62
N ASP C 116 27.06 12.88 0.06
CA ASP C 116 25.87 13.65 -0.30
C ASP C 116 26.11 15.13 -0.05
N GLN C 117 26.85 15.46 1.01
CA GLN C 117 27.19 16.85 1.28
C GLN C 117 27.97 17.46 0.11
N VAL C 118 28.92 16.71 -0.44
CA VAL C 118 29.70 17.22 -1.56
C VAL C 118 28.84 17.32 -2.82
N LYS C 119 27.96 16.34 -3.04
CA LYS C 119 27.08 16.40 -4.19
C LYS C 119 26.22 17.66 -4.15
N GLU C 120 25.63 17.95 -3.00
CA GLU C 120 24.81 19.15 -2.87
C GLU C 120 25.66 20.41 -2.87
N LEU C 121 26.92 20.33 -2.39
CA LEU C 121 27.81 21.48 -2.48
C LEU C 121 28.04 21.86 -3.93
N ARG C 122 28.27 20.86 -4.79
CA ARG C 122 28.45 21.15 -6.20
C ARG C 122 27.15 21.66 -6.82
N LEU C 123 26.05 20.94 -6.59
CA LEU C 123 24.81 21.27 -7.31
C LEU C 123 24.26 22.63 -6.89
N ASN C 124 24.23 22.91 -5.60
CA ASN C 124 23.59 24.13 -5.12
C ASN C 124 24.35 25.38 -5.55
N ASN C 125 25.67 25.33 -5.54
CA ASN C 125 26.51 26.52 -5.70
C ASN C 125 26.97 26.62 -7.15
N GLN C 126 26.53 27.68 -7.83
CA GLN C 126 26.92 27.91 -9.22
C GLN C 126 28.42 28.12 -9.32
N ALA C 127 29.06 28.63 -8.27
CA ALA C 127 30.46 29.01 -8.34
C ALA C 127 31.34 27.86 -8.83
N LEU C 128 30.94 26.63 -8.54
CA LEU C 128 31.80 25.47 -8.77
C LEU C 128 31.78 24.96 -10.21
N GLN C 129 30.90 25.50 -11.06
CA GLN C 129 30.75 24.93 -12.39
C GLN C 129 32.06 25.00 -13.17
N ALA C 130 32.34 23.94 -13.93
CA ALA C 130 33.60 23.87 -14.68
C ALA C 130 33.67 24.99 -15.71
N ARG C 131 34.87 25.56 -15.87
CA ARG C 131 35.12 26.61 -16.83
C ARG C 131 36.39 26.31 -17.60
N PRO C 132 36.45 26.65 -18.89
CA PRO C 132 37.63 26.28 -19.69
C PRO C 132 38.91 26.96 -19.24
N THR C 133 38.93 28.29 -19.27
CA THR C 133 40.07 29.08 -18.80
C THR C 133 39.48 30.29 -18.10
N LEU C 134 39.18 30.15 -16.81
CA LEU C 134 38.59 31.27 -16.07
C LEU C 134 38.97 31.11 -14.60
N GLU C 135 40.04 31.79 -14.21
CA GLU C 135 40.32 32.14 -12.82
C GLU C 135 40.48 33.65 -12.86
N LEU C 136 39.36 34.35 -12.81
CA LEU C 136 39.29 35.74 -13.24
C LEU C 136 40.29 36.60 -12.49
N PRO C 137 41.38 37.03 -13.14
CA PRO C 137 42.35 37.91 -12.46
C PRO C 137 41.91 39.37 -12.47
N GLN C 146 54.08 51.90 -8.13
CA GLN C 146 54.50 53.30 -8.10
C GLN C 146 55.37 53.57 -6.88
N GLN C 147 56.47 54.28 -7.10
CA GLN C 147 57.50 54.45 -6.07
C GLN C 147 57.04 55.49 -5.05
N GLY C 148 57.93 55.81 -4.11
CA GLY C 148 57.66 56.80 -3.10
C GLY C 148 58.11 58.19 -3.53
N PRO C 149 58.26 59.09 -2.56
CA PRO C 149 58.68 60.46 -2.89
C PRO C 149 60.01 60.53 -3.62
N ALA C 150 61.05 59.93 -3.02
CA ALA C 150 62.44 59.97 -3.48
C ALA C 150 63.27 60.81 -2.52
N LEU C 151 64.22 60.17 -1.83
CA LEU C 151 65.00 60.85 -0.81
C LEU C 151 66.10 61.69 -1.43
N GLU C 152 66.82 62.40 -0.57
CA GLU C 152 68.12 62.99 -0.88
C GLU C 152 69.16 62.36 0.05
N ASP C 153 70.42 62.72 -0.16
CA ASP C 153 71.49 62.03 0.54
C ASP C 153 71.32 62.07 2.05
N ASP C 154 70.71 63.14 2.58
CA ASP C 154 70.54 63.22 4.03
C ASP C 154 69.62 62.12 4.54
N GLU C 155 68.59 61.77 3.78
CA GLU C 155 67.58 60.81 4.21
C GLU C 155 67.98 59.36 3.96
N VAL C 156 69.10 59.12 3.29
CA VAL C 156 69.62 57.77 3.11
C VAL C 156 70.55 57.47 4.27
N VAL C 157 70.38 56.29 4.88
CA VAL C 157 70.99 55.96 6.16
C VAL C 157 71.89 54.75 5.97
N GLY C 158 73.14 54.88 6.42
CA GLY C 158 74.04 53.75 6.48
C GLY C 158 74.44 53.17 5.14
N PHE C 159 74.05 53.80 4.04
CA PHE C 159 74.45 53.35 2.71
C PHE C 159 75.65 54.11 2.17
N ASP C 160 76.20 55.06 2.95
CA ASP C 160 77.35 55.82 2.48
C ASP C 160 78.49 54.89 2.11
N GLU C 161 78.88 53.99 3.03
CA GLU C 161 79.93 53.04 2.72
C GLU C 161 79.50 52.09 1.62
N GLU C 162 78.22 51.68 1.62
CA GLU C 162 77.73 50.80 0.56
C GLU C 162 77.76 51.50 -0.79
N ALA C 163 77.28 52.74 -0.85
CA ALA C 163 77.31 53.48 -2.10
C ALA C 163 78.75 53.65 -2.59
N ASN C 164 79.66 53.98 -1.68
CA ASN C 164 81.08 54.08 -2.03
C ASN C 164 81.54 52.77 -2.65
N LYS C 165 81.49 51.68 -1.86
CA LYS C 165 81.90 50.37 -2.35
C LYS C 165 81.35 50.07 -3.74
N VAL C 166 80.06 50.32 -3.95
CA VAL C 166 79.45 50.00 -5.24
C VAL C 166 80.05 50.86 -6.35
N ILE C 167 80.22 52.16 -6.09
CA ILE C 167 80.78 53.04 -7.11
C ILE C 167 82.23 52.64 -7.43
N ASN C 168 82.99 52.30 -6.40
CA ASN C 168 84.37 51.84 -6.60
C ASN C 168 84.41 50.58 -7.43
N ARG C 169 83.51 49.63 -7.15
CA ARG C 169 83.38 48.45 -7.99
C ARG C 169 83.06 48.86 -9.43
N LEU C 170 82.22 49.87 -9.58
CA LEU C 170 81.82 50.33 -10.92
C LEU C 170 83.00 50.87 -11.71
N VAL C 171 83.75 51.80 -11.11
CA VAL C 171 84.64 52.66 -11.88
C VAL C 171 86.00 52.04 -12.17
N LYS C 172 86.28 50.83 -11.67
CA LYS C 172 87.52 50.17 -12.01
C LYS C 172 87.64 50.08 -13.52
N GLU C 173 88.78 50.53 -14.04
CA GLU C 173 88.98 50.55 -15.48
C GLU C 173 89.14 49.12 -16.00
N SER C 174 88.40 48.81 -17.06
CA SER C 174 88.42 47.47 -17.66
C SER C 174 87.85 47.54 -19.07
N LYS C 175 88.62 47.07 -20.06
CA LYS C 175 88.19 47.19 -21.44
C LYS C 175 86.80 46.61 -21.65
N ASP C 176 86.50 45.50 -20.97
CA ASP C 176 85.25 44.80 -21.18
C ASP C 176 84.08 45.51 -20.50
N LEU C 177 82.88 45.17 -20.94
CA LEU C 177 81.65 45.67 -20.32
C LEU C 177 81.35 44.80 -19.11
N ASP C 178 81.54 45.36 -17.91
CA ASP C 178 81.28 44.65 -16.67
C ASP C 178 80.05 45.23 -16.00
N ILE C 179 79.37 44.40 -15.23
CA ILE C 179 78.10 44.75 -14.61
C ILE C 179 78.28 44.72 -13.10
N ILE C 180 77.50 45.56 -12.40
CA ILE C 180 77.54 45.63 -10.94
C ILE C 180 76.10 45.53 -10.42
N PRO C 181 75.62 44.33 -10.08
CA PRO C 181 74.24 44.18 -9.63
C PRO C 181 74.08 44.31 -8.12
N VAL C 182 72.91 44.81 -7.73
CA VAL C 182 72.52 44.94 -6.34
C VAL C 182 71.30 44.06 -6.11
N VAL C 183 71.42 43.12 -5.17
CA VAL C 183 70.43 42.07 -4.96
C VAL C 183 70.12 41.96 -3.48
N GLY C 184 68.93 41.47 -3.17
CA GLY C 184 68.52 41.31 -1.78
C GLY C 184 67.12 40.75 -1.67
N MET C 185 66.39 41.23 -0.68
CA MET C 185 65.03 40.80 -0.40
C MET C 185 64.05 41.92 -0.72
N PRO C 186 62.76 41.62 -0.77
CA PRO C 186 61.76 42.66 -1.05
C PRO C 186 61.86 43.81 -0.06
N GLY C 187 61.75 45.02 -0.58
CA GLY C 187 61.79 46.19 0.27
C GLY C 187 63.06 46.33 1.07
N LEU C 188 64.18 45.83 0.55
CA LEU C 188 65.44 45.94 1.30
C LEU C 188 66.11 47.29 1.14
N GLY C 189 65.66 48.11 0.19
CA GLY C 189 66.25 49.41 -0.05
C GLY C 189 67.18 49.50 -1.24
N LYS C 190 67.25 48.47 -2.07
CA LYS C 190 68.19 48.46 -3.19
C LYS C 190 68.00 49.67 -4.09
N THR C 191 66.77 49.92 -4.52
CA THR C 191 66.54 51.06 -5.41
C THR C 191 67.04 52.35 -4.77
N THR C 192 66.98 52.46 -3.44
CA THR C 192 67.53 53.66 -2.80
C THR C 192 69.05 53.70 -2.90
N LEU C 193 69.72 52.55 -2.77
CA LEU C 193 71.16 52.53 -2.98
C LEU C 193 71.50 52.98 -4.40
N ALA C 194 70.77 52.47 -5.38
CA ALA C 194 71.02 52.88 -6.76
C ALA C 194 70.74 54.36 -6.96
N ARG C 195 69.66 54.88 -6.40
CA ARG C 195 69.35 56.30 -6.52
C ARG C 195 70.47 57.14 -5.91
N LYS C 196 70.97 56.73 -4.73
CA LYS C 196 72.15 57.39 -4.19
C LYS C 196 73.30 57.35 -5.20
N ILE C 197 73.74 56.15 -5.55
CA ILE C 197 74.80 55.95 -6.54
C ILE C 197 74.53 56.85 -7.73
N TYR C 198 73.27 56.91 -8.16
CA TYR C 198 72.89 57.69 -9.33
C TYR C 198 73.09 59.18 -9.14
N LYS C 199 73.31 59.64 -7.90
CA LYS C 199 73.45 61.06 -7.61
C LYS C 199 74.84 61.45 -7.12
N ASP C 200 75.80 60.52 -7.07
CA ASP C 200 77.15 60.88 -6.65
C ASP C 200 77.84 61.68 -7.74
N PRO C 201 78.46 62.83 -7.42
CA PRO C 201 79.27 63.52 -8.43
C PRO C 201 80.43 62.69 -8.94
N LYS C 202 80.91 61.73 -8.14
CA LYS C 202 81.97 60.85 -8.61
C LYS C 202 81.57 60.13 -9.89
N LEU C 203 80.30 59.69 -9.94
CA LEU C 203 79.81 59.03 -11.14
C LEU C 203 79.86 59.98 -12.34
N SER C 204 79.51 61.24 -12.12
CA SER C 204 79.65 62.23 -13.18
C SER C 204 81.10 62.37 -13.62
N TYR C 205 82.03 62.36 -12.67
CA TYR C 205 83.44 62.48 -13.02
C TYR C 205 83.90 61.31 -13.89
N GLU C 206 83.47 60.10 -13.53
CA GLU C 206 83.97 58.90 -14.20
C GLU C 206 83.19 58.54 -15.46
N PHE C 207 81.99 59.09 -15.65
CA PHE C 207 81.15 58.72 -16.80
C PHE C 207 80.53 59.96 -17.39
N PHE C 208 80.55 60.03 -18.73
CA PHE C 208 79.96 61.18 -19.42
C PHE C 208 78.46 61.26 -19.15
N GLY C 209 77.75 60.17 -19.39
CA GLY C 209 76.32 60.15 -19.23
C GLY C 209 75.81 58.93 -18.49
N VAL C 210 75.17 59.15 -17.34
CA VAL C 210 74.56 58.09 -16.55
C VAL C 210 73.06 58.21 -16.71
N HIS C 211 72.44 57.16 -17.23
CA HIS C 211 70.99 57.12 -17.41
C HIS C 211 70.38 56.04 -16.54
N TRP C 212 69.10 56.22 -16.22
CA TRP C 212 68.38 55.36 -15.29
C TRP C 212 67.19 54.74 -16.01
N VAL C 213 66.91 53.48 -15.69
CA VAL C 213 65.79 52.76 -16.30
C VAL C 213 65.17 51.84 -15.26
N TYR C 214 63.84 51.72 -15.31
CA TYR C 214 63.08 50.85 -14.44
C TYR C 214 62.40 49.80 -15.31
N VAL C 215 62.53 48.53 -14.92
CA VAL C 215 61.94 47.41 -15.65
C VAL C 215 60.86 46.72 -14.81
N GLY C 216 61.17 46.38 -13.56
CA GLY C 216 60.26 45.59 -12.76
C GLY C 216 59.99 44.23 -13.35
N GLN C 217 59.13 43.44 -12.70
CA GLN C 217 58.80 42.12 -13.23
C GLN C 217 58.17 42.23 -14.61
N SER C 218 57.24 43.15 -14.79
CA SER C 218 56.50 43.32 -16.04
C SER C 218 57.05 44.51 -16.80
N TYR C 219 57.39 44.29 -18.06
CA TYR C 219 58.03 45.32 -18.87
C TYR C 219 57.91 44.92 -20.34
N LYS C 220 58.25 45.87 -21.20
CA LYS C 220 58.46 45.61 -22.61
C LYS C 220 59.78 46.22 -23.02
N ILE C 221 60.56 45.50 -23.81
CA ILE C 221 61.90 45.96 -24.17
C ILE C 221 61.81 47.31 -24.88
N LYS C 222 60.91 47.42 -25.86
CA LYS C 222 60.82 48.65 -26.65
C LYS C 222 60.62 49.86 -25.75
N ASP C 223 59.84 49.70 -24.68
CA ASP C 223 59.73 50.77 -23.70
C ASP C 223 61.11 51.09 -23.12
N VAL C 224 61.87 50.06 -22.76
CA VAL C 224 63.20 50.30 -22.21
C VAL C 224 64.08 50.97 -23.26
N PHE C 225 64.14 50.40 -24.45
CA PHE C 225 65.04 50.93 -25.48
C PHE C 225 64.67 52.36 -25.84
N LEU C 226 63.38 52.65 -25.97
CA LEU C 226 62.97 54.03 -26.25
C LEU C 226 63.39 54.97 -25.13
N ASN C 227 63.22 54.56 -23.88
CA ASN C 227 63.59 55.43 -22.77
C ASN C 227 65.09 55.69 -22.74
N ILE C 228 65.89 54.66 -23.04
CA ILE C 228 67.34 54.86 -23.08
C ILE C 228 67.73 55.77 -24.25
N LEU C 229 67.06 55.62 -25.39
CA LEU C 229 67.32 56.50 -26.52
C LEU C 229 66.95 57.94 -26.21
N LYS C 230 65.93 58.16 -25.38
CA LYS C 230 65.57 59.52 -24.99
C LYS C 230 66.76 60.25 -24.38
N PHE C 231 67.56 59.55 -23.57
CA PHE C 231 68.70 60.21 -22.95
C PHE C 231 69.69 60.68 -23.99
N PHE C 232 69.96 59.85 -25.00
CA PHE C 232 70.96 60.18 -26.00
C PHE C 232 70.44 61.07 -27.11
N THR C 233 69.14 61.33 -27.14
CA THR C 233 68.57 62.25 -28.12
C THR C 233 67.10 62.47 -27.76
N ARG C 234 66.63 63.68 -28.04
CA ARG C 234 65.25 64.06 -27.74
C ARG C 234 64.30 63.74 -28.88
N ARG C 235 64.78 63.07 -29.93
CA ARG C 235 63.98 62.77 -31.12
C ARG C 235 63.65 61.28 -31.19
N THR C 236 63.33 60.68 -30.04
CA THR C 236 62.86 59.29 -30.05
C THR C 236 61.62 59.14 -30.93
N GLU C 237 60.86 60.22 -31.09
CA GLU C 237 59.72 60.19 -32.00
C GLU C 237 60.13 59.78 -33.41
N ASP C 238 61.36 60.10 -33.80
CA ASP C 238 61.84 59.71 -35.11
C ASP C 238 62.21 58.23 -35.18
N TYR C 239 62.68 57.67 -34.06
CA TYR C 239 63.12 56.28 -34.01
C TYR C 239 62.09 55.35 -33.40
N GLN C 240 60.86 55.82 -33.18
CA GLN C 240 59.81 54.96 -32.63
C GLN C 240 59.45 53.84 -33.58
N HIS C 241 59.81 53.94 -34.86
CA HIS C 241 59.48 52.94 -35.86
C HIS C 241 60.64 51.98 -36.13
N GLU C 242 61.76 52.13 -35.45
CA GLU C 242 62.91 51.28 -35.69
C GLU C 242 62.78 49.96 -34.91
N ASP C 243 63.21 48.88 -35.55
CA ASP C 243 63.13 47.56 -34.93
C ASP C 243 64.10 47.48 -33.75
N VAL C 244 64.01 46.37 -33.02
CA VAL C 244 64.82 46.20 -31.81
C VAL C 244 66.29 46.28 -32.16
N ASP C 245 66.72 45.59 -33.22
CA ASP C 245 68.13 45.61 -33.58
C ASP C 245 68.56 46.96 -34.16
N ALA C 246 67.69 47.60 -34.93
CA ALA C 246 68.00 48.94 -35.40
C ALA C 246 68.16 49.90 -34.24
N LEU C 247 67.29 49.79 -33.23
CA LEU C 247 67.42 50.62 -32.04
C LEU C 247 68.71 50.29 -31.30
N ALA C 248 69.09 49.01 -31.25
CA ALA C 248 70.33 48.64 -30.60
C ALA C 248 71.53 49.29 -31.29
N LYS C 249 71.54 49.26 -32.62
CA LYS C 249 72.64 49.88 -33.36
C LYS C 249 72.66 51.39 -33.15
N VAL C 250 71.48 52.02 -33.16
CA VAL C 250 71.40 53.46 -32.95
C VAL C 250 71.97 53.82 -31.59
N ILE C 251 71.60 53.05 -30.56
CA ILE C 251 72.08 53.33 -29.22
C ILE C 251 73.58 53.07 -29.13
N ALA C 252 74.07 52.05 -29.82
CA ALA C 252 75.52 51.80 -29.82
C ALA C 252 76.26 53.00 -30.39
N GLY C 253 75.76 53.56 -31.50
CA GLY C 253 76.38 54.75 -32.06
C GLY C 253 76.30 55.94 -31.12
N PHE C 254 75.14 56.14 -30.50
CA PHE C 254 74.99 57.26 -29.56
C PHE C 254 75.97 57.12 -28.41
N ILE C 255 76.13 55.91 -27.88
CA ILE C 255 77.06 55.68 -26.78
C ILE C 255 78.49 55.93 -27.25
N ASN C 256 78.85 55.43 -28.43
CA ASN C 256 80.18 55.69 -28.97
C ASN C 256 80.46 57.19 -28.98
N LYS C 257 79.50 57.98 -29.47
CA LYS C 257 79.69 59.42 -29.47
C LYS C 257 79.80 59.97 -28.06
N GLY C 258 78.97 59.47 -27.14
CA GLY C 258 78.93 60.05 -25.80
C GLY C 258 80.20 59.79 -25.00
N GLY C 259 80.67 58.55 -25.00
CA GLY C 259 81.79 58.15 -24.18
C GLY C 259 81.39 57.09 -23.16
N ARG C 260 82.21 56.99 -22.11
CA ARG C 260 81.94 56.02 -21.05
C ARG C 260 80.57 56.26 -20.46
N CYS C 261 79.79 55.19 -20.30
CA CYS C 261 78.42 55.27 -19.83
C CYS C 261 78.16 54.20 -18.79
N LEU C 262 77.39 54.55 -17.76
CA LEU C 262 76.85 53.59 -16.82
C LEU C 262 75.34 53.68 -16.87
N ILE C 263 74.68 52.53 -17.00
CA ILE C 263 73.23 52.46 -17.09
C ILE C 263 72.71 51.80 -15.82
N CYS C 264 71.82 52.50 -15.13
CA CYS C 264 71.17 51.97 -13.93
C CYS C 264 69.90 51.25 -14.35
N LEU C 265 69.72 50.02 -13.87
CA LEU C 265 68.55 49.21 -14.18
C LEU C 265 67.85 48.85 -12.87
N ASP C 266 66.54 49.06 -12.82
CA ASP C 266 65.79 48.97 -11.58
C ASP C 266 64.92 47.71 -11.59
N ASP C 267 65.21 46.78 -10.68
CA ASP C 267 64.39 45.60 -10.44
C ASP C 267 64.22 44.77 -11.71
N VAL C 268 65.36 44.25 -12.17
CA VAL C 268 65.37 43.33 -13.31
C VAL C 268 65.38 41.91 -12.75
N TRP C 269 64.50 41.05 -13.27
CA TRP C 269 64.42 39.68 -12.78
C TRP C 269 64.74 38.61 -13.81
N GLU C 270 64.86 38.94 -15.10
CA GLU C 270 65.00 37.94 -16.15
C GLU C 270 66.30 38.11 -16.93
N THR C 271 66.96 36.96 -17.20
CA THR C 271 68.25 36.96 -17.87
C THR C 271 68.15 37.51 -19.28
N LYS C 272 67.03 37.26 -19.96
CA LYS C 272 66.85 37.77 -21.32
C LYS C 272 67.09 39.27 -21.36
N VAL C 273 66.72 39.98 -20.28
CA VAL C 273 66.91 41.42 -20.25
C VAL C 273 68.39 41.76 -20.25
N ILE C 274 69.21 41.01 -19.50
CA ILE C 274 70.65 41.25 -19.51
C ILE C 274 71.21 40.98 -20.89
N ASP C 275 70.79 39.89 -21.53
CA ASP C 275 71.28 39.60 -22.86
C ASP C 275 70.85 40.65 -23.88
N TYR C 276 69.71 41.30 -23.63
CA TYR C 276 69.30 42.41 -24.48
C TYR C 276 70.11 43.67 -24.23
N VAL C 277 70.39 43.98 -22.97
CA VAL C 277 71.10 45.20 -22.63
C VAL C 277 72.58 45.13 -23.02
N LYS C 278 73.19 43.95 -22.98
CA LYS C 278 74.58 43.86 -23.43
C LYS C 278 74.73 44.39 -24.85
N THR C 279 73.68 44.27 -25.66
CA THR C 279 73.78 44.63 -27.08
C THR C 279 73.97 46.13 -27.25
N ILE C 280 73.20 46.94 -26.52
CA ILE C 280 73.17 48.37 -26.80
C ILE C 280 74.55 48.97 -26.64
N PHE C 281 75.40 48.37 -25.81
CA PHE C 281 76.71 48.93 -25.54
C PHE C 281 77.67 48.63 -26.69
N PRO C 282 78.27 49.63 -27.31
CA PRO C 282 79.21 49.37 -28.40
C PRO C 282 80.53 48.80 -27.90
N GLU C 283 81.25 48.15 -28.81
CA GLU C 283 82.55 47.56 -28.50
C GLU C 283 83.66 48.58 -28.79
N ASN C 284 83.73 49.58 -27.91
CA ASN C 284 84.78 50.59 -27.97
C ASN C 284 85.81 50.41 -26.85
N GLU C 285 85.76 49.27 -26.16
CA GLU C 285 86.76 48.93 -25.16
C GLU C 285 87.02 50.07 -24.18
N LYS C 286 85.98 50.84 -23.87
CA LYS C 286 86.06 51.91 -22.90
C LYS C 286 85.57 51.52 -21.52
N GLY C 287 85.22 50.26 -21.32
CA GLY C 287 84.81 49.78 -20.00
C GLY C 287 83.50 50.36 -19.51
N HIS C 288 82.49 50.42 -20.35
CA HIS C 288 81.17 50.85 -19.90
C HIS C 288 80.67 49.90 -18.81
N ARG C 289 79.61 50.32 -18.12
CA ARG C 289 79.08 49.57 -17.00
C ARG C 289 77.56 49.58 -17.06
N VAL C 290 76.96 48.57 -16.43
CA VAL C 290 75.51 48.50 -16.23
C VAL C 290 75.28 48.16 -14.77
N MET C 291 74.47 48.97 -14.10
CA MET C 291 74.04 48.69 -12.74
C MET C 291 72.59 48.22 -12.78
N MET C 292 72.33 47.07 -12.18
CA MET C 292 71.01 46.44 -12.26
C MET C 292 70.61 45.90 -10.89
N THR C 293 69.43 46.28 -10.44
CA THR C 293 68.86 45.74 -9.21
C THR C 293 67.96 44.56 -9.54
N THR C 294 68.12 43.49 -8.76
CA THR C 294 67.45 42.23 -9.04
C THR C 294 67.14 41.44 -7.77
N ARG C 295 65.89 40.99 -7.65
CA ARG C 295 65.47 40.20 -6.50
C ARG C 295 65.77 38.73 -6.65
N ASN C 296 66.66 38.36 -7.56
CA ASN C 296 67.00 36.97 -7.84
C ASN C 296 68.51 36.83 -7.79
N LYS C 297 69.01 36.18 -6.73
CA LYS C 297 70.46 36.10 -6.53
C LYS C 297 71.15 35.46 -7.73
N VAL C 298 70.51 34.50 -8.39
CA VAL C 298 71.14 33.86 -9.55
C VAL C 298 71.31 34.86 -10.68
N LEU C 299 70.29 35.70 -10.92
CA LEU C 299 70.40 36.72 -11.94
C LEU C 299 71.54 37.68 -11.63
N ALA C 300 71.67 38.09 -10.38
CA ALA C 300 72.80 38.91 -9.99
C ALA C 300 74.11 38.19 -10.25
N THR C 301 74.16 36.89 -9.94
CA THR C 301 75.39 36.13 -10.14
C THR C 301 75.79 36.14 -11.61
N TYR C 302 74.83 35.98 -12.52
CA TYR C 302 75.17 36.04 -13.92
C TYR C 302 75.61 37.45 -14.31
N ALA C 303 74.87 38.47 -13.85
CA ALA C 303 75.21 39.84 -14.21
C ALA C 303 76.66 40.15 -13.84
N ASN C 304 77.04 39.84 -12.61
CA ASN C 304 78.43 39.94 -12.17
C ASN C 304 78.81 38.66 -11.46
N SER C 305 80.02 38.16 -11.73
CA SER C 305 80.49 36.92 -11.12
C SER C 305 80.65 37.04 -9.61
N ASP C 306 80.49 38.23 -9.05
CA ASP C 306 80.59 38.45 -7.60
C ASP C 306 79.53 39.46 -7.21
N PRO C 307 78.39 39.03 -6.69
CA PRO C 307 77.28 39.97 -6.48
C PRO C 307 77.61 41.02 -5.44
N HIS C 308 76.69 41.96 -5.24
CA HIS C 308 76.76 42.94 -4.16
C HIS C 308 75.50 42.76 -3.34
N ASP C 309 75.52 41.80 -2.44
CA ASP C 309 74.35 41.55 -1.59
C ASP C 309 74.15 42.75 -0.69
N LEU C 310 73.05 43.47 -0.92
CA LEU C 310 72.77 44.67 -0.15
C LEU C 310 72.93 44.39 1.33
N LYS C 311 73.68 45.26 2.01
CA LYS C 311 74.02 44.99 3.41
C LYS C 311 72.74 44.95 4.23
N PHE C 312 72.84 44.64 5.51
CA PHE C 312 71.71 44.64 6.41
C PHE C 312 71.82 45.82 7.35
N LEU C 313 70.80 46.67 7.38
CA LEU C 313 70.81 47.83 8.25
C LEU C 313 70.96 47.40 9.70
N THR C 314 71.86 48.05 10.43
CA THR C 314 72.03 47.78 11.84
C THR C 314 70.87 48.38 12.64
N PRO C 315 70.63 47.87 13.85
CA PRO C 315 69.47 48.38 14.61
C PRO C 315 69.51 49.88 14.85
N LYS C 316 70.68 50.46 15.10
CA LYS C 316 70.77 51.90 15.27
C LYS C 316 70.38 52.63 13.99
N GLU C 317 70.80 52.11 12.84
CA GLU C 317 70.39 52.70 11.57
C GLU C 317 68.88 52.59 11.39
N SER C 318 68.29 51.48 11.79
CA SER C 318 66.84 51.34 11.68
C SER C 318 66.12 52.34 12.58
N PHE C 319 66.62 52.53 13.80
CA PHE C 319 66.02 53.52 14.69
C PHE C 319 66.15 54.93 14.12
N GLU C 320 67.32 55.25 13.56
CA GLU C 320 67.49 56.55 12.93
C GLU C 320 66.52 56.72 11.77
N LEU C 321 66.32 55.67 10.98
CA LEU C 321 65.38 55.75 9.86
C LEU C 321 63.97 56.00 10.36
N LEU C 322 63.54 55.28 11.41
CA LEU C 322 62.20 55.52 11.92
C LEU C 322 62.07 56.94 12.45
N VAL C 323 63.10 57.44 13.13
CA VAL C 323 63.09 58.82 13.60
C VAL C 323 62.90 59.76 12.42
N LYS C 324 63.64 59.52 11.34
CA LYS C 324 63.50 60.36 10.15
C LYS C 324 62.08 60.28 9.59
N ARG C 325 61.53 59.07 9.52
CA ARG C 325 60.26 58.89 8.81
C ARG C 325 59.11 59.51 9.60
N VAL C 326 59.06 59.29 10.91
CA VAL C 326 57.98 59.88 11.70
C VAL C 326 58.23 61.35 11.95
N PHE C 327 59.36 61.67 12.60
CA PHE C 327 59.64 63.03 13.04
C PHE C 327 60.55 63.78 12.07
N GLY C 328 60.53 63.42 10.80
CA GLY C 328 61.27 64.16 9.80
C GLY C 328 62.70 64.45 10.23
N LYS C 329 62.99 65.73 10.50
CA LYS C 329 64.28 66.13 11.03
C LYS C 329 64.23 66.54 12.49
N LYS C 330 63.08 66.92 13.00
CA LYS C 330 62.97 67.22 14.42
C LYS C 330 63.24 65.95 15.23
N PRO C 331 63.99 66.04 16.33
CA PRO C 331 64.37 64.82 17.04
C PRO C 331 63.17 64.09 17.61
N CYS C 332 63.29 62.76 17.69
CA CYS C 332 62.27 61.97 18.35
C CYS C 332 62.20 62.38 19.82
N PRO C 333 61.01 62.52 20.40
CA PRO C 333 60.92 62.96 21.79
C PRO C 333 61.43 61.89 22.74
N LYS C 334 61.68 62.32 23.98
CA LYS C 334 62.47 61.51 24.90
C LYS C 334 61.79 60.17 25.21
N ASP C 335 60.52 60.20 25.61
CA ASP C 335 59.91 58.97 26.13
C ASP C 335 59.62 57.96 25.03
N LEU C 336 59.47 58.43 23.79
CA LEU C 336 59.24 57.50 22.69
C LEU C 336 60.48 56.70 22.32
N VAL C 337 61.64 57.05 22.86
CA VAL C 337 62.88 56.37 22.48
C VAL C 337 62.86 54.91 22.94
N GLY C 338 62.39 54.65 24.15
CA GLY C 338 62.28 53.28 24.61
C GLY C 338 61.42 52.47 23.66
N HIS C 339 60.18 52.91 23.50
CA HIS C 339 59.30 52.26 22.52
C HIS C 339 59.86 52.38 21.11
N GLY C 340 60.46 53.53 20.79
CA GLY C 340 61.08 53.69 19.48
C GLY C 340 62.21 52.71 19.26
N GLU C 341 63.06 52.52 20.26
CA GLU C 341 64.13 51.54 20.13
C GLU C 341 63.55 50.14 19.95
N SER C 342 62.51 49.81 20.70
CA SER C 342 61.90 48.49 20.57
C SER C 342 61.41 48.27 19.15
N ILE C 343 60.69 49.25 18.60
CA ILE C 343 60.13 49.08 17.25
C ILE C 343 61.25 49.03 16.23
N ALA C 344 62.32 49.79 16.43
CA ALA C 344 63.40 49.81 15.47
C ALA C 344 64.16 48.49 15.45
N GLY C 345 64.45 47.93 16.62
CA GLY C 345 65.27 46.75 16.68
C GLY C 345 64.54 45.46 16.38
N LYS C 346 63.22 45.52 16.19
CA LYS C 346 62.42 44.34 15.92
C LYS C 346 62.21 44.08 14.43
N CYS C 347 62.77 44.92 13.57
CA CYS C 347 62.48 44.85 12.14
C CYS C 347 63.47 43.98 11.38
N GLY C 348 64.41 43.33 12.07
CA GLY C 348 65.31 42.40 11.44
C GLY C 348 66.41 43.03 10.62
N GLY C 349 66.42 44.34 10.47
CA GLY C 349 67.46 45.00 9.70
C GLY C 349 67.13 45.20 8.23
N VAL C 350 65.91 45.62 7.92
CA VAL C 350 65.54 46.01 6.57
C VAL C 350 64.79 47.33 6.64
N PRO C 351 65.06 48.28 5.75
CA PRO C 351 64.45 49.60 5.88
C PRO C 351 62.95 49.60 5.69
N LEU C 352 62.41 48.75 4.81
CA LEU C 352 61.00 48.89 4.45
C LEU C 352 60.10 48.62 5.64
N ALA C 353 60.50 47.69 6.50
CA ALA C 353 59.75 47.46 7.74
C ALA C 353 59.65 48.73 8.57
N VAL C 354 60.79 49.34 8.84
CA VAL C 354 60.85 50.57 9.62
C VAL C 354 59.96 51.60 8.96
N VAL C 355 60.05 51.68 7.63
CA VAL C 355 59.29 52.68 6.89
C VAL C 355 57.80 52.47 7.08
N VAL C 356 57.33 51.24 6.92
CA VAL C 356 55.88 50.99 6.91
C VAL C 356 55.31 51.16 8.31
N ILE C 357 55.98 50.61 9.32
CA ILE C 357 55.45 50.78 10.67
C ILE C 357 55.55 52.24 11.11
N ALA C 358 56.58 52.95 10.64
CA ALA C 358 56.62 54.40 10.86
C ALA C 358 55.39 55.06 10.23
N GLY C 359 55.05 54.65 9.00
CA GLY C 359 53.85 55.16 8.38
C GLY C 359 52.64 54.96 9.26
N ALA C 360 52.51 53.76 9.84
CA ALA C 360 51.44 53.52 10.80
C ALA C 360 51.57 54.45 12.00
N LEU C 361 52.78 54.86 12.34
CA LEU C 361 53.06 55.70 13.49
C LEU C 361 53.05 57.19 13.19
N ARG C 362 52.74 57.59 11.96
CA ARG C 362 52.87 58.98 11.55
C ARG C 362 52.03 59.90 12.42
N GLY C 363 52.70 60.74 13.18
CA GLY C 363 52.00 61.68 14.05
C GLY C 363 51.11 61.00 15.06
N ARG C 364 51.68 60.10 15.86
CA ARG C 364 50.97 59.47 16.98
C ARG C 364 51.76 59.64 18.26
N PRO C 365 52.22 60.86 18.58
CA PRO C 365 53.10 61.04 19.74
C PRO C 365 52.45 60.69 21.07
N ASN C 366 51.19 60.28 21.06
CA ASN C 366 50.53 59.79 22.27
C ASN C 366 51.01 58.38 22.52
N THR C 367 51.83 58.20 23.56
CA THR C 367 52.57 56.96 23.73
C THR C 367 51.67 55.74 23.88
N SER C 368 50.39 55.95 24.21
CA SER C 368 49.44 54.84 24.17
C SER C 368 49.50 54.14 22.82
N ASP C 369 49.52 54.92 21.73
CA ASP C 369 49.56 54.31 20.42
C ASP C 369 50.95 53.75 20.09
N TRP C 370 52.02 54.38 20.55
CA TRP C 370 53.34 53.81 20.28
C TRP C 370 53.44 52.43 20.93
N ILE C 371 52.85 52.26 22.10
CA ILE C 371 52.82 50.94 22.72
C ILE C 371 51.87 50.01 21.97
N ARG C 372 50.73 50.53 21.53
CA ARG C 372 49.82 49.69 20.73
C ARG C 372 50.55 49.14 19.51
N VAL C 373 51.48 49.91 18.94
CA VAL C 373 52.19 49.43 17.76
C VAL C 373 53.43 48.63 18.10
N GLU C 374 54.01 48.80 19.29
CA GLU C 374 55.26 48.13 19.60
C GLU C 374 55.03 46.65 19.93
N ARG C 375 54.29 46.37 21.01
CA ARG C 375 54.34 45.05 21.63
C ARG C 375 54.15 43.93 20.62
N ASN C 376 53.63 44.23 19.43
CA ASN C 376 53.79 43.37 18.27
C ASN C 376 54.02 44.26 17.07
N VAL C 377 55.00 43.89 16.23
CA VAL C 377 55.38 44.69 15.08
C VAL C 377 55.22 43.93 13.78
N VAL C 378 55.59 42.65 13.75
CA VAL C 378 55.52 41.88 12.51
C VAL C 378 54.08 41.83 12.01
N GLN C 379 53.12 41.67 12.92
CA GLN C 379 51.72 41.69 12.53
C GLN C 379 51.33 43.03 11.91
N HIS C 380 51.84 44.12 12.46
CA HIS C 380 51.35 45.43 12.06
C HIS C 380 51.46 45.62 10.56
N LEU C 381 52.60 45.27 10.01
CA LEU C 381 52.72 45.28 8.57
C LEU C 381 51.65 44.36 7.99
N TYR C 382 51.26 44.62 6.74
CA TYR C 382 50.20 43.89 6.04
C TYR C 382 48.81 44.23 6.55
N THR C 383 48.59 45.47 7.01
CA THR C 383 47.25 45.92 7.41
C THR C 383 47.07 47.38 7.06
N ASN C 384 45.81 47.80 7.00
CA ASN C 384 45.43 49.17 6.67
C ASN C 384 45.67 49.46 5.20
N SER C 385 45.65 50.74 4.81
CA SER C 385 45.86 51.09 3.40
C SER C 385 47.32 50.90 3.02
N GLU C 386 48.24 51.39 3.84
CA GLU C 386 49.66 51.40 3.49
C GLU C 386 50.33 50.11 3.96
N GLU C 387 49.80 48.97 3.52
CA GLU C 387 50.28 47.66 3.95
C GLU C 387 51.36 47.16 3.00
N SER C 388 52.37 48.00 2.79
CA SER C 388 53.17 47.88 1.58
C SER C 388 53.94 46.56 1.52
N CYS C 389 54.32 45.99 2.66
CA CYS C 389 55.16 44.80 2.63
C CYS C 389 54.49 43.67 1.87
N LEU C 390 53.17 43.50 2.04
CA LEU C 390 52.49 42.36 1.46
C LEU C 390 52.69 42.30 -0.05
N LYS C 391 52.18 43.29 -0.77
CA LYS C 391 52.30 43.29 -2.22
C LYS C 391 53.76 43.29 -2.65
N PHE C 392 54.63 43.91 -1.85
CA PHE C 392 56.04 43.93 -2.19
C PHE C 392 56.61 42.51 -2.24
N VAL C 393 56.17 41.63 -1.33
CA VAL C 393 56.66 40.25 -1.35
C VAL C 393 55.88 39.42 -2.37
N GLU C 394 54.60 39.74 -2.56
CA GLU C 394 53.81 39.05 -3.57
C GLU C 394 54.34 39.30 -4.97
N MET C 395 55.11 40.37 -5.14
CA MET C 395 55.71 40.65 -6.44
C MET C 395 56.65 39.53 -6.86
N SER C 396 57.10 38.69 -5.92
CA SER C 396 57.94 37.55 -6.23
C SER C 396 57.34 36.22 -5.78
N TYR C 397 56.43 36.21 -4.82
CA TYR C 397 55.83 34.93 -4.44
C TYR C 397 55.20 34.25 -5.65
N ASP C 398 54.42 35.00 -6.43
CA ASP C 398 53.87 34.44 -7.67
C ASP C 398 54.98 34.01 -8.62
N HIS C 399 56.18 34.56 -8.44
CA HIS C 399 57.39 34.16 -9.17
C HIS C 399 57.97 32.84 -8.64
N LEU C 400 57.18 32.14 -7.86
CA LEU C 400 57.48 30.76 -7.49
C LEU C 400 56.39 29.84 -7.99
N PRO C 401 56.74 28.71 -8.63
CA PRO C 401 55.73 27.72 -8.99
C PRO C 401 55.00 27.19 -7.76
N GLN C 402 53.90 26.49 -8.01
CA GLN C 402 53.05 26.06 -6.92
C GLN C 402 53.79 25.13 -5.96
N GLU C 403 54.64 24.26 -6.49
CA GLU C 403 55.38 23.35 -5.63
C GLU C 403 56.28 24.12 -4.66
N VAL C 404 57.10 25.04 -5.20
CA VAL C 404 57.96 25.84 -4.33
C VAL C 404 57.13 26.86 -3.59
N GLN C 405 55.98 27.26 -4.14
CA GLN C 405 55.06 28.09 -3.38
C GLN C 405 54.73 27.43 -2.06
N THR C 406 54.20 26.20 -2.12
CA THR C 406 53.82 25.49 -0.90
C THR C 406 55.04 25.21 -0.02
N CYS C 407 56.11 24.70 -0.62
CA CYS C 407 57.32 24.42 0.15
C CYS C 407 57.76 25.66 0.92
N PHE C 408 57.58 26.83 0.31
CA PHE C 408 57.85 28.09 1.00
C PHE C 408 56.90 28.29 2.17
N LEU C 409 55.60 28.16 1.91
CA LEU C 409 54.63 28.45 2.97
C LEU C 409 54.87 27.59 4.19
N TYR C 410 55.47 26.41 4.02
CA TYR C 410 55.76 25.54 5.15
C TYR C 410 57.13 25.78 5.74
N CYS C 411 57.87 26.78 5.25
CA CYS C 411 58.85 27.43 6.10
C CYS C 411 58.18 28.33 7.12
N GLY C 412 56.97 28.79 6.83
CA GLY C 412 56.23 29.70 7.69
C GLY C 412 55.71 29.11 8.97
N VAL C 413 56.17 27.92 9.36
CA VAL C 413 55.72 27.29 10.59
C VAL C 413 56.79 27.31 11.67
N PHE C 414 58.04 27.52 11.32
CA PHE C 414 59.10 27.56 12.32
C PHE C 414 59.04 28.90 13.06
N PRO C 415 59.15 28.90 14.40
CA PRO C 415 58.90 30.13 15.16
C PRO C 415 59.78 31.29 14.70
N ARG C 416 59.29 32.50 14.93
CA ARG C 416 60.01 33.69 14.50
C ARG C 416 61.41 33.72 15.12
N GLY C 417 62.41 33.95 14.28
CA GLY C 417 63.79 33.88 14.70
C GLY C 417 64.34 32.48 14.78
N PHE C 418 63.51 31.46 14.64
CA PHE C 418 63.99 30.09 14.67
C PHE C 418 64.90 29.82 13.47
N ASP C 419 65.93 29.02 13.71
CA ASP C 419 66.83 28.58 12.65
C ASP C 419 66.33 27.24 12.12
N ILE C 420 65.90 27.23 10.86
CA ILE C 420 65.24 26.09 10.26
C ILE C 420 66.29 25.16 9.65
N PRO C 421 66.55 23.99 10.24
CA PRO C 421 67.58 23.12 9.68
C PRO C 421 67.20 22.66 8.28
N SER C 422 68.23 22.45 7.45
CA SER C 422 68.00 22.04 6.08
C SER C 422 67.34 20.67 6.02
N TRP C 423 67.90 19.69 6.73
CA TRP C 423 67.34 18.34 6.68
C TRP C 423 65.96 18.30 7.34
N LYS C 424 65.79 19.02 8.44
CA LYS C 424 64.48 19.04 9.10
C LYS C 424 63.41 19.57 8.17
N VAL C 425 63.65 20.73 7.55
CA VAL C 425 62.62 21.32 6.67
C VAL C 425 62.44 20.48 5.42
N ILE C 426 63.52 19.87 4.91
CA ILE C 426 63.40 19.02 3.74
C ILE C 426 62.45 17.86 4.04
N ARG C 427 62.70 17.17 5.15
CA ARG C 427 61.86 16.03 5.49
C ARG C 427 60.47 16.48 5.91
N LEU C 428 60.33 17.70 6.41
CA LEU C 428 59.00 18.21 6.73
C LEU C 428 58.18 18.43 5.47
N TRP C 429 58.75 19.14 4.49
CA TRP C 429 58.15 19.20 3.17
C TRP C 429 57.75 17.82 2.70
N ILE C 430 58.74 16.93 2.53
CA ILE C 430 58.50 15.63 1.96
C ILE C 430 57.57 14.78 2.78
N ALA C 431 57.31 15.16 4.03
CA ALA C 431 56.41 14.43 4.91
C ALA C 431 55.03 15.03 4.97
N GLU C 432 54.88 16.32 4.65
CA GLU C 432 53.57 16.94 4.60
C GLU C 432 52.80 16.59 3.35
N GLY C 433 53.42 15.91 2.39
CA GLY C 433 52.76 15.61 1.14
C GLY C 433 52.74 16.76 0.16
N LEU C 434 53.72 17.66 0.25
CA LEU C 434 53.76 18.83 -0.61
C LEU C 434 54.55 18.59 -1.89
N ILE C 435 55.66 17.84 -1.80
CA ILE C 435 56.43 17.53 -2.99
C ILE C 435 55.71 16.44 -3.78
N LYS C 436 56.08 16.31 -5.06
CA LYS C 436 55.61 15.21 -5.90
C LYS C 436 56.80 14.65 -6.66
N PRO C 437 56.84 13.34 -6.91
CA PRO C 437 58.02 12.74 -7.50
C PRO C 437 58.25 13.19 -8.93
N GLN C 438 59.50 13.16 -9.36
CA GLN C 438 59.88 13.44 -10.73
C GLN C 438 60.49 12.20 -11.36
N GLU C 439 60.78 12.31 -12.66
CA GLU C 439 60.98 11.12 -13.49
C GLU C 439 62.30 10.42 -13.17
N SER C 440 63.36 11.18 -12.90
CA SER C 440 64.67 10.61 -12.61
C SER C 440 65.30 11.19 -11.35
N TYR C 441 64.49 11.70 -10.42
CA TYR C 441 65.00 12.35 -9.22
C TYR C 441 64.39 11.72 -7.98
N THR C 442 65.06 11.92 -6.86
CA THR C 442 64.62 11.41 -5.57
C THR C 442 64.13 12.56 -4.71
N LEU C 443 63.06 12.32 -3.94
CA LEU C 443 62.37 13.40 -3.25
C LEU C 443 63.32 14.25 -2.42
N GLU C 444 64.34 13.62 -1.83
CA GLU C 444 65.29 14.38 -1.02
C GLU C 444 65.96 15.48 -1.84
N GLU C 445 66.45 15.12 -3.03
CA GLU C 445 67.18 16.10 -3.82
C GLU C 445 66.26 17.10 -4.49
N ILE C 446 65.03 16.71 -4.83
CA ILE C 446 64.06 17.68 -5.31
C ILE C 446 63.79 18.73 -4.24
N ALA C 447 63.60 18.29 -3.00
CA ALA C 447 63.35 19.23 -1.92
C ALA C 447 64.55 20.11 -1.64
N GLU C 448 65.76 19.52 -1.68
CA GLU C 448 66.96 20.31 -1.47
C GLU C 448 67.11 21.37 -2.56
N PHE C 449 66.80 21.00 -3.81
CA PHE C 449 66.80 21.97 -4.89
C PHE C 449 65.74 23.04 -4.68
N TYR C 450 64.57 22.67 -4.15
CA TYR C 450 63.56 23.67 -3.88
C TYR C 450 64.04 24.69 -2.86
N LEU C 451 64.68 24.24 -1.79
CA LEU C 451 65.19 25.20 -0.82
C LEU C 451 66.37 25.99 -1.39
N ASN C 452 67.22 25.33 -2.17
CA ASN C 452 68.28 26.04 -2.88
C ASN C 452 67.70 27.19 -3.66
N ASP C 453 66.63 26.95 -4.41
CA ASP C 453 65.97 28.02 -5.14
C ASP C 453 65.38 29.05 -4.19
N LEU C 454 64.77 28.59 -3.10
CA LEU C 454 64.16 29.51 -2.16
C LEU C 454 65.19 30.46 -1.57
N VAL C 455 66.47 30.08 -1.68
CA VAL C 455 67.53 31.04 -1.38
C VAL C 455 67.96 31.80 -2.64
N ASN C 456 67.90 31.15 -3.81
CA ASN C 456 68.25 31.83 -5.05
C ASN C 456 67.41 33.07 -5.24
N ARG C 457 66.11 32.97 -5.01
CA ARG C 457 65.20 34.10 -5.14
C ARG C 457 65.21 35.00 -3.91
N ASN C 458 66.22 34.87 -3.04
CA ASN C 458 66.37 35.63 -1.82
C ASN C 458 65.18 35.49 -0.88
N LEU C 459 64.30 34.52 -1.14
CA LEU C 459 63.05 34.40 -0.42
C LEU C 459 63.21 33.83 0.98
N VAL C 460 64.24 33.01 1.21
CA VAL C 460 64.41 32.34 2.49
C VAL C 460 65.87 32.45 2.89
N ILE C 461 66.15 33.30 3.88
CA ILE C 461 67.52 33.61 4.25
C ILE C 461 68.29 32.34 4.57
N LEU C 462 69.60 32.39 4.35
CA LEU C 462 70.50 31.25 4.54
C LEU C 462 71.79 31.74 5.17
N GLN C 463 71.96 31.50 6.48
CA GLN C 463 73.22 31.81 7.14
C GLN C 463 73.70 30.55 7.88
N GLN C 464 74.24 29.63 7.10
CA GLN C 464 75.12 28.57 7.56
C GLN C 464 75.45 27.68 6.37
N LYS C 465 76.59 27.01 6.37
CA LYS C 465 76.99 26.22 5.21
C LYS C 465 77.70 24.95 5.68
N ARG C 466 77.12 23.81 5.37
CA ARG C 466 77.84 22.55 5.53
C ARG C 466 79.14 22.61 4.75
N SER C 467 80.06 21.70 5.09
CA SER C 467 81.35 21.67 4.41
C SER C 467 81.19 21.68 2.90
N ASP C 468 80.19 20.95 2.39
CA ASP C 468 79.89 20.97 0.96
C ASP C 468 79.37 22.31 0.48
N GLY C 469 79.16 23.27 1.39
CA GLY C 469 78.64 24.57 0.99
C GLY C 469 77.16 24.58 0.71
N GLN C 470 76.42 23.61 1.22
CA GLN C 470 74.98 23.54 1.04
C GLN C 470 74.27 24.16 2.23
N ILE C 471 72.97 24.39 2.06
CA ILE C 471 72.14 24.99 3.10
C ILE C 471 72.25 24.16 4.36
N LYS C 472 72.69 24.79 5.45
CA LYS C 472 72.74 24.15 6.76
C LYS C 472 71.73 24.71 7.74
N THR C 473 71.45 26.01 7.68
CA THR C 473 70.34 26.60 8.42
C THR C 473 69.79 27.76 7.62
N CYS C 474 68.48 27.76 7.42
CA CYS C 474 67.78 28.83 6.73
C CYS C 474 66.73 29.43 7.66
N ARG C 475 66.54 30.73 7.54
CA ARG C 475 65.56 31.44 8.35
C ARG C 475 64.57 32.15 7.44
N LEU C 476 63.37 32.36 7.97
CA LEU C 476 62.33 33.14 7.31
C LEU C 476 62.30 34.54 7.93
N HIS C 477 62.48 35.55 7.10
CA HIS C 477 62.68 36.90 7.63
C HIS C 477 61.42 37.38 8.35
N VAL C 478 61.63 38.05 9.49
CA VAL C 478 60.53 38.39 10.41
C VAL C 478 59.27 38.80 9.68
N MET C 479 59.36 39.78 8.78
CA MET C 479 58.22 40.12 7.93
C MET C 479 57.84 38.97 7.03
N LEU C 480 58.82 38.35 6.38
CA LEU C 480 58.47 37.19 5.59
C LEU C 480 57.88 36.11 6.48
N HIS C 481 58.26 36.07 7.76
CA HIS C 481 57.62 35.14 8.69
C HIS C 481 56.14 35.45 8.82
N GLN C 482 55.81 36.70 9.13
CA GLN C 482 54.41 37.06 9.30
C GLN C 482 53.64 36.89 8.00
N PHE C 483 54.28 37.16 6.86
CA PHE C 483 53.63 36.95 5.57
C PHE C 483 53.30 35.48 5.35
N CYS C 484 54.28 34.61 5.61
CA CYS C 484 54.02 33.18 5.47
C CYS C 484 52.91 32.73 6.42
N LYS C 485 52.96 33.18 7.66
CA LYS C 485 51.98 32.74 8.65
C LYS C 485 50.58 33.19 8.24
N LYS C 486 50.43 34.46 7.87
CA LYS C 486 49.11 34.96 7.48
C LYS C 486 48.64 34.33 6.17
N GLU C 487 49.56 34.05 5.25
CA GLU C 487 49.18 33.44 3.98
C GLU C 487 48.69 32.02 4.19
N ALA C 488 49.43 31.23 4.97
CA ALA C 488 48.97 29.90 5.32
C ALA C 488 47.62 29.96 6.03
N SER C 489 47.48 30.87 7.00
CA SER C 489 46.23 30.98 7.75
C SER C 489 45.06 31.27 6.81
N ASN C 490 45.26 32.17 5.84
CA ASN C 490 44.22 32.39 4.85
C ASN C 490 43.94 31.11 4.07
N LYS C 491 44.98 30.40 3.66
CA LYS C 491 44.80 29.13 2.98
C LYS C 491 44.57 27.97 3.92
N TRP C 492 44.82 28.16 5.22
CA TRP C 492 44.61 27.18 6.29
C TRP C 492 45.58 26.01 6.24
N LEU C 493 46.62 26.06 5.41
CA LEU C 493 47.53 24.93 5.33
C LEU C 493 48.11 24.60 6.71
N PHE C 494 48.21 25.59 7.58
CA PHE C 494 48.47 25.37 9.00
C PHE C 494 48.22 26.69 9.72
N GLN C 495 48.59 26.74 11.00
CA GLN C 495 48.27 27.88 11.85
C GLN C 495 49.06 27.76 13.13
N GLU C 496 49.14 28.87 13.87
CA GLU C 496 49.80 28.92 15.16
C GLU C 496 48.78 29.30 16.23
N VAL C 497 48.69 28.48 17.28
CA VAL C 497 47.73 28.74 18.35
C VAL C 497 48.22 29.91 19.20
N SER C 498 47.29 30.77 19.60
CA SER C 498 47.59 31.89 20.47
C SER C 498 46.40 32.10 21.40
N LEU C 499 46.54 33.06 22.32
CA LEU C 499 45.48 33.31 23.29
C LEU C 499 45.72 34.65 23.97
N THR C 500 44.69 35.51 23.97
CA THR C 500 44.71 36.73 24.77
C THR C 500 44.17 36.42 26.16
N PRO C 501 44.93 36.69 27.23
CA PRO C 501 44.66 36.04 28.51
C PRO C 501 43.85 34.75 28.44
N ASP C 502 42.56 34.84 28.10
CA ASP C 502 41.70 33.68 27.92
C ASP C 502 41.65 33.30 26.44
N GLN C 503 40.68 32.44 26.09
CA GLN C 503 40.34 32.20 24.69
C GLN C 503 41.41 31.37 23.98
N ALA C 504 41.23 31.16 22.66
CA ALA C 504 42.08 30.24 21.92
C ALA C 504 42.71 30.88 20.68
N ILE C 505 42.79 32.20 20.62
CA ILE C 505 43.48 32.86 19.52
C ILE C 505 44.12 34.15 20.04
N ASP C 509 39.55 30.40 16.11
CA ASP C 509 38.78 29.20 15.80
C ASP C 509 39.69 28.12 15.24
N PRO C 510 40.45 27.45 16.12
CA PRO C 510 41.34 26.38 15.67
C PRO C 510 40.65 25.33 14.82
N ASN C 511 39.32 25.25 14.89
CA ASN C 511 38.59 24.36 14.01
C ASN C 511 38.78 24.72 12.55
N LYS C 512 39.14 25.97 12.25
CA LYS C 512 39.57 26.39 10.93
C LYS C 512 41.08 26.36 10.79
N SER C 513 41.73 25.42 11.47
CA SER C 513 43.18 25.26 11.46
C SER C 513 43.47 23.82 11.08
N ARG C 514 43.82 23.59 9.82
CA ARG C 514 44.13 22.23 9.39
C ARG C 514 45.30 21.67 10.18
N ARG C 515 46.12 22.52 10.77
CA ARG C 515 47.20 22.09 11.64
C ARG C 515 47.41 23.13 12.73
N LEU C 516 48.04 22.70 13.82
CA LEU C 516 48.28 23.55 14.98
C LEU C 516 49.77 23.60 15.25
N CYS C 517 50.32 24.81 15.33
CA CYS C 517 51.71 25.04 15.70
C CYS C 517 51.68 25.79 17.02
N ILE C 518 51.90 25.07 18.12
CA ILE C 518 51.77 25.63 19.46
C ILE C 518 53.15 25.86 20.03
N GLN C 519 53.36 27.05 20.60
CA GLN C 519 54.59 27.32 21.32
C GLN C 519 54.62 26.51 22.62
N PRO C 520 55.80 26.07 23.06
CA PRO C 520 55.85 25.28 24.31
C PRO C 520 55.29 26.01 25.51
N SER C 521 55.49 27.32 25.61
CA SER C 521 55.05 28.05 26.79
C SER C 521 53.54 27.98 26.95
N ASN C 522 52.80 28.15 25.86
CA ASN C 522 51.34 28.13 25.92
C ASN C 522 50.76 26.73 25.81
N LEU C 523 51.60 25.71 25.61
CA LEU C 523 51.07 24.36 25.40
C LEU C 523 50.32 23.86 26.62
N LYS C 524 50.91 24.05 27.81
CA LYS C 524 50.26 23.58 29.04
C LYS C 524 48.86 24.15 29.16
N ASP C 525 48.72 25.46 28.92
CA ASP C 525 47.39 26.06 28.94
C ASP C 525 46.50 25.49 27.83
N PHE C 526 47.09 25.25 26.66
CA PHE C 526 46.32 24.63 25.58
C PHE C 526 45.84 23.24 25.99
N LEU C 527 46.71 22.47 26.66
CA LEU C 527 46.29 21.18 27.18
C LEU C 527 45.28 21.32 28.30
N SER C 528 45.25 22.46 28.99
CA SER C 528 44.30 22.65 30.08
C SER C 528 42.87 22.59 29.57
N LYS C 529 42.61 23.14 28.40
CA LYS C 529 41.28 23.12 27.80
C LYS C 529 40.93 21.77 27.19
N LYS C 530 41.76 20.74 27.39
CA LYS C 530 41.48 19.41 26.89
C LYS C 530 41.30 19.44 25.38
N PRO C 531 42.36 19.68 24.62
CA PRO C 531 42.22 19.74 23.16
C PRO C 531 41.73 18.42 22.59
N SER C 532 40.90 18.53 21.55
CA SER C 532 40.36 17.36 20.87
C SER C 532 40.00 17.78 19.45
N ALA C 533 40.64 17.15 18.46
CA ALA C 533 40.40 17.49 17.07
C ALA C 533 40.58 16.24 16.21
N GLU C 534 39.89 16.23 15.07
CA GLU C 534 40.01 15.18 14.07
C GLU C 534 40.57 15.70 12.75
N HIS C 535 40.21 16.92 12.36
CA HIS C 535 40.75 17.51 11.14
C HIS C 535 42.22 17.86 11.28
N VAL C 536 42.70 18.15 12.49
CA VAL C 536 44.12 18.38 12.69
C VAL C 536 44.87 17.20 12.12
N ARG C 537 46.00 17.49 11.45
CA ARG C 537 46.76 16.44 10.77
C ARG C 537 48.25 16.57 11.01
N SER C 538 48.65 17.17 12.13
CA SER C 538 50.06 17.25 12.50
C SER C 538 50.11 17.97 13.85
N PHE C 539 51.31 18.04 14.41
CA PHE C 539 51.52 18.77 15.65
C PHE C 539 52.91 19.39 15.61
N TYR C 540 52.96 20.71 15.49
CA TYR C 540 54.21 21.47 15.48
C TYR C 540 54.35 22.15 16.83
N CYS C 541 55.39 21.76 17.58
CA CYS C 541 55.77 22.46 18.80
C CYS C 541 57.28 22.34 18.93
N PHE C 542 57.98 23.37 18.45
CA PHE C 542 59.43 23.39 18.43
C PHE C 542 59.93 24.22 19.61
N SER C 543 61.25 24.12 19.84
CA SER C 543 61.90 24.80 20.96
C SER C 543 62.82 25.86 20.39
N SER C 544 62.28 27.06 20.17
CA SER C 544 63.12 28.18 19.78
C SER C 544 64.15 28.48 20.87
N LYS C 545 63.72 28.48 22.12
CA LYS C 545 64.63 28.49 23.28
C LYS C 545 65.02 27.04 23.53
N GLU C 546 66.14 26.62 22.93
CA GLU C 546 66.50 25.22 22.90
C GLU C 546 66.63 24.66 24.32
N LYS C 547 66.10 23.45 24.52
CA LYS C 547 66.27 22.68 25.75
C LYS C 547 65.54 23.32 26.94
N GLN C 548 64.55 24.16 26.69
CA GLN C 548 63.75 24.77 27.76
C GLN C 548 62.50 23.93 28.02
N ILE C 549 62.72 22.66 28.34
CA ILE C 549 61.61 21.73 28.59
C ILE C 549 60.90 22.21 29.86
N ARG C 550 59.64 22.62 29.71
CA ARG C 550 58.87 23.14 30.83
C ARG C 550 58.25 21.98 31.61
N GLY C 551 57.40 22.30 32.57
CA GLY C 551 56.81 21.29 33.42
C GLY C 551 55.69 20.53 32.74
N LEU C 552 56.03 19.68 31.78
CA LEU C 552 55.07 18.85 31.07
C LEU C 552 55.07 17.46 31.68
N THR C 553 53.93 17.05 32.21
CA THR C 553 53.79 15.78 32.90
C THR C 553 53.41 14.67 31.93
N PRO C 554 53.52 13.42 32.35
CA PRO C 554 53.07 12.31 31.48
C PRO C 554 51.63 12.46 31.04
N ASN C 555 50.76 12.94 31.92
CA ASN C 555 49.38 13.21 31.54
C ASN C 555 49.33 14.18 30.37
N ASP C 556 50.22 15.16 30.33
CA ASP C 556 50.25 16.09 29.20
C ASP C 556 50.53 15.35 27.89
N ILE C 557 51.50 14.45 27.90
CA ILE C 557 51.85 13.72 26.67
C ILE C 557 50.70 12.81 26.26
N LYS C 558 50.05 12.16 27.22
CA LYS C 558 48.90 11.33 26.89
C LYS C 558 47.77 12.16 26.30
N LEU C 559 47.54 13.35 26.86
CA LEU C 559 46.49 14.21 26.33
C LEU C 559 46.83 14.69 24.92
N ILE C 560 48.11 14.98 24.66
CA ILE C 560 48.54 15.26 23.29
C ILE C 560 48.16 14.11 22.38
N HIS C 561 48.52 12.89 22.77
CA HIS C 561 48.19 11.72 21.95
C HIS C 561 46.69 11.69 21.68
N LYS C 562 45.88 11.92 22.70
CA LYS C 562 44.43 11.83 22.54
C LYS C 562 43.90 12.91 21.61
N ALA C 563 44.38 14.14 21.75
CA ALA C 563 43.75 15.28 21.07
C ALA C 563 43.83 15.13 19.56
N PHE C 564 45.00 14.72 19.05
CA PHE C 564 45.24 14.66 17.61
C PHE C 564 45.40 13.21 17.20
N PRO C 565 44.33 12.56 16.70
CA PRO C 565 44.44 11.14 16.36
C PRO C 565 44.89 10.88 14.93
N LEU C 566 44.69 11.85 14.04
CA LEU C 566 45.00 11.70 12.62
C LEU C 566 46.29 12.42 12.26
N VAL C 567 47.26 12.46 13.17
CA VAL C 567 48.48 13.22 12.92
C VAL C 567 49.27 12.54 11.81
N ARG C 568 49.64 13.31 10.80
CA ARG C 568 50.57 12.83 9.79
C ARG C 568 52.00 13.25 10.12
N VAL C 569 52.17 14.42 10.74
CA VAL C 569 53.47 14.93 11.14
C VAL C 569 53.37 15.29 12.62
N LEU C 570 53.90 14.42 13.48
CA LEU C 570 53.91 14.64 14.93
C LEU C 570 55.35 15.00 15.31
N ASP C 571 55.65 16.30 15.28
CA ASP C 571 57.00 16.79 15.48
C ASP C 571 57.04 17.59 16.78
N VAL C 572 57.65 17.03 17.82
CA VAL C 572 57.89 17.74 19.07
C VAL C 572 59.17 17.24 19.72
N GLU C 573 60.17 18.12 19.85
CA GLU C 573 61.33 17.83 20.69
C GLU C 573 61.56 19.01 21.63
N SER C 574 60.72 19.09 22.66
CA SER C 574 61.14 19.63 23.96
C SER C 574 60.13 19.04 24.95
N LEU C 575 60.46 17.87 25.48
CA LEU C 575 59.49 17.04 26.18
C LEU C 575 60.15 15.79 26.75
N LYS C 576 59.40 15.00 27.50
CA LYS C 576 59.77 13.62 27.85
C LYS C 576 58.68 12.74 27.26
N PHE C 577 58.83 12.38 25.99
CA PHE C 577 57.77 11.68 25.28
C PHE C 577 57.65 10.24 25.76
N LEU C 578 56.44 9.71 25.68
CA LEU C 578 56.12 8.36 26.13
C LEU C 578 55.33 7.64 25.05
N PHE C 579 55.51 6.33 24.95
CA PHE C 579 54.87 5.54 23.90
C PHE C 579 53.53 4.99 24.40
N SER C 580 52.64 5.93 24.75
CA SER C 580 51.33 5.55 25.27
C SER C 580 50.63 4.61 24.29
N LYS C 581 49.64 3.88 24.81
CA LYS C 581 48.89 2.95 23.98
C LYS C 581 48.21 3.68 22.83
N ASP C 582 47.54 4.80 23.13
CA ASP C 582 46.87 5.56 22.08
C ASP C 582 47.88 6.07 21.05
N PHE C 583 49.03 6.56 21.51
CA PHE C 583 50.06 7.00 20.58
C PHE C 583 50.46 5.88 19.63
N ASN C 584 50.35 4.63 20.09
CA ASN C 584 50.70 3.50 19.25
C ASN C 584 49.67 3.24 18.16
N GLN C 585 48.51 3.90 18.22
CA GLN C 585 47.48 3.70 17.21
C GLN C 585 47.59 4.66 16.03
N LEU C 586 48.43 5.69 16.13
CA LEU C 586 48.44 6.74 15.12
C LEU C 586 49.06 6.24 13.82
N PHE C 587 48.35 5.33 13.14
CA PHE C 587 48.91 4.68 11.96
C PHE C 587 49.15 5.67 10.83
N HIS C 588 48.43 6.79 10.82
CA HIS C 588 48.61 7.78 9.77
C HIS C 588 49.95 8.48 9.83
N LEU C 589 50.73 8.27 10.89
CA LEU C 589 51.94 9.04 11.12
C LEU C 589 52.89 8.96 9.93
N ARG C 590 53.41 10.12 9.53
CA ARG C 590 54.43 10.22 8.48
C ARG C 590 55.79 10.57 9.06
N TYR C 591 55.87 11.68 9.80
CA TYR C 591 57.11 12.23 10.31
C TYR C 591 56.96 12.37 11.82
N ILE C 592 57.91 11.83 12.57
CA ILE C 592 57.88 11.88 14.03
C ILE C 592 59.23 12.34 14.53
N ALA C 593 59.22 13.34 15.42
CA ALA C 593 60.43 13.85 16.05
C ALA C 593 60.14 13.94 17.54
N ILE C 594 60.69 13.00 18.31
CA ILE C 594 60.38 12.90 19.74
C ILE C 594 61.68 12.67 20.52
N SER C 595 61.60 12.94 21.82
CA SER C 595 62.73 12.77 22.72
C SER C 595 62.22 12.20 24.04
N GLY C 596 63.13 11.58 24.79
CA GLY C 596 62.78 11.00 26.07
C GLY C 596 63.85 10.02 26.52
N ASP C 597 63.42 9.05 27.31
CA ASP C 597 64.28 7.97 27.81
C ASP C 597 63.74 6.65 27.27
N PHE C 598 64.25 6.25 26.10
CA PHE C 598 63.84 5.02 25.44
C PHE C 598 65.06 4.11 25.28
N ASN C 599 64.92 2.87 25.72
CA ASN C 599 65.98 1.87 25.60
C ASN C 599 65.89 1.06 24.31
N ALA C 600 64.73 1.04 23.67
CA ALA C 600 64.52 0.26 22.46
C ALA C 600 63.18 0.67 21.87
N ILE C 601 63.15 0.83 20.55
CA ILE C 601 61.92 1.25 19.87
C ILE C 601 60.92 0.10 19.97
N PRO C 602 59.74 0.31 20.55
CA PRO C 602 58.78 -0.79 20.69
C PRO C 602 58.25 -1.24 19.35
N LEU C 603 57.77 -2.49 19.33
CA LEU C 603 57.19 -3.03 18.11
C LEU C 603 55.97 -2.24 17.65
N THR C 604 55.38 -1.44 18.53
CA THR C 604 54.26 -0.60 18.13
C THR C 604 54.63 0.27 16.93
N PHE C 605 55.91 0.64 16.82
CA PHE C 605 56.36 1.43 15.69
C PHE C 605 56.32 0.65 14.38
N GLY C 606 56.13 -0.66 14.42
CA GLY C 606 55.93 -1.45 13.23
C GLY C 606 54.53 -1.41 12.68
N LYS C 607 53.63 -0.68 13.33
CA LYS C 607 52.24 -0.56 12.90
C LYS C 607 51.94 0.75 12.19
N PHE C 608 52.96 1.60 11.98
CA PHE C 608 52.76 2.89 11.31
C PHE C 608 53.15 2.73 9.85
N TRP C 609 52.24 2.14 9.07
CA TRP C 609 52.52 1.90 7.66
C TRP C 609 52.73 3.20 6.89
N ASN C 610 52.08 4.28 7.31
CA ASN C 610 52.26 5.57 6.65
C ASN C 610 53.58 6.23 6.99
N LEU C 611 54.34 5.66 7.93
CA LEU C 611 55.56 6.30 8.41
C LEU C 611 56.54 6.53 7.27
N GLN C 612 57.19 7.69 7.27
CA GLN C 612 58.20 8.03 6.27
C GLN C 612 59.53 8.37 6.92
N THR C 613 59.51 9.10 8.04
CA THR C 613 60.73 9.53 8.71
C THR C 613 60.61 9.30 10.21
N LEU C 614 61.76 9.06 10.84
CA LEU C 614 61.80 8.77 12.27
C LEU C 614 63.07 9.36 12.86
N ILE C 615 62.92 10.40 13.69
CA ILE C 615 64.03 11.01 14.41
C ILE C 615 63.92 10.60 15.87
N LEU C 616 65.04 10.17 16.44
CA LEU C 616 65.08 9.72 17.82
C LEU C 616 66.22 10.43 18.55
N ASN C 617 65.92 10.95 19.74
CA ASN C 617 66.90 11.59 20.61
C ASN C 617 66.60 11.10 22.02
N THR C 618 67.26 10.01 22.41
CA THR C 618 66.99 9.34 23.67
C THR C 618 68.03 9.72 24.70
N SER C 619 67.59 10.02 25.92
CA SER C 619 68.47 10.33 27.03
C SER C 619 68.93 9.09 27.78
N THR C 620 68.54 7.90 27.31
CA THR C 620 68.91 6.67 28.00
C THR C 620 70.42 6.52 28.08
N SER C 621 70.88 6.03 29.23
CA SER C 621 72.29 5.72 29.41
C SER C 621 72.71 4.47 28.64
N GLU C 622 71.77 3.73 28.07
CA GLU C 622 72.10 2.52 27.34
C GLU C 622 73.07 2.83 26.20
N SER C 623 74.05 1.93 26.02
CA SER C 623 75.04 2.12 24.96
C SER C 623 74.43 1.92 23.59
N THR C 624 73.43 1.05 23.45
CA THR C 624 72.82 0.75 22.17
C THR C 624 71.31 0.73 22.31
N LEU C 625 70.62 1.18 21.26
CA LEU C 625 69.17 1.18 21.20
C LEU C 625 68.71 0.04 20.29
N ASP C 626 67.82 -0.80 20.80
CA ASP C 626 67.32 -1.95 20.05
C ASP C 626 66.06 -1.55 19.29
N VAL C 627 66.05 -1.84 17.99
CA VAL C 627 64.90 -1.51 17.13
C VAL C 627 64.02 -2.76 17.08
N LYS C 628 63.09 -2.85 18.04
CA LYS C 628 62.19 -4.00 18.08
C LYS C 628 61.21 -3.97 16.93
N ALA C 629 60.78 -2.77 16.52
CA ALA C 629 59.86 -2.65 15.40
C ALA C 629 60.51 -3.14 14.11
N ASP C 630 59.74 -3.85 13.30
CA ASP C 630 60.23 -4.32 12.01
C ASP C 630 60.29 -3.17 11.02
N ILE C 631 61.42 -2.45 11.02
CA ILE C 631 61.57 -1.30 10.12
C ILE C 631 61.44 -1.75 8.67
N TRP C 632 61.79 -3.00 8.38
CA TRP C 632 61.82 -3.46 7.00
C TRP C 632 60.42 -3.47 6.39
N ASN C 633 59.42 -3.91 7.15
CA ASN C 633 58.06 -3.98 6.63
C ASN C 633 57.48 -2.60 6.31
N MET C 634 57.98 -1.54 6.94
CA MET C 634 57.45 -0.20 6.72
C MET C 634 57.95 0.30 5.37
N LEU C 635 57.16 0.01 4.33
CA LEU C 635 57.57 0.36 2.98
C LEU C 635 57.70 1.87 2.80
N GLN C 636 56.76 2.63 3.37
CA GLN C 636 56.78 4.08 3.21
C GLN C 636 57.99 4.71 3.89
N LEU C 637 58.63 4.01 4.82
CA LEU C 637 59.73 4.60 5.57
C LEU C 637 60.85 5.05 4.63
N ARG C 638 61.43 6.19 4.94
CA ARG C 638 62.52 6.74 4.12
C ARG C 638 63.76 7.09 4.93
N HIS C 639 63.61 7.60 6.15
CA HIS C 639 64.76 8.09 6.91
C HIS C 639 64.55 7.84 8.39
N LEU C 640 65.43 7.03 8.99
CA LEU C 640 65.47 6.82 10.43
C LEU C 640 66.68 7.54 11.00
N HIS C 641 66.45 8.36 12.02
CA HIS C 641 67.50 9.11 12.68
C HIS C 641 67.47 8.81 14.17
N THR C 642 68.64 8.52 14.74
CA THR C 642 68.79 8.30 16.16
C THR C 642 70.01 9.08 16.64
N ASN C 643 70.02 9.42 17.93
CA ASN C 643 71.17 10.11 18.50
C ASN C 643 72.26 9.15 18.98
N ILE C 644 71.95 7.85 19.07
CA ILE C 644 72.91 6.84 19.50
C ILE C 644 72.80 5.65 18.56
N PRO C 645 73.80 4.76 18.59
CA PRO C 645 73.78 3.64 17.64
C PRO C 645 72.51 2.81 17.77
N ALA C 646 72.02 2.34 16.63
CA ALA C 646 70.82 1.52 16.56
C ALA C 646 71.23 0.08 16.25
N LYS C 647 70.77 -0.85 17.11
CA LYS C 647 71.05 -2.28 16.93
C LYS C 647 69.89 -2.87 16.13
N LEU C 648 69.88 -2.56 14.83
CA LEU C 648 68.83 -3.04 13.95
C LEU C 648 68.78 -4.56 13.93
N GLN C 649 67.56 -5.10 13.98
CA GLN C 649 67.37 -6.52 13.75
C GLN C 649 67.52 -6.83 12.27
N PRO C 650 68.13 -7.96 11.91
CA PRO C 650 68.29 -8.30 10.49
C PRO C 650 66.95 -8.59 9.84
N PRO C 651 66.83 -8.40 8.52
CA PRO C 651 65.56 -8.70 7.85
C PRO C 651 65.35 -10.21 7.72
N THR C 652 64.19 -10.68 8.15
CA THR C 652 63.88 -12.09 8.11
C THR C 652 63.51 -12.52 6.69
N ALA C 653 63.32 -13.83 6.51
CA ALA C 653 62.99 -14.35 5.19
C ALA C 653 61.65 -13.80 4.70
N THR C 654 60.66 -13.71 5.58
CA THR C 654 59.36 -13.20 5.18
C THR C 654 59.46 -11.76 4.70
N THR C 655 60.24 -10.93 5.40
CA THR C 655 60.41 -9.53 5.03
C THR C 655 61.14 -9.36 3.70
N SER C 656 61.76 -10.42 3.18
CA SER C 656 62.52 -10.31 1.93
C SER C 656 61.61 -9.82 0.81
N GLY C 657 62.11 -8.86 0.04
CA GLY C 657 61.36 -8.29 -1.06
C GLY C 657 62.11 -7.20 -1.78
N LYS C 658 61.39 -6.15 -2.19
CA LYS C 658 62.02 -5.03 -2.88
C LYS C 658 62.97 -4.28 -1.93
N ALA C 659 63.96 -3.62 -2.52
CA ALA C 659 64.89 -2.83 -1.72
C ALA C 659 64.14 -1.76 -0.94
N SER C 660 64.55 -1.56 0.31
CA SER C 660 63.86 -0.63 1.19
C SER C 660 64.00 0.81 0.69
N CYS C 661 63.00 1.62 1.02
CA CYS C 661 63.00 3.03 0.67
C CYS C 661 63.99 3.84 1.49
N LEU C 662 64.61 3.25 2.51
CA LEU C 662 65.55 3.95 3.37
C LEU C 662 66.64 4.64 2.56
N GLN C 663 66.70 5.97 2.64
CA GLN C 663 67.80 6.74 2.08
C GLN C 663 68.83 7.11 3.14
N THR C 664 68.36 7.57 4.30
CA THR C 664 69.22 8.01 5.38
C THR C 664 69.03 7.09 6.59
N LEU C 665 70.14 6.57 7.10
CA LEU C 665 70.12 5.69 8.28
C LEU C 665 71.28 6.13 9.17
N CYS C 666 70.99 7.02 10.12
CA CYS C 666 72.01 7.67 10.92
C CYS C 666 72.15 7.00 12.28
N MET C 667 73.38 7.05 12.82
CA MET C 667 73.70 6.50 14.13
C MET C 667 73.38 5.00 14.19
N VAL C 668 74.14 4.25 13.39
CA VAL C 668 74.00 2.80 13.28
C VAL C 668 75.07 2.15 14.15
N ALA C 669 74.68 1.11 14.87
CA ALA C 669 75.66 0.30 15.57
C ALA C 669 76.37 -0.61 14.57
N PRO C 670 77.69 -0.78 14.65
CA PRO C 670 78.36 -1.67 13.69
C PRO C 670 77.79 -3.07 13.68
N GLU C 671 77.37 -3.58 14.84
CA GLU C 671 76.69 -4.86 14.88
C GLU C 671 75.44 -4.85 14.01
N SER C 672 74.82 -3.68 13.83
CA SER C 672 73.61 -3.56 13.03
C SER C 672 73.90 -3.47 11.55
N CYS C 673 75.16 -3.60 11.14
CA CYS C 673 75.56 -3.58 9.73
C CYS C 673 75.90 -5.01 9.34
N GLU C 674 74.95 -5.69 8.69
CA GLU C 674 75.10 -7.06 8.24
C GLU C 674 74.87 -7.13 6.74
N LYS C 675 75.24 -8.29 6.17
CA LYS C 675 75.04 -8.49 4.74
C LYS C 675 73.56 -8.38 4.38
N GLU C 676 72.69 -9.00 5.17
CA GLU C 676 71.26 -8.98 4.86
C GLU C 676 70.67 -7.59 5.02
N VAL C 677 71.02 -6.89 6.11
CA VAL C 677 70.50 -5.55 6.34
C VAL C 677 70.92 -4.62 5.22
N LEU C 678 72.22 -4.61 4.90
CA LEU C 678 72.71 -3.71 3.87
C LEU C 678 72.17 -4.10 2.49
N ALA C 679 71.91 -5.39 2.27
CA ALA C 679 71.25 -5.79 1.04
C ALA C 679 69.83 -5.24 0.96
N LYS C 680 69.11 -5.27 2.07
CA LYS C 680 67.75 -4.73 2.07
C LYS C 680 67.74 -3.22 1.88
N ALA C 681 68.82 -2.54 2.27
CA ALA C 681 68.91 -1.08 2.18
C ALA C 681 69.99 -0.67 1.18
N CYS C 682 70.06 -1.37 0.05
CA CYS C 682 71.08 -1.06 -0.95
C CYS C 682 71.00 0.38 -1.42
N HIS C 683 69.80 0.95 -1.46
CA HIS C 683 69.61 2.35 -1.84
C HIS C 683 69.94 3.31 -0.70
N LEU C 684 70.51 2.82 0.40
CA LEU C 684 70.86 3.70 1.51
C LEU C 684 71.92 4.69 1.08
N LYS C 685 71.74 5.95 1.45
CA LYS C 685 72.62 7.04 1.04
C LYS C 685 73.42 7.64 2.20
N LYS C 686 72.77 7.90 3.34
CA LYS C 686 73.43 8.49 4.50
C LYS C 686 73.50 7.42 5.60
N LEU C 687 74.68 6.84 5.78
CA LEU C 687 74.91 5.80 6.77
C LEU C 687 75.99 6.26 7.73
N SER C 688 75.69 6.22 9.03
CA SER C 688 76.64 6.58 10.07
C SER C 688 76.73 5.42 11.06
N ILE C 689 77.96 5.06 11.45
CA ILE C 689 78.21 3.91 12.31
C ILE C 689 79.13 4.34 13.45
N ARG C 690 78.79 3.92 14.67
CA ARG C 690 79.58 4.28 15.84
C ARG C 690 79.70 3.06 16.75
N GLY C 691 80.89 2.86 17.30
CA GLY C 691 81.13 1.77 18.22
C GLY C 691 82.59 1.45 18.41
N GLN C 692 82.95 0.17 18.33
CA GLN C 692 84.35 -0.26 18.33
C GLN C 692 84.74 -0.62 16.90
N MET C 693 85.83 -0.01 16.43
CA MET C 693 86.16 -0.04 15.01
C MET C 693 86.96 -1.28 14.60
N ALA C 694 88.14 -1.48 15.20
CA ALA C 694 89.01 -2.56 14.76
C ALA C 694 88.31 -3.90 14.82
N ALA C 695 87.36 -4.07 15.75
CA ALA C 695 86.51 -5.24 15.74
C ALA C 695 85.57 -5.25 14.54
N PHE C 696 85.49 -4.14 13.81
CA PHE C 696 84.74 -4.05 12.57
C PHE C 696 85.62 -4.08 11.32
N LEU C 697 86.89 -3.68 11.45
CA LEU C 697 87.78 -3.58 10.30
C LEU C 697 88.31 -4.92 9.82
N GLY C 698 88.31 -5.95 10.67
CA GLY C 698 88.96 -7.20 10.33
C GLY C 698 88.26 -7.94 9.21
N ALA C 699 88.97 -8.94 8.68
CA ALA C 699 88.42 -9.74 7.58
C ALA C 699 87.16 -10.48 8.01
N TYR C 700 87.24 -11.22 9.12
CA TYR C 700 86.03 -11.81 9.69
C TYR C 700 85.08 -10.75 10.20
N LYS C 701 85.54 -9.50 10.31
CA LYS C 701 84.68 -8.35 10.55
C LYS C 701 84.18 -7.74 9.25
N GLY C 702 84.01 -8.57 8.23
CA GLY C 702 83.64 -8.12 6.90
C GLY C 702 82.32 -7.39 6.83
N GLY C 703 81.68 -7.17 7.98
CA GLY C 703 80.60 -6.20 8.05
C GLY C 703 81.00 -4.95 7.30
N ILE C 704 82.28 -4.58 7.41
CA ILE C 704 82.82 -3.52 6.54
C ILE C 704 82.77 -3.97 5.08
N ASN C 705 83.16 -5.22 4.82
CA ASN C 705 83.03 -5.73 3.46
C ASN C 705 81.57 -5.80 3.03
N ASN C 706 80.65 -5.94 3.99
CA ASN C 706 79.23 -5.97 3.65
C ASN C 706 78.74 -4.65 3.10
N LEU C 707 79.52 -3.56 3.26
CA LEU C 707 79.11 -2.27 2.71
C LEU C 707 79.03 -2.33 1.19
N VAL C 708 79.62 -3.33 0.55
CA VAL C 708 79.50 -3.50 -0.89
C VAL C 708 78.04 -3.61 -1.29
N GLU C 709 77.18 -4.02 -0.36
CA GLU C 709 75.75 -4.11 -0.65
C GLU C 709 75.17 -2.74 -1.02
N LEU C 710 75.55 -1.70 -0.28
CA LEU C 710 75.03 -0.37 -0.55
C LEU C 710 75.43 0.09 -1.94
N LYS C 711 74.47 0.63 -2.69
CA LYS C 711 74.69 1.07 -4.06
C LYS C 711 74.86 2.57 -4.20
N CYS C 712 74.02 3.36 -3.53
CA CYS C 712 74.05 4.82 -3.65
C CYS C 712 74.46 5.47 -2.32
N LEU C 713 75.28 4.78 -1.53
CA LEU C 713 75.79 5.37 -0.30
C LEU C 713 76.62 6.60 -0.63
N GLU C 714 76.39 7.69 0.13
CA GLU C 714 77.13 8.93 -0.09
C GLU C 714 77.86 9.43 1.15
N GLN C 715 77.24 9.35 2.33
CA GLN C 715 77.84 9.83 3.57
C GLN C 715 78.20 8.64 4.45
N LEU C 716 79.29 8.79 5.20
CA LEU C 716 79.79 7.69 6.02
C LEU C 716 80.58 8.29 7.17
N LYS C 717 80.02 8.21 8.38
CA LYS C 717 80.64 8.75 9.58
C LYS C 717 81.06 7.60 10.48
N LEU C 718 82.35 7.56 10.83
CA LEU C 718 82.90 6.54 11.72
C LEU C 718 83.31 7.19 13.03
N LEU C 719 82.74 6.73 14.13
CA LEU C 719 82.97 7.30 15.45
C LEU C 719 83.27 6.17 16.42
N ASN C 720 84.38 6.29 17.16
CA ASN C 720 84.80 5.28 18.11
C ASN C 720 84.45 5.74 19.52
N ASP C 721 83.72 4.90 20.25
CA ASP C 721 83.29 5.24 21.60
C ASP C 721 84.32 4.91 22.66
N VAL C 722 85.41 4.21 22.30
CA VAL C 722 86.42 3.78 23.25
C VAL C 722 87.66 4.65 23.07
N LEU C 723 88.08 5.32 24.15
CA LEU C 723 89.29 6.11 24.13
C LEU C 723 90.54 5.27 24.38
N TYR C 724 90.40 4.12 25.04
CA TYR C 724 91.49 3.19 25.29
C TYR C 724 91.30 1.98 24.39
N MET C 725 91.91 2.01 23.20
CA MET C 725 91.72 0.98 22.21
C MET C 725 92.81 -0.09 22.35
N ASN C 726 92.41 -1.36 22.21
CA ASN C 726 93.38 -2.44 22.34
C ASN C 726 94.46 -2.34 21.27
N LYS C 727 94.06 -2.19 20.01
CA LYS C 727 94.99 -2.07 18.90
C LYS C 727 94.47 -1.05 17.92
N ALA C 728 95.36 -0.22 17.39
CA ALA C 728 94.97 0.80 16.43
C ALA C 728 94.37 0.13 15.20
N PRO C 729 93.16 0.49 14.77
CA PRO C 729 92.56 -0.17 13.62
C PRO C 729 93.34 0.08 12.34
N HIS C 730 92.89 -0.51 11.22
CA HIS C 730 93.59 -0.39 9.95
C HIS C 730 92.56 -0.47 8.83
N LEU C 731 92.54 0.54 7.97
CA LEU C 731 91.58 0.58 6.87
C LEU C 731 91.86 -0.55 5.89
N PRO C 732 90.91 -1.42 5.57
CA PRO C 732 91.20 -2.51 4.63
C PRO C 732 91.62 -1.96 3.28
N GLN C 733 92.52 -2.68 2.62
CA GLN C 733 92.90 -2.29 1.26
C GLN C 733 91.67 -2.26 0.35
N THR C 734 90.68 -3.11 0.63
CA THR C 734 89.43 -3.07 -0.11
C THR C 734 88.66 -1.78 0.18
N PHE C 735 88.96 -1.12 1.31
CA PHE C 735 88.25 0.09 1.71
C PHE C 735 88.11 1.06 0.56
N SER C 736 89.09 1.07 -0.35
CA SER C 736 89.03 1.98 -1.49
C SER C 736 87.76 1.73 -2.31
N GLN C 737 87.50 0.48 -2.66
CA GLN C 737 86.31 0.14 -3.43
C GLN C 737 85.12 -0.25 -2.55
N LEU C 738 85.35 -0.54 -1.27
CA LEU C 738 84.24 -0.82 -0.37
C LEU C 738 83.32 0.39 -0.28
N VAL C 739 83.88 1.59 -0.34
CA VAL C 739 83.14 2.82 -0.11
C VAL C 739 83.24 3.71 -1.34
N ARG C 740 83.36 3.08 -2.52
CA ARG C 740 83.62 3.85 -3.74
C ARG C 740 82.54 4.88 -4.01
N THR C 741 81.31 4.63 -3.57
CA THR C 741 80.20 5.55 -3.84
C THR C 741 80.10 6.67 -2.81
N VAL C 742 80.92 6.65 -1.76
CA VAL C 742 80.82 7.64 -0.69
C VAL C 742 81.34 8.98 -1.19
N LYS C 743 80.56 10.04 -0.95
CA LYS C 743 80.98 11.40 -1.24
C LYS C 743 81.42 12.17 -0.01
N LYS C 744 80.80 11.90 1.14
CA LYS C 744 81.18 12.51 2.40
C LYS C 744 81.62 11.44 3.37
N LEU C 745 82.66 11.74 4.14
CA LEU C 745 83.27 10.76 5.04
C LEU C 745 83.89 11.50 6.21
N THR C 746 83.34 11.30 7.41
CA THR C 746 83.82 11.94 8.61
C THR C 746 84.37 10.89 9.56
N LEU C 747 85.66 10.96 9.87
CA LEU C 747 86.30 10.10 10.84
C LEU C 747 86.47 10.85 12.15
N THR C 748 85.95 10.28 13.23
CA THR C 748 86.02 10.91 14.54
C THR C 748 86.59 9.91 15.55
N ASN C 749 87.63 10.32 16.27
CA ASN C 749 88.23 9.52 17.34
C ASN C 749 88.68 8.16 16.83
N THR C 750 89.12 8.09 15.57
CA THR C 750 89.61 6.83 15.02
C THR C 750 91.05 6.54 15.45
N ARG C 751 91.87 7.58 15.61
CA ARG C 751 93.26 7.43 16.03
C ARG C 751 94.03 6.54 15.05
N PHE C 752 94.10 7.02 13.80
CA PHE C 752 94.75 6.32 12.71
C PHE C 752 96.10 6.96 12.40
N ALA C 753 97.04 6.13 11.96
CA ALA C 753 98.32 6.65 11.52
C ALA C 753 98.17 7.34 10.17
N TRP C 754 98.85 8.48 10.03
CA TRP C 754 98.73 9.27 8.80
C TRP C 754 99.12 8.45 7.57
N SER C 755 99.94 7.42 7.76
CA SER C 755 100.19 6.48 6.67
C SER C 755 98.88 5.89 6.16
N GLU C 756 97.94 5.63 7.07
CA GLU C 756 96.64 5.12 6.65
C GLU C 756 95.89 6.14 5.81
N ALA C 757 96.14 7.44 6.03
CA ALA C 757 95.45 8.46 5.25
C ALA C 757 95.81 8.38 3.78
N ASP C 758 96.98 7.82 3.45
CA ASP C 758 97.37 7.70 2.05
C ASP C 758 96.37 6.83 1.29
N LYS C 759 95.92 5.75 1.91
CA LYS C 759 94.90 4.90 1.28
C LYS C 759 93.61 5.68 1.03
N LEU C 760 93.37 6.73 1.81
CA LEU C 760 92.19 7.55 1.60
C LEU C 760 92.28 8.35 0.31
N GLY C 761 93.45 8.36 -0.33
CA GLY C 761 93.55 8.85 -1.69
C GLY C 761 93.04 7.90 -2.75
N GLN C 762 92.50 6.75 -2.34
CA GLN C 762 92.04 5.72 -3.26
C GLN C 762 90.54 5.72 -3.48
N LEU C 763 89.83 6.74 -3.00
CA LEU C 763 88.39 6.88 -3.23
C LEU C 763 88.18 7.79 -4.43
N GLU C 764 87.52 7.26 -5.45
CA GLU C 764 87.26 8.04 -6.66
C GLU C 764 86.25 9.14 -6.40
N SER C 765 85.23 8.87 -5.58
CA SER C 765 84.12 9.78 -5.37
C SER C 765 84.25 10.60 -4.09
N LEU C 766 85.40 10.56 -3.44
CA LEU C 766 85.58 11.36 -2.23
C LEU C 766 85.34 12.84 -2.53
N GLU C 767 84.50 13.47 -1.73
CA GLU C 767 84.19 14.89 -1.88
C GLU C 767 84.33 15.68 -0.60
N ILE C 768 84.04 15.09 0.55
CA ILE C 768 84.14 15.77 1.83
C ILE C 768 84.99 14.92 2.76
N LEU C 769 85.71 15.58 3.66
CA LEU C 769 86.70 14.89 4.50
C LEU C 769 86.81 15.62 5.83
N LYS C 770 86.28 15.02 6.89
CA LYS C 770 86.34 15.58 8.23
C LYS C 770 87.15 14.66 9.14
N PHE C 771 88.16 15.23 9.80
CA PHE C 771 88.93 14.55 10.84
C PHE C 771 88.65 15.27 12.16
N LYS C 772 87.94 14.60 13.06
CA LYS C 772 87.52 15.22 14.31
C LYS C 772 88.04 14.41 15.50
N GLU C 773 88.52 15.13 16.52
CA GLU C 773 88.91 14.53 17.80
C GLU C 773 89.98 13.45 17.60
N ASN C 774 91.15 13.88 17.13
CA ASN C 774 92.30 13.01 16.96
C ASN C 774 91.94 11.80 16.08
N ALA C 775 91.16 12.06 15.02
CA ALA C 775 90.78 10.99 14.12
C ALA C 775 92.00 10.24 13.60
N PHE C 776 93.07 10.97 13.32
CA PHE C 776 94.34 10.39 12.88
C PHE C 776 95.42 10.75 13.91
N ALA C 777 96.21 9.76 14.30
CA ALA C 777 97.26 9.94 15.29
C ALA C 777 98.61 10.01 14.61
N GLY C 778 99.41 11.01 14.97
CA GLY C 778 100.72 11.20 14.38
C GLY C 778 101.24 12.60 14.59
N ASP C 779 102.56 12.74 14.74
CA ASP C 779 103.14 14.07 14.95
C ASP C 779 102.97 14.94 13.71
N SER C 780 103.16 14.38 12.52
CA SER C 780 103.08 15.13 11.29
C SER C 780 102.43 14.29 10.21
N TRP C 781 101.83 14.96 9.23
CA TRP C 781 101.16 14.31 8.11
C TRP C 781 101.96 14.58 6.85
N LYS C 782 102.33 13.51 6.14
CA LYS C 782 103.11 13.58 4.91
C LYS C 782 102.35 12.84 3.82
N PRO C 783 101.24 13.40 3.35
CA PRO C 783 100.46 12.71 2.31
C PRO C 783 101.25 12.57 1.02
N LYS C 784 101.04 11.45 0.33
CA LYS C 784 101.71 11.17 -0.93
C LYS C 784 100.75 11.09 -2.10
N MET C 785 99.72 10.26 -2.00
CA MET C 785 98.77 10.09 -3.10
C MET C 785 97.89 11.32 -3.24
N GLY C 786 97.46 11.57 -4.47
CA GLY C 786 96.57 12.69 -4.73
C GLY C 786 95.14 12.40 -4.36
N PHE C 787 94.35 13.46 -4.27
CA PHE C 787 92.91 13.39 -4.04
C PHE C 787 92.26 14.12 -5.22
N SER C 788 92.01 13.37 -6.29
CA SER C 788 91.67 13.96 -7.58
C SER C 788 90.35 14.71 -7.59
N ALA C 789 89.52 14.55 -6.55
CA ALA C 789 88.23 15.22 -6.49
C ALA C 789 87.94 15.93 -5.18
N LEU C 790 88.79 15.78 -4.17
CA LEU C 790 88.51 16.36 -2.86
C LEU C 790 88.26 17.86 -2.99
N ARG C 791 87.16 18.31 -2.37
CA ARG C 791 86.75 19.71 -2.44
C ARG C 791 87.00 20.44 -1.13
N VAL C 792 86.47 19.95 -0.01
CA VAL C 792 86.60 20.62 1.28
C VAL C 792 87.32 19.67 2.21
N LEU C 793 88.63 19.87 2.39
CA LEU C 793 89.36 19.19 3.44
C LEU C 793 89.00 19.83 4.77
N TRP C 794 88.83 18.99 5.80
CA TRP C 794 88.29 19.47 7.07
C TRP C 794 88.98 18.68 8.17
N ILE C 795 89.78 19.37 8.99
CA ILE C 795 90.54 18.76 10.08
C ILE C 795 90.17 19.49 11.36
N GLU C 796 89.70 18.74 12.35
CA GLU C 796 89.23 19.30 13.61
C GLU C 796 89.98 18.66 14.77
N ARG C 797 90.49 19.50 15.66
CA ARG C 797 91.20 19.05 16.87
C ARG C 797 92.19 17.94 16.54
N ALA C 798 93.17 18.30 15.72
CA ALA C 798 94.19 17.36 15.25
C ALA C 798 95.50 17.63 15.95
N GLU C 799 96.11 16.57 16.48
CA GLU C 799 97.31 16.71 17.30
C GLU C 799 98.59 16.79 16.49
N PHE C 800 98.56 16.48 15.19
CA PHE C 800 99.79 16.46 14.43
C PHE C 800 100.33 17.87 14.24
N GLU C 801 101.64 18.03 14.45
CA GLU C 801 102.25 19.34 14.58
C GLU C 801 102.68 19.95 13.25
N THR C 802 103.02 19.14 12.25
CA THR C 802 103.47 19.65 10.97
C THR C 802 102.75 18.90 9.85
N TRP C 803 102.73 19.53 8.68
CA TRP C 803 102.01 19.00 7.53
C TRP C 803 102.80 19.32 6.27
N GLU C 804 103.04 18.30 5.45
CA GLU C 804 103.93 18.43 4.30
C GLU C 804 103.22 17.97 3.02
N ALA C 805 101.97 18.37 2.85
CA ALA C 805 101.25 18.07 1.63
C ALA C 805 101.78 18.92 0.48
N SER C 806 101.46 18.48 -0.74
CA SER C 806 101.94 19.13 -1.96
C SER C 806 100.77 19.38 -2.91
N GLU C 807 101.07 19.94 -4.06
CA GLU C 807 100.04 20.26 -5.04
C GLU C 807 99.34 19.00 -5.53
N ILE C 808 100.11 17.95 -5.84
CA ILE C 808 99.53 16.73 -6.37
C ILE C 808 98.60 16.09 -5.35
N ASN C 809 98.80 16.38 -4.06
CA ASN C 809 97.98 15.74 -3.03
C ASN C 809 96.52 16.13 -3.19
N PHE C 810 96.23 17.41 -3.36
CA PHE C 810 94.86 17.93 -3.45
C PHE C 810 94.74 18.79 -4.70
N PRO C 811 94.75 18.18 -5.88
CA PRO C 811 94.73 18.99 -7.12
C PRO C 811 93.51 19.89 -7.24
N VAL C 812 92.36 19.46 -6.74
CA VAL C 812 91.12 20.22 -6.94
C VAL C 812 90.56 20.69 -5.60
N LEU C 813 91.44 20.84 -4.61
CA LEU C 813 91.03 21.36 -3.32
C LEU C 813 90.33 22.71 -3.50
N ARG C 814 89.10 22.80 -3.00
CA ARG C 814 88.34 24.05 -3.03
C ARG C 814 88.21 24.71 -1.68
N ASN C 815 88.16 23.93 -0.60
CA ASN C 815 88.08 24.47 0.75
C ASN C 815 89.02 23.70 1.66
N LEU C 816 89.64 24.41 2.60
CA LEU C 816 90.54 23.81 3.58
C LEU C 816 90.23 24.41 4.94
N VAL C 817 89.59 23.64 5.81
CA VAL C 817 89.21 24.08 7.13
C VAL C 817 90.03 23.30 8.16
N LEU C 818 90.75 24.02 9.00
CA LEU C 818 91.54 23.43 10.08
C LEU C 818 91.14 24.12 11.38
N MET C 819 90.50 23.39 12.27
CA MET C 819 90.01 23.95 13.52
C MET C 819 90.66 23.25 14.70
N SER C 820 90.92 24.01 15.76
CA SER C 820 91.56 23.50 16.97
C SER C 820 92.89 22.82 16.64
N CYS C 821 93.63 23.40 15.71
CA CYS C 821 94.96 22.91 15.36
C CYS C 821 96.02 23.56 16.23
N ASP C 822 95.86 23.44 17.55
CA ASP C 822 96.81 24.03 18.48
C ASP C 822 98.19 23.37 18.38
N LYS C 823 98.27 22.22 17.73
CA LYS C 823 99.55 21.53 17.54
C LYS C 823 100.18 21.82 16.19
N LEU C 824 99.38 22.00 15.15
CA LEU C 824 99.91 22.19 13.80
C LEU C 824 100.87 23.37 13.75
N GLU C 825 101.96 23.20 13.01
CA GLU C 825 103.03 24.20 12.98
C GLU C 825 102.86 25.17 11.81
N THR C 826 102.84 24.65 10.58
CA THR C 826 102.78 25.51 9.40
C THR C 826 102.08 24.77 8.27
N VAL C 827 101.13 25.44 7.64
CA VAL C 827 100.52 24.88 6.43
C VAL C 827 101.55 24.91 5.30
N PRO C 828 101.76 23.81 4.58
CA PRO C 828 102.79 23.82 3.52
C PRO C 828 102.50 24.89 2.48
N PHE C 829 103.57 25.56 2.04
CA PHE C 829 103.42 26.56 0.98
C PHE C 829 102.89 25.96 -0.30
N GLU C 830 103.12 24.66 -0.52
CA GLU C 830 102.78 24.05 -1.80
C GLU C 830 101.30 24.25 -2.14
N LEU C 831 100.43 24.34 -1.14
CA LEU C 831 99.01 24.52 -1.40
C LEU C 831 98.71 25.85 -2.06
N ALA C 832 99.66 26.80 -2.03
CA ALA C 832 99.42 28.10 -2.66
C ALA C 832 99.19 27.95 -4.16
N ASN C 833 99.96 27.06 -4.81
CA ASN C 833 99.87 26.94 -6.26
C ASN C 833 98.47 26.53 -6.70
N LEU C 834 97.72 25.83 -5.84
CA LEU C 834 96.43 25.28 -6.23
C LEU C 834 95.50 26.38 -6.73
N SER C 835 95.21 26.36 -8.04
CA SER C 835 94.29 27.35 -8.61
C SER C 835 92.88 27.15 -8.10
N ASP C 836 92.45 25.90 -7.96
CA ASP C 836 91.09 25.63 -7.49
C ASP C 836 90.88 26.18 -6.08
N LEU C 837 91.86 26.03 -5.21
CA LEU C 837 91.74 26.46 -3.83
C LEU C 837 91.42 27.94 -3.77
N TYR C 838 90.27 28.29 -3.16
CA TYR C 838 89.95 29.66 -2.85
C TYR C 838 89.60 29.88 -1.38
N GLU C 839 89.17 28.84 -0.67
CA GLU C 839 88.74 28.96 0.71
C GLU C 839 89.76 28.32 1.64
N MET C 840 89.92 28.91 2.82
CA MET C 840 90.81 28.38 3.84
C MET C 840 90.47 29.04 5.16
N ARG C 841 90.25 28.22 6.19
CA ARG C 841 89.82 28.70 7.49
C ARG C 841 90.63 27.99 8.58
N LEU C 842 91.28 28.78 9.43
CA LEU C 842 92.00 28.28 10.60
C LEU C 842 91.23 28.71 11.84
N GLU C 843 90.77 27.73 12.63
CA GLU C 843 90.02 27.99 13.84
C GLU C 843 90.83 27.50 15.03
N ASN C 844 91.14 28.41 15.95
CA ASN C 844 91.95 28.11 17.13
C ASN C 844 93.17 27.28 16.73
N THR C 845 93.96 27.85 15.83
CA THR C 845 95.12 27.18 15.26
C THR C 845 96.40 27.83 15.77
N SER C 846 97.45 27.03 15.86
CA SER C 846 98.76 27.47 16.34
C SER C 846 99.51 28.21 15.25
N LYS C 847 100.82 28.36 15.42
CA LYS C 847 101.65 29.18 14.54
C LYS C 847 101.31 29.00 13.07
N ALA C 848 100.75 27.85 12.71
CA ALA C 848 100.28 27.64 11.34
C ALA C 848 99.44 28.81 10.84
N VAL C 849 98.85 29.61 11.73
CA VAL C 849 98.13 30.80 11.29
C VAL C 849 99.06 31.72 10.51
N LYS C 850 100.29 31.86 10.97
CA LYS C 850 101.24 32.73 10.25
C LYS C 850 101.48 32.23 8.83
N SER C 851 101.66 30.91 8.68
CA SER C 851 101.80 30.35 7.34
C SER C 851 100.53 30.56 6.52
N ALA C 852 99.36 30.59 7.17
CA ALA C 852 98.14 30.93 6.46
C ALA C 852 98.19 32.38 5.97
N LYS C 853 98.74 33.28 6.78
CA LYS C 853 98.92 34.65 6.33
C LYS C 853 99.87 34.71 5.14
N ALA C 854 100.94 33.90 5.16
CA ALA C 854 101.86 33.85 4.03
C ALA C 854 101.16 33.34 2.77
N ILE C 855 100.32 32.31 2.91
CA ILE C 855 99.57 31.80 1.77
C ILE C 855 98.66 32.88 1.22
N LEU C 856 97.95 33.58 2.11
CA LEU C 856 97.05 34.64 1.68
C LEU C 856 97.82 35.74 0.96
N GLU C 857 98.98 36.14 1.48
CA GLU C 857 99.78 37.17 0.84
C GLU C 857 100.24 36.72 -0.55
N SER C 858 100.70 35.47 -0.66
CA SER C 858 101.15 34.97 -1.96
C SER C 858 100.01 34.96 -2.97
N LYS C 859 98.83 34.51 -2.55
CA LYS C 859 97.70 34.47 -3.46
C LYS C 859 97.24 35.87 -3.84
N THR C 860 97.27 36.80 -2.90
CA THR C 860 96.93 38.19 -3.21
C THR C 860 97.91 38.77 -4.20
N ASP C 861 99.20 38.47 -4.04
CA ASP C 861 100.19 38.91 -5.02
C ASP C 861 99.87 38.30 -6.38
N LYS C 862 99.52 37.02 -6.42
CA LYS C 862 99.04 36.41 -7.66
C LYS C 862 97.65 36.91 -8.02
N ASN C 863 96.97 37.61 -7.09
CA ASN C 863 95.66 38.19 -7.35
C ASN C 863 94.66 37.11 -7.74
N ILE C 864 94.54 36.10 -6.90
CA ILE C 864 93.57 35.01 -7.07
C ILE C 864 92.49 35.18 -6.01
N LYS C 865 91.24 35.10 -6.44
CA LYS C 865 90.12 35.22 -5.51
C LYS C 865 90.25 34.17 -4.41
N PHE C 866 90.50 34.61 -3.19
CA PHE C 866 90.77 33.70 -2.08
C PHE C 866 90.25 34.32 -0.80
N ASN C 867 89.87 33.45 0.14
CA ASN C 867 89.33 33.87 1.43
C ASN C 867 90.11 33.21 2.55
N LEU C 868 90.41 33.98 3.59
CA LEU C 868 91.11 33.49 4.77
C LEU C 868 90.35 33.98 6.00
N THR C 869 89.84 33.05 6.79
CA THR C 869 89.09 33.36 8.01
C THR C 869 89.92 32.95 9.22
N ILE C 870 90.08 33.87 10.17
CA ILE C 870 90.83 33.64 11.39
C ILE C 870 89.96 34.03 12.57
N PHE C 871 89.88 33.15 13.57
CA PHE C 871 89.13 33.40 14.78
C PHE C 871 90.05 33.15 15.99
N PRO C 872 89.99 34.00 17.03
CA PRO C 872 89.16 35.20 17.16
C PRO C 872 89.70 36.39 16.37
N PHE D 8 -2.57 11.29 20.24
CA PHE D 8 -1.91 12.62 20.28
C PHE D 8 -0.59 12.54 21.04
N GLU D 9 -0.68 12.09 22.29
CA GLU D 9 0.53 11.97 23.11
C GLU D 9 1.49 10.94 22.54
N VAL D 10 0.96 9.83 22.02
CA VAL D 10 1.82 8.82 21.40
C VAL D 10 2.48 9.40 20.15
N GLU D 11 1.69 10.02 19.27
CA GLU D 11 2.24 10.65 18.09
C GLU D 11 3.18 11.79 18.47
N ASN D 12 2.81 12.56 19.50
CA ASN D 12 3.71 13.60 19.99
C ASN D 12 5.06 13.01 20.32
N LEU D 13 5.10 12.12 21.31
CA LEU D 13 6.37 11.53 21.75
C LEU D 13 7.13 10.93 20.57
N LEU D 14 6.42 10.29 19.63
CA LEU D 14 7.08 9.77 18.45
C LEU D 14 7.84 10.85 17.72
N GLN D 15 7.16 11.95 17.38
CA GLN D 15 7.81 13.03 16.64
C GLN D 15 8.93 13.64 17.45
N LEU D 16 8.71 13.83 18.75
CA LEU D 16 9.72 14.45 19.61
C LEU D 16 10.99 13.63 19.63
N LEU D 17 10.87 12.31 19.87
CA LEU D 17 12.05 11.46 19.89
C LEU D 17 12.71 11.42 18.52
N THR D 18 11.93 11.31 17.45
CA THR D 18 12.50 11.19 16.12
C THR D 18 13.31 12.43 15.75
N ASP D 19 12.76 13.62 16.00
CA ASP D 19 13.46 14.84 15.62
C ASP D 19 14.74 15.03 16.43
N ASN D 20 14.69 14.78 17.73
CA ASN D 20 15.87 14.97 18.56
C ASN D 20 16.99 14.00 18.22
N VAL D 21 16.71 12.92 17.49
CA VAL D 21 17.77 12.07 16.97
C VAL D 21 18.62 12.78 15.93
N SER D 26 17.49 14.49 14.79
CA SER D 26 17.99 15.57 14.02
C SER D 26 18.54 16.67 14.78
N ALA D 27 18.69 16.54 16.04
CA ALA D 27 18.65 17.95 16.41
C ALA D 27 20.00 18.62 16.16
N LYS D 28 21.10 17.95 16.48
CA LYS D 28 22.41 18.57 16.35
C LYS D 28 22.79 18.76 14.89
N GLY D 29 22.47 17.80 14.03
CA GLY D 29 22.72 17.97 12.61
C GLY D 29 21.94 19.14 12.03
N GLU D 30 20.66 19.21 12.39
CA GLU D 30 19.85 20.37 11.99
C GLU D 30 20.49 21.65 12.49
N LEU D 31 20.97 21.65 13.73
CA LEU D 31 21.55 22.85 14.32
C LEU D 31 22.77 23.29 13.52
N GLU D 32 23.70 22.36 13.28
CA GLU D 32 24.94 22.72 12.60
C GLU D 32 24.68 23.14 11.16
N ASN D 33 23.76 22.45 10.46
CA ASN D 33 23.43 22.86 9.11
C ASN D 33 22.80 24.25 9.09
N LEU D 34 21.92 24.53 10.05
CA LEU D 34 21.37 25.88 10.16
C LEU D 34 22.49 26.89 10.38
N LEU D 35 23.48 26.55 11.20
CA LEU D 35 24.58 27.47 11.44
C LEU D 35 25.38 27.73 10.17
N LYS D 36 25.68 26.68 9.40
CA LYS D 36 26.40 26.89 8.14
C LYS D 36 25.61 27.81 7.22
N GLU D 37 24.31 27.54 7.06
CA GLU D 37 23.54 28.29 6.09
C GLU D 37 23.31 29.72 6.55
N VAL D 38 23.19 29.93 7.87
CA VAL D 38 23.07 31.29 8.38
C VAL D 38 24.39 32.03 8.27
N GLN D 39 25.52 31.32 8.38
CA GLN D 39 26.81 31.94 8.09
C GLN D 39 26.86 32.37 6.63
N HIS D 40 26.34 31.55 5.73
CA HIS D 40 26.23 31.95 4.33
C HIS D 40 25.45 33.23 4.19
N LEU D 41 24.26 33.29 4.80
CA LEU D 41 23.44 34.48 4.66
C LEU D 41 24.11 35.69 5.31
N LYS D 42 24.88 35.48 6.37
CA LYS D 42 25.58 36.58 7.00
C LYS D 42 26.68 37.12 6.09
N GLY D 43 27.42 36.22 5.43
CA GLY D 43 28.38 36.67 4.44
C GLY D 43 27.72 37.43 3.32
N PHE D 44 26.58 36.93 2.84
CA PHE D 44 25.85 37.67 1.81
C PHE D 44 25.47 39.05 2.31
N LEU D 45 25.04 39.15 3.57
CA LEU D 45 24.65 40.44 4.11
C LEU D 45 25.84 41.39 4.18
N ASP D 46 27.01 40.87 4.59
CA ASP D 46 28.20 41.70 4.60
C ASP D 46 28.52 42.20 3.20
N ASP D 47 28.30 41.36 2.18
CA ASP D 47 28.43 41.81 0.81
C ASP D 47 27.43 42.91 0.48
N ALA D 48 26.16 42.64 0.76
CA ALA D 48 25.08 43.50 0.28
C ALA D 48 25.13 44.86 0.93
N ALA D 49 25.61 44.94 2.17
CA ALA D 49 25.73 46.23 2.83
C ALA D 49 26.65 47.16 2.04
N LYS D 50 27.77 46.64 1.54
CA LYS D 50 28.69 47.46 0.77
C LYS D 50 28.03 47.98 -0.50
N LEU D 51 27.24 47.15 -1.17
CA LEU D 51 26.69 47.51 -2.46
C LEU D 51 25.86 48.79 -2.36
N PRO D 52 25.89 49.63 -3.40
CA PRO D 52 24.85 50.66 -3.53
C PRO D 52 23.60 50.03 -4.11
N SER D 53 22.47 50.19 -3.42
CA SER D 53 21.22 49.57 -3.81
C SER D 53 20.14 50.64 -3.94
N ASP D 54 19.29 50.48 -4.96
CA ASP D 54 18.20 51.41 -5.20
C ASP D 54 16.90 50.71 -5.59
N SER D 55 16.83 49.40 -5.46
CA SER D 55 15.68 48.62 -5.89
C SER D 55 14.88 48.17 -4.67
N GLU D 56 13.58 48.43 -4.69
CA GLU D 56 12.74 48.08 -3.54
C GLU D 56 12.76 46.58 -3.27
N GLN D 57 12.80 45.78 -4.34
CA GLN D 57 12.88 44.34 -4.15
C GLN D 57 14.15 43.96 -3.39
N TRP D 58 15.27 44.63 -3.69
CA TRP D 58 16.50 44.31 -2.99
C TRP D 58 16.44 44.74 -1.53
N LYS D 59 15.82 45.88 -1.25
CA LYS D 59 15.65 46.27 0.15
C LYS D 59 14.78 45.25 0.88
N VAL D 60 13.74 44.75 0.20
CA VAL D 60 12.90 43.71 0.80
C VAL D 60 13.73 42.46 1.09
N LEU D 61 14.55 42.05 0.12
CA LEU D 61 15.34 40.84 0.33
C LEU D 61 16.36 41.02 1.44
N VAL D 62 16.98 42.20 1.53
CA VAL D 62 17.93 42.43 2.60
C VAL D 62 17.23 42.44 3.95
N GLU D 63 16.09 43.12 4.03
CA GLU D 63 15.29 43.06 5.26
C GLU D 63 15.00 41.61 5.63
N GLU D 64 14.61 40.80 4.65
CA GLU D 64 14.20 39.44 4.93
C GLU D 64 15.38 38.59 5.38
N ILE D 65 16.52 38.72 4.72
CA ILE D 65 17.67 37.92 5.14
C ILE D 65 18.17 38.38 6.49
N GLN D 66 18.13 39.69 6.77
CA GLN D 66 18.51 40.16 8.11
C GLN D 66 17.60 39.56 9.18
N LYS D 67 16.29 39.61 8.96
CA LYS D 67 15.36 39.09 9.96
C LYS D 67 15.51 37.58 10.10
N THR D 68 15.67 36.86 8.99
CA THR D 68 15.85 35.41 9.08
C THR D 68 17.15 35.06 9.80
N VAL D 69 18.22 35.79 9.51
CA VAL D 69 19.51 35.52 10.15
C VAL D 69 19.40 35.77 11.65
N HIS D 70 18.81 36.90 12.04
CA HIS D 70 18.70 37.20 13.46
C HIS D 70 17.73 36.24 14.15
N THR D 71 16.65 35.85 13.48
CA THR D 71 15.74 34.85 14.04
C THR D 71 16.46 33.54 14.29
N ALA D 72 17.25 33.08 13.32
CA ALA D 72 18.02 31.84 13.50
C ALA D 72 19.02 32.00 14.64
N GLU D 73 19.63 33.18 14.78
CA GLU D 73 20.56 33.39 15.89
C GLU D 73 19.84 33.30 17.24
N ASP D 74 18.65 33.92 17.33
CA ASP D 74 17.90 33.79 18.58
C ASP D 74 17.55 32.34 18.87
N ALA D 75 17.13 31.60 17.84
CA ALA D 75 16.77 30.20 18.05
C ALA D 75 17.98 29.39 18.50
N VAL D 76 19.14 29.62 17.90
CA VAL D 76 20.33 28.87 18.27
C VAL D 76 20.72 29.17 19.71
N ASP D 77 20.71 30.44 20.08
CA ASP D 77 21.08 30.79 21.45
C ASP D 77 20.08 30.23 22.45
N LYS D 78 18.79 30.24 22.10
CA LYS D 78 17.79 29.63 22.97
C LYS D 78 18.07 28.14 23.15
N PHE D 79 18.38 27.44 22.05
CA PHE D 79 18.61 26.01 22.14
C PHE D 79 19.82 25.68 23.00
N VAL D 80 20.93 26.42 22.81
CA VAL D 80 22.11 26.12 23.61
C VAL D 80 21.88 26.49 25.08
N VAL D 81 21.14 27.57 25.32
CA VAL D 81 20.80 27.94 26.69
C VAL D 81 19.97 26.83 27.34
N GLN D 82 19.01 26.27 26.61
CA GLN D 82 18.21 25.18 27.14
C GLN D 82 19.07 23.95 27.42
N ALA D 83 20.02 23.65 26.53
CA ALA D 83 20.93 22.54 26.77
C ALA D 83 21.73 22.75 28.04
N LYS D 84 22.26 23.97 28.24
CA LYS D 84 23.01 24.26 29.45
C LYS D 84 22.12 24.12 30.68
N LEU D 85 20.88 24.60 30.59
CA LEU D 85 19.96 24.47 31.72
C LEU D 85 19.72 23.01 32.06
N HIS D 86 19.52 22.18 31.04
CA HIS D 86 19.36 20.74 31.29
C HIS D 86 20.58 20.19 32.00
N LYS D 87 21.78 20.49 31.49
CA LYS D 87 22.98 19.99 32.13
C LYS D 87 23.12 20.49 33.56
N GLU D 88 22.57 21.68 33.85
CA GLU D 88 22.62 22.21 35.20
C GLU D 88 21.78 21.38 36.16
N LYS D 89 20.63 20.88 35.69
CA LYS D 89 19.75 20.11 36.55
C LYS D 89 20.40 18.77 36.93
N ASN D 90 19.98 18.25 38.08
CA ASN D 90 20.48 16.97 38.55
C ASN D 90 20.06 15.84 37.61
N LYS D 91 20.81 14.74 37.65
CA LYS D 91 20.48 13.60 36.81
C LYS D 91 19.03 13.18 36.98
N MET D 92 18.55 13.14 38.22
CA MET D 92 17.13 12.89 38.44
C MET D 92 16.29 14.03 37.86
N ALA D 93 16.69 15.27 38.09
CA ALA D 93 15.96 16.40 37.52
C ALA D 93 16.14 16.48 36.02
N ARG D 94 17.13 15.78 35.46
CA ARG D 94 17.30 15.76 34.01
C ARG D 94 16.37 14.71 33.37
N ILE D 95 16.48 13.46 33.83
CA ILE D 95 15.67 12.39 33.25
C ILE D 95 14.19 12.62 33.54
N LEU D 96 13.87 13.00 34.78
CA LEU D 96 12.47 13.04 35.20
C LEU D 96 11.69 14.12 34.46
N ASP D 97 12.30 15.27 34.22
CA ASP D 97 11.57 16.42 33.69
C ASP D 97 10.91 16.07 32.36
N VAL D 98 9.63 16.41 32.22
CA VAL D 98 8.86 16.13 31.02
C VAL D 98 8.50 17.41 30.27
N GLY D 99 8.19 18.49 30.98
CA GLY D 99 7.98 19.76 30.32
C GLY D 99 9.22 20.22 29.58
N HIS D 100 10.39 20.04 30.19
CA HIS D 100 11.64 20.35 29.51
C HIS D 100 11.76 19.58 28.21
N LEU D 101 11.38 18.30 28.22
CA LEU D 101 11.36 17.51 26.99
C LEU D 101 10.50 18.18 25.92
N ALA D 102 9.29 18.58 26.30
CA ALA D 102 8.39 19.24 25.37
C ALA D 102 9.04 20.46 24.76
N THR D 103 9.55 21.36 25.61
CA THR D 103 10.12 22.61 25.11
C THR D 103 11.36 22.35 24.26
N VAL D 104 12.18 21.38 24.66
CA VAL D 104 13.37 21.04 23.88
C VAL D 104 12.96 20.67 22.46
N ARG D 105 11.97 19.79 22.33
CA ARG D 105 11.62 19.35 21.00
C ARG D 105 10.80 20.39 20.21
N ASN D 106 10.05 21.26 20.88
CA ASN D 106 9.48 22.39 20.15
C ASN D 106 10.57 23.30 19.61
N LEU D 107 11.62 23.54 20.40
CA LEU D 107 12.74 24.34 19.93
C LEU D 107 13.42 23.68 18.74
N ALA D 108 13.59 22.36 18.79
CA ALA D 108 14.16 21.64 17.66
C ALA D 108 13.26 21.76 16.43
N ALA D 109 11.94 21.73 16.63
CA ALA D 109 11.02 21.90 15.51
C ALA D 109 11.17 23.29 14.89
N GLU D 110 11.25 24.32 15.73
CA GLU D 110 11.43 25.68 15.23
C GLU D 110 12.74 25.83 14.48
N VAL D 111 13.82 25.24 15.02
CA VAL D 111 15.12 25.29 14.36
C VAL D 111 15.05 24.59 13.02
N LYS D 112 14.38 23.44 12.96
CA LYS D 112 14.22 22.75 11.68
C LYS D 112 13.47 23.62 10.68
N GLY D 113 12.39 24.26 11.14
CA GLY D 113 11.63 25.12 10.25
C GLY D 113 12.47 26.24 9.68
N ILE D 114 13.22 26.93 10.55
CA ILE D 114 14.04 28.04 10.07
C ILE D 114 15.20 27.54 9.22
N HIS D 115 15.71 26.33 9.48
CA HIS D 115 16.76 25.79 8.63
C HIS D 115 16.25 25.53 7.22
N ASP D 116 15.07 24.93 7.10
CA ASP D 116 14.48 24.79 5.78
C ASP D 116 14.20 26.15 5.16
N GLN D 117 13.82 27.13 5.99
CA GLN D 117 13.60 28.48 5.49
C GLN D 117 14.87 29.05 4.89
N VAL D 118 16.02 28.82 5.53
CA VAL D 118 17.28 29.31 5.00
C VAL D 118 17.67 28.55 3.73
N LYS D 119 17.44 27.24 3.72
CA LYS D 119 17.70 26.46 2.51
C LYS D 119 16.95 27.02 1.31
N GLU D 120 15.65 27.28 1.50
CA GLU D 120 14.85 27.82 0.41
C GLU D 120 15.19 29.29 0.13
N LEU D 121 15.63 30.03 1.15
CA LEU D 121 16.08 31.40 0.92
C LEU D 121 17.27 31.40 -0.02
N ARG D 122 18.21 30.49 0.18
CA ARG D 122 19.36 30.40 -0.71
C ARG D 122 18.92 29.93 -2.10
N LEU D 123 18.15 28.85 -2.17
CA LEU D 123 17.89 28.23 -3.47
C LEU D 123 16.96 29.08 -4.32
N ASN D 124 15.87 29.56 -3.74
CA ASN D 124 14.88 30.29 -4.52
C ASN D 124 15.46 31.57 -5.10
N ASN D 125 16.22 32.32 -4.31
CA ASN D 125 16.68 33.65 -4.68
C ASN D 125 18.05 33.55 -5.35
N GLN D 126 18.11 33.96 -6.63
CA GLN D 126 19.35 33.88 -7.39
C GLN D 126 20.42 34.78 -6.77
N ALA D 127 20.02 35.95 -6.26
CA ALA D 127 20.96 36.96 -5.79
C ALA D 127 22.06 36.39 -4.89
N LEU D 128 21.75 35.33 -4.15
CA LEU D 128 22.66 34.84 -3.12
C LEU D 128 23.81 34.00 -3.66
N GLN D 129 23.82 33.66 -4.95
CA GLN D 129 24.82 32.75 -5.46
C GLN D 129 26.22 33.27 -5.22
N ALA D 130 27.11 32.38 -4.80
CA ALA D 130 28.49 32.77 -4.51
C ALA D 130 29.16 33.31 -5.77
N ARG D 131 29.97 34.36 -5.59
CA ARG D 131 30.67 35.00 -6.69
C ARG D 131 32.09 35.39 -6.24
N PRO D 132 33.08 35.26 -7.13
CA PRO D 132 34.48 35.40 -6.68
C PRO D 132 34.84 36.79 -6.16
N THR D 133 34.73 37.81 -7.02
CA THR D 133 35.02 39.19 -6.64
C THR D 133 33.96 40.06 -7.30
N LEU D 134 32.81 40.17 -6.66
CA LEU D 134 31.69 40.93 -7.24
C LEU D 134 30.91 41.56 -6.10
N GLU D 135 31.31 42.78 -5.73
CA GLU D 135 30.46 43.70 -4.99
C GLU D 135 30.38 44.93 -5.88
N LEU D 136 29.47 44.88 -6.84
CA LEU D 136 29.46 45.83 -7.94
C LEU D 136 29.18 47.24 -7.43
N PRO D 137 30.17 48.14 -7.36
CA PRO D 137 29.91 49.49 -6.85
C PRO D 137 29.39 50.44 -7.93
N GLN D 146 32.05 68.07 -6.77
CA GLN D 146 31.97 69.45 -7.22
C GLN D 146 31.63 70.37 -6.05
N GLN D 147 32.30 71.52 -6.00
CA GLN D 147 32.16 72.45 -4.90
C GLN D 147 30.90 73.31 -5.11
N GLY D 148 30.71 74.30 -4.23
CA GLY D 148 29.63 75.24 -4.36
C GLY D 148 30.01 76.41 -5.25
N PRO D 149 29.21 77.48 -5.21
CA PRO D 149 29.51 78.65 -6.04
C PRO D 149 30.92 79.19 -5.82
N ALA D 150 31.24 79.51 -4.57
CA ALA D 150 32.48 80.16 -4.14
C ALA D 150 32.14 81.53 -3.56
N LEU D 151 32.52 81.76 -2.31
CA LEU D 151 32.12 82.96 -1.60
C LEU D 151 33.13 84.09 -1.83
N GLU D 152 32.74 85.28 -1.38
CA GLU D 152 33.62 86.42 -1.22
C GLU D 152 33.68 86.76 0.27
N ASP D 153 34.55 87.71 0.62
CA ASP D 153 34.87 87.93 2.03
C ASP D 153 33.64 88.29 2.85
N ASP D 154 32.61 88.88 2.25
CA ASP D 154 31.40 89.23 3.00
C ASP D 154 30.46 88.05 3.20
N GLU D 155 30.72 86.92 2.55
CA GLU D 155 29.92 85.71 2.74
C GLU D 155 30.56 84.74 3.71
N VAL D 156 31.74 85.05 4.24
CA VAL D 156 32.43 84.20 5.20
C VAL D 156 32.23 84.82 6.58
N VAL D 157 31.70 84.03 7.51
CA VAL D 157 31.25 84.52 8.81
C VAL D 157 32.21 84.07 9.89
N GLY D 158 32.63 85.01 10.73
CA GLY D 158 33.34 84.68 11.95
C GLY D 158 34.69 84.02 11.75
N PHE D 159 35.18 84.00 10.52
CA PHE D 159 36.49 83.44 10.22
C PHE D 159 37.55 84.52 10.10
N ASP D 160 37.20 85.79 10.32
CA ASP D 160 38.18 86.86 10.23
C ASP D 160 39.33 86.62 11.18
N GLU D 161 39.01 86.39 12.46
CA GLU D 161 40.05 86.10 13.44
C GLU D 161 40.77 84.79 13.11
N GLU D 162 40.02 83.79 12.62
CA GLU D 162 40.64 82.53 12.24
C GLU D 162 41.57 82.72 11.05
N ALA D 163 41.09 83.43 10.01
CA ALA D 163 41.94 83.69 8.86
C ALA D 163 43.20 84.43 9.27
N ASN D 164 43.07 85.44 10.12
CA ASN D 164 44.23 86.15 10.63
C ASN D 164 45.16 85.16 11.31
N LYS D 165 44.72 84.55 12.42
CA LYS D 165 45.54 83.59 13.15
C LYS D 165 46.30 82.66 12.21
N VAL D 166 45.61 82.10 11.22
CA VAL D 166 46.27 81.16 10.31
C VAL D 166 47.34 81.87 9.49
N ILE D 167 47.03 83.07 8.99
CA ILE D 167 48.00 83.79 8.16
C ILE D 167 49.23 84.17 8.99
N ASN D 168 49.01 84.60 10.23
CA ASN D 168 50.14 84.92 11.11
C ASN D 168 50.98 83.69 11.39
N ARG D 169 50.34 82.56 11.72
CA ARG D 169 51.09 81.32 11.86
C ARG D 169 51.88 81.03 10.59
N LEU D 170 51.32 81.38 9.44
CA LEU D 170 51.98 81.09 8.17
C LEU D 170 53.22 81.96 7.97
N VAL D 171 53.08 83.26 8.22
CA VAL D 171 54.06 84.22 7.73
C VAL D 171 55.32 84.29 8.60
N LYS D 172 55.25 83.84 9.85
CA LYS D 172 56.41 83.89 10.72
C LYS D 172 57.63 83.34 9.99
N GLU D 173 58.64 84.20 9.81
CA GLU D 173 59.81 83.81 9.05
C GLU D 173 60.53 82.65 9.74
N SER D 174 60.90 81.66 8.94
CA SER D 174 61.58 80.46 9.44
C SER D 174 62.25 79.78 8.27
N LYS D 175 63.58 79.64 8.34
CA LYS D 175 64.33 79.10 7.21
C LYS D 175 63.73 77.78 6.72
N ASP D 176 63.31 76.93 7.65
CA ASP D 176 62.79 75.62 7.29
C ASP D 176 61.41 75.74 6.65
N LEU D 177 61.02 74.67 5.94
CA LEU D 177 59.69 74.58 5.35
C LEU D 177 58.72 74.10 6.42
N ASP D 178 57.86 75.00 6.89
CA ASP D 178 56.87 74.69 7.90
C ASP D 178 55.48 74.67 7.28
N ILE D 179 54.61 73.83 7.84
CA ILE D 179 53.30 73.60 7.28
C ILE D 179 52.26 74.11 8.28
N ILE D 180 51.09 74.46 7.76
CA ILE D 180 49.98 74.96 8.57
C ILE D 180 48.70 74.23 8.18
N PRO D 181 48.26 73.22 8.94
CA PRO D 181 47.08 72.46 8.55
C PRO D 181 45.79 72.98 9.15
N VAL D 182 44.70 72.76 8.41
CA VAL D 182 43.34 73.04 8.87
C VAL D 182 42.58 71.74 8.87
N VAL D 183 42.14 71.32 10.06
CA VAL D 183 41.56 69.99 10.27
C VAL D 183 40.26 70.11 11.04
N GLY D 184 39.31 69.26 10.70
CA GLY D 184 38.05 69.21 11.40
C GLY D 184 37.02 68.39 10.67
N MET D 185 35.94 68.11 11.38
CA MET D 185 34.89 67.21 10.92
C MET D 185 34.38 67.59 9.54
N PRO D 186 33.69 66.67 8.87
CA PRO D 186 33.16 66.97 7.54
C PRO D 186 32.24 68.17 7.55
N GLY D 187 32.35 69.00 6.51
CA GLY D 187 31.52 70.17 6.42
C GLY D 187 31.77 71.19 7.49
N LEU D 188 32.98 71.25 8.06
CA LEU D 188 33.24 72.26 9.07
C LEU D 188 33.60 73.61 8.45
N GLY D 189 33.87 73.65 7.15
CA GLY D 189 34.19 74.87 6.46
C GLY D 189 35.67 75.09 6.18
N LYS D 190 36.49 74.04 6.27
CA LYS D 190 37.93 74.21 6.12
C LYS D 190 38.28 74.81 4.77
N THR D 191 37.70 74.29 3.69
CA THR D 191 38.00 74.85 2.37
C THR D 191 37.66 76.32 2.31
N THR D 192 36.60 76.76 3.02
CA THR D 192 36.26 78.18 2.99
C THR D 192 37.29 79.01 3.74
N LEU D 193 37.80 78.50 4.86
CA LEU D 193 38.87 79.22 5.55
C LEU D 193 40.10 79.33 4.66
N ALA D 194 40.44 78.24 3.98
CA ALA D 194 41.59 78.29 3.07
C ALA D 194 41.37 79.28 1.94
N ARG D 195 40.18 79.26 1.33
CA ARG D 195 39.87 80.18 0.25
C ARG D 195 39.96 81.63 0.72
N LYS D 196 39.41 81.92 1.91
CA LYS D 196 39.61 83.23 2.50
C LYS D 196 41.10 83.54 2.64
N ILE D 197 41.82 82.70 3.40
CA ILE D 197 43.26 82.86 3.52
C ILE D 197 43.89 83.06 2.16
N TYR D 198 43.42 82.32 1.16
CA TYR D 198 44.00 82.36 -0.18
C TYR D 198 43.84 83.71 -0.86
N LYS D 199 42.88 84.53 -0.41
CA LYS D 199 42.58 85.80 -1.08
C LYS D 199 42.90 87.02 -0.21
N ASP D 200 43.65 86.86 0.87
CA ASP D 200 44.08 88.03 1.63
C ASP D 200 45.20 88.76 0.90
N PRO D 201 45.16 90.09 0.79
CA PRO D 201 46.32 90.81 0.26
C PRO D 201 47.57 90.58 1.08
N LYS D 202 47.45 90.30 2.37
CA LYS D 202 48.63 90.07 3.20
C LYS D 202 49.47 88.92 2.66
N LEU D 203 48.83 87.85 2.21
CA LEU D 203 49.56 86.74 1.61
C LEU D 203 50.33 87.20 0.39
N SER D 204 49.70 88.02 -0.46
CA SER D 204 50.41 88.57 -1.62
C SER D 204 51.61 89.39 -1.19
N TYR D 205 51.45 90.18 -0.13
CA TYR D 205 52.58 90.98 0.37
C TYR D 205 53.72 90.09 0.84
N GLU D 206 53.39 89.00 1.52
CA GLU D 206 54.40 88.15 2.14
C GLU D 206 54.95 87.06 1.22
N PHE D 207 54.22 86.68 0.17
CA PHE D 207 54.64 85.59 -0.70
C PHE D 207 54.49 86.01 -2.15
N PHE D 208 55.50 85.68 -2.96
CA PHE D 208 55.47 86.03 -4.38
C PHE D 208 54.33 85.30 -5.09
N GLY D 209 54.27 83.98 -4.92
CA GLY D 209 53.29 83.18 -5.63
C GLY D 209 52.55 82.23 -4.71
N VAL D 210 51.23 82.42 -4.61
CA VAL D 210 50.36 81.55 -3.84
C VAL D 210 49.52 80.77 -4.82
N HIS D 211 49.61 79.44 -4.75
CA HIS D 211 48.84 78.57 -5.63
C HIS D 211 48.01 77.61 -4.81
N TRP D 212 46.95 77.11 -5.45
CA TRP D 212 45.94 76.29 -4.81
C TRP D 212 45.85 74.95 -5.51
N VAL D 213 45.67 73.88 -4.74
CA VAL D 213 45.53 72.54 -5.29
C VAL D 213 44.45 71.79 -4.51
N TYR D 214 43.61 71.06 -5.23
CA TYR D 214 42.57 70.23 -4.64
C TYR D 214 43.04 68.79 -4.70
N VAL D 215 42.88 68.05 -3.60
CA VAL D 215 43.30 66.66 -3.57
C VAL D 215 42.12 65.75 -3.30
N GLY D 216 41.49 65.90 -2.13
CA GLY D 216 40.45 64.97 -1.74
C GLY D 216 41.00 63.58 -1.47
N GLN D 217 40.15 62.64 -1.06
CA GLN D 217 40.64 61.29 -0.80
C GLN D 217 41.27 60.70 -2.05
N SER D 218 40.60 60.84 -3.19
CA SER D 218 41.04 60.26 -4.44
C SER D 218 41.73 61.32 -5.29
N TYR D 219 42.89 60.96 -5.83
CA TYR D 219 43.75 61.88 -6.56
C TYR D 219 44.86 61.07 -7.19
N LYS D 220 45.57 61.70 -8.12
CA LYS D 220 46.81 61.16 -8.65
C LYS D 220 47.88 62.23 -8.47
N ILE D 221 49.07 61.83 -8.05
CA ILE D 221 50.15 62.78 -7.78
C ILE D 221 50.41 63.57 -9.05
N LYS D 222 50.35 62.89 -10.20
CA LYS D 222 50.72 63.54 -11.45
C LYS D 222 49.81 64.73 -11.74
N ASP D 223 48.51 64.59 -11.51
CA ASP D 223 47.61 65.71 -11.70
C ASP D 223 48.01 66.88 -10.79
N VAL D 224 48.33 66.57 -9.53
CA VAL D 224 48.69 67.63 -8.59
C VAL D 224 49.94 68.36 -9.07
N PHE D 225 50.96 67.60 -9.47
CA PHE D 225 52.22 68.21 -9.89
C PHE D 225 52.03 69.02 -11.17
N LEU D 226 51.24 68.50 -12.11
CA LEU D 226 50.98 69.27 -13.33
C LEU D 226 50.25 70.57 -13.02
N ASN D 227 49.26 70.52 -12.14
CA ASN D 227 48.54 71.74 -11.77
C ASN D 227 49.47 72.72 -11.07
N ILE D 228 50.37 72.22 -10.23
CA ILE D 228 51.35 73.10 -9.58
C ILE D 228 52.23 73.76 -10.63
N LEU D 229 52.79 72.96 -11.53
CA LEU D 229 53.67 73.50 -12.57
C LEU D 229 52.95 74.51 -13.45
N LYS D 230 51.65 74.34 -13.67
CA LYS D 230 50.91 75.32 -14.46
C LYS D 230 51.07 76.72 -13.89
N PHE D 231 51.01 76.86 -12.56
CA PHE D 231 51.17 78.18 -11.97
C PHE D 231 52.53 78.77 -12.28
N PHE D 232 53.56 77.92 -12.38
CA PHE D 232 54.91 78.40 -12.62
C PHE D 232 55.29 78.47 -14.09
N THR D 233 54.43 77.96 -14.98
CA THR D 233 54.68 78.08 -16.41
C THR D 233 53.43 77.59 -17.14
N ARG D 234 53.11 78.27 -18.24
CA ARG D 234 51.97 77.89 -19.07
C ARG D 234 52.30 76.77 -20.03
N ARG D 235 53.53 76.26 -20.02
CA ARG D 235 53.98 75.23 -20.93
C ARG D 235 54.06 73.87 -20.26
N THR D 236 53.09 73.56 -19.40
CA THR D 236 53.04 72.23 -18.80
C THR D 236 52.97 71.15 -19.88
N GLU D 237 52.46 71.50 -21.06
CA GLU D 237 52.48 70.55 -22.17
C GLU D 237 53.89 70.08 -22.49
N ASP D 238 54.90 70.89 -22.17
CA ASP D 238 56.28 70.49 -22.45
C ASP D 238 56.79 69.47 -21.45
N TYR D 239 56.35 69.55 -20.19
CA TYR D 239 56.84 68.68 -19.14
C TYR D 239 55.87 67.55 -18.79
N GLN D 240 54.82 67.37 -19.60
CA GLN D 240 53.87 66.29 -19.34
C GLN D 240 54.52 64.91 -19.47
N HIS D 241 55.67 64.82 -20.12
CA HIS D 241 56.33 63.55 -20.36
C HIS D 241 57.47 63.27 -19.38
N GLU D 242 57.64 64.11 -18.36
CA GLU D 242 58.75 63.95 -17.43
C GLU D 242 58.30 63.14 -16.21
N ASP D 243 59.27 62.47 -15.59
CA ASP D 243 58.99 61.58 -14.47
C ASP D 243 58.70 62.37 -13.20
N VAL D 244 58.33 61.65 -12.15
CA VAL D 244 57.93 62.30 -10.89
C VAL D 244 59.06 63.17 -10.37
N ASP D 245 60.27 62.61 -10.29
CA ASP D 245 61.39 63.39 -9.79
C ASP D 245 61.80 64.48 -10.77
N ALA D 246 61.61 64.25 -12.06
CA ALA D 246 61.87 65.31 -13.04
C ALA D 246 61.00 66.53 -12.76
N LEU D 247 59.69 66.32 -12.59
CA LEU D 247 58.81 67.43 -12.24
C LEU D 247 59.14 67.99 -10.86
N ALA D 248 59.56 67.15 -9.93
CA ALA D 248 59.97 67.64 -8.62
C ALA D 248 61.08 68.67 -8.77
N LYS D 249 62.14 68.32 -9.51
CA LYS D 249 63.25 69.24 -9.72
C LYS D 249 62.81 70.47 -10.49
N VAL D 250 61.97 70.29 -11.51
CA VAL D 250 61.52 71.42 -12.31
C VAL D 250 60.78 72.43 -11.44
N ILE D 251 59.85 71.94 -10.62
CA ILE D 251 59.08 72.83 -9.76
C ILE D 251 59.98 73.45 -8.69
N ALA D 252 60.96 72.69 -8.19
CA ALA D 252 61.90 73.27 -7.24
C ALA D 252 62.63 74.46 -7.85
N GLY D 253 63.10 74.31 -9.09
CA GLY D 253 63.77 75.42 -9.75
C GLY D 253 62.84 76.58 -10.01
N PHE D 254 61.61 76.29 -10.45
CA PHE D 254 60.64 77.35 -10.70
C PHE D 254 60.37 78.14 -9.43
N ILE D 255 60.20 77.45 -8.30
CA ILE D 255 59.97 78.13 -7.04
C ILE D 255 61.20 78.93 -6.62
N ASN D 256 62.39 78.34 -6.79
CA ASN D 256 63.62 79.07 -6.47
C ASN D 256 63.66 80.39 -7.21
N LYS D 257 63.34 80.38 -8.51
CA LYS D 257 63.24 81.62 -9.25
C LYS D 257 62.16 82.53 -8.66
N GLY D 258 61.00 81.96 -8.31
CA GLY D 258 59.92 82.76 -7.79
C GLY D 258 60.23 83.38 -6.44
N GLY D 259 60.81 82.59 -5.53
CA GLY D 259 61.06 83.05 -4.18
C GLY D 259 60.12 82.40 -3.18
N ARG D 260 59.81 83.10 -2.10
CA ARG D 260 58.91 82.56 -1.10
C ARG D 260 57.58 82.18 -1.73
N CYS D 261 57.10 80.97 -1.41
CA CYS D 261 55.88 80.44 -2.01
C CYS D 261 55.05 79.75 -0.95
N LEU D 262 53.73 79.94 -1.03
CA LEU D 262 52.77 79.20 -0.23
C LEU D 262 51.92 78.36 -1.18
N ILE D 263 51.68 77.11 -0.80
CA ILE D 263 50.85 76.21 -1.59
C ILE D 263 49.67 75.80 -0.72
N CYS D 264 48.46 76.10 -1.20
CA CYS D 264 47.23 75.70 -0.52
C CYS D 264 46.84 74.31 -1.01
N LEU D 265 46.60 73.39 -0.07
CA LEU D 265 46.20 72.03 -0.39
C LEU D 265 44.84 71.75 0.25
N ASP D 266 43.89 71.34 -0.57
CA ASP D 266 42.53 71.09 -0.12
C ASP D 266 42.33 69.60 0.13
N ASP D 267 42.06 69.24 1.38
CA ASP D 267 41.62 67.89 1.74
C ASP D 267 42.65 66.85 1.31
N VAL D 268 43.82 66.93 1.93
CA VAL D 268 44.81 65.87 1.84
C VAL D 268 44.59 64.93 3.02
N TRP D 269 44.46 63.63 2.73
CA TRP D 269 44.17 62.64 3.76
C TRP D 269 45.25 61.59 3.94
N GLU D 270 46.30 61.57 3.13
CA GLU D 270 47.30 60.51 3.20
C GLU D 270 48.69 61.10 3.34
N THR D 271 49.46 60.55 4.29
CA THR D 271 50.78 61.09 4.60
C THR D 271 51.71 61.06 3.39
N LYS D 272 51.57 60.05 2.52
CA LYS D 272 52.40 59.99 1.33
C LYS D 272 52.32 61.28 0.54
N VAL D 273 51.14 61.90 0.52
CA VAL D 273 50.97 63.16 -0.21
C VAL D 273 51.89 64.22 0.36
N ILE D 274 51.91 64.35 1.68
CA ILE D 274 52.78 65.35 2.31
C ILE D 274 54.23 65.04 1.99
N ASP D 275 54.64 63.78 2.11
CA ASP D 275 56.01 63.44 1.75
C ASP D 275 56.32 63.78 0.31
N TYR D 276 55.32 63.76 -0.56
CA TYR D 276 55.53 64.17 -1.94
C TYR D 276 55.62 65.69 -2.10
N VAL D 277 54.90 66.44 -1.26
CA VAL D 277 54.90 67.89 -1.42
C VAL D 277 56.18 68.51 -0.84
N LYS D 278 56.79 67.88 0.17
CA LYS D 278 58.06 68.40 0.66
C LYS D 278 59.10 68.44 -0.43
N THR D 279 58.95 67.60 -1.46
CA THR D 279 59.98 67.47 -2.48
C THR D 279 60.03 68.70 -3.37
N ILE D 280 58.88 69.21 -3.80
CA ILE D 280 58.84 70.26 -4.80
C ILE D 280 59.48 71.55 -4.33
N PHE D 281 59.76 71.68 -3.04
CA PHE D 281 60.24 72.95 -2.49
C PHE D 281 61.76 72.99 -2.48
N PRO D 282 62.39 73.99 -3.09
CA PRO D 282 63.85 74.05 -3.07
C PRO D 282 64.38 74.39 -1.69
N GLU D 283 65.63 73.99 -1.44
CA GLU D 283 66.30 74.24 -0.16
C GLU D 283 67.01 75.59 -0.15
N ASN D 284 66.29 76.64 -0.52
CA ASN D 284 66.84 77.98 -0.58
C ASN D 284 66.67 78.75 0.73
N GLU D 285 66.35 78.04 1.82
CA GLU D 285 66.20 78.66 3.13
C GLU D 285 65.32 79.91 3.06
N LYS D 286 64.34 79.89 2.16
CA LYS D 286 63.41 81.00 2.02
C LYS D 286 62.19 80.87 2.94
N GLY D 287 62.09 79.77 3.67
CA GLY D 287 60.97 79.59 4.58
C GLY D 287 59.64 79.48 3.88
N HIS D 288 59.58 78.69 2.82
CA HIS D 288 58.32 78.46 2.13
C HIS D 288 57.32 77.82 3.08
N ARG D 289 56.07 77.73 2.62
CA ARG D 289 54.99 77.22 3.44
C ARG D 289 54.05 76.37 2.59
N VAL D 290 53.37 75.44 3.26
CA VAL D 290 52.29 74.67 2.66
C VAL D 290 51.12 74.72 3.63
N MET D 291 49.94 75.08 3.13
CA MET D 291 48.71 75.08 3.92
C MET D 291 47.81 73.99 3.37
N MET D 292 47.56 72.97 4.18
CA MET D 292 46.86 71.76 3.74
C MET D 292 45.70 71.49 4.68
N THR D 293 44.54 71.19 4.11
CA THR D 293 43.39 70.78 4.90
C THR D 293 43.28 69.26 4.88
N THR D 294 42.99 68.69 6.06
CA THR D 294 42.99 67.25 6.23
C THR D 294 41.94 66.88 7.28
N ARG D 295 41.07 65.93 6.95
CA ARG D 295 40.06 65.49 7.92
C ARG D 295 40.61 64.53 8.95
N ASN D 296 41.91 64.23 8.90
CA ASN D 296 42.54 63.29 9.83
C ASN D 296 43.44 64.08 10.79
N LYS D 297 43.01 64.21 12.04
CA LYS D 297 43.77 65.02 13.00
C LYS D 297 45.22 64.59 13.06
N VAL D 298 45.50 63.29 12.95
CA VAL D 298 46.87 62.82 13.01
C VAL D 298 47.67 63.32 11.81
N LEU D 299 47.04 63.34 10.63
CA LEU D 299 47.71 63.86 9.45
C LEU D 299 48.06 65.32 9.64
N ALA D 300 47.12 66.11 10.15
CA ALA D 300 47.41 67.50 10.49
C ALA D 300 48.58 67.57 11.47
N THR D 301 48.56 66.73 12.50
CA THR D 301 49.62 66.78 13.51
C THR D 301 50.98 66.53 12.90
N TYR D 302 51.06 65.58 11.97
CA TYR D 302 52.34 65.37 11.31
C TYR D 302 52.70 66.57 10.43
N ALA D 303 51.73 67.10 9.70
CA ALA D 303 52.01 68.24 8.83
C ALA D 303 52.60 69.38 9.64
N ASN D 304 51.97 69.73 10.75
CA ASN D 304 52.52 70.67 11.72
C ASN D 304 52.38 70.09 13.11
N SER D 305 53.41 70.26 13.92
CA SER D 305 53.41 69.73 15.28
C SER D 305 52.42 70.45 16.20
N ASP D 306 51.58 71.34 15.68
CA ASP D 306 50.58 72.05 16.47
C ASP D 306 49.42 72.39 15.55
N PRO D 307 48.37 71.58 15.51
CA PRO D 307 47.32 71.78 14.51
C PRO D 307 46.60 73.11 14.69
N HIS D 308 45.67 73.40 13.78
CA HIS D 308 44.78 74.55 13.88
C HIS D 308 43.37 74.00 13.71
N ASP D 309 42.81 73.49 14.81
CA ASP D 309 41.48 72.90 14.77
C ASP D 309 40.49 74.01 14.43
N LEU D 310 39.93 73.93 13.23
CA LEU D 310 38.97 74.92 12.76
C LEU D 310 37.92 75.22 13.81
N LYS D 311 37.83 76.49 14.21
CA LYS D 311 36.99 76.86 15.33
C LYS D 311 35.55 76.40 15.07
N PHE D 312 34.73 76.49 16.12
CA PHE D 312 33.31 76.18 16.03
C PHE D 312 32.52 77.47 15.95
N LEU D 313 31.68 77.59 14.92
CA LEU D 313 30.84 78.77 14.78
C LEU D 313 29.93 78.91 16.00
N THR D 314 29.80 80.15 16.48
CA THR D 314 28.89 80.41 17.57
C THR D 314 27.46 80.47 17.05
N PRO D 315 26.47 80.33 17.93
CA PRO D 315 25.07 80.34 17.46
C PRO D 315 24.72 81.58 16.67
N LYS D 316 25.22 82.75 17.08
CA LYS D 316 24.96 83.97 16.32
C LYS D 316 25.57 83.88 14.93
N GLU D 317 26.76 83.30 14.83
CA GLU D 317 27.36 83.11 13.50
C GLU D 317 26.51 82.19 12.64
N SER D 318 25.98 81.11 13.23
CA SER D 318 25.13 80.20 12.45
C SER D 318 23.86 80.90 12.00
N PHE D 319 23.25 81.70 12.87
CA PHE D 319 22.04 82.43 12.48
C PHE D 319 22.35 83.43 11.38
N GLU D 320 23.48 84.14 11.49
CA GLU D 320 23.87 85.07 10.45
C GLU D 320 24.10 84.35 9.13
N LEU D 321 24.73 83.18 9.18
CA LEU D 321 24.94 82.40 7.96
C LEU D 321 23.62 82.02 7.32
N LEU D 322 22.68 81.51 8.12
CA LEU D 322 21.39 81.13 7.56
C LEU D 322 20.67 82.33 6.95
N VAL D 323 20.73 83.48 7.64
CA VAL D 323 20.14 84.69 7.09
C VAL D 323 20.78 85.03 5.76
N LYS D 324 22.10 84.90 5.68
CA LYS D 324 22.81 85.17 4.44
C LYS D 324 22.38 84.21 3.33
N ARG D 325 22.08 82.96 3.69
CA ARG D 325 21.78 81.97 2.67
C ARG D 325 20.35 82.11 2.16
N VAL D 326 19.36 81.99 3.05
CA VAL D 326 17.97 82.01 2.60
C VAL D 326 17.63 83.38 2.03
N PHE D 327 18.07 84.45 2.68
CA PHE D 327 17.67 85.80 2.32
C PHE D 327 18.82 86.65 1.80
N GLY D 328 19.90 86.03 1.36
CA GLY D 328 21.00 86.78 0.77
C GLY D 328 21.45 87.93 1.64
N LYS D 329 21.24 89.16 1.18
CA LYS D 329 21.55 90.35 1.95
C LYS D 329 20.32 91.04 2.50
N LYS D 330 19.17 90.89 1.87
CA LYS D 330 17.94 91.43 2.44
C LYS D 330 17.71 90.78 3.80
N PRO D 331 17.41 91.55 4.84
CA PRO D 331 17.35 90.96 6.18
C PRO D 331 16.25 89.93 6.31
N CYS D 332 16.49 88.96 7.18
CA CYS D 332 15.46 87.99 7.49
C CYS D 332 14.26 88.71 8.11
N PRO D 333 13.03 88.35 7.76
CA PRO D 333 11.87 89.09 8.28
C PRO D 333 11.66 88.82 9.77
N LYS D 334 10.83 89.68 10.37
CA LYS D 334 10.78 89.76 11.83
C LYS D 334 10.32 88.46 12.47
N ASP D 335 9.25 87.85 11.95
CA ASP D 335 8.67 86.72 12.65
C ASP D 335 9.51 85.45 12.47
N LEU D 336 10.22 85.34 11.34
CA LEU D 336 11.05 84.16 11.12
C LEU D 336 12.25 84.11 12.06
N VAL D 337 12.54 85.21 12.76
CA VAL D 337 13.75 85.25 13.60
C VAL D 337 13.68 84.23 14.72
N GLY D 338 12.53 84.11 15.38
CA GLY D 338 12.41 83.09 16.42
C GLY D 338 12.68 81.70 15.87
N HIS D 339 11.95 81.32 14.81
CA HIS D 339 12.23 80.05 14.14
C HIS D 339 13.63 80.05 13.53
N GLY D 340 14.05 81.18 12.96
CA GLY D 340 15.40 81.29 12.45
C GLY D 340 16.45 81.06 13.52
N GLU D 341 16.22 81.63 14.71
CA GLU D 341 17.11 81.35 15.82
C GLU D 341 17.13 79.86 16.14
N SER D 342 15.95 79.25 16.26
CA SER D 342 15.89 77.84 16.62
C SER D 342 16.70 77.00 15.63
N ILE D 343 16.46 77.20 14.33
CA ILE D 343 17.21 76.46 13.32
C ILE D 343 18.69 76.79 13.40
N ALA D 344 19.03 78.01 13.82
CA ALA D 344 20.43 78.41 13.86
C ALA D 344 21.18 77.71 14.98
N GLY D 345 20.62 77.72 16.18
CA GLY D 345 21.33 77.13 17.31
C GLY D 345 21.44 75.63 17.21
N LYS D 346 20.38 74.98 16.72
CA LYS D 346 20.30 73.52 16.77
C LYS D 346 21.35 72.82 15.91
N CYS D 347 22.15 73.55 15.15
CA CYS D 347 23.07 72.92 14.21
C CYS D 347 24.42 72.56 14.84
N GLY D 348 24.64 72.91 16.11
CA GLY D 348 25.83 72.48 16.81
C GLY D 348 27.05 73.33 16.60
N GLY D 349 27.06 74.20 15.59
CA GLY D 349 28.21 75.01 15.28
C GLY D 349 29.05 74.52 14.13
N VAL D 350 28.43 74.07 13.04
CA VAL D 350 29.15 73.62 11.86
C VAL D 350 28.43 74.21 10.65
N PRO D 351 29.07 75.08 9.83
CA PRO D 351 28.28 75.82 8.94
C PRO D 351 27.57 75.01 7.88
N LEU D 352 28.02 73.80 7.61
CA LEU D 352 27.41 73.02 6.53
C LEU D 352 26.01 72.54 6.92
N ALA D 353 25.80 72.22 8.19
CA ALA D 353 24.45 71.90 8.63
C ALA D 353 23.50 73.09 8.41
N VAL D 354 23.95 74.28 8.81
CA VAL D 354 23.19 75.49 8.55
C VAL D 354 22.91 75.61 7.05
N VAL D 355 23.94 75.40 6.24
CA VAL D 355 23.81 75.58 4.79
C VAL D 355 22.76 74.63 4.24
N VAL D 356 22.80 73.37 4.66
CA VAL D 356 21.87 72.38 4.11
C VAL D 356 20.44 72.72 4.51
N ILE D 357 20.20 73.02 5.78
CA ILE D 357 18.82 73.26 6.16
C ILE D 357 18.35 74.57 5.54
N ALA D 358 19.25 75.53 5.35
CA ALA D 358 18.91 76.73 4.60
C ALA D 358 18.45 76.36 3.19
N GLY D 359 19.23 75.53 2.51
CA GLY D 359 18.82 75.06 1.20
C GLY D 359 17.42 74.50 1.22
N ALA D 360 17.10 73.71 2.23
CA ALA D 360 15.74 73.22 2.38
C ALA D 360 14.76 74.37 2.57
N LEU D 361 15.21 75.47 3.18
CA LEU D 361 14.36 76.62 3.50
C LEU D 361 14.34 77.68 2.41
N ARG D 362 14.99 77.45 1.28
CA ARG D 362 15.18 78.51 0.29
C ARG D 362 13.85 79.02 -0.23
N GLY D 363 13.58 80.29 0.02
CA GLY D 363 12.36 80.91 -0.46
C GLY D 363 11.11 80.26 0.07
N ARG D 364 11.05 80.05 1.38
CA ARG D 364 9.86 79.49 2.04
C ARG D 364 9.38 80.44 3.14
N PRO D 365 9.17 81.71 2.81
CA PRO D 365 8.81 82.69 3.85
C PRO D 365 7.44 82.46 4.48
N ASN D 366 6.75 81.39 4.10
CA ASN D 366 5.50 81.00 4.75
C ASN D 366 5.85 80.26 6.03
N THR D 367 5.51 80.86 7.18
CA THR D 367 6.01 80.34 8.45
C THR D 367 5.57 78.91 8.72
N SER D 368 4.54 78.44 8.02
CA SER D 368 4.18 77.02 8.12
C SER D 368 5.39 76.14 7.87
N ASP D 369 6.13 76.45 6.79
CA ASP D 369 7.28 75.61 6.46
C ASP D 369 8.47 75.88 7.36
N TRP D 370 8.68 77.12 7.80
CA TRP D 370 9.78 77.35 8.73
C TRP D 370 9.56 76.55 10.00
N ILE D 371 8.32 76.48 10.48
CA ILE D 371 8.03 75.65 11.65
C ILE D 371 8.20 74.18 11.31
N ARG D 372 7.72 73.74 10.13
CA ARG D 372 7.93 72.37 9.74
C ARG D 372 9.40 71.99 9.85
N VAL D 373 10.28 72.86 9.35
CA VAL D 373 11.70 72.54 9.38
C VAL D 373 12.28 72.70 10.78
N GLU D 374 11.68 73.53 11.63
CA GLU D 374 12.20 73.70 12.98
C GLU D 374 11.90 72.49 13.85
N ARG D 375 10.66 71.96 13.78
CA ARG D 375 10.22 70.93 14.72
C ARG D 375 11.35 69.94 14.98
N ASN D 376 12.08 69.58 13.93
CA ASN D 376 13.29 68.79 14.03
C ASN D 376 14.24 69.32 12.96
N VAL D 377 15.53 69.39 13.29
CA VAL D 377 16.51 69.94 12.35
C VAL D 377 17.73 69.06 12.19
N VAL D 378 17.71 67.83 12.69
CA VAL D 378 18.79 66.89 12.38
C VAL D 378 18.34 65.92 11.30
N GLN D 379 17.06 65.53 11.31
CA GLN D 379 16.54 64.66 10.26
C GLN D 379 16.55 65.36 8.91
N HIS D 380 16.36 66.67 8.91
CA HIS D 380 16.22 67.39 7.64
C HIS D 380 17.47 67.25 6.80
N LEU D 381 18.63 67.28 7.44
CA LEU D 381 19.82 66.86 6.73
C LEU D 381 19.68 65.39 6.36
N TYR D 382 20.33 64.99 5.27
CA TYR D 382 20.28 63.60 4.78
C TYR D 382 18.95 63.28 4.11
N THR D 383 18.32 64.26 3.45
CA THR D 383 17.08 64.01 2.73
C THR D 383 17.01 64.88 1.48
N ASN D 384 16.22 64.43 0.50
CA ASN D 384 15.98 65.17 -0.73
C ASN D 384 17.20 65.12 -1.64
N SER D 385 17.35 66.14 -2.51
CA SER D 385 18.46 66.16 -3.46
C SER D 385 19.64 66.98 -2.95
N GLU D 386 19.41 67.88 -2.00
CA GLU D 386 20.46 68.73 -1.45
C GLU D 386 20.91 68.26 -0.07
N GLU D 387 20.99 66.95 0.13
CA GLU D 387 21.32 66.35 1.42
C GLU D 387 22.82 66.21 1.62
N SER D 388 23.61 67.06 0.97
CA SER D 388 25.05 66.86 0.82
C SER D 388 25.72 66.42 2.11
N CYS D 389 25.11 66.73 3.26
CA CYS D 389 25.68 66.32 4.54
C CYS D 389 26.01 64.83 4.54
N LEU D 390 25.08 64.00 4.06
CA LEU D 390 25.28 62.55 4.10
C LEU D 390 26.57 62.16 3.40
N LYS D 391 26.64 62.40 2.09
CA LYS D 391 27.81 62.01 1.33
C LYS D 391 29.07 62.67 1.88
N PHE D 392 28.94 63.87 2.44
CA PHE D 392 30.09 64.53 3.02
C PHE D 392 30.66 63.72 4.18
N VAL D 393 29.79 63.17 5.03
CA VAL D 393 30.28 62.33 6.13
C VAL D 393 30.73 60.97 5.60
N GLU D 394 30.03 60.45 4.60
CA GLU D 394 30.38 59.14 4.05
C GLU D 394 31.73 59.18 3.36
N MET D 395 32.16 60.38 3.02
CA MET D 395 33.46 60.53 2.39
C MET D 395 34.56 60.07 3.33
N SER D 396 34.25 59.95 4.62
CA SER D 396 35.18 59.50 5.64
C SER D 396 34.73 58.26 6.41
N TYR D 397 33.44 58.12 6.73
CA TYR D 397 33.02 56.92 7.42
C TYR D 397 33.56 55.68 6.71
N ASP D 398 33.49 55.68 5.38
CA ASP D 398 34.16 54.65 4.61
C ASP D 398 35.65 54.58 4.90
N HIS D 399 36.27 55.71 5.26
CA HIS D 399 37.68 55.75 5.61
C HIS D 399 38.00 54.98 6.88
N LEU D 400 37.02 54.33 7.49
CA LEU D 400 37.27 53.47 8.61
C LEU D 400 37.15 52.00 8.20
N PRO D 401 38.00 51.12 8.74
CA PRO D 401 37.80 49.69 8.53
C PRO D 401 36.49 49.22 9.14
N GLN D 402 36.11 47.99 8.80
CA GLN D 402 34.79 47.50 9.18
C GLN D 402 34.63 47.45 10.69
N GLU D 403 35.69 47.08 11.41
CA GLU D 403 35.59 47.01 12.86
C GLU D 403 35.29 48.38 13.45
N VAL D 404 36.10 49.38 13.08
CA VAL D 404 35.84 50.74 13.58
C VAL D 404 34.61 51.31 12.92
N GLN D 405 34.26 50.83 11.72
CA GLN D 405 32.97 51.19 11.14
C GLN D 405 31.85 50.87 12.12
N THR D 406 31.73 49.60 12.51
CA THR D 406 30.67 49.21 13.43
C THR D 406 30.81 49.92 14.76
N CYS D 407 31.99 49.89 15.36
CA CYS D 407 32.19 50.53 16.66
C CYS D 407 31.77 51.99 16.62
N PHE D 408 31.95 52.65 15.47
CA PHE D 408 31.42 53.99 15.29
C PHE D 408 29.90 53.99 15.32
N LEU D 409 29.27 53.12 14.53
CA LEU D 409 27.82 53.16 14.43
C LEU D 409 27.16 52.99 15.79
N TYR D 410 27.85 52.35 16.73
CA TYR D 410 27.31 52.15 18.06
C TYR D 410 27.65 53.28 19.02
N CYS D 411 28.27 54.34 18.52
CA CYS D 411 28.18 55.63 19.19
C CYS D 411 26.84 56.31 18.92
N GLY D 412 26.02 55.75 18.04
CA GLY D 412 24.74 56.30 17.65
C GLY D 412 23.57 55.89 18.51
N VAL D 413 23.81 55.39 19.72
CA VAL D 413 22.73 54.99 20.62
C VAL D 413 22.58 56.02 21.72
N PHE D 414 23.67 56.72 22.04
CA PHE D 414 23.64 57.69 23.12
C PHE D 414 22.86 58.92 22.69
N PRO D 415 21.83 59.35 23.45
CA PRO D 415 20.93 60.41 22.96
C PRO D 415 21.66 61.67 22.49
N ARG D 416 21.00 62.46 21.64
CA ARG D 416 21.63 63.64 21.08
C ARG D 416 22.05 64.59 22.20
N GLY D 417 23.28 65.08 22.12
CA GLY D 417 23.84 65.88 23.18
C GLY D 417 24.34 65.10 24.37
N PHE D 418 24.08 63.79 24.42
CA PHE D 418 24.58 62.98 25.50
C PHE D 418 26.10 62.91 25.46
N ASP D 419 26.71 62.89 26.64
CA ASP D 419 28.14 62.72 26.78
C ASP D 419 28.44 61.24 26.97
N ILE D 420 29.13 60.64 26.00
CA ILE D 420 29.35 59.19 25.97
C ILE D 420 30.63 58.91 26.76
N PRO D 421 30.54 58.25 27.92
CA PRO D 421 31.77 57.96 28.67
C PRO D 421 32.68 57.02 27.89
N SER D 422 33.98 57.16 28.12
CA SER D 422 34.95 56.31 27.45
C SER D 422 34.79 54.85 27.87
N TRP D 423 34.75 54.60 29.18
CA TRP D 423 34.63 53.23 29.65
C TRP D 423 33.27 52.64 29.32
N LYS D 424 32.21 53.44 29.44
CA LYS D 424 30.88 52.94 29.10
C LYS D 424 30.80 52.50 27.65
N VAL D 425 31.23 53.35 26.72
CA VAL D 425 31.17 53.00 25.30
C VAL D 425 32.13 51.87 24.97
N ILE D 426 33.28 51.84 25.63
CA ILE D 426 34.23 50.76 25.38
C ILE D 426 33.62 49.42 25.73
N ARG D 427 33.05 49.33 26.94
CA ARG D 427 32.43 48.07 27.36
C ARG D 427 31.17 47.80 26.57
N LEU D 428 30.51 48.83 26.04
CA LEU D 428 29.34 48.60 25.19
C LEU D 428 29.75 47.94 23.89
N TRP D 429 30.75 48.49 23.20
CA TRP D 429 31.33 47.81 22.06
C TRP D 429 31.68 46.37 22.43
N ILE D 430 32.58 46.19 23.41
CA ILE D 430 33.08 44.87 23.74
C ILE D 430 31.99 43.94 24.24
N ALA D 431 30.82 44.47 24.59
CA ALA D 431 29.70 43.68 25.05
C ALA D 431 28.69 43.37 23.96
N GLU D 432 28.71 44.11 22.85
CA GLU D 432 27.84 43.81 21.73
C GLU D 432 28.43 42.77 20.78
N GLY D 433 29.67 42.33 21.02
CA GLY D 433 30.32 41.43 20.10
C GLY D 433 30.88 42.08 18.86
N LEU D 434 30.93 43.42 18.82
CA LEU D 434 31.42 44.12 17.64
C LEU D 434 32.92 43.97 17.49
N ILE D 435 33.67 44.14 18.58
CA ILE D 435 35.12 43.99 18.55
C ILE D 435 35.46 42.51 18.40
N LYS D 436 36.62 42.23 17.81
CA LYS D 436 37.14 40.86 17.74
C LYS D 436 38.55 40.84 18.30
N PRO D 437 38.96 39.73 18.92
CA PRO D 437 40.26 39.70 19.58
C PRO D 437 41.41 39.70 18.58
N GLN D 438 42.57 40.11 19.07
CA GLN D 438 43.80 40.11 18.27
C GLN D 438 44.81 39.18 18.93
N GLU D 439 46.05 39.21 18.42
CA GLU D 439 47.02 38.17 18.70
C GLU D 439 47.90 38.45 19.91
N SER D 440 47.95 39.70 20.39
CA SER D 440 48.68 39.98 21.62
C SER D 440 47.99 41.03 22.50
N TYR D 441 46.80 41.48 22.13
CA TYR D 441 46.16 42.60 22.81
C TYR D 441 44.96 42.11 23.63
N THR D 442 44.45 43.02 24.45
CA THR D 442 43.32 42.74 25.34
C THR D 442 42.17 43.65 24.96
N LEU D 443 40.99 43.06 24.77
CA LEU D 443 39.83 43.75 24.18
C LEU D 443 39.69 45.18 24.66
N GLU D 444 39.96 45.41 25.95
CA GLU D 444 39.86 46.77 26.48
C GLU D 444 40.70 47.74 25.67
N GLU D 445 41.98 47.41 25.46
CA GLU D 445 42.88 48.34 24.79
C GLU D 445 42.64 48.39 23.29
N ILE D 446 42.18 47.31 22.67
CA ILE D 446 41.79 47.38 21.27
C ILE D 446 40.63 48.35 21.10
N ALA D 447 39.62 48.25 21.97
CA ALA D 447 38.47 49.14 21.87
C ALA D 447 38.86 50.58 22.17
N GLU D 448 39.73 50.80 23.15
CA GLU D 448 40.16 52.16 23.44
C GLU D 448 40.97 52.73 22.28
N PHE D 449 41.79 51.90 21.63
CA PHE D 449 42.48 52.33 20.43
C PHE D 449 41.50 52.67 19.32
N TYR D 450 40.42 51.90 19.20
CA TYR D 450 39.40 52.20 18.20
C TYR D 450 38.77 53.56 18.44
N LEU D 451 38.40 53.84 19.69
CA LEU D 451 37.80 55.16 19.95
C LEU D 451 38.83 56.27 19.82
N ASN D 452 40.06 56.02 20.27
CA ASN D 452 41.15 56.99 20.09
C ASN D 452 41.26 57.36 18.61
N ASP D 453 41.23 56.37 17.74
CA ASP D 453 41.24 56.64 16.30
C ASP D 453 39.98 57.39 15.89
N LEU D 454 38.83 56.99 16.44
CA LEU D 454 37.57 57.63 16.07
C LEU D 454 37.62 59.11 16.39
N VAL D 455 38.52 59.49 17.30
CA VAL D 455 38.78 60.92 17.49
C VAL D 455 39.89 61.39 16.55
N ASN D 456 40.86 60.52 16.25
CA ASN D 456 41.89 60.90 15.29
C ASN D 456 41.29 61.39 13.99
N ARG D 457 40.30 60.66 13.47
CA ARG D 457 39.67 61.01 12.21
C ARG D 457 38.59 62.07 12.36
N ASN D 458 38.59 62.81 13.48
CA ASN D 458 37.63 63.86 13.80
C ASN D 458 36.20 63.33 13.87
N LEU D 459 36.02 62.02 13.84
CA LEU D 459 34.69 61.46 13.68
C LEU D 459 33.88 61.42 14.96
N VAL D 460 34.50 61.61 16.11
CA VAL D 460 33.80 61.55 17.38
C VAL D 460 34.36 62.62 18.30
N ILE D 461 33.59 63.69 18.52
CA ILE D 461 34.00 64.81 19.36
C ILE D 461 34.54 64.29 20.68
N LEU D 462 35.52 65.00 21.23
CA LEU D 462 36.15 64.61 22.49
C LEU D 462 36.43 65.89 23.28
N GLN D 463 35.57 66.20 24.24
CA GLN D 463 35.80 67.33 25.14
C GLN D 463 35.81 66.82 26.58
N GLN D 464 36.91 66.16 26.94
CA GLN D 464 37.32 65.93 28.31
C GLN D 464 38.55 65.03 28.25
N LYS D 465 39.36 64.99 29.31
CA LYS D 465 40.58 64.21 29.25
C LYS D 465 40.92 63.70 30.64
N ARG D 466 41.12 62.40 30.77
CA ARG D 466 41.69 61.84 31.97
C ARG D 466 43.06 62.47 32.23
N SER D 467 43.56 62.29 33.45
CA SER D 467 44.91 62.75 33.75
C SER D 467 45.90 62.22 32.72
N ASP D 468 45.77 60.95 32.35
CA ASP D 468 46.62 60.39 31.31
C ASP D 468 46.47 61.14 29.99
N GLY D 469 45.36 61.84 29.80
CA GLY D 469 45.10 62.52 28.56
C GLY D 469 44.26 61.74 27.58
N GLN D 470 43.77 60.57 27.95
CA GLN D 470 42.93 59.78 27.07
C GLN D 470 41.47 60.23 27.20
N ILE D 471 40.62 59.64 26.36
CA ILE D 471 39.23 60.06 26.29
C ILE D 471 38.56 59.86 27.63
N LYS D 472 37.94 60.92 28.15
CA LYS D 472 37.10 60.85 29.32
C LYS D 472 35.63 61.09 29.02
N THR D 473 35.32 61.77 27.92
CA THR D 473 33.98 61.81 27.36
C THR D 473 34.10 61.90 25.84
N CYS D 474 32.97 61.79 25.16
CA CYS D 474 32.95 61.93 23.72
C CYS D 474 31.50 62.02 23.27
N ARG D 475 31.24 62.85 22.27
CA ARG D 475 29.89 63.11 21.80
C ARG D 475 29.84 62.90 20.29
N LEU D 476 28.64 62.64 19.80
CA LEU D 476 28.39 62.55 18.37
C LEU D 476 27.71 63.83 17.91
N HIS D 477 28.30 64.51 16.94
CA HIS D 477 27.73 65.77 16.49
C HIS D 477 26.31 65.56 16.00
N VAL D 478 25.41 66.48 16.38
CA VAL D 478 24.00 66.37 16.01
C VAL D 478 23.84 65.84 14.60
N MET D 479 24.52 66.48 13.64
CA MET D 479 24.52 65.96 12.28
C MET D 479 25.05 64.53 12.22
N LEU D 480 26.23 64.30 12.82
CA LEU D 480 26.78 62.95 12.79
C LEU D 480 25.92 62.00 13.61
N HIS D 481 25.24 62.49 14.65
CA HIS D 481 24.37 61.63 15.42
C HIS D 481 23.21 61.13 14.58
N GLN D 482 22.56 62.04 13.85
CA GLN D 482 21.47 61.61 12.98
C GLN D 482 21.99 60.71 11.87
N PHE D 483 23.20 60.96 11.38
CA PHE D 483 23.78 60.06 10.37
C PHE D 483 23.95 58.65 10.93
N CYS D 484 24.51 58.55 12.14
CA CYS D 484 24.69 57.24 12.76
C CYS D 484 23.34 56.56 12.98
N LYS D 485 22.36 57.31 13.50
CA LYS D 485 21.06 56.72 13.78
C LYS D 485 20.43 56.18 12.51
N LYS D 486 20.42 56.99 11.45
CA LYS D 486 19.81 56.55 10.19
C LYS D 486 20.57 55.39 9.59
N GLU D 487 21.91 55.40 9.68
CA GLU D 487 22.71 54.33 9.09
C GLU D 487 22.48 53.00 9.81
N ALA D 488 22.50 53.04 11.14
CA ALA D 488 22.19 51.84 11.91
C ALA D 488 20.78 51.36 11.58
N SER D 489 19.81 52.27 11.55
CA SER D 489 18.43 51.88 11.25
C SER D 489 18.33 51.20 9.89
N ASN D 490 19.04 51.72 8.89
CA ASN D 490 19.08 51.04 7.60
C ASN D 490 19.69 49.65 7.75
N LYS D 491 20.77 49.54 8.51
CA LYS D 491 21.37 48.23 8.77
C LYS D 491 20.73 47.50 9.95
N TRP D 492 19.89 48.19 10.73
CA TRP D 492 19.11 47.63 11.83
C TRP D 492 19.96 47.23 13.03
N LEU D 493 21.23 47.62 13.07
CA LEU D 493 22.06 47.23 14.20
C LEU D 493 21.48 47.73 15.52
N PHE D 494 20.67 48.79 15.48
CA PHE D 494 19.85 49.21 16.60
C PHE D 494 18.86 50.25 16.07
N GLN D 495 18.14 50.90 16.97
CA GLN D 495 17.09 51.83 16.58
C GLN D 495 16.61 52.56 17.83
N GLU D 496 15.86 53.65 17.61
CA GLU D 496 15.27 54.43 18.69
C GLU D 496 13.77 54.50 18.49
N VAL D 497 13.01 54.20 19.56
CA VAL D 497 11.56 54.27 19.49
C VAL D 497 11.13 55.72 19.37
N SER D 498 10.09 55.95 18.58
CA SER D 498 9.46 57.26 18.46
C SER D 498 7.95 57.08 18.51
N LEU D 499 7.25 58.12 18.98
CA LEU D 499 5.80 58.07 19.15
C LEU D 499 5.21 59.41 18.69
N THR D 500 4.77 59.46 17.45
CA THR D 500 3.90 60.55 17.04
C THR D 500 2.58 60.35 17.77
N PRO D 501 2.17 61.28 18.64
CA PRO D 501 1.22 60.93 19.71
C PRO D 501 1.05 59.42 19.94
N ASP D 502 0.26 58.76 19.10
CA ASP D 502 -0.03 57.33 19.21
C ASP D 502 0.95 56.53 18.34
N GLN D 503 0.61 55.28 18.05
CA GLN D 503 1.36 54.44 17.10
C GLN D 503 2.64 53.90 17.71
N ALA D 504 3.64 53.60 16.87
CA ALA D 504 4.87 52.97 17.33
C ALA D 504 6.14 53.61 16.77
N ILE D 505 6.04 54.56 15.86
CA ILE D 505 7.22 55.24 15.34
C ILE D 505 6.90 56.71 15.10
N ASP D 509 8.02 50.24 12.79
CA ASP D 509 7.92 48.79 12.93
C ASP D 509 9.09 48.26 13.74
N PRO D 510 9.03 48.45 15.07
CA PRO D 510 10.12 47.96 15.94
C PRO D 510 10.47 46.50 15.71
N ASN D 511 9.57 45.74 15.10
CA ASN D 511 9.90 44.37 14.73
C ASN D 511 11.07 44.32 13.77
N LYS D 512 11.33 45.42 13.05
CA LYS D 512 12.53 45.59 12.25
C LYS D 512 13.58 46.41 12.99
N SER D 513 13.65 46.25 14.31
CA SER D 513 14.63 46.91 15.16
C SER D 513 15.32 45.83 15.96
N ARG D 514 16.50 45.39 15.50
CA ARG D 514 17.23 44.35 16.21
C ARG D 514 17.51 44.75 17.65
N ARG D 515 17.57 46.05 17.92
CA ARG D 515 17.68 46.54 19.29
C ARG D 515 16.81 47.78 19.42
N LEU D 516 16.48 48.11 20.66
CA LEU D 516 15.57 49.22 20.95
C LEU D 516 16.25 50.17 21.92
N CYS D 517 16.33 51.44 21.53
CA CYS D 517 16.79 52.52 22.40
C CYS D 517 15.62 53.43 22.66
N ILE D 518 15.28 53.63 23.93
CA ILE D 518 14.09 54.37 24.33
C ILE D 518 14.49 55.46 25.31
N GLN D 519 14.02 56.68 25.05
CA GLN D 519 14.17 57.75 26.02
C GLN D 519 13.24 57.48 27.20
N PRO D 520 13.65 57.86 28.41
CA PRO D 520 12.77 57.61 29.57
C PRO D 520 11.41 58.28 29.46
N SER D 521 11.34 59.44 28.82
CA SER D 521 10.09 60.19 28.78
C SER D 521 8.97 59.38 28.12
N ASN D 522 9.32 58.50 27.18
CA ASN D 522 8.34 57.69 26.48
C ASN D 522 8.31 56.23 26.95
N LEU D 523 9.20 55.84 27.86
CA LEU D 523 9.27 54.44 28.26
C LEU D 523 7.96 53.98 28.89
N LYS D 524 7.37 54.82 29.73
CA LYS D 524 6.09 54.47 30.33
C LYS D 524 5.04 54.21 29.26
N ASP D 525 4.96 55.10 28.27
CA ASP D 525 4.01 54.90 27.19
C ASP D 525 4.34 53.64 26.37
N PHE D 526 5.63 53.40 26.14
CA PHE D 526 6.03 52.19 25.43
C PHE D 526 5.56 50.95 26.17
N LEU D 527 5.60 50.99 27.50
CA LEU D 527 5.12 49.86 28.29
C LEU D 527 3.60 49.80 28.32
N SER D 528 2.93 50.93 28.05
CA SER D 528 1.48 50.92 28.01
C SER D 528 0.96 50.00 26.92
N LYS D 529 1.77 49.76 25.89
CA LYS D 529 1.40 48.84 24.81
C LYS D 529 1.80 47.41 25.11
N LYS D 530 2.38 47.13 26.28
CA LYS D 530 2.75 45.77 26.66
C LYS D 530 3.76 45.21 25.67
N PRO D 531 4.97 45.76 25.62
CA PRO D 531 5.97 45.26 24.66
C PRO D 531 6.30 43.79 24.90
N SER D 532 6.49 43.07 23.79
CA SER D 532 6.86 41.66 23.85
C SER D 532 7.63 41.34 22.58
N ALA D 533 8.93 41.17 22.71
CA ALA D 533 9.80 40.91 21.57
C ALA D 533 10.78 39.78 21.90
N GLU D 534 11.23 39.10 20.86
CA GLU D 534 12.23 38.05 20.95
C GLU D 534 13.51 38.39 20.20
N HIS D 535 13.39 38.90 18.97
CA HIS D 535 14.56 39.32 18.21
C HIS D 535 15.34 40.42 18.92
N VAL D 536 14.67 41.26 19.72
CA VAL D 536 15.39 42.27 20.48
C VAL D 536 16.49 41.60 21.28
N ARG D 537 17.66 42.23 21.31
CA ARG D 537 18.81 41.65 22.00
C ARG D 537 19.53 42.70 22.85
N SER D 538 18.80 43.68 23.36
CA SER D 538 19.36 44.67 24.27
C SER D 538 18.24 45.61 24.67
N PHE D 539 18.53 46.49 25.62
CA PHE D 539 17.61 47.55 26.00
C PHE D 539 18.42 48.77 26.40
N TYR D 540 18.34 49.82 25.59
CA TYR D 540 19.05 51.07 25.84
C TYR D 540 18.04 52.11 26.32
N CYS D 541 18.26 52.61 27.54
CA CYS D 541 17.50 53.75 28.05
C CYS D 541 18.43 54.51 28.99
N PHE D 542 19.08 55.53 28.43
CA PHE D 542 20.02 56.35 29.18
C PHE D 542 19.32 57.62 29.66
N SER D 543 19.94 58.26 30.66
CA SER D 543 19.39 59.48 31.25
C SER D 543 20.22 60.66 30.78
N SER D 544 19.87 61.21 29.62
CA SER D 544 20.51 62.43 29.16
C SER D 544 20.26 63.56 30.15
N LYS D 545 19.03 63.70 30.64
CA LYS D 545 18.71 64.55 31.78
C LYS D 545 18.99 63.74 33.02
N GLU D 546 20.22 63.84 33.52
CA GLU D 546 20.69 62.94 34.56
C GLU D 546 19.80 62.99 35.79
N LYS D 547 19.52 61.81 36.34
CA LYS D 547 18.81 61.65 37.61
C LYS D 547 17.35 62.09 37.52
N GLN D 548 16.77 62.10 36.31
CA GLN D 548 15.36 62.43 36.14
C GLN D 548 14.52 61.16 36.09
N ILE D 549 14.56 60.41 37.20
CA ILE D 549 13.82 59.15 37.28
C ILE D 549 12.34 59.48 37.34
N ARG D 550 11.60 59.11 36.31
CA ARG D 550 10.17 59.41 36.24
C ARG D 550 9.39 58.37 37.05
N GLY D 551 8.07 58.47 37.01
CA GLY D 551 7.22 57.61 37.82
C GLY D 551 7.13 56.19 37.29
N LEU D 552 8.24 55.47 37.31
CA LEU D 552 8.29 54.09 36.86
C LEU D 552 8.03 53.17 38.05
N THR D 553 6.90 52.47 38.02
CA THR D 553 6.49 51.58 39.09
C THR D 553 7.18 50.23 38.96
N PRO D 554 7.16 49.42 40.03
CA PRO D 554 7.74 48.07 39.93
C PRO D 554 7.18 47.24 38.80
N ASN D 555 5.87 47.37 38.53
CA ASN D 555 5.27 46.70 37.39
C ASN D 555 5.97 47.08 36.10
N ASP D 556 6.42 48.33 35.98
CA ASP D 556 7.14 48.74 34.78
C ASP D 556 8.43 47.95 34.63
N ILE D 557 9.17 47.78 35.72
CA ILE D 557 10.44 47.06 35.65
C ILE D 557 10.20 45.59 35.34
N LYS D 558 9.15 45.00 35.92
CA LYS D 558 8.80 43.63 35.59
C LYS D 558 8.45 43.51 34.11
N LEU D 559 7.72 44.49 33.57
CA LEU D 559 7.38 44.47 32.16
C LEU D 559 8.62 44.61 31.28
N ILE D 560 9.59 45.41 31.73
CA ILE D 560 10.89 45.46 31.05
C ILE D 560 11.48 44.06 30.98
N HIS D 561 11.51 43.37 32.12
CA HIS D 561 12.07 42.03 32.14
C HIS D 561 11.33 41.11 31.18
N LYS D 562 10.00 41.22 31.13
CA LYS D 562 9.20 40.33 30.30
C LYS D 562 9.43 40.60 28.81
N ALA D 563 9.39 41.88 28.42
CA ALA D 563 9.34 42.21 26.99
C ALA D 563 10.57 41.72 26.25
N PHE D 564 11.75 41.89 26.85
CA PHE D 564 13.02 41.55 26.20
C PHE D 564 13.63 40.35 26.92
N PRO D 565 13.38 39.12 26.44
CA PRO D 565 13.90 37.94 27.15
C PRO D 565 15.30 37.52 26.73
N LEU D 566 15.70 37.91 25.51
CA LEU D 566 16.99 37.54 24.96
C LEU D 566 18.00 38.69 25.02
N VAL D 567 17.94 39.52 26.05
CA VAL D 567 18.78 40.70 26.11
C VAL D 567 20.23 40.28 26.27
N ARG D 568 21.09 40.84 25.42
CA ARG D 568 22.53 40.76 25.61
C ARG D 568 23.02 41.98 26.38
N VAL D 569 22.49 43.15 26.05
CA VAL D 569 22.96 44.43 26.58
C VAL D 569 21.77 45.13 27.24
N LEU D 570 21.68 45.01 28.56
CA LEU D 570 20.62 45.62 29.35
C LEU D 570 21.26 46.78 30.11
N ASP D 571 21.12 47.99 29.56
CA ASP D 571 21.76 49.18 30.11
C ASP D 571 20.68 50.20 30.42
N VAL D 572 20.29 50.30 31.69
CA VAL D 572 19.31 51.30 32.11
C VAL D 572 19.65 51.79 33.51
N GLU D 573 19.99 53.07 33.63
CA GLU D 573 20.04 53.73 34.93
C GLU D 573 19.25 55.03 34.83
N SER D 574 17.93 54.88 34.83
CA SER D 574 17.02 55.92 35.33
C SER D 574 15.77 55.15 35.74
N LEU D 575 15.78 54.63 36.96
CA LEU D 575 14.84 53.59 37.37
C LEU D 575 15.08 53.20 38.82
N LYS D 576 14.22 52.32 39.34
CA LYS D 576 14.48 51.60 40.59
C LYS D 576 14.40 50.12 40.22
N PHE D 577 15.52 49.57 39.76
CA PHE D 577 15.52 48.22 39.23
C PHE D 577 15.35 47.20 40.34
N LEU D 578 14.72 46.07 40.00
CA LEU D 578 14.44 45.00 40.93
C LEU D 578 14.87 43.67 40.32
N PHE D 579 15.28 42.74 41.16
CA PHE D 579 15.79 41.44 40.69
C PHE D 579 14.63 40.44 40.59
N SER D 580 13.69 40.78 39.70
CA SER D 580 12.52 39.93 39.51
C SER D 580 12.93 38.52 39.12
N LYS D 581 12.02 37.57 39.32
CA LYS D 581 12.30 36.18 38.96
C LYS D 581 12.61 36.05 37.48
N ASP D 582 11.77 36.66 36.63
CA ASP D 582 12.02 36.59 35.19
C ASP D 582 13.35 37.24 34.84
N PHE D 583 13.65 38.40 35.45
CA PHE D 583 14.94 39.04 35.21
C PHE D 583 16.10 38.09 35.50
N ASN D 584 15.91 37.19 36.46
CA ASN D 584 16.93 36.22 36.79
C ASN D 584 17.12 35.16 35.71
N GLN D 585 16.16 35.01 34.80
CA GLN D 585 16.24 34.00 33.74
C GLN D 585 17.17 34.42 32.61
N LEU D 586 17.50 35.70 32.48
CA LEU D 586 18.17 36.21 31.28
C LEU D 586 19.61 35.71 31.27
N PHE D 587 19.78 34.47 30.81
CA PHE D 587 21.11 33.86 30.76
C PHE D 587 21.98 34.41 29.64
N HIS D 588 21.37 34.89 28.55
CA HIS D 588 22.13 35.47 27.45
C HIS D 588 22.77 36.80 27.80
N LEU D 589 22.60 37.26 29.04
CA LEU D 589 22.96 38.62 29.41
C LEU D 589 24.48 38.80 29.29
N ARG D 590 24.88 39.95 28.74
CA ARG D 590 26.29 40.29 28.58
C ARG D 590 26.74 41.37 29.54
N TYR D 591 26.01 42.48 29.63
CA TYR D 591 26.49 43.68 30.30
C TYR D 591 25.31 44.37 30.97
N ILE D 592 25.48 44.74 32.24
CA ILE D 592 24.42 45.33 33.05
C ILE D 592 24.80 46.74 33.49
N ALA D 593 23.84 47.64 33.39
CA ALA D 593 23.94 48.98 33.97
C ALA D 593 22.59 49.26 34.63
N ILE D 594 22.51 48.99 35.94
CA ILE D 594 21.27 49.14 36.69
C ILE D 594 21.54 49.88 38.00
N SER D 595 20.48 50.41 38.57
CA SER D 595 20.55 51.12 39.84
C SER D 595 19.30 50.83 40.66
N GLY D 596 19.40 51.06 41.96
CA GLY D 596 18.29 50.79 42.85
C GLY D 596 18.78 50.73 44.29
N ASP D 597 18.08 49.92 45.08
CA ASP D 597 18.41 49.69 46.50
C ASP D 597 18.67 48.20 46.68
N PHE D 598 19.92 47.79 46.56
CA PHE D 598 20.33 46.41 46.73
C PHE D 598 21.37 46.32 47.84
N ASN D 599 21.15 45.39 48.77
CA ASN D 599 22.08 45.15 49.87
C ASN D 599 23.14 44.12 49.54
N ALA D 600 22.88 43.26 48.56
CA ALA D 600 23.80 42.19 48.20
C ALA D 600 23.33 41.59 46.88
N ILE D 601 24.27 41.31 45.99
CA ILE D 601 23.93 40.77 44.68
C ILE D 601 23.43 39.35 44.88
N PRO D 602 22.20 39.03 44.48
CA PRO D 602 21.69 37.68 44.70
C PRO D 602 22.42 36.66 43.85
N LEU D 603 22.36 35.41 44.30
CA LEU D 603 22.96 34.31 43.55
C LEU D 603 22.35 34.17 42.17
N THR D 604 21.15 34.71 41.96
CA THR D 604 20.53 34.67 40.64
C THR D 604 21.49 35.09 39.55
N PHE D 605 22.44 35.99 39.87
CA PHE D 605 23.43 36.42 38.90
C PHE D 605 24.48 35.35 38.63
N GLY D 606 24.49 34.27 39.40
CA GLY D 606 25.39 33.16 39.12
C GLY D 606 24.96 32.30 37.95
N LYS D 607 23.76 32.53 37.41
CA LYS D 607 23.29 31.83 36.23
C LYS D 607 23.58 32.59 34.93
N PHE D 608 24.03 33.83 35.01
CA PHE D 608 24.31 34.65 33.83
C PHE D 608 25.71 34.31 33.31
N TRP D 609 25.79 33.11 32.72
CA TRP D 609 27.07 32.63 32.19
C TRP D 609 27.60 33.56 31.11
N ASN D 610 26.73 34.10 30.27
CA ASN D 610 27.16 34.98 29.18
C ASN D 610 27.65 36.33 29.68
N LEU D 611 27.46 36.65 30.96
CA LEU D 611 27.82 37.97 31.46
C LEU D 611 29.28 38.29 31.21
N GLN D 612 29.53 39.53 30.80
CA GLN D 612 30.88 40.06 30.64
C GLN D 612 31.15 41.29 31.48
N THR D 613 30.14 42.14 31.72
CA THR D 613 30.31 43.39 32.44
C THR D 613 29.18 43.53 33.45
N LEU D 614 29.42 44.34 34.49
CA LEU D 614 28.39 44.60 35.48
C LEU D 614 28.69 45.94 36.14
N ILE D 615 27.78 46.90 36.00
CA ILE D 615 27.87 48.18 36.68
C ILE D 615 26.75 48.22 37.71
N LEU D 616 27.10 48.54 38.95
CA LEU D 616 26.14 48.59 40.04
C LEU D 616 26.18 49.95 40.72
N ASN D 617 24.99 50.51 40.96
CA ASN D 617 24.83 51.77 41.67
C ASN D 617 23.66 51.59 42.62
N THR D 618 23.97 51.20 43.85
CA THR D 618 22.97 50.87 44.85
C THR D 618 22.76 52.07 45.77
N SER D 619 21.50 52.40 46.02
CA SER D 619 21.13 53.46 46.95
C SER D 619 21.06 52.98 48.39
N THR D 620 21.39 51.71 48.64
CA THR D 620 21.31 51.16 49.98
C THR D 620 22.20 51.92 50.94
N SER D 621 21.71 52.12 52.16
CA SER D 621 22.51 52.70 53.23
C SER D 621 23.57 51.74 53.75
N GLU D 622 23.54 50.47 53.32
CA GLU D 622 24.51 49.50 53.79
C GLU D 622 25.93 49.95 53.49
N SER D 623 26.83 49.72 54.45
CA SER D 623 28.23 50.10 54.26
C SER D 623 28.91 49.22 53.23
N THR D 624 28.53 47.95 53.14
CA THR D 624 29.16 47.01 52.23
C THR D 624 28.10 46.20 51.49
N LEU D 625 28.39 45.86 50.24
CA LEU D 625 27.53 45.03 49.41
C LEU D 625 28.12 43.64 49.31
N ASP D 626 27.32 42.63 49.61
CA ASP D 626 27.78 41.24 49.59
C ASP D 626 27.46 40.60 48.24
N VAL D 627 28.48 40.01 47.62
CA VAL D 627 28.35 39.46 46.27
C VAL D 627 28.00 37.99 46.42
N LYS D 628 26.73 37.72 46.72
CA LYS D 628 26.32 36.33 46.93
C LYS D 628 26.56 35.50 45.68
N ALA D 629 26.37 36.08 44.49
CA ALA D 629 26.64 35.37 43.25
C ALA D 629 28.10 34.96 43.18
N ASP D 630 28.34 33.73 42.71
CA ASP D 630 29.69 33.22 42.55
C ASP D 630 30.35 33.85 41.33
N ILE D 631 30.95 35.02 41.51
CA ILE D 631 31.57 35.72 40.39
C ILE D 631 32.65 34.86 39.75
N TRP D 632 33.24 33.94 40.51
CA TRP D 632 34.38 33.17 40.01
C TRP D 632 33.95 32.25 38.87
N ASN D 633 32.78 31.62 38.98
CA ASN D 633 32.33 30.69 37.96
C ASN D 633 31.99 31.38 36.64
N MET D 634 31.72 32.68 36.65
CA MET D 634 31.35 33.40 35.44
C MET D 634 32.63 33.64 34.64
N LEU D 635 32.95 32.67 33.77
CA LEU D 635 34.17 32.76 32.98
C LEU D 635 34.14 33.96 32.05
N GLN D 636 32.98 34.22 31.42
CA GLN D 636 32.88 35.33 30.49
C GLN D 636 33.03 36.69 31.17
N LEU D 637 32.92 36.74 32.50
CA LEU D 637 32.99 38.02 33.20
C LEU D 637 34.31 38.73 32.89
N ARG D 638 34.23 40.04 32.70
CA ARG D 638 35.41 40.86 32.48
C ARG D 638 35.51 42.04 33.43
N HIS D 639 34.40 42.71 33.73
CA HIS D 639 34.46 43.95 34.51
C HIS D 639 33.23 44.04 35.40
N LEU D 640 33.45 44.09 36.71
CA LEU D 640 32.41 44.32 37.70
C LEU D 640 32.61 45.70 38.30
N HIS D 641 31.53 46.48 38.36
CA HIS D 641 31.57 47.83 38.88
C HIS D 641 30.50 48.01 39.94
N THR D 642 30.87 48.63 41.05
CA THR D 642 29.95 48.97 42.12
C THR D 642 30.23 50.39 42.58
N ASN D 643 29.17 51.09 43.01
CA ASN D 643 29.35 52.44 43.53
C ASN D 643 29.86 52.43 44.97
N ILE D 644 29.76 51.31 45.66
CA ILE D 644 30.20 51.20 47.04
C ILE D 644 31.10 49.98 47.16
N PRO D 645 31.91 49.91 48.21
CA PRO D 645 32.84 48.78 48.35
C PRO D 645 32.08 47.45 48.35
N ALA D 646 32.69 46.44 47.73
CA ALA D 646 32.08 45.13 47.55
C ALA D 646 32.77 44.11 48.44
N LYS D 647 31.98 43.29 49.13
CA LYS D 647 32.51 42.23 49.99
C LYS D 647 32.46 40.92 49.22
N LEU D 648 33.42 40.74 48.32
CA LEU D 648 33.52 39.52 47.55
C LEU D 648 33.74 38.31 48.45
N GLN D 649 33.11 37.22 48.11
CA GLN D 649 33.37 35.93 48.73
C GLN D 649 34.59 35.28 48.09
N PRO D 650 35.50 34.70 48.87
CA PRO D 650 36.72 34.14 48.28
C PRO D 650 36.39 32.95 47.39
N PRO D 651 37.25 32.65 46.41
CA PRO D 651 36.99 31.50 45.54
C PRO D 651 37.17 30.19 46.29
N THR D 652 36.19 29.30 46.15
CA THR D 652 36.24 28.02 46.84
C THR D 652 37.15 27.07 46.08
N ALA D 653 37.38 25.89 46.67
CA ALA D 653 38.26 24.90 46.06
C ALA D 653 37.71 24.44 44.72
N THR D 654 36.39 24.22 44.64
CA THR D 654 35.80 23.77 43.38
C THR D 654 35.98 24.82 42.28
N THR D 655 35.81 26.10 42.62
CA THR D 655 35.96 27.16 41.64
C THR D 655 37.39 27.32 41.16
N SER D 656 38.37 26.70 41.83
CA SER D 656 39.76 26.84 41.43
C SER D 656 39.96 26.40 39.99
N GLY D 657 40.70 27.21 39.23
CA GLY D 657 40.95 26.91 37.84
C GLY D 657 41.79 27.97 37.16
N LYS D 658 41.47 28.27 35.91
CA LYS D 658 42.20 29.28 35.16
C LYS D 658 41.98 30.66 35.77
N ALA D 659 42.94 31.55 35.53
CA ALA D 659 42.80 32.93 35.98
C ALA D 659 41.57 33.57 35.36
N SER D 660 40.82 34.30 36.18
CA SER D 660 39.55 34.87 35.73
C SER D 660 39.78 35.92 34.65
N CYS D 661 38.83 35.99 33.71
CA CYS D 661 38.87 37.01 32.67
C CYS D 661 38.75 38.41 33.23
N LEU D 662 38.32 38.55 34.47
CA LEU D 662 38.09 39.85 35.09
C LEU D 662 39.32 40.75 34.96
N GLN D 663 39.13 41.90 34.33
CA GLN D 663 40.17 42.92 34.22
C GLN D 663 39.99 44.05 35.23
N THR D 664 38.79 44.64 35.28
CA THR D 664 38.50 45.79 36.11
C THR D 664 37.57 45.39 37.26
N LEU D 665 38.04 45.59 38.50
CA LEU D 665 37.24 45.34 39.70
C LEU D 665 37.23 46.64 40.50
N CYS D 666 36.11 47.33 40.50
CA CYS D 666 35.99 48.65 41.10
C CYS D 666 35.25 48.59 42.42
N MET D 667 35.63 49.47 43.35
CA MET D 667 34.98 49.63 44.64
C MET D 667 34.96 48.30 45.41
N VAL D 668 36.17 47.89 45.79
CA VAL D 668 36.39 46.66 46.55
C VAL D 668 36.52 47.02 48.02
N ALA D 669 35.82 46.27 48.87
CA ALA D 669 36.06 46.39 50.30
C ALA D 669 37.40 45.73 50.65
N PRO D 670 38.21 46.33 51.53
CA PRO D 670 39.50 45.71 51.84
C PRO D 670 39.37 44.28 52.34
N GLU D 671 38.30 43.98 53.09
CA GLU D 671 38.05 42.60 53.47
C GLU D 671 37.92 41.69 52.25
N SER D 672 37.45 42.25 51.13
CA SER D 672 37.28 41.49 49.91
C SER D 672 38.57 41.33 49.12
N CYS D 673 39.71 41.69 49.71
CA CYS D 673 41.03 41.52 49.08
C CYS D 673 41.76 40.44 49.87
N GLU D 674 41.61 39.20 49.43
CA GLU D 674 42.20 38.04 50.08
C GLU D 674 43.24 37.40 49.16
N LYS D 675 44.10 36.57 49.75
CA LYS D 675 45.13 35.90 48.97
C LYS D 675 44.51 35.08 47.85
N GLU D 676 43.50 34.28 48.17
CA GLU D 676 42.85 33.46 47.14
C GLU D 676 42.11 34.34 46.13
N VAL D 677 41.45 35.40 46.59
CA VAL D 677 40.72 36.28 45.68
C VAL D 677 41.67 36.88 44.66
N LEU D 678 42.78 37.44 45.12
CA LEU D 678 43.71 38.09 44.21
C LEU D 678 44.46 37.07 43.36
N ALA D 679 44.67 35.86 43.90
CA ALA D 679 45.25 34.80 43.08
C ALA D 679 44.34 34.44 41.91
N LYS D 680 43.03 34.34 42.17
CA LYS D 680 42.08 34.02 41.10
C LYS D 680 41.96 35.14 40.09
N ALA D 681 42.32 36.38 40.45
CA ALA D 681 42.20 37.54 39.58
C ALA D 681 43.56 38.18 39.35
N CYS D 682 44.59 37.35 39.15
CA CYS D 682 45.94 37.90 38.94
C CYS D 682 45.98 38.82 37.72
N HIS D 683 45.16 38.54 36.72
CA HIS D 683 45.06 39.39 35.53
C HIS D 683 44.29 40.67 35.79
N LEU D 684 43.89 40.94 37.04
CA LEU D 684 43.16 42.16 37.33
C LEU D 684 44.01 43.38 37.01
N LYS D 685 43.39 44.38 36.38
CA LYS D 685 44.09 45.58 35.95
C LYS D 685 43.66 46.82 36.71
N LYS D 686 42.35 47.04 36.89
CA LYS D 686 41.82 48.22 37.57
C LYS D 686 41.19 47.78 38.88
N LEU D 687 41.91 47.99 39.98
CA LEU D 687 41.44 47.64 41.31
C LEU D 687 41.24 48.91 42.12
N SER D 688 40.14 48.98 42.86
CA SER D 688 39.86 50.07 43.78
C SER D 688 39.40 49.50 45.10
N ILE D 689 40.00 49.97 46.20
CA ILE D 689 39.71 49.47 47.53
C ILE D 689 39.32 50.63 48.42
N ARG D 690 38.25 50.47 49.18
CA ARG D 690 37.76 51.53 50.06
C ARG D 690 37.21 50.93 51.34
N GLY D 691 37.45 51.63 52.45
CA GLY D 691 36.98 51.20 53.75
C GLY D 691 37.83 51.76 54.88
N GLN D 692 38.27 50.88 55.79
CA GLN D 692 39.17 51.25 56.87
C GLN D 692 40.59 50.88 56.45
N MET D 693 41.50 51.86 56.51
CA MET D 693 42.83 51.72 55.94
C MET D 693 43.87 51.33 56.98
N ALA D 694 43.89 52.02 58.13
CA ALA D 694 44.93 51.78 59.12
C ALA D 694 45.00 50.30 59.50
N ALA D 695 43.86 49.62 59.52
CA ALA D 695 43.81 48.19 59.75
C ALA D 695 44.12 47.38 58.50
N PHE D 696 44.68 48.00 57.46
CA PHE D 696 44.97 47.33 56.21
C PHE D 696 46.45 47.24 55.88
N LEU D 697 47.27 48.15 56.40
CA LEU D 697 48.68 48.23 56.03
C LEU D 697 49.59 47.38 56.90
N GLY D 698 49.11 46.86 58.03
CA GLY D 698 49.96 46.13 58.93
C GLY D 698 50.38 44.77 58.38
N ALA D 699 51.35 44.16 59.06
CA ALA D 699 51.86 42.86 58.63
C ALA D 699 50.77 41.81 58.65
N TYR D 700 50.06 41.67 59.78
CA TYR D 700 48.90 40.79 59.81
C TYR D 700 47.76 41.34 58.97
N LYS D 701 47.85 42.59 58.54
CA LYS D 701 46.97 43.15 57.53
C LYS D 701 47.52 42.97 56.12
N GLY D 702 48.24 41.88 55.90
CA GLY D 702 48.94 41.63 54.66
C GLY D 702 48.04 41.53 53.44
N GLY D 703 46.75 41.79 53.60
CA GLY D 703 45.90 42.06 52.46
C GLY D 703 46.60 43.03 51.53
N ILE D 704 47.35 43.97 52.11
CA ILE D 704 48.25 44.80 51.31
C ILE D 704 49.33 43.94 50.68
N ASN D 705 49.91 43.01 51.46
CA ASN D 705 50.88 42.07 50.89
C ASN D 705 50.22 41.12 49.89
N ASN D 706 48.92 40.85 50.06
CA ASN D 706 48.22 39.96 49.15
C ASN D 706 48.17 40.51 47.73
N LEU D 707 48.43 41.80 47.54
CA LEU D 707 48.38 42.39 46.22
C LEU D 707 49.45 41.82 45.29
N VAL D 708 50.44 41.11 45.83
CA VAL D 708 51.51 40.53 45.04
C VAL D 708 50.93 39.61 43.98
N GLU D 709 49.73 39.07 44.24
CA GLU D 709 49.12 38.15 43.29
C GLU D 709 48.83 38.84 41.96
N LEU D 710 48.31 40.07 42.00
CA LEU D 710 47.97 40.77 40.77
C LEU D 710 49.22 40.96 39.91
N LYS D 711 49.10 40.63 38.63
CA LYS D 711 50.21 40.68 37.69
C LYS D 711 50.18 41.92 36.80
N CYS D 712 49.01 42.21 36.21
CA CYS D 712 48.85 43.34 35.29
C CYS D 712 48.03 44.46 35.91
N LEU D 713 48.01 44.54 37.24
CA LEU D 713 47.32 45.64 37.91
C LEU D 713 47.88 46.97 37.43
N GLU D 714 46.99 47.90 37.08
CA GLU D 714 47.38 49.22 36.60
C GLU D 714 46.87 50.35 37.48
N GLN D 715 45.57 50.35 37.79
CA GLN D 715 44.97 51.40 38.60
C GLN D 715 44.71 50.90 40.02
N LEU D 716 44.87 51.80 40.98
CA LEU D 716 44.72 51.43 42.39
C LEU D 716 44.31 52.68 43.16
N LYS D 717 43.06 52.72 43.61
CA LYS D 717 42.52 53.87 44.33
C LYS D 717 42.30 53.49 45.79
N LEU D 718 42.81 54.32 46.69
CA LEU D 718 42.69 54.10 48.13
C LEU D 718 41.77 55.15 48.71
N LEU D 719 40.71 54.70 49.38
CA LEU D 719 39.69 55.60 49.93
C LEU D 719 39.36 55.16 51.34
N ASN D 720 39.49 56.08 52.29
CA ASN D 720 39.16 55.81 53.69
C ASN D 720 37.81 56.43 54.01
N ASP D 721 36.86 55.60 54.43
CA ASP D 721 35.51 56.06 54.73
C ASP D 721 35.39 56.67 56.13
N VAL D 722 36.43 56.59 56.94
CA VAL D 722 36.41 57.10 58.31
C VAL D 722 37.17 58.41 58.36
N LEU D 723 36.54 59.42 58.98
CA LEU D 723 37.19 60.70 59.19
C LEU D 723 37.94 60.79 60.50
N TYR D 724 37.70 59.85 61.42
CA TYR D 724 38.38 59.79 62.72
C TYR D 724 39.16 58.49 62.77
N MET D 725 40.46 58.58 62.51
CA MET D 725 41.33 57.41 62.47
C MET D 725 42.03 57.23 63.81
N ASN D 726 42.05 56.00 64.30
CA ASN D 726 42.68 55.72 65.59
C ASN D 726 44.16 56.10 65.56
N LYS D 727 44.88 55.65 64.53
CA LYS D 727 46.31 55.94 64.39
C LYS D 727 46.60 56.23 62.94
N ALA D 728 47.39 57.27 62.70
CA ALA D 728 47.72 57.66 61.33
C ALA D 728 48.38 56.48 60.63
N PRO D 729 47.85 56.01 59.51
CA PRO D 729 48.43 54.83 58.85
C PRO D 729 49.84 55.12 58.37
N HIS D 730 50.46 54.06 57.83
CA HIS D 730 51.84 54.14 57.37
C HIS D 730 52.03 53.19 56.20
N LEU D 731 52.42 53.74 55.05
CA LEU D 731 52.57 52.91 53.85
C LEU D 731 53.67 51.88 54.10
N PRO D 732 53.43 50.60 53.82
CA PRO D 732 54.46 49.59 54.11
C PRO D 732 55.70 49.78 53.26
N GLN D 733 56.85 49.35 53.79
CA GLN D 733 58.09 49.42 53.02
C GLN D 733 57.98 48.59 51.75
N THR D 734 57.34 47.42 51.84
CA THR D 734 57.11 46.61 50.65
C THR D 734 56.20 47.31 49.65
N PHE D 735 55.48 48.35 50.09
CA PHE D 735 54.51 49.01 49.22
C PHE D 735 55.11 49.32 47.85
N SER D 736 56.39 49.68 47.80
CA SER D 736 57.01 50.02 46.53
C SER D 736 56.89 48.87 45.54
N GLN D 737 57.30 47.66 45.95
CA GLN D 737 57.20 46.50 45.08
C GLN D 737 55.87 45.77 45.21
N LEU D 738 55.08 46.07 46.25
CA LEU D 738 53.74 45.50 46.33
C LEU D 738 52.89 45.95 45.16
N VAL D 739 53.06 47.21 44.74
CA VAL D 739 52.22 47.82 43.72
C VAL D 739 53.07 48.20 42.52
N ARG D 740 54.12 47.42 42.26
CA ARG D 740 55.07 47.80 41.23
C ARG D 740 54.41 47.96 39.86
N THR D 741 53.31 47.26 39.61
CA THR D 741 52.66 47.31 38.31
C THR D 741 51.64 48.44 38.19
N VAL D 742 51.33 49.15 39.28
CA VAL D 742 50.33 50.20 39.24
C VAL D 742 50.85 51.38 38.44
N LYS D 743 50.01 51.87 37.51
CA LYS D 743 50.32 53.07 36.75
C LYS D 743 49.51 54.27 37.22
N LYS D 744 48.27 54.06 37.66
CA LYS D 744 47.44 55.10 38.23
C LYS D 744 47.17 54.77 39.69
N LEU D 745 47.33 55.76 40.56
CA LEU D 745 47.25 55.54 42.00
C LEU D 745 46.67 56.80 42.64
N THR D 746 45.41 56.71 43.06
CA THR D 746 44.71 57.84 43.67
C THR D 746 44.47 57.54 45.13
N LEU D 747 44.92 58.45 46.00
CA LEU D 747 44.68 58.37 47.44
C LEU D 747 43.67 59.42 47.83
N THR D 748 42.61 58.99 48.52
CA THR D 748 41.55 59.89 48.96
C THR D 748 41.31 59.70 50.45
N ASN D 749 41.28 60.81 51.19
CA ASN D 749 41.03 60.79 52.62
C ASN D 749 42.00 59.87 53.36
N THR D 750 43.27 59.92 52.98
CA THR D 750 44.27 59.03 53.58
C THR D 750 45.02 59.66 54.73
N ARG D 751 45.22 60.98 54.71
CA ARG D 751 45.86 61.69 55.82
C ARG D 751 47.23 61.09 56.15
N PHE D 752 48.13 61.21 55.19
CA PHE D 752 49.48 60.66 55.31
C PHE D 752 50.50 61.77 55.44
N ALA D 753 51.52 61.53 56.28
CA ALA D 753 52.62 62.49 56.41
C ALA D 753 53.37 62.60 55.10
N TRP D 754 53.72 63.83 54.73
CA TRP D 754 54.39 64.06 53.46
C TRP D 754 55.68 63.25 53.35
N SER D 755 56.29 62.90 54.49
CA SER D 755 57.43 62.00 54.45
C SER D 755 57.09 60.70 53.75
N GLU D 756 55.84 60.24 53.90
CA GLU D 756 55.44 59.00 53.24
C GLU D 756 55.49 59.13 51.73
N ALA D 757 55.32 60.34 51.20
CA ALA D 757 55.43 60.55 49.76
C ALA D 757 56.84 60.24 49.26
N ASP D 758 57.84 60.34 50.13
CA ASP D 758 59.19 59.95 49.72
C ASP D 758 59.21 58.50 49.24
N LYS D 759 58.53 57.61 49.95
CA LYS D 759 58.46 56.23 49.50
C LYS D 759 57.64 56.11 48.22
N LEU D 760 56.53 56.85 48.14
CA LEU D 760 55.74 56.83 46.90
C LEU D 760 56.61 57.20 45.72
N GLY D 761 57.66 58.00 45.95
CA GLY D 761 58.68 58.20 44.95
C GLY D 761 59.52 56.96 44.64
N GLN D 762 59.10 55.78 45.09
CA GLN D 762 59.84 54.54 44.84
C GLN D 762 59.10 53.59 43.89
N LEU D 763 58.10 54.07 43.16
CA LEU D 763 57.36 53.24 42.21
C LEU D 763 57.95 53.43 40.81
N GLU D 764 58.26 52.31 40.16
CA GLU D 764 58.89 52.36 38.84
C GLU D 764 57.87 52.74 37.77
N SER D 765 56.66 52.17 37.83
CA SER D 765 55.68 52.31 36.77
C SER D 765 54.63 53.37 37.04
N LEU D 766 54.76 54.13 38.13
CA LEU D 766 53.77 55.17 38.42
C LEU D 766 53.77 56.23 37.33
N GLU D 767 52.59 56.61 36.89
CA GLU D 767 52.45 57.70 35.91
C GLU D 767 51.47 58.77 36.36
N ILE D 768 50.37 58.40 37.01
CA ILE D 768 49.34 59.36 37.42
C ILE D 768 49.18 59.26 38.92
N LEU D 769 49.02 60.42 39.56
CA LEU D 769 49.07 60.53 41.01
C LEU D 769 48.04 61.55 41.45
N LYS D 770 47.01 61.10 42.16
CA LYS D 770 45.94 61.98 42.63
C LYS D 770 45.92 61.98 44.15
N PHE D 771 45.99 63.16 44.74
CA PHE D 771 45.82 63.37 46.18
C PHE D 771 44.52 64.13 46.37
N LYS D 772 43.46 63.42 46.75
CA LYS D 772 42.12 63.99 46.83
C LYS D 772 41.66 64.02 48.28
N GLU D 773 41.06 65.13 48.68
CA GLU D 773 40.42 65.26 50.00
C GLU D 773 41.42 64.96 51.13
N ASN D 774 42.44 65.81 51.21
CA ASN D 774 43.48 65.65 52.24
C ASN D 774 44.05 64.24 52.20
N ALA D 775 44.66 63.88 51.07
CA ALA D 775 45.30 62.57 50.96
C ALA D 775 46.54 62.51 51.83
N PHE D 776 47.32 63.59 51.85
CA PHE D 776 48.55 63.66 52.62
C PHE D 776 48.42 64.77 53.65
N ALA D 777 48.67 64.44 54.92
CA ALA D 777 48.61 65.41 56.00
C ALA D 777 49.98 66.04 56.22
N GLY D 778 50.00 67.34 56.44
CA GLY D 778 51.23 68.06 56.65
C GLY D 778 51.16 69.50 56.21
N ASP D 779 51.76 70.40 57.00
CA ASP D 779 51.71 71.82 56.66
C ASP D 779 52.42 72.09 55.33
N SER D 780 53.58 71.47 55.11
CA SER D 780 54.34 71.67 53.89
C SER D 780 54.85 70.33 53.39
N TRP D 781 55.09 70.26 52.08
CA TRP D 781 55.59 69.06 51.43
C TRP D 781 56.99 69.33 50.91
N LYS D 782 57.95 68.49 51.32
CA LYS D 782 59.34 68.61 50.93
C LYS D 782 59.79 67.28 50.32
N PRO D 783 59.36 66.97 49.10
CA PRO D 783 59.72 65.70 48.49
C PRO D 783 61.22 65.59 48.27
N LYS D 784 61.75 64.38 48.43
CA LYS D 784 63.16 64.11 48.20
C LYS D 784 63.37 63.10 47.07
N MET D 785 62.70 61.95 47.13
CA MET D 785 62.92 60.91 46.13
C MET D 785 62.49 61.38 44.75
N GLY D 786 63.30 61.04 43.75
CA GLY D 786 62.93 61.34 42.39
C GLY D 786 61.78 60.48 41.89
N PHE D 787 61.02 61.04 40.95
CA PHE D 787 59.89 60.36 40.34
C PHE D 787 60.22 60.22 38.85
N SER D 788 60.92 59.14 38.53
CA SER D 788 61.58 59.02 37.23
C SER D 788 60.61 58.92 36.06
N ALA D 789 59.31 58.72 36.31
CA ALA D 789 58.37 58.48 35.22
C ALA D 789 57.05 59.24 35.33
N LEU D 790 56.69 59.78 36.48
CA LEU D 790 55.36 60.34 36.64
C LEU D 790 55.12 61.45 35.63
N ARG D 791 53.95 61.41 34.98
CA ARG D 791 53.58 62.36 33.95
C ARG D 791 52.52 63.36 34.39
N VAL D 792 51.57 62.95 35.22
CA VAL D 792 50.52 63.83 35.72
C VAL D 792 50.50 63.78 37.23
N LEU D 793 50.71 64.92 37.87
CA LEU D 793 50.54 65.07 39.31
C LEU D 793 49.23 65.78 39.56
N TRP D 794 48.46 65.32 40.55
CA TRP D 794 47.11 65.82 40.79
C TRP D 794 46.90 65.90 42.29
N ILE D 795 46.95 67.13 42.82
CA ILE D 795 46.72 67.39 44.24
C ILE D 795 45.43 68.19 44.36
N GLU D 796 44.46 67.64 45.08
CA GLU D 796 43.15 68.27 45.24
C GLU D 796 42.89 68.53 46.71
N ARG D 797 42.40 69.73 47.01
CA ARG D 797 41.96 70.09 48.37
C ARG D 797 43.05 69.75 49.39
N ALA D 798 44.27 70.19 49.11
CA ALA D 798 45.39 69.92 50.00
C ALA D 798 45.50 71.01 51.06
N GLU D 799 45.51 70.61 52.32
CA GLU D 799 45.62 71.55 53.42
C GLU D 799 47.05 72.06 53.61
N PHE D 800 48.03 71.46 52.94
CA PHE D 800 49.40 71.89 53.11
C PHE D 800 49.61 73.27 52.52
N GLU D 801 50.69 73.92 52.95
CA GLU D 801 50.91 75.34 52.71
C GLU D 801 52.02 75.61 51.71
N THR D 802 53.20 75.02 51.90
CA THR D 802 54.36 75.29 51.06
C THR D 802 54.88 73.99 50.46
N TRP D 803 55.23 74.03 49.18
CA TRP D 803 55.80 72.90 48.47
C TRP D 803 57.23 73.23 48.07
N GLU D 804 58.13 72.28 48.30
CA GLU D 804 59.57 72.49 48.09
C GLU D 804 60.13 71.43 47.15
N ALA D 805 59.39 71.08 46.10
CA ALA D 805 59.88 70.14 45.12
C ALA D 805 60.94 70.78 44.24
N SER D 806 61.71 69.94 43.55
CA SER D 806 62.83 70.38 42.73
C SER D 806 62.86 69.55 41.45
N GLU D 807 63.86 69.84 40.61
CA GLU D 807 63.97 69.16 39.32
C GLU D 807 64.19 67.66 39.51
N ILE D 808 65.08 67.28 40.42
CA ILE D 808 65.38 65.87 40.62
C ILE D 808 64.15 65.12 41.10
N ASN D 809 63.28 65.79 41.87
CA ASN D 809 62.09 65.11 42.37
C ASN D 809 61.19 64.67 41.23
N PHE D 810 61.01 65.51 40.21
CA PHE D 810 60.05 65.27 39.13
C PHE D 810 60.74 65.46 37.79
N PRO D 811 61.66 64.57 37.42
CA PRO D 811 62.39 64.76 36.16
C PRO D 811 61.51 64.82 34.93
N VAL D 812 60.44 64.02 34.86
CA VAL D 812 59.68 63.87 33.63
C VAL D 812 58.23 64.28 33.84
N LEU D 813 57.99 65.20 34.78
CA LEU D 813 56.66 65.73 34.97
C LEU D 813 56.13 66.29 33.66
N ARG D 814 54.92 65.88 33.28
CA ARG D 814 54.25 66.42 32.10
C ARG D 814 52.99 67.20 32.42
N ASN D 815 52.31 66.88 33.51
CA ASN D 815 51.12 67.61 33.94
C ASN D 815 51.20 67.84 35.44
N LEU D 816 50.81 69.04 35.87
CA LEU D 816 50.77 69.40 37.29
C LEU D 816 49.43 70.08 37.55
N VAL D 817 48.49 69.33 38.12
CA VAL D 817 47.15 69.83 38.40
C VAL D 817 47.02 69.97 39.91
N LEU D 818 46.79 71.21 40.36
CA LEU D 818 46.53 71.50 41.76
C LEU D 818 45.18 72.21 41.86
N MET D 819 44.24 71.60 42.57
CA MET D 819 42.89 72.14 42.67
C MET D 819 42.49 72.27 44.13
N SER D 820 41.73 73.33 44.43
CA SER D 820 41.27 73.60 45.79
C SER D 820 42.43 73.70 46.77
N CYS D 821 43.57 74.21 46.29
CA CYS D 821 44.74 74.40 47.14
C CYS D 821 44.69 75.78 47.80
N ASP D 822 43.62 76.00 48.55
CA ASP D 822 43.44 77.27 49.24
C ASP D 822 44.48 77.48 50.32
N LYS D 823 45.21 76.42 50.70
CA LYS D 823 46.26 76.53 51.70
C LYS D 823 47.65 76.63 51.09
N LEU D 824 47.85 76.09 49.89
CA LEU D 824 49.17 76.11 49.27
C LEU D 824 49.65 77.54 49.09
N GLU D 825 50.95 77.75 49.31
CA GLU D 825 51.53 79.09 49.32
C GLU D 825 52.11 79.46 47.95
N THR D 826 53.06 78.68 47.46
CA THR D 826 53.74 78.99 46.20
C THR D 826 54.24 77.71 45.56
N VAL D 827 54.00 77.56 44.27
CA VAL D 827 54.59 76.45 43.53
C VAL D 827 56.09 76.66 43.42
N PRO D 828 56.93 75.67 43.73
CA PRO D 828 58.37 75.90 43.67
C PRO D 828 58.82 76.34 42.29
N PHE D 829 59.71 77.34 42.25
CA PHE D 829 60.26 77.80 40.99
C PHE D 829 61.20 76.76 40.38
N GLU D 830 61.64 75.78 41.17
CA GLU D 830 62.56 74.77 40.64
C GLU D 830 61.91 73.96 39.54
N LEU D 831 60.61 73.74 39.63
CA LEU D 831 59.89 72.99 38.60
C LEU D 831 59.94 73.70 37.24
N ALA D 832 60.21 75.01 37.23
CA ALA D 832 60.25 75.74 35.97
C ALA D 832 61.31 75.16 35.03
N ASN D 833 62.44 74.73 35.58
CA ASN D 833 63.53 74.22 34.75
C ASN D 833 63.11 72.96 34.00
N LEU D 834 62.11 72.23 34.47
CA LEU D 834 61.73 70.96 33.86
C LEU D 834 61.37 71.14 32.39
N SER D 835 62.20 70.61 31.50
CA SER D 835 61.90 70.66 30.08
C SER D 835 60.64 69.86 29.76
N ASP D 836 60.48 68.69 30.38
CA ASP D 836 59.31 67.87 30.11
C ASP D 836 58.02 68.57 30.52
N LEU D 837 58.04 69.23 31.67
CA LEU D 837 56.85 69.90 32.17
C LEU D 837 56.30 70.85 31.12
N TYR D 838 55.10 70.56 30.62
CA TYR D 838 54.42 71.41 29.66
C TYR D 838 53.03 71.83 30.09
N GLU D 839 52.39 71.11 31.00
CA GLU D 839 51.03 71.41 31.45
C GLU D 839 51.05 71.74 32.94
N MET D 840 50.14 72.62 33.35
CA MET D 840 50.00 73.00 34.75
C MET D 840 48.67 73.72 34.91
N ARG D 841 47.95 73.36 35.95
CA ARG D 841 46.62 73.92 36.21
C ARG D 841 46.43 74.14 37.70
N LEU D 842 46.03 75.37 38.06
CA LEU D 842 45.71 75.73 39.43
C LEU D 842 44.22 76.07 39.49
N GLU D 843 43.46 75.25 40.22
CA GLU D 843 42.02 75.41 40.34
C GLU D 843 41.69 75.82 41.78
N ASN D 844 41.07 76.97 41.93
CA ASN D 844 40.71 77.50 43.24
C ASN D 844 41.89 77.41 44.20
N THR D 845 43.01 77.98 43.75
CA THR D 845 44.27 77.93 44.47
C THR D 845 44.57 79.28 45.10
N SER D 846 45.31 79.23 46.21
CA SER D 846 45.67 80.43 46.98
C SER D 846 46.83 81.15 46.32
N LYS D 847 47.50 82.03 47.07
CA LYS D 847 48.54 82.91 46.54
C LYS D 847 49.47 82.18 45.59
N ALA D 848 49.60 80.86 45.74
CA ALA D 848 50.40 80.08 44.81
C ALA D 848 50.11 80.40 43.35
N VAL D 849 48.93 80.95 43.05
CA VAL D 849 48.63 81.33 41.66
C VAL D 849 49.58 82.42 41.18
N LYS D 850 50.03 83.31 42.08
CA LYS D 850 51.02 84.29 41.68
C LYS D 850 52.30 83.60 41.22
N SER D 851 52.75 82.60 41.97
CA SER D 851 53.93 81.84 41.57
C SER D 851 53.68 81.11 40.26
N ALA D 852 52.45 80.67 40.00
CA ALA D 852 52.14 80.09 38.70
C ALA D 852 52.36 81.10 37.59
N LYS D 853 51.95 82.35 37.81
CA LYS D 853 52.20 83.39 36.82
C LYS D 853 53.71 83.60 36.64
N ALA D 854 54.46 83.58 37.74
CA ALA D 854 55.91 83.75 37.63
C ALA D 854 56.54 82.63 36.80
N ILE D 855 56.14 81.39 37.06
CA ILE D 855 56.68 80.25 36.32
C ILE D 855 56.28 80.33 34.85
N LEU D 856 55.03 80.73 34.58
CA LEU D 856 54.60 80.91 33.19
C LEU D 856 55.44 81.96 32.50
N GLU D 857 55.71 83.08 33.18
CA GLU D 857 56.53 84.13 32.59
C GLU D 857 57.94 83.63 32.33
N SER D 858 58.52 82.88 33.26
CA SER D 858 59.86 82.36 33.07
C SER D 858 59.92 81.43 31.87
N LYS D 859 58.93 80.53 31.74
CA LYS D 859 58.92 79.61 30.62
C LYS D 859 58.69 80.34 29.30
N THR D 860 57.83 81.36 29.30
CA THR D 860 57.62 82.16 28.10
C THR D 860 58.90 82.87 27.69
N ASP D 861 59.64 83.40 28.67
CA ASP D 861 60.94 84.00 28.37
C ASP D 861 61.88 82.96 27.76
N LYS D 862 61.90 81.75 28.32
CA LYS D 862 62.62 80.66 27.68
C LYS D 862 61.92 80.19 26.41
N ASN D 863 60.71 80.66 26.16
CA ASN D 863 59.96 80.32 24.95
C ASN D 863 59.76 78.81 24.85
N ILE D 864 59.18 78.25 25.91
CA ILE D 864 58.86 76.82 25.98
C ILE D 864 57.35 76.68 25.92
N LYS D 865 56.87 75.77 25.07
CA LYS D 865 55.45 75.74 24.74
C LYS D 865 54.63 75.26 25.93
N PHE D 866 54.18 76.19 26.76
CA PHE D 866 53.62 75.86 28.06
C PHE D 866 52.21 76.42 28.16
N ASN D 867 51.38 75.70 28.91
CA ASN D 867 49.98 76.07 29.12
C ASN D 867 49.72 76.26 30.60
N LEU D 868 48.98 77.33 30.92
CA LEU D 868 48.61 77.64 32.30
C LEU D 868 47.11 77.96 32.32
N THR D 869 46.36 77.21 33.10
CA THR D 869 44.93 77.38 33.24
C THR D 869 44.61 77.87 34.65
N ILE D 870 43.84 78.96 34.75
CA ILE D 870 43.44 79.53 36.02
C ILE D 870 41.93 79.72 36.01
N PHE D 871 41.28 79.26 37.07
CA PHE D 871 39.84 79.42 37.23
C PHE D 871 39.56 80.02 38.61
N PRO D 872 38.59 80.93 38.72
CA PRO D 872 37.75 81.49 37.65
C PRO D 872 38.48 82.53 36.81
N PHE E 8 -18.80 13.27 3.61
CA PHE E 8 -18.63 14.69 3.22
C PHE E 8 -18.34 15.56 4.44
N GLU E 9 -19.27 15.52 5.40
CA GLU E 9 -19.11 16.32 6.61
C GLU E 9 -17.90 15.86 7.41
N VAL E 10 -17.66 14.55 7.48
CA VAL E 10 -16.47 14.05 8.18
C VAL E 10 -15.20 14.53 7.47
N GLU E 11 -15.13 14.31 6.15
CA GLU E 11 -13.98 14.77 5.39
C GLU E 11 -13.87 16.29 5.44
N ASN E 12 -15.01 16.98 5.37
CA ASN E 12 -15.02 18.43 5.48
C ASN E 12 -14.32 18.81 6.78
N LEU E 13 -14.90 18.44 7.92
CA LEU E 13 -14.33 18.82 9.21
C LEU E 13 -12.87 18.42 9.32
N LEU E 14 -12.49 17.27 8.76
CA LEU E 14 -11.09 16.88 8.77
C LEU E 14 -10.22 17.93 8.11
N GLN E 15 -10.55 18.28 6.86
CA GLN E 15 -9.74 19.27 6.14
C GLN E 15 -9.79 20.62 6.83
N LEU E 16 -10.97 21.00 7.32
CA LEU E 16 -11.13 22.28 7.99
C LEU E 16 -10.21 22.39 9.20
N LEU E 17 -10.25 21.38 10.08
CA LEU E 17 -9.37 21.41 11.25
C LEU E 17 -7.91 21.37 10.85
N THR E 18 -7.56 20.54 9.87
CA THR E 18 -6.16 20.38 9.50
C THR E 18 -5.56 21.69 9.00
N ASP E 19 -6.29 22.40 8.14
CA ASP E 19 -5.74 23.63 7.57
C ASP E 19 -5.61 24.72 8.60
N ASN E 20 -6.63 24.91 9.45
CA ASN E 20 -6.58 25.98 10.43
C ASN E 20 -5.51 25.76 11.50
N VAL E 21 -4.95 24.56 11.61
CA VAL E 21 -3.79 24.36 12.47
C VAL E 21 -2.57 25.09 11.96
N SER E 26 -2.53 25.39 9.61
CA SER E 26 -1.86 26.26 8.68
C SER E 26 -2.25 27.66 8.76
N ALA E 27 -3.05 28.02 9.72
CA ALA E 27 -3.54 29.22 9.02
C ALA E 27 -2.59 30.39 9.22
N LYS E 28 -2.04 30.55 10.43
CA LYS E 28 -1.18 31.69 10.71
C LYS E 28 0.14 31.61 9.92
N GLY E 29 0.72 30.41 9.83
CA GLY E 29 1.94 30.28 9.06
C GLY E 29 1.73 30.58 7.59
N GLU E 30 0.65 30.05 7.01
CA GLU E 30 0.29 30.37 5.64
C GLU E 30 0.08 31.87 5.48
N LEU E 31 -0.58 32.48 6.47
CA LEU E 31 -0.84 33.92 6.41
C LEU E 31 0.46 34.71 6.35
N GLU E 32 1.39 34.40 7.26
CA GLU E 32 2.65 35.14 7.31
C GLU E 32 3.49 34.91 6.06
N ASN E 33 3.53 33.67 5.57
CA ASN E 33 4.28 33.41 4.35
C ASN E 33 3.67 34.15 3.17
N LEU E 34 2.34 34.16 3.07
CA LEU E 34 1.69 34.96 2.03
C LEU E 34 2.06 36.42 2.17
N LEU E 35 2.14 36.93 3.39
CA LEU E 35 2.48 38.34 3.58
C LEU E 35 3.91 38.61 3.11
N LYS E 36 4.86 37.75 3.46
CA LYS E 36 6.23 37.95 2.99
C LYS E 36 6.28 37.96 1.47
N GLU E 37 5.64 36.98 0.85
CA GLU E 37 5.75 36.85 -0.60
C GLU E 37 5.03 37.99 -1.31
N VAL E 38 3.93 38.47 -0.74
CA VAL E 38 3.23 39.61 -1.33
C VAL E 38 4.03 40.89 -1.12
N GLN E 39 4.77 40.98 -0.01
CA GLN E 39 5.70 42.11 0.15
C GLN E 39 6.77 42.06 -0.93
N HIS E 40 7.27 40.87 -1.24
CA HIS E 40 8.20 40.72 -2.36
C HIS E 40 7.58 41.22 -3.66
N LEU E 41 6.36 40.78 -3.95
CA LEU E 41 5.73 41.21 -5.20
C LEU E 41 5.48 42.71 -5.20
N LYS E 42 5.21 43.30 -4.03
CA LYS E 42 5.01 44.74 -3.95
C LYS E 42 6.29 45.50 -4.22
N GLY E 43 7.42 45.02 -3.68
CA GLY E 43 8.69 45.63 -4.01
C GLY E 43 9.01 45.52 -5.48
N PHE E 44 8.79 44.35 -6.07
CA PHE E 44 8.96 44.21 -7.51
C PHE E 44 8.06 45.20 -8.24
N LEU E 45 6.85 45.40 -7.75
CA LEU E 45 5.92 46.29 -8.43
C LEU E 45 6.42 47.71 -8.40
N ASP E 46 6.98 48.15 -7.27
CA ASP E 46 7.62 49.46 -7.22
C ASP E 46 8.72 49.54 -8.28
N ASP E 47 9.60 48.54 -8.30
CA ASP E 47 10.67 48.52 -9.29
C ASP E 47 10.12 48.67 -10.70
N ALA E 48 9.15 47.83 -11.05
CA ALA E 48 8.60 47.85 -12.40
C ALA E 48 7.95 49.19 -12.71
N ALA E 49 7.30 49.79 -11.71
CA ALA E 49 6.69 51.10 -11.91
C ALA E 49 7.74 52.12 -12.31
N LYS E 50 8.86 52.17 -11.58
CA LYS E 50 9.92 53.12 -11.94
C LYS E 50 10.49 52.76 -13.32
N LEU E 51 10.70 51.48 -13.58
CA LEU E 51 11.33 51.07 -14.81
C LEU E 51 10.44 51.41 -16.01
N PRO E 52 11.01 51.92 -17.10
CA PRO E 52 10.22 52.11 -18.32
C PRO E 52 10.07 50.82 -19.11
N SER E 53 8.83 50.54 -19.53
CA SER E 53 8.50 49.31 -20.22
C SER E 53 7.76 49.60 -21.52
N ASP E 54 7.95 48.71 -22.50
CA ASP E 54 7.26 48.81 -23.78
C ASP E 54 6.69 47.50 -24.28
N SER E 55 6.96 46.37 -23.61
CA SER E 55 6.55 45.07 -24.12
C SER E 55 5.19 44.69 -23.55
N GLU E 56 4.28 44.28 -24.44
CA GLU E 56 2.93 43.93 -24.01
C GLU E 56 2.95 42.82 -22.97
N GLN E 57 3.86 41.87 -23.11
CA GLN E 57 3.96 40.80 -22.13
C GLN E 57 4.33 41.35 -20.75
N TRP E 58 5.20 42.37 -20.71
CA TRP E 58 5.54 42.96 -19.43
C TRP E 58 4.35 43.66 -18.80
N LYS E 59 3.55 44.36 -19.61
CA LYS E 59 2.33 44.95 -19.06
C LYS E 59 1.39 43.87 -18.57
N VAL E 60 1.32 42.73 -19.25
CA VAL E 60 0.52 41.61 -18.78
C VAL E 60 1.00 41.15 -17.41
N LEU E 61 2.32 40.97 -17.27
CA LEU E 61 2.85 40.50 -16.00
C LEU E 61 2.64 41.52 -14.89
N VAL E 62 2.76 42.80 -15.20
CA VAL E 62 2.55 43.83 -14.18
C VAL E 62 1.09 43.85 -13.77
N GLU E 63 0.17 43.79 -14.73
CA GLU E 63 -1.25 43.65 -14.41
C GLU E 63 -1.47 42.46 -13.50
N GLU E 64 -0.84 41.33 -13.83
CA GLU E 64 -1.07 40.11 -13.07
C GLU E 64 -0.55 40.24 -11.65
N ILE E 65 0.65 40.80 -11.48
CA ILE E 65 1.18 40.93 -10.13
C ILE E 65 0.38 41.95 -9.34
N GLN E 66 -0.08 43.04 -9.98
CA GLN E 66 -0.93 43.98 -9.26
C GLN E 66 -2.20 43.30 -8.77
N LYS E 67 -2.86 42.54 -9.65
CA LYS E 67 -4.11 41.90 -9.26
C LYS E 67 -3.87 40.84 -8.19
N THR E 68 -2.81 40.04 -8.32
CA THR E 68 -2.51 39.03 -7.31
C THR E 68 -2.18 39.68 -5.97
N VAL E 69 -1.40 40.76 -6.00
CA VAL E 69 -1.01 41.44 -4.77
C VAL E 69 -2.24 42.02 -4.07
N HIS E 70 -3.11 42.69 -4.83
CA HIS E 70 -4.29 43.27 -4.20
C HIS E 70 -5.28 42.20 -3.78
N THR E 71 -5.38 41.09 -4.52
CA THR E 71 -6.21 39.97 -4.09
C THR E 71 -5.72 39.41 -2.76
N ALA E 72 -4.41 39.22 -2.63
CA ALA E 72 -3.87 38.73 -1.36
C ALA E 72 -4.10 39.74 -0.24
N GLU E 73 -4.04 41.03 -0.55
CA GLU E 73 -4.32 42.04 0.47
C GLU E 73 -5.78 41.97 0.92
N ASP E 74 -6.71 41.79 -0.02
CA ASP E 74 -8.10 41.63 0.38
C ASP E 74 -8.28 40.39 1.24
N ALA E 75 -7.63 39.29 0.86
CA ALA E 75 -7.75 38.06 1.65
C ALA E 75 -7.22 38.26 3.06
N VAL E 76 -6.07 38.92 3.20
CA VAL E 76 -5.49 39.12 4.52
C VAL E 76 -6.39 40.00 5.38
N ASP E 77 -6.91 41.09 4.79
CA ASP E 77 -7.77 41.98 5.55
C ASP E 77 -9.06 41.27 5.95
N LYS E 78 -9.62 40.45 5.06
CA LYS E 78 -10.80 39.67 5.41
C LYS E 78 -10.53 38.73 6.57
N PHE E 79 -9.38 38.04 6.52
CA PHE E 79 -9.06 37.08 7.58
C PHE E 79 -8.91 37.77 8.92
N VAL E 80 -8.19 38.90 8.95
CA VAL E 80 -8.03 39.60 10.22
C VAL E 80 -9.37 40.18 10.70
N VAL E 81 -10.19 40.65 9.77
CA VAL E 81 -11.48 41.22 10.15
C VAL E 81 -12.37 40.15 10.78
N GLN E 82 -12.41 38.96 10.17
CA GLN E 82 -13.23 37.90 10.75
C GLN E 82 -12.65 37.41 12.07
N ALA E 83 -11.32 37.42 12.22
CA ALA E 83 -10.74 37.07 13.51
C ALA E 83 -11.18 38.05 14.59
N LYS E 84 -11.16 39.35 14.27
CA LYS E 84 -11.65 40.35 15.22
C LYS E 84 -13.13 40.14 15.51
N LEU E 85 -13.92 39.81 14.48
CA LEU E 85 -15.33 39.54 14.70
C LEU E 85 -15.53 38.40 15.68
N HIS E 86 -14.80 37.29 15.47
CA HIS E 86 -14.92 36.15 16.37
C HIS E 86 -14.53 36.53 17.79
N LYS E 87 -13.42 37.25 17.95
CA LYS E 87 -13.02 37.68 19.29
C LYS E 87 -14.06 38.59 19.91
N GLU E 88 -14.81 39.33 19.08
CA GLU E 88 -15.87 40.18 19.61
C GLU E 88 -17.03 39.37 20.17
N LYS E 89 -17.31 38.21 19.59
CA LYS E 89 -18.38 37.35 20.07
C LYS E 89 -18.03 36.75 21.43
N ASN E 90 -19.06 36.43 22.20
CA ASN E 90 -18.86 35.84 23.52
C ASN E 90 -18.22 34.47 23.40
N LYS E 91 -17.67 33.98 24.51
CA LYS E 91 -17.08 32.65 24.52
C LYS E 91 -18.10 31.60 24.11
N MET E 92 -19.34 31.72 24.61
CA MET E 92 -20.40 30.84 24.16
C MET E 92 -20.60 30.96 22.66
N ALA E 93 -20.77 32.18 22.16
CA ALA E 93 -20.96 32.37 20.73
C ALA E 93 -19.71 31.97 19.95
N ARG E 94 -18.53 32.20 20.53
CA ARG E 94 -17.29 31.82 19.84
C ARG E 94 -17.22 30.31 19.62
N ILE E 95 -17.41 29.54 20.70
CA ILE E 95 -17.30 28.09 20.59
C ILE E 95 -18.44 27.52 19.76
N LEU E 96 -19.65 28.01 19.99
CA LEU E 96 -20.83 27.39 19.40
C LEU E 96 -20.93 27.65 17.90
N ASP E 97 -20.53 28.83 17.44
CA ASP E 97 -20.75 29.20 16.05
C ASP E 97 -20.08 28.21 15.11
N VAL E 98 -20.85 27.66 14.17
CA VAL E 98 -20.36 26.71 13.20
C VAL E 98 -20.27 27.33 11.81
N GLY E 99 -21.16 28.28 11.49
CA GLY E 99 -21.00 29.02 10.25
C GLY E 99 -19.70 29.79 10.21
N HIS E 100 -19.32 30.38 11.34
CA HIS E 100 -18.00 31.00 11.45
C HIS E 100 -16.91 29.98 11.15
N LEU E 101 -17.04 28.76 11.67
CA LEU E 101 -16.07 27.71 11.39
C LEU E 101 -15.92 27.49 9.89
N ALA E 102 -17.04 27.31 9.20
CA ALA E 102 -17.01 27.09 7.76
C ALA E 102 -16.33 28.25 7.04
N THR E 103 -16.75 29.48 7.35
CA THR E 103 -16.24 30.62 6.60
C THR E 103 -14.75 30.83 6.86
N VAL E 104 -14.30 30.64 8.11
CA VAL E 104 -12.89 30.85 8.40
C VAL E 104 -12.04 29.82 7.70
N ARG E 105 -12.51 28.57 7.62
CA ARG E 105 -11.69 27.60 6.89
C ARG E 105 -11.76 27.77 5.38
N ASN E 106 -12.88 28.27 4.83
CA ASN E 106 -12.87 28.64 3.43
C ASN E 106 -11.87 29.77 3.18
N LEU E 107 -11.81 30.74 4.09
CA LEU E 107 -10.85 31.82 3.95
C LEU E 107 -9.43 31.31 4.03
N ALA E 108 -9.16 30.37 4.93
CA ALA E 108 -7.83 29.78 5.02
C ALA E 108 -7.49 29.03 3.74
N ALA E 109 -8.47 28.33 3.15
CA ALA E 109 -8.23 27.65 1.89
C ALA E 109 -7.88 28.65 0.79
N GLU E 110 -8.62 29.76 0.73
CA GLU E 110 -8.34 30.78 -0.28
C GLU E 110 -6.95 31.38 -0.07
N VAL E 111 -6.59 31.65 1.18
CA VAL E 111 -5.28 32.22 1.47
C VAL E 111 -4.18 31.24 1.09
N LYS E 112 -4.39 29.96 1.37
CA LYS E 112 -3.40 28.95 0.96
C LYS E 112 -3.26 28.93 -0.56
N GLY E 113 -4.38 28.96 -1.27
CA GLY E 113 -4.32 28.96 -2.72
C GLY E 113 -3.55 30.17 -3.25
N ILE E 114 -3.85 31.35 -2.72
CA ILE E 114 -3.17 32.55 -3.20
C ILE E 114 -1.70 32.56 -2.79
N HIS E 115 -1.35 31.98 -1.64
CA HIS E 115 0.04 31.89 -1.26
C HIS E 115 0.82 31.01 -2.22
N ASP E 116 0.26 29.85 -2.57
CA ASP E 116 0.91 29.03 -3.58
C ASP E 116 0.95 29.75 -4.92
N GLN E 117 -0.08 30.55 -5.21
CA GLN E 117 -0.08 31.34 -6.44
C GLN E 117 1.08 32.31 -6.46
N VAL E 118 1.35 32.98 -5.34
CA VAL E 118 2.47 33.91 -5.26
C VAL E 118 3.80 33.18 -5.36
N LYS E 119 3.90 32.01 -4.71
CA LYS E 119 5.11 31.21 -4.80
C LYS E 119 5.42 30.87 -6.26
N GLU E 120 4.43 30.35 -6.99
CA GLU E 120 4.65 30.01 -8.39
C GLU E 120 4.83 31.27 -9.24
N LEU E 121 4.21 32.39 -8.86
CA LEU E 121 4.44 33.64 -9.57
C LEU E 121 5.90 34.03 -9.50
N ARG E 122 6.50 33.92 -8.32
CA ARG E 122 7.91 34.24 -8.16
C ARG E 122 8.78 33.27 -8.94
N LEU E 123 8.57 31.97 -8.75
CA LEU E 123 9.52 31.00 -9.30
C LEU E 123 9.41 30.89 -10.81
N ASN E 124 8.18 30.82 -11.33
CA ASN E 124 8.01 30.62 -12.77
C ASN E 124 8.59 31.76 -13.57
N ASN E 125 8.39 33.00 -13.12
CA ASN E 125 8.75 34.19 -13.88
C ASN E 125 10.12 34.70 -13.42
N GLN E 126 11.09 34.66 -14.34
CA GLN E 126 12.44 35.12 -14.03
C GLN E 126 12.48 36.63 -13.80
N ALA E 127 11.48 37.36 -14.28
CA ALA E 127 11.51 38.82 -14.16
C ALA E 127 11.63 39.27 -12.71
N LEU E 128 11.22 38.42 -11.76
CA LEU E 128 11.07 38.82 -10.37
C LEU E 128 12.33 38.65 -9.53
N GLN E 129 13.39 38.07 -10.06
CA GLN E 129 14.55 37.74 -9.24
C GLN E 129 15.15 39.01 -8.62
N ALA E 130 15.56 38.90 -7.36
CA ALA E 130 16.14 40.04 -6.66
C ALA E 130 17.42 40.49 -7.34
N ARG E 131 17.60 41.81 -7.44
CA ARG E 131 18.75 42.39 -8.11
C ARG E 131 19.32 43.53 -7.29
N PRO E 132 20.65 43.68 -7.22
CA PRO E 132 21.23 44.68 -6.33
C PRO E 132 20.81 46.11 -6.63
N THR E 133 21.16 46.60 -7.82
CA THR E 133 20.81 47.95 -8.27
C THR E 133 20.47 47.80 -9.75
N LEU E 134 19.22 47.48 -10.05
CA LEU E 134 18.90 47.10 -11.43
C LEU E 134 17.47 47.51 -11.75
N GLU E 135 17.33 48.72 -12.28
CA GLU E 135 16.23 49.10 -13.15
C GLU E 135 16.85 49.76 -14.38
N LEU E 136 16.17 49.64 -15.51
CA LEU E 136 16.72 50.09 -16.78
C LEU E 136 15.97 51.31 -17.29
N PRO E 137 16.37 52.54 -16.88
CA PRO E 137 15.74 53.74 -17.46
C PRO E 137 16.01 53.89 -18.95
N GLN E 146 14.29 68.96 -27.88
CA GLN E 146 14.35 69.94 -28.96
C GLN E 146 13.09 70.79 -28.97
N GLN E 147 13.28 72.12 -28.91
CA GLN E 147 12.16 73.03 -28.89
C GLN E 147 11.47 73.06 -30.26
N GLY E 148 10.46 73.93 -30.36
CA GLY E 148 9.76 74.11 -31.62
C GLY E 148 10.53 74.99 -32.57
N PRO E 149 9.91 75.35 -33.70
CA PRO E 149 10.59 76.19 -34.68
C PRO E 149 11.22 77.44 -34.07
N ALA E 150 10.40 78.20 -33.34
CA ALA E 150 10.74 79.50 -32.74
C ALA E 150 9.93 80.58 -33.41
N LEU E 151 9.00 81.18 -32.66
CA LEU E 151 8.09 82.16 -33.22
C LEU E 151 8.79 83.49 -33.46
N GLU E 152 8.08 84.37 -34.16
CA GLU E 152 8.40 85.79 -34.23
C GLU E 152 7.26 86.56 -33.57
N ASP E 153 7.48 87.85 -33.36
CA ASP E 153 6.56 88.63 -32.54
C ASP E 153 5.11 88.60 -33.04
N ASP E 154 4.79 88.15 -34.25
CA ASP E 154 3.40 88.08 -34.69
C ASP E 154 2.70 86.80 -34.25
N GLU E 155 3.45 85.75 -33.92
CA GLU E 155 2.88 84.48 -33.50
C GLU E 155 2.74 84.37 -31.99
N VAL E 156 3.14 85.39 -31.24
CA VAL E 156 2.98 85.41 -29.79
C VAL E 156 1.71 86.19 -29.47
N VAL E 157 0.79 85.55 -28.75
CA VAL E 157 -0.55 86.07 -28.52
C VAL E 157 -0.67 86.49 -27.07
N GLY E 158 -1.19 87.71 -26.86
CA GLY E 158 -1.57 88.15 -25.52
C GLY E 158 -0.43 88.34 -24.55
N PHE E 159 0.82 88.17 -24.98
CA PHE E 159 1.97 88.38 -24.12
C PHE E 159 2.55 89.78 -24.27
N ASP E 160 1.98 90.61 -25.14
CA ASP E 160 2.51 91.95 -25.34
C ASP E 160 2.56 92.71 -24.02
N GLU E 161 1.44 92.77 -23.31
CA GLU E 161 1.43 93.41 -22.00
C GLU E 161 2.32 92.67 -21.02
N GLU E 162 2.35 91.33 -21.10
CA GLU E 162 3.23 90.56 -20.22
C GLU E 162 4.68 90.86 -20.50
N ALA E 163 5.07 90.84 -21.78
CA ALA E 163 6.45 91.14 -22.13
C ALA E 163 6.83 92.54 -21.68
N ASN E 164 5.94 93.51 -21.89
CA ASN E 164 6.17 94.86 -21.41
C ASN E 164 6.42 94.82 -19.91
N LYS E 165 5.42 94.40 -19.13
CA LYS E 165 5.54 94.32 -17.68
C LYS E 165 6.86 93.71 -17.24
N VAL E 166 7.27 92.61 -17.87
CA VAL E 166 8.50 91.95 -17.47
C VAL E 166 9.71 92.84 -17.77
N ILE E 167 9.74 93.45 -18.96
CA ILE E 167 10.88 94.30 -19.31
C ILE E 167 10.93 95.52 -18.40
N ASN E 168 9.77 96.06 -18.03
CA ASN E 168 9.73 97.18 -17.11
C ASN E 168 10.27 96.78 -15.74
N ARG E 169 9.81 95.65 -15.23
CA ARG E 169 10.39 95.11 -14.00
C ARG E 169 11.91 94.98 -14.13
N LEU E 170 12.37 94.65 -15.33
CA LEU E 170 13.80 94.45 -15.56
C LEU E 170 14.56 95.76 -15.46
N VAL E 171 14.15 96.76 -16.25
CA VAL E 171 15.00 97.92 -16.54
C VAL E 171 15.03 98.96 -15.42
N LYS E 172 14.16 98.85 -14.42
CA LYS E 172 14.19 99.80 -13.32
C LYS E 172 15.61 99.91 -12.77
N GLU E 173 16.12 101.13 -12.69
CA GLU E 173 17.47 101.31 -12.16
C GLU E 173 17.55 100.81 -10.74
N SER E 174 18.54 99.97 -10.47
CA SER E 174 18.76 99.43 -9.13
C SER E 174 20.16 98.83 -9.11
N LYS E 175 21.02 99.36 -8.24
CA LYS E 175 22.43 98.96 -8.27
C LYS E 175 22.59 97.47 -7.97
N ASP E 176 21.72 96.92 -7.12
CA ASP E 176 21.81 95.51 -6.79
C ASP E 176 21.45 94.63 -7.99
N LEU E 177 22.03 93.44 -8.02
CA LEU E 177 21.75 92.46 -9.07
C LEU E 177 20.38 91.85 -8.79
N ASP E 178 19.34 92.53 -9.26
CA ASP E 178 17.97 92.07 -9.06
C ASP E 178 17.59 91.10 -10.17
N ILE E 179 16.87 90.05 -9.79
CA ILE E 179 16.48 89.00 -10.72
C ILE E 179 15.00 89.13 -11.01
N ILE E 180 14.58 88.62 -12.17
CA ILE E 180 13.18 88.67 -12.59
C ILE E 180 12.79 87.30 -13.15
N PRO E 181 12.15 86.43 -12.36
CA PRO E 181 11.82 85.10 -12.84
C PRO E 181 10.43 84.98 -13.45
N VAL E 182 10.31 84.04 -14.38
CA VAL E 182 9.02 83.67 -14.98
C VAL E 182 8.73 82.24 -14.60
N VAL E 183 7.62 82.02 -13.90
CA VAL E 183 7.28 80.73 -13.32
C VAL E 183 5.83 80.38 -13.64
N GLY E 184 5.56 79.08 -13.71
CA GLY E 184 4.22 78.62 -14.01
C GLY E 184 4.15 77.10 -14.05
N MET E 185 3.29 76.59 -14.90
CA MET E 185 3.09 75.15 -15.06
C MET E 185 3.76 74.66 -16.33
N PRO E 186 3.90 73.35 -16.48
CA PRO E 186 4.54 72.82 -17.69
C PRO E 186 3.83 73.25 -18.96
N GLY E 187 4.61 73.56 -19.98
CA GLY E 187 4.05 73.96 -21.25
C GLY E 187 3.13 75.17 -21.16
N LEU E 188 3.49 76.16 -20.35
CA LEU E 188 2.68 77.36 -20.24
C LEU E 188 3.12 78.46 -21.18
N GLY E 189 4.26 78.32 -21.83
CA GLY E 189 4.78 79.34 -22.72
C GLY E 189 5.85 80.23 -22.14
N LYS E 190 6.42 79.87 -20.98
CA LYS E 190 7.42 80.72 -20.35
C LYS E 190 8.57 81.01 -21.30
N THR E 191 9.14 79.98 -21.90
CA THR E 191 10.25 80.19 -22.82
C THR E 191 9.85 81.13 -23.95
N THR E 192 8.59 81.09 -24.39
CA THR E 192 8.16 82.01 -25.43
C THR E 192 8.16 83.45 -24.92
N LEU E 193 7.70 83.67 -23.69
CA LEU E 193 7.75 85.01 -23.14
C LEU E 193 9.20 85.51 -23.05
N ALA E 194 10.10 84.64 -22.59
CA ALA E 194 11.50 85.04 -22.50
C ALA E 194 12.09 85.34 -23.86
N ARG E 195 11.80 84.48 -24.85
CA ARG E 195 12.32 84.71 -26.20
C ARG E 195 11.79 86.02 -26.76
N LYS E 196 10.52 86.32 -26.54
CA LYS E 196 9.99 87.63 -26.89
C LYS E 196 10.83 88.72 -26.22
N ILE E 197 10.88 88.72 -24.90
CA ILE E 197 11.67 89.70 -24.16
C ILE E 197 13.09 89.75 -24.71
N TYR E 198 13.60 88.60 -25.17
CA TYR E 198 14.95 88.51 -25.71
C TYR E 198 15.07 89.17 -27.08
N LYS E 199 13.96 89.59 -27.70
CA LYS E 199 13.98 90.17 -29.03
C LYS E 199 13.29 91.53 -29.10
N ASP E 200 12.92 92.11 -27.97
CA ASP E 200 12.36 93.46 -28.00
C ASP E 200 13.47 94.48 -28.31
N PRO E 201 13.29 95.35 -29.30
CA PRO E 201 14.29 96.41 -29.52
C PRO E 201 14.50 97.28 -28.29
N LYS E 202 13.44 97.48 -27.49
CA LYS E 202 13.58 98.21 -26.24
C LYS E 202 14.75 97.68 -25.43
N LEU E 203 14.69 96.40 -25.05
CA LEU E 203 15.69 95.77 -24.19
C LEU E 203 17.10 96.11 -24.65
N SER E 204 17.32 96.15 -25.96
CA SER E 204 18.64 96.48 -26.48
C SER E 204 19.13 97.81 -25.95
N TYR E 205 18.22 98.77 -25.79
CA TYR E 205 18.63 100.13 -25.42
C TYR E 205 19.23 100.17 -24.03
N GLU E 206 18.63 99.47 -23.06
CA GLU E 206 19.05 99.58 -21.67
C GLU E 206 20.22 98.67 -21.32
N PHE E 207 20.53 97.68 -22.14
CA PHE E 207 21.60 96.73 -21.84
C PHE E 207 22.50 96.56 -23.04
N PHE E 208 23.81 96.65 -22.81
CA PHE E 208 24.76 96.51 -23.91
C PHE E 208 24.69 95.11 -24.51
N GLY E 209 24.77 94.09 -23.68
CA GLY E 209 24.79 92.72 -24.16
C GLY E 209 23.79 91.83 -23.45
N VAL E 210 22.82 91.31 -24.20
CA VAL E 210 21.83 90.38 -23.70
C VAL E 210 22.18 89.01 -24.27
N HIS E 211 22.38 88.03 -23.40
CA HIS E 211 22.69 86.67 -23.82
C HIS E 211 21.69 85.70 -23.22
N TRP E 212 21.54 84.56 -23.87
CA TRP E 212 20.55 83.56 -23.53
C TRP E 212 21.23 82.25 -23.15
N VAL E 213 20.65 81.56 -22.18
CA VAL E 213 21.16 80.26 -21.74
C VAL E 213 19.99 79.38 -21.38
N TYR E 214 20.13 78.09 -21.67
CA TYR E 214 19.14 77.07 -21.33
C TYR E 214 19.77 76.10 -20.35
N VAL E 215 19.07 75.83 -19.26
CA VAL E 215 19.55 74.93 -18.21
C VAL E 215 18.73 73.64 -18.16
N GLY E 216 17.44 73.75 -17.86
CA GLY E 216 16.61 72.57 -17.72
C GLY E 216 16.96 71.79 -16.46
N GLN E 217 16.26 70.70 -16.19
CA GLN E 217 16.58 69.93 -14.99
C GLN E 217 18.00 69.39 -15.06
N SER E 218 18.42 68.88 -16.21
CA SER E 218 19.73 68.29 -16.40
C SER E 218 20.63 69.25 -17.16
N TYR E 219 21.85 69.43 -16.66
CA TYR E 219 22.79 70.39 -17.22
C TYR E 219 24.15 70.15 -16.57
N LYS E 220 25.14 70.92 -17.01
CA LYS E 220 26.42 71.04 -16.33
C LYS E 220 26.76 72.51 -16.22
N ILE E 221 27.25 72.94 -15.06
CA ILE E 221 27.58 74.35 -14.88
C ILE E 221 28.60 74.79 -15.91
N LYS E 222 29.67 74.01 -16.07
CA LYS E 222 30.75 74.41 -16.97
C LYS E 222 30.22 74.68 -18.37
N ASP E 223 29.25 73.89 -18.82
CA ASP E 223 28.62 74.15 -20.11
C ASP E 223 27.99 75.54 -20.11
N VAL E 224 27.26 75.88 -19.04
CA VAL E 224 26.58 77.17 -18.99
C VAL E 224 27.60 78.30 -19.02
N PHE E 225 28.66 78.17 -18.22
CA PHE E 225 29.66 79.23 -18.15
C PHE E 225 30.38 79.40 -19.48
N LEU E 226 30.71 78.28 -20.14
CA LEU E 226 31.35 78.37 -21.45
C LEU E 226 30.44 79.02 -22.47
N ASN E 227 29.16 78.66 -22.46
CA ASN E 227 28.22 79.26 -23.41
C ASN E 227 28.06 80.75 -23.14
N ILE E 228 28.06 81.15 -21.87
CA ILE E 228 28.01 82.57 -21.55
C ILE E 228 29.26 83.27 -22.08
N LEU E 229 30.43 82.69 -21.80
CA LEU E 229 31.68 83.29 -22.24
C LEU E 229 31.72 83.46 -23.75
N LYS E 230 31.12 82.51 -24.49
CA LYS E 230 31.11 82.62 -25.94
C LYS E 230 30.56 83.96 -26.38
N PHE E 231 29.54 84.47 -25.69
CA PHE E 231 28.99 85.77 -26.06
C PHE E 231 30.03 86.87 -25.90
N PHE E 232 30.76 86.87 -24.78
CA PHE E 232 31.70 87.94 -24.49
C PHE E 232 33.00 87.81 -25.27
N THR E 233 33.29 86.63 -25.82
CA THR E 233 34.49 86.44 -26.62
C THR E 233 34.32 85.17 -27.43
N ARG E 234 35.02 85.11 -28.56
CA ARG E 234 34.95 83.98 -29.47
C ARG E 234 36.05 82.95 -29.21
N ARG E 235 36.85 83.16 -28.16
CA ARG E 235 37.99 82.31 -27.85
C ARG E 235 37.74 81.47 -26.61
N THR E 236 36.52 80.94 -26.47
CA THR E 236 36.25 80.02 -25.36
C THR E 236 37.19 78.82 -25.40
N GLU E 237 37.70 78.48 -26.58
CA GLU E 237 38.69 77.42 -26.68
C GLU E 237 39.90 77.69 -25.78
N ASP E 238 40.21 78.96 -25.54
CA ASP E 238 41.35 79.31 -24.71
C ASP E 238 41.06 79.13 -23.23
N TYR E 239 39.83 79.36 -22.81
CA TYR E 239 39.45 79.30 -21.40
C TYR E 239 38.77 77.99 -21.03
N GLN E 240 38.76 77.00 -21.93
CA GLN E 240 38.14 75.72 -21.62
C GLN E 240 38.87 74.97 -20.50
N HIS E 241 40.10 75.36 -20.19
CA HIS E 241 40.91 74.68 -19.19
C HIS E 241 40.89 75.37 -17.84
N GLU E 242 40.09 76.43 -17.68
CA GLU E 242 40.07 77.20 -16.45
C GLU E 242 39.08 76.60 -15.46
N ASP E 243 39.28 76.91 -14.18
CA ASP E 243 38.42 76.42 -13.12
C ASP E 243 37.17 77.29 -13.00
N VAL E 244 36.11 76.69 -12.44
CA VAL E 244 34.81 77.36 -12.39
C VAL E 244 34.97 78.77 -11.85
N ASP E 245 35.77 78.94 -10.80
CA ASP E 245 35.99 80.28 -10.25
C ASP E 245 36.81 81.14 -11.21
N ALA E 246 37.76 80.54 -11.92
CA ALA E 246 38.50 81.29 -12.93
C ALA E 246 37.56 81.81 -14.02
N LEU E 247 36.65 80.95 -14.48
CA LEU E 247 35.65 81.39 -15.44
C LEU E 247 34.75 82.46 -14.86
N ALA E 248 34.41 82.34 -13.57
CA ALA E 248 33.60 83.36 -12.92
C ALA E 248 34.29 84.72 -12.99
N LYS E 249 35.58 84.76 -12.63
CA LYS E 249 36.31 86.01 -12.67
C LYS E 249 36.43 86.54 -14.10
N VAL E 250 36.69 85.64 -15.05
CA VAL E 250 36.84 86.07 -16.45
C VAL E 250 35.55 86.70 -16.94
N ILE E 251 34.42 86.05 -16.68
CA ILE E 251 33.13 86.58 -17.13
C ILE E 251 32.80 87.87 -16.39
N ALA E 252 33.18 87.97 -15.12
CA ALA E 252 32.96 89.23 -14.40
C ALA E 252 33.71 90.37 -15.08
N GLY E 253 34.97 90.14 -15.45
CA GLY E 253 35.72 91.17 -16.15
C GLY E 253 35.13 91.50 -17.51
N PHE E 254 34.72 90.46 -18.25
CA PHE E 254 34.11 90.70 -19.56
C PHE E 254 32.86 91.55 -19.43
N ILE E 255 32.01 91.24 -18.45
CA ILE E 255 30.79 92.02 -18.23
C ILE E 255 31.14 93.44 -17.83
N ASN E 256 32.13 93.59 -16.93
CA ASN E 256 32.56 94.92 -16.52
C ASN E 256 32.93 95.76 -17.72
N LYS E 257 33.69 95.18 -18.65
CA LYS E 257 33.99 95.89 -19.89
C LYS E 257 32.72 96.18 -20.68
N GLY E 258 31.82 95.20 -20.75
CA GLY E 258 30.60 95.39 -21.53
C GLY E 258 29.68 96.44 -20.94
N GLY E 259 29.46 96.40 -19.64
CA GLY E 259 28.51 97.28 -18.99
C GLY E 259 27.27 96.55 -18.52
N ARG E 260 26.12 97.23 -18.49
CA ARG E 260 24.89 96.60 -18.05
C ARG E 260 24.58 95.39 -18.91
N CYS E 261 24.21 94.29 -18.27
CA CYS E 261 23.97 93.03 -18.94
C CYS E 261 22.75 92.35 -18.36
N LEU E 262 21.92 91.77 -19.24
CA LEU E 262 20.81 90.91 -18.85
C LEU E 262 21.09 89.52 -19.39
N ILE E 263 20.91 88.51 -18.54
CA ILE E 263 21.13 87.13 -18.92
C ILE E 263 19.81 86.39 -18.79
N CYS E 264 19.34 85.83 -19.91
CA CYS E 264 18.13 85.02 -19.92
C CYS E 264 18.49 83.59 -19.60
N LEU E 265 17.80 82.99 -18.64
CA LEU E 265 18.03 81.61 -18.23
C LEU E 265 16.74 80.83 -18.43
N ASP E 266 16.83 79.73 -19.18
CA ASP E 266 15.66 78.98 -19.60
C ASP E 266 15.52 77.73 -18.74
N ASP E 267 14.45 77.68 -17.94
CA ASP E 267 14.09 76.50 -17.16
C ASP E 267 15.22 76.10 -16.20
N VAL E 268 15.48 76.99 -15.25
CA VAL E 268 16.34 76.66 -14.12
C VAL E 268 15.44 76.19 -12.98
N TRP E 269 15.77 75.03 -12.40
CA TRP E 269 14.96 74.49 -11.32
C TRP E 269 15.71 74.38 -9.99
N GLU E 270 17.02 74.56 -9.95
CA GLU E 270 17.79 74.30 -8.74
C GLU E 270 18.43 75.57 -8.20
N THR E 271 18.23 75.82 -6.91
CA THR E 271 18.73 77.04 -6.27
C THR E 271 20.25 77.15 -6.38
N LYS E 272 20.96 76.03 -6.31
CA LYS E 272 22.40 76.06 -6.43
C LYS E 272 22.81 76.80 -7.69
N VAL E 273 22.08 76.60 -8.78
CA VAL E 273 22.40 77.28 -10.04
C VAL E 273 22.35 78.79 -9.85
N ILE E 274 21.25 79.28 -9.28
CA ILE E 274 21.11 80.73 -9.13
C ILE E 274 22.20 81.28 -8.23
N ASP E 275 22.59 80.54 -7.19
CA ASP E 275 23.75 80.98 -6.43
C ASP E 275 25.04 80.92 -7.25
N TYR E 276 25.07 80.10 -8.30
CA TYR E 276 26.21 80.10 -9.19
C TYR E 276 26.20 81.30 -10.13
N VAL E 277 25.02 81.73 -10.59
CA VAL E 277 24.95 82.81 -11.58
C VAL E 277 25.34 84.14 -10.97
N LYS E 278 24.99 84.40 -9.72
CA LYS E 278 25.36 85.68 -9.11
C LYS E 278 26.86 85.92 -9.19
N THR E 279 27.65 84.85 -9.22
CA THR E 279 29.10 85.00 -9.22
C THR E 279 29.59 85.71 -10.46
N ILE E 280 29.05 85.37 -11.63
CA ILE E 280 29.60 85.86 -12.88
C ILE E 280 29.47 87.37 -13.01
N PHE E 281 28.59 87.99 -12.23
CA PHE E 281 28.29 89.41 -12.40
C PHE E 281 29.25 90.25 -11.56
N PRO E 282 29.96 91.20 -12.16
CA PRO E 282 30.86 92.05 -11.37
C PRO E 282 30.09 93.01 -10.47
N GLU E 283 30.74 93.42 -9.38
CA GLU E 283 30.15 94.36 -8.45
C GLU E 283 30.41 95.80 -8.87
N ASN E 284 30.12 96.12 -10.13
CA ASN E 284 30.34 97.45 -10.67
C ASN E 284 29.15 98.37 -10.49
N GLU E 285 28.26 98.05 -9.55
CA GLU E 285 27.07 98.86 -9.28
C GLU E 285 26.45 99.38 -10.59
N LYS E 286 26.30 98.47 -11.54
CA LYS E 286 25.64 98.77 -12.80
C LYS E 286 24.21 98.28 -12.84
N GLY E 287 23.74 97.60 -11.80
CA GLY E 287 22.38 97.11 -11.75
C GLY E 287 22.05 96.10 -12.82
N HIS E 288 22.93 95.11 -12.99
CA HIS E 288 22.67 94.06 -13.96
C HIS E 288 21.41 93.30 -13.58
N ARG E 289 20.97 92.43 -14.49
CA ARG E 289 19.76 91.65 -14.29
C ARG E 289 19.97 90.23 -14.78
N VAL E 290 19.22 89.31 -14.18
CA VAL E 290 19.15 87.92 -14.64
C VAL E 290 17.69 87.57 -14.76
N MET E 291 17.30 87.03 -15.91
CA MET E 291 15.94 86.52 -16.13
C MET E 291 16.03 85.01 -16.19
N MET E 292 15.33 84.33 -15.28
CA MET E 292 15.38 82.88 -15.17
C MET E 292 13.98 82.33 -15.12
N THR E 293 13.66 81.42 -16.04
CA THR E 293 12.39 80.71 -16.00
C THR E 293 12.55 79.45 -15.17
N THR E 294 11.56 79.20 -14.32
CA THR E 294 11.65 78.12 -13.35
C THR E 294 10.27 77.55 -13.08
N ARG E 295 10.15 76.23 -13.11
CA ARG E 295 8.88 75.57 -12.86
C ARG E 295 8.61 75.37 -11.38
N ASN E 296 9.39 75.98 -10.50
CA ASN E 296 9.25 75.83 -9.05
C ASN E 296 9.01 77.22 -8.46
N LYS E 297 7.78 77.48 -8.02
CA LYS E 297 7.45 78.81 -7.53
C LYS E 297 8.38 79.25 -6.41
N VAL E 298 8.86 78.31 -5.58
CA VAL E 298 9.75 78.68 -4.49
C VAL E 298 11.08 79.20 -5.03
N LEU E 299 11.61 78.53 -6.05
CA LEU E 299 12.85 78.99 -6.68
C LEU E 299 12.67 80.38 -7.26
N ALA E 300 11.58 80.60 -7.98
CA ALA E 300 11.27 81.94 -8.47
C ALA E 300 11.22 82.93 -7.32
N THR E 301 10.59 82.56 -6.21
CA THR E 301 10.47 83.48 -5.08
C THR E 301 11.84 83.85 -4.56
N TYR E 302 12.76 82.90 -4.46
CA TYR E 302 14.11 83.28 -4.06
C TYR E 302 14.74 84.20 -5.09
N ALA E 303 14.60 83.88 -6.38
CA ALA E 303 15.20 84.70 -7.41
C ALA E 303 14.76 86.15 -7.28
N ASN E 304 13.45 86.37 -7.16
CA ASN E 304 12.89 87.67 -6.90
C ASN E 304 11.85 87.56 -5.80
N SER E 305 11.85 88.53 -4.89
CA SER E 305 10.90 88.52 -3.78
C SER E 305 9.46 88.69 -4.24
N ASP E 306 9.23 88.94 -5.53
CA ASP E 306 7.88 89.09 -6.07
C ASP E 306 7.85 88.41 -7.45
N PRO E 307 7.36 87.17 -7.53
CA PRO E 307 7.47 86.44 -8.79
C PRO E 307 6.67 87.09 -9.91
N HIS E 308 6.77 86.54 -11.12
CA HIS E 308 5.96 86.95 -12.26
C HIS E 308 5.24 85.69 -12.76
N ASP E 309 4.13 85.35 -12.12
CA ASP E 309 3.38 84.17 -12.52
C ASP E 309 2.85 84.40 -13.93
N LEU E 310 3.36 83.63 -14.88
CA LEU E 310 2.95 83.76 -16.27
C LEU E 310 1.44 83.76 -16.39
N LYS E 311 0.89 84.83 -16.95
CA LYS E 311 -0.54 84.99 -16.99
C LYS E 311 -1.19 83.79 -17.67
N PHE E 312 -2.51 83.72 -17.59
CA PHE E 312 -3.28 82.66 -18.22
C PHE E 312 -3.94 83.21 -19.49
N LEU E 313 -3.71 82.53 -20.61
CA LEU E 313 -4.34 82.94 -21.86
C LEU E 313 -5.85 82.89 -21.73
N THR E 314 -6.52 83.95 -22.19
CA THR E 314 -7.97 83.94 -22.18
C THR E 314 -8.48 83.12 -23.36
N PRO E 315 -9.75 82.70 -23.33
CA PRO E 315 -10.24 81.82 -24.40
C PRO E 315 -10.05 82.39 -25.79
N LYS E 316 -10.20 83.70 -25.96
CA LYS E 316 -9.99 84.29 -27.28
C LYS E 316 -8.55 84.15 -27.72
N GLU E 317 -7.59 84.32 -26.79
CA GLU E 317 -6.19 84.11 -27.15
C GLU E 317 -5.96 82.66 -27.56
N SER E 318 -6.56 81.71 -26.85
CA SER E 318 -6.38 80.31 -27.19
C SER E 318 -6.97 80.00 -28.57
N PHE E 319 -8.13 80.58 -28.89
CA PHE E 319 -8.71 80.37 -30.20
C PHE E 319 -7.84 81.00 -31.28
N GLU E 320 -7.32 82.20 -31.04
CA GLU E 320 -6.40 82.81 -31.99
C GLU E 320 -5.16 81.95 -32.19
N LEU E 321 -4.64 81.39 -31.10
CA LEU E 321 -3.48 80.52 -31.20
C LEU E 321 -3.78 79.31 -32.07
N LEU E 322 -4.90 78.63 -31.81
CA LEU E 322 -5.22 77.44 -32.59
C LEU E 322 -5.44 77.80 -34.06
N VAL E 323 -6.08 78.94 -34.32
CA VAL E 323 -6.24 79.41 -35.69
C VAL E 323 -4.88 79.57 -36.34
N LYS E 324 -3.95 80.21 -35.63
CA LYS E 324 -2.60 80.39 -36.14
C LYS E 324 -1.97 79.05 -36.46
N ARG E 325 -2.02 78.11 -35.52
CA ARG E 325 -1.30 76.86 -35.69
C ARG E 325 -1.86 76.05 -36.85
N VAL E 326 -3.17 75.86 -36.89
CA VAL E 326 -3.75 75.01 -37.92
C VAL E 326 -3.68 75.68 -39.29
N PHE E 327 -3.97 76.98 -39.34
CA PHE E 327 -4.09 77.68 -40.62
C PHE E 327 -3.09 78.81 -40.78
N GLY E 328 -2.02 78.83 -39.98
CA GLY E 328 -1.03 79.88 -40.12
C GLY E 328 -1.65 81.26 -40.05
N LYS E 329 -1.67 81.98 -41.17
CA LYS E 329 -2.38 83.24 -41.28
C LYS E 329 -3.49 83.21 -42.31
N LYS E 330 -3.81 82.04 -42.85
CA LYS E 330 -5.06 81.90 -43.58
C LYS E 330 -6.21 81.80 -42.56
N PRO E 331 -7.21 82.67 -42.64
CA PRO E 331 -8.23 82.67 -41.59
C PRO E 331 -8.92 81.31 -41.49
N CYS E 332 -9.25 80.91 -40.27
CA CYS E 332 -9.98 79.67 -40.08
C CYS E 332 -11.33 79.77 -40.78
N PRO E 333 -11.75 78.78 -41.56
CA PRO E 333 -13.02 78.88 -42.26
C PRO E 333 -14.20 78.93 -41.28
N LYS E 334 -15.29 79.54 -41.76
CA LYS E 334 -16.44 79.78 -40.89
C LYS E 334 -16.99 78.49 -40.32
N ASP E 335 -16.97 77.41 -41.10
CA ASP E 335 -17.59 76.17 -40.66
C ASP E 335 -16.95 75.64 -39.38
N LEU E 336 -15.64 75.79 -39.25
CA LEU E 336 -14.90 75.25 -38.11
C LEU E 336 -14.88 76.18 -36.91
N VAL E 337 -15.47 77.37 -37.01
CA VAL E 337 -15.37 78.34 -35.91
C VAL E 337 -16.04 77.81 -34.66
N GLY E 338 -17.20 77.17 -34.80
CA GLY E 338 -17.84 76.59 -33.64
C GLY E 338 -16.95 75.54 -32.98
N HIS E 339 -16.56 74.54 -33.76
CA HIS E 339 -15.73 73.47 -33.22
C HIS E 339 -14.36 73.99 -32.80
N GLY E 340 -13.76 74.86 -33.60
CA GLY E 340 -12.47 75.43 -33.24
C GLY E 340 -12.52 76.17 -31.91
N GLU E 341 -13.54 77.01 -31.73
CA GLU E 341 -13.72 77.69 -30.46
C GLU E 341 -13.86 76.68 -29.33
N SER E 342 -14.71 75.66 -29.53
CA SER E 342 -14.88 74.65 -28.49
C SER E 342 -13.53 74.06 -28.09
N ILE E 343 -12.67 73.80 -29.09
CA ILE E 343 -11.32 73.33 -28.78
C ILE E 343 -10.58 74.37 -27.96
N ALA E 344 -10.67 75.64 -28.36
CA ALA E 344 -9.91 76.68 -27.68
C ALA E 344 -10.36 76.85 -26.24
N GLY E 345 -11.67 76.83 -26.00
CA GLY E 345 -12.18 77.08 -24.67
C GLY E 345 -11.81 75.99 -23.68
N LYS E 346 -11.80 74.74 -24.13
CA LYS E 346 -11.64 73.61 -23.23
C LYS E 346 -10.22 73.42 -22.73
N CYS E 347 -9.26 74.19 -23.22
CA CYS E 347 -7.85 73.94 -22.89
C CYS E 347 -7.44 74.57 -21.56
N GLY E 348 -8.33 75.26 -20.87
CA GLY E 348 -8.05 75.77 -19.55
C GLY E 348 -7.27 77.06 -19.50
N GLY E 349 -6.80 77.56 -20.64
CA GLY E 349 -6.01 78.78 -20.67
C GLY E 349 -4.52 78.56 -20.58
N VAL E 350 -4.00 77.52 -21.19
CA VAL E 350 -2.58 77.23 -21.26
C VAL E 350 -2.22 76.94 -22.71
N PRO E 351 -1.28 77.66 -23.32
CA PRO E 351 -1.11 77.50 -24.77
C PRO E 351 -0.83 76.08 -25.19
N LEU E 352 -0.01 75.34 -24.44
CA LEU E 352 0.52 74.08 -24.96
C LEU E 352 -0.59 73.09 -25.29
N ALA E 353 -1.70 73.11 -24.53
CA ALA E 353 -2.83 72.25 -24.90
C ALA E 353 -3.39 72.65 -26.27
N VAL E 354 -3.54 73.96 -26.49
CA VAL E 354 -3.92 74.43 -27.82
C VAL E 354 -2.94 73.93 -28.86
N VAL E 355 -1.65 74.06 -28.57
CA VAL E 355 -0.62 73.66 -29.52
C VAL E 355 -0.77 72.20 -29.89
N VAL E 356 -0.96 71.34 -28.88
CA VAL E 356 -0.98 69.91 -29.13
C VAL E 356 -2.22 69.52 -29.92
N ILE E 357 -3.39 70.02 -29.52
CA ILE E 357 -4.59 69.66 -30.27
C ILE E 357 -4.53 70.23 -31.68
N ALA E 358 -3.92 71.40 -31.85
CA ALA E 358 -3.69 71.92 -33.20
C ALA E 358 -2.83 70.95 -33.99
N GLY E 359 -1.77 70.43 -33.37
CA GLY E 359 -0.95 69.43 -34.02
C GLY E 359 -1.77 68.25 -34.48
N ALA E 360 -2.72 67.81 -33.64
CA ALA E 360 -3.61 66.72 -34.05
C ALA E 360 -4.51 67.15 -35.20
N LEU E 361 -4.85 68.44 -35.28
CA LEU E 361 -5.77 68.97 -36.29
C LEU E 361 -5.08 69.52 -37.52
N ARG E 362 -3.77 69.33 -37.66
CA ARG E 362 -3.05 69.97 -38.75
C ARG E 362 -3.59 69.49 -40.09
N GLY E 363 -4.19 70.41 -40.85
CA GLY E 363 -4.72 70.06 -42.16
C GLY E 363 -5.80 69.01 -42.09
N ARG E 364 -6.83 69.25 -41.28
CA ARG E 364 -8.01 68.38 -41.22
C ARG E 364 -9.27 69.22 -41.38
N PRO E 365 -9.41 69.91 -42.51
CA PRO E 365 -10.57 70.78 -42.69
C PRO E 365 -11.87 70.03 -42.93
N ASN E 366 -11.86 68.70 -42.78
CA ASN E 366 -13.06 67.90 -42.87
C ASN E 366 -13.69 67.82 -41.50
N THR E 367 -14.89 68.41 -41.36
CA THR E 367 -15.45 68.65 -40.03
C THR E 367 -15.66 67.38 -39.24
N SER E 368 -15.70 66.22 -39.90
CA SER E 368 -15.79 64.96 -39.16
C SER E 368 -14.67 64.87 -38.12
N ASP E 369 -13.45 65.19 -38.53
CA ASP E 369 -12.32 65.10 -37.60
C ASP E 369 -12.32 66.23 -36.58
N TRP E 370 -12.73 67.44 -36.96
CA TRP E 370 -12.81 68.51 -35.96
C TRP E 370 -13.78 68.12 -34.87
N ILE E 371 -14.90 67.48 -35.23
CA ILE E 371 -15.85 67.03 -34.22
C ILE E 371 -15.27 65.88 -33.41
N ARG E 372 -14.58 64.96 -34.07
CA ARG E 372 -13.91 63.91 -33.32
C ARG E 372 -13.04 64.51 -32.22
N VAL E 373 -12.21 65.48 -32.58
CA VAL E 373 -11.27 66.03 -31.62
C VAL E 373 -12.00 66.85 -30.56
N GLU E 374 -13.08 67.54 -30.94
CA GLU E 374 -13.78 68.36 -29.95
C GLU E 374 -14.46 67.50 -28.90
N ARG E 375 -15.20 66.47 -29.32
CA ARG E 375 -16.06 65.73 -28.40
C ARG E 375 -15.35 65.41 -27.10
N ASN E 376 -14.03 65.30 -27.13
CA ASN E 376 -13.22 65.21 -25.93
C ASN E 376 -11.82 65.68 -26.29
N VAL E 377 -11.27 66.60 -25.49
CA VAL E 377 -10.00 67.26 -25.83
C VAL E 377 -8.90 66.88 -24.87
N VAL E 378 -9.21 66.71 -23.58
CA VAL E 378 -8.17 66.41 -22.61
C VAL E 378 -7.52 65.07 -22.92
N GLN E 379 -8.30 64.10 -23.39
CA GLN E 379 -7.73 62.81 -23.79
C GLN E 379 -6.78 62.97 -24.95
N HIS E 380 -7.10 63.85 -25.89
CA HIS E 380 -6.32 63.94 -27.12
C HIS E 380 -4.87 64.25 -26.81
N LEU E 381 -4.61 65.14 -25.88
CA LEU E 381 -3.26 65.27 -25.38
C LEU E 381 -2.84 63.93 -24.78
N TYR E 382 -1.54 63.64 -24.83
CA TYR E 382 -0.98 62.38 -24.33
C TYR E 382 -1.29 61.21 -25.25
N THR E 383 -1.38 61.46 -26.56
CA THR E 383 -1.57 60.38 -27.53
C THR E 383 -0.66 60.63 -28.72
N ASN E 384 -0.32 59.53 -29.40
CA ASN E 384 0.41 59.60 -30.66
C ASN E 384 1.84 60.07 -30.46
N SER E 385 2.51 60.45 -31.55
CA SER E 385 3.91 60.83 -31.47
C SER E 385 4.08 62.23 -30.89
N GLU E 386 3.11 63.11 -31.12
CA GLU E 386 3.21 64.51 -30.71
C GLU E 386 2.49 64.77 -29.39
N GLU E 387 2.55 63.81 -28.46
CA GLU E 387 1.89 63.88 -27.17
C GLU E 387 2.58 64.82 -26.20
N SER E 388 3.51 65.64 -26.69
CA SER E 388 4.57 66.23 -25.89
C SER E 388 4.07 66.70 -24.51
N CYS E 389 2.79 67.06 -24.42
CA CYS E 389 2.19 67.34 -23.13
C CYS E 389 2.67 66.38 -22.04
N LEU E 390 2.55 65.08 -22.30
CA LEU E 390 2.88 64.07 -21.29
C LEU E 390 4.29 64.25 -20.78
N LYS E 391 5.27 64.06 -21.67
CA LYS E 391 6.67 64.19 -21.26
C LYS E 391 6.94 65.57 -20.68
N PHE E 392 6.21 66.58 -21.15
CA PHE E 392 6.41 67.92 -20.59
C PHE E 392 6.07 67.95 -19.10
N VAL E 393 5.03 67.23 -18.68
CA VAL E 393 4.70 67.21 -17.25
C VAL E 393 5.59 66.21 -16.51
N GLU E 394 5.94 65.11 -17.16
CA GLU E 394 6.85 64.15 -16.53
C GLU E 394 8.21 64.78 -16.28
N MET E 395 8.50 65.89 -16.97
CA MET E 395 9.75 66.60 -16.75
C MET E 395 9.88 67.06 -15.31
N SER E 396 8.76 67.20 -14.59
CA SER E 396 8.75 67.61 -13.20
C SER E 396 8.15 66.58 -12.27
N TYR E 397 7.17 65.79 -12.73
CA TYR E 397 6.60 64.77 -11.85
C TYR E 397 7.69 63.91 -11.24
N ASP E 398 8.63 63.43 -12.07
CA ASP E 398 9.77 62.69 -11.56
C ASP E 398 10.62 63.50 -10.60
N HIS E 399 10.52 64.82 -10.67
CA HIS E 399 11.15 65.72 -9.71
C HIS E 399 10.39 65.78 -8.38
N LEU E 400 9.38 64.93 -8.21
CA LEU E 400 8.69 64.81 -6.94
C LEU E 400 8.99 63.46 -6.31
N PRO E 401 9.24 63.40 -5.00
CA PRO E 401 9.51 62.11 -4.36
C PRO E 401 8.31 61.18 -4.44
N GLN E 402 8.57 59.89 -4.21
CA GLN E 402 7.51 58.90 -4.35
C GLN E 402 6.33 59.22 -3.45
N GLU E 403 6.59 59.85 -2.29
CA GLU E 403 5.50 60.18 -1.37
C GLU E 403 4.55 61.20 -2.00
N VAL E 404 5.11 62.33 -2.47
CA VAL E 404 4.26 63.32 -3.13
C VAL E 404 3.90 62.86 -4.53
N GLN E 405 4.68 61.94 -5.10
CA GLN E 405 4.24 61.30 -6.32
C GLN E 405 2.87 60.69 -6.13
N THR E 406 2.73 59.86 -5.09
CA THR E 406 1.46 59.17 -4.87
C THR E 406 0.39 60.13 -4.39
N CYS E 407 0.72 61.01 -3.44
CA CYS E 407 -0.25 62.00 -3.00
C CYS E 407 -0.78 62.82 -4.16
N PHE E 408 0.08 63.08 -5.14
CA PHE E 408 -0.31 63.85 -6.32
C PHE E 408 -1.32 63.09 -7.16
N LEU E 409 -1.05 61.83 -7.47
CA LEU E 409 -1.94 61.08 -8.34
C LEU E 409 -3.34 60.99 -7.77
N TYR E 410 -3.49 61.15 -6.46
CA TYR E 410 -4.80 61.13 -5.83
C TYR E 410 -5.44 62.50 -5.75
N CYS E 411 -4.78 63.53 -6.29
CA CYS E 411 -5.50 64.71 -6.74
C CYS E 411 -6.20 64.47 -8.07
N GLY E 412 -5.84 63.39 -8.77
CA GLY E 412 -6.41 63.06 -10.06
C GLY E 412 -7.70 62.28 -10.01
N VAL E 413 -8.34 62.23 -8.83
CA VAL E 413 -9.61 61.53 -8.71
C VAL E 413 -10.79 62.49 -8.63
N PHE E 414 -10.56 63.75 -8.25
CA PHE E 414 -11.64 64.71 -8.21
C PHE E 414 -12.05 65.09 -9.63
N PRO E 415 -13.36 65.21 -9.90
CA PRO E 415 -13.80 65.37 -11.29
C PRO E 415 -13.19 66.59 -11.96
N ARG E 416 -12.99 66.49 -13.28
CA ARG E 416 -12.36 67.56 -14.01
C ARG E 416 -13.14 68.86 -13.82
N GLY E 417 -12.43 69.92 -13.48
CA GLY E 417 -13.05 71.18 -13.15
C GLY E 417 -13.53 71.29 -11.71
N PHE E 418 -13.43 70.22 -10.93
CA PHE E 418 -13.82 70.25 -9.53
C PHE E 418 -12.88 71.18 -8.75
N ASP E 419 -13.35 71.64 -7.60
CA ASP E 419 -12.56 72.40 -6.66
C ASP E 419 -12.27 71.50 -5.46
N ILE E 420 -11.01 71.08 -5.33
CA ILE E 420 -10.62 70.06 -4.36
C ILE E 420 -10.38 70.75 -3.02
N PRO E 421 -11.24 70.56 -2.02
CA PRO E 421 -11.00 71.22 -0.73
C PRO E 421 -9.70 70.75 -0.11
N SER E 422 -9.07 71.65 0.64
CA SER E 422 -7.81 71.31 1.29
C SER E 422 -7.99 70.21 2.31
N TRP E 423 -8.97 70.35 3.21
CA TRP E 423 -9.16 69.35 4.25
C TRP E 423 -9.65 68.03 3.66
N LYS E 424 -10.54 68.09 2.67
CA LYS E 424 -11.04 66.86 2.05
C LYS E 424 -9.90 66.05 1.46
N VAL E 425 -9.04 66.69 0.66
CA VAL E 425 -7.95 65.96 0.02
C VAL E 425 -6.91 65.54 1.05
N ILE E 426 -6.66 66.39 2.06
CA ILE E 426 -5.68 66.04 3.08
C ILE E 426 -6.11 64.76 3.79
N ARG E 427 -7.35 64.70 4.24
CA ARG E 427 -7.83 63.48 4.89
C ARG E 427 -7.91 62.33 3.90
N LEU E 428 -8.22 62.61 2.63
CA LEU E 428 -8.29 61.55 1.64
C LEU E 428 -6.93 60.88 1.46
N TRP E 429 -5.89 61.68 1.21
CA TRP E 429 -4.54 61.15 1.26
C TRP E 429 -4.35 60.31 2.52
N ILE E 430 -4.49 60.93 3.69
CA ILE E 430 -4.25 60.25 4.95
C ILE E 430 -5.21 59.10 5.19
N ALA E 431 -6.35 59.09 4.49
CA ALA E 431 -7.32 58.01 4.61
C ALA E 431 -7.09 56.89 3.62
N GLU E 432 -6.23 57.10 2.62
CA GLU E 432 -5.89 56.06 1.67
C GLU E 432 -4.62 55.30 2.04
N GLY E 433 -3.97 55.65 3.12
CA GLY E 433 -2.72 55.03 3.50
C GLY E 433 -1.52 55.50 2.70
N LEU E 434 -1.69 56.51 1.85
CA LEU E 434 -0.59 56.97 1.02
C LEU E 434 0.51 57.61 1.86
N ILE E 435 0.14 58.42 2.86
CA ILE E 435 1.14 59.04 3.72
C ILE E 435 1.73 57.99 4.66
N LYS E 436 2.88 58.33 5.24
CA LYS E 436 3.48 57.53 6.29
C LYS E 436 3.97 58.46 7.39
N PRO E 437 3.97 58.00 8.64
CA PRO E 437 4.28 58.90 9.76
C PRO E 437 5.75 59.31 9.76
N GLN E 438 6.01 60.43 10.43
CA GLN E 438 7.35 60.95 10.60
C GLN E 438 7.64 61.11 12.08
N GLU E 439 8.89 61.50 12.39
CA GLU E 439 9.42 61.28 13.72
C GLU E 439 8.94 62.31 14.74
N SER E 440 8.55 63.51 14.29
CA SER E 440 8.01 64.52 15.19
C SER E 440 6.86 65.29 14.55
N TYR E 441 6.13 64.66 13.62
CA TYR E 441 5.09 65.35 12.86
C TYR E 441 3.81 64.54 12.88
N THR E 442 2.70 65.24 12.67
CA THR E 442 1.37 64.66 12.68
C THR E 442 0.81 64.60 11.26
N LEU E 443 0.28 63.43 10.89
CA LEU E 443 -0.11 63.18 9.50
C LEU E 443 -0.82 64.37 8.87
N GLU E 444 -1.66 65.07 9.65
CA GLU E 444 -2.36 66.22 9.09
C GLU E 444 -1.39 67.24 8.52
N GLU E 445 -0.37 67.61 9.29
CA GLU E 445 0.54 68.66 8.85
C GLU E 445 1.51 68.16 7.79
N ILE E 446 1.87 66.87 7.83
CA ILE E 446 2.68 66.32 6.75
C ILE E 446 1.92 66.40 5.43
N ALA E 447 0.63 66.04 5.44
CA ALA E 447 -0.15 66.11 4.22
C ALA E 447 -0.38 67.55 3.78
N GLU E 448 -0.60 68.45 4.74
CA GLU E 448 -0.75 69.86 4.39
C GLU E 448 0.52 70.40 3.75
N PHE E 449 1.68 69.99 4.27
CA PHE E 449 2.95 70.35 3.66
C PHE E 449 3.10 69.74 2.28
N TYR E 450 2.64 68.50 2.09
CA TYR E 450 2.72 67.88 0.77
C TYR E 450 1.93 68.68 -0.25
N LEU E 451 0.72 69.10 0.12
CA LEU E 451 -0.05 69.89 -0.84
C LEU E 451 0.53 71.29 -1.00
N ASN E 452 1.04 71.88 0.09
CA ASN E 452 1.74 73.15 -0.02
C ASN E 452 2.84 73.05 -1.06
N ASP E 453 3.62 71.98 -1.02
CA ASP E 453 4.65 71.77 -2.03
C ASP E 453 4.03 71.56 -3.40
N LEU E 454 2.96 70.77 -3.47
CA LEU E 454 2.35 70.49 -4.77
C LEU E 454 1.84 71.77 -5.42
N VAL E 455 1.70 72.83 -4.62
CA VAL E 455 1.51 74.15 -5.21
C VAL E 455 2.86 74.84 -5.45
N ASN E 456 3.83 74.62 -4.56
CA ASN E 456 5.15 75.22 -4.75
C ASN E 456 5.71 74.88 -6.11
N ARG E 457 5.61 73.61 -6.51
CA ARG E 457 6.11 73.16 -7.79
C ARG E 457 5.17 73.47 -8.94
N ASN E 458 4.22 74.38 -8.74
CA ASN E 458 3.16 74.72 -9.68
C ASN E 458 2.38 73.50 -10.12
N LEU E 459 2.49 72.40 -9.40
CA LEU E 459 1.91 71.13 -9.84
C LEU E 459 0.41 71.11 -9.70
N VAL E 460 -0.15 71.85 -8.75
CA VAL E 460 -1.57 71.77 -8.44
C VAL E 460 -2.07 73.19 -8.20
N ILE E 461 -2.91 73.69 -9.11
CA ILE E 461 -3.43 75.05 -9.00
C ILE E 461 -3.97 75.29 -7.60
N LEU E 462 -3.83 76.52 -7.13
CA LEU E 462 -4.36 76.95 -5.84
C LEU E 462 -4.97 78.33 -6.01
N GLN E 463 -6.30 78.40 -6.06
CA GLN E 463 -6.99 79.68 -6.02
C GLN E 463 -8.09 79.62 -4.96
N GLN E 464 -7.66 79.65 -3.70
CA GLN E 464 -8.42 80.12 -2.57
C GLN E 464 -7.51 80.05 -1.36
N LYS E 465 -7.38 81.13 -0.60
CA LYS E 465 -6.45 81.17 0.52
C LYS E 465 -7.23 81.40 1.80
N ARG E 466 -7.13 80.45 2.73
CA ARG E 466 -7.69 80.63 4.06
C ARG E 466 -7.09 81.89 4.68
N SER E 467 -7.73 82.37 5.74
CA SER E 467 -7.26 83.59 6.41
C SER E 467 -5.79 83.45 6.76
N ASP E 468 -5.35 82.25 7.14
CA ASP E 468 -3.94 82.01 7.41
C ASP E 468 -3.09 82.06 6.15
N GLY E 469 -3.71 82.15 4.97
CA GLY E 469 -2.99 82.11 3.73
C GLY E 469 -2.69 80.72 3.23
N GLN E 470 -3.23 79.69 3.86
CA GLN E 470 -3.00 78.32 3.44
C GLN E 470 -4.04 77.90 2.40
N ILE E 471 -3.80 76.75 1.78
CA ILE E 471 -4.67 76.28 0.71
C ILE E 471 -6.07 76.08 1.25
N LYS E 472 -7.06 76.63 0.53
CA LYS E 472 -8.45 76.38 0.80
C LYS E 472 -9.18 75.68 -0.33
N THR E 473 -8.72 75.84 -1.57
CA THR E 473 -9.14 75.00 -2.68
C THR E 473 -7.97 74.84 -3.63
N CYS E 474 -7.93 73.70 -4.31
CA CYS E 474 -6.90 73.43 -5.29
C CYS E 474 -7.51 72.62 -6.42
N ARG E 475 -7.11 72.94 -7.64
CA ARG E 475 -7.63 72.27 -8.83
C ARG E 475 -6.48 71.63 -9.59
N LEU E 476 -6.81 70.61 -10.36
CA LEU E 476 -5.85 69.93 -11.22
C LEU E 476 -6.14 70.33 -12.65
N HIS E 477 -5.15 70.92 -13.33
CA HIS E 477 -5.40 71.47 -14.65
C HIS E 477 -5.92 70.40 -15.59
N VAL E 478 -6.88 70.77 -16.44
CA VAL E 478 -7.49 69.82 -17.38
C VAL E 478 -6.43 68.92 -18.01
N MET E 479 -5.41 69.51 -18.60
CA MET E 479 -4.25 68.73 -19.04
C MET E 479 -3.69 67.88 -17.90
N LEU E 480 -3.42 68.49 -16.75
CA LEU E 480 -2.87 67.72 -15.65
C LEU E 480 -3.91 66.75 -15.11
N HIS E 481 -5.20 67.05 -15.27
CA HIS E 481 -6.23 66.13 -14.81
C HIS E 481 -6.20 64.84 -15.61
N GLN E 482 -6.18 64.95 -16.93
CA GLN E 482 -6.09 63.75 -17.76
C GLN E 482 -4.77 63.03 -17.52
N PHE E 483 -3.68 63.79 -17.30
CA PHE E 483 -2.41 63.14 -17.01
C PHE E 483 -2.51 62.29 -15.74
N CYS E 484 -3.01 62.87 -14.65
CA CYS E 484 -3.12 62.12 -13.40
C CYS E 484 -4.06 60.94 -13.57
N LYS E 485 -5.21 61.14 -14.23
CA LYS E 485 -6.17 60.06 -14.36
C LYS E 485 -5.57 58.89 -15.13
N LYS E 486 -4.92 59.17 -16.26
CA LYS E 486 -4.34 58.09 -17.05
C LYS E 486 -3.13 57.47 -16.36
N GLU E 487 -2.38 58.27 -15.58
CA GLU E 487 -1.25 57.71 -14.85
C GLU E 487 -1.71 56.74 -13.78
N ALA E 488 -2.71 57.14 -13.00
CA ALA E 488 -3.31 56.24 -12.03
C ALA E 488 -3.84 54.99 -12.72
N SER E 489 -4.57 55.16 -13.82
CA SER E 489 -5.14 54.02 -14.53
C SER E 489 -4.06 53.05 -14.97
N ASN E 490 -2.94 53.58 -15.47
CA ASN E 490 -1.80 52.70 -15.80
C ASN E 490 -1.31 51.98 -14.55
N LYS E 491 -1.19 52.71 -13.43
CA LYS E 491 -0.82 52.07 -12.18
C LYS E 491 -2.00 51.45 -11.44
N TRP E 492 -3.23 51.79 -11.83
CA TRP E 492 -4.48 51.27 -11.28
C TRP E 492 -4.75 51.75 -9.86
N LEU E 493 -3.98 52.70 -9.34
CA LEU E 493 -4.24 53.17 -7.98
C LEU E 493 -5.69 53.59 -7.82
N PHE E 494 -6.32 54.03 -8.90
CA PHE E 494 -7.77 54.18 -8.97
C PHE E 494 -8.15 54.38 -10.43
N GLN E 495 -9.41 54.72 -10.68
CA GLN E 495 -9.91 54.79 -12.05
C GLN E 495 -11.27 55.48 -12.02
N GLU E 496 -11.69 55.93 -13.19
CA GLU E 496 -13.00 56.55 -13.38
C GLU E 496 -13.85 55.68 -14.30
N VAL E 497 -15.04 55.33 -13.83
CA VAL E 497 -15.94 54.50 -14.62
C VAL E 497 -16.55 55.34 -15.73
N SER E 498 -16.67 54.74 -16.92
CA SER E 498 -17.28 55.39 -18.07
C SER E 498 -18.03 54.33 -18.86
N LEU E 499 -18.70 54.78 -19.93
CA LEU E 499 -19.47 53.85 -20.75
C LEU E 499 -19.88 54.54 -22.05
N THR E 500 -19.62 53.87 -23.17
CA THR E 500 -20.12 54.32 -24.47
C THR E 500 -21.52 53.73 -24.68
N PRO E 501 -22.56 54.55 -24.87
CA PRO E 501 -23.93 54.08 -24.66
C PRO E 501 -24.07 52.83 -23.80
N ASP E 502 -23.59 51.69 -24.28
CA ASP E 502 -23.60 50.45 -23.52
C ASP E 502 -22.24 50.27 -22.83
N GLN E 503 -21.97 49.06 -22.33
CA GLN E 503 -20.64 48.68 -21.88
C GLN E 503 -20.26 49.36 -20.57
N ALA E 504 -19.03 49.15 -20.12
CA ALA E 504 -18.59 49.59 -18.80
C ALA E 504 -17.32 50.44 -18.85
N ILE E 505 -16.97 50.99 -20.00
CA ILE E 505 -15.83 51.90 -20.10
C ILE E 505 -16.12 52.94 -21.17
N ASP E 509 -12.77 47.53 -18.30
CA ASP E 509 -12.68 46.38 -17.42
C ASP E 509 -12.45 46.82 -15.98
N PRO E 510 -13.50 47.31 -15.32
CA PRO E 510 -13.36 47.76 -13.93
C PRO E 510 -12.70 46.74 -13.02
N ASN E 511 -12.69 45.47 -13.43
CA ASN E 511 -11.96 44.46 -12.67
C ASN E 511 -10.47 44.78 -12.59
N LYS E 512 -9.97 45.60 -13.50
CA LYS E 512 -8.62 46.15 -13.42
C LYS E 512 -8.64 47.56 -12.83
N SER E 513 -9.54 47.80 -11.88
CA SER E 513 -9.71 49.11 -11.25
C SER E 513 -9.68 48.88 -9.74
N ARG E 514 -8.53 49.12 -9.12
CA ARG E 514 -8.43 48.95 -7.67
C ARG E 514 -9.43 49.85 -6.95
N ARG E 515 -9.88 50.92 -7.60
CA ARG E 515 -10.91 51.78 -7.05
C ARG E 515 -11.75 52.33 -8.19
N LEU E 516 -12.94 52.79 -7.85
CA LEU E 516 -13.89 53.32 -8.83
C LEU E 516 -14.26 54.74 -8.46
N CYS E 517 -14.21 55.64 -9.45
CA CYS E 517 -14.63 57.02 -9.31
C CYS E 517 -15.73 57.27 -10.32
N ILE E 518 -16.98 57.23 -9.86
CA ILE E 518 -18.14 57.31 -10.73
C ILE E 518 -18.78 58.68 -10.57
N GLN E 519 -19.05 59.34 -11.69
CA GLN E 519 -19.84 60.55 -11.67
C GLN E 519 -21.30 60.21 -11.34
N PRO E 520 -22.02 61.12 -10.67
CA PRO E 520 -23.41 60.81 -10.30
C PRO E 520 -24.30 60.50 -11.49
N SER E 521 -24.07 61.14 -12.63
CA SER E 521 -24.98 61.00 -13.76
C SER E 521 -25.09 59.55 -14.21
N ASN E 522 -23.96 58.85 -14.32
CA ASN E 522 -23.95 57.47 -14.77
C ASN E 522 -24.03 56.47 -13.62
N LEU E 523 -24.12 56.94 -12.37
CA LEU E 523 -24.18 56.02 -11.24
C LEU E 523 -25.41 55.12 -11.33
N LYS E 524 -26.56 55.71 -11.66
CA LYS E 524 -27.79 54.94 -11.75
C LYS E 524 -27.63 53.78 -12.74
N ASP E 525 -27.12 54.09 -13.93
CA ASP E 525 -26.93 53.04 -14.93
C ASP E 525 -25.89 52.02 -14.47
N PHE E 526 -24.82 52.49 -13.82
CA PHE E 526 -23.82 51.58 -13.29
C PHE E 526 -24.46 50.62 -12.29
N LEU E 527 -25.31 51.15 -11.41
CA LEU E 527 -26.04 50.29 -10.48
C LEU E 527 -27.03 49.40 -11.22
N SER E 528 -27.44 49.81 -12.43
CA SER E 528 -28.36 48.99 -13.20
C SER E 528 -27.76 47.64 -13.57
N LYS E 529 -26.44 47.59 -13.74
CA LYS E 529 -25.75 46.34 -14.04
C LYS E 529 -25.48 45.49 -12.79
N LYS E 530 -25.97 45.93 -11.63
CA LYS E 530 -25.78 45.18 -10.40
C LYS E 530 -24.29 45.01 -10.12
N PRO E 531 -23.58 46.10 -9.81
CA PRO E 531 -22.14 45.98 -9.56
C PRO E 531 -21.86 45.08 -8.38
N SER E 532 -20.78 44.31 -8.49
CA SER E 532 -20.35 43.40 -7.43
C SER E 532 -18.86 43.19 -7.58
N ALA E 533 -18.08 43.82 -6.70
CA ALA E 533 -16.63 43.73 -6.73
C ALA E 533 -16.09 43.50 -5.33
N GLU E 534 -14.98 42.78 -5.25
CA GLU E 534 -14.25 42.55 -4.02
C GLU E 534 -12.91 43.26 -3.99
N HIS E 535 -12.21 43.32 -5.12
CA HIS E 535 -10.94 44.04 -5.18
C HIS E 535 -11.10 45.53 -4.96
N VAL E 536 -12.25 46.11 -5.32
CA VAL E 536 -12.46 47.54 -5.10
C VAL E 536 -12.25 47.85 -3.63
N ARG E 537 -11.72 49.03 -3.35
CA ARG E 537 -11.43 49.40 -1.98
C ARG E 537 -11.78 50.85 -1.67
N SER E 538 -12.79 51.40 -2.34
CA SER E 538 -13.25 52.76 -2.09
C SER E 538 -14.43 53.00 -3.01
N PHE E 539 -15.06 54.17 -2.85
CA PHE E 539 -16.15 54.56 -3.74
C PHE E 539 -16.19 56.08 -3.78
N TYR E 540 -15.79 56.66 -4.92
CA TYR E 540 -15.76 58.10 -5.12
C TYR E 540 -16.94 58.48 -6.01
N CYS E 541 -17.81 59.36 -5.50
CA CYS E 541 -18.86 60.00 -6.31
C CYS E 541 -19.05 61.38 -5.71
N PHE E 542 -18.37 62.37 -6.29
CA PHE E 542 -18.42 63.75 -5.84
C PHE E 542 -19.42 64.52 -6.69
N SER E 543 -19.90 65.63 -6.15
CA SER E 543 -20.91 66.47 -6.81
C SER E 543 -20.20 67.70 -7.37
N SER E 544 -19.64 67.56 -8.58
CA SER E 544 -19.09 68.73 -9.26
C SER E 544 -20.18 69.77 -9.51
N LYS E 545 -21.35 69.31 -9.96
CA LYS E 545 -22.56 70.15 -10.00
C LYS E 545 -23.20 70.02 -8.61
N GLU E 546 -22.82 70.93 -7.73
CA GLU E 546 -23.16 70.79 -6.32
C GLU E 546 -24.66 70.69 -6.12
N LYS E 547 -25.07 69.78 -5.23
CA LYS E 547 -26.45 69.62 -4.79
C LYS E 547 -27.38 69.14 -5.90
N GLN E 548 -26.84 68.50 -6.93
CA GLN E 548 -27.65 67.93 -8.01
C GLN E 548 -27.93 66.45 -7.73
N ILE E 549 -28.63 66.20 -6.62
CA ILE E 549 -28.96 64.84 -6.22
C ILE E 549 -29.98 64.30 -7.21
N ARG E 550 -29.60 63.30 -8.00
CA ARG E 550 -30.46 62.74 -9.02
C ARG E 550 -31.44 61.75 -8.39
N GLY E 551 -32.19 61.03 -9.23
CA GLY E 551 -33.19 60.11 -8.75
C GLY E 551 -32.61 58.80 -8.26
N LEU E 552 -31.94 58.84 -7.11
CA LEU E 552 -31.36 57.66 -6.50
C LEU E 552 -32.26 57.18 -5.37
N THR E 553 -32.72 55.94 -5.47
CA THR E 553 -33.67 55.37 -4.52
C THR E 553 -32.95 54.64 -3.41
N PRO E 554 -33.66 54.31 -2.32
CA PRO E 554 -33.03 53.51 -1.25
C PRO E 554 -32.44 52.21 -1.75
N ASN E 555 -33.10 51.56 -2.71
CA ASN E 555 -32.53 50.34 -3.29
C ASN E 555 -31.16 50.62 -3.89
N ASP E 556 -30.98 51.80 -4.50
CA ASP E 556 -29.68 52.15 -5.05
C ASP E 556 -28.62 52.19 -3.95
N ILE E 557 -28.94 52.80 -2.81
CA ILE E 557 -27.97 52.91 -1.73
C ILE E 557 -27.65 51.52 -1.16
N LYS E 558 -28.67 50.67 -1.00
CA LYS E 558 -28.40 49.32 -0.51
C LYS E 558 -27.54 48.55 -1.49
N LEU E 559 -27.83 48.66 -2.78
CA LEU E 559 -27.02 47.96 -3.78
C LEU E 559 -25.60 48.50 -3.81
N ILE E 560 -25.42 49.79 -3.54
CA ILE E 560 -24.07 50.33 -3.38
C ILE E 560 -23.37 49.65 -2.21
N HIS E 561 -24.04 49.58 -1.06
CA HIS E 561 -23.46 48.89 0.08
C HIS E 561 -23.05 47.48 -0.29
N LYS E 562 -23.86 46.82 -1.13
CA LYS E 562 -23.57 45.43 -1.50
C LYS E 562 -22.37 45.34 -2.44
N ALA E 563 -22.32 46.22 -3.45
CA ALA E 563 -21.35 46.07 -4.53
C ALA E 563 -19.92 46.17 -4.03
N PHE E 564 -19.67 47.09 -3.10
CA PHE E 564 -18.32 47.35 -2.61
C PHE E 564 -18.25 46.96 -1.14
N PRO E 565 -17.82 45.75 -0.82
CA PRO E 565 -17.83 45.31 0.59
C PRO E 565 -16.54 45.60 1.34
N LEU E 566 -15.43 45.77 0.62
CA LEU E 566 -14.12 45.99 1.23
C LEU E 566 -13.71 47.45 1.14
N VAL E 567 -14.66 48.36 1.24
CA VAL E 567 -14.36 49.78 1.04
C VAL E 567 -13.53 50.28 2.21
N ARG E 568 -12.41 50.93 1.90
CA ARG E 568 -11.65 51.68 2.89
C ARG E 568 -12.03 53.14 2.89
N VAL E 569 -12.35 53.68 1.71
CA VAL E 569 -12.66 55.10 1.53
C VAL E 569 -14.00 55.18 0.81
N LEU E 570 -15.08 55.31 1.57
CA LEU E 570 -16.43 55.48 1.03
C LEU E 570 -16.78 56.95 1.13
N ASP E 571 -16.69 57.67 0.01
CA ASP E 571 -16.88 59.12 -0.03
C ASP E 571 -17.86 59.44 -1.14
N VAL E 572 -19.13 59.64 -0.76
CA VAL E 572 -20.17 60.04 -1.70
C VAL E 572 -21.15 60.95 -0.97
N GLU E 573 -21.24 62.21 -1.40
CA GLU E 573 -22.30 63.10 -0.94
C GLU E 573 -22.94 63.76 -2.16
N SER E 574 -23.81 63.01 -2.83
CA SER E 574 -24.97 63.57 -3.53
C SER E 574 -25.98 62.43 -3.56
N LEU E 575 -26.79 62.33 -2.50
CA LEU E 575 -27.56 61.13 -2.24
C LEU E 575 -28.46 61.36 -1.03
N LYS E 576 -29.24 60.34 -0.66
CA LYS E 576 -29.90 60.26 0.63
C LYS E 576 -29.44 58.95 1.25
N PHE E 577 -28.28 58.99 1.92
CA PHE E 577 -27.65 57.77 2.41
C PHE E 577 -28.44 57.17 3.57
N LEU E 578 -28.35 55.86 3.71
CA LEU E 578 -29.06 55.11 4.75
C LEU E 578 -28.09 54.15 5.41
N PHE E 579 -28.30 53.91 6.70
CA PHE E 579 -27.41 53.05 7.48
C PHE E 579 -27.88 51.59 7.40
N SER E 580 -27.97 51.10 6.17
CA SER E 580 -28.42 49.73 5.94
C SER E 580 -27.57 48.75 6.72
N LYS E 581 -28.12 47.55 6.94
CA LYS E 581 -27.39 46.50 7.63
C LYS E 581 -26.10 46.18 6.88
N ASP E 582 -26.17 46.07 5.55
CA ASP E 582 -24.98 45.80 4.76
C ASP E 582 -23.93 46.88 4.98
N PHE E 583 -24.35 48.15 4.93
CA PHE E 583 -23.41 49.24 5.19
C PHE E 583 -22.81 49.13 6.58
N ASN E 584 -23.54 48.54 7.53
CA ASN E 584 -23.06 48.42 8.90
C ASN E 584 -21.98 47.36 9.06
N GLN E 585 -21.78 46.50 8.07
CA GLN E 585 -20.77 45.45 8.12
C GLN E 585 -19.38 45.94 7.75
N LEU E 586 -19.26 47.09 7.07
CA LEU E 586 -18.00 47.50 6.46
C LEU E 586 -17.04 47.93 7.56
N PHE E 587 -16.29 46.95 8.10
CA PHE E 587 -15.35 47.24 9.18
C PHE E 587 -14.01 47.76 8.67
N HIS E 588 -13.65 47.46 7.42
CA HIS E 588 -12.40 47.96 6.86
C HIS E 588 -12.43 49.47 6.67
N LEU E 589 -13.60 50.09 6.83
CA LEU E 589 -13.82 51.49 6.51
C LEU E 589 -12.75 52.38 7.14
N ARG E 590 -12.23 53.30 6.35
CA ARG E 590 -11.29 54.32 6.82
C ARG E 590 -11.90 55.72 6.88
N TYR E 591 -12.70 56.10 5.90
CA TYR E 591 -13.12 57.49 5.72
C TYR E 591 -14.52 57.52 5.16
N ILE E 592 -15.36 58.40 5.72
CA ILE E 592 -16.75 58.53 5.32
C ILE E 592 -17.07 59.94 4.89
N ALA E 593 -17.86 60.07 3.83
CA ALA E 593 -18.41 61.35 3.39
C ALA E 593 -19.83 61.04 2.90
N ILE E 594 -20.81 61.19 3.79
CA ILE E 594 -22.20 60.84 3.50
C ILE E 594 -23.11 61.96 3.97
N SER E 595 -24.33 61.95 3.44
CA SER E 595 -25.36 62.91 3.81
C SER E 595 -26.72 62.23 3.77
N GLY E 596 -27.68 62.83 4.47
CA GLY E 596 -29.02 62.27 4.55
C GLY E 596 -29.78 62.90 5.70
N ASP E 597 -30.68 62.10 6.26
CA ASP E 597 -31.50 62.50 7.40
C ASP E 597 -31.24 61.52 8.54
N PHE E 598 -30.29 61.87 9.41
CA PHE E 598 -29.92 61.05 10.55
C PHE E 598 -30.05 61.87 11.82
N ASN E 599 -30.78 61.33 12.79
CA ASN E 599 -30.99 62.02 14.06
C ASN E 599 -29.92 61.70 15.09
N ALA E 600 -29.17 60.63 14.89
CA ALA E 600 -28.17 60.17 15.84
C ALA E 600 -27.34 59.08 15.18
N ILE E 601 -26.02 59.15 15.35
CA ILE E 601 -25.14 58.15 14.73
C ILE E 601 -25.42 56.81 15.39
N PRO E 602 -25.81 55.79 14.64
CA PRO E 602 -26.11 54.50 15.28
C PRO E 602 -24.87 53.83 15.81
N LEU E 603 -25.08 52.90 16.75
CA LEU E 603 -23.97 52.15 17.31
C LEU E 603 -23.27 51.30 16.26
N THR E 604 -23.90 51.09 15.10
CA THR E 604 -23.26 50.33 14.04
C THR E 604 -21.90 50.92 13.69
N PHE E 605 -21.74 52.23 13.85
CA PHE E 605 -20.45 52.86 13.61
C PHE E 605 -19.41 52.49 14.65
N GLY E 606 -19.81 51.85 15.75
CA GLY E 606 -18.87 51.39 16.74
C GLY E 606 -18.15 50.11 16.40
N LYS E 607 -18.49 49.50 15.26
CA LYS E 607 -17.83 48.30 14.78
C LYS E 607 -16.77 48.58 13.74
N PHE E 608 -16.54 49.85 13.41
CA PHE E 608 -15.59 50.22 12.36
C PHE E 608 -14.26 50.60 13.02
N TRP E 609 -13.49 49.58 13.38
CA TRP E 609 -12.21 49.81 14.03
C TRP E 609 -11.22 50.50 13.09
N ASN E 610 -11.22 50.12 11.82
CA ASN E 610 -10.29 50.71 10.85
C ASN E 610 -10.60 52.18 10.57
N LEU E 611 -11.77 52.68 10.98
CA LEU E 611 -12.18 54.02 10.62
C LEU E 611 -11.18 55.05 11.14
N GLN E 612 -10.93 56.06 10.32
CA GLN E 612 -10.04 57.16 10.66
C GLN E 612 -10.72 58.52 10.63
N THR E 613 -11.64 58.73 9.69
CA THR E 613 -12.27 60.02 9.48
C THR E 613 -13.76 59.81 9.26
N LEU E 614 -14.55 60.86 9.53
CA LEU E 614 -15.99 60.80 9.35
C LEU E 614 -16.50 62.21 9.14
N ILE E 615 -17.12 62.46 8.00
CA ILE E 615 -17.79 63.72 7.70
C ILE E 615 -19.28 63.45 7.64
N LEU E 616 -20.06 64.26 8.36
CA LEU E 616 -21.51 64.09 8.43
C LEU E 616 -22.20 65.38 8.04
N ASN E 617 -23.16 65.27 7.13
CA ASN E 617 -24.02 66.39 6.74
C ASN E 617 -25.46 65.87 6.77
N THR E 618 -26.14 66.07 7.89
CA THR E 618 -27.48 65.54 8.11
C THR E 618 -28.51 66.64 7.89
N SER E 619 -29.58 66.29 7.18
CA SER E 619 -30.67 67.23 6.91
C SER E 619 -31.75 67.22 7.98
N THR E 620 -31.54 66.47 9.06
CA THR E 620 -32.55 66.37 10.10
C THR E 620 -32.84 67.74 10.72
N SER E 621 -34.11 67.97 11.06
CA SER E 621 -34.51 69.17 11.76
C SER E 621 -34.06 69.17 13.22
N GLU E 622 -33.57 68.04 13.72
CA GLU E 622 -33.12 67.96 15.12
C GLU E 622 -32.06 69.01 15.41
N SER E 623 -32.17 69.64 16.58
CA SER E 623 -31.19 70.65 16.96
C SER E 623 -29.84 70.04 17.28
N THR E 624 -29.82 68.81 17.79
CA THR E 624 -28.58 68.14 18.16
C THR E 624 -28.59 66.70 17.66
N LEU E 625 -27.39 66.21 17.35
CA LEU E 625 -27.19 64.84 16.90
C LEU E 625 -26.55 64.04 18.02
N ASP E 626 -27.10 62.87 18.32
CA ASP E 626 -26.61 62.03 19.41
C ASP E 626 -25.68 60.97 18.82
N VAL E 627 -24.44 60.96 19.29
CA VAL E 627 -23.43 60.02 18.77
C VAL E 627 -23.54 58.77 19.65
N LYS E 628 -24.44 57.87 19.25
CA LYS E 628 -24.63 56.63 20.01
C LYS E 628 -23.40 55.74 19.92
N ALA E 629 -22.76 55.71 18.76
CA ALA E 629 -21.54 54.92 18.59
C ALA E 629 -20.48 55.38 19.59
N ASP E 630 -19.79 54.42 20.20
CA ASP E 630 -18.74 54.73 21.15
C ASP E 630 -17.50 55.20 20.40
N ILE E 631 -17.46 56.49 20.07
CA ILE E 631 -16.33 57.05 19.34
C ILE E 631 -15.02 56.83 20.08
N TRP E 632 -15.07 56.67 21.40
CA TRP E 632 -13.84 56.56 22.18
C TRP E 632 -13.09 55.26 21.91
N ASN E 633 -13.82 54.17 21.63
CA ASN E 633 -13.19 52.89 21.38
C ASN E 633 -12.49 52.83 20.03
N MET E 634 -12.87 53.69 19.08
CA MET E 634 -12.30 53.67 17.74
C MET E 634 -10.94 54.35 17.79
N LEU E 635 -9.91 53.54 18.05
CA LEU E 635 -8.57 54.09 18.20
C LEU E 635 -8.08 54.74 16.91
N GLN E 636 -8.35 54.10 15.76
CA GLN E 636 -7.89 54.64 14.49
C GLN E 636 -8.58 55.96 14.16
N LEU E 637 -9.68 56.29 14.82
CA LEU E 637 -10.39 57.53 14.53
C LEU E 637 -9.45 58.72 14.64
N ARG E 638 -9.55 59.64 13.69
CA ARG E 638 -8.75 60.85 13.73
C ARG E 638 -9.57 62.13 13.65
N HIS E 639 -10.61 62.17 12.81
CA HIS E 639 -11.35 63.40 12.59
C HIS E 639 -12.83 63.07 12.37
N LEU E 640 -13.68 63.67 13.20
CA LEU E 640 -15.12 63.58 13.05
C LEU E 640 -15.68 64.95 12.68
N HIS E 641 -16.46 65.00 11.62
CA HIS E 641 -17.06 66.25 11.15
C HIS E 641 -18.56 66.09 11.06
N THR E 642 -19.29 67.07 11.58
CA THR E 642 -20.74 67.11 11.51
C THR E 642 -21.16 68.51 11.09
N ASN E 643 -22.28 68.60 10.39
CA ASN E 643 -22.81 69.90 9.99
C ASN E 643 -23.60 70.58 11.11
N ILE E 644 -23.95 69.84 12.15
CA ILE E 644 -24.71 70.40 13.27
C ILE E 644 -24.04 69.94 14.56
N PRO E 645 -24.34 70.61 15.68
CA PRO E 645 -23.69 70.24 16.95
C PRO E 645 -23.91 68.78 17.29
N ALA E 646 -22.88 68.17 17.86
CA ALA E 646 -22.89 66.76 18.22
C ALA E 646 -22.95 66.63 19.74
N LYS E 647 -23.88 65.80 20.23
CA LYS E 647 -24.04 65.56 21.65
C LYS E 647 -23.30 64.25 22.00
N LEU E 648 -21.98 64.35 22.04
CA LEU E 648 -21.14 63.20 22.33
C LEU E 648 -21.43 62.64 23.72
N GLN E 649 -21.60 61.34 23.78
CA GLN E 649 -21.64 60.65 25.06
C GLN E 649 -20.27 60.70 25.74
N PRO E 650 -20.21 60.85 27.06
CA PRO E 650 -18.91 60.92 27.75
C PRO E 650 -18.21 59.57 27.70
N PRO E 651 -16.87 59.56 27.86
CA PRO E 651 -16.15 58.29 27.91
C PRO E 651 -16.37 57.58 29.23
N THR E 652 -16.75 56.31 29.17
CA THR E 652 -17.02 55.53 30.36
C THR E 652 -15.71 55.05 30.99
N ALA E 653 -15.82 54.42 32.16
CA ALA E 653 -14.63 53.94 32.86
C ALA E 653 -13.91 52.88 32.04
N THR E 654 -14.66 51.96 31.42
CA THR E 654 -14.03 50.91 30.62
C THR E 654 -13.26 51.51 29.44
N THR E 655 -13.82 52.52 28.78
CA THR E 655 -13.16 53.17 27.66
C THR E 655 -11.91 53.94 28.08
N SER E 656 -11.72 54.17 29.37
CA SER E 656 -10.56 54.93 29.84
C SER E 656 -9.27 54.26 29.38
N GLY E 657 -8.35 55.07 28.86
CA GLY E 657 -7.08 54.56 28.38
C GLY E 657 -6.19 55.65 27.81
N LYS E 658 -5.54 55.35 26.69
CA LYS E 658 -4.67 56.33 26.05
C LYS E 658 -5.48 57.50 25.51
N ALA E 659 -4.80 58.63 25.32
CA ALA E 659 -5.45 59.80 24.74
C ALA E 659 -5.94 59.48 23.34
N SER E 660 -7.14 59.95 23.02
CA SER E 660 -7.76 59.61 21.75
C SER E 660 -6.98 60.22 20.59
N CYS E 661 -7.05 59.54 19.45
CA CYS E 661 -6.39 60.01 18.23
C CYS E 661 -7.07 61.22 17.61
N LEU E 662 -8.25 61.60 18.11
CA LEU E 662 -9.00 62.72 17.55
C LEU E 662 -8.16 63.98 17.48
N GLN E 663 -7.92 64.49 16.27
CA GLN E 663 -7.29 65.78 16.10
C GLN E 663 -8.32 66.88 15.89
N THR E 664 -9.31 66.63 15.03
CA THR E 664 -10.34 67.59 14.69
C THR E 664 -11.70 67.06 15.12
N LEU E 665 -12.46 67.91 15.82
CA LEU E 665 -13.80 67.56 16.27
C LEU E 665 -14.68 68.79 16.03
N CYS E 666 -15.43 68.78 14.93
CA CYS E 666 -16.15 69.95 14.45
C CYS E 666 -17.63 69.84 14.79
N MET E 667 -18.25 71.00 15.03
CA MET E 667 -19.68 71.11 15.32
C MET E 667 -20.06 70.26 16.53
N VAL E 668 -19.54 70.68 17.67
CA VAL E 668 -19.78 70.03 18.96
C VAL E 668 -20.85 70.80 19.69
N ALA E 669 -21.73 70.07 20.39
CA ALA E 669 -22.68 70.72 21.28
C ALA E 669 -21.97 71.07 22.59
N PRO E 670 -22.20 72.25 23.16
CA PRO E 670 -21.52 72.59 24.42
C PRO E 670 -21.76 71.59 25.52
N GLU E 671 -22.96 71.01 25.58
CA GLU E 671 -23.23 69.94 26.54
C GLU E 671 -22.23 68.79 26.39
N SER E 672 -21.86 68.46 25.15
CA SER E 672 -20.92 67.38 24.91
C SER E 672 -19.51 67.71 25.39
N CYS E 673 -19.21 68.98 25.65
CA CYS E 673 -17.89 69.40 26.11
C CYS E 673 -17.92 69.45 27.63
N GLU E 674 -17.52 68.34 28.26
CA GLU E 674 -17.36 68.27 29.71
C GLU E 674 -15.95 67.77 30.03
N LYS E 675 -15.68 67.58 31.32
CA LYS E 675 -14.33 67.25 31.75
C LYS E 675 -13.85 65.95 31.11
N GLU E 676 -14.70 64.92 31.11
CA GLU E 676 -14.27 63.60 30.67
C GLU E 676 -13.97 63.57 29.18
N VAL E 677 -14.86 64.15 28.37
CA VAL E 677 -14.65 64.15 26.92
C VAL E 677 -13.36 64.88 26.58
N LEU E 678 -13.18 66.08 27.12
CA LEU E 678 -11.98 66.85 26.80
C LEU E 678 -10.73 66.18 27.33
N ALA E 679 -10.82 65.49 28.47
CA ALA E 679 -9.68 64.72 28.95
C ALA E 679 -9.32 63.61 27.99
N LYS E 680 -10.34 62.90 27.47
CA LYS E 680 -10.07 61.82 26.52
C LYS E 680 -9.56 62.33 25.19
N ALA E 681 -9.79 63.60 24.86
CA ALA E 681 -9.37 64.16 23.59
C ALA E 681 -8.42 65.33 23.80
N CYS E 682 -7.46 65.17 24.71
CA CYS E 682 -6.53 66.27 25.01
C CYS E 682 -5.77 66.70 23.77
N HIS E 683 -5.41 65.74 22.90
CA HIS E 683 -4.73 66.08 21.66
C HIS E 683 -5.65 66.72 20.63
N LEU E 684 -6.90 67.01 20.97
CA LEU E 684 -7.80 67.64 20.01
C LEU E 684 -7.24 69.00 19.60
N LYS E 685 -7.23 69.26 18.29
CA LYS E 685 -6.67 70.48 17.72
C LYS E 685 -7.71 71.45 17.19
N LYS E 686 -8.74 70.94 16.50
CA LYS E 686 -9.79 71.78 15.91
C LYS E 686 -11.11 71.44 16.58
N LEU E 687 -11.57 72.32 17.47
CA LEU E 687 -12.81 72.13 18.20
C LEU E 687 -13.76 73.28 17.87
N SER E 688 -15.02 72.94 17.59
CA SER E 688 -16.06 73.92 17.31
C SER E 688 -17.28 73.59 18.16
N ILE E 689 -17.87 74.62 18.78
CA ILE E 689 -18.98 74.45 19.70
C ILE E 689 -20.09 75.43 19.35
N ARG E 690 -21.33 74.93 19.29
CA ARG E 690 -22.47 75.75 18.91
C ARG E 690 -23.65 75.43 19.84
N GLY E 691 -24.36 76.47 20.24
CA GLY E 691 -25.54 76.30 21.07
C GLY E 691 -25.90 77.55 21.86
N GLN E 692 -26.22 77.38 23.14
CA GLN E 692 -26.45 78.48 24.06
C GLN E 692 -25.21 78.67 24.90
N MET E 693 -24.70 79.90 24.95
CA MET E 693 -23.33 80.18 25.39
C MET E 693 -23.25 80.87 26.74
N ALA E 694 -24.20 81.75 27.08
CA ALA E 694 -24.20 82.32 28.42
C ALA E 694 -24.31 81.25 29.49
N ALA E 695 -25.10 80.20 29.22
CA ALA E 695 -25.13 79.04 30.09
C ALA E 695 -23.88 78.19 29.98
N PHE E 696 -22.93 78.58 29.14
CA PHE E 696 -21.68 77.85 28.93
C PHE E 696 -20.49 78.59 29.52
N LEU E 697 -20.55 79.91 29.62
CA LEU E 697 -19.40 80.70 30.04
C LEU E 697 -19.25 80.76 31.56
N GLY E 698 -20.35 80.56 32.29
CA GLY E 698 -20.33 80.80 33.73
C GLY E 698 -19.46 79.83 34.49
N ALA E 699 -19.32 80.11 35.79
CA ALA E 699 -18.48 79.29 36.66
C ALA E 699 -18.97 77.85 36.71
N TYR E 700 -20.21 77.64 37.18
CA TYR E 700 -20.79 76.32 37.13
C TYR E 700 -20.95 75.83 35.70
N LYS E 701 -20.76 76.71 34.72
CA LYS E 701 -20.62 76.33 33.32
C LYS E 701 -19.16 76.09 32.96
N GLY E 702 -18.38 75.61 33.92
CA GLY E 702 -16.95 75.40 33.74
C GLY E 702 -16.58 74.48 32.61
N GLY E 703 -17.57 73.95 31.88
CA GLY E 703 -17.30 73.31 30.62
C GLY E 703 -16.29 74.11 29.82
N ILE E 704 -16.39 75.43 29.90
CA ILE E 704 -15.34 76.28 29.34
C ILE E 704 -14.06 76.12 30.15
N ASN E 705 -14.17 76.08 31.49
CA ASN E 705 -13.00 75.80 32.29
C ASN E 705 -12.44 74.41 32.00
N ASN E 706 -13.30 73.50 31.54
CA ASN E 706 -12.86 72.15 31.19
C ASN E 706 -11.98 72.14 29.94
N LEU E 707 -11.94 73.24 29.19
CA LEU E 707 -11.09 73.30 28.01
C LEU E 707 -9.61 73.20 28.37
N VAL E 708 -9.27 73.38 29.65
CA VAL E 708 -7.89 73.25 30.11
C VAL E 708 -7.38 71.86 29.76
N GLU E 709 -8.30 70.90 29.63
CA GLU E 709 -7.89 69.55 29.28
C GLU E 709 -7.20 69.50 27.91
N LEU E 710 -7.75 70.22 26.93
CA LEU E 710 -7.16 70.20 25.60
C LEU E 710 -5.75 70.79 25.64
N LYS E 711 -4.81 70.10 25.01
CA LYS E 711 -3.40 70.47 25.03
C LYS E 711 -2.93 71.14 23.76
N CYS E 712 -3.27 70.60 22.58
CA CYS E 712 -2.83 71.14 21.30
C CYS E 712 -3.98 71.76 20.52
N LEU E 713 -4.99 72.28 21.22
CA LEU E 713 -6.11 72.94 20.56
C LEU E 713 -5.61 74.17 19.81
N GLU E 714 -6.05 74.31 18.56
CA GLU E 714 -5.67 75.46 17.74
C GLU E 714 -6.86 76.28 17.28
N GLN E 715 -7.93 75.64 16.79
CA GLN E 715 -9.10 76.33 16.29
C GLN E 715 -10.24 76.22 17.28
N LEU E 716 -11.02 77.29 17.37
CA LEU E 716 -12.13 77.33 18.33
C LEU E 716 -13.20 78.28 17.78
N LYS E 717 -14.31 77.71 17.31
CA LYS E 717 -15.38 78.49 16.72
C LYS E 717 -16.57 78.51 17.68
N LEU E 718 -17.06 79.70 17.99
CA LEU E 718 -18.17 79.90 18.92
C LEU E 718 -19.37 80.39 18.13
N LEU E 719 -20.48 79.66 18.23
CA LEU E 719 -21.67 79.93 17.43
C LEU E 719 -22.90 79.84 18.34
N ASN E 720 -23.57 80.97 18.53
CA ASN E 720 -24.77 81.04 19.38
C ASN E 720 -26.00 80.89 18.48
N ASP E 721 -26.70 79.76 18.63
CA ASP E 721 -27.88 79.51 17.82
C ASP E 721 -29.08 80.35 18.24
N VAL E 722 -29.00 81.04 19.37
CA VAL E 722 -30.11 81.82 19.90
C VAL E 722 -29.93 83.28 19.51
N LEU E 723 -30.94 83.85 18.85
CA LEU E 723 -30.93 85.27 18.52
C LEU E 723 -31.49 86.12 19.65
N TYR E 724 -32.50 85.61 20.36
CA TYR E 724 -33.07 86.30 21.51
C TYR E 724 -32.39 85.76 22.76
N MET E 725 -31.39 86.49 23.25
CA MET E 725 -30.56 86.06 24.36
C MET E 725 -31.08 86.65 25.66
N ASN E 726 -31.18 85.80 26.69
CA ASN E 726 -31.68 86.27 27.98
C ASN E 726 -30.76 87.35 28.55
N LYS E 727 -29.47 87.09 28.61
CA LYS E 727 -28.50 88.04 29.13
C LYS E 727 -27.25 88.01 28.27
N ALA E 728 -26.67 89.19 28.06
CA ALA E 728 -25.45 89.29 27.27
C ALA E 728 -24.34 88.50 27.95
N PRO E 729 -23.66 87.58 27.26
CA PRO E 729 -22.65 86.75 27.92
C PRO E 729 -21.40 87.52 28.33
N HIS E 730 -20.40 86.81 28.88
CA HIS E 730 -19.19 87.44 29.40
C HIS E 730 -18.07 86.41 29.30
N LEU E 731 -16.96 86.81 28.66
CA LEU E 731 -15.78 85.93 28.56
C LEU E 731 -15.13 85.76 29.93
N PRO E 732 -14.97 84.54 30.45
CA PRO E 732 -14.34 84.40 31.76
C PRO E 732 -12.95 85.02 31.77
N GLN E 733 -12.59 85.63 32.90
CA GLN E 733 -11.25 86.19 33.03
C GLN E 733 -10.20 85.11 32.80
N THR E 734 -10.52 83.86 33.16
CA THR E 734 -9.65 82.73 32.86
C THR E 734 -9.55 82.48 31.36
N PHE E 735 -10.52 82.97 30.57
CA PHE E 735 -10.55 82.74 29.14
C PHE E 735 -9.19 83.00 28.51
N SER E 736 -8.44 83.94 29.07
CA SER E 736 -7.11 84.23 28.54
C SER E 736 -6.24 82.98 28.49
N GLN E 737 -6.20 82.23 29.60
CA GLN E 737 -5.41 81.02 29.65
C GLN E 737 -6.23 79.76 29.36
N LEU E 738 -7.56 79.84 29.42
CA LEU E 738 -8.38 78.68 29.05
C LEU E 738 -8.11 78.28 27.61
N VAL E 739 -7.88 79.25 26.74
CA VAL E 739 -7.74 79.01 25.31
C VAL E 739 -6.33 79.41 24.88
N ARG E 740 -5.37 79.25 25.78
CA ARG E 740 -4.02 79.75 25.51
C ARG E 740 -3.42 79.10 24.26
N THR E 741 -3.72 77.83 24.01
CA THR E 741 -3.15 77.14 22.86
C THR E 741 -3.87 77.46 21.56
N VAL E 742 -5.01 78.15 21.62
CA VAL E 742 -5.81 78.38 20.43
C VAL E 742 -5.09 79.38 19.51
N LYS E 743 -5.00 79.02 18.23
CA LYS E 743 -4.43 79.91 17.22
C LYS E 743 -5.49 80.54 16.33
N LYS E 744 -6.57 79.83 16.03
CA LYS E 744 -7.70 80.37 15.28
C LYS E 744 -8.92 80.41 16.19
N LEU E 745 -9.70 81.49 16.07
CA LEU E 745 -10.83 81.70 16.97
C LEU E 745 -11.87 82.53 16.23
N THR E 746 -13.01 81.91 15.93
CA THR E 746 -14.08 82.57 15.20
C THR E 746 -15.32 82.65 16.09
N LEU E 747 -15.73 83.87 16.41
CA LEU E 747 -16.96 84.11 17.15
C LEU E 747 -18.07 84.49 16.19
N THR E 748 -19.19 83.79 16.26
CA THR E 748 -20.32 84.05 15.40
C THR E 748 -21.58 84.22 16.25
N ASN E 749 -22.29 85.32 16.03
CA ASN E 749 -23.54 85.61 16.74
C ASN E 749 -23.34 85.61 18.24
N THR E 750 -22.22 86.16 18.71
CA THR E 750 -21.97 86.22 20.15
C THR E 750 -22.54 87.50 20.77
N ARG E 751 -22.60 88.59 20.00
CA ARG E 751 -23.20 89.83 20.48
C ARG E 751 -22.53 90.30 21.76
N PHE E 752 -21.23 90.58 21.65
CA PHE E 752 -20.39 90.94 22.79
C PHE E 752 -20.06 92.42 22.79
N ALA E 753 -20.03 93.01 23.97
CA ALA E 753 -19.57 94.38 24.12
C ALA E 753 -18.10 94.47 23.74
N TRP E 754 -17.74 95.52 23.00
CA TRP E 754 -16.36 95.67 22.55
C TRP E 754 -15.39 95.71 23.72
N SER E 755 -15.88 96.09 24.91
CA SER E 755 -15.05 95.98 26.10
C SER E 755 -14.55 94.55 26.29
N GLU E 756 -15.35 93.56 25.87
CA GLU E 756 -14.88 92.18 25.94
C GLU E 756 -13.77 91.90 24.94
N ALA E 757 -13.71 92.67 23.84
CA ALA E 757 -12.64 92.48 22.87
C ALA E 757 -11.28 92.75 23.49
N ASP E 758 -11.23 93.56 24.55
CA ASP E 758 -9.97 93.83 25.23
C ASP E 758 -9.38 92.55 25.81
N LYS E 759 -10.20 91.73 26.47
CA LYS E 759 -9.71 90.47 27.00
C LYS E 759 -9.22 89.55 25.88
N LEU E 760 -9.77 89.71 24.68
CA LEU E 760 -9.29 88.93 23.54
C LEU E 760 -7.87 89.30 23.16
N GLY E 761 -7.36 90.40 23.69
CA GLY E 761 -5.94 90.70 23.57
C GLY E 761 -5.06 89.95 24.54
N GLN E 762 -5.64 89.12 25.40
CA GLN E 762 -4.91 88.37 26.41
C GLN E 762 -4.67 86.92 26.00
N LEU E 763 -4.59 86.64 24.69
CA LEU E 763 -4.24 85.33 24.18
C LEU E 763 -2.87 85.41 23.54
N GLU E 764 -1.94 84.60 24.05
CA GLU E 764 -0.56 84.65 23.57
C GLU E 764 -0.44 84.08 22.16
N SER E 765 -1.20 83.02 21.86
CA SER E 765 -1.05 82.29 20.62
C SER E 765 -2.12 82.64 19.59
N LEU E 766 -2.91 83.68 19.81
CA LEU E 766 -3.95 84.05 18.85
C LEU E 766 -3.31 84.41 17.51
N GLU E 767 -3.83 83.82 16.45
CA GLU E 767 -3.34 84.08 15.10
C GLU E 767 -4.42 84.64 14.19
N ILE E 768 -5.59 84.03 14.14
CA ILE E 768 -6.68 84.45 13.27
C ILE E 768 -7.89 84.79 14.12
N LEU E 769 -8.61 85.84 13.71
CA LEU E 769 -9.71 86.37 14.50
C LEU E 769 -10.85 86.72 13.54
N LYS E 770 -11.99 86.05 13.69
CA LYS E 770 -13.16 86.29 12.85
C LYS E 770 -14.33 86.74 13.72
N PHE E 771 -14.94 87.87 13.34
CA PHE E 771 -16.17 88.36 13.93
C PHE E 771 -17.26 88.26 12.87
N LYS E 772 -18.10 87.24 12.95
CA LYS E 772 -19.11 86.96 11.95
C LYS E 772 -20.50 87.15 12.54
N GLU E 773 -21.37 87.84 11.78
CA GLU E 773 -22.77 88.01 12.13
C GLU E 773 -22.92 88.70 13.49
N ASN E 774 -22.44 89.94 13.55
CA ASN E 774 -22.57 90.76 14.76
C ASN E 774 -22.01 90.01 15.97
N ALA E 775 -20.79 89.49 15.81
CA ALA E 775 -20.15 88.77 16.91
C ALA E 775 -19.96 89.66 18.11
N PHE E 776 -19.53 90.91 17.88
CA PHE E 776 -19.35 91.89 18.94
C PHE E 776 -20.39 93.00 18.78
N ALA E 777 -21.13 93.27 19.83
CA ALA E 777 -22.18 94.28 19.82
C ALA E 777 -21.63 95.60 20.36
N GLY E 778 -21.92 96.68 19.65
CA GLY E 778 -21.44 97.99 20.05
C GLY E 778 -21.39 98.96 18.89
N ASP E 779 -21.73 100.22 19.15
CA ASP E 779 -21.71 101.22 18.08
C ASP E 779 -20.30 101.46 17.58
N SER E 780 -19.33 101.54 18.49
CA SER E 780 -17.94 101.81 18.14
C SER E 780 -17.04 100.87 18.91
N TRP E 781 -15.86 100.60 18.35
CA TRP E 781 -14.86 99.72 18.96
C TRP E 781 -13.61 100.53 19.25
N LYS E 782 -13.18 100.51 20.51
CA LYS E 782 -11.98 101.22 20.95
C LYS E 782 -11.09 100.24 21.69
N PRO E 783 -10.40 99.35 20.97
CA PRO E 783 -9.54 98.38 21.64
C PRO E 783 -8.35 99.06 22.30
N LYS E 784 -7.90 98.47 23.41
CA LYS E 784 -6.74 98.96 24.13
C LYS E 784 -5.61 97.94 24.19
N MET E 785 -5.90 96.72 24.63
CA MET E 785 -4.87 95.70 24.74
C MET E 785 -4.26 95.40 23.37
N GLY E 786 -2.93 95.27 23.34
CA GLY E 786 -2.26 94.90 22.11
C GLY E 786 -2.43 93.42 21.80
N PHE E 787 -2.23 93.10 20.52
CA PHE E 787 -2.30 91.73 20.03
C PHE E 787 -0.92 91.43 19.42
N SER E 788 -0.01 90.95 20.27
CA SER E 788 1.40 90.89 19.91
C SER E 788 1.69 89.92 18.76
N ALA E 789 0.73 89.06 18.40
CA ALA E 789 0.97 88.04 17.40
C ALA E 789 -0.10 87.96 16.32
N LEU E 790 -1.26 88.59 16.49
CA LEU E 790 -2.34 88.42 15.53
C LEU E 790 -1.87 88.84 14.14
N ARG E 791 -2.17 87.98 13.16
CA ARG E 791 -1.77 88.20 11.77
C ARG E 791 -2.93 88.55 10.86
N VAL E 792 -4.09 87.92 11.02
CA VAL E 792 -5.25 88.15 10.18
C VAL E 792 -6.42 88.53 11.07
N LEU E 793 -6.93 89.74 10.89
CA LEU E 793 -8.20 90.14 11.48
C LEU E 793 -9.30 89.94 10.46
N TRP E 794 -10.51 89.63 10.93
CA TRP E 794 -11.62 89.34 10.03
C TRP E 794 -12.90 89.77 10.74
N ILE E 795 -13.49 90.87 10.28
CA ILE E 795 -14.73 91.40 10.82
C ILE E 795 -15.79 91.30 9.72
N GLU E 796 -16.85 90.57 9.99
CA GLU E 796 -17.91 90.35 9.00
C GLU E 796 -19.25 90.80 9.58
N ARG E 797 -19.97 91.60 8.80
CA ARG E 797 -21.32 92.04 9.16
C ARG E 797 -21.34 92.63 10.56
N ALA E 798 -20.48 93.63 10.79
CA ALA E 798 -20.36 94.29 12.08
C ALA E 798 -21.27 95.50 12.12
N GLU E 799 -22.18 95.53 13.10
CA GLU E 799 -23.09 96.65 13.24
C GLU E 799 -22.39 97.90 13.76
N PHE E 800 -21.17 97.77 14.27
CA PHE E 800 -20.48 98.93 14.84
C PHE E 800 -20.10 99.91 13.74
N GLU E 801 -19.80 101.14 14.15
CA GLU E 801 -19.70 102.27 13.24
C GLU E 801 -18.30 102.86 13.17
N THR E 802 -17.67 103.11 14.31
CA THR E 802 -16.36 103.76 14.34
C THR E 802 -15.36 102.87 15.06
N TRP E 803 -14.19 102.70 14.46
CA TRP E 803 -13.10 101.91 15.02
C TRP E 803 -11.93 102.83 15.33
N GLU E 804 -11.36 102.69 16.52
CA GLU E 804 -10.29 103.56 17.00
C GLU E 804 -9.07 102.74 17.41
N ALA E 805 -8.77 101.69 16.66
CA ALA E 805 -7.58 100.90 16.94
C ALA E 805 -6.32 101.71 16.64
N SER E 806 -5.26 101.39 17.38
CA SER E 806 -3.99 102.10 17.29
C SER E 806 -2.87 101.13 16.92
N GLU E 807 -1.66 101.67 16.80
CA GLU E 807 -0.52 100.84 16.42
C GLU E 807 -0.25 99.77 17.47
N ILE E 808 -0.28 100.13 18.75
CA ILE E 808 0.00 99.16 19.81
C ILE E 808 -1.05 98.07 19.85
N ASN E 809 -2.27 98.37 19.39
CA ASN E 809 -3.34 97.38 19.45
C ASN E 809 -3.03 96.18 18.56
N PHE E 810 -2.51 96.42 17.36
CA PHE E 810 -2.25 95.37 16.38
C PHE E 810 -0.82 95.53 15.86
N PRO E 811 0.18 95.29 16.71
CA PRO E 811 1.57 95.53 16.29
C PRO E 811 2.00 94.72 15.09
N VAL E 812 1.51 93.49 14.93
CA VAL E 812 2.02 92.57 13.92
C VAL E 812 0.94 92.20 12.94
N LEU E 813 -0.01 93.11 12.71
CA LEU E 813 -1.07 92.85 11.74
C LEU E 813 -0.48 92.55 10.38
N ARG E 814 -0.99 91.48 9.74
CA ARG E 814 -0.66 91.16 8.36
C ARG E 814 -1.87 91.30 7.44
N ASN E 815 -2.99 90.70 7.79
CA ASN E 815 -4.23 90.81 7.03
C ASN E 815 -5.27 91.53 7.87
N LEU E 816 -5.96 92.49 7.25
CA LEU E 816 -7.05 93.21 7.89
C LEU E 816 -8.25 93.11 6.95
N VAL E 817 -9.16 92.20 7.25
CA VAL E 817 -10.33 91.94 6.43
C VAL E 817 -11.56 92.42 7.18
N LEU E 818 -12.30 93.34 6.57
CA LEU E 818 -13.59 93.78 7.07
C LEU E 818 -14.60 93.67 5.94
N MET E 819 -15.63 92.86 6.14
CA MET E 819 -16.63 92.60 5.10
C MET E 819 -18.02 92.89 5.66
N SER E 820 -18.91 93.32 4.76
CA SER E 820 -20.28 93.68 5.11
C SER E 820 -20.30 94.70 6.26
N CYS E 821 -19.34 95.62 6.26
CA CYS E 821 -19.27 96.66 7.27
C CYS E 821 -20.02 97.92 6.80
N ASP E 822 -21.30 97.71 6.50
CA ASP E 822 -22.15 98.81 6.07
C ASP E 822 -22.37 99.84 7.16
N LYS E 823 -22.02 99.51 8.40
CA LYS E 823 -22.12 100.45 9.51
C LYS E 823 -20.81 101.14 9.82
N LEU E 824 -19.68 100.49 9.57
CA LEU E 824 -18.38 101.05 9.91
C LEU E 824 -18.17 102.39 9.21
N GLU E 825 -17.56 103.33 9.93
CA GLU E 825 -17.41 104.70 9.46
C GLU E 825 -16.07 104.93 8.77
N THR E 826 -14.97 104.70 9.47
CA THR E 826 -13.64 104.96 8.94
C THR E 826 -12.65 104.00 9.58
N VAL E 827 -11.80 103.40 8.76
CA VAL E 827 -10.71 102.58 9.29
C VAL E 827 -9.71 103.49 9.99
N PRO E 828 -9.29 103.20 11.22
CA PRO E 828 -8.36 104.10 11.91
C PRO E 828 -7.09 104.34 11.10
N PHE E 829 -6.72 105.60 10.96
CA PHE E 829 -5.49 105.94 10.25
C PHE E 829 -4.28 105.39 10.98
N GLU E 830 -4.33 105.40 12.32
CA GLU E 830 -3.22 104.93 13.15
C GLU E 830 -2.68 103.60 12.64
N LEU E 831 -3.55 102.76 12.07
CA LEU E 831 -3.10 101.49 11.52
C LEU E 831 -2.15 101.68 10.35
N ALA E 832 -2.08 102.88 9.78
CA ALA E 832 -1.18 103.12 8.66
C ALA E 832 0.27 102.84 9.04
N ASN E 833 0.69 103.27 10.22
CA ASN E 833 2.09 103.16 10.61
C ASN E 833 2.56 101.70 10.64
N LEU E 834 1.63 100.75 10.81
CA LEU E 834 2.02 99.36 10.98
C LEU E 834 2.84 98.87 9.80
N SER E 835 4.12 98.59 10.03
CA SER E 835 4.98 98.07 8.98
C SER E 835 4.53 96.68 8.55
N ASP E 836 4.13 95.84 9.51
CA ASP E 836 3.74 94.48 9.17
C ASP E 836 2.50 94.47 8.28
N LEU E 837 1.53 95.32 8.56
CA LEU E 837 0.28 95.33 7.81
C LEU E 837 0.56 95.56 6.33
N TYR E 838 0.34 94.51 5.52
CA TYR E 838 0.49 94.61 4.07
C TYR E 838 -0.75 94.20 3.30
N GLU E 839 -1.66 93.41 3.88
CA GLU E 839 -2.87 92.95 3.22
C GLU E 839 -4.09 93.56 3.91
N MET E 840 -5.08 93.95 3.11
CA MET E 840 -6.30 94.56 3.60
C MET E 840 -7.39 94.38 2.55
N ARG E 841 -8.59 94.03 3.01
CA ARG E 841 -9.71 93.76 2.12
C ARG E 841 -10.99 94.31 2.72
N LEU E 842 -11.68 95.14 1.95
CA LEU E 842 -12.98 95.68 2.31
C LEU E 842 -14.02 95.11 1.36
N GLU E 843 -15.03 94.42 1.91
CA GLU E 843 -16.07 93.78 1.13
C GLU E 843 -17.41 94.31 1.59
N ASN E 844 -18.08 95.08 0.72
CA ASN E 844 -19.36 95.69 1.03
C ASN E 844 -19.26 96.50 2.32
N THR E 845 -18.39 97.51 2.29
CA THR E 845 -18.12 98.37 3.42
C THR E 845 -18.62 99.78 3.13
N SER E 846 -19.00 100.48 4.21
CA SER E 846 -19.54 101.83 4.12
C SER E 846 -18.42 102.85 3.95
N LYS E 847 -18.72 104.12 4.20
CA LYS E 847 -17.80 105.23 3.94
C LYS E 847 -16.36 104.90 4.33
N ALA E 848 -16.19 104.01 5.30
CA ALA E 848 -14.85 103.55 5.67
C ALA E 848 -13.99 103.20 4.45
N VAL E 849 -14.61 102.86 3.32
CA VAL E 849 -13.83 102.58 2.12
C VAL E 849 -12.96 103.79 1.76
N LYS E 850 -13.50 105.00 1.92
CA LYS E 850 -12.71 106.19 1.61
C LYS E 850 -11.48 106.25 2.50
N SER E 851 -11.62 105.96 3.79
CA SER E 851 -10.47 105.90 4.67
C SER E 851 -9.50 104.79 4.25
N ALA E 852 -10.03 103.71 3.67
CA ALA E 852 -9.14 102.69 3.11
C ALA E 852 -8.34 103.24 1.95
N LYS E 853 -8.97 104.08 1.11
CA LYS E 853 -8.23 104.74 0.04
C LYS E 853 -7.16 105.66 0.61
N ALA E 854 -7.49 106.37 1.70
CA ALA E 854 -6.48 107.22 2.34
C ALA E 854 -5.32 106.40 2.86
N ILE E 855 -5.60 105.26 3.48
CA ILE E 855 -4.53 104.38 3.96
C ILE E 855 -3.67 103.91 2.79
N LEU E 856 -4.30 103.51 1.69
CA LEU E 856 -3.57 103.06 0.52
C LEU E 856 -2.67 104.17 0.00
N GLU E 857 -3.19 105.38 -0.10
CA GLU E 857 -2.40 106.51 -0.59
C GLU E 857 -1.24 106.80 0.33
N SER E 858 -1.47 106.77 1.64
CA SER E 858 -0.39 107.04 2.60
C SER E 858 0.71 106.00 2.48
N LYS E 859 0.32 104.73 2.37
CA LYS E 859 1.34 103.68 2.25
C LYS E 859 2.07 103.76 0.92
N THR E 860 1.37 104.09 -0.17
CA THR E 860 2.04 104.26 -1.45
C THR E 860 3.03 105.42 -1.40
N ASP E 861 2.66 106.52 -0.74
CA ASP E 861 3.59 107.63 -0.59
C ASP E 861 4.84 107.18 0.16
N LYS E 862 4.67 106.36 1.20
CA LYS E 862 5.81 105.74 1.85
C LYS E 862 6.47 104.68 0.98
N ASN E 863 5.84 104.32 -0.15
CA ASN E 863 6.38 103.31 -1.06
C ASN E 863 6.51 101.97 -0.34
N ILE E 864 5.40 101.52 0.22
CA ILE E 864 5.33 100.27 0.98
C ILE E 864 4.47 99.29 0.23
N LYS E 865 5.00 98.09 -0.01
CA LYS E 865 4.24 97.05 -0.69
C LYS E 865 2.97 96.75 0.08
N PHE E 866 1.82 97.04 -0.52
CA PHE E 866 0.53 96.90 0.15
C PHE E 866 -0.55 96.62 -0.88
N ASN E 867 -1.56 95.87 -0.46
CA ASN E 867 -2.66 95.48 -1.34
C ASN E 867 -3.99 95.95 -0.74
N LEU E 868 -4.85 96.49 -1.59
CA LEU E 868 -6.17 96.94 -1.20
C LEU E 868 -7.18 96.37 -2.20
N THR E 869 -8.13 95.59 -1.70
CA THR E 869 -9.17 94.99 -2.53
C THR E 869 -10.51 95.60 -2.15
N ILE E 870 -11.25 96.08 -3.16
CA ILE E 870 -12.56 96.68 -2.96
C ILE E 870 -13.54 95.98 -3.90
N PHE E 871 -14.69 95.59 -3.35
CA PHE E 871 -15.76 94.97 -4.12
C PHE E 871 -17.06 95.73 -3.86
N PRO E 872 -17.90 95.94 -4.89
CA PRO E 872 -17.70 95.55 -6.30
C PRO E 872 -16.77 96.49 -7.04
N PHE F 8 -16.84 1.18 -16.20
CA PHE F 8 -16.61 2.27 -17.20
C PHE F 8 -17.50 3.47 -16.87
N GLU F 9 -18.80 3.22 -16.78
CA GLU F 9 -19.74 4.30 -16.46
C GLU F 9 -19.50 4.83 -15.05
N VAL F 10 -19.17 3.96 -14.10
CA VAL F 10 -18.84 4.42 -12.76
C VAL F 10 -17.58 5.27 -12.78
N GLU F 11 -16.52 4.76 -13.42
CA GLU F 11 -15.29 5.54 -13.56
C GLU F 11 -15.53 6.80 -14.36
N ASN F 12 -16.33 6.71 -15.43
CA ASN F 12 -16.65 7.89 -16.21
C ASN F 12 -17.24 8.97 -15.29
N LEU F 13 -18.39 8.66 -14.69
CA LEU F 13 -19.06 9.64 -13.83
C LEU F 13 -18.12 10.18 -12.75
N LEU F 14 -17.29 9.31 -12.16
CA LEU F 14 -16.35 9.77 -11.15
C LEU F 14 -15.48 10.90 -11.68
N GLN F 15 -14.83 10.65 -12.83
CA GLN F 15 -13.96 11.67 -13.41
C GLN F 15 -14.75 12.89 -13.87
N LEU F 16 -15.97 12.68 -14.35
CA LEU F 16 -16.76 13.81 -14.81
C LEU F 16 -17.08 14.75 -13.66
N LEU F 17 -17.60 14.21 -12.55
CA LEU F 17 -17.92 15.05 -11.40
C LEU F 17 -16.66 15.67 -10.80
N THR F 18 -15.55 14.91 -10.76
CA THR F 18 -14.34 15.43 -10.13
C THR F 18 -13.82 16.66 -10.87
N ASP F 19 -13.83 16.64 -12.20
CA ASP F 19 -13.24 17.74 -12.95
C ASP F 19 -14.05 19.02 -12.85
N ASN F 20 -15.39 18.91 -12.95
CA ASN F 20 -16.26 20.07 -12.82
C ASN F 20 -16.28 20.67 -11.43
N VAL F 21 -15.75 19.98 -10.42
CA VAL F 21 -15.55 20.65 -9.14
C VAL F 21 -14.52 21.77 -9.28
N SER F 26 -11.38 21.04 -11.96
CA SER F 26 -12.20 22.13 -11.38
C SER F 26 -12.51 22.91 -12.58
N ALA F 27 -13.74 23.07 -12.77
CA ALA F 27 -13.74 23.48 -14.17
C ALA F 27 -13.49 24.97 -14.31
N LYS F 28 -14.08 25.78 -13.42
CA LYS F 28 -13.95 27.23 -13.55
C LYS F 28 -12.53 27.69 -13.20
N GLY F 29 -11.91 27.07 -12.20
CA GLY F 29 -10.53 27.40 -11.91
C GLY F 29 -9.60 27.07 -13.05
N GLU F 30 -9.79 25.88 -13.64
CA GLU F 30 -9.03 25.52 -14.83
C GLU F 30 -9.27 26.53 -15.95
N LEU F 31 -10.52 26.95 -16.13
CA LEU F 31 -10.86 27.90 -17.16
C LEU F 31 -10.10 29.21 -16.97
N GLU F 32 -10.15 29.75 -15.76
CA GLU F 32 -9.53 31.04 -15.48
C GLU F 32 -8.01 30.96 -15.59
N ASN F 33 -7.42 29.87 -15.09
CA ASN F 33 -5.97 29.73 -15.22
C ASN F 33 -5.56 29.59 -16.68
N LEU F 34 -6.30 28.80 -17.46
CA LEU F 34 -6.05 28.73 -18.89
C LEU F 34 -6.10 30.11 -19.51
N LEU F 35 -7.10 30.90 -19.15
CA LEU F 35 -7.16 32.27 -19.65
C LEU F 35 -5.89 33.02 -19.30
N LYS F 36 -5.63 33.22 -18.00
CA LYS F 36 -4.42 33.93 -17.57
C LYS F 36 -3.24 33.57 -18.45
N GLU F 37 -2.97 32.28 -18.59
CA GLU F 37 -1.79 31.87 -19.35
C GLU F 37 -1.96 32.19 -20.83
N VAL F 38 -3.20 32.22 -21.33
CA VAL F 38 -3.40 32.51 -22.74
C VAL F 38 -3.18 33.99 -23.03
N GLN F 39 -3.61 34.88 -22.14
CA GLN F 39 -3.24 36.28 -22.35
C GLN F 39 -1.74 36.47 -22.17
N HIS F 40 -1.09 35.67 -21.33
CA HIS F 40 0.37 35.68 -21.32
C HIS F 40 0.93 35.40 -22.71
N LEU F 41 0.47 34.31 -23.32
CA LEU F 41 0.99 33.96 -24.64
C LEU F 41 0.59 34.99 -25.68
N LYS F 42 -0.55 35.65 -25.50
CA LYS F 42 -0.98 36.67 -26.46
C LYS F 42 -0.11 37.91 -26.35
N GLY F 43 0.24 38.31 -25.13
CA GLY F 43 1.21 39.39 -24.96
C GLY F 43 2.55 39.04 -25.57
N PHE F 44 3.01 37.80 -25.36
CA PHE F 44 4.24 37.39 -26.02
C PHE F 44 4.10 37.49 -27.52
N LEU F 45 2.94 37.12 -28.06
CA LEU F 45 2.75 37.19 -29.50
C LEU F 45 2.81 38.63 -30.01
N ASP F 46 2.18 39.55 -29.28
CA ASP F 46 2.27 40.95 -29.66
C ASP F 46 3.71 41.43 -29.61
N ASP F 47 4.50 40.91 -28.67
CA ASP F 47 5.92 41.19 -28.64
C ASP F 47 6.60 40.65 -29.89
N ALA F 48 6.38 39.37 -30.18
CA ALA F 48 7.14 38.68 -31.23
C ALA F 48 6.83 39.26 -32.60
N ALA F 49 5.58 39.68 -32.82
CA ALA F 49 5.22 40.24 -34.11
C ALA F 49 6.12 41.42 -34.46
N LYS F 50 6.32 42.33 -33.50
CA LYS F 50 7.19 43.48 -33.74
C LYS F 50 8.62 43.03 -33.98
N LEU F 51 9.11 42.10 -33.17
CA LEU F 51 10.51 41.71 -33.21
C LEU F 51 10.84 41.09 -34.56
N PRO F 52 11.82 41.63 -35.29
CA PRO F 52 12.23 40.97 -36.54
C PRO F 52 12.83 39.61 -36.27
N SER F 53 12.45 38.63 -37.10
CA SER F 53 12.90 37.26 -36.93
C SER F 53 13.37 36.69 -38.26
N ASP F 54 14.36 35.80 -38.17
CA ASP F 54 14.89 35.13 -39.34
C ASP F 54 15.15 33.65 -39.13
N SER F 55 14.86 33.11 -37.94
CA SER F 55 15.19 31.74 -37.61
C SER F 55 13.97 30.85 -37.75
N GLU F 56 14.11 29.77 -38.52
CA GLU F 56 12.98 28.88 -38.75
C GLU F 56 12.41 28.34 -37.44
N GLN F 57 13.28 28.09 -36.46
CA GLN F 57 12.79 27.62 -35.16
C GLN F 57 11.89 28.66 -34.51
N TRP F 58 12.25 29.94 -34.61
CA TRP F 58 11.39 30.97 -34.04
C TRP F 58 10.05 31.03 -34.74
N LYS F 59 10.04 30.87 -36.06
CA LYS F 59 8.75 30.85 -36.76
C LYS F 59 7.94 29.63 -36.35
N VAL F 60 8.61 28.50 -36.10
CA VAL F 60 7.91 27.33 -35.59
C VAL F 60 7.26 27.64 -34.24
N LEU F 61 8.03 28.27 -33.34
CA LEU F 61 7.49 28.57 -32.02
C LEU F 61 6.35 29.59 -32.11
N VAL F 62 6.46 30.57 -32.99
CA VAL F 62 5.39 31.55 -33.12
C VAL F 62 4.15 30.91 -33.71
N GLU F 63 4.31 30.09 -34.75
CA GLU F 63 3.18 29.34 -35.27
C GLU F 63 2.53 28.54 -34.17
N GLU F 64 3.33 27.90 -33.33
CA GLU F 64 2.78 27.02 -32.30
C GLU F 64 2.04 27.80 -31.23
N ILE F 65 2.59 28.94 -30.81
CA ILE F 65 1.90 29.73 -29.80
C ILE F 65 0.63 30.33 -30.39
N GLN F 66 0.66 30.72 -31.67
CA GLN F 66 -0.55 31.23 -32.30
C GLN F 66 -1.64 30.16 -32.32
N LYS F 67 -1.28 28.95 -32.75
CA LYS F 67 -2.28 27.89 -32.82
C LYS F 67 -2.77 27.50 -31.44
N THR F 68 -1.87 27.43 -30.45
CA THR F 68 -2.30 27.11 -29.10
C THR F 68 -3.22 28.19 -28.53
N VAL F 69 -2.90 29.45 -28.79
CA VAL F 69 -3.72 30.56 -28.29
C VAL F 69 -5.10 30.51 -28.93
N HIS F 70 -5.15 30.29 -30.23
CA HIS F 70 -6.46 30.25 -30.90
C HIS F 70 -7.24 29.01 -30.51
N THR F 71 -6.56 27.88 -30.31
CA THR F 71 -7.23 26.68 -29.82
C THR F 71 -7.84 26.91 -28.44
N ALA F 72 -7.09 27.54 -27.55
CA ALA F 72 -7.61 27.82 -26.21
C ALA F 72 -8.77 28.82 -26.29
N GLU F 73 -8.71 29.77 -27.22
CA GLU F 73 -9.83 30.70 -27.39
C GLU F 73 -11.07 29.97 -27.88
N ASP F 74 -10.92 29.04 -28.83
CA ASP F 74 -12.08 28.24 -29.24
C ASP F 74 -12.62 27.45 -28.07
N ALA F 75 -11.75 26.85 -27.26
CA ALA F 75 -12.22 26.08 -26.12
C ALA F 75 -12.98 26.95 -25.13
N VAL F 76 -12.46 28.14 -24.82
CA VAL F 76 -13.13 29.01 -23.87
C VAL F 76 -14.49 29.44 -24.40
N ASP F 77 -14.56 29.81 -25.69
CA ASP F 77 -15.83 30.22 -26.25
C ASP F 77 -16.82 29.05 -26.28
N LYS F 78 -16.35 27.85 -26.60
CA LYS F 78 -17.24 26.69 -26.58
C LYS F 78 -17.77 26.43 -25.18
N PHE F 79 -16.92 26.54 -24.18
CA PHE F 79 -17.36 26.28 -22.82
C PHE F 79 -18.40 27.29 -22.37
N VAL F 80 -18.17 28.57 -22.65
CA VAL F 80 -19.15 29.58 -22.25
C VAL F 80 -20.45 29.41 -23.03
N VAL F 81 -20.36 29.05 -24.31
CA VAL F 81 -21.57 28.85 -25.11
C VAL F 81 -22.36 27.67 -24.56
N GLN F 82 -21.67 26.59 -24.18
CA GLN F 82 -22.36 25.44 -23.63
C GLN F 82 -23.03 25.79 -22.30
N ALA F 83 -22.34 26.58 -21.47
CA ALA F 83 -22.94 27.02 -20.21
C ALA F 83 -24.21 27.84 -20.47
N LYS F 84 -24.14 28.76 -21.43
CA LYS F 84 -25.32 29.56 -21.76
C LYS F 84 -26.45 28.68 -22.29
N LEU F 85 -26.12 27.70 -23.13
CA LEU F 85 -27.14 26.78 -23.62
C LEU F 85 -27.82 26.05 -22.47
N HIS F 86 -27.03 25.53 -21.53
CA HIS F 86 -27.62 24.82 -20.40
C HIS F 86 -28.51 25.74 -19.58
N LYS F 87 -28.04 26.96 -19.31
CA LYS F 87 -28.87 27.90 -18.57
C LYS F 87 -30.14 28.24 -19.32
N GLU F 88 -30.11 28.17 -20.65
CA GLU F 88 -31.32 28.44 -21.43
C GLU F 88 -32.35 27.33 -21.27
N LYS F 89 -31.90 26.10 -21.04
CA LYS F 89 -32.83 25.00 -20.83
C LYS F 89 -33.56 25.14 -19.49
N ASN F 90 -34.75 24.56 -19.43
CA ASN F 90 -35.54 24.61 -18.21
C ASN F 90 -34.85 23.85 -17.09
N LYS F 91 -35.34 24.06 -15.86
CA LYS F 91 -34.73 23.41 -14.70
C LYS F 91 -34.81 21.89 -14.83
N MET F 92 -35.96 21.37 -15.24
CA MET F 92 -36.05 19.93 -15.48
C MET F 92 -35.11 19.51 -16.61
N ALA F 93 -35.09 20.27 -17.69
CA ALA F 93 -34.17 19.98 -18.78
C ALA F 93 -32.72 20.14 -18.33
N ARG F 94 -32.45 21.13 -17.48
CA ARG F 94 -31.09 21.33 -16.99
C ARG F 94 -30.61 20.13 -16.17
N ILE F 95 -31.40 19.72 -15.19
CA ILE F 95 -30.98 18.63 -14.30
C ILE F 95 -30.94 17.31 -15.08
N LEU F 96 -31.96 17.07 -15.91
CA LEU F 96 -32.14 15.76 -16.51
C LEU F 96 -31.16 15.48 -17.64
N ASP F 97 -30.72 16.52 -18.36
CA ASP F 97 -29.89 16.31 -19.54
C ASP F 97 -28.60 15.58 -19.17
N VAL F 98 -28.34 14.46 -19.86
CA VAL F 98 -27.13 13.70 -19.65
C VAL F 98 -26.13 13.87 -20.80
N GLY F 99 -26.61 14.08 -22.02
CA GLY F 99 -25.69 14.46 -23.09
C GLY F 99 -24.98 15.76 -22.77
N HIS F 100 -25.70 16.70 -22.18
CA HIS F 100 -25.06 17.93 -21.71
C HIS F 100 -23.97 17.61 -20.69
N LEU F 101 -24.25 16.66 -19.79
CA LEU F 101 -23.26 16.28 -18.78
C LEU F 101 -21.97 15.81 -19.44
N ALA F 102 -22.08 14.85 -20.37
CA ALA F 102 -20.90 14.29 -21.01
C ALA F 102 -20.16 15.33 -21.82
N THR F 103 -20.88 16.15 -22.60
CA THR F 103 -20.19 17.15 -23.41
C THR F 103 -19.52 18.20 -22.54
N VAL F 104 -20.17 18.60 -21.44
CA VAL F 104 -19.59 19.60 -20.55
C VAL F 104 -18.28 19.07 -19.97
N ARG F 105 -18.29 17.80 -19.54
CA ARG F 105 -17.07 17.27 -18.94
C ARG F 105 -15.99 16.94 -19.96
N ASN F 106 -16.36 16.59 -21.18
CA ASN F 106 -15.35 16.46 -22.24
C ASN F 106 -14.71 17.82 -22.53
N LEU F 107 -15.53 18.88 -22.55
CA LEU F 107 -14.99 20.22 -22.77
C LEU F 107 -14.07 20.63 -21.63
N ALA F 108 -14.44 20.31 -20.39
CA ALA F 108 -13.56 20.61 -19.26
C ALA F 108 -12.26 19.83 -19.35
N ALA F 109 -12.33 18.58 -19.79
CA ALA F 109 -11.11 17.80 -19.98
C ALA F 109 -10.21 18.43 -21.03
N GLU F 110 -10.80 18.86 -22.15
CA GLU F 110 -10.01 19.52 -23.20
C GLU F 110 -9.39 20.81 -22.68
N VAL F 111 -10.16 21.59 -21.93
CA VAL F 111 -9.63 22.84 -21.37
C VAL F 111 -8.49 22.55 -20.42
N LYS F 112 -8.62 21.53 -19.58
CA LYS F 112 -7.52 21.16 -18.69
C LYS F 112 -6.28 20.77 -19.48
N GLY F 113 -6.47 19.96 -20.53
CA GLY F 113 -5.34 19.55 -21.34
C GLY F 113 -4.62 20.74 -21.96
N ILE F 114 -5.38 21.67 -22.53
CA ILE F 114 -4.75 22.81 -23.17
C ILE F 114 -4.14 23.76 -22.13
N HIS F 115 -4.72 23.82 -20.94
CA HIS F 115 -4.11 24.63 -19.88
C HIS F 115 -2.75 24.07 -19.51
N ASP F 116 -2.65 22.75 -19.35
CA ASP F 116 -1.33 22.17 -19.09
C ASP F 116 -0.41 22.38 -20.28
N GLN F 117 -0.95 22.35 -21.50
CA GLN F 117 -0.15 22.64 -22.68
C GLN F 117 0.44 24.04 -22.60
N VAL F 118 -0.35 25.02 -22.16
CA VAL F 118 0.15 26.39 -22.07
C VAL F 118 1.17 26.51 -20.94
N LYS F 119 0.91 25.83 -19.82
CA LYS F 119 1.88 25.86 -18.72
C LYS F 119 3.24 25.34 -19.18
N GLU F 120 3.25 24.20 -19.88
CA GLU F 120 4.51 23.66 -20.36
C GLU F 120 5.08 24.50 -21.49
N LEU F 121 4.22 25.14 -22.30
CA LEU F 121 4.72 26.04 -23.34
C LEU F 121 5.52 27.17 -22.72
N ARG F 122 5.00 27.74 -21.63
CA ARG F 122 5.73 28.80 -20.94
C ARG F 122 7.00 28.26 -20.30
N LEU F 123 6.90 27.17 -19.54
CA LEU F 123 8.03 26.73 -18.75
C LEU F 123 9.16 26.20 -19.63
N ASN F 124 8.85 25.32 -20.58
CA ASN F 124 9.89 24.67 -21.37
C ASN F 124 10.68 25.69 -22.18
N ASN F 125 9.99 26.65 -22.80
CA ASN F 125 10.61 27.55 -23.76
C ASN F 125 11.06 28.83 -23.06
N GLN F 126 12.36 29.07 -23.05
CA GLN F 126 12.94 30.28 -22.45
C GLN F 126 12.56 31.53 -23.25
N ALA F 127 12.12 31.37 -24.51
CA ALA F 127 11.81 32.54 -25.32
C ALA F 127 10.72 33.40 -24.68
N LEU F 128 9.92 32.81 -23.79
CA LEU F 128 8.70 33.43 -23.29
C LEU F 128 8.88 34.24 -22.02
N GLN F 129 10.06 34.23 -21.41
CA GLN F 129 10.22 34.86 -20.10
C GLN F 129 9.94 36.35 -20.18
N ALA F 130 9.27 36.87 -19.16
CA ALA F 130 8.92 38.28 -19.13
C ALA F 130 10.18 39.15 -19.10
N ARG F 131 10.15 40.24 -19.86
CA ARG F 131 11.27 41.16 -19.94
C ARG F 131 10.77 42.60 -19.79
N PRO F 132 11.55 43.47 -19.13
CA PRO F 132 11.04 44.82 -18.86
C PRO F 132 10.83 45.65 -20.12
N THR F 133 11.89 45.85 -20.89
CA THR F 133 11.82 46.58 -22.16
C THR F 133 12.75 45.83 -23.11
N LEU F 134 12.20 44.80 -23.77
CA LEU F 134 13.05 44.00 -24.66
C LEU F 134 12.19 43.49 -25.82
N GLU F 135 12.17 44.26 -26.89
CA GLU F 135 12.04 43.74 -28.24
C GLU F 135 13.29 44.18 -28.98
N LEU F 136 13.74 43.34 -29.91
CA LEU F 136 15.03 43.57 -30.54
C LEU F 136 14.85 43.96 -32.00
N PRO F 137 14.66 45.25 -32.31
CA PRO F 137 14.55 45.65 -33.72
C PRO F 137 15.87 45.49 -34.47
N GLN F 146 18.60 53.89 -49.73
CA GLN F 146 19.44 54.42 -50.80
C GLN F 146 18.63 54.42 -52.09
N GLN F 147 18.68 55.52 -52.83
CA GLN F 147 17.89 55.66 -54.04
C GLN F 147 18.44 54.77 -55.15
N GLY F 148 17.86 54.89 -56.34
CA GLY F 148 18.34 54.20 -57.51
C GLY F 148 19.40 55.01 -58.23
N PRO F 149 19.77 54.57 -59.43
CA PRO F 149 20.79 55.30 -60.21
C PRO F 149 20.51 56.79 -60.30
N ALA F 150 19.27 57.14 -60.67
CA ALA F 150 18.82 58.51 -60.93
C ALA F 150 18.70 58.73 -62.43
N LEU F 151 17.47 58.92 -62.91
CA LEU F 151 17.20 59.00 -64.33
C LEU F 151 17.59 60.37 -64.88
N GLU F 152 17.59 60.44 -66.21
CA GLU F 152 17.55 61.71 -66.94
C GLU F 152 16.21 61.82 -67.62
N ASP F 153 15.93 63.01 -68.17
CA ASP F 153 14.56 63.31 -68.59
C ASP F 153 14.04 62.31 -69.61
N ASP F 154 14.92 61.68 -70.38
CA ASP F 154 14.45 60.71 -71.36
C ASP F 154 13.80 59.50 -70.70
N GLU F 155 14.24 59.17 -69.48
CA GLU F 155 13.78 57.97 -68.79
C GLU F 155 12.58 58.24 -67.88
N VAL F 156 12.10 59.47 -67.81
CA VAL F 156 10.90 59.81 -67.07
C VAL F 156 9.73 59.85 -68.03
N VAL F 157 8.69 59.07 -67.74
CA VAL F 157 7.60 58.81 -68.66
C VAL F 157 6.32 59.44 -68.12
N GLY F 158 5.62 60.17 -68.98
CA GLY F 158 4.29 60.67 -68.66
C GLY F 158 4.24 61.72 -67.58
N PHE F 159 5.38 62.18 -67.07
CA PHE F 159 5.41 63.23 -66.06
C PHE F 159 5.64 64.60 -66.66
N ASP F 160 5.78 64.69 -67.98
CA ASP F 160 6.02 65.99 -68.61
C ASP F 160 4.91 66.97 -68.26
N GLU F 161 3.65 66.57 -68.50
CA GLU F 161 2.53 67.43 -68.16
C GLU F 161 2.47 67.65 -66.64
N GLU F 162 2.75 66.59 -65.86
CA GLU F 162 2.75 66.75 -64.41
C GLU F 162 3.83 67.70 -63.95
N ALA F 163 5.04 67.55 -64.49
CA ALA F 163 6.13 68.45 -64.10
C ALA F 163 5.80 69.89 -64.48
N ASN F 164 5.25 70.10 -65.67
CA ASN F 164 4.89 71.45 -66.10
C ASN F 164 3.79 72.02 -65.21
N LYS F 165 2.81 71.21 -64.85
CA LYS F 165 1.74 71.68 -63.97
C LYS F 165 2.29 72.07 -62.60
N VAL F 166 3.19 71.26 -62.05
CA VAL F 166 3.77 71.58 -60.75
C VAL F 166 4.58 72.86 -60.84
N ILE F 167 5.37 73.00 -61.91
CA ILE F 167 6.21 74.20 -62.05
C ILE F 167 5.34 75.44 -62.24
N ASN F 168 4.19 75.30 -62.91
CA ASN F 168 3.29 76.43 -63.07
C ASN F 168 2.63 76.79 -61.74
N ARG F 169 2.16 75.79 -61.00
CA ARG F 169 1.68 76.03 -59.64
C ARG F 169 2.76 76.70 -58.81
N LEU F 170 4.02 76.44 -59.14
CA LEU F 170 5.15 76.93 -58.35
C LEU F 170 5.45 78.39 -58.64
N VAL F 171 5.78 78.69 -59.91
CA VAL F 171 6.37 79.97 -60.27
C VAL F 171 5.40 81.14 -60.20
N LYS F 172 4.10 80.88 -60.11
CA LYS F 172 3.13 81.96 -60.03
C LYS F 172 3.55 82.98 -59.00
N GLU F 173 3.58 84.26 -59.40
CA GLU F 173 4.08 85.29 -58.51
C GLU F 173 3.12 85.50 -57.33
N SER F 174 3.70 85.62 -56.13
CA SER F 174 2.93 85.81 -54.92
C SER F 174 3.83 86.30 -53.80
N LYS F 175 3.47 87.40 -53.15
CA LYS F 175 4.34 87.96 -52.12
C LYS F 175 4.64 86.95 -51.02
N ASP F 176 3.67 86.09 -50.70
CA ASP F 176 3.82 85.16 -49.60
C ASP F 176 4.62 83.93 -50.02
N LEU F 177 5.07 83.18 -49.02
CA LEU F 177 5.77 81.91 -49.22
C LEU F 177 4.73 80.81 -49.32
N ASP F 178 4.47 80.35 -50.53
CA ASP F 178 3.51 79.28 -50.77
C ASP F 178 4.26 77.99 -51.09
N ILE F 179 3.72 76.88 -50.58
CA ILE F 179 4.37 75.57 -50.72
C ILE F 179 3.61 74.79 -51.78
N ILE F 180 4.32 73.89 -52.45
CA ILE F 180 3.73 73.04 -53.50
C ILE F 180 4.08 71.59 -53.20
N PRO F 181 3.21 70.82 -52.55
CA PRO F 181 3.57 69.45 -52.17
C PRO F 181 3.14 68.41 -53.18
N VAL F 182 3.92 67.33 -53.23
CA VAL F 182 3.63 66.16 -54.06
C VAL F 182 3.40 64.98 -53.13
N VAL F 183 2.19 64.42 -53.19
CA VAL F 183 1.75 63.39 -52.25
C VAL F 183 1.23 62.19 -53.03
N GLY F 184 1.32 61.01 -52.42
CA GLY F 184 0.80 59.82 -53.04
C GLY F 184 1.20 58.57 -52.27
N MET F 185 1.03 57.44 -52.93
CA MET F 185 1.27 56.13 -52.35
C MET F 185 2.75 55.79 -52.39
N PRO F 186 3.19 54.79 -51.63
CA PRO F 186 4.59 54.37 -51.68
C PRO F 186 5.01 53.97 -53.08
N GLY F 187 6.22 54.36 -53.45
CA GLY F 187 6.75 54.00 -54.75
C GLY F 187 5.93 54.52 -55.91
N LEU F 188 5.23 55.64 -55.72
CA LEU F 188 4.38 56.15 -56.80
C LEU F 188 5.18 56.94 -57.83
N GLY F 189 6.30 57.54 -57.43
CA GLY F 189 7.13 58.28 -58.35
C GLY F 189 7.39 59.71 -57.93
N LYS F 190 7.05 60.02 -56.68
CA LYS F 190 7.13 61.41 -56.22
C LYS F 190 8.54 61.97 -56.37
N THR F 191 9.53 61.26 -55.82
CA THR F 191 10.89 61.76 -55.88
C THR F 191 11.35 61.94 -57.32
N THR F 192 10.86 61.11 -58.25
CA THR F 192 11.24 61.28 -59.65
C THR F 192 10.61 62.54 -60.23
N LEU F 193 9.36 62.82 -59.88
CA LEU F 193 8.75 64.06 -60.34
C LEU F 193 9.52 65.26 -59.81
N ALA F 194 9.90 65.23 -58.53
CA ALA F 194 10.68 66.33 -57.97
C ALA F 194 12.03 66.46 -58.66
N ARG F 195 12.72 65.34 -58.88
CA ARG F 195 14.02 65.39 -59.54
C ARG F 195 13.89 65.98 -60.95
N LYS F 196 12.85 65.59 -61.68
CA LYS F 196 12.55 66.25 -62.94
C LYS F 196 12.41 67.74 -62.74
N ILE F 197 11.45 68.15 -61.90
CA ILE F 197 11.26 69.57 -61.61
C ILE F 197 12.58 70.22 -61.24
N TYR F 198 13.41 69.51 -60.48
CA TYR F 198 14.71 69.98 -60.06
C TYR F 198 15.70 70.10 -61.22
N LYS F 199 15.29 69.79 -62.45
CA LYS F 199 16.21 69.87 -63.59
C LYS F 199 15.59 70.61 -64.78
N ASP F 200 14.42 71.23 -64.63
CA ASP F 200 13.87 72.03 -65.72
C ASP F 200 14.60 73.36 -65.82
N PRO F 201 15.10 73.75 -67.01
CA PRO F 201 15.68 75.08 -67.14
C PRO F 201 14.72 76.20 -66.78
N LYS F 202 13.41 76.00 -67.00
CA LYS F 202 12.44 77.01 -66.61
C LYS F 202 12.58 77.36 -65.13
N LEU F 203 12.72 76.34 -64.29
CA LEU F 203 12.92 76.58 -62.87
C LEU F 203 14.19 77.40 -62.63
N SER F 204 15.26 77.10 -63.37
CA SER F 204 16.48 77.89 -63.24
C SER F 204 16.22 79.34 -63.58
N TYR F 205 15.44 79.60 -64.64
CA TYR F 205 15.15 80.98 -65.02
C TYR F 205 14.36 81.69 -63.94
N GLU F 206 13.35 81.02 -63.38
CA GLU F 206 12.45 81.69 -62.43
C GLU F 206 13.07 81.88 -61.05
N PHE F 207 14.03 81.04 -60.65
CA PHE F 207 14.61 81.10 -59.32
C PHE F 207 16.12 81.13 -59.40
N PHE F 208 16.74 82.02 -58.63
CA PHE F 208 18.20 82.12 -58.64
C PHE F 208 18.83 80.83 -58.13
N GLY F 209 18.42 80.39 -56.95
CA GLY F 209 19.04 79.25 -56.31
C GLY F 209 18.05 78.18 -55.91
N VAL F 210 18.16 77.01 -56.53
CA VAL F 210 17.33 75.86 -56.21
C VAL F 210 18.20 74.83 -55.50
N HIS F 211 17.78 74.42 -54.31
CA HIS F 211 18.50 73.42 -53.55
C HIS F 211 17.57 72.27 -53.19
N TRP F 212 18.15 71.09 -53.04
CA TRP F 212 17.42 69.85 -52.80
C TRP F 212 17.80 69.29 -51.44
N VAL F 213 16.81 68.76 -50.73
CA VAL F 213 17.03 68.15 -49.42
C VAL F 213 16.15 66.91 -49.29
N TYR F 214 16.70 65.87 -48.67
CA TYR F 214 15.99 64.63 -48.41
C TYR F 214 15.87 64.47 -46.90
N VAL F 215 14.66 64.21 -46.43
CA VAL F 215 14.40 64.03 -45.00
C VAL F 215 14.00 62.59 -44.68
N GLY F 216 13.02 62.05 -45.42
CA GLY F 216 12.54 60.71 -45.11
C GLY F 216 11.85 60.65 -43.77
N GLN F 217 11.41 59.45 -43.35
CA GLN F 217 10.76 59.33 -42.05
C GLN F 217 11.69 59.74 -40.92
N SER F 218 12.94 59.27 -40.97
CA SER F 218 13.92 59.53 -39.92
C SER F 218 14.96 60.53 -40.42
N TYR F 219 15.31 61.48 -39.55
CA TYR F 219 16.19 62.58 -39.91
C TYR F 219 16.59 63.31 -38.64
N LYS F 220 17.36 64.38 -38.82
CA LYS F 220 17.57 65.37 -37.78
C LYS F 220 17.51 66.74 -38.43
N ILE F 221 16.88 67.70 -37.75
CA ILE F 221 16.74 69.04 -38.33
C ILE F 221 18.11 69.61 -38.65
N LYS F 222 19.04 69.54 -37.70
CA LYS F 222 20.33 70.19 -37.89
C LYS F 222 21.02 69.68 -39.15
N ASP F 223 20.86 68.40 -39.47
CA ASP F 223 21.39 67.87 -40.72
C ASP F 223 20.79 68.63 -41.90
N VAL F 224 19.47 68.81 -41.88
CA VAL F 224 18.80 69.48 -42.99
C VAL F 224 19.29 70.91 -43.11
N PHE F 225 19.38 71.62 -41.99
CA PHE F 225 19.82 73.01 -42.03
C PHE F 225 21.25 73.14 -42.50
N LEU F 226 22.13 72.24 -42.07
CA LEU F 226 23.51 72.28 -42.53
C LEU F 226 23.59 72.00 -44.02
N ASN F 227 22.83 71.02 -44.51
CA ASN F 227 22.84 70.72 -45.94
C ASN F 227 22.29 71.90 -46.74
N ILE F 228 21.30 72.60 -46.19
CA ILE F 228 20.78 73.80 -46.84
C ILE F 228 21.87 74.87 -46.91
N LEU F 229 22.51 75.14 -45.76
CA LEU F 229 23.54 76.15 -45.71
C LEU F 229 24.69 75.85 -46.66
N LYS F 230 24.99 74.57 -46.89
CA LYS F 230 26.04 74.23 -47.84
C LYS F 230 25.78 74.87 -49.19
N PHE F 231 24.52 74.92 -49.62
CA PHE F 231 24.22 75.53 -50.92
C PHE F 231 24.58 77.01 -50.94
N PHE F 232 24.29 77.73 -49.86
CA PHE F 232 24.50 79.16 -49.81
C PHE F 232 25.91 79.54 -49.38
N THR F 233 26.74 78.57 -48.99
CA THR F 233 28.14 78.83 -48.67
C THR F 233 28.83 77.50 -48.44
N ARG F 234 30.12 77.46 -48.76
CA ARG F 234 30.92 76.26 -48.60
C ARG F 234 31.55 76.16 -47.22
N ARG F 235 31.24 77.08 -46.32
CA ARG F 235 31.86 77.17 -45.00
C ARG F 235 30.91 76.72 -43.90
N THR F 236 30.12 75.69 -44.16
CA THR F 236 29.29 75.12 -43.10
C THR F 236 30.12 74.71 -41.89
N GLU F 237 31.39 74.36 -42.11
CA GLU F 237 32.26 74.04 -41.00
C GLU F 237 32.34 75.18 -40.00
N ASP F 238 32.18 76.42 -40.46
CA ASP F 238 32.20 77.57 -39.57
C ASP F 238 30.92 77.70 -38.77
N TYR F 239 29.78 77.32 -39.36
CA TYR F 239 28.49 77.47 -38.71
C TYR F 239 27.99 76.18 -38.07
N GLN F 240 28.84 75.15 -37.98
CA GLN F 240 28.43 73.90 -37.35
C GLN F 240 28.10 74.08 -35.88
N HIS F 241 28.58 75.16 -35.26
CA HIS F 241 28.32 75.42 -33.85
C HIS F 241 27.15 76.35 -33.61
N GLU F 242 26.55 76.89 -34.67
CA GLU F 242 25.44 77.82 -34.50
C GLU F 242 24.17 77.07 -34.12
N ASP F 243 23.41 77.63 -33.19
CA ASP F 243 22.18 77.00 -32.75
C ASP F 243 21.15 76.98 -33.87
N VAL F 244 20.05 76.27 -33.64
CA VAL F 244 19.03 76.11 -34.68
C VAL F 244 18.50 77.46 -35.13
N ASP F 245 18.20 78.35 -34.18
CA ASP F 245 17.68 79.66 -34.54
C ASP F 245 18.74 80.54 -35.18
N ALA F 246 19.98 80.44 -34.69
CA ALA F 246 21.07 81.17 -35.35
C ALA F 246 21.24 80.69 -36.78
N LEU F 247 21.18 79.38 -37.00
CA LEU F 247 21.25 78.85 -38.35
C LEU F 247 20.07 79.32 -39.20
N ALA F 248 18.88 79.39 -38.60
CA ALA F 248 17.73 79.90 -39.32
C ALA F 248 17.95 81.33 -39.79
N LYS F 249 18.46 82.18 -38.89
CA LYS F 249 18.74 83.56 -39.27
C LYS F 249 19.81 83.64 -40.36
N VAL F 250 20.85 82.81 -40.23
CA VAL F 250 21.93 82.82 -41.22
C VAL F 250 21.39 82.44 -42.59
N ILE F 251 20.58 81.38 -42.66
CA ILE F 251 20.04 80.94 -43.93
C ILE F 251 19.06 81.97 -44.47
N ALA F 252 18.29 82.62 -43.60
CA ALA F 252 17.39 83.68 -44.06
C ALA F 252 18.18 84.79 -44.73
N GLY F 253 19.29 85.21 -44.11
CA GLY F 253 20.11 86.24 -44.72
C GLY F 253 20.73 85.79 -46.03
N PHE F 254 21.22 84.55 -46.07
CA PHE F 254 21.81 84.02 -47.31
C PHE F 254 20.78 84.03 -48.43
N ILE F 255 19.57 83.57 -48.14
CA ILE F 255 18.51 83.55 -49.16
C ILE F 255 18.16 84.97 -49.58
N ASN F 256 18.06 85.88 -48.61
CA ASN F 256 17.74 87.27 -48.93
C ASN F 256 18.75 87.84 -49.89
N LYS F 257 20.03 87.56 -49.67
CA LYS F 257 21.04 87.94 -50.65
C LYS F 257 20.80 87.25 -51.98
N GLY F 258 20.46 85.96 -51.95
CA GLY F 258 20.26 85.22 -53.18
C GLY F 258 19.06 85.70 -53.98
N GLY F 259 17.95 85.94 -53.31
CA GLY F 259 16.71 86.30 -53.99
C GLY F 259 15.70 85.18 -53.96
N ARG F 260 14.84 85.11 -54.97
CA ARG F 260 13.83 84.06 -55.02
C ARG F 260 14.50 82.70 -54.96
N CYS F 261 13.98 81.83 -54.08
CA CYS F 261 14.58 80.53 -53.84
C CYS F 261 13.50 79.47 -53.81
N LEU F 262 13.75 78.35 -54.49
CA LEU F 262 12.94 77.15 -54.38
C LEU F 262 13.74 76.09 -53.63
N ILE F 263 13.10 75.42 -52.68
CA ILE F 263 13.72 74.35 -51.92
C ILE F 263 12.91 73.09 -52.15
N CYS F 264 13.56 72.05 -52.68
CA CYS F 264 12.94 70.76 -52.87
C CYS F 264 13.16 69.93 -51.62
N LEU F 265 12.07 69.38 -51.07
CA LEU F 265 12.12 68.54 -49.88
C LEU F 265 11.61 67.16 -50.25
N ASP F 266 12.42 66.14 -49.99
CA ASP F 266 12.08 64.77 -50.37
C ASP F 266 11.47 64.05 -49.17
N ASP F 267 10.21 63.64 -49.31
CA ASP F 267 9.61 62.65 -48.42
C ASP F 267 9.59 63.14 -46.98
N VAL F 268 8.82 64.20 -46.77
CA VAL F 268 8.59 64.77 -45.44
C VAL F 268 7.28 64.23 -44.90
N TRP F 269 7.27 63.76 -43.65
CA TRP F 269 6.07 63.18 -43.07
C TRP F 269 5.52 63.91 -41.86
N GLU F 270 6.27 64.83 -41.24
CA GLU F 270 5.86 65.41 -39.97
C GLU F 270 5.73 66.93 -40.10
N THR F 271 4.60 67.47 -39.64
CA THR F 271 4.32 68.89 -39.76
C THR F 271 5.40 69.74 -39.09
N LYS F 272 5.97 69.26 -37.98
CA LYS F 272 7.01 70.02 -37.32
C LYS F 272 8.11 70.39 -38.29
N VAL F 273 8.41 69.49 -39.24
CA VAL F 273 9.45 69.76 -40.22
C VAL F 273 9.07 70.97 -41.07
N ILE F 274 7.83 71.01 -41.56
CA ILE F 274 7.41 72.16 -42.35
C ILE F 274 7.54 73.44 -41.52
N ASP F 275 6.98 73.43 -40.31
CA ASP F 275 7.01 74.63 -39.50
C ASP F 275 8.42 75.04 -39.13
N TYR F 276 9.37 74.12 -39.20
CA TYR F 276 10.78 74.47 -39.10
C TYR F 276 11.32 75.09 -40.39
N VAL F 277 10.91 74.55 -41.55
CA VAL F 277 11.45 75.03 -42.82
C VAL F 277 10.96 76.45 -43.12
N LYS F 278 9.71 76.77 -42.79
CA LYS F 278 9.22 78.12 -43.06
C LYS F 278 10.07 79.17 -42.36
N THR F 279 10.81 78.78 -41.31
CA THR F 279 11.63 79.74 -40.58
C THR F 279 12.75 80.28 -41.45
N ILE F 280 13.42 79.40 -42.21
CA ILE F 280 14.65 79.78 -42.90
C ILE F 280 14.44 80.81 -44.00
N PHE F 281 13.20 81.12 -44.34
CA PHE F 281 12.93 81.96 -45.50
C PHE F 281 12.75 83.40 -45.08
N PRO F 282 13.52 84.34 -45.65
CA PRO F 282 13.37 85.75 -45.27
C PRO F 282 12.02 86.31 -45.72
N GLU F 283 11.55 87.31 -44.96
CA GLU F 283 10.28 87.98 -45.26
C GLU F 283 10.47 89.14 -46.24
N ASN F 284 11.14 88.86 -47.37
CA ASN F 284 11.44 89.87 -48.36
C ASN F 284 10.37 89.97 -49.45
N GLU F 285 9.19 89.41 -49.21
CA GLU F 285 8.09 89.48 -50.16
C GLU F 285 8.54 89.08 -51.56
N LYS F 286 9.51 88.17 -51.65
CA LYS F 286 10.02 87.69 -52.92
C LYS F 286 9.23 86.49 -53.43
N GLY F 287 8.27 85.99 -52.67
CA GLY F 287 7.47 84.86 -53.12
C GLY F 287 8.28 83.58 -53.24
N HIS F 288 9.12 83.29 -52.27
CA HIS F 288 9.86 82.04 -52.27
C HIS F 288 8.89 80.86 -52.26
N ARG F 289 9.44 79.68 -52.50
CA ARG F 289 8.62 78.47 -52.57
C ARG F 289 9.39 77.31 -51.96
N VAL F 290 8.64 76.34 -51.44
CA VAL F 290 9.17 75.07 -50.95
C VAL F 290 8.39 73.95 -51.62
N MET F 291 9.11 73.02 -52.23
CA MET F 291 8.50 71.82 -52.78
C MET F 291 8.84 70.66 -51.86
N MET F 292 7.80 69.97 -51.37
CA MET F 292 7.99 68.88 -50.43
C MET F 292 7.13 67.70 -50.85
N THR F 293 7.69 66.50 -50.77
CA THR F 293 6.96 65.27 -51.03
C THR F 293 6.63 64.61 -49.70
N THR F 294 5.37 64.20 -49.55
CA THR F 294 4.88 63.63 -48.30
C THR F 294 3.96 62.45 -48.61
N ARG F 295 4.14 61.35 -47.90
CA ARG F 295 3.27 60.20 -48.03
C ARG F 295 2.02 60.32 -47.17
N ASN F 296 1.66 61.52 -46.75
CA ASN F 296 0.54 61.77 -45.85
C ASN F 296 -0.28 62.92 -46.43
N LYS F 297 -1.46 62.61 -46.97
CA LYS F 297 -2.23 63.63 -47.66
C LYS F 297 -2.53 64.81 -46.76
N VAL F 298 -2.70 64.57 -45.46
CA VAL F 298 -2.99 65.67 -44.54
C VAL F 298 -1.80 66.61 -44.44
N LEU F 299 -0.58 66.05 -44.40
CA LEU F 299 0.62 66.88 -44.38
C LEU F 299 0.69 67.76 -45.62
N ALA F 300 0.47 67.16 -46.79
CA ALA F 300 0.40 67.95 -48.02
C ALA F 300 -0.66 69.04 -47.90
N THR F 301 -1.82 68.71 -47.33
CA THR F 301 -2.91 69.67 -47.23
C THR F 301 -2.49 70.88 -46.41
N TYR F 302 -1.81 70.64 -45.27
CA TYR F 302 -1.30 71.78 -44.52
C TYR F 302 -0.26 72.53 -45.34
N ALA F 303 0.63 71.80 -46.00
CA ALA F 303 1.67 72.44 -46.81
C ALA F 303 1.06 73.37 -47.83
N ASN F 304 0.12 72.87 -48.62
CA ASN F 304 -0.67 73.67 -49.55
C ASN F 304 -2.13 73.31 -49.40
N SER F 305 -3.00 74.30 -49.54
CA SER F 305 -4.43 74.11 -49.42
C SER F 305 -5.05 73.51 -50.69
N ASP F 306 -4.23 72.91 -51.55
CA ASP F 306 -4.70 72.25 -52.76
C ASP F 306 -3.62 71.27 -53.22
N PRO F 307 -3.61 70.04 -52.70
CA PRO F 307 -2.49 69.14 -52.96
C PRO F 307 -2.30 68.89 -54.44
N HIS F 308 -1.18 68.24 -54.76
CA HIS F 308 -0.90 67.77 -56.11
C HIS F 308 -0.78 66.26 -56.03
N ASP F 309 -1.92 65.57 -56.05
CA ASP F 309 -1.93 64.12 -55.99
C ASP F 309 -1.23 63.59 -57.23
N LEU F 310 -0.08 62.96 -57.04
CA LEU F 310 0.70 62.45 -58.16
C LEU F 310 -0.18 61.58 -59.04
N LYS F 311 -0.18 61.86 -60.34
CA LYS F 311 -1.10 61.21 -61.24
C LYS F 311 -0.84 59.72 -61.25
N PHE F 312 -1.65 58.96 -61.98
CA PHE F 312 -1.46 57.52 -62.12
C PHE F 312 -0.98 57.22 -63.53
N LEU F 313 0.12 56.48 -63.65
CA LEU F 313 0.62 56.10 -64.95
C LEU F 313 -0.42 55.29 -65.70
N THR F 314 -0.63 55.62 -66.96
CA THR F 314 -1.55 54.87 -67.80
C THR F 314 -0.91 53.57 -68.25
N PRO F 315 -1.71 52.59 -68.66
CA PRO F 315 -1.14 51.29 -69.04
C PRO F 315 -0.10 51.38 -70.14
N LYS F 316 -0.31 52.23 -71.14
CA LYS F 316 0.70 52.39 -72.17
C LYS F 316 1.98 52.97 -71.59
N GLU F 317 1.86 53.94 -70.68
CA GLU F 317 3.04 54.50 -70.03
C GLU F 317 3.75 53.44 -69.20
N SER F 318 2.99 52.57 -68.52
CA SER F 318 3.62 51.51 -67.73
C SER F 318 4.34 50.51 -68.63
N PHE F 319 3.74 50.17 -69.77
CA PHE F 319 4.42 49.26 -70.70
C PHE F 319 5.69 49.89 -71.24
N GLU F 320 5.64 51.19 -71.56
CA GLU F 320 6.84 51.88 -72.02
C GLU F 320 7.90 51.87 -70.92
N LEU F 321 7.49 52.07 -69.67
CA LEU F 321 8.43 52.05 -68.56
C LEU F 321 9.12 50.70 -68.45
N LEU F 322 8.34 49.62 -68.51
CA LEU F 322 8.94 48.28 -68.43
C LEU F 322 9.87 48.04 -69.60
N VAL F 323 9.47 48.48 -70.80
CA VAL F 323 10.35 48.37 -71.96
C VAL F 323 11.67 49.07 -71.67
N LYS F 324 11.59 50.27 -71.10
CA LYS F 324 12.81 51.01 -70.77
C LYS F 324 13.66 50.23 -69.78
N ARG F 325 13.04 49.72 -68.72
CA ARG F 325 13.83 49.09 -67.66
C ARG F 325 14.50 47.81 -68.14
N VAL F 326 13.74 46.91 -68.76
CA VAL F 326 14.33 45.64 -69.16
C VAL F 326 15.27 45.84 -70.33
N PHE F 327 14.87 46.64 -71.33
CA PHE F 327 15.61 46.74 -72.58
C PHE F 327 16.17 48.14 -72.81
N GLY F 328 16.28 48.96 -71.78
CA GLY F 328 16.86 50.28 -71.97
C GLY F 328 16.21 51.02 -73.12
N LYS F 329 16.96 51.22 -74.20
CA LYS F 329 16.45 51.83 -75.41
C LYS F 329 16.15 50.82 -76.51
N LYS F 330 16.96 49.79 -76.66
CA LYS F 330 16.70 48.79 -77.68
C LYS F 330 15.26 48.28 -77.53
N PRO F 331 14.44 48.34 -78.56
CA PRO F 331 13.01 48.08 -78.38
C PRO F 331 12.76 46.67 -77.87
N CYS F 332 11.69 46.52 -77.08
CA CYS F 332 11.32 45.21 -76.61
C CYS F 332 11.02 44.30 -77.79
N PRO F 333 11.45 43.04 -77.77
CA PRO F 333 11.19 42.16 -78.91
C PRO F 333 9.70 41.98 -79.16
N LYS F 334 9.39 41.42 -80.33
CA LYS F 334 8.00 41.41 -80.80
C LYS F 334 7.12 40.55 -79.91
N ASP F 335 7.51 39.31 -79.65
CA ASP F 335 6.60 38.38 -78.99
C ASP F 335 6.47 38.65 -77.50
N LEU F 336 7.45 39.31 -76.88
CA LEU F 336 7.34 39.65 -75.47
C LEU F 336 6.29 40.72 -75.22
N VAL F 337 5.79 41.40 -76.26
CA VAL F 337 4.83 42.47 -76.06
C VAL F 337 3.53 41.92 -75.46
N GLY F 338 3.06 40.78 -75.95
CA GLY F 338 1.89 40.17 -75.38
C GLY F 338 2.01 40.03 -73.88
N HIS F 339 2.99 39.23 -73.44
CA HIS F 339 3.24 39.06 -72.02
C HIS F 339 3.65 40.38 -71.37
N GLY F 340 4.47 41.17 -72.06
CA GLY F 340 4.86 42.46 -71.52
C GLY F 340 3.68 43.38 -71.32
N GLU F 341 2.81 43.48 -72.33
CA GLU F 341 1.61 44.28 -72.17
C GLU F 341 0.79 43.78 -71.00
N SER F 342 0.64 42.46 -70.87
CA SER F 342 -0.07 41.91 -69.73
C SER F 342 0.55 42.40 -68.42
N ILE F 343 1.88 42.47 -68.35
CA ILE F 343 2.52 42.91 -67.11
C ILE F 343 2.18 44.38 -66.87
N ALA F 344 2.22 45.19 -67.92
CA ALA F 344 2.04 46.63 -67.76
C ALA F 344 0.66 46.96 -67.21
N GLY F 345 -0.38 46.35 -67.77
CA GLY F 345 -1.73 46.66 -67.37
C GLY F 345 -2.15 46.02 -66.06
N LYS F 346 -1.30 45.16 -65.49
CA LYS F 346 -1.60 44.49 -64.23
C LYS F 346 -1.03 45.20 -63.03
N CYS F 347 -0.28 46.28 -63.21
CA CYS F 347 0.41 46.93 -62.11
C CYS F 347 -0.41 48.03 -61.46
N GLY F 348 -1.63 48.29 -61.94
CA GLY F 348 -2.52 49.21 -61.29
C GLY F 348 -2.31 50.67 -61.62
N GLY F 349 -1.24 51.02 -62.32
CA GLY F 349 -0.97 52.39 -62.68
C GLY F 349 0.01 53.11 -61.78
N VAL F 350 1.00 52.42 -61.23
CA VAL F 350 2.09 53.06 -60.49
C VAL F 350 3.40 52.55 -61.09
N PRO F 351 4.45 53.36 -61.15
CA PRO F 351 5.67 52.87 -61.79
C PRO F 351 6.38 51.80 -60.99
N LEU F 352 6.38 51.86 -59.67
CA LEU F 352 7.30 51.02 -58.90
C LEU F 352 7.02 49.54 -59.10
N ALA F 353 5.75 49.17 -59.28
CA ALA F 353 5.46 47.77 -59.59
C ALA F 353 6.09 47.36 -60.91
N VAL F 354 5.97 48.22 -61.92
CA VAL F 354 6.67 48.00 -63.19
C VAL F 354 8.15 47.86 -62.94
N VAL F 355 8.72 48.77 -62.15
CA VAL F 355 10.16 48.77 -61.89
C VAL F 355 10.58 47.44 -61.31
N VAL F 356 9.88 46.99 -60.27
CA VAL F 356 10.31 45.79 -59.56
C VAL F 356 10.19 44.57 -60.46
N ILE F 357 9.04 44.39 -61.11
CA ILE F 357 8.89 43.19 -61.93
C ILE F 357 9.86 43.22 -63.11
N ALA F 358 10.11 44.41 -63.66
CA ALA F 358 11.16 44.52 -64.67
C ALA F 358 12.50 44.07 -64.11
N GLY F 359 12.78 44.45 -62.86
CA GLY F 359 13.99 43.96 -62.22
C GLY F 359 14.05 42.45 -62.20
N ALA F 360 12.94 41.80 -61.86
CA ALA F 360 12.89 40.35 -61.93
C ALA F 360 13.06 39.85 -63.36
N LEU F 361 12.71 40.68 -64.34
CA LEU F 361 12.75 40.32 -65.76
C LEU F 361 14.02 40.77 -66.46
N ARG F 362 15.02 41.25 -65.71
CA ARG F 362 16.20 41.84 -66.34
C ARG F 362 16.92 40.81 -67.19
N GLY F 363 16.88 41.02 -68.50
CA GLY F 363 17.52 40.11 -69.42
C GLY F 363 17.00 38.69 -69.31
N ARG F 364 15.72 38.49 -69.63
CA ARG F 364 15.12 37.16 -69.70
C ARG F 364 14.35 37.02 -71.00
N PRO F 365 15.04 37.14 -72.14
CA PRO F 365 14.34 37.11 -73.43
C PRO F 365 13.81 35.74 -73.80
N ASN F 366 13.89 34.77 -72.89
CA ASN F 366 13.31 33.44 -73.08
C ASN F 366 11.89 33.48 -72.54
N THR F 367 10.91 33.56 -73.45
CA THR F 367 9.54 33.85 -73.05
C THR F 367 8.98 32.86 -72.03
N SER F 368 9.66 31.75 -71.78
CA SER F 368 9.26 30.87 -70.69
C SER F 368 9.20 31.64 -69.38
N ASP F 369 10.21 32.47 -69.10
CA ASP F 369 10.21 33.22 -67.86
C ASP F 369 9.24 34.40 -67.90
N TRP F 370 9.07 35.04 -69.06
CA TRP F 370 8.07 36.11 -69.11
C TRP F 370 6.70 35.56 -68.80
N ILE F 371 6.41 34.33 -69.25
CA ILE F 371 5.14 33.69 -68.91
C ILE F 371 5.13 33.30 -67.43
N ARG F 372 6.26 32.85 -66.89
CA ARG F 372 6.29 32.59 -65.46
C ARG F 372 5.88 33.83 -64.68
N VAL F 373 6.36 35.00 -65.08
CA VAL F 373 6.13 36.21 -64.31
C VAL F 373 4.81 36.89 -64.64
N GLU F 374 4.22 36.61 -65.79
CA GLU F 374 2.92 37.20 -66.09
C GLU F 374 1.80 36.49 -65.34
N ARG F 375 1.77 35.16 -65.40
CA ARG F 375 0.66 34.37 -64.86
C ARG F 375 0.18 34.95 -63.54
N ASN F 376 1.12 35.46 -62.74
CA ASN F 376 0.79 36.26 -61.57
C ASN F 376 1.88 37.30 -61.42
N VAL F 377 1.49 38.54 -61.09
CA VAL F 377 2.41 39.66 -61.02
C VAL F 377 2.47 40.25 -59.61
N VAL F 378 1.32 40.38 -58.94
CA VAL F 378 1.31 41.00 -57.63
C VAL F 378 2.16 40.20 -56.65
N GLN F 379 2.13 38.87 -56.76
CA GLN F 379 2.95 38.04 -55.89
C GLN F 379 4.43 38.31 -56.11
N HIS F 380 4.84 38.54 -57.35
CA HIS F 380 6.26 38.63 -57.65
C HIS F 380 6.92 39.73 -56.85
N LEU F 381 6.33 40.92 -56.84
CA LEU F 381 6.76 41.90 -55.87
C LEU F 381 6.74 41.24 -54.49
N TYR F 382 7.62 41.71 -53.59
CA TYR F 382 7.76 41.17 -52.25
C TYR F 382 8.51 39.84 -52.22
N THR F 383 9.37 39.58 -53.20
CA THR F 383 10.15 38.35 -53.22
C THR F 383 11.59 38.68 -53.60
N ASN F 384 12.51 37.82 -53.16
CA ASN F 384 13.91 37.94 -53.54
C ASN F 384 14.54 39.18 -52.91
N SER F 385 15.62 39.68 -53.51
CA SER F 385 16.35 40.80 -52.91
C SER F 385 15.59 42.12 -53.11
N GLU F 386 15.39 42.52 -54.36
CA GLU F 386 14.78 43.82 -54.66
C GLU F 386 13.25 43.72 -54.59
N GLU F 387 12.78 43.35 -53.41
CA GLU F 387 11.36 43.31 -53.07
C GLU F 387 10.82 44.67 -52.70
N SER F 388 11.56 45.73 -53.02
CA SER F 388 11.47 46.98 -52.28
C SER F 388 10.04 47.47 -52.06
N CYS F 389 9.07 46.98 -52.83
CA CYS F 389 7.68 47.33 -52.53
C CYS F 389 7.36 47.05 -51.07
N LEU F 390 7.79 45.89 -50.56
CA LEU F 390 7.51 45.53 -49.17
C LEU F 390 8.02 46.60 -48.22
N LYS F 391 9.34 46.78 -48.18
CA LYS F 391 9.93 47.74 -47.24
C LYS F 391 9.45 49.15 -47.53
N PHE F 392 9.18 49.47 -48.79
CA PHE F 392 8.69 50.80 -49.12
C PHE F 392 7.35 51.06 -48.44
N VAL F 393 6.45 50.07 -48.45
CA VAL F 393 5.18 50.24 -47.76
C VAL F 393 5.36 50.17 -46.24
N GLU F 394 6.29 49.33 -45.79
CA GLU F 394 6.55 49.22 -44.36
C GLU F 394 7.06 50.53 -43.79
N MET F 395 7.65 51.37 -44.63
CA MET F 395 8.12 52.67 -44.16
C MET F 395 6.97 53.52 -43.62
N SER F 396 5.72 53.17 -43.97
CA SER F 396 4.56 53.83 -43.41
C SER F 396 3.66 52.91 -42.61
N TYR F 397 3.70 51.60 -42.84
CA TYR F 397 2.86 50.71 -42.05
C TYR F 397 3.14 50.91 -40.56
N ASP F 398 4.42 50.86 -40.16
CA ASP F 398 4.75 51.13 -38.76
C ASP F 398 4.32 52.53 -38.37
N HIS F 399 4.20 53.45 -39.34
CA HIS F 399 3.65 54.78 -39.10
C HIS F 399 2.14 54.74 -38.82
N LEU F 400 1.56 53.55 -38.71
CA LEU F 400 0.19 53.43 -38.26
C LEU F 400 0.14 52.74 -36.91
N PRO F 401 -0.63 53.25 -35.95
CA PRO F 401 -0.77 52.56 -34.67
C PRO F 401 -1.34 51.16 -34.83
N GLN F 402 -1.29 50.39 -33.73
CA GLN F 402 -1.67 48.99 -33.81
C GLN F 402 -3.14 48.83 -34.20
N GLU F 403 -4.01 49.68 -33.68
CA GLU F 403 -5.42 49.57 -34.00
C GLU F 403 -5.65 49.74 -35.50
N VAL F 404 -5.10 50.81 -36.07
CA VAL F 404 -5.24 51.01 -37.51
C VAL F 404 -4.31 50.08 -38.28
N GLN F 405 -3.25 49.60 -37.64
CA GLN F 405 -2.48 48.53 -38.25
C GLN F 405 -3.37 47.35 -38.58
N THR F 406 -4.14 46.89 -37.60
CA THR F 406 -5.01 45.75 -37.82
C THR F 406 -6.16 46.10 -38.74
N CYS F 407 -6.96 47.11 -38.36
CA CYS F 407 -8.05 47.55 -39.23
C CYS F 407 -7.59 47.73 -40.67
N PHE F 408 -6.31 48.02 -40.87
CA PHE F 408 -5.75 48.08 -42.22
C PHE F 408 -5.65 46.69 -42.82
N LEU F 409 -5.00 45.76 -42.11
CA LEU F 409 -4.79 44.42 -42.68
C LEU F 409 -6.12 43.79 -43.10
N TYR F 410 -7.21 44.17 -42.44
CA TYR F 410 -8.49 43.59 -42.79
C TYR F 410 -9.16 44.32 -43.93
N CYS F 411 -8.52 45.35 -44.49
CA CYS F 411 -8.79 45.72 -45.88
C CYS F 411 -8.16 44.73 -46.84
N GLY F 412 -7.23 43.90 -46.38
CA GLY F 412 -6.55 42.93 -47.21
C GLY F 412 -7.27 41.64 -47.42
N VAL F 413 -8.56 41.58 -47.07
CA VAL F 413 -9.35 40.37 -47.28
C VAL F 413 -10.31 40.52 -48.46
N PHE F 414 -10.61 41.73 -48.89
CA PHE F 414 -11.50 41.92 -50.03
C PHE F 414 -10.76 41.57 -51.31
N PRO F 415 -11.39 40.87 -52.26
CA PRO F 415 -10.64 40.34 -53.40
C PRO F 415 -9.93 41.44 -54.20
N ARG F 416 -8.83 41.05 -54.83
CA ARG F 416 -8.04 42.01 -55.60
C ARG F 416 -8.90 42.68 -56.65
N GLY F 417 -8.85 44.00 -56.71
CA GLY F 417 -9.70 44.76 -57.59
C GLY F 417 -11.10 45.00 -57.07
N PHE F 418 -11.44 44.45 -55.90
CA PHE F 418 -12.75 44.67 -55.32
C PHE F 418 -12.89 46.12 -54.86
N ASP F 419 -14.14 46.57 -54.79
CA ASP F 419 -14.47 47.88 -54.24
C ASP F 419 -15.04 47.66 -52.85
N ILE F 420 -14.30 48.09 -51.83
CA ILE F 420 -14.62 47.78 -50.44
C ILE F 420 -15.57 48.87 -49.93
N PRO F 421 -16.84 48.55 -49.67
CA PRO F 421 -17.76 49.57 -49.20
C PRO F 421 -17.33 50.11 -47.84
N SER F 422 -17.68 51.37 -47.59
CA SER F 422 -17.32 52.00 -46.33
C SER F 422 -18.05 51.34 -45.16
N TRP F 423 -19.37 51.18 -45.28
CA TRP F 423 -20.13 50.60 -44.18
C TRP F 423 -19.79 49.12 -44.01
N LYS F 424 -19.61 48.40 -45.11
CA LYS F 424 -19.26 46.99 -45.00
C LYS F 424 -17.95 46.80 -44.25
N VAL F 425 -16.91 47.53 -44.64
CA VAL F 425 -15.61 47.38 -43.97
C VAL F 425 -15.67 47.91 -42.54
N ILE F 426 -16.45 48.96 -42.31
CA ILE F 426 -16.57 49.49 -40.96
C ILE F 426 -17.14 48.41 -40.04
N ARG F 427 -18.25 47.81 -40.45
CA ARG F 427 -18.87 46.79 -39.62
C ARG F 427 -18.04 45.51 -39.59
N LEU F 428 -17.22 45.28 -40.62
CA LEU F 428 -16.35 44.12 -40.60
C LEU F 428 -15.26 44.28 -39.55
N TRP F 429 -14.59 45.43 -39.55
CA TRP F 429 -13.68 45.75 -38.45
C TRP F 429 -14.39 45.58 -37.12
N ILE F 430 -15.46 46.34 -36.90
CA ILE F 430 -16.13 46.35 -35.61
C ILE F 430 -16.70 45.00 -35.24
N ALA F 431 -16.84 44.09 -36.20
CA ALA F 431 -17.37 42.76 -35.94
C ALA F 431 -16.27 41.72 -35.73
N GLU F 432 -15.06 41.98 -36.21
CA GLU F 432 -13.95 41.06 -35.99
C GLU F 432 -13.30 41.26 -34.62
N GLY F 433 -13.72 42.26 -33.86
CA GLY F 433 -13.12 42.56 -32.58
C GLY F 433 -11.83 43.35 -32.67
N LEU F 434 -11.47 43.83 -33.86
CA LEU F 434 -10.21 44.55 -34.01
C LEU F 434 -10.25 45.90 -33.29
N ILE F 435 -11.32 46.67 -33.48
CA ILE F 435 -11.42 47.98 -32.84
C ILE F 435 -11.77 47.78 -31.37
N LYS F 436 -11.43 48.77 -30.54
CA LYS F 436 -11.73 48.75 -29.13
C LYS F 436 -12.47 50.01 -28.72
N PRO F 437 -13.29 49.96 -27.68
CA PRO F 437 -14.11 51.11 -27.32
C PRO F 437 -13.27 52.27 -26.83
N GLN F 438 -13.83 53.48 -26.97
CA GLN F 438 -13.17 54.71 -26.53
C GLN F 438 -14.11 55.50 -25.64
N GLU F 439 -13.53 56.41 -24.86
CA GLU F 439 -14.18 56.90 -23.66
C GLU F 439 -15.47 57.66 -23.97
N SER F 440 -15.45 58.50 -25.00
CA SER F 440 -16.61 59.32 -25.33
C SER F 440 -17.12 59.10 -26.74
N TYR F 441 -16.56 58.14 -27.49
CA TYR F 441 -16.93 57.93 -28.87
C TYR F 441 -17.67 56.61 -29.03
N THR F 442 -18.11 56.36 -30.25
CA THR F 442 -18.95 55.23 -30.59
C THR F 442 -18.31 54.45 -31.74
N LEU F 443 -18.38 53.12 -31.66
CA LEU F 443 -17.54 52.28 -32.51
C LEU F 443 -17.64 52.65 -33.98
N GLU F 444 -18.85 52.98 -34.46
CA GLU F 444 -19.00 53.28 -35.88
C GLU F 444 -18.14 54.48 -36.26
N GLU F 445 -18.15 55.52 -35.44
CA GLU F 445 -17.39 56.72 -35.78
C GLU F 445 -15.89 56.54 -35.57
N ILE F 446 -15.49 55.73 -34.58
CA ILE F 446 -14.07 55.41 -34.44
C ILE F 446 -13.58 54.68 -35.68
N ALA F 447 -14.36 53.71 -36.17
CA ALA F 447 -13.96 52.97 -37.35
C ALA F 447 -13.96 53.84 -38.60
N GLU F 448 -14.94 54.73 -38.72
CA GLU F 448 -14.96 55.66 -39.84
C GLU F 448 -13.75 56.58 -39.80
N PHE F 449 -13.36 57.01 -38.60
CA PHE F 449 -12.14 57.80 -38.46
C PHE F 449 -10.91 56.99 -38.83
N TYR F 450 -10.88 55.71 -38.46
CA TYR F 450 -9.73 54.88 -38.82
C TYR F 450 -9.60 54.76 -40.33
N LEU F 451 -10.70 54.52 -41.03
CA LEU F 451 -10.59 54.43 -42.48
C LEU F 451 -10.31 55.80 -43.11
N ASN F 452 -10.90 56.85 -42.55
CA ASN F 452 -10.58 58.21 -43.00
C ASN F 452 -9.08 58.43 -42.96
N ASP F 453 -8.45 58.06 -41.83
CA ASP F 453 -7.01 58.18 -41.73
C ASP F 453 -6.31 57.27 -42.71
N LEU F 454 -6.81 56.05 -42.87
CA LEU F 454 -6.19 55.09 -43.79
C LEU F 454 -6.20 55.64 -45.21
N VAL F 455 -7.05 56.61 -45.48
CA VAL F 455 -6.96 57.34 -46.74
C VAL F 455 -6.08 58.57 -46.59
N ASN F 456 -6.04 59.18 -45.40
CA ASN F 456 -5.18 60.35 -45.19
C ASN F 456 -3.73 59.99 -45.42
N ARG F 457 -3.31 58.82 -44.96
CA ARG F 457 -1.93 58.35 -45.13
C ARG F 457 -1.69 57.72 -46.49
N ASN F 458 -2.58 57.97 -47.46
CA ASN F 458 -2.54 57.38 -48.79
C ASN F 458 -2.56 55.86 -48.75
N LEU F 459 -2.86 55.27 -47.60
CA LEU F 459 -2.74 53.83 -47.46
C LEU F 459 -3.78 53.07 -48.24
N VAL F 460 -4.98 53.62 -48.40
CA VAL F 460 -6.10 52.89 -48.97
C VAL F 460 -6.82 53.80 -49.97
N ILE F 461 -6.77 53.44 -51.26
CA ILE F 461 -7.41 54.25 -52.29
C ILE F 461 -8.83 54.58 -51.87
N LEU F 462 -9.27 55.77 -52.27
CA LEU F 462 -10.64 56.23 -52.03
C LEU F 462 -11.14 56.88 -53.31
N GLN F 463 -11.91 56.15 -54.12
CA GLN F 463 -12.53 56.73 -55.31
C GLN F 463 -14.04 56.48 -55.23
N GLN F 464 -14.70 57.28 -54.38
CA GLN F 464 -16.13 57.54 -54.41
C GLN F 464 -16.44 58.39 -53.19
N LYS F 465 -17.58 59.08 -53.19
CA LYS F 465 -17.88 59.97 -52.07
C LYS F 465 -19.38 60.13 -51.95
N ARG F 466 -19.93 59.77 -50.79
CA ARG F 466 -21.32 60.06 -50.47
C ARG F 466 -21.53 61.56 -50.56
N SER F 467 -22.79 62.00 -50.58
CA SER F 467 -23.06 63.44 -50.65
C SER F 467 -22.28 64.19 -49.58
N ASP F 468 -22.17 63.61 -48.38
CA ASP F 468 -21.38 64.23 -47.32
C ASP F 468 -19.90 64.27 -47.66
N GLY F 469 -19.45 63.53 -48.67
CA GLY F 469 -18.05 63.49 -49.02
C GLY F 469 -17.24 62.49 -48.23
N GLN F 470 -17.87 61.68 -47.38
CA GLN F 470 -17.14 60.66 -46.67
C GLN F 470 -16.87 59.47 -47.58
N ILE F 471 -16.03 58.56 -47.10
CA ILE F 471 -15.64 57.40 -47.91
C ILE F 471 -16.90 56.64 -48.30
N LYS F 472 -17.07 56.43 -49.61
CA LYS F 472 -18.14 55.59 -50.13
C LYS F 472 -17.64 54.28 -50.72
N THR F 473 -16.42 54.26 -51.25
CA THR F 473 -15.74 53.02 -51.56
C THR F 473 -14.25 53.24 -51.32
N CYS F 474 -13.55 52.13 -51.08
CA CYS F 474 -12.10 52.18 -50.93
C CYS F 474 -11.54 50.87 -51.47
N ARG F 475 -10.36 50.96 -52.07
CA ARG F 475 -9.72 49.80 -52.66
C ARG F 475 -8.30 49.69 -52.13
N LEU F 476 -7.76 48.48 -52.16
CA LEU F 476 -6.39 48.22 -51.79
C LEU F 476 -5.58 48.05 -53.07
N HIS F 477 -4.58 48.91 -53.26
CA HIS F 477 -3.84 48.88 -54.51
C HIS F 477 -3.19 47.51 -54.69
N VAL F 478 -3.25 47.01 -55.95
CA VAL F 478 -2.81 45.65 -56.24
C VAL F 478 -1.55 45.28 -55.46
N MET F 479 -0.52 46.11 -55.56
CA MET F 479 0.68 45.85 -54.77
C MET F 479 0.38 45.87 -53.28
N LEU F 480 -0.35 46.89 -52.82
CA LEU F 480 -0.69 46.95 -51.41
C LEU F 480 -1.62 45.80 -51.03
N HIS F 481 -2.45 45.35 -51.97
CA HIS F 481 -3.32 44.21 -51.68
C HIS F 481 -2.50 42.96 -51.41
N GLN F 482 -1.54 42.66 -52.28
CA GLN F 482 -0.69 41.51 -52.04
C GLN F 482 0.12 41.68 -50.76
N PHE F 483 0.55 42.91 -50.47
CA PHE F 483 1.27 43.14 -49.21
C PHE F 483 0.40 42.79 -48.01
N CYS F 484 -0.84 43.28 -48.00
CA CYS F 484 -1.72 43.02 -46.88
C CYS F 484 -2.05 41.53 -46.77
N LYS F 485 -2.30 40.87 -47.90
CA LYS F 485 -2.62 39.46 -47.87
C LYS F 485 -1.46 38.67 -47.29
N LYS F 486 -0.23 38.93 -47.77
CA LYS F 486 0.92 38.20 -47.28
C LYS F 486 1.23 38.54 -45.83
N GLU F 487 1.00 39.79 -45.43
CA GLU F 487 1.27 40.19 -44.04
C GLU F 487 0.30 39.50 -43.09
N ALA F 488 -1.00 39.50 -43.43
CA ALA F 488 -1.96 38.76 -42.65
C ALA F 488 -1.60 37.29 -42.58
N SER F 489 -1.26 36.70 -43.73
CA SER F 489 -0.90 35.28 -43.76
C SER F 489 0.27 34.99 -42.83
N ASN F 490 1.29 35.86 -42.83
CA ASN F 490 2.37 35.70 -41.88
C ASN F 490 1.86 35.78 -40.45
N LYS F 491 1.00 36.75 -40.17
CA LYS F 491 0.38 36.85 -38.85
C LYS F 491 -0.81 35.93 -38.69
N TRP F 492 -1.33 35.35 -39.78
CA TRP F 492 -2.40 34.37 -39.83
C TRP F 492 -3.77 34.98 -39.54
N LEU F 493 -3.89 36.30 -39.38
CA LEU F 493 -5.17 36.89 -39.04
C LEU F 493 -6.27 36.44 -40.00
N PHE F 494 -5.90 36.08 -41.22
CA PHE F 494 -6.79 35.40 -42.17
C PHE F 494 -5.96 34.96 -43.36
N GLN F 495 -6.62 34.41 -44.38
CA GLN F 495 -5.92 33.81 -45.50
C GLN F 495 -6.90 33.67 -46.65
N GLU F 496 -6.35 33.48 -47.85
CA GLU F 496 -7.13 33.24 -49.06
C GLU F 496 -6.87 31.82 -49.54
N VAL F 497 -7.92 31.01 -49.62
CA VAL F 497 -7.78 29.64 -50.06
C VAL F 497 -7.46 29.62 -51.55
N SER F 498 -6.63 28.66 -51.96
CA SER F 498 -6.26 28.50 -53.35
C SER F 498 -5.82 27.05 -53.57
N LEU F 499 -5.58 26.71 -54.84
CA LEU F 499 -5.17 25.35 -55.17
C LEU F 499 -4.55 25.34 -56.56
N THR F 500 -3.33 24.82 -56.66
CA THR F 500 -2.76 24.52 -57.97
C THR F 500 -3.45 23.28 -58.51
N PRO F 501 -4.08 23.35 -59.68
CA PRO F 501 -5.16 22.39 -60.00
C PRO F 501 -5.77 21.70 -58.79
N ASP F 502 -5.06 20.74 -58.19
CA ASP F 502 -5.53 20.02 -57.03
C ASP F 502 -4.95 20.67 -55.76
N GLN F 503 -5.01 19.97 -54.63
CA GLN F 503 -4.38 20.41 -53.39
C GLN F 503 -5.14 21.56 -52.73
N ALA F 504 -4.54 22.19 -51.71
CA ALA F 504 -5.27 23.12 -50.85
C ALA F 504 -4.62 24.49 -50.74
N ILE F 505 -3.58 24.79 -51.52
CA ILE F 505 -2.98 26.11 -51.52
C ILE F 505 -2.46 26.43 -52.91
N ASP F 509 -1.62 24.81 -46.09
CA ASP F 509 -2.14 24.19 -44.88
C ASP F 509 -3.16 25.12 -44.22
N PRO F 510 -4.39 25.13 -44.75
CA PRO F 510 -5.43 26.00 -44.18
C PRO F 510 -5.61 25.84 -42.67
N ASN F 511 -5.09 24.74 -42.11
CA ASN F 511 -5.10 24.60 -40.66
C ASN F 511 -4.31 25.71 -39.98
N LYS F 512 -3.38 26.34 -40.69
CA LYS F 512 -2.68 27.53 -40.21
C LYS F 512 -3.34 28.80 -40.75
N SER F 513 -4.66 28.77 -40.91
CA SER F 513 -5.44 29.91 -41.39
C SER F 513 -6.55 30.16 -40.38
N ARG F 514 -6.37 31.17 -39.53
CA ARG F 514 -7.40 31.49 -38.56
C ARG F 514 -8.72 31.83 -39.23
N ARG F 515 -8.69 32.22 -40.50
CA ARG F 515 -9.89 32.47 -41.26
C ARG F 515 -9.64 32.12 -42.71
N LEU F 516 -10.73 31.90 -43.45
CA LEU F 516 -10.65 31.48 -44.84
C LEU F 516 -11.40 32.48 -45.71
N CYS F 517 -10.73 33.01 -46.72
CA CYS F 517 -11.35 33.84 -47.74
C CYS F 517 -11.29 33.06 -49.05
N ILE F 518 -12.44 32.67 -49.57
CA ILE F 518 -12.54 31.78 -50.72
C ILE F 518 -13.29 32.51 -51.83
N GLN F 519 -12.73 32.48 -53.04
CA GLN F 519 -13.44 33.00 -54.19
C GLN F 519 -14.58 32.04 -54.57
N PRO F 520 -15.68 32.57 -55.10
CA PRO F 520 -16.79 31.68 -55.50
C PRO F 520 -16.37 30.62 -56.52
N SER F 521 -15.50 30.98 -57.45
CA SER F 521 -15.11 30.04 -58.50
C SER F 521 -14.48 28.79 -57.92
N ASN F 522 -13.72 28.93 -56.82
CA ASN F 522 -13.07 27.81 -56.16
C ASN F 522 -13.88 27.30 -54.98
N LEU F 523 -15.13 27.75 -54.84
CA LEU F 523 -15.94 27.39 -53.68
C LEU F 523 -16.45 25.95 -53.78
N LYS F 524 -17.05 25.59 -54.91
CA LYS F 524 -17.63 24.26 -55.04
C LYS F 524 -16.60 23.18 -54.81
N ASP F 525 -15.44 23.28 -55.46
CA ASP F 525 -14.39 22.29 -55.27
C ASP F 525 -13.91 22.28 -53.83
N PHE F 526 -13.78 23.46 -53.22
CA PHE F 526 -13.35 23.52 -51.82
C PHE F 526 -14.32 22.76 -50.92
N LEU F 527 -15.59 22.67 -51.32
CA LEU F 527 -16.53 21.81 -50.62
C LEU F 527 -16.32 20.34 -50.99
N SER F 528 -15.81 20.07 -52.18
CA SER F 528 -15.64 18.68 -52.62
C SER F 528 -14.73 17.90 -51.67
N LYS F 529 -13.82 18.58 -50.99
CA LYS F 529 -12.97 17.94 -50.00
C LYS F 529 -13.64 17.79 -48.65
N LYS F 530 -14.90 18.19 -48.53
CA LYS F 530 -15.64 18.08 -47.27
C LYS F 530 -14.93 18.87 -46.19
N PRO F 531 -14.88 20.19 -46.31
CA PRO F 531 -14.14 20.99 -45.32
C PRO F 531 -14.69 20.83 -43.92
N SER F 532 -13.79 20.81 -42.95
CA SER F 532 -14.17 20.71 -41.54
C SER F 532 -13.08 21.38 -40.72
N ALA F 533 -13.46 22.42 -39.96
CA ALA F 533 -12.51 23.17 -39.17
C ALA F 533 -13.18 23.66 -37.89
N GLU F 534 -12.35 23.89 -36.88
CA GLU F 534 -12.78 24.45 -35.60
C GLU F 534 -12.10 25.78 -35.30
N HIS F 535 -10.81 25.89 -35.58
CA HIS F 535 -10.10 27.15 -35.38
C HIS F 535 -10.61 28.25 -36.29
N VAL F 536 -11.13 27.90 -37.48
CA VAL F 536 -11.72 28.91 -38.35
C VAL F 536 -12.74 29.72 -37.57
N ARG F 537 -12.79 31.03 -37.84
CA ARG F 537 -13.70 31.89 -37.09
C ARG F 537 -14.38 32.92 -37.98
N SER F 538 -14.57 32.61 -39.26
CA SER F 538 -15.32 33.48 -40.16
C SER F 538 -15.42 32.77 -41.49
N PHE F 539 -16.10 33.40 -42.44
CA PHE F 539 -16.20 32.87 -43.79
C PHE F 539 -16.35 34.03 -44.75
N TYR F 540 -15.27 34.36 -45.46
CA TYR F 540 -15.27 35.44 -46.43
C TYR F 540 -15.40 34.85 -47.83
N CYS F 541 -16.50 35.18 -48.50
CA CYS F 541 -16.66 34.84 -49.91
C CYS F 541 -17.51 35.94 -50.54
N PHE F 542 -16.84 36.91 -51.16
CA PHE F 542 -17.49 38.04 -51.80
C PHE F 542 -17.58 37.81 -53.30
N SER F 543 -18.45 38.58 -53.93
CA SER F 543 -18.70 38.48 -55.37
C SER F 543 -18.07 39.68 -56.05
N SER F 544 -16.79 39.56 -56.39
CA SER F 544 -16.14 40.62 -57.18
C SER F 544 -16.83 40.77 -58.52
N LYS F 545 -17.13 39.64 -59.17
CA LYS F 545 -18.02 39.63 -60.33
C LYS F 545 -19.44 39.57 -59.79
N GLU F 546 -20.04 40.74 -59.60
CA GLU F 546 -21.29 40.85 -58.87
C GLU F 546 -22.38 40.00 -59.52
N LYS F 547 -23.15 39.31 -58.68
CA LYS F 547 -24.33 38.57 -59.10
C LYS F 547 -24.00 37.35 -59.96
N GLN F 548 -22.77 36.85 -59.89
CA GLN F 548 -22.37 35.66 -60.64
C GLN F 548 -22.53 34.42 -59.76
N ILE F 549 -23.75 34.21 -59.27
CA ILE F 549 -24.04 33.07 -58.40
C ILE F 549 -23.86 31.80 -59.22
N ARG F 550 -22.86 31.00 -58.86
CA ARG F 550 -22.56 29.77 -59.58
C ARG F 550 -23.50 28.66 -59.12
N GLY F 551 -23.29 27.45 -59.63
CA GLY F 551 -24.16 26.34 -59.34
C GLY F 551 -23.98 25.77 -57.94
N LEU F 552 -24.33 26.57 -56.93
CA LEU F 552 -24.26 26.13 -55.54
C LEU F 552 -25.60 25.55 -55.13
N THR F 553 -25.58 24.30 -54.65
CA THR F 553 -26.77 23.57 -54.27
C THR F 553 -27.06 23.71 -52.78
N PRO F 554 -28.27 23.38 -52.34
CA PRO F 554 -28.56 23.41 -50.90
C PRO F 554 -27.58 22.58 -50.08
N ASN F 555 -27.18 21.43 -50.61
CA ASN F 555 -26.16 20.62 -49.93
C ASN F 555 -24.88 21.42 -49.73
N ASP F 556 -24.52 22.28 -50.68
CA ASP F 556 -23.32 23.10 -50.51
C ASP F 556 -23.47 24.04 -49.33
N ILE F 557 -24.63 24.67 -49.19
CA ILE F 557 -24.85 25.60 -48.07
C ILE F 557 -24.84 24.85 -46.75
N LYS F 558 -25.45 23.67 -46.71
CA LYS F 558 -25.41 22.88 -45.48
C LYS F 558 -23.98 22.46 -45.13
N LEU F 559 -23.21 22.05 -46.13
CA LEU F 559 -21.82 21.67 -45.88
C LEU F 559 -21.02 22.86 -45.37
N ILE F 560 -21.29 24.05 -45.92
CA ILE F 560 -20.64 25.25 -45.41
C ILE F 560 -20.97 25.45 -43.93
N HIS F 561 -22.26 25.34 -43.59
CA HIS F 561 -22.66 25.44 -42.20
C HIS F 561 -21.87 24.45 -41.35
N LYS F 562 -21.71 23.22 -41.84
CA LYS F 562 -21.03 22.19 -41.07
C LYS F 562 -19.55 22.53 -40.87
N ALA F 563 -18.88 22.97 -41.93
CA ALA F 563 -17.43 23.07 -41.91
C ALA F 563 -16.94 24.04 -40.84
N PHE F 564 -17.60 25.19 -40.74
CA PHE F 564 -17.18 26.25 -39.82
C PHE F 564 -18.22 26.38 -38.71
N PRO F 565 -18.00 25.78 -37.54
CA PRO F 565 -19.01 25.85 -36.48
C PRO F 565 -18.85 27.06 -35.57
N LEU F 566 -17.63 27.58 -35.45
CA LEU F 566 -17.33 28.68 -34.54
C LEU F 566 -17.23 30.02 -35.27
N VAL F 567 -18.00 30.20 -36.34
CA VAL F 567 -17.87 31.41 -37.14
C VAL F 567 -18.33 32.61 -36.32
N ARG F 568 -17.49 33.65 -36.29
CA ARG F 568 -17.89 34.93 -35.73
C ARG F 568 -18.38 35.88 -36.81
N VAL F 569 -17.77 35.82 -38.00
CA VAL F 569 -18.14 36.67 -39.14
C VAL F 569 -18.44 35.77 -40.31
N LEU F 570 -19.73 35.53 -40.57
CA LEU F 570 -20.19 34.75 -41.71
C LEU F 570 -20.75 35.74 -42.73
N ASP F 571 -19.92 36.10 -43.70
CA ASP F 571 -20.27 37.12 -44.69
C ASP F 571 -20.20 36.49 -46.07
N VAL F 572 -21.36 36.22 -46.67
CA VAL F 572 -21.42 35.71 -48.03
C VAL F 572 -22.70 36.19 -48.71
N GLU F 573 -22.56 36.95 -49.80
CA GLU F 573 -23.67 37.16 -50.74
C GLU F 573 -23.14 36.83 -52.13
N SER F 574 -23.03 35.53 -52.41
CA SER F 574 -23.13 34.99 -53.76
C SER F 574 -23.58 33.55 -53.57
N LEU F 575 -24.88 33.35 -53.44
CA LEU F 575 -25.43 32.08 -52.95
C LEU F 575 -26.95 32.15 -52.94
N LYS F 576 -27.59 31.04 -52.60
CA LYS F 576 -28.99 31.01 -52.19
C LYS F 576 -28.99 30.42 -50.77
N PHE F 577 -28.78 31.29 -49.78
CA PHE F 577 -28.57 30.81 -48.42
C PHE F 577 -29.86 30.27 -47.82
N LEU F 578 -29.72 29.27 -46.97
CA LEU F 578 -30.83 28.61 -46.30
C LEU F 578 -30.55 28.53 -44.80
N PHE F 579 -31.60 28.56 -44.00
CA PHE F 579 -31.45 28.59 -42.54
C PHE F 579 -31.48 27.15 -41.99
N SER F 580 -30.47 26.39 -42.40
CA SER F 580 -30.38 25.00 -41.96
C SER F 580 -30.36 24.93 -40.43
N LYS F 581 -30.69 23.74 -39.91
CA LYS F 581 -30.70 23.55 -38.46
C LYS F 581 -29.33 23.82 -37.87
N ASP F 582 -28.28 23.27 -38.50
CA ASP F 582 -26.93 23.50 -38.01
C ASP F 582 -26.57 24.97 -38.05
N PHE F 583 -26.90 25.65 -39.15
CA PHE F 583 -26.66 27.09 -39.22
C PHE F 583 -27.31 27.82 -38.06
N ASN F 584 -28.45 27.32 -37.59
CA ASN F 584 -29.13 27.93 -36.46
C ASN F 584 -28.40 27.74 -35.15
N GLN F 585 -27.40 26.86 -35.09
CA GLN F 585 -26.64 26.64 -33.86
C GLN F 585 -25.50 27.64 -33.68
N LEU F 586 -25.14 28.39 -34.72
CA LEU F 586 -23.95 29.25 -34.68
C LEU F 586 -24.21 30.44 -33.77
N PHE F 587 -24.00 30.23 -32.46
CA PHE F 587 -24.27 31.26 -31.47
C PHE F 587 -23.13 32.28 -31.35
N HIS F 588 -21.89 31.85 -31.58
CA HIS F 588 -20.76 32.78 -31.51
C HIS F 588 -20.86 33.91 -32.52
N LEU F 589 -21.86 33.86 -33.38
CA LEU F 589 -21.90 34.67 -34.58
C LEU F 589 -21.97 36.16 -34.27
N ARG F 590 -21.28 36.95 -35.11
CA ARG F 590 -21.18 38.40 -34.96
C ARG F 590 -21.78 39.16 -36.14
N TYR F 591 -21.51 38.71 -37.37
CA TYR F 591 -21.82 39.49 -38.56
C TYR F 591 -22.36 38.56 -39.62
N ILE F 592 -23.61 38.80 -40.03
CA ILE F 592 -24.25 38.06 -41.11
C ILE F 592 -24.45 38.96 -42.32
N ALA F 593 -23.96 38.50 -43.46
CA ALA F 593 -24.24 39.09 -44.76
C ALA F 593 -24.66 37.91 -45.64
N ILE F 594 -25.96 37.68 -45.77
CA ILE F 594 -26.51 36.54 -46.50
C ILE F 594 -27.62 37.03 -47.42
N SER F 595 -28.00 36.18 -48.36
CA SER F 595 -29.07 36.49 -49.29
C SER F 595 -29.77 35.20 -49.69
N GLY F 596 -30.98 35.34 -50.20
CA GLY F 596 -31.78 34.19 -50.61
C GLY F 596 -33.24 34.60 -50.76
N ASP F 597 -34.12 33.66 -50.45
CA ASP F 597 -35.56 33.86 -50.50
C ASP F 597 -36.12 33.57 -49.11
N PHE F 598 -36.20 34.61 -48.27
CA PHE F 598 -36.70 34.51 -46.92
C PHE F 598 -37.91 35.41 -46.75
N ASN F 599 -39.02 34.84 -46.28
CA ASN F 599 -40.24 35.60 -46.07
C ASN F 599 -40.28 36.27 -44.70
N ALA F 600 -39.49 35.77 -43.74
CA ALA F 600 -39.52 36.25 -42.37
C ALA F 600 -38.32 35.66 -41.65
N ILE F 601 -37.63 36.48 -40.86
CA ILE F 601 -36.47 36.01 -40.12
C ILE F 601 -36.97 35.05 -39.05
N PRO F 602 -36.62 33.76 -39.11
CA PRO F 602 -37.07 32.84 -38.07
C PRO F 602 -36.45 33.16 -36.71
N LEU F 603 -37.08 32.60 -35.68
CA LEU F 603 -36.64 32.83 -34.31
C LEU F 603 -35.25 32.29 -34.05
N THR F 604 -34.73 31.42 -34.93
CA THR F 604 -33.40 30.86 -34.73
C THR F 604 -32.34 31.94 -34.58
N PHE F 605 -32.55 33.11 -35.19
CA PHE F 605 -31.66 34.24 -35.01
C PHE F 605 -31.73 34.83 -33.62
N GLY F 606 -32.72 34.45 -32.82
CA GLY F 606 -32.78 34.91 -31.44
C GLY F 606 -31.84 34.18 -30.50
N LYS F 607 -31.18 33.12 -30.96
CA LYS F 607 -30.20 32.39 -30.16
C LYS F 607 -28.78 32.85 -30.41
N PHE F 608 -28.58 33.87 -31.23
CA PHE F 608 -27.24 34.38 -31.55
C PHE F 608 -26.96 35.58 -30.65
N TRP F 609 -26.61 35.27 -29.39
CA TRP F 609 -26.36 36.33 -28.43
C TRP F 609 -25.13 37.15 -28.78
N ASN F 610 -24.16 36.56 -29.47
CA ASN F 610 -22.95 37.27 -29.85
C ASN F 610 -23.15 38.17 -31.06
N LEU F 611 -24.30 38.08 -31.73
CA LEU F 611 -24.50 38.84 -32.95
C LEU F 611 -24.36 40.33 -32.69
N GLN F 612 -23.70 41.02 -33.64
CA GLN F 612 -23.61 42.47 -33.63
C GLN F 612 -24.20 43.13 -34.85
N THR F 613 -24.22 42.47 -36.01
CA THR F 613 -24.72 43.07 -37.23
C THR F 613 -25.47 42.01 -38.03
N LEU F 614 -26.35 42.45 -38.92
CA LEU F 614 -27.10 41.53 -39.77
C LEU F 614 -27.54 42.24 -41.02
N ILE F 615 -27.05 41.79 -42.18
CA ILE F 615 -27.44 42.31 -43.48
C ILE F 615 -28.35 41.29 -44.15
N LEU F 616 -29.45 41.76 -44.73
CA LEU F 616 -30.40 40.89 -45.41
C LEU F 616 -30.66 41.43 -46.81
N ASN F 617 -30.58 40.54 -47.80
CA ASN F 617 -30.96 40.84 -49.19
C ASN F 617 -31.79 39.65 -49.65
N THR F 618 -33.11 39.74 -49.45
CA THR F 618 -34.02 38.64 -49.74
C THR F 618 -34.70 38.88 -51.09
N SER F 619 -34.80 37.81 -51.88
CA SER F 619 -35.42 37.87 -53.20
C SER F 619 -36.92 37.59 -53.15
N THR F 620 -37.49 37.45 -51.96
CA THR F 620 -38.90 37.12 -51.84
C THR F 620 -39.77 38.20 -52.47
N SER F 621 -40.88 37.78 -53.08
CA SER F 621 -41.87 38.71 -53.60
C SER F 621 -42.69 39.36 -52.49
N GLU F 622 -42.56 38.90 -51.26
CA GLU F 622 -43.32 39.47 -50.16
C GLU F 622 -43.03 40.97 -50.02
N SER F 623 -44.08 41.74 -49.77
CA SER F 623 -43.91 43.18 -49.60
C SER F 623 -43.18 43.53 -48.31
N THR F 624 -43.39 42.75 -47.25
CA THR F 624 -42.79 43.01 -45.96
C THR F 624 -42.17 41.74 -45.39
N LEU F 625 -41.08 41.90 -44.65
CA LEU F 625 -40.40 40.79 -44.00
C LEU F 625 -40.71 40.83 -42.51
N ASP F 626 -41.10 39.69 -41.95
CA ASP F 626 -41.44 39.59 -40.54
C ASP F 626 -40.22 39.10 -39.77
N VAL F 627 -39.79 39.89 -38.78
CA VAL F 627 -38.62 39.56 -37.98
C VAL F 627 -39.12 38.77 -36.78
N LYS F 628 -39.28 37.45 -36.98
CA LYS F 628 -39.79 36.61 -35.90
C LYS F 628 -38.80 36.55 -34.75
N ALA F 629 -37.51 36.64 -35.03
CA ALA F 629 -36.51 36.64 -33.98
C ALA F 629 -36.67 37.87 -33.10
N ASP F 630 -36.52 37.67 -31.78
CA ASP F 630 -36.60 38.78 -30.84
C ASP F 630 -35.32 39.59 -30.88
N ILE F 631 -35.27 40.58 -31.78
CA ILE F 631 -34.09 41.42 -31.90
C ILE F 631 -33.80 42.15 -30.60
N TRP F 632 -34.83 42.43 -29.81
CA TRP F 632 -34.67 43.24 -28.61
C TRP F 632 -33.79 42.54 -27.58
N ASN F 633 -33.88 41.21 -27.49
CA ASN F 633 -33.08 40.47 -26.53
C ASN F 633 -31.61 40.40 -26.90
N MET F 634 -31.27 40.52 -28.19
CA MET F 634 -29.88 40.44 -28.64
C MET F 634 -29.18 41.73 -28.25
N LEU F 635 -28.60 41.75 -27.05
CA LEU F 635 -27.97 42.96 -26.56
C LEU F 635 -26.79 43.38 -27.42
N GLN F 636 -25.98 42.41 -27.87
CA GLN F 636 -24.82 42.74 -28.68
C GLN F 636 -25.19 43.32 -30.03
N LEU F 637 -26.45 43.20 -30.44
CA LEU F 637 -26.87 43.71 -31.75
C LEU F 637 -26.54 45.19 -31.89
N ARG F 638 -26.07 45.56 -33.08
CA ARG F 638 -25.79 46.96 -33.38
C ARG F 638 -26.45 47.45 -34.65
N HIS F 639 -26.51 46.63 -35.71
CA HIS F 639 -26.99 47.07 -37.01
C HIS F 639 -27.70 45.95 -37.73
N LEU F 640 -28.93 46.22 -38.18
CA LEU F 640 -29.70 45.31 -39.00
C LEU F 640 -29.98 45.99 -40.33
N HIS F 641 -29.59 45.35 -41.42
CA HIS F 641 -29.85 45.84 -42.77
C HIS F 641 -30.73 44.86 -43.50
N THR F 642 -31.78 45.38 -44.15
CA THR F 642 -32.68 44.60 -44.98
C THR F 642 -32.88 45.32 -46.30
N ASN F 643 -33.02 44.56 -47.38
CA ASN F 643 -33.24 45.17 -48.69
C ASN F 643 -34.69 45.58 -48.89
N ILE F 644 -35.61 45.08 -48.07
CA ILE F 644 -37.02 45.43 -48.17
C ILE F 644 -37.50 45.87 -46.80
N PRO F 645 -38.62 46.58 -46.73
CA PRO F 645 -39.11 47.06 -45.44
C PRO F 645 -39.32 45.90 -44.47
N ALA F 646 -39.01 46.15 -43.20
CA ALA F 646 -39.06 45.14 -42.16
C ALA F 646 -40.23 45.40 -41.22
N LYS F 647 -40.99 44.36 -40.92
CA LYS F 647 -42.11 44.45 -39.99
C LYS F 647 -41.66 43.93 -38.63
N LEU F 648 -40.99 44.80 -37.89
CA LEU F 648 -40.49 44.44 -36.57
C LEU F 648 -41.64 44.18 -35.60
N GLN F 649 -41.30 43.56 -34.48
CA GLN F 649 -42.27 43.25 -33.43
C GLN F 649 -42.02 44.14 -32.20
N PRO F 650 -43.03 44.80 -31.65
CA PRO F 650 -42.80 45.71 -30.53
C PRO F 650 -42.20 44.94 -29.36
N PRO F 651 -41.31 45.58 -28.58
CA PRO F 651 -40.74 44.88 -27.42
C PRO F 651 -41.81 44.58 -26.38
N THR F 652 -41.78 43.35 -25.86
CA THR F 652 -42.74 42.93 -24.85
C THR F 652 -42.32 43.47 -23.48
N ALA F 653 -43.18 43.26 -22.49
CA ALA F 653 -42.88 43.74 -21.14
C ALA F 653 -41.61 43.09 -20.60
N THR F 654 -41.43 41.79 -20.83
CA THR F 654 -40.24 41.11 -20.35
C THR F 654 -38.98 41.68 -20.97
N THR F 655 -39.01 41.97 -22.27
CA THR F 655 -37.85 42.51 -22.96
C THR F 655 -37.51 43.93 -22.51
N SER F 656 -38.42 44.60 -21.79
CA SER F 656 -38.16 45.96 -21.36
C SER F 656 -36.88 46.03 -20.53
N GLY F 657 -36.05 47.02 -20.83
CA GLY F 657 -34.79 47.19 -20.13
C GLY F 657 -33.99 48.37 -20.64
N LYS F 658 -32.67 48.21 -20.72
CA LYS F 658 -31.82 49.28 -21.21
C LYS F 658 -32.07 49.53 -22.70
N ALA F 659 -31.73 50.74 -23.14
CA ALA F 659 -31.85 51.08 -24.54
C ALA F 659 -30.99 50.15 -25.39
N SER F 660 -31.54 49.70 -26.50
CA SER F 660 -30.84 48.73 -27.35
C SER F 660 -29.59 49.34 -27.96
N CYS F 661 -28.61 48.49 -28.23
CA CYS F 661 -27.37 48.90 -28.86
C CYS F 661 -27.55 49.25 -30.34
N LEU F 662 -28.72 48.98 -30.91
CA LEU F 662 -28.98 49.24 -32.32
C LEU F 662 -28.65 50.69 -32.67
N GLN F 663 -27.65 50.88 -33.54
CA GLN F 663 -27.35 52.21 -34.07
C GLN F 663 -28.06 52.44 -35.40
N THR F 664 -27.99 51.46 -36.30
CA THR F 664 -28.56 51.56 -37.64
C THR F 664 -29.64 50.51 -37.82
N LEU F 665 -30.78 50.93 -38.36
CA LEU F 665 -31.89 50.03 -38.65
C LEU F 665 -32.49 50.47 -39.98
N CYS F 666 -32.19 49.72 -41.04
CA CYS F 666 -32.50 50.13 -42.40
C CYS F 666 -33.70 49.37 -42.95
N MET F 667 -34.44 50.03 -43.84
CA MET F 667 -35.59 49.45 -44.53
C MET F 667 -36.63 48.95 -43.52
N VAL F 668 -37.21 49.93 -42.83
CA VAL F 668 -38.24 49.69 -41.82
C VAL F 668 -39.61 49.89 -42.45
N ALA F 669 -40.51 48.96 -42.21
CA ALA F 669 -41.90 49.18 -42.58
C ALA F 669 -42.50 50.24 -41.64
N PRO F 670 -43.25 51.21 -42.15
CA PRO F 670 -43.80 52.23 -41.24
C PRO F 670 -44.63 51.62 -40.12
N GLU F 671 -45.34 50.52 -40.39
CA GLU F 671 -46.04 49.82 -39.33
C GLU F 671 -45.09 49.37 -38.23
N SER F 672 -43.84 49.08 -38.59
CA SER F 672 -42.84 48.62 -37.64
C SER F 672 -42.26 49.75 -36.79
N CYS F 673 -42.77 50.97 -36.94
CA CYS F 673 -42.32 52.13 -36.17
C CYS F 673 -43.41 52.45 -35.15
N GLU F 674 -43.23 51.96 -33.93
CA GLU F 674 -44.16 52.19 -32.83
C GLU F 674 -43.48 52.97 -31.72
N LYS F 675 -44.30 53.43 -30.78
CA LYS F 675 -43.75 54.10 -29.60
C LYS F 675 -42.79 53.19 -28.85
N GLU F 676 -43.17 51.92 -28.68
CA GLU F 676 -42.36 51.01 -27.90
C GLU F 676 -41.06 50.65 -28.62
N VAL F 677 -41.15 50.35 -29.92
CA VAL F 677 -39.95 50.02 -30.68
C VAL F 677 -38.98 51.19 -30.66
N LEU F 678 -39.46 52.39 -30.97
CA LEU F 678 -38.59 53.55 -31.03
C LEU F 678 -38.04 53.90 -29.65
N ALA F 679 -38.82 53.68 -28.59
CA ALA F 679 -38.30 53.86 -27.25
C ALA F 679 -37.16 52.87 -26.96
N LYS F 680 -37.32 51.62 -27.39
CA LYS F 680 -36.28 50.62 -27.19
C LYS F 680 -35.05 50.90 -28.03
N ALA F 681 -35.16 51.71 -29.07
CA ALA F 681 -34.06 52.04 -29.96
C ALA F 681 -33.83 53.55 -30.01
N CYS F 682 -33.90 54.20 -28.84
CA CYS F 682 -33.74 55.65 -28.80
C CYS F 682 -32.39 56.08 -29.36
N HIS F 683 -31.35 55.27 -29.15
CA HIS F 683 -30.03 55.56 -29.69
C HIS F 683 -29.91 55.23 -31.18
N LEU F 684 -31.01 54.91 -31.85
CA LEU F 684 -30.95 54.63 -33.27
C LEU F 684 -30.51 55.87 -34.04
N LYS F 685 -29.55 55.68 -34.95
CA LYS F 685 -28.95 56.78 -35.69
C LYS F 685 -29.35 56.79 -37.16
N LYS F 686 -29.27 55.65 -37.84
CA LYS F 686 -29.60 55.55 -39.27
C LYS F 686 -30.88 54.73 -39.40
N LEU F 687 -32.00 55.43 -39.59
CA LEU F 687 -33.30 54.81 -39.73
C LEU F 687 -33.83 55.07 -41.13
N SER F 688 -34.38 54.04 -41.77
CA SER F 688 -35.00 54.16 -43.08
C SER F 688 -36.37 53.48 -43.05
N ILE F 689 -37.38 54.17 -43.58
CA ILE F 689 -38.76 53.70 -43.53
C ILE F 689 -39.34 53.76 -44.94
N ARG F 690 -40.01 52.69 -45.35
CA ARG F 690 -40.59 52.60 -46.69
C ARG F 690 -41.94 51.90 -46.63
N GLY F 691 -42.90 52.40 -47.39
CA GLY F 691 -44.23 51.83 -47.43
C GLY F 691 -45.27 52.81 -47.95
N GLN F 692 -46.37 52.95 -47.22
CA GLN F 692 -47.41 53.93 -47.55
C GLN F 692 -47.30 55.11 -46.60
N MET F 693 -47.25 56.30 -47.17
CA MET F 693 -46.95 57.54 -46.46
C MET F 693 -48.17 58.27 -45.93
N ALA F 694 -49.19 58.54 -46.75
CA ALA F 694 -50.32 59.33 -46.28
C ALA F 694 -50.92 58.73 -45.01
N ALA F 695 -50.85 57.41 -44.86
CA ALA F 695 -51.27 56.76 -43.63
C ALA F 695 -50.20 56.81 -42.54
N PHE F 696 -49.22 57.71 -42.67
CA PHE F 696 -48.09 57.79 -41.76
C PHE F 696 -47.92 59.17 -41.15
N LEU F 697 -48.27 60.24 -41.88
CA LEU F 697 -48.04 61.59 -41.40
C LEU F 697 -49.19 62.14 -40.55
N GLY F 698 -50.33 61.47 -40.53
CA GLY F 698 -51.49 61.99 -39.81
C GLY F 698 -51.32 61.93 -38.31
N ALA F 699 -52.23 62.62 -37.62
CA ALA F 699 -52.17 62.68 -36.15
C ALA F 699 -52.34 61.29 -35.56
N TYR F 700 -53.40 60.58 -35.94
CA TYR F 700 -53.54 59.19 -35.54
C TYR F 700 -52.50 58.29 -36.19
N LYS F 701 -51.79 58.81 -37.21
CA LYS F 701 -50.60 58.18 -37.76
C LYS F 701 -49.34 58.66 -37.05
N GLY F 702 -49.45 58.97 -35.77
CA GLY F 702 -48.36 59.57 -35.02
C GLY F 702 -47.13 58.69 -34.90
N GLY F 703 -47.11 57.56 -35.60
CA GLY F 703 -45.87 56.84 -35.81
C GLY F 703 -44.77 57.81 -36.19
N ILE F 704 -45.14 58.82 -36.98
CA ILE F 704 -44.23 59.93 -37.23
C ILE F 704 -43.99 60.72 -35.94
N ASN F 705 -45.06 60.97 -35.17
CA ASN F 705 -44.88 61.58 -33.86
C ASN F 705 -44.08 60.69 -32.93
N ASN F 706 -44.13 59.38 -33.14
CA ASN F 706 -43.36 58.46 -32.32
C ASN F 706 -41.86 58.63 -32.51
N LEU F 707 -41.44 59.30 -33.58
CA LEU F 707 -40.02 59.49 -33.82
C LEU F 707 -39.36 60.34 -32.74
N VAL F 708 -40.15 61.03 -31.93
CA VAL F 708 -39.63 61.83 -30.83
C VAL F 708 -38.83 60.93 -29.89
N GLU F 709 -39.14 59.63 -29.90
CA GLU F 709 -38.41 58.68 -29.07
C GLU F 709 -36.93 58.65 -29.44
N LEU F 710 -36.62 58.63 -30.73
CA LEU F 710 -35.23 58.57 -31.16
C LEU F 710 -34.48 59.81 -30.70
N LYS F 711 -33.29 59.59 -30.13
CA LYS F 711 -32.47 60.66 -29.58
C LYS F 711 -31.34 61.08 -30.50
N CYS F 712 -30.54 60.13 -30.98
CA CYS F 712 -29.39 60.41 -31.82
C CYS F 712 -29.63 60.04 -33.28
N LEU F 713 -30.89 60.12 -33.73
CA LEU F 713 -31.20 59.86 -35.12
C LEU F 713 -30.48 60.85 -36.02
N GLU F 714 -29.85 60.34 -37.09
CA GLU F 714 -29.17 61.19 -38.06
C GLU F 714 -29.71 61.04 -39.47
N GLN F 715 -29.92 59.81 -39.95
CA GLN F 715 -30.41 59.57 -41.30
C GLN F 715 -31.87 59.16 -41.27
N LEU F 716 -32.60 59.55 -42.31
CA LEU F 716 -34.02 59.23 -42.41
C LEU F 716 -34.40 59.23 -43.88
N LYS F 717 -34.63 58.04 -44.43
CA LYS F 717 -34.98 57.86 -45.83
C LYS F 717 -36.46 57.49 -45.92
N LEU F 718 -37.22 58.27 -46.69
CA LEU F 718 -38.65 58.05 -46.87
C LEU F 718 -38.90 57.58 -48.29
N LEU F 719 -39.51 56.41 -48.42
CA LEU F 719 -39.74 55.78 -49.72
C LEU F 719 -41.19 55.30 -49.78
N ASN F 720 -41.91 55.69 -50.83
CA ASN F 720 -43.28 55.26 -51.05
C ASN F 720 -43.30 54.18 -52.11
N ASP F 721 -43.90 53.04 -51.78
CA ASP F 721 -43.95 51.92 -52.71
C ASP F 721 -45.16 51.97 -53.64
N VAL F 722 -46.06 52.93 -53.44
CA VAL F 722 -47.26 53.06 -54.27
C VAL F 722 -47.09 54.27 -55.18
N LEU F 723 -47.36 54.08 -56.47
CA LEU F 723 -47.32 55.17 -57.43
C LEU F 723 -48.65 55.88 -57.56
N TYR F 724 -49.75 55.18 -57.30
CA TYR F 724 -51.09 55.78 -57.34
C TYR F 724 -51.49 56.13 -55.91
N MET F 725 -51.53 57.43 -55.61
CA MET F 725 -51.76 57.91 -54.26
C MET F 725 -53.18 58.41 -54.12
N ASN F 726 -53.86 58.00 -53.05
CA ASN F 726 -55.21 58.47 -52.79
C ASN F 726 -55.23 59.98 -52.55
N LYS F 727 -54.38 60.46 -51.66
CA LYS F 727 -54.29 61.88 -51.35
C LYS F 727 -52.84 62.26 -51.11
N ALA F 728 -52.42 63.38 -51.69
CA ALA F 728 -51.04 63.82 -51.52
C ALA F 728 -50.76 64.09 -50.04
N PRO F 729 -49.68 63.57 -49.48
CA PRO F 729 -49.42 63.75 -48.05
C PRO F 729 -49.02 65.19 -47.75
N HIS F 730 -48.68 65.41 -46.48
CA HIS F 730 -48.34 66.74 -46.00
C HIS F 730 -47.42 66.61 -44.80
N LEU F 731 -46.25 67.24 -44.89
CA LEU F 731 -45.28 67.20 -43.81
C LEU F 731 -45.88 67.80 -42.54
N PRO F 732 -46.07 67.03 -41.48
CA PRO F 732 -46.70 67.60 -40.28
C PRO F 732 -45.87 68.73 -39.71
N GLN F 733 -46.57 69.76 -39.20
CA GLN F 733 -45.86 70.92 -38.65
C GLN F 733 -44.85 70.50 -37.60
N THR F 734 -45.20 69.47 -36.81
CA THR F 734 -44.26 68.95 -35.83
C THR F 734 -43.03 68.33 -36.49
N PHE F 735 -43.14 67.93 -37.76
CA PHE F 735 -42.06 67.26 -38.48
C PHE F 735 -40.73 67.97 -38.22
N SER F 736 -40.76 69.30 -38.08
CA SER F 736 -39.52 70.04 -37.85
C SER F 736 -38.83 69.56 -36.58
N GLN F 737 -39.55 69.54 -35.46
CA GLN F 737 -38.96 69.09 -34.21
C GLN F 737 -39.10 67.59 -34.01
N LEU F 738 -39.89 66.91 -34.84
CA LEU F 738 -39.95 65.46 -34.77
C LEU F 738 -38.60 64.84 -35.14
N VAL F 739 -37.94 65.40 -36.15
CA VAL F 739 -36.70 64.84 -36.69
C VAL F 739 -35.57 65.86 -36.49
N ARG F 740 -35.66 66.63 -35.39
CA ARG F 740 -34.69 67.70 -35.19
C ARG F 740 -33.25 67.18 -35.20
N THR F 741 -33.04 65.93 -34.80
CA THR F 741 -31.69 65.38 -34.77
C THR F 741 -31.22 64.83 -36.12
N VAL F 742 -32.12 64.75 -37.10
CA VAL F 742 -31.75 64.18 -38.40
C VAL F 742 -30.70 65.05 -39.06
N LYS F 743 -29.64 64.41 -39.57
CA LYS F 743 -28.61 65.08 -40.35
C LYS F 743 -28.75 64.81 -41.84
N LYS F 744 -29.12 63.58 -42.21
CA LYS F 744 -29.37 63.22 -43.60
C LYS F 744 -30.82 62.82 -43.75
N LEU F 745 -31.42 63.19 -44.90
CA LEU F 745 -32.85 62.99 -45.10
C LEU F 745 -33.10 62.86 -46.60
N THR F 746 -33.32 61.63 -47.05
CA THR F 746 -33.56 61.34 -48.47
C THR F 746 -35.05 61.04 -48.66
N LEU F 747 -35.69 61.79 -49.53
CA LEU F 747 -37.09 61.58 -49.89
C LEU F 747 -37.16 60.98 -51.28
N THR F 748 -37.87 59.87 -51.41
CA THR F 748 -38.00 59.16 -52.68
C THR F 748 -39.47 58.87 -52.95
N ASN F 749 -39.93 59.21 -54.15
CA ASN F 749 -41.30 58.91 -54.59
C ASN F 749 -42.33 59.45 -53.59
N THR F 750 -42.15 60.67 -53.13
CA THR F 750 -43.06 61.27 -52.16
C THR F 750 -44.07 62.21 -52.79
N ARG F 751 -43.75 62.79 -53.95
CA ARG F 751 -44.67 63.66 -54.68
C ARG F 751 -45.25 64.74 -53.76
N PHE F 752 -44.34 65.55 -53.21
CA PHE F 752 -44.68 66.58 -52.25
C PHE F 752 -44.70 67.94 -52.93
N ALA F 753 -45.66 68.78 -52.55
CA ALA F 753 -45.73 70.13 -53.09
C ALA F 753 -44.55 70.95 -52.61
N TRP F 754 -43.98 71.73 -53.53
CA TRP F 754 -42.79 72.51 -53.21
C TRP F 754 -43.04 73.48 -52.07
N SER F 755 -44.31 73.83 -51.80
CA SER F 755 -44.62 74.55 -50.58
C SER F 755 -44.15 73.78 -49.35
N GLU F 756 -44.18 72.45 -49.41
CA GLU F 756 -43.71 71.64 -48.29
C GLU F 756 -42.20 71.78 -48.09
N ALA F 757 -41.47 72.18 -49.12
CA ALA F 757 -40.04 72.44 -48.94
C ALA F 757 -39.82 73.57 -47.95
N ASP F 758 -40.69 74.57 -47.93
CA ASP F 758 -40.59 75.63 -46.94
C ASP F 758 -40.68 75.06 -45.53
N LYS F 759 -41.58 74.10 -45.32
CA LYS F 759 -41.62 73.40 -44.04
C LYS F 759 -40.31 72.65 -43.81
N LEU F 760 -39.73 72.10 -44.88
CA LEU F 760 -38.46 71.39 -44.76
C LEU F 760 -37.31 72.37 -44.52
N GLY F 761 -37.59 73.66 -44.61
CA GLY F 761 -36.57 74.67 -44.32
C GLY F 761 -36.42 74.96 -42.84
N GLN F 762 -37.16 74.23 -41.99
CA GLN F 762 -37.19 74.50 -40.56
C GLN F 762 -36.44 73.47 -39.73
N LEU F 763 -35.63 72.61 -40.36
CA LEU F 763 -34.80 71.67 -39.61
C LEU F 763 -33.49 72.34 -39.22
N GLU F 764 -33.19 72.30 -37.93
CA GLU F 764 -31.97 72.92 -37.43
C GLU F 764 -30.75 72.09 -37.80
N SER F 765 -30.83 70.77 -37.66
CA SER F 765 -29.70 69.88 -37.85
C SER F 765 -29.67 69.26 -39.24
N LEU F 766 -30.58 69.63 -40.12
CA LEU F 766 -30.56 69.10 -41.48
C LEU F 766 -29.23 69.43 -42.15
N GLU F 767 -28.58 68.43 -42.72
CA GLU F 767 -27.24 68.59 -43.26
C GLU F 767 -27.16 68.11 -44.71
N ILE F 768 -27.89 67.05 -45.04
CA ILE F 768 -27.92 66.51 -46.39
C ILE F 768 -29.36 66.30 -46.81
N LEU F 769 -29.61 66.36 -48.11
CA LEU F 769 -30.97 66.42 -48.65
C LEU F 769 -30.98 65.80 -50.04
N LYS F 770 -31.68 64.68 -50.19
CA LYS F 770 -31.82 64.00 -51.48
C LYS F 770 -33.30 63.91 -51.85
N PHE F 771 -33.62 64.40 -53.05
CA PHE F 771 -34.95 64.24 -53.65
C PHE F 771 -34.77 63.31 -54.85
N LYS F 772 -35.33 62.10 -54.75
CA LYS F 772 -35.16 61.07 -55.77
C LYS F 772 -36.52 60.65 -56.32
N GLU F 773 -36.59 60.49 -57.63
CA GLU F 773 -37.79 59.97 -58.29
C GLU F 773 -39.02 60.82 -57.97
N ASN F 774 -38.98 62.07 -58.42
CA ASN F 774 -40.10 62.99 -58.27
C ASN F 774 -40.54 63.06 -56.81
N ALA F 775 -39.57 63.23 -55.91
CA ALA F 775 -39.88 63.31 -54.50
C ALA F 775 -40.81 64.48 -54.20
N PHE F 776 -40.54 65.62 -54.81
CA PHE F 776 -41.39 66.80 -54.69
C PHE F 776 -42.11 67.04 -56.02
N ALA F 777 -43.42 67.22 -55.94
CA ALA F 777 -44.26 67.41 -57.12
C ALA F 777 -44.54 68.89 -57.30
N GLY F 778 -44.22 69.42 -58.49
CA GLY F 778 -44.45 70.82 -58.78
C GLY F 778 -43.67 71.27 -59.99
N ASP F 779 -44.30 72.08 -60.84
CA ASP F 779 -43.65 72.54 -62.05
C ASP F 779 -42.43 73.39 -61.74
N SER F 780 -42.52 74.24 -60.73
CA SER F 780 -41.41 75.11 -60.35
C SER F 780 -41.28 75.15 -58.84
N TRP F 781 -40.08 75.45 -58.37
CA TRP F 781 -39.78 75.50 -56.95
C TRP F 781 -39.40 76.92 -56.57
N LYS F 782 -40.08 77.46 -55.55
CA LYS F 782 -39.83 78.81 -55.05
C LYS F 782 -39.63 78.74 -53.54
N PRO F 783 -38.49 78.25 -53.08
CA PRO F 783 -38.24 78.17 -51.64
C PRO F 783 -38.17 79.55 -51.01
N LYS F 784 -38.60 79.63 -49.75
CA LYS F 784 -38.57 80.87 -49.00
C LYS F 784 -37.77 80.75 -47.71
N MET F 785 -37.91 79.65 -46.98
CA MET F 785 -37.13 79.45 -45.76
C MET F 785 -35.66 79.29 -46.09
N GLY F 786 -34.81 79.85 -45.24
CA GLY F 786 -33.38 79.68 -45.40
C GLY F 786 -32.90 78.37 -44.80
N PHE F 787 -32.04 77.68 -45.54
CA PHE F 787 -31.46 76.42 -45.08
C PHE F 787 -30.12 76.76 -44.43
N SER F 788 -30.19 77.11 -43.15
CA SER F 788 -29.06 77.74 -42.47
C SER F 788 -27.84 76.85 -42.37
N ALA F 789 -27.97 75.54 -42.60
CA ALA F 789 -26.86 74.61 -42.41
C ALA F 789 -26.64 73.63 -43.54
N LEU F 790 -27.64 73.37 -44.39
CA LEU F 790 -27.51 72.31 -45.37
C LEU F 790 -26.26 72.51 -46.21
N ARG F 791 -25.51 71.43 -46.40
CA ARG F 791 -24.23 71.46 -47.10
C ARG F 791 -24.30 70.87 -48.51
N VAL F 792 -24.99 69.76 -48.69
CA VAL F 792 -25.04 69.07 -49.97
C VAL F 792 -26.51 68.93 -50.35
N LEU F 793 -26.98 69.80 -51.25
CA LEU F 793 -28.27 69.57 -51.89
C LEU F 793 -28.14 68.45 -52.92
N TRP F 794 -29.25 67.79 -53.19
CA TRP F 794 -29.21 66.60 -54.04
C TRP F 794 -30.61 66.37 -54.59
N ILE F 795 -30.75 66.45 -55.91
CA ILE F 795 -32.04 66.28 -56.58
C ILE F 795 -31.84 65.33 -57.75
N GLU F 796 -32.56 64.21 -57.74
CA GLU F 796 -32.49 63.22 -58.81
C GLU F 796 -33.86 63.08 -59.47
N ARG F 797 -33.87 63.12 -60.81
CA ARG F 797 -35.08 62.87 -61.59
C ARG F 797 -36.24 63.70 -61.07
N ALA F 798 -36.10 65.01 -61.17
CA ALA F 798 -37.11 65.95 -60.69
C ALA F 798 -37.80 66.60 -61.88
N GLU F 799 -39.14 66.64 -61.83
CA GLU F 799 -39.94 67.14 -62.93
C GLU F 799 -40.10 68.66 -62.92
N PHE F 800 -39.71 69.34 -61.86
CA PHE F 800 -39.90 70.79 -61.80
C PHE F 800 -39.12 71.47 -62.91
N GLU F 801 -39.79 72.38 -63.61
CA GLU F 801 -39.21 73.05 -64.77
C GLU F 801 -38.34 74.24 -64.41
N THR F 802 -38.65 74.96 -63.33
CA THR F 802 -37.88 76.13 -62.96
C THR F 802 -37.67 76.13 -61.45
N TRP F 803 -36.69 76.93 -61.02
CA TRP F 803 -36.33 77.01 -59.61
C TRP F 803 -35.77 78.39 -59.33
N GLU F 804 -36.22 79.01 -58.23
CA GLU F 804 -35.93 80.40 -57.91
C GLU F 804 -35.39 80.53 -56.49
N ALA F 805 -34.48 79.64 -56.11
CA ALA F 805 -33.80 79.77 -54.82
C ALA F 805 -32.87 80.98 -54.82
N SER F 806 -32.75 81.61 -53.66
CA SER F 806 -31.96 82.83 -53.51
C SER F 806 -30.87 82.59 -52.47
N GLU F 807 -30.11 83.64 -52.18
CA GLU F 807 -29.00 83.53 -51.24
C GLU F 807 -29.50 83.17 -49.85
N ILE F 808 -30.54 83.85 -49.38
CA ILE F 808 -31.06 83.58 -48.05
C ILE F 808 -31.62 82.17 -47.95
N ASN F 809 -32.13 81.64 -49.07
CA ASN F 809 -32.68 80.29 -49.04
C ASN F 809 -31.62 79.25 -48.70
N PHE F 810 -30.40 79.43 -49.23
CA PHE F 810 -29.32 78.47 -49.08
C PHE F 810 -28.03 79.17 -48.68
N PRO F 811 -27.98 79.73 -47.47
CA PRO F 811 -26.81 80.53 -47.08
C PRO F 811 -25.49 79.77 -47.12
N VAL F 812 -25.50 78.48 -46.76
CA VAL F 812 -24.26 77.74 -46.57
C VAL F 812 -24.18 76.56 -47.53
N LEU F 813 -24.76 76.71 -48.72
CA LEU F 813 -24.66 75.67 -49.73
C LEU F 813 -23.19 75.34 -49.99
N ARG F 814 -22.89 74.05 -50.01
CA ARG F 814 -21.58 73.57 -50.42
C ARG F 814 -21.62 72.68 -51.64
N ASN F 815 -22.62 71.81 -51.77
CA ASN F 815 -22.76 70.96 -52.94
C ASN F 815 -24.20 71.08 -53.45
N LEU F 816 -24.34 71.49 -54.71
CA LEU F 816 -25.62 71.53 -55.39
C LEU F 816 -25.58 70.49 -56.50
N VAL F 817 -26.31 69.40 -56.32
CA VAL F 817 -26.26 68.27 -57.24
C VAL F 817 -27.68 68.04 -57.74
N LEU F 818 -27.92 68.34 -59.02
CA LEU F 818 -29.20 68.11 -59.67
C LEU F 818 -28.95 67.13 -60.82
N MET F 819 -29.65 65.99 -60.79
CA MET F 819 -29.43 64.93 -61.75
C MET F 819 -30.75 64.53 -62.40
N SER F 820 -30.68 64.17 -63.68
CA SER F 820 -31.85 63.79 -64.46
C SER F 820 -32.93 64.87 -64.39
N CYS F 821 -32.50 66.13 -64.34
CA CYS F 821 -33.42 67.26 -64.33
C CYS F 821 -33.72 67.70 -65.78
N ASP F 822 -34.26 66.75 -66.54
CA ASP F 822 -34.61 67.02 -67.93
C ASP F 822 -35.73 68.04 -68.05
N LYS F 823 -36.42 68.35 -66.96
CA LYS F 823 -37.47 69.36 -66.96
C LYS F 823 -36.98 70.72 -66.50
N LEU F 824 -36.03 70.76 -65.57
CA LEU F 824 -35.56 72.03 -65.00
C LEU F 824 -35.07 72.95 -66.10
N GLU F 825 -35.39 74.24 -65.98
CA GLU F 825 -35.08 75.23 -66.99
C GLU F 825 -33.72 75.89 -66.75
N THR F 826 -33.54 76.49 -65.58
CA THR F 826 -32.31 77.22 -65.30
C THR F 826 -32.07 77.24 -63.80
N VAL F 827 -30.82 76.97 -63.41
CA VAL F 827 -30.44 77.16 -62.01
C VAL F 827 -30.42 78.65 -61.69
N PRO F 828 -31.08 79.12 -60.64
CA PRO F 828 -31.15 80.56 -60.38
C PRO F 828 -29.75 81.16 -60.25
N PHE F 829 -29.56 82.31 -60.90
CA PHE F 829 -28.29 83.02 -60.80
C PHE F 829 -28.01 83.48 -59.37
N GLU F 830 -29.06 83.69 -58.58
CA GLU F 830 -28.87 84.21 -57.22
C GLU F 830 -27.94 83.33 -56.41
N LEU F 831 -27.89 82.03 -56.72
CA LEU F 831 -26.99 81.13 -56.01
C LEU F 831 -25.53 81.47 -56.28
N ALA F 832 -25.25 82.30 -57.28
CA ALA F 832 -23.86 82.66 -57.58
C ALA F 832 -23.21 83.36 -56.40
N ASN F 833 -23.94 84.26 -55.74
CA ASN F 833 -23.36 85.06 -54.66
C ASN F 833 -22.83 84.18 -53.54
N LEU F 834 -23.38 82.98 -53.38
CA LEU F 834 -23.03 82.14 -52.24
C LEU F 834 -21.53 81.86 -52.21
N SER F 835 -20.84 82.42 -51.20
CA SER F 835 -19.41 82.19 -51.06
C SER F 835 -19.13 80.74 -50.68
N ASP F 836 -19.97 80.16 -49.83
CA ASP F 836 -19.75 78.78 -49.38
C ASP F 836 -19.81 77.81 -50.55
N LEU F 837 -20.77 78.00 -51.46
CA LEU F 837 -20.95 77.09 -52.58
C LEU F 837 -19.67 76.99 -53.40
N TYR F 838 -19.07 75.80 -53.43
CA TYR F 838 -17.87 75.54 -54.20
C TYR F 838 -18.01 74.40 -55.20
N GLU F 839 -18.94 73.47 -54.98
CA GLU F 839 -19.11 72.31 -55.84
C GLU F 839 -20.55 72.23 -56.32
N MET F 840 -20.71 71.74 -57.55
CA MET F 840 -22.01 71.66 -58.21
C MET F 840 -21.94 70.61 -59.31
N ARG F 841 -23.02 69.85 -59.46
CA ARG F 841 -23.06 68.76 -60.42
C ARG F 841 -24.44 68.69 -61.08
N LEU F 842 -24.44 68.74 -62.41
CA LEU F 842 -25.66 68.62 -63.20
C LEU F 842 -25.51 67.38 -64.08
N GLU F 843 -26.26 66.34 -63.75
CA GLU F 843 -26.22 65.07 -64.48
C GLU F 843 -27.49 64.92 -65.30
N ASN F 844 -27.35 64.74 -66.61
CA ASN F 844 -28.48 64.58 -67.52
C ASN F 844 -29.55 65.64 -67.23
N THR F 845 -29.14 66.89 -67.36
CA THR F 845 -30.00 68.03 -67.07
C THR F 845 -30.32 68.78 -68.36
N SER F 846 -31.46 69.46 -68.34
CA SER F 846 -31.96 70.20 -69.50
C SER F 846 -31.24 71.54 -69.61
N LYS F 847 -31.81 72.47 -70.39
CA LYS F 847 -31.17 73.74 -70.72
C LYS F 847 -30.51 74.38 -69.49
N ALA F 848 -30.99 74.05 -68.29
CA ALA F 848 -30.37 74.55 -67.08
C ALA F 848 -28.85 74.40 -67.09
N VAL F 849 -28.31 73.45 -67.86
CA VAL F 849 -26.85 73.31 -67.94
C VAL F 849 -26.22 74.58 -68.49
N LYS F 850 -26.94 75.32 -69.34
CA LYS F 850 -26.42 76.60 -69.81
C LYS F 850 -26.24 77.56 -68.64
N SER F 851 -27.24 77.63 -67.75
CA SER F 851 -27.13 78.47 -66.57
C SER F 851 -26.01 78.00 -65.66
N ALA F 852 -25.70 76.71 -65.67
CA ALA F 852 -24.53 76.23 -64.93
C ALA F 852 -23.25 76.81 -65.51
N LYS F 853 -23.15 76.88 -66.84
CA LYS F 853 -22.00 77.52 -67.46
C LYS F 853 -21.94 79.00 -67.10
N ALA F 854 -23.09 79.66 -67.06
CA ALA F 854 -23.12 81.06 -66.67
C ALA F 854 -22.64 81.24 -65.23
N ILE F 855 -23.07 80.35 -64.32
CA ILE F 855 -22.63 80.41 -62.93
C ILE F 855 -21.12 80.21 -62.86
N LEU F 856 -20.60 79.23 -63.61
CA LEU F 856 -19.16 79.01 -63.62
C LEU F 856 -18.42 80.24 -64.12
N GLU F 857 -18.91 80.86 -65.19
CA GLU F 857 -18.25 82.04 -65.72
C GLU F 857 -18.26 83.18 -64.70
N SER F 858 -19.39 83.38 -64.03
CA SER F 858 -19.47 84.45 -63.03
C SER F 858 -18.51 84.20 -61.89
N LYS F 859 -18.45 82.96 -61.40
CA LYS F 859 -17.56 82.65 -60.28
C LYS F 859 -16.09 82.76 -60.70
N THR F 860 -15.77 82.35 -61.93
CA THR F 860 -14.40 82.48 -62.42
C THR F 860 -14.02 83.96 -62.56
N ASP F 861 -14.95 84.79 -63.03
CA ASP F 861 -14.71 86.23 -63.06
C ASP F 861 -14.45 86.75 -61.65
N LYS F 862 -15.25 86.30 -60.68
CA LYS F 862 -14.96 86.60 -59.29
C LYS F 862 -13.73 85.84 -58.80
N ASN F 863 -13.26 84.85 -59.56
CA ASN F 863 -12.08 84.08 -59.23
C ASN F 863 -12.26 83.35 -57.90
N ILE F 864 -13.35 82.58 -57.83
CA ILE F 864 -13.67 81.76 -56.66
C ILE F 864 -13.46 80.31 -57.06
N LYS F 865 -12.70 79.58 -56.22
CA LYS F 865 -12.45 78.17 -56.48
C LYS F 865 -13.77 77.42 -56.57
N PHE F 866 -14.09 76.92 -57.77
CA PHE F 866 -15.37 76.29 -58.02
C PHE F 866 -15.18 75.17 -59.03
N ASN F 867 -16.05 74.15 -58.94
CA ASN F 867 -15.99 72.99 -59.81
C ASN F 867 -17.37 72.74 -60.41
N LEU F 868 -17.38 72.41 -61.70
CA LEU F 868 -18.60 72.07 -62.42
C LEU F 868 -18.40 70.72 -63.10
N THR F 869 -19.35 69.81 -62.91
CA THR F 869 -19.32 68.50 -63.55
C THR F 869 -20.54 68.37 -64.45
N ILE F 870 -20.30 68.09 -65.73
CA ILE F 870 -21.36 67.92 -66.73
C ILE F 870 -21.15 66.58 -67.41
N PHE F 871 -22.22 65.80 -67.52
CA PHE F 871 -22.20 64.51 -68.17
C PHE F 871 -23.34 64.45 -69.19
N PRO F 872 -23.12 63.85 -70.37
CA PRO F 872 -21.86 63.25 -70.84
C PRO F 872 -20.85 64.30 -71.33
N GLU G 9 -13.88 -2.62 -22.52
CA GLU G 9 -13.27 -3.71 -23.35
C GLU G 9 -11.95 -4.17 -22.73
N VAL G 10 -11.14 -3.22 -22.28
CA VAL G 10 -9.88 -3.57 -21.62
C VAL G 10 -10.16 -4.34 -20.34
N GLU G 11 -11.08 -3.82 -19.51
CA GLU G 11 -11.52 -4.57 -18.34
C GLU G 11 -12.20 -5.87 -18.75
N ASN G 12 -12.97 -5.83 -19.83
CA ASN G 12 -13.63 -7.04 -20.31
C ASN G 12 -12.60 -8.09 -20.71
N LEU G 13 -11.62 -7.71 -21.53
CA LEU G 13 -10.59 -8.65 -21.93
C LEU G 13 -9.84 -9.17 -20.72
N LEU G 14 -9.51 -8.28 -19.78
CA LEU G 14 -8.82 -8.70 -18.58
C LEU G 14 -9.60 -9.78 -17.84
N GLN G 15 -10.86 -9.51 -17.51
CA GLN G 15 -11.61 -10.45 -16.69
C GLN G 15 -11.79 -11.77 -17.44
N LEU G 16 -12.09 -11.72 -18.74
CA LEU G 16 -12.29 -12.94 -19.49
C LEU G 16 -11.01 -13.79 -19.49
N LEU G 17 -9.90 -13.19 -19.91
CA LEU G 17 -8.67 -13.96 -20.05
C LEU G 17 -8.20 -14.49 -18.70
N THR G 18 -8.36 -13.71 -17.63
CA THR G 18 -7.95 -14.21 -16.32
C THR G 18 -8.88 -15.32 -15.83
N ASP G 19 -10.17 -15.26 -16.19
CA ASP G 19 -11.05 -16.37 -15.87
C ASP G 19 -10.57 -17.66 -16.54
N ASN G 20 -10.19 -17.58 -17.82
CA ASN G 20 -9.66 -18.78 -18.47
C ASN G 20 -8.23 -19.07 -18.04
N VAL G 21 -7.46 -18.06 -17.69
CA VAL G 21 -6.11 -18.28 -17.20
C VAL G 21 -6.19 -18.84 -15.78
N SER G 26 -7.94 -21.93 -16.67
CA SER G 26 -8.39 -22.43 -15.38
C SER G 26 -9.85 -22.89 -15.44
N ALA G 27 -10.52 -22.59 -16.56
CA ALA G 27 -11.89 -23.01 -16.73
C ALA G 27 -12.03 -24.52 -16.64
N LYS G 28 -10.98 -25.26 -17.03
CA LYS G 28 -11.05 -26.71 -16.99
C LYS G 28 -10.99 -27.24 -15.55
N GLY G 29 -10.11 -26.67 -14.73
CA GLY G 29 -10.06 -27.07 -13.33
C GLY G 29 -11.35 -26.74 -12.59
N GLU G 30 -11.87 -25.53 -12.80
CA GLU G 30 -13.15 -25.18 -12.21
C GLU G 30 -14.25 -26.10 -12.73
N LEU G 31 -14.18 -26.46 -14.01
CA LEU G 31 -15.15 -27.36 -14.59
C LEU G 31 -15.14 -28.71 -13.87
N GLU G 32 -13.94 -29.28 -13.70
CA GLU G 32 -13.84 -30.59 -13.06
C GLU G 32 -14.27 -30.54 -11.61
N ASN G 33 -13.87 -29.49 -10.89
CA ASN G 33 -14.29 -29.36 -9.50
C ASN G 33 -15.80 -29.23 -9.39
N LEU G 34 -16.41 -28.41 -10.25
CA LEU G 34 -17.86 -28.30 -10.25
C LEU G 34 -18.50 -29.64 -10.55
N LEU G 35 -17.96 -30.40 -11.50
CA LEU G 35 -18.54 -31.68 -11.83
C LEU G 35 -18.48 -32.65 -10.65
N LYS G 36 -17.33 -32.73 -9.99
CA LYS G 36 -17.23 -33.66 -8.87
C LYS G 36 -18.15 -33.25 -7.72
N GLU G 37 -18.23 -31.95 -7.43
CA GLU G 37 -19.10 -31.51 -6.35
C GLU G 37 -20.57 -31.73 -6.70
N VAL G 38 -20.93 -31.57 -7.99
CA VAL G 38 -22.31 -31.84 -8.39
C VAL G 38 -22.58 -33.33 -8.36
N GLN G 39 -21.58 -34.17 -8.59
CA GLN G 39 -21.75 -35.60 -8.36
C GLN G 39 -22.01 -35.89 -6.89
N HIS G 40 -21.30 -35.19 -6.00
CA HIS G 40 -21.62 -35.26 -4.58
C HIS G 40 -23.09 -34.95 -4.33
N LEU G 41 -23.57 -33.83 -4.88
CA LEU G 41 -24.96 -33.46 -4.65
C LEU G 41 -25.93 -34.45 -5.27
N LYS G 42 -25.55 -35.08 -6.39
CA LYS G 42 -26.42 -36.08 -6.99
C LYS G 42 -26.50 -37.33 -6.13
N GLY G 43 -25.38 -37.74 -5.54
CA GLY G 43 -25.41 -38.82 -4.58
C GLY G 43 -26.28 -38.49 -3.38
N PHE G 44 -26.17 -37.26 -2.87
CA PHE G 44 -27.05 -36.84 -1.80
C PHE G 44 -28.50 -36.93 -2.22
N LEU G 45 -28.80 -36.53 -3.45
CA LEU G 45 -30.19 -36.59 -3.92
C LEU G 45 -30.68 -38.02 -3.98
N ASP G 46 -29.84 -38.93 -4.47
CA ASP G 46 -30.22 -40.34 -4.48
C ASP G 46 -30.49 -40.83 -3.06
N ASP G 47 -29.71 -40.38 -2.09
CA ASP G 47 -30.00 -40.68 -0.69
C ASP G 47 -31.35 -40.11 -0.29
N ALA G 48 -31.57 -38.83 -0.54
CA ALA G 48 -32.74 -38.14 -0.01
C ALA G 48 -34.03 -38.69 -0.60
N ALA G 49 -33.99 -39.12 -1.85
CA ALA G 49 -35.18 -39.68 -2.47
C ALA G 49 -35.70 -40.87 -1.67
N LYS G 50 -34.80 -41.78 -1.28
CA LYS G 50 -35.20 -42.90 -0.45
C LYS G 50 -35.74 -42.43 0.89
N LEU G 51 -35.10 -41.42 1.48
CA LEU G 51 -35.48 -40.97 2.81
C LEU G 51 -36.94 -40.55 2.82
N PRO G 52 -37.73 -40.97 3.81
CA PRO G 52 -39.03 -40.32 4.03
C PRO G 52 -38.81 -38.94 4.63
N SER G 53 -39.59 -37.97 4.14
CA SER G 53 -39.46 -36.59 4.57
C SER G 53 -40.84 -36.00 4.82
N ASP G 54 -40.93 -35.16 5.85
CA ASP G 54 -42.18 -34.48 6.18
C ASP G 54 -41.96 -33.02 6.58
N SER G 55 -40.74 -32.51 6.47
CA SER G 55 -40.41 -31.15 6.88
C SER G 55 -40.30 -30.25 5.67
N GLU G 56 -41.06 -29.15 5.68
CA GLU G 56 -41.08 -28.25 4.53
C GLU G 56 -39.68 -27.72 4.24
N GLN G 57 -38.87 -27.52 5.28
CA GLN G 57 -37.50 -27.06 5.05
C GLN G 57 -36.69 -28.09 4.27
N TRP G 58 -36.90 -29.38 4.56
CA TRP G 58 -36.18 -30.40 3.81
C TRP G 58 -36.63 -30.43 2.36
N LYS G 59 -37.93 -30.26 2.10
CA LYS G 59 -38.38 -30.17 0.72
C LYS G 59 -37.78 -28.95 0.03
N VAL G 60 -37.64 -27.84 0.76
CA VAL G 60 -36.98 -26.67 0.20
C VAL G 60 -35.55 -26.99 -0.18
N LEU G 61 -34.82 -27.66 0.72
CA LEU G 61 -33.42 -27.98 0.44
C LEU G 61 -33.32 -28.95 -0.73
N VAL G 62 -34.22 -29.92 -0.82
CA VAL G 62 -34.17 -30.87 -1.93
C VAL G 62 -34.49 -30.17 -3.25
N GLU G 63 -35.51 -29.29 -3.24
CA GLU G 63 -35.78 -28.49 -4.42
C GLU G 63 -34.54 -27.72 -4.83
N GLU G 64 -33.86 -27.10 -3.86
CA GLU G 64 -32.71 -26.28 -4.16
C GLU G 64 -31.56 -27.09 -4.71
N ILE G 65 -31.30 -28.26 -4.13
CA ILE G 65 -30.20 -29.08 -4.64
C ILE G 65 -30.54 -29.64 -6.02
N GLN G 66 -31.81 -29.99 -6.26
CA GLN G 66 -32.20 -30.43 -7.58
C GLN G 66 -31.96 -29.33 -8.61
N LYS G 67 -32.41 -28.11 -8.31
CA LYS G 67 -32.22 -27.01 -9.25
C LYS G 67 -30.75 -26.71 -9.46
N THR G 68 -29.96 -26.70 -8.38
CA THR G 68 -28.53 -26.41 -8.52
C THR G 68 -27.82 -27.50 -9.32
N VAL G 69 -28.16 -28.77 -9.06
CA VAL G 69 -27.53 -29.87 -9.77
C VAL G 69 -27.86 -29.81 -11.25
N HIS G 70 -29.14 -29.63 -11.57
CA HIS G 70 -29.52 -29.56 -12.98
C HIS G 70 -28.97 -28.32 -13.66
N THR G 71 -28.92 -27.18 -12.96
CA THR G 71 -28.32 -25.98 -13.50
C THR G 71 -26.85 -26.20 -13.82
N ALA G 72 -26.11 -26.83 -12.92
CA ALA G 72 -24.71 -27.13 -13.20
C ALA G 72 -24.59 -28.09 -14.37
N GLU G 73 -25.55 -29.01 -14.53
CA GLU G 73 -25.52 -29.89 -15.68
C GLU G 73 -25.73 -29.12 -16.98
N ASP G 74 -26.67 -28.16 -16.99
CA ASP G 74 -26.81 -27.32 -18.17
C ASP G 74 -25.52 -26.57 -18.46
N ALA G 75 -24.90 -26.01 -17.42
CA ALA G 75 -23.68 -25.24 -17.65
C ALA G 75 -22.58 -26.12 -18.22
N VAL G 76 -22.43 -27.34 -17.70
CA VAL G 76 -21.38 -28.23 -18.17
C VAL G 76 -21.62 -28.61 -19.63
N ASP G 77 -22.87 -28.97 -19.95
CA ASP G 77 -23.17 -29.35 -21.32
C ASP G 77 -22.96 -28.17 -22.27
N LYS G 78 -23.34 -26.97 -21.85
CA LYS G 78 -23.14 -25.78 -22.69
C LYS G 78 -21.65 -25.55 -22.93
N PHE G 79 -20.84 -25.69 -21.88
CA PHE G 79 -19.41 -25.42 -22.04
C PHE G 79 -18.77 -26.44 -22.98
N VAL G 80 -19.12 -27.73 -22.83
CA VAL G 80 -18.54 -28.73 -23.73
C VAL G 80 -19.04 -28.51 -25.15
N VAL G 81 -20.30 -28.08 -25.31
CA VAL G 81 -20.82 -27.78 -26.64
C VAL G 81 -20.05 -26.63 -27.27
N GLN G 82 -19.74 -25.60 -26.48
CA GLN G 82 -18.98 -24.48 -27.00
C GLN G 82 -17.57 -24.92 -27.41
N ALA G 83 -16.95 -25.79 -26.60
CA ALA G 83 -15.63 -26.30 -26.96
C ALA G 83 -15.69 -27.07 -28.27
N LYS G 84 -16.71 -27.92 -28.43
CA LYS G 84 -16.85 -28.68 -29.67
C LYS G 84 -17.09 -27.76 -30.86
N LEU G 85 -17.91 -26.72 -30.68
CA LEU G 85 -18.14 -25.77 -31.75
C LEU G 85 -16.84 -25.08 -32.15
N HIS G 86 -16.07 -24.64 -31.16
CA HIS G 86 -14.79 -23.99 -31.46
C HIS G 86 -13.88 -24.92 -32.26
N LYS G 87 -13.76 -26.17 -31.81
CA LYS G 87 -12.92 -27.12 -32.53
C LYS G 87 -13.46 -27.39 -33.92
N GLU G 88 -14.77 -27.26 -34.12
CA GLU G 88 -15.35 -27.50 -35.43
C GLU G 88 -15.02 -26.39 -36.41
N LYS G 89 -14.73 -25.18 -35.91
CA LYS G 89 -14.38 -24.07 -36.78
C LYS G 89 -12.95 -24.18 -37.26
N ASN G 90 -12.65 -23.47 -38.35
CA ASN G 90 -11.31 -23.45 -38.90
C ASN G 90 -10.35 -22.74 -37.95
N LYS G 91 -9.05 -22.98 -38.16
CA LYS G 91 -8.04 -22.36 -37.30
C LYS G 91 -8.16 -20.84 -37.34
N MET G 92 -8.33 -20.28 -38.54
CA MET G 92 -8.60 -18.85 -38.63
C MET G 92 -9.93 -18.50 -37.98
N ALA G 93 -10.96 -19.34 -38.20
CA ALA G 93 -12.24 -19.12 -37.55
C ALA G 93 -12.20 -19.41 -36.06
N ARG G 94 -11.12 -20.02 -35.58
CA ARG G 94 -10.95 -20.25 -34.14
C ARG G 94 -10.25 -19.07 -33.49
N ILE G 95 -9.04 -18.74 -33.97
CA ILE G 95 -8.28 -17.65 -33.38
C ILE G 95 -9.00 -16.32 -33.54
N LEU G 96 -9.57 -16.09 -34.72
CA LEU G 96 -10.08 -14.76 -35.05
C LEU G 96 -11.38 -14.44 -34.35
N ASP G 97 -12.18 -15.46 -34.02
CA ASP G 97 -13.52 -15.22 -33.48
C ASP G 97 -13.41 -14.60 -32.09
N VAL G 98 -14.07 -13.46 -31.89
CA VAL G 98 -14.02 -12.73 -30.63
C VAL G 98 -15.33 -12.95 -29.87
N GLY G 99 -16.44 -13.01 -30.58
CA GLY G 99 -17.70 -13.35 -29.93
C GLY G 99 -17.63 -14.69 -29.24
N HIS G 100 -16.97 -15.66 -29.89
CA HIS G 100 -16.72 -16.94 -29.24
C HIS G 100 -15.91 -16.74 -27.96
N LEU G 101 -14.89 -15.88 -28.00
CA LEU G 101 -14.10 -15.60 -26.81
C LEU G 101 -14.98 -15.06 -25.68
N ALA G 102 -15.78 -14.05 -25.99
CA ALA G 102 -16.60 -13.42 -24.96
C ALA G 102 -17.59 -14.40 -24.36
N THR G 103 -18.28 -15.18 -25.21
CA THR G 103 -19.27 -16.11 -24.70
C THR G 103 -18.62 -17.26 -23.94
N VAL G 104 -17.47 -17.73 -24.41
CA VAL G 104 -16.75 -18.78 -23.69
C VAL G 104 -16.43 -18.31 -22.28
N ARG G 105 -15.91 -17.09 -22.15
CA ARG G 105 -15.52 -16.64 -20.82
C ARG G 105 -16.71 -16.22 -19.97
N ASN G 106 -17.82 -15.80 -20.56
CA ASN G 106 -19.04 -15.62 -19.78
C ASN G 106 -19.51 -16.96 -19.21
N LEU G 107 -19.44 -18.02 -20.02
CA LEU G 107 -19.80 -19.35 -19.53
C LEU G 107 -18.85 -19.80 -18.44
N ALA G 108 -17.56 -19.48 -18.58
CA ALA G 108 -16.60 -19.82 -17.53
C ALA G 108 -16.93 -19.08 -16.24
N ALA G 109 -17.33 -17.81 -16.34
CA ALA G 109 -17.74 -17.06 -15.15
C ALA G 109 -18.97 -17.68 -14.51
N GLU G 110 -19.93 -18.11 -15.32
CA GLU G 110 -21.13 -18.76 -14.78
C GLU G 110 -20.76 -20.05 -14.05
N VAL G 111 -19.85 -20.84 -14.65
CA VAL G 111 -19.41 -22.07 -14.01
C VAL G 111 -18.68 -21.76 -12.72
N LYS G 112 -17.87 -20.69 -12.70
CA LYS G 112 -17.24 -20.27 -11.47
C LYS G 112 -18.28 -20.01 -10.38
N GLY G 113 -19.30 -19.23 -10.73
CA GLY G 113 -20.32 -18.89 -9.76
C GLY G 113 -21.04 -20.12 -9.23
N ILE G 114 -21.43 -21.02 -10.14
CA ILE G 114 -22.17 -22.20 -9.70
C ILE G 114 -21.28 -23.15 -8.90
N HIS G 115 -19.99 -23.22 -9.22
CA HIS G 115 -19.10 -24.04 -8.41
C HIS G 115 -18.99 -23.49 -7.00
N ASP G 116 -18.85 -22.17 -6.87
CA ASP G 116 -18.85 -21.60 -5.52
C ASP G 116 -20.17 -21.86 -4.84
N GLN G 117 -21.27 -21.82 -5.61
CA GLN G 117 -22.59 -22.10 -5.05
C GLN G 117 -22.64 -23.52 -4.49
N VAL G 118 -22.08 -24.48 -5.20
CA VAL G 118 -22.07 -25.87 -4.73
C VAL G 118 -21.17 -26.00 -3.51
N LYS G 119 -20.01 -25.34 -3.51
CA LYS G 119 -19.14 -25.38 -2.34
C LYS G 119 -19.88 -24.89 -1.10
N GLU G 120 -20.57 -23.76 -1.21
CA GLU G 120 -21.29 -23.24 -0.06
C GLU G 120 -22.54 -24.05 0.24
N LEU G 121 -23.13 -24.70 -0.76
CA LEU G 121 -24.24 -25.60 -0.51
C LEU G 121 -23.81 -26.74 0.38
N ARG G 122 -22.64 -27.31 0.10
CA ARG G 122 -22.13 -28.38 0.95
C ARG G 122 -21.74 -27.85 2.33
N LEU G 123 -21.01 -26.74 2.38
CA LEU G 123 -20.45 -26.30 3.66
C LEU G 123 -21.54 -25.76 4.59
N ASN G 124 -22.44 -24.93 4.08
CA ASN G 124 -23.42 -24.29 4.95
C ASN G 124 -24.39 -25.30 5.55
N ASN G 125 -24.84 -26.27 4.76
CA ASN G 125 -25.91 -27.16 5.15
C ASN G 125 -25.34 -28.46 5.68
N GLN G 126 -25.65 -28.77 6.94
CA GLN G 126 -25.17 -29.99 7.58
C GLN G 126 -25.92 -31.22 7.06
N ALA G 127 -27.03 -31.04 6.34
CA ALA G 127 -27.77 -32.19 5.85
C ALA G 127 -26.93 -33.04 4.91
N LEU G 128 -25.89 -32.45 4.31
CA LEU G 128 -25.17 -33.07 3.21
C LEU G 128 -23.96 -33.88 3.63
N GLN G 129 -23.59 -33.89 4.90
CA GLN G 129 -22.34 -34.53 5.29
C GLN G 129 -22.37 -36.02 4.98
N ALA G 130 -21.24 -36.53 4.48
CA ALA G 130 -21.15 -37.94 4.14
C ALA G 130 -21.38 -38.81 5.37
N ARG G 131 -22.12 -39.91 5.18
CA ARG G 131 -22.46 -40.82 6.26
C ARG G 131 -22.25 -42.26 5.82
N PRO G 132 -21.69 -43.13 6.67
CA PRO G 132 -21.36 -44.50 6.22
C PRO G 132 -22.56 -45.30 5.75
N THR G 133 -23.50 -45.53 6.66
CA THR G 133 -24.73 -46.28 6.36
C THR G 133 -25.83 -45.55 7.12
N LEU G 134 -26.42 -44.54 6.48
CA LEU G 134 -27.33 -43.66 7.23
C LEU G 134 -28.43 -43.19 6.27
N GLU G 135 -29.51 -43.95 6.25
CA GLU G 135 -30.78 -43.52 5.69
C GLU G 135 -31.85 -43.98 6.66
N LEU G 136 -32.89 -43.17 6.83
CA LEU G 136 -33.87 -43.43 7.89
C LEU G 136 -35.24 -43.70 7.30
N PRO G 137 -35.51 -44.92 6.83
CA PRO G 137 -36.84 -45.25 6.28
C PRO G 137 -37.95 -45.10 7.31
N GLN G 146 -53.27 -52.94 7.66
CA GLN G 146 -54.58 -53.35 8.16
C GLN G 146 -55.61 -53.29 7.04
N GLN G 147 -56.30 -54.40 6.81
CA GLN G 147 -57.29 -54.46 5.75
C GLN G 147 -58.56 -53.72 6.16
N GLY G 148 -59.57 -53.77 5.30
CA GLY G 148 -60.85 -53.15 5.57
C GLY G 148 -61.71 -54.01 6.47
N PRO G 149 -62.99 -53.66 6.56
CA PRO G 149 -63.90 -54.43 7.43
C PRO G 149 -63.94 -55.92 7.09
N ALA G 150 -64.24 -56.22 5.82
CA ALA G 150 -64.47 -57.56 5.29
C ALA G 150 -65.92 -57.68 4.86
N LEU G 151 -66.15 -57.95 3.58
CA LEU G 151 -67.49 -57.95 3.02
C LEU G 151 -68.19 -59.28 3.29
N GLU G 152 -69.45 -59.34 2.91
CA GLU G 152 -70.21 -60.58 2.76
C GLU G 152 -70.67 -60.68 1.31
N ASP G 153 -71.08 -61.89 0.92
CA ASP G 153 -71.25 -62.20 -0.49
C ASP G 153 -72.12 -61.18 -1.24
N ASP G 154 -72.96 -60.41 -0.56
CA ASP G 154 -73.79 -59.44 -1.24
C ASP G 154 -73.05 -58.17 -1.61
N GLU G 155 -71.95 -57.84 -0.92
CA GLU G 155 -71.18 -56.65 -1.23
C GLU G 155 -70.13 -56.88 -2.31
N VAL G 156 -69.92 -58.12 -2.74
CA VAL G 156 -68.98 -58.43 -3.80
C VAL G 156 -69.73 -58.41 -5.13
N VAL G 157 -69.20 -57.67 -6.10
CA VAL G 157 -69.89 -57.38 -7.35
C VAL G 157 -69.13 -58.05 -8.49
N GLY G 158 -69.86 -58.74 -9.36
CA GLY G 158 -69.30 -59.24 -10.60
C GLY G 158 -68.23 -60.30 -10.45
N PHE G 159 -67.94 -60.76 -9.23
CA PHE G 159 -66.98 -61.83 -9.01
C PHE G 159 -67.66 -63.18 -8.91
N ASP G 160 -68.99 -63.24 -9.02
CA ASP G 160 -69.69 -64.52 -8.93
C ASP G 160 -69.14 -65.50 -9.96
N GLU G 161 -69.10 -65.10 -11.22
CA GLU G 161 -68.54 -65.97 -12.25
C GLU G 161 -67.05 -66.21 -12.01
N GLU G 162 -66.33 -65.18 -11.58
CA GLU G 162 -64.91 -65.35 -11.28
C GLU G 162 -64.70 -66.34 -10.15
N ALA G 163 -65.46 -66.18 -9.07
CA ALA G 163 -65.33 -67.11 -7.94
C ALA G 163 -65.67 -68.53 -8.37
N ASN G 164 -66.74 -68.70 -9.16
CA ASN G 164 -67.12 -70.03 -9.62
C ASN G 164 -66.02 -70.63 -10.49
N LYS G 165 -65.43 -69.83 -11.39
CA LYS G 165 -64.36 -70.32 -12.24
C LYS G 165 -63.16 -70.75 -11.41
N VAL G 166 -62.79 -69.94 -10.43
CA VAL G 166 -61.63 -70.27 -9.59
C VAL G 166 -61.91 -71.55 -8.80
N ILE G 167 -63.13 -71.68 -8.27
CA ILE G 167 -63.47 -72.87 -7.50
C ILE G 167 -63.46 -74.11 -8.39
N ASN G 168 -63.97 -73.99 -9.62
CA ASN G 168 -63.91 -75.11 -10.55
C ASN G 168 -62.46 -75.49 -10.82
N ARG G 169 -61.62 -74.50 -11.08
CA ARG G 169 -60.19 -74.76 -11.23
C ARG G 169 -59.66 -75.52 -10.02
N LEU G 170 -60.15 -75.15 -8.84
CA LEU G 170 -59.62 -75.72 -7.61
C LEU G 170 -60.02 -77.17 -7.44
N VAL G 171 -61.30 -77.49 -7.63
CA VAL G 171 -61.85 -78.76 -7.17
C VAL G 171 -61.66 -79.91 -8.13
N LYS G 172 -61.18 -79.66 -9.35
CA LYS G 172 -60.95 -80.74 -10.29
C LYS G 172 -60.03 -81.79 -9.66
N GLU G 173 -60.37 -83.05 -9.85
CA GLU G 173 -59.56 -84.12 -9.28
C GLU G 173 -58.23 -84.22 -10.02
N SER G 174 -57.14 -84.23 -9.26
CA SER G 174 -55.80 -84.34 -9.84
C SER G 174 -54.85 -84.74 -8.72
N LYS G 175 -54.27 -85.94 -8.83
CA LYS G 175 -53.43 -86.45 -7.75
C LYS G 175 -52.34 -85.46 -7.36
N ASP G 176 -51.67 -84.89 -8.34
CA ASP G 176 -50.57 -83.97 -8.07
C ASP G 176 -51.10 -82.67 -7.46
N LEU G 177 -50.38 -82.16 -6.46
CA LEU G 177 -50.73 -80.90 -5.82
C LEU G 177 -50.69 -79.77 -6.85
N ASP G 178 -51.86 -79.21 -7.15
CA ASP G 178 -51.96 -78.14 -8.13
C ASP G 178 -52.35 -76.84 -7.45
N ILE G 179 -51.86 -75.73 -7.99
CA ILE G 179 -52.05 -74.40 -7.43
C ILE G 179 -52.99 -73.62 -8.32
N ILE G 180 -53.72 -72.69 -7.71
CA ILE G 180 -54.63 -71.81 -8.43
C ILE G 180 -54.33 -70.37 -8.02
N PRO G 181 -53.49 -69.64 -8.75
CA PRO G 181 -53.13 -68.28 -8.32
C PRO G 181 -54.04 -67.20 -8.88
N VAL G 182 -54.23 -66.16 -8.08
CA VAL G 182 -54.98 -64.97 -8.46
C VAL G 182 -54.00 -63.81 -8.48
N VAL G 183 -53.79 -63.23 -9.67
CA VAL G 183 -52.76 -62.23 -9.87
C VAL G 183 -53.35 -61.06 -10.65
N GLY G 184 -52.89 -59.85 -10.32
CA GLY G 184 -53.37 -58.65 -10.96
C GLY G 184 -52.56 -57.44 -10.58
N MET G 185 -53.20 -56.30 -10.34
CA MET G 185 -52.54 -55.05 -9.99
C MET G 185 -52.89 -54.63 -8.58
N PRO G 186 -52.18 -53.64 -8.04
CA PRO G 186 -52.46 -53.19 -6.68
C PRO G 186 -53.93 -52.78 -6.51
N GLY G 187 -54.50 -53.20 -5.39
CA GLY G 187 -55.88 -52.86 -5.11
C GLY G 187 -56.85 -53.28 -6.19
N LEU G 188 -56.66 -54.47 -6.75
CA LEU G 188 -57.55 -54.95 -7.80
C LEU G 188 -58.74 -55.73 -7.26
N GLY G 189 -58.70 -56.15 -6.00
CA GLY G 189 -59.75 -56.97 -5.43
C GLY G 189 -59.38 -58.43 -5.24
N LYS G 190 -58.11 -58.79 -5.41
CA LYS G 190 -57.71 -60.19 -5.33
C LYS G 190 -58.10 -60.80 -3.99
N THR G 191 -57.72 -60.15 -2.89
CA THR G 191 -58.04 -60.70 -1.59
C THR G 191 -59.54 -60.84 -1.41
N THR G 192 -60.34 -59.97 -2.03
CA THR G 192 -61.78 -60.12 -1.94
C THR G 192 -62.25 -61.36 -2.68
N LEU G 193 -61.68 -61.64 -3.85
CA LEU G 193 -62.02 -62.87 -4.54
C LEU G 193 -61.66 -64.09 -3.70
N ALA G 194 -60.48 -64.06 -3.06
CA ALA G 194 -60.08 -65.18 -2.22
C ALA G 194 -61.03 -65.35 -1.04
N ARG G 195 -61.35 -64.25 -0.35
CA ARG G 195 -62.25 -64.32 0.78
C ARG G 195 -63.63 -64.82 0.38
N LYS G 196 -64.10 -64.43 -0.80
CA LYS G 196 -65.31 -65.04 -1.35
C LYS G 196 -65.12 -66.55 -1.47
N ILE G 197 -64.17 -66.97 -2.30
CA ILE G 197 -63.84 -68.38 -2.48
C ILE G 197 -63.75 -69.07 -1.12
N TYR G 198 -63.23 -68.34 -0.14
CA TYR G 198 -63.05 -68.88 1.21
C TYR G 198 -64.38 -69.08 1.94
N LYS G 199 -65.49 -68.60 1.38
CA LYS G 199 -66.78 -68.68 2.06
C LYS G 199 -67.88 -69.30 1.21
N ASP G 200 -67.55 -69.88 0.06
CA ASP G 200 -68.56 -70.58 -0.72
C ASP G 200 -68.94 -71.87 0.00
N PRO G 201 -70.23 -72.16 0.19
CA PRO G 201 -70.60 -73.47 0.74
C PRO G 201 -70.10 -74.62 -0.11
N LYS G 202 -70.02 -74.44 -1.43
CA LYS G 202 -69.47 -75.46 -2.30
C LYS G 202 -68.10 -75.92 -1.81
N LEU G 203 -67.17 -74.97 -1.66
CA LEU G 203 -65.80 -75.32 -1.30
C LEU G 203 -65.74 -76.21 -0.07
N SER G 204 -66.65 -76.00 0.89
CA SER G 204 -66.67 -76.84 2.07
C SER G 204 -66.90 -78.30 1.70
N TYR G 205 -67.64 -78.54 0.62
CA TYR G 205 -68.01 -79.91 0.27
C TYR G 205 -66.81 -80.72 -0.19
N GLU G 206 -65.95 -80.15 -1.03
CA GLU G 206 -64.89 -80.90 -1.66
C GLU G 206 -63.60 -80.92 -0.84
N PHE G 207 -63.50 -80.13 0.23
CA PHE G 207 -62.29 -80.08 1.05
C PHE G 207 -62.69 -80.12 2.52
N PHE G 208 -62.03 -81.01 3.27
CA PHE G 208 -62.35 -81.15 4.69
C PHE G 208 -62.04 -79.86 5.44
N GLY G 209 -60.82 -79.34 5.29
CA GLY G 209 -60.40 -78.18 6.02
C GLY G 209 -59.76 -77.12 5.16
N VAL G 210 -60.40 -75.95 5.09
CA VAL G 210 -59.87 -74.81 4.36
C VAL G 210 -59.35 -73.81 5.38
N HIS G 211 -58.05 -73.54 5.34
CA HIS G 211 -57.41 -72.58 6.22
C HIS G 211 -56.87 -71.41 5.42
N TRP G 212 -56.80 -70.25 6.07
CA TRP G 212 -56.43 -69.00 5.44
C TRP G 212 -55.12 -68.49 6.02
N VAL G 213 -54.27 -67.93 5.16
CA VAL G 213 -53.00 -67.36 5.59
C VAL G 213 -52.72 -66.12 4.76
N TYR G 214 -52.18 -65.09 5.40
CA TYR G 214 -51.76 -63.87 4.74
C TYR G 214 -50.28 -63.69 4.99
N VAL G 215 -49.53 -63.34 3.93
CA VAL G 215 -48.09 -63.19 4.00
C VAL G 215 -47.65 -61.77 3.66
N GLY G 216 -48.18 -61.19 2.60
CA GLY G 216 -47.70 -59.91 2.11
C GLY G 216 -46.23 -59.96 1.74
N GLN G 217 -45.66 -58.81 1.37
CA GLN G 217 -44.24 -58.79 1.03
C GLN G 217 -43.37 -59.19 2.22
N SER G 218 -43.68 -58.64 3.40
CA SER G 218 -42.90 -58.88 4.60
C SER G 218 -43.56 -59.98 5.44
N TYR G 219 -42.78 -60.97 5.82
CA TYR G 219 -43.30 -62.13 6.51
C TYR G 219 -42.15 -62.93 7.10
N LYS G 220 -42.49 -63.85 7.99
CA LYS G 220 -41.56 -64.86 8.47
C LYS G 220 -42.22 -66.21 8.34
N ILE G 221 -41.47 -67.20 7.86
CA ILE G 221 -42.06 -68.52 7.62
C ILE G 221 -42.67 -69.07 8.90
N LYS G 222 -41.91 -69.03 10.00
CA LYS G 222 -42.38 -69.63 11.23
C LYS G 222 -43.77 -69.13 11.61
N ASP G 223 -44.02 -67.83 11.40
CA ASP G 223 -45.35 -67.31 11.64
C ASP G 223 -46.37 -68.00 10.75
N VAL G 224 -46.04 -68.17 9.46
CA VAL G 224 -46.98 -68.77 8.53
C VAL G 224 -47.29 -70.20 8.95
N PHE G 225 -46.26 -70.97 9.31
CA PHE G 225 -46.48 -72.36 9.71
C PHE G 225 -47.28 -72.43 11.01
N LEU G 226 -46.95 -71.59 12.00
CA LEU G 226 -47.69 -71.60 13.24
C LEU G 226 -49.17 -71.31 12.99
N ASN G 227 -49.47 -70.24 12.25
CA ASN G 227 -50.86 -69.96 11.92
C ASN G 227 -51.48 -71.11 11.13
N ILE G 228 -50.67 -71.80 10.34
CA ILE G 228 -51.15 -72.99 9.65
C ILE G 228 -51.44 -74.09 10.65
N LEU G 229 -50.50 -74.34 11.57
CA LEU G 229 -50.66 -75.43 12.52
C LEU G 229 -51.85 -75.20 13.44
N LYS G 230 -52.17 -73.94 13.75
CA LYS G 230 -53.31 -73.66 14.62
C LYS G 230 -54.57 -74.31 14.10
N PHE G 231 -54.73 -74.38 12.76
CA PHE G 231 -55.94 -74.96 12.20
C PHE G 231 -56.10 -76.42 12.61
N PHE G 232 -55.03 -77.20 12.54
CA PHE G 232 -55.11 -78.64 12.79
C PHE G 232 -54.90 -78.99 14.25
N THR G 233 -54.54 -78.03 15.09
CA THR G 233 -54.40 -78.28 16.52
C THR G 233 -54.31 -76.93 17.23
N ARG G 234 -55.00 -76.83 18.35
CA ARG G 234 -55.00 -75.61 19.15
C ARG G 234 -53.85 -75.57 20.14
N ARG G 235 -52.93 -76.54 20.07
CA ARG G 235 -51.77 -76.62 20.94
C ARG G 235 -50.50 -76.18 20.24
N THR G 236 -50.60 -75.16 19.40
CA THR G 236 -49.41 -74.61 18.75
C THR G 236 -48.36 -74.22 19.78
N GLU G 237 -48.79 -73.85 20.98
CA GLU G 237 -47.83 -73.56 22.05
C GLU G 237 -46.90 -74.73 22.29
N ASP G 238 -47.34 -75.95 22.02
CA ASP G 238 -46.50 -77.12 22.24
C ASP G 238 -45.44 -77.25 21.15
N TYR G 239 -45.80 -76.89 19.91
CA TYR G 239 -44.90 -77.03 18.77
C TYR G 239 -44.19 -75.73 18.42
N GLN G 240 -44.28 -74.71 19.28
CA GLN G 240 -43.58 -73.45 19.00
C GLN G 240 -42.08 -73.62 18.95
N HIS G 241 -41.54 -74.69 19.53
CA HIS G 241 -40.11 -74.94 19.57
C HIS G 241 -39.62 -75.85 18.44
N GLU G 242 -40.53 -76.40 17.64
CA GLU G 242 -40.13 -77.30 16.57
C GLU G 242 -39.52 -76.52 15.42
N ASP G 243 -38.53 -77.12 14.79
CA ASP G 243 -37.85 -76.48 13.66
C ASP G 243 -38.76 -76.43 12.45
N VAL G 244 -38.32 -75.72 11.42
CA VAL G 244 -39.14 -75.53 10.23
C VAL G 244 -39.50 -76.87 9.61
N ASP G 245 -38.52 -77.77 9.50
CA ASP G 245 -38.78 -79.07 8.87
C ASP G 245 -39.61 -79.98 9.78
N ALA G 246 -39.37 -79.93 11.08
CA ALA G 246 -40.23 -80.68 12.00
C ALA G 246 -41.67 -80.19 11.90
N LEU G 247 -41.85 -78.87 11.84
CA LEU G 247 -43.19 -78.32 11.66
C LEU G 247 -43.79 -78.75 10.33
N ALA G 248 -42.97 -78.80 9.28
CA ALA G 248 -43.46 -79.25 7.98
C ALA G 248 -43.98 -80.68 8.06
N LYS G 249 -43.21 -81.56 8.68
CA LYS G 249 -43.65 -82.95 8.82
C LYS G 249 -44.91 -83.04 9.68
N VAL G 250 -44.97 -82.26 10.76
CA VAL G 250 -46.15 -82.29 11.63
C VAL G 250 -47.38 -81.86 10.86
N ILE G 251 -47.27 -80.78 10.08
CA ILE G 251 -48.42 -80.30 9.32
C ILE G 251 -48.78 -81.29 8.23
N ALA G 252 -47.79 -81.96 7.65
CA ALA G 252 -48.09 -82.98 6.66
C ALA G 252 -48.92 -84.10 7.27
N GLY G 253 -48.53 -84.55 8.47
CA GLY G 253 -49.31 -85.58 9.14
C GLY G 253 -50.70 -85.10 9.51
N PHE G 254 -50.82 -83.87 10.00
CA PHE G 254 -52.12 -83.33 10.34
C PHE G 254 -53.04 -83.29 9.12
N ILE G 255 -52.51 -82.83 7.99
CA ILE G 255 -53.31 -82.78 6.76
C ILE G 255 -53.68 -84.18 6.33
N ASN G 256 -52.73 -85.11 6.40
CA ASN G 256 -53.01 -86.49 6.01
C ASN G 256 -54.17 -87.05 6.81
N LYS G 257 -54.19 -86.79 8.13
CA LYS G 257 -55.33 -87.19 8.93
C LYS G 257 -56.60 -86.47 8.49
N GLY G 258 -56.49 -85.16 8.18
CA GLY G 258 -57.67 -84.38 7.89
C GLY G 258 -58.36 -84.80 6.60
N GLY G 259 -57.59 -85.01 5.55
CA GLY G 259 -58.12 -85.28 4.23
C GLY G 259 -57.73 -84.20 3.24
N ARG G 260 -58.51 -84.12 2.16
CA ARG G 260 -58.27 -83.10 1.14
C ARG G 260 -58.32 -81.72 1.78
N CYS G 261 -57.30 -80.91 1.50
CA CYS G 261 -57.14 -79.61 2.13
C CYS G 261 -56.90 -78.53 1.08
N LEU G 262 -57.49 -77.37 1.30
CA LEU G 262 -57.19 -76.17 0.54
C LEU G 262 -56.60 -75.14 1.51
N ILE G 263 -55.60 -74.40 1.05
CA ILE G 263 -54.91 -73.43 1.88
C ILE G 263 -54.84 -72.11 1.11
N CYS G 264 -55.31 -71.05 1.74
CA CYS G 264 -55.36 -69.74 1.10
C CYS G 264 -54.12 -68.95 1.44
N LEU G 265 -53.46 -68.41 0.42
CA LEU G 265 -52.30 -67.54 0.61
C LEU G 265 -52.67 -66.14 0.11
N ASP G 266 -52.71 -65.18 1.01
CA ASP G 266 -53.01 -63.81 0.66
C ASP G 266 -51.73 -63.07 0.27
N ASP G 267 -51.60 -62.74 -1.01
CA ASP G 267 -50.61 -61.78 -1.48
C ASP G 267 -49.19 -62.25 -1.18
N VAL G 268 -48.82 -63.36 -1.82
CA VAL G 268 -47.45 -63.85 -1.79
C VAL G 268 -46.71 -63.22 -2.97
N TRP G 269 -45.44 -62.87 -2.76
CA TRP G 269 -44.65 -62.29 -3.83
C TRP G 269 -43.37 -63.05 -4.16
N GLU G 270 -42.88 -63.92 -3.28
CA GLU G 270 -41.58 -64.55 -3.47
C GLU G 270 -41.71 -66.05 -3.70
N THR G 271 -40.93 -66.56 -4.66
CA THR G 271 -41.01 -67.96 -5.05
C THR G 271 -40.60 -68.89 -3.93
N LYS G 272 -39.60 -68.49 -3.13
CA LYS G 272 -39.17 -69.33 -2.02
C LYS G 272 -40.34 -69.72 -1.14
N VAL G 273 -41.31 -68.80 -0.98
CA VAL G 273 -42.48 -69.11 -0.17
C VAL G 273 -43.24 -70.27 -0.75
N ILE G 274 -43.46 -70.26 -2.08
CA ILE G 274 -44.15 -71.37 -2.72
C ILE G 274 -43.38 -72.66 -2.49
N ASP G 275 -42.07 -72.66 -2.73
CA ASP G 275 -41.30 -73.87 -2.50
C ASP G 275 -41.40 -74.33 -1.06
N TYR G 276 -41.62 -73.41 -0.12
CA TYR G 276 -41.80 -73.80 1.26
C TYR G 276 -43.16 -74.46 1.47
N VAL G 277 -44.22 -73.90 0.88
CA VAL G 277 -45.56 -74.39 1.14
C VAL G 277 -45.80 -75.77 0.55
N LYS G 278 -45.16 -76.10 -0.58
CA LYS G 278 -45.30 -77.46 -1.10
C LYS G 278 -44.91 -78.49 -0.05
N THR G 279 -44.00 -78.13 0.85
CA THR G 279 -43.50 -79.08 1.83
C THR G 279 -44.59 -79.54 2.79
N ILE G 280 -45.41 -78.61 3.27
CA ILE G 280 -46.37 -78.92 4.32
C ILE G 280 -47.40 -79.94 3.87
N PHE G 281 -47.54 -80.16 2.57
CA PHE G 281 -48.61 -81.01 2.06
C PHE G 281 -48.14 -82.45 1.95
N PRO G 282 -48.81 -83.41 2.60
CA PRO G 282 -48.37 -84.81 2.51
C PRO G 282 -48.60 -85.37 1.11
N GLU G 283 -47.78 -86.36 0.78
CA GLU G 283 -47.91 -87.07 -0.49
C GLU G 283 -48.88 -88.25 -0.33
N ASN G 284 -50.15 -87.89 -0.15
CA ASN G 284 -51.21 -88.87 0.02
C ASN G 284 -52.13 -88.98 -1.19
N GLU G 285 -51.62 -88.58 -2.36
CA GLU G 285 -52.34 -88.71 -3.64
C GLU G 285 -53.83 -88.47 -3.47
N LYS G 286 -54.16 -87.28 -2.97
CA LYS G 286 -55.54 -86.83 -2.85
C LYS G 286 -55.79 -85.53 -3.60
N GLY G 287 -54.78 -84.99 -4.28
CA GLY G 287 -54.97 -83.77 -5.02
C GLY G 287 -55.28 -82.57 -4.16
N HIS G 288 -54.55 -82.40 -3.06
CA HIS G 288 -54.70 -81.20 -2.25
C HIS G 288 -54.43 -79.96 -3.12
N ARG G 289 -54.86 -78.81 -2.62
CA ARG G 289 -54.76 -77.58 -3.38
C ARG G 289 -54.26 -76.46 -2.49
N VAL G 290 -53.59 -75.51 -3.14
CA VAL G 290 -53.16 -74.27 -2.51
C VAL G 290 -53.50 -73.15 -3.47
N MET G 291 -54.26 -72.17 -3.00
CA MET G 291 -54.69 -71.03 -3.82
C MET G 291 -54.06 -69.78 -3.22
N MET G 292 -53.36 -69.03 -4.06
CA MET G 292 -52.46 -67.97 -3.62
C MET G 292 -52.64 -66.73 -4.47
N THR G 293 -52.57 -65.56 -3.84
CA THR G 293 -52.63 -64.30 -4.56
C THR G 293 -51.24 -63.67 -4.61
N THR G 294 -50.91 -63.08 -5.75
CA THR G 294 -49.58 -62.55 -5.98
C THR G 294 -49.63 -61.42 -6.99
N ARG G 295 -48.95 -60.31 -6.69
CA ARG G 295 -48.88 -59.18 -7.59
C ARG G 295 -47.80 -59.34 -8.65
N ASN G 296 -47.19 -60.52 -8.75
CA ASN G 296 -46.13 -60.78 -9.71
C ASN G 296 -46.63 -61.85 -10.68
N LYS G 297 -46.94 -61.43 -11.91
CA LYS G 297 -47.51 -62.34 -12.88
C LYS G 297 -46.68 -63.61 -13.01
N VAL G 298 -45.36 -63.49 -12.98
CA VAL G 298 -44.50 -64.65 -13.17
C VAL G 298 -44.60 -65.60 -11.97
N LEU G 299 -44.71 -65.04 -10.76
CA LEU G 299 -44.90 -65.88 -9.59
C LEU G 299 -46.16 -66.71 -9.72
N ALA G 300 -47.25 -66.06 -10.14
CA ALA G 300 -48.48 -66.81 -10.44
C ALA G 300 -48.21 -67.86 -11.52
N THR G 301 -47.45 -67.49 -12.55
CA THR G 301 -47.22 -68.42 -13.65
C THR G 301 -46.54 -69.69 -13.16
N TYR G 302 -45.58 -69.56 -12.24
CA TYR G 302 -45.02 -70.77 -11.68
C TYR G 302 -46.03 -71.48 -10.78
N ALA G 303 -46.71 -70.72 -9.91
CA ALA G 303 -47.73 -71.33 -9.06
C ALA G 303 -48.60 -72.27 -9.87
N ASN G 304 -49.24 -71.75 -10.92
CA ASN G 304 -49.96 -72.58 -11.89
C ASN G 304 -49.50 -72.20 -13.29
N SER G 305 -49.32 -73.21 -14.14
CA SER G 305 -48.85 -72.96 -15.50
C SER G 305 -49.83 -72.11 -16.30
N ASP G 306 -51.07 -71.98 -15.83
CA ASP G 306 -52.08 -71.16 -16.51
C ASP G 306 -52.74 -70.28 -15.45
N PRO G 307 -52.36 -69.00 -15.36
CA PRO G 307 -52.84 -68.18 -14.23
C PRO G 307 -54.33 -67.91 -14.29
N HIS G 308 -54.81 -67.13 -13.32
CA HIS G 308 -56.19 -66.62 -13.32
C HIS G 308 -56.09 -65.12 -13.11
N ASP G 309 -55.87 -64.39 -14.20
CA ASP G 309 -55.75 -62.94 -14.10
C ASP G 309 -57.10 -62.38 -13.68
N LEU G 310 -57.12 -61.69 -12.56
CA LEU G 310 -58.37 -61.17 -12.01
C LEU G 310 -59.05 -60.27 -13.03
N LYS G 311 -60.30 -60.58 -13.35
CA LYS G 311 -61.00 -59.85 -14.40
C LYS G 311 -61.02 -58.37 -14.07
N PHE G 312 -61.46 -57.58 -15.05
CA PHE G 312 -61.62 -56.15 -14.87
C PHE G 312 -63.10 -55.83 -14.71
N LEU G 313 -63.43 -55.12 -13.63
CA LEU G 313 -64.81 -54.71 -13.41
C LEU G 313 -65.28 -53.83 -14.56
N THR G 314 -66.48 -54.14 -15.08
CA THR G 314 -67.07 -53.31 -16.11
C THR G 314 -67.65 -52.05 -15.47
N PRO G 315 -67.92 -51.02 -16.28
CA PRO G 315 -68.40 -49.75 -15.70
C PRO G 315 -69.65 -49.90 -14.87
N LYS G 316 -70.58 -50.77 -15.27
CA LYS G 316 -71.77 -51.01 -14.45
C LYS G 316 -71.37 -51.56 -13.09
N GLU G 317 -70.41 -52.48 -13.05
CA GLU G 317 -69.95 -53.02 -11.77
C GLU G 317 -69.35 -51.90 -10.92
N SER G 318 -68.55 -51.02 -11.51
CA SER G 318 -67.93 -49.95 -10.75
C SER G 318 -68.98 -48.99 -10.20
N PHE G 319 -70.00 -48.67 -11.00
CA PHE G 319 -71.06 -47.79 -10.52
C PHE G 319 -71.83 -48.44 -9.38
N GLU G 320 -72.15 -49.73 -9.52
CA GLU G 320 -72.82 -50.43 -8.43
C GLU G 320 -71.96 -50.45 -7.18
N LEU G 321 -70.65 -50.64 -7.35
CA LEU G 321 -69.74 -50.65 -6.21
C LEU G 321 -69.75 -49.30 -5.49
N LEU G 322 -69.64 -48.21 -6.25
CA LEU G 322 -69.67 -46.89 -5.62
C LEU G 322 -71.00 -46.63 -4.94
N VAL G 323 -72.10 -47.05 -5.58
CA VAL G 323 -73.41 -46.90 -4.96
C VAL G 323 -73.44 -47.62 -3.63
N LYS G 324 -72.93 -48.85 -3.60
CA LYS G 324 -72.84 -49.60 -2.36
C LYS G 324 -72.04 -48.83 -1.31
N ARG G 325 -70.85 -48.38 -1.68
CA ARG G 325 -69.96 -47.79 -0.68
C ARG G 325 -70.56 -46.52 -0.09
N VAL G 326 -71.10 -45.64 -0.94
CA VAL G 326 -71.58 -44.36 -0.44
C VAL G 326 -72.92 -44.53 0.27
N PHE G 327 -73.79 -45.40 -0.25
CA PHE G 327 -75.15 -45.51 0.27
C PHE G 327 -75.50 -46.93 0.73
N GLY G 328 -74.51 -47.81 0.86
CA GLY G 328 -74.79 -49.16 1.31
C GLY G 328 -75.86 -49.83 0.47
N LYS G 329 -77.00 -50.15 1.09
CA LYS G 329 -78.12 -50.74 0.37
C LYS G 329 -79.08 -49.70 -0.16
N LYS G 330 -79.20 -48.57 0.52
CA LYS G 330 -80.09 -47.50 0.06
C LYS G 330 -79.65 -47.05 -1.32
N PRO G 331 -80.55 -46.97 -2.30
CA PRO G 331 -80.13 -46.60 -3.65
C PRO G 331 -79.57 -45.19 -3.71
N CYS G 332 -78.64 -44.98 -4.62
CA CYS G 332 -78.14 -43.64 -4.87
C CYS G 332 -79.29 -42.78 -5.41
N PRO G 333 -79.38 -41.51 -5.00
CA PRO G 333 -80.51 -40.69 -5.46
C PRO G 333 -80.39 -40.34 -6.94
N LYS G 334 -81.46 -39.75 -7.46
CA LYS G 334 -81.62 -39.64 -8.91
C LYS G 334 -80.53 -38.78 -9.55
N ASP G 335 -80.33 -37.57 -9.04
CA ASP G 335 -79.45 -36.64 -9.75
C ASP G 335 -77.98 -37.02 -9.62
N LEU G 336 -77.60 -37.71 -8.55
CA LEU G 336 -76.21 -38.11 -8.39
C LEU G 336 -75.79 -39.17 -9.40
N VAL G 337 -76.74 -39.80 -10.08
CA VAL G 337 -76.41 -40.89 -10.99
C VAL G 337 -75.52 -40.37 -12.12
N GLY G 338 -75.84 -39.20 -12.66
CA GLY G 338 -75.00 -38.60 -13.68
C GLY G 338 -73.56 -38.50 -13.21
N HIS G 339 -73.35 -37.74 -12.14
CA HIS G 339 -72.01 -37.57 -11.60
C HIS G 339 -71.46 -38.89 -11.06
N GLY G 340 -72.30 -39.66 -10.39
CA GLY G 340 -71.86 -40.95 -9.90
C GLY G 340 -71.40 -41.87 -11.02
N GLU G 341 -72.19 -41.94 -12.10
CA GLU G 341 -71.76 -42.72 -13.24
C GLU G 341 -70.43 -42.21 -13.77
N SER G 342 -70.30 -40.89 -13.92
CA SER G 342 -69.05 -40.31 -14.39
C SER G 342 -67.88 -40.82 -13.54
N ILE G 343 -68.08 -40.89 -12.22
CA ILE G 343 -67.06 -41.45 -11.35
C ILE G 343 -66.78 -42.90 -11.71
N ALA G 344 -67.85 -43.68 -11.88
CA ALA G 344 -67.68 -45.11 -12.08
C ALA G 344 -66.88 -45.40 -13.35
N GLY G 345 -67.20 -44.72 -14.45
CA GLY G 345 -66.51 -44.98 -15.69
C GLY G 345 -65.05 -44.57 -15.67
N LYS G 346 -64.74 -43.47 -14.98
CA LYS G 346 -63.40 -42.90 -15.04
C LYS G 346 -62.36 -43.72 -14.29
N CYS G 347 -62.77 -44.72 -13.52
CA CYS G 347 -61.86 -45.45 -12.65
C CYS G 347 -61.09 -46.56 -13.36
N GLY G 348 -61.35 -46.79 -14.65
CA GLY G 348 -60.57 -47.72 -15.42
C GLY G 348 -60.91 -49.18 -15.23
N GLY G 349 -61.82 -49.51 -14.33
CA GLY G 349 -62.18 -50.89 -14.09
C GLY G 349 -61.39 -51.57 -12.99
N VAL G 350 -61.02 -50.84 -11.94
CA VAL G 350 -60.35 -51.43 -10.77
C VAL G 350 -61.14 -51.01 -9.54
N PRO G 351 -61.63 -51.97 -8.73
CA PRO G 351 -62.54 -51.59 -7.66
C PRO G 351 -61.95 -50.62 -6.66
N LEU G 352 -60.64 -50.65 -6.42
CA LEU G 352 -60.09 -49.86 -5.34
C LEU G 352 -60.19 -48.37 -5.62
N ALA G 353 -60.04 -47.96 -6.88
CA ALA G 353 -60.24 -46.55 -7.20
C ALA G 353 -61.67 -46.12 -6.89
N VAL G 354 -62.64 -46.95 -7.27
CA VAL G 354 -64.02 -46.71 -6.91
C VAL G 354 -64.16 -46.55 -5.40
N VAL G 355 -63.56 -47.49 -4.66
CA VAL G 355 -63.68 -47.48 -3.21
C VAL G 355 -63.11 -46.18 -2.64
N VAL G 356 -61.95 -45.76 -3.14
CA VAL G 356 -61.30 -44.58 -2.57
C VAL G 356 -62.10 -43.32 -2.84
N ILE G 357 -62.56 -43.14 -4.08
CA ILE G 357 -63.36 -41.95 -4.35
C ILE G 357 -64.67 -42.01 -3.59
N ALA G 358 -65.23 -43.21 -3.39
CA ALA G 358 -66.39 -43.35 -2.55
C ALA G 358 -66.09 -42.84 -1.14
N GLY G 359 -64.95 -43.25 -0.59
CA GLY G 359 -64.54 -42.76 0.71
C GLY G 359 -64.51 -41.25 0.75
N ALA G 360 -63.95 -40.63 -0.29
CA ALA G 360 -63.94 -39.18 -0.37
C ALA G 360 -65.36 -38.62 -0.42
N LEU G 361 -66.29 -39.37 -1.01
CA LEU G 361 -67.67 -38.92 -1.19
C LEU G 361 -68.59 -39.28 -0.03
N ARG G 362 -68.08 -39.94 1.01
CA ARG G 362 -68.95 -40.47 2.05
C ARG G 362 -69.79 -39.36 2.68
N GLY G 363 -71.10 -39.50 2.58
CA GLY G 363 -72.00 -38.52 3.17
C GLY G 363 -71.83 -37.14 2.59
N ARG G 364 -71.79 -37.03 1.26
CA ARG G 364 -71.75 -35.75 0.57
C ARG G 364 -72.88 -35.67 -0.45
N PRO G 365 -74.12 -35.92 -0.02
CA PRO G 365 -75.23 -35.94 -0.97
C PRO G 365 -75.52 -34.62 -1.65
N ASN G 366 -74.78 -33.55 -1.34
CA ASN G 366 -74.95 -32.29 -2.03
C ASN G 366 -74.12 -32.28 -3.31
N THR G 367 -74.80 -32.14 -4.45
CA THR G 367 -74.17 -32.38 -5.74
C THR G 367 -73.02 -31.43 -6.02
N SER G 368 -72.91 -30.33 -5.27
CA SER G 368 -71.73 -29.47 -5.41
C SER G 368 -70.46 -30.28 -5.20
N ASP G 369 -70.42 -31.09 -4.14
CA ASP G 369 -69.22 -31.87 -3.87
C ASP G 369 -69.09 -33.06 -4.82
N TRP G 370 -70.19 -33.66 -5.26
CA TRP G 370 -70.08 -34.73 -6.24
C TRP G 370 -69.43 -34.20 -7.52
N ILE G 371 -69.77 -32.97 -7.91
CA ILE G 371 -69.12 -32.35 -9.06
C ILE G 371 -67.67 -32.01 -8.74
N ARG G 372 -67.41 -31.54 -7.52
CA ARG G 372 -66.02 -31.28 -7.14
C ARG G 372 -65.18 -32.54 -7.29
N VAL G 373 -65.74 -33.70 -6.98
CA VAL G 373 -64.96 -34.92 -7.06
C VAL G 373 -64.92 -35.48 -8.49
N GLU G 374 -65.95 -35.21 -9.29
CA GLU G 374 -66.00 -35.82 -10.62
C GLU G 374 -64.96 -35.22 -11.55
N ARG G 375 -65.07 -33.91 -11.82
CA ARG G 375 -64.39 -33.33 -12.98
C ARG G 375 -62.93 -33.70 -13.06
N ASN G 376 -62.35 -34.19 -11.97
CA ASN G 376 -61.07 -34.91 -12.01
C ASN G 376 -61.10 -35.94 -10.91
N VAL G 377 -60.78 -37.19 -11.26
CA VAL G 377 -60.89 -38.31 -10.34
C VAL G 377 -59.54 -38.91 -10.01
N VAL G 378 -58.65 -39.03 -11.01
CA VAL G 378 -57.36 -39.66 -10.76
C VAL G 378 -56.58 -38.87 -9.71
N GLN G 379 -56.65 -37.54 -9.77
CA GLN G 379 -55.98 -36.73 -8.75
C GLN G 379 -56.52 -37.03 -7.36
N HIS G 380 -57.83 -37.26 -7.26
CA HIS G 380 -58.45 -37.39 -5.94
C HIS G 380 -57.83 -38.54 -5.17
N LEU G 381 -57.62 -39.67 -5.83
CA LEU G 381 -56.80 -40.70 -5.21
C LEU G 381 -55.43 -40.10 -4.91
N TYR G 382 -54.78 -40.63 -3.88
CA TYR G 382 -53.47 -40.14 -3.43
C TYR G 382 -53.56 -38.81 -2.70
N THR G 383 -54.66 -38.56 -2.00
CA THR G 383 -54.81 -37.34 -1.22
C THR G 383 -55.47 -37.68 0.11
N ASN G 384 -55.25 -36.80 1.10
CA ASN G 384 -55.91 -36.91 2.39
C ASN G 384 -55.45 -38.17 3.13
N SER G 385 -56.15 -38.52 4.20
CA SER G 385 -55.77 -39.68 5.00
C SER G 385 -56.03 -40.98 4.25
N GLU G 386 -57.22 -41.11 3.65
CA GLU G 386 -57.61 -42.35 3.00
C GLU G 386 -57.15 -42.37 1.54
N GLU G 387 -55.86 -42.12 1.32
CA GLU G 387 -55.26 -42.12 -0.01
C GLU G 387 -54.85 -43.50 -0.46
N SER G 388 -55.43 -44.54 0.16
CA SER G 388 -54.82 -45.86 0.20
C SER G 388 -54.19 -46.29 -1.11
N CYS G 389 -54.69 -45.79 -2.25
CA CYS G 389 -54.12 -46.19 -3.53
C CYS G 389 -52.61 -45.98 -3.56
N LEU G 390 -52.14 -44.84 -3.03
CA LEU G 390 -50.72 -44.52 -3.11
C LEU G 390 -49.89 -45.62 -2.45
N LYS G 391 -50.04 -45.80 -1.14
CA LYS G 391 -49.26 -46.80 -0.43
C LYS G 391 -49.50 -48.18 -1.01
N PHE G 392 -50.70 -48.43 -1.55
CA PHE G 392 -50.97 -49.72 -2.15
C PHE G 392 -50.05 -49.98 -3.34
N VAL G 393 -49.84 -48.98 -4.19
CA VAL G 393 -48.91 -49.15 -5.30
C VAL G 393 -47.47 -49.16 -4.79
N GLU G 394 -47.17 -48.32 -3.80
CA GLU G 394 -45.82 -48.28 -3.25
C GLU G 394 -45.43 -49.61 -2.65
N MET G 395 -46.43 -50.43 -2.33
CA MET G 395 -46.16 -51.77 -1.83
C MET G 395 -45.35 -52.57 -2.84
N SER G 396 -45.37 -52.18 -4.11
CA SER G 396 -44.66 -52.85 -5.18
C SER G 396 -43.58 -52.00 -5.82
N TYR G 397 -43.75 -50.68 -5.90
CA TYR G 397 -42.73 -49.85 -6.53
C TYR G 397 -41.36 -50.11 -5.90
N ASP G 398 -41.32 -50.32 -4.58
CA ASP G 398 -40.07 -50.69 -3.93
C ASP G 398 -39.60 -52.07 -4.39
N HIS G 399 -40.46 -52.82 -5.08
CA HIS G 399 -40.12 -54.07 -5.74
C HIS G 399 -39.56 -53.79 -7.12
N LEU G 400 -38.90 -52.66 -7.29
CA LEU G 400 -38.21 -52.40 -8.52
C LEU G 400 -36.81 -51.87 -8.23
N PRO G 401 -35.77 -52.45 -8.83
CA PRO G 401 -34.45 -51.83 -8.77
C PRO G 401 -34.49 -50.41 -9.36
N GLN G 402 -33.53 -49.59 -8.95
CA GLN G 402 -33.59 -48.18 -9.30
C GLN G 402 -33.68 -47.98 -10.80
N GLU G 403 -33.06 -48.87 -11.58
CA GLU G 403 -33.13 -48.72 -13.03
C GLU G 403 -34.57 -48.87 -13.53
N VAL G 404 -35.24 -49.96 -13.14
CA VAL G 404 -36.63 -50.12 -13.54
C VAL G 404 -37.52 -49.16 -12.77
N GLN G 405 -37.10 -48.72 -11.58
CA GLN G 405 -37.82 -47.67 -10.91
C GLN G 405 -37.95 -46.45 -11.81
N THR G 406 -36.82 -45.99 -12.35
CA THR G 406 -36.85 -44.78 -13.16
C THR G 406 -37.50 -45.05 -14.51
N CYS G 407 -37.15 -46.17 -15.15
CA CYS G 407 -37.80 -46.52 -16.41
C CYS G 407 -39.32 -46.52 -16.27
N PHE G 408 -39.81 -46.96 -15.11
CA PHE G 408 -41.24 -46.96 -14.85
C PHE G 408 -41.78 -45.53 -14.81
N LEU G 409 -41.15 -44.66 -14.03
CA LEU G 409 -41.68 -43.31 -13.88
C LEU G 409 -41.81 -42.60 -15.23
N TYR G 410 -41.02 -43.01 -16.21
CA TYR G 410 -41.09 -42.42 -17.54
C TYR G 410 -42.07 -43.14 -18.45
N CYS G 411 -42.77 -44.17 -17.95
CA CYS G 411 -44.05 -44.53 -18.52
C CYS G 411 -45.14 -43.57 -18.08
N GLY G 412 -44.87 -42.73 -17.09
CA GLY G 412 -45.81 -41.77 -16.56
C GLY G 412 -45.84 -40.44 -17.29
N VAL G 413 -45.32 -40.37 -18.50
CA VAL G 413 -45.33 -39.15 -19.28
C VAL G 413 -46.28 -39.22 -20.46
N PHE G 414 -46.68 -40.41 -20.90
CA PHE G 414 -47.64 -40.51 -21.98
C PHE G 414 -49.02 -40.12 -21.49
N PRO G 415 -49.81 -39.39 -22.28
CA PRO G 415 -51.08 -38.85 -21.78
C PRO G 415 -52.00 -39.96 -21.28
N ARG G 416 -52.79 -39.63 -20.26
CA ARG G 416 -53.66 -40.62 -19.65
C ARG G 416 -54.59 -41.22 -20.70
N GLY G 417 -54.63 -42.55 -20.74
CA GLY G 417 -55.36 -43.26 -21.78
C GLY G 417 -54.56 -43.50 -23.04
N PHE G 418 -53.38 -42.92 -23.16
CA PHE G 418 -52.54 -43.14 -24.32
C PHE G 418 -52.06 -44.59 -24.35
N ASP G 419 -51.77 -45.07 -25.56
CA ASP G 419 -51.18 -46.39 -25.77
C ASP G 419 -49.70 -46.20 -26.03
N ILE G 420 -48.87 -46.62 -25.08
CA ILE G 420 -47.44 -46.35 -25.09
C ILE G 420 -46.78 -47.41 -25.96
N PRO G 421 -46.27 -47.07 -27.15
CA PRO G 421 -45.67 -48.11 -27.99
C PRO G 421 -44.43 -48.70 -27.36
N SER G 422 -44.15 -49.95 -27.70
CA SER G 422 -42.99 -50.65 -27.14
C SER G 422 -41.69 -50.01 -27.63
N TRP G 423 -41.55 -49.82 -28.94
CA TRP G 423 -40.31 -49.25 -29.46
C TRP G 423 -40.17 -47.79 -29.07
N LYS G 424 -41.28 -47.05 -29.09
CA LYS G 424 -41.22 -45.64 -28.71
C LYS G 424 -40.76 -45.48 -27.27
N VAL G 425 -41.36 -46.23 -26.35
CA VAL G 425 -40.97 -46.12 -24.94
C VAL G 425 -39.56 -46.66 -24.72
N ILE G 426 -39.18 -47.70 -25.45
CA ILE G 426 -37.84 -48.25 -25.30
C ILE G 426 -36.81 -47.20 -25.66
N ARG G 427 -36.97 -46.56 -26.83
CA ARG G 427 -36.02 -45.55 -27.24
C ARG G 427 -36.17 -44.27 -26.45
N LEU G 428 -37.33 -44.03 -25.83
CA LEU G 428 -37.46 -42.90 -24.92
C LEU G 428 -36.63 -43.11 -23.66
N TRP G 429 -36.80 -44.26 -23.01
CA TRP G 429 -35.90 -44.63 -21.93
C TRP G 429 -34.45 -44.46 -22.36
N ILE G 430 -34.04 -45.20 -23.38
CA ILE G 430 -32.63 -45.21 -23.79
C ILE G 430 -32.15 -43.85 -24.27
N ALA G 431 -33.06 -42.94 -24.59
CA ALA G 431 -32.70 -41.60 -25.02
C ALA G 431 -32.64 -40.61 -23.88
N GLU G 432 -33.39 -40.85 -22.80
CA GLU G 432 -33.31 -39.99 -21.64
C GLU G 432 -32.09 -40.25 -20.78
N GLY G 433 -31.32 -41.29 -21.09
CA GLY G 433 -30.16 -41.64 -20.29
C GLY G 433 -30.48 -42.41 -19.05
N LEU G 434 -31.74 -42.82 -18.85
CA LEU G 434 -32.11 -43.53 -17.64
C LEU G 434 -31.42 -44.88 -17.55
N ILE G 435 -31.32 -45.60 -18.67
CA ILE G 435 -30.68 -46.91 -18.67
C ILE G 435 -29.17 -46.73 -18.55
N LYS G 436 -28.50 -47.72 -17.95
CA LYS G 436 -27.05 -47.78 -17.94
C LYS G 436 -26.59 -49.05 -18.65
N PRO G 437 -25.48 -48.99 -19.40
CA PRO G 437 -25.08 -50.15 -20.20
C PRO G 437 -24.66 -51.31 -19.31
N GLN G 438 -24.75 -52.51 -19.89
CA GLN G 438 -24.37 -53.74 -19.21
C GLN G 438 -23.19 -54.37 -19.93
N GLU G 439 -22.83 -55.59 -19.52
CA GLU G 439 -21.54 -56.16 -19.86
C GLU G 439 -21.57 -57.11 -21.05
N SER G 440 -22.75 -57.59 -21.46
CA SER G 440 -22.84 -58.32 -22.73
C SER G 440 -24.12 -58.04 -23.50
N TYR G 441 -24.89 -57.02 -23.11
CA TYR G 441 -26.19 -56.77 -23.71
C TYR G 441 -26.19 -55.44 -24.44
N THR G 442 -27.24 -55.23 -25.22
CA THR G 442 -27.42 -54.02 -26.02
C THR G 442 -28.63 -53.26 -25.51
N LEU G 443 -28.46 -51.96 -25.29
CA LEU G 443 -29.45 -51.14 -24.59
C LEU G 443 -30.87 -51.44 -25.03
N GLU G 444 -31.06 -51.74 -26.33
CA GLU G 444 -32.39 -52.07 -26.81
C GLU G 444 -32.97 -53.25 -26.04
N GLU G 445 -32.20 -54.33 -25.91
CA GLU G 445 -32.73 -55.53 -25.27
C GLU G 445 -32.77 -55.38 -23.75
N ILE G 446 -31.88 -54.59 -23.17
CA ILE G 446 -32.00 -54.30 -21.73
C ILE G 446 -33.31 -53.58 -21.45
N ALA G 447 -33.63 -52.58 -22.27
CA ALA G 447 -34.86 -51.83 -22.06
C ALA G 447 -36.08 -52.69 -22.35
N GLU G 448 -36.01 -53.53 -23.38
CA GLU G 448 -37.12 -54.44 -23.67
C GLU G 448 -37.33 -55.41 -22.51
N PHE G 449 -36.25 -55.91 -21.92
CA PHE G 449 -36.37 -56.73 -20.72
C PHE G 449 -36.94 -55.94 -19.56
N TYR G 450 -36.57 -54.67 -19.41
CA TYR G 450 -37.12 -53.88 -18.33
C TYR G 450 -38.63 -53.73 -18.47
N LEU G 451 -39.12 -53.47 -19.69
CA LEU G 451 -40.56 -53.34 -19.85
C LEU G 451 -41.25 -54.70 -19.75
N ASN G 452 -40.62 -55.76 -20.29
CA ASN G 452 -41.14 -57.11 -20.11
C ASN G 452 -41.32 -57.40 -18.63
N ASP G 453 -40.31 -57.11 -17.83
CA ASP G 453 -40.38 -57.28 -16.39
C ASP G 453 -41.47 -56.40 -15.79
N LEU G 454 -41.59 -55.17 -16.27
CA LEU G 454 -42.58 -54.26 -15.72
C LEU G 454 -43.99 -54.81 -15.95
N VAL G 455 -44.19 -55.54 -17.03
CA VAL G 455 -45.46 -56.24 -17.20
C VAL G 455 -45.50 -57.48 -16.31
N ASN G 456 -44.37 -58.18 -16.17
CA ASN G 456 -44.31 -59.34 -15.30
C ASN G 456 -44.84 -59.00 -13.92
N ARG G 457 -44.52 -57.80 -13.42
CA ARG G 457 -44.95 -57.34 -12.12
C ARG G 457 -46.34 -56.72 -12.15
N ASN G 458 -47.11 -56.93 -13.23
CA ASN G 458 -48.42 -56.35 -13.44
C ASN G 458 -48.40 -54.83 -13.35
N LEU G 459 -47.21 -54.22 -13.40
CA LEU G 459 -47.06 -52.80 -13.15
C LEU G 459 -47.47 -51.94 -14.34
N VAL G 460 -47.48 -52.48 -15.55
CA VAL G 460 -47.76 -51.71 -16.75
C VAL G 460 -48.61 -52.56 -17.67
N ILE G 461 -49.88 -52.20 -17.81
CA ILE G 461 -50.81 -52.95 -18.65
C ILE G 461 -50.16 -53.22 -20.00
N LEU G 462 -50.43 -54.41 -20.53
CA LEU G 462 -49.92 -54.82 -21.85
C LEU G 462 -51.06 -55.49 -22.60
N GLN G 463 -51.70 -54.77 -23.52
CA GLN G 463 -52.69 -55.38 -24.41
C GLN G 463 -52.31 -55.04 -25.86
N GLN G 464 -51.26 -55.70 -26.33
CA GLN G 464 -51.01 -55.96 -27.74
C GLN G 464 -49.73 -56.79 -27.81
N LYS G 465 -49.73 -57.85 -28.62
CA LYS G 465 -48.59 -58.76 -28.67
C LYS G 465 -48.11 -58.86 -30.10
N ARG G 466 -46.83 -58.52 -30.31
CA ARG G 466 -46.21 -58.71 -31.61
C ARG G 466 -46.34 -60.17 -32.02
N SER G 467 -46.13 -60.48 -33.30
CA SER G 467 -46.15 -61.87 -33.72
C SER G 467 -45.20 -62.70 -32.86
N ASP G 468 -44.07 -62.11 -32.46
CA ASP G 468 -43.16 -62.78 -31.54
C ASP G 468 -43.70 -62.87 -30.13
N GLY G 469 -44.91 -62.37 -29.88
CA GLY G 469 -45.46 -62.38 -28.55
C GLY G 469 -44.79 -61.41 -27.60
N GLN G 470 -44.24 -60.32 -28.13
CA GLN G 470 -43.60 -59.30 -27.33
C GLN G 470 -44.50 -58.08 -27.23
N ILE G 471 -44.16 -57.19 -26.30
CA ILE G 471 -44.98 -56.01 -26.07
C ILE G 471 -45.05 -55.17 -27.33
N LYS G 472 -46.26 -54.83 -27.75
CA LYS G 472 -46.50 -53.90 -28.84
C LYS G 472 -47.20 -52.63 -28.39
N THR G 473 -48.00 -52.68 -27.33
CA THR G 473 -48.51 -51.49 -26.68
C THR G 473 -48.61 -51.76 -25.19
N CYS G 474 -48.44 -50.71 -24.39
CA CYS G 474 -48.57 -50.80 -22.95
C CYS G 474 -49.14 -49.50 -22.45
N ARG G 475 -49.98 -49.60 -21.41
CA ARG G 475 -50.67 -48.44 -20.86
C ARG G 475 -50.41 -48.38 -19.37
N LEU G 476 -50.56 -47.18 -18.82
CA LEU G 476 -50.49 -46.95 -17.38
C LEU G 476 -51.91 -46.75 -16.87
N HIS G 477 -52.31 -47.55 -15.90
CA HIS G 477 -53.69 -47.45 -15.41
C HIS G 477 -53.93 -46.05 -14.87
N VAL G 478 -55.17 -45.56 -15.03
CA VAL G 478 -55.48 -44.18 -14.70
C VAL G 478 -55.00 -43.83 -13.30
N MET G 479 -55.35 -44.66 -12.30
CA MET G 479 -54.83 -44.46 -10.96
C MET G 479 -53.30 -44.53 -10.97
N LEU G 480 -52.74 -45.53 -11.65
CA LEU G 480 -51.30 -45.64 -11.72
C LEU G 480 -50.69 -44.51 -12.54
N HIS G 481 -51.42 -44.01 -13.53
CA HIS G 481 -50.92 -42.87 -14.31
C HIS G 481 -50.76 -41.65 -13.43
N GLN G 482 -51.77 -41.36 -12.61
CA GLN G 482 -51.64 -40.25 -11.68
C GLN G 482 -50.55 -40.50 -10.65
N PHE G 483 -50.39 -41.75 -10.21
CA PHE G 483 -49.30 -42.06 -9.30
C PHE G 483 -47.95 -41.72 -9.92
N CYS G 484 -47.73 -42.16 -11.15
CA CYS G 484 -46.46 -41.89 -11.82
C CYS G 484 -46.26 -40.41 -12.04
N LYS G 485 -47.31 -39.70 -12.49
CA LYS G 485 -47.19 -38.28 -12.75
C LYS G 485 -46.82 -37.53 -11.48
N LYS G 486 -47.51 -37.82 -10.37
CA LYS G 486 -47.22 -37.14 -9.12
C LYS G 486 -45.85 -37.55 -8.58
N GLU G 487 -45.43 -38.80 -8.79
CA GLU G 487 -44.12 -39.22 -8.33
C GLU G 487 -43.01 -38.49 -9.08
N ALA G 488 -43.12 -38.43 -10.40
CA ALA G 488 -42.17 -37.65 -11.19
C ALA G 488 -42.16 -36.20 -10.75
N SER G 489 -43.35 -35.60 -10.58
CA SER G 489 -43.43 -34.21 -10.19
C SER G 489 -42.74 -33.96 -8.86
N ASN G 490 -42.95 -34.84 -7.88
CA ASN G 490 -42.22 -34.72 -6.63
C ASN G 490 -40.72 -34.82 -6.85
N LYS G 491 -40.29 -35.79 -7.68
CA LYS G 491 -38.88 -35.92 -8.00
C LYS G 491 -38.45 -34.98 -9.13
N TRP G 492 -39.39 -34.39 -9.85
CA TRP G 492 -39.17 -33.42 -10.93
C TRP G 492 -38.56 -34.04 -12.18
N LEU G 493 -38.48 -35.36 -12.28
CA LEU G 493 -37.88 -35.96 -13.46
C LEU G 493 -38.60 -35.49 -14.73
N PHE G 494 -39.88 -35.16 -14.62
CA PHE G 494 -40.60 -34.43 -15.65
C PHE G 494 -41.91 -33.94 -15.05
N GLN G 495 -42.80 -33.42 -15.89
CA GLN G 495 -44.01 -32.79 -15.41
C GLN G 495 -44.93 -32.54 -16.60
N GLU G 496 -46.20 -32.32 -16.30
CA GLU G 496 -47.22 -32.00 -17.31
C GLU G 496 -47.70 -30.58 -17.09
N VAL G 497 -47.61 -29.75 -18.14
CA VAL G 497 -48.05 -28.38 -18.04
C VAL G 497 -49.57 -28.33 -17.98
N SER G 498 -50.10 -27.39 -17.20
CA SER G 498 -51.54 -27.21 -17.06
C SER G 498 -51.81 -25.75 -16.78
N LEU G 499 -53.10 -25.40 -16.77
CA LEU G 499 -53.49 -24.01 -16.51
C LEU G 499 -54.98 -23.90 -16.17
N THR G 500 -55.28 -23.35 -14.99
CA THR G 500 -56.65 -22.97 -14.68
C THR G 500 -56.95 -21.65 -15.37
N PRO G 501 -57.97 -21.57 -16.23
CA PRO G 501 -58.03 -20.51 -17.23
C PRO G 501 -56.71 -19.80 -17.51
N ASP G 502 -56.24 -18.98 -16.57
CA ASP G 502 -54.97 -18.26 -16.73
C ASP G 502 -53.86 -19.08 -16.06
N GLN G 503 -52.70 -18.46 -15.84
CA GLN G 503 -51.62 -19.04 -15.05
C GLN G 503 -50.92 -20.17 -15.80
N ALA G 504 -50.00 -20.86 -15.12
CA ALA G 504 -49.12 -21.82 -15.78
C ALA G 504 -49.18 -23.21 -15.12
N ILE G 505 -50.20 -23.48 -14.32
CA ILE G 505 -50.37 -24.81 -13.73
C ILE G 505 -51.86 -25.08 -13.56
N ASP G 509 -45.40 -23.83 -11.11
CA ASP G 509 -44.11 -23.22 -11.39
C ASP G 509 -43.30 -24.11 -12.32
N PRO G 510 -43.59 -24.02 -13.63
CA PRO G 510 -42.86 -24.84 -14.60
C PRO G 510 -41.34 -24.73 -14.46
N ASN G 511 -40.87 -23.67 -13.82
CA ASN G 511 -39.43 -23.56 -13.55
C ASN G 511 -38.95 -24.66 -12.62
N LYS G 512 -39.86 -25.30 -11.88
CA LYS G 512 -39.56 -26.49 -11.10
C LYS G 512 -39.95 -27.75 -11.84
N SER G 513 -39.78 -27.75 -13.16
CA SER G 513 -40.11 -28.88 -14.02
C SER G 513 -38.90 -29.12 -14.92
N ARG G 514 -38.11 -30.14 -14.59
CA ARG G 514 -36.93 -30.43 -15.41
C ARG G 514 -37.33 -30.77 -16.84
N ARG G 515 -38.58 -31.14 -17.06
CA ARG G 515 -39.10 -31.36 -18.40
C ARG G 515 -40.56 -30.94 -18.44
N LEU G 516 -41.05 -30.67 -19.64
CA LEU G 516 -42.41 -30.20 -19.86
C LEU G 516 -43.13 -31.16 -20.78
N CYS G 517 -44.24 -31.71 -20.30
CA CYS G 517 -45.14 -32.51 -21.13
C CYS G 517 -46.41 -31.70 -21.34
N ILE G 518 -46.59 -31.20 -22.55
CA ILE G 518 -47.68 -30.30 -22.88
C ILE G 518 -48.63 -31.02 -23.83
N GLN G 519 -49.93 -30.85 -23.60
CA GLN G 519 -50.93 -31.39 -24.50
C GLN G 519 -51.10 -30.47 -25.71
N PRO G 520 -51.46 -31.02 -26.87
CA PRO G 520 -51.62 -30.17 -28.06
C PRO G 520 -52.64 -29.06 -27.87
N SER G 521 -53.73 -29.33 -27.15
CA SER G 521 -54.79 -28.33 -27.02
C SER G 521 -54.28 -27.08 -26.33
N ASN G 522 -53.51 -27.23 -25.26
CA ASN G 522 -52.98 -26.11 -24.50
C ASN G 522 -51.66 -25.59 -25.05
N LEU G 523 -51.09 -26.24 -26.07
CA LEU G 523 -49.78 -25.85 -26.57
C LEU G 523 -49.81 -24.44 -27.15
N LYS G 524 -50.86 -24.11 -27.88
CA LYS G 524 -50.94 -22.77 -28.48
C LYS G 524 -50.91 -21.69 -27.41
N ASP G 525 -51.77 -21.82 -26.39
CA ASP G 525 -51.80 -20.81 -25.33
C ASP G 525 -50.51 -20.83 -24.53
N PHE G 526 -49.90 -22.00 -24.35
CA PHE G 526 -48.63 -22.07 -23.64
C PHE G 526 -47.56 -21.30 -24.40
N LEU G 527 -47.55 -21.39 -25.73
CA LEU G 527 -46.66 -20.56 -26.53
C LEU G 527 -47.06 -19.10 -26.47
N SER G 528 -48.34 -18.82 -26.19
CA SER G 528 -48.79 -17.43 -26.15
C SER G 528 -48.04 -16.63 -25.09
N LYS G 529 -47.78 -17.23 -23.94
CA LYS G 529 -47.02 -16.56 -22.87
C LYS G 529 -45.54 -16.43 -23.20
N LYS G 530 -45.10 -16.80 -24.40
CA LYS G 530 -43.70 -16.67 -24.80
C LYS G 530 -42.83 -17.49 -23.87
N PRO G 531 -42.96 -18.81 -23.88
CA PRO G 531 -42.17 -19.65 -22.98
C PRO G 531 -40.68 -19.53 -23.28
N SER G 532 -39.89 -19.52 -22.21
CA SER G 532 -38.43 -19.46 -22.33
C SER G 532 -37.84 -20.19 -21.15
N ALA G 533 -37.04 -21.23 -21.42
CA ALA G 533 -36.45 -22.04 -20.38
C ALA G 533 -35.09 -22.55 -20.83
N GLU G 534 -34.23 -22.81 -19.85
CA GLU G 534 -32.92 -23.41 -20.06
C GLU G 534 -32.78 -24.76 -19.39
N HIS G 535 -33.30 -24.89 -18.16
CA HIS G 535 -33.25 -26.16 -17.46
C HIS G 535 -34.11 -27.23 -18.14
N VAL G 536 -35.13 -26.84 -18.90
CA VAL G 536 -35.91 -27.81 -19.64
C VAL G 536 -34.97 -28.63 -20.52
N ARG G 537 -35.23 -29.93 -20.63
CA ARG G 537 -34.36 -30.81 -21.38
C ARG G 537 -35.15 -31.82 -22.21
N SER G 538 -36.34 -31.44 -22.67
CA SER G 538 -37.15 -32.30 -23.52
C SER G 538 -38.39 -31.52 -23.90
N PHE G 539 -39.21 -32.12 -24.77
CA PHE G 539 -40.46 -31.51 -25.20
C PHE G 539 -41.40 -32.64 -25.61
N TYR G 540 -42.39 -32.93 -24.78
CA TYR G 540 -43.36 -33.99 -25.02
C TYR G 540 -44.69 -33.38 -25.41
N CYS G 541 -45.18 -33.73 -26.60
CA CYS G 541 -46.55 -33.44 -27.01
C CYS G 541 -46.98 -34.57 -27.94
N PHE G 542 -47.63 -35.57 -27.36
CA PHE G 542 -48.12 -36.73 -28.09
C PHE G 542 -49.59 -36.51 -28.46
N SER G 543 -50.01 -37.14 -29.54
CA SER G 543 -51.37 -36.99 -30.06
C SER G 543 -52.19 -38.19 -29.58
N SER G 544 -52.71 -38.08 -28.35
CA SER G 544 -53.64 -39.09 -27.87
C SER G 544 -54.86 -39.18 -28.78
N LYS G 545 -55.41 -38.03 -29.17
CA LYS G 545 -56.38 -37.96 -30.24
C LYS G 545 -55.59 -37.90 -31.55
N GLU G 546 -55.32 -39.07 -32.11
CA GLU G 546 -54.36 -39.18 -33.20
C GLU G 546 -54.76 -38.30 -34.38
N LYS G 547 -53.76 -37.61 -34.94
CA LYS G 547 -53.91 -36.84 -36.18
C LYS G 547 -54.79 -35.60 -35.99
N GLN G 548 -54.93 -35.12 -34.77
CA GLN G 548 -55.70 -33.90 -34.51
C GLN G 548 -54.80 -32.69 -34.47
N ILE G 549 -54.10 -32.46 -35.59
CA ILE G 549 -53.16 -31.34 -35.69
C ILE G 549 -53.98 -30.06 -35.64
N ARG G 550 -53.82 -29.29 -34.56
CA ARG G 550 -54.58 -28.06 -34.38
C ARG G 550 -53.96 -26.92 -35.18
N GLY G 551 -54.47 -25.71 -34.99
CA GLY G 551 -54.00 -24.56 -35.72
C GLY G 551 -52.67 -24.03 -35.21
N LEU G 552 -51.60 -24.78 -35.45
CA LEU G 552 -50.25 -24.38 -35.05
C LEU G 552 -49.53 -23.82 -36.26
N THR G 553 -49.18 -22.54 -36.20
CA THR G 553 -48.51 -21.85 -37.28
C THR G 553 -47.01 -22.05 -37.21
N PRO G 554 -46.28 -21.81 -38.31
CA PRO G 554 -44.82 -21.95 -38.27
C PRO G 554 -44.17 -21.10 -37.19
N ASN G 555 -44.72 -19.92 -36.91
CA ASN G 555 -44.23 -19.12 -35.79
C ASN G 555 -44.27 -19.91 -34.49
N ASP G 556 -45.29 -20.75 -34.30
CA ASP G 556 -45.35 -21.57 -33.11
C ASP G 556 -44.16 -22.52 -33.04
N ILE G 557 -43.81 -23.13 -34.16
CA ILE G 557 -42.70 -24.07 -34.16
C ILE G 557 -41.38 -23.35 -33.92
N LYS G 558 -41.22 -22.15 -34.49
CA LYS G 558 -40.02 -21.37 -34.23
C LYS G 558 -39.93 -20.99 -32.76
N LEU G 559 -41.05 -20.59 -32.16
CA LEU G 559 -41.05 -20.26 -30.74
C LEU G 559 -40.69 -21.47 -29.90
N ILE G 560 -41.19 -22.66 -30.30
CA ILE G 560 -40.80 -23.88 -29.62
C ILE G 560 -39.29 -24.07 -29.69
N HIS G 561 -38.73 -23.94 -30.90
CA HIS G 561 -37.28 -24.07 -31.05
C HIS G 561 -36.55 -23.12 -30.11
N LYS G 562 -37.03 -21.88 -30.01
CA LYS G 562 -36.36 -20.90 -29.15
C LYS G 562 -36.47 -21.29 -27.68
N ALA G 563 -37.65 -21.73 -27.25
CA ALA G 563 -37.92 -21.84 -25.81
C ALA G 563 -37.08 -22.93 -25.15
N PHE G 564 -36.86 -24.05 -25.84
CA PHE G 564 -36.20 -25.22 -25.26
C PHE G 564 -34.85 -25.42 -25.94
N PRO G 565 -33.82 -24.64 -25.58
CA PRO G 565 -32.56 -24.70 -26.34
C PRO G 565 -31.68 -25.88 -25.97
N LEU G 566 -31.74 -26.32 -24.72
CA LEU G 566 -30.97 -27.46 -24.26
C LEU G 566 -31.72 -28.77 -24.38
N VAL G 567 -32.66 -28.85 -25.32
CA VAL G 567 -33.51 -30.02 -25.43
C VAL G 567 -32.66 -31.24 -25.76
N ARG G 568 -32.86 -32.31 -25.01
CA ARG G 568 -32.29 -33.61 -25.34
C ARG G 568 -33.31 -34.51 -26.02
N VAL G 569 -34.58 -34.37 -25.65
CA VAL G 569 -35.65 -35.26 -26.09
C VAL G 569 -36.74 -34.38 -26.66
N LEU G 570 -36.68 -34.09 -27.96
CA LEU G 570 -37.68 -33.29 -28.66
C LEU G 570 -38.56 -34.26 -29.44
N ASP G 571 -39.74 -34.55 -28.89
CA ASP G 571 -40.64 -35.55 -29.45
C ASP G 571 -42.03 -34.93 -29.57
N VAL G 572 -42.45 -34.67 -30.80
CA VAL G 572 -43.82 -34.23 -31.06
C VAL G 572 -44.21 -34.64 -32.47
N GLU G 573 -45.33 -35.36 -32.60
CA GLU G 573 -45.99 -35.54 -33.88
C GLU G 573 -47.48 -35.21 -33.72
N SER G 574 -47.77 -33.91 -33.67
CA SER G 574 -49.04 -33.37 -34.17
C SER G 574 -48.73 -31.91 -34.51
N LEU G 575 -48.25 -31.69 -35.74
CA LEU G 575 -47.62 -30.44 -36.10
C LEU G 575 -47.26 -30.44 -37.58
N LYS G 576 -46.75 -29.32 -38.07
CA LYS G 576 -46.05 -29.24 -39.36
C LYS G 576 -44.67 -28.67 -39.05
N PHE G 577 -43.74 -29.56 -38.68
CA PHE G 577 -42.43 -29.12 -38.23
C PHE G 577 -41.60 -28.61 -39.40
N LEU G 578 -40.66 -27.72 -39.09
CA LEU G 578 -39.73 -27.18 -40.07
C LEU G 578 -38.34 -27.10 -39.45
N PHE G 579 -37.32 -27.14 -40.31
CA PHE G 579 -35.93 -27.19 -39.86
C PHE G 579 -35.37 -25.77 -39.72
N SER G 580 -35.94 -25.04 -38.77
CA SER G 580 -35.51 -23.66 -38.56
C SER G 580 -34.04 -23.61 -38.18
N LYS G 581 -33.44 -22.44 -38.37
CA LYS G 581 -32.06 -22.24 -37.94
C LYS G 581 -31.91 -22.51 -36.46
N ASP G 582 -32.85 -22.00 -35.65
CA ASP G 582 -32.80 -22.24 -34.21
C ASP G 582 -32.84 -23.73 -33.92
N PHE G 583 -33.77 -24.45 -34.54
CA PHE G 583 -33.83 -25.90 -34.34
C PHE G 583 -32.54 -26.56 -34.80
N ASN G 584 -31.86 -25.99 -35.79
CA ASN G 584 -30.62 -26.57 -36.28
C ASN G 584 -29.49 -26.43 -35.27
N GLN G 585 -29.60 -25.50 -34.32
CA GLN G 585 -28.55 -25.30 -33.33
C GLN G 585 -28.51 -26.39 -32.27
N LEU G 586 -29.60 -27.12 -32.07
CA LEU G 586 -29.76 -27.97 -30.89
C LEU G 586 -28.83 -29.17 -31.01
N PHE G 587 -27.58 -28.98 -30.59
CA PHE G 587 -26.59 -30.05 -30.65
C PHE G 587 -26.77 -31.10 -29.56
N HIS G 588 -27.32 -30.71 -28.40
CA HIS G 588 -27.52 -31.65 -27.29
C HIS G 588 -28.48 -32.76 -27.64
N LEU G 589 -29.14 -32.65 -28.77
CA LEU G 589 -30.28 -33.48 -29.10
C LEU G 589 -29.96 -34.96 -29.06
N ARG G 590 -30.92 -35.74 -28.57
CA ARG G 590 -30.80 -37.19 -28.40
C ARG G 590 -31.79 -37.98 -29.22
N TYR G 591 -33.05 -37.53 -29.31
CA TYR G 591 -34.09 -38.35 -29.93
C TYR G 591 -35.14 -37.41 -30.52
N ILE G 592 -35.38 -37.55 -31.82
CA ILE G 592 -36.34 -36.73 -32.57
C ILE G 592 -37.53 -37.56 -33.01
N ALA G 593 -38.72 -37.03 -32.77
CA ALA G 593 -39.97 -37.53 -33.32
C ALA G 593 -40.71 -36.30 -33.86
N ILE G 594 -40.59 -36.05 -35.17
CA ILE G 594 -41.15 -34.87 -35.81
C ILE G 594 -41.88 -35.29 -37.08
N SER G 595 -42.74 -34.39 -37.56
CA SER G 595 -43.48 -34.60 -38.80
C SER G 595 -43.54 -33.30 -39.58
N GLY G 596 -43.84 -33.43 -40.87
CA GLY G 596 -43.92 -32.28 -41.75
C GLY G 596 -43.85 -32.71 -43.20
N ASP G 597 -43.32 -31.81 -44.02
CA ASP G 597 -43.12 -32.05 -45.46
C ASP G 597 -41.64 -31.81 -45.75
N PHE G 598 -40.84 -32.86 -45.63
CA PHE G 598 -39.41 -32.81 -45.87
C PHE G 598 -39.04 -33.76 -46.99
N ASN G 599 -38.27 -33.28 -47.96
CA ASN G 599 -37.87 -34.07 -49.11
C ASN G 599 -36.45 -34.62 -49.00
N ALA G 600 -35.68 -34.15 -48.01
CA ALA G 600 -34.32 -34.60 -47.79
C ALA G 600 -33.87 -34.04 -46.46
N ILE G 601 -33.22 -34.88 -45.65
CA ILE G 601 -32.78 -34.45 -44.33
C ILE G 601 -31.66 -33.44 -44.52
N PRO G 602 -31.80 -32.21 -44.03
CA PRO G 602 -30.75 -31.22 -44.23
C PRO G 602 -29.48 -31.58 -43.49
N LEU G 603 -28.35 -31.09 -44.00
CA LEU G 603 -27.06 -31.32 -43.36
C LEU G 603 -27.04 -30.76 -41.94
N THR G 604 -27.94 -29.81 -41.63
CA THR G 604 -28.01 -29.28 -40.28
C THR G 604 -28.03 -30.38 -39.24
N PHE G 605 -28.62 -31.52 -39.57
CA PHE G 605 -28.63 -32.66 -38.66
C PHE G 605 -27.24 -33.24 -38.45
N GLY G 606 -26.28 -32.93 -39.31
CA GLY G 606 -24.92 -33.39 -39.12
C GLY G 606 -24.21 -32.76 -37.95
N LYS G 607 -24.82 -31.77 -37.30
CA LYS G 607 -24.24 -31.13 -36.13
C LYS G 607 -24.77 -31.72 -34.82
N PHE G 608 -25.80 -32.55 -34.87
CA PHE G 608 -26.40 -33.13 -33.67
C PHE G 608 -25.57 -34.34 -33.23
N TRP G 609 -24.36 -34.04 -32.75
CA TRP G 609 -23.44 -35.08 -32.33
C TRP G 609 -23.97 -35.91 -31.16
N ASN G 610 -24.88 -35.35 -30.36
CA ASN G 610 -25.47 -36.08 -29.24
C ASN G 610 -26.61 -36.99 -29.66
N LEU G 611 -27.04 -36.92 -30.92
CA LEU G 611 -28.24 -37.66 -31.35
C LEU G 611 -28.05 -39.16 -31.15
N GLN G 612 -29.15 -39.82 -30.79
CA GLN G 612 -29.19 -41.27 -30.68
C GLN G 612 -30.29 -41.86 -31.55
N THR G 613 -31.41 -41.15 -31.70
CA THR G 613 -32.57 -41.63 -32.43
C THR G 613 -33.08 -40.55 -33.37
N LEU G 614 -33.75 -40.99 -34.43
CA LEU G 614 -34.36 -40.05 -35.38
C LEU G 614 -35.55 -40.74 -36.03
N ILE G 615 -36.75 -40.38 -35.58
CA ILE G 615 -38.00 -40.83 -36.18
C ILE G 615 -38.51 -39.73 -37.09
N LEU G 616 -38.81 -40.08 -38.34
CA LEU G 616 -39.22 -39.12 -39.34
C LEU G 616 -40.53 -39.57 -39.96
N ASN G 617 -41.53 -38.67 -39.94
CA ASN G 617 -42.84 -38.90 -40.54
C ASN G 617 -43.11 -37.72 -41.47
N THR G 618 -42.64 -37.83 -42.71
CA THR G 618 -42.69 -36.73 -43.67
C THR G 618 -43.84 -36.96 -44.65
N SER G 619 -44.54 -35.87 -44.98
CA SER G 619 -45.68 -35.92 -45.88
C SER G 619 -45.31 -35.60 -47.33
N THR G 620 -44.02 -35.49 -47.63
CA THR G 620 -43.61 -35.16 -49.00
C THR G 620 -44.13 -36.21 -49.97
N SER G 621 -44.57 -35.75 -51.15
CA SER G 621 -44.98 -36.66 -52.21
C SER G 621 -43.79 -37.36 -52.85
N GLU G 622 -42.56 -36.96 -52.53
CA GLU G 622 -41.39 -37.59 -53.12
C GLU G 622 -41.35 -39.08 -52.82
N SER G 623 -40.92 -39.85 -53.81
CA SER G 623 -40.81 -41.30 -53.64
C SER G 623 -39.65 -41.67 -52.73
N THR G 624 -38.61 -40.84 -52.68
CA THR G 624 -37.42 -41.13 -51.89
C THR G 624 -36.97 -39.88 -51.14
N LEU G 625 -36.42 -40.09 -49.94
CA LEU G 625 -35.86 -39.03 -49.12
C LEU G 625 -34.34 -39.15 -49.14
N ASP G 626 -33.67 -38.02 -49.40
CA ASP G 626 -32.22 -38.00 -49.48
C ASP G 626 -31.67 -37.51 -48.14
N VAL G 627 -30.82 -38.33 -47.53
CA VAL G 627 -30.25 -38.01 -46.20
C VAL G 627 -28.97 -37.24 -46.46
N LYS G 628 -29.12 -35.93 -46.60
CA LYS G 628 -27.94 -35.08 -46.84
C LYS G 628 -26.99 -35.10 -45.66
N ALA G 629 -27.54 -35.10 -44.44
CA ALA G 629 -26.70 -35.15 -43.25
C ALA G 629 -25.84 -36.40 -43.25
N ASP G 630 -24.58 -36.25 -42.84
CA ASP G 630 -23.66 -37.37 -42.78
C ASP G 630 -24.00 -38.25 -41.60
N ILE G 631 -24.91 -39.22 -41.80
CA ILE G 631 -25.32 -40.10 -40.72
C ILE G 631 -24.15 -40.88 -40.16
N TRP G 632 -23.07 -41.03 -40.93
CA TRP G 632 -21.96 -41.87 -40.50
C TRP G 632 -21.15 -41.22 -39.38
N ASN G 633 -21.04 -39.89 -39.38
CA ASN G 633 -20.24 -39.20 -38.38
C ASN G 633 -20.89 -39.18 -37.00
N MET G 634 -22.21 -39.32 -36.91
CA MET G 634 -22.92 -39.26 -35.64
C MET G 634 -22.67 -40.58 -34.91
N LEU G 635 -21.61 -40.60 -34.11
CA LEU G 635 -21.23 -41.84 -33.41
C LEU G 635 -22.32 -42.26 -32.44
N GLN G 636 -22.91 -41.31 -31.72
CA GLN G 636 -23.94 -41.64 -30.74
C GLN G 636 -25.21 -42.16 -31.37
N LEU G 637 -25.37 -42.02 -32.69
CA LEU G 637 -26.60 -42.46 -33.35
C LEU G 637 -26.85 -43.93 -33.08
N ARG G 638 -28.12 -44.28 -32.88
CA ARG G 638 -28.49 -45.68 -32.71
C ARG G 638 -29.61 -46.13 -33.64
N HIS G 639 -30.62 -45.29 -33.88
CA HIS G 639 -31.79 -45.70 -34.63
C HIS G 639 -32.33 -44.54 -35.45
N LEU G 640 -32.41 -44.74 -36.76
CA LEU G 640 -33.06 -43.79 -37.67
C LEU G 640 -34.31 -44.46 -38.24
N HIS G 641 -35.44 -43.77 -38.11
CA HIS G 641 -36.72 -44.26 -38.62
C HIS G 641 -37.28 -43.28 -39.63
N THR G 642 -37.77 -43.81 -40.74
CA THR G 642 -38.39 -43.01 -41.79
C THR G 642 -39.69 -43.70 -42.22
N ASN G 643 -40.62 -42.90 -42.75
CA ASN G 643 -41.89 -43.45 -43.23
C ASN G 643 -41.81 -43.92 -44.67
N ILE G 644 -40.83 -43.43 -45.42
CA ILE G 644 -40.67 -43.80 -46.83
C ILE G 644 -39.23 -44.22 -47.02
N PRO G 645 -38.92 -44.92 -48.11
CA PRO G 645 -37.56 -45.41 -48.32
C PRO G 645 -36.55 -44.26 -48.27
N ALA G 646 -35.42 -44.53 -47.64
CA ALA G 646 -34.38 -43.53 -47.43
C ALA G 646 -33.24 -43.75 -48.41
N LYS G 647 -32.87 -42.70 -49.13
CA LYS G 647 -31.75 -42.76 -50.08
C LYS G 647 -30.48 -42.29 -49.38
N LEU G 648 -30.00 -43.16 -48.49
CA LEU G 648 -28.76 -42.93 -47.75
C LEU G 648 -27.62 -42.65 -48.69
N GLN G 649 -26.53 -42.07 -48.17
CA GLN G 649 -25.36 -41.73 -48.95
C GLN G 649 -24.18 -42.58 -48.47
N PRO G 650 -23.50 -43.31 -49.35
CA PRO G 650 -22.48 -44.24 -48.87
C PRO G 650 -21.40 -43.49 -48.10
N PRO G 651 -20.84 -44.11 -47.07
CA PRO G 651 -19.80 -43.44 -46.29
C PRO G 651 -18.58 -43.13 -47.14
N THR G 652 -17.99 -41.96 -46.91
CA THR G 652 -16.80 -41.56 -47.64
C THR G 652 -15.56 -42.14 -46.99
N ALA G 653 -14.41 -41.94 -47.63
CA ALA G 653 -13.16 -42.47 -47.08
C ALA G 653 -12.86 -41.85 -45.72
N THR G 654 -13.11 -40.55 -45.56
CA THR G 654 -12.85 -39.90 -44.27
C THR G 654 -13.73 -40.50 -43.17
N THR G 655 -15.00 -40.75 -43.48
CA THR G 655 -15.91 -41.32 -42.50
C THR G 655 -15.55 -42.75 -42.10
N SER G 656 -14.68 -43.41 -42.86
CA SER G 656 -14.31 -44.78 -42.55
C SER G 656 -13.74 -44.87 -41.14
N GLY G 657 -14.22 -45.87 -40.39
CA GLY G 657 -13.77 -46.05 -39.02
C GLY G 657 -14.48 -47.20 -38.32
N LYS G 658 -14.80 -47.01 -37.05
CA LYS G 658 -15.49 -48.05 -36.29
C LYS G 658 -16.87 -48.30 -36.85
N ALA G 659 -17.37 -49.52 -36.67
CA ALA G 659 -18.72 -49.85 -37.09
C ALA G 659 -19.72 -48.94 -36.40
N SER G 660 -20.70 -48.46 -37.16
CA SER G 660 -21.65 -47.49 -36.64
C SER G 660 -22.49 -48.10 -35.52
N CYS G 661 -22.89 -47.25 -34.57
CA CYS G 661 -23.75 -47.67 -33.48
C CYS G 661 -25.16 -48.02 -33.95
N LEU G 662 -25.50 -47.70 -35.19
CA LEU G 662 -26.85 -47.98 -35.71
C LEU G 662 -27.25 -49.43 -35.45
N GLN G 663 -28.39 -49.60 -34.79
CA GLN G 663 -29.01 -50.91 -34.63
C GLN G 663 -30.18 -51.10 -35.58
N THR G 664 -31.05 -50.11 -35.68
CA THR G 664 -32.24 -50.17 -36.50
C THR G 664 -32.19 -49.12 -37.59
N LEU G 665 -32.53 -49.52 -38.82
CA LEU G 665 -32.58 -48.61 -39.96
C LEU G 665 -33.79 -49.00 -40.79
N CYS G 666 -34.89 -48.28 -40.60
CA CYS G 666 -36.19 -48.65 -41.16
C CYS G 666 -36.50 -47.80 -42.38
N MET G 667 -37.25 -48.40 -43.30
CA MET G 667 -37.69 -47.74 -44.53
C MET G 667 -36.49 -47.23 -45.34
N VAL G 668 -35.70 -48.20 -45.80
CA VAL G 668 -34.49 -47.94 -46.57
C VAL G 668 -34.79 -48.14 -48.05
N ALA G 669 -34.29 -47.25 -48.88
CA ALA G 669 -34.37 -47.46 -50.33
C ALA G 669 -33.33 -48.51 -50.74
N PRO G 670 -33.67 -49.43 -51.65
CA PRO G 670 -32.67 -50.43 -52.05
C PRO G 670 -31.41 -49.80 -52.60
N GLU G 671 -31.53 -48.69 -53.32
CA GLU G 671 -30.34 -47.96 -53.76
C GLU G 671 -29.47 -47.59 -52.57
N SER G 672 -30.08 -47.34 -51.42
CA SER G 672 -29.34 -46.97 -50.22
C SER G 672 -28.72 -48.17 -49.52
N CYS G 673 -28.89 -49.38 -50.05
CA CYS G 673 -28.25 -50.57 -49.51
C CYS G 673 -27.10 -50.95 -50.43
N GLU G 674 -25.95 -50.33 -50.20
CA GLU G 674 -24.75 -50.59 -50.98
C GLU G 674 -23.70 -51.26 -50.10
N LYS G 675 -22.69 -51.85 -50.75
CA LYS G 675 -21.67 -52.58 -50.01
C LYS G 675 -21.03 -51.70 -48.94
N GLU G 676 -20.80 -50.43 -49.26
CA GLU G 676 -20.12 -49.55 -48.30
C GLU G 676 -21.04 -49.21 -47.14
N VAL G 677 -22.30 -48.88 -47.42
CA VAL G 677 -23.25 -48.56 -46.35
C VAL G 677 -23.38 -49.75 -45.40
N LEU G 678 -23.62 -50.94 -45.96
CA LEU G 678 -23.80 -52.12 -45.13
C LEU G 678 -22.51 -52.47 -44.40
N ALA G 679 -21.35 -52.18 -45.00
CA ALA G 679 -20.10 -52.36 -44.28
C ALA G 679 -20.03 -51.46 -43.06
N LYS G 680 -20.45 -50.20 -43.21
CA LYS G 680 -20.40 -49.26 -42.09
C LYS G 680 -21.43 -49.58 -41.02
N ALA G 681 -22.48 -50.33 -41.37
CA ALA G 681 -23.54 -50.64 -40.43
C ALA G 681 -23.71 -52.15 -40.25
N CYS G 682 -22.60 -52.87 -40.10
CA CYS G 682 -22.66 -54.32 -39.99
C CYS G 682 -23.51 -54.75 -38.79
N HIS G 683 -23.40 -54.02 -37.68
CA HIS G 683 -24.19 -54.33 -36.49
C HIS G 683 -25.65 -53.98 -36.66
N LEU G 684 -26.11 -53.56 -37.84
CA LEU G 684 -27.53 -53.25 -38.03
C LEU G 684 -28.38 -54.48 -37.77
N LYS G 685 -29.46 -54.29 -37.00
CA LYS G 685 -30.34 -55.38 -36.59
C LYS G 685 -31.69 -55.36 -37.29
N LYS G 686 -32.37 -54.22 -37.31
CA LYS G 686 -33.68 -54.09 -37.94
C LYS G 686 -33.53 -53.25 -39.20
N LEU G 687 -33.60 -53.92 -40.35
CA LEU G 687 -33.45 -53.28 -41.66
C LEU G 687 -34.71 -53.52 -42.47
N SER G 688 -35.24 -52.45 -43.08
CA SER G 688 -36.40 -52.54 -43.95
C SER G 688 -36.09 -51.84 -45.27
N ILE G 689 -36.41 -52.50 -46.38
CA ILE G 689 -36.09 -51.99 -47.70
C ILE G 689 -37.36 -52.00 -48.55
N ARG G 690 -37.63 -50.87 -49.22
CA ARG G 690 -38.82 -50.73 -50.05
C ARG G 690 -38.46 -50.02 -51.34
N GLY G 691 -39.12 -50.42 -52.42
CA GLY G 691 -38.93 -49.80 -53.72
C GLY G 691 -39.24 -50.72 -54.86
N GLN G 692 -38.37 -50.75 -55.87
CA GLN G 692 -38.46 -51.71 -56.96
C GLN G 692 -37.53 -52.87 -56.64
N MET G 693 -38.09 -54.09 -56.59
CA MET G 693 -37.37 -55.22 -56.03
C MET G 693 -36.85 -56.17 -57.11
N ALA G 694 -37.58 -56.33 -58.21
CA ALA G 694 -37.10 -57.21 -59.28
C ALA G 694 -35.73 -56.76 -59.78
N ALA G 695 -35.46 -55.47 -59.73
CA ALA G 695 -34.16 -54.92 -60.09
C ALA G 695 -33.15 -55.04 -58.95
N PHE G 696 -33.41 -55.89 -57.96
CA PHE G 696 -32.56 -55.99 -56.78
C PHE G 696 -32.03 -57.39 -56.50
N LEU G 697 -32.61 -58.44 -57.09
CA LEU G 697 -32.22 -59.80 -56.77
C LEU G 697 -31.13 -60.36 -57.67
N GLY G 698 -30.90 -59.75 -58.84
CA GLY G 698 -29.95 -60.30 -59.78
C GLY G 698 -28.52 -60.21 -59.29
N ALA G 699 -27.64 -60.92 -59.99
CA ALA G 699 -26.23 -60.97 -59.60
C ALA G 699 -25.62 -59.58 -59.60
N TYR G 700 -25.79 -58.83 -60.69
CA TYR G 700 -25.35 -57.44 -60.69
C TYR G 700 -26.19 -56.57 -59.77
N LYS G 701 -27.32 -57.09 -59.28
CA LYS G 701 -28.09 -56.46 -58.22
C LYS G 701 -27.65 -56.94 -56.85
N GLY G 702 -26.37 -57.27 -56.71
CA GLY G 702 -25.84 -57.85 -55.49
C GLY G 702 -25.99 -57.00 -54.25
N GLY G 703 -26.63 -55.83 -54.37
CA GLY G 703 -27.05 -55.10 -53.21
C GLY G 703 -27.71 -56.05 -52.22
N ILE G 704 -28.49 -57.00 -52.75
CA ILE G 704 -28.99 -58.09 -51.93
C ILE G 704 -27.82 -58.95 -51.45
N ASN G 705 -26.88 -59.26 -52.34
CA ASN G 705 -25.68 -59.99 -51.91
C ASN G 705 -24.87 -59.18 -50.91
N ASN G 706 -24.97 -57.85 -50.97
CA ASN G 706 -24.23 -57.01 -50.03
C ASN G 706 -24.75 -57.17 -48.59
N LEU G 707 -25.91 -57.80 -48.41
CA LEU G 707 -26.44 -57.98 -47.07
C LEU G 707 -25.53 -58.85 -46.21
N VAL G 708 -24.59 -59.57 -46.82
CA VAL G 708 -23.65 -60.39 -46.05
C VAL G 708 -22.90 -59.54 -45.03
N GLU G 709 -22.78 -58.24 -45.30
CA GLU G 709 -22.08 -57.36 -44.36
C GLU G 709 -22.78 -57.32 -43.01
N LEU G 710 -24.11 -57.25 -43.00
CA LEU G 710 -24.86 -57.16 -41.75
C LEU G 710 -24.64 -58.42 -40.92
N LYS G 711 -24.03 -58.26 -39.74
CA LYS G 711 -23.69 -59.40 -38.91
C LYS G 711 -24.85 -59.81 -38.01
N CYS G 712 -25.42 -58.85 -37.28
CA CYS G 712 -26.47 -59.11 -36.30
C CYS G 712 -27.84 -58.68 -36.81
N LEU G 713 -28.04 -58.71 -38.13
CA LEU G 713 -29.34 -58.39 -38.69
C LEU G 713 -30.39 -59.35 -38.17
N GLU G 714 -31.52 -58.82 -37.70
CA GLU G 714 -32.59 -59.64 -37.14
C GLU G 714 -33.90 -59.52 -37.89
N GLN G 715 -34.38 -58.30 -38.16
CA GLN G 715 -35.62 -58.08 -38.87
C GLN G 715 -35.33 -57.66 -40.31
N LEU G 716 -36.29 -57.93 -41.19
CA LEU G 716 -36.11 -57.65 -42.61
C LEU G 716 -37.48 -57.58 -43.27
N LYS G 717 -37.84 -56.41 -43.80
CA LYS G 717 -39.14 -56.20 -44.43
C LYS G 717 -38.92 -55.77 -45.88
N LEU G 718 -39.53 -56.50 -46.81
CA LEU G 718 -39.43 -56.20 -48.24
C LEU G 718 -40.78 -55.71 -48.74
N LEU G 719 -40.80 -54.53 -49.36
CA LEU G 719 -42.03 -53.92 -49.83
C LEU G 719 -41.82 -53.37 -51.23
N ASN G 720 -42.59 -53.88 -52.19
CA ASN G 720 -42.52 -53.45 -53.57
C ASN G 720 -43.55 -52.36 -53.82
N ASP G 721 -43.09 -51.15 -54.11
CA ASP G 721 -43.99 -50.04 -54.36
C ASP G 721 -44.67 -50.13 -55.72
N VAL G 722 -44.24 -51.04 -56.59
CA VAL G 722 -44.81 -51.18 -57.92
C VAL G 722 -45.88 -52.26 -57.89
N LEU G 723 -47.00 -51.98 -58.57
CA LEU G 723 -48.05 -52.98 -58.77
C LEU G 723 -47.97 -53.65 -60.13
N TYR G 724 -47.22 -53.08 -61.08
CA TYR G 724 -47.03 -53.67 -62.40
C TYR G 724 -45.55 -53.97 -62.55
N MET G 725 -45.17 -55.22 -62.29
CA MET G 725 -43.78 -55.64 -62.37
C MET G 725 -43.50 -56.22 -63.76
N ASN G 726 -42.37 -55.80 -64.34
CA ASN G 726 -42.04 -56.24 -65.69
C ASN G 726 -41.84 -57.75 -65.74
N LYS G 727 -41.08 -58.30 -64.79
CA LYS G 727 -40.84 -59.73 -64.72
C LYS G 727 -40.95 -60.20 -63.28
N ALA G 728 -41.67 -61.29 -63.08
CA ALA G 728 -41.86 -61.82 -61.73
C ALA G 728 -40.49 -62.12 -61.13
N PRO G 729 -40.14 -61.56 -59.97
CA PRO G 729 -38.78 -61.73 -59.44
C PRO G 729 -38.50 -63.14 -58.98
N HIS G 730 -37.29 -63.38 -58.47
CA HIS G 730 -36.88 -64.72 -58.05
C HIS G 730 -35.87 -64.57 -56.92
N LEU G 731 -36.11 -65.27 -55.81
CA LEU G 731 -35.19 -65.20 -54.68
C LEU G 731 -33.81 -65.69 -55.10
N PRO G 732 -32.73 -64.98 -54.76
CA PRO G 732 -31.40 -65.52 -55.06
C PRO G 732 -31.16 -66.83 -54.32
N GLN G 733 -30.44 -67.74 -54.97
CA GLN G 733 -30.10 -69.01 -54.32
C GLN G 733 -29.30 -68.76 -53.06
N THR G 734 -28.43 -67.76 -53.07
CA THR G 734 -27.70 -67.37 -51.87
C THR G 734 -28.64 -66.86 -50.77
N PHE G 735 -29.86 -66.47 -51.13
CA PHE G 735 -30.80 -65.88 -50.19
C PHE G 735 -30.83 -66.66 -48.88
N SER G 736 -30.68 -67.98 -48.95
CA SER G 736 -30.72 -68.80 -47.75
C SER G 736 -29.70 -68.32 -46.72
N GLN G 737 -28.46 -68.10 -47.17
CA GLN G 737 -27.41 -67.63 -46.27
C GLN G 737 -27.23 -66.12 -46.31
N LEU G 738 -27.79 -65.43 -47.32
CA LEU G 738 -27.70 -63.98 -47.34
C LEU G 738 -28.35 -63.37 -46.10
N VAL G 739 -29.44 -63.98 -45.63
CA VAL G 739 -30.22 -63.44 -44.53
C VAL G 739 -30.22 -64.44 -43.38
N ARG G 740 -29.14 -65.20 -43.24
CA ARG G 740 -29.10 -66.28 -42.26
C ARG G 740 -29.37 -65.77 -40.85
N THR G 741 -29.02 -64.51 -40.56
CA THR G 741 -29.19 -63.97 -39.22
C THR G 741 -30.58 -63.37 -38.99
N VAL G 742 -31.41 -63.28 -40.03
CA VAL G 742 -32.71 -62.64 -39.89
C VAL G 742 -33.62 -63.51 -39.04
N LYS G 743 -34.26 -62.90 -38.04
CA LYS G 743 -35.27 -63.57 -37.22
C LYS G 743 -36.68 -63.27 -37.69
N LYS G 744 -36.94 -62.04 -38.12
CA LYS G 744 -38.26 -61.63 -38.61
C LYS G 744 -38.11 -61.22 -40.07
N LEU G 745 -39.01 -61.72 -40.91
CA LEU G 745 -38.93 -61.50 -42.36
C LEU G 745 -40.35 -61.29 -42.88
N THR G 746 -40.68 -60.05 -43.22
CA THR G 746 -42.00 -59.71 -43.73
C THR G 746 -41.90 -59.36 -45.21
N LEU G 747 -42.62 -60.11 -46.05
CA LEU G 747 -42.69 -59.86 -47.48
C LEU G 747 -44.03 -59.25 -47.81
N THR G 748 -44.00 -58.08 -48.46
CA THR G 748 -45.23 -57.36 -48.81
C THR G 748 -45.19 -57.02 -50.30
N ASN G 749 -46.28 -57.32 -51.00
CA ASN G 749 -46.41 -57.02 -52.42
C ASN G 749 -45.26 -57.59 -53.22
N THR G 750 -44.89 -58.84 -52.93
CA THR G 750 -43.81 -59.52 -53.64
C THR G 750 -44.32 -60.43 -54.74
N ARG G 751 -45.54 -60.95 -54.61
CA ARG G 751 -46.17 -61.76 -55.65
C ARG G 751 -45.23 -62.86 -56.14
N PHE G 752 -44.76 -63.67 -55.20
CA PHE G 752 -43.82 -64.74 -55.49
C PHE G 752 -44.54 -66.06 -55.66
N ALA G 753 -44.02 -66.88 -56.57
CA ALA G 753 -44.54 -68.23 -56.75
C ALA G 753 -44.29 -69.05 -55.50
N TRP G 754 -45.28 -69.84 -55.09
CA TRP G 754 -45.15 -70.63 -53.87
C TRP G 754 -43.95 -71.57 -53.95
N SER G 755 -43.52 -71.92 -55.16
CA SER G 755 -42.26 -72.64 -55.30
C SER G 755 -41.11 -71.88 -54.66
N GLU G 756 -41.19 -70.54 -54.64
CA GLU G 756 -40.17 -69.75 -53.98
C GLU G 756 -40.26 -69.88 -52.46
N ALA G 757 -41.46 -70.10 -51.92
CA ALA G 757 -41.59 -70.32 -50.48
C ALA G 757 -40.72 -71.48 -50.03
N ASP G 758 -40.47 -72.43 -50.93
CA ASP G 758 -39.57 -73.53 -50.63
C ASP G 758 -38.17 -73.03 -50.28
N LYS G 759 -37.67 -72.05 -51.03
CA LYS G 759 -36.38 -71.46 -50.70
C LYS G 759 -36.44 -70.80 -49.32
N LEU G 760 -37.57 -70.18 -49.00
CA LEU G 760 -37.74 -69.53 -47.71
C LEU G 760 -37.70 -70.55 -46.57
N GLY G 761 -37.80 -71.84 -46.88
CA GLY G 761 -37.59 -72.86 -45.89
C GLY G 761 -36.14 -73.15 -45.56
N GLN G 762 -35.21 -72.38 -46.11
CA GLN G 762 -33.78 -72.60 -45.92
C GLN G 762 -33.15 -71.48 -45.11
N LEU G 763 -33.88 -70.94 -44.14
CA LEU G 763 -33.34 -69.98 -43.17
C LEU G 763 -33.28 -70.67 -41.81
N GLU G 764 -32.08 -70.70 -41.23
CA GLU G 764 -31.89 -71.39 -39.96
C GLU G 764 -32.49 -70.60 -38.80
N SER G 765 -32.43 -69.27 -38.86
CA SER G 765 -32.85 -68.42 -37.76
C SER G 765 -34.22 -67.79 -37.97
N LEU G 766 -34.98 -68.25 -38.96
CA LEU G 766 -36.29 -67.66 -39.22
C LEU G 766 -37.25 -67.96 -38.07
N GLU G 767 -37.93 -66.93 -37.59
CA GLU G 767 -38.94 -67.07 -36.54
C GLU G 767 -40.31 -66.60 -36.98
N ILE G 768 -40.40 -65.43 -37.60
CA ILE G 768 -41.68 -64.84 -37.97
C ILE G 768 -41.74 -64.70 -39.48
N LEU G 769 -42.94 -64.82 -40.03
CA LEU G 769 -43.13 -64.90 -41.48
C LEU G 769 -44.47 -64.24 -41.82
N LYS G 770 -44.41 -63.00 -42.30
CA LYS G 770 -45.61 -62.25 -42.67
C LYS G 770 -45.69 -62.16 -44.19
N PHE G 771 -46.81 -62.63 -44.75
CA PHE G 771 -47.13 -62.48 -46.16
C PHE G 771 -48.27 -61.48 -46.28
N LYS G 772 -47.95 -60.26 -46.67
CA LYS G 772 -48.90 -59.15 -46.69
C LYS G 772 -49.13 -58.70 -48.13
N GLU G 773 -50.40 -58.53 -48.51
CA GLU G 773 -50.78 -57.96 -49.80
C GLU G 773 -50.19 -58.76 -50.97
N ASN G 774 -50.68 -59.99 -51.07
CA ASN G 774 -50.27 -60.90 -52.16
C ASN G 774 -48.75 -61.06 -52.19
N ALA G 775 -48.17 -61.32 -51.02
CA ALA G 775 -46.73 -61.51 -50.95
C ALA G 775 -46.30 -62.67 -51.84
N PHE G 776 -47.07 -63.76 -51.82
CA PHE G 776 -46.81 -64.91 -52.67
C PHE G 776 -47.98 -65.09 -53.62
N ALA G 777 -47.67 -65.18 -54.92
CA ALA G 777 -48.68 -65.32 -55.95
C ALA G 777 -48.84 -66.78 -56.33
N GLY G 778 -50.08 -67.26 -56.32
CA GLY G 778 -50.38 -68.64 -56.66
C GLY G 778 -51.75 -69.06 -56.19
N ASP G 779 -52.37 -70.00 -56.91
CA ASP G 779 -53.68 -70.48 -56.52
C ASP G 779 -53.62 -71.31 -55.25
N SER G 780 -52.60 -72.15 -55.12
CA SER G 780 -52.45 -73.01 -53.94
C SER G 780 -50.99 -73.04 -53.54
N TRP G 781 -50.76 -73.36 -52.26
CA TRP G 781 -49.42 -73.46 -51.69
C TRP G 781 -49.19 -74.89 -51.22
N LYS G 782 -48.12 -75.50 -51.71
CA LYS G 782 -47.75 -76.88 -51.35
C LYS G 782 -46.32 -76.87 -50.82
N PRO G 783 -46.11 -76.36 -49.62
CA PRO G 783 -44.74 -76.30 -49.08
C PRO G 783 -44.16 -77.68 -48.90
N LYS G 784 -42.86 -77.80 -49.16
CA LYS G 784 -42.13 -79.06 -48.99
C LYS G 784 -41.03 -78.94 -47.93
N MET G 785 -40.16 -77.95 -48.06
CA MET G 785 -39.05 -77.81 -47.12
C MET G 785 -39.57 -77.47 -45.72
N GLY G 786 -38.98 -78.13 -44.72
CA GLY G 786 -39.37 -77.90 -43.35
C GLY G 786 -38.91 -76.54 -42.85
N PHE G 787 -39.55 -76.10 -41.77
CA PHE G 787 -39.21 -74.86 -41.09
C PHE G 787 -38.84 -75.24 -39.66
N SER G 788 -37.57 -75.60 -39.47
CA SER G 788 -37.13 -76.24 -38.23
C SER G 788 -37.28 -75.35 -37.01
N ALA G 789 -37.48 -74.05 -37.19
CA ALA G 789 -37.58 -73.13 -36.05
C ALA G 789 -38.75 -72.16 -36.14
N LEU G 790 -39.43 -72.06 -37.28
CA LEU G 790 -40.50 -71.09 -37.45
C LEU G 790 -41.49 -71.22 -36.29
N ARG G 791 -41.81 -70.08 -35.68
CA ARG G 791 -42.70 -70.01 -34.54
C ARG G 791 -44.04 -69.36 -34.84
N VAL G 792 -44.05 -68.31 -35.66
CA VAL G 792 -45.28 -67.62 -36.02
C VAL G 792 -45.33 -67.55 -37.55
N LEU G 793 -46.27 -68.29 -38.14
CA LEU G 793 -46.56 -68.18 -39.57
C LEU G 793 -47.71 -67.20 -39.74
N TRP G 794 -47.51 -66.21 -40.59
CA TRP G 794 -48.40 -65.05 -40.66
C TRP G 794 -48.69 -64.76 -42.13
N ILE G 795 -49.96 -64.85 -42.52
CA ILE G 795 -50.39 -64.66 -43.89
C ILE G 795 -51.56 -63.69 -43.89
N GLU G 796 -51.47 -62.65 -44.73
CA GLU G 796 -52.51 -61.63 -44.83
C GLU G 796 -52.94 -61.49 -46.28
N ARG G 797 -54.25 -61.45 -46.50
CA ARG G 797 -54.83 -61.18 -47.82
C ARG G 797 -54.20 -62.08 -48.89
N ALA G 798 -54.13 -63.38 -48.58
CA ALA G 798 -53.53 -64.34 -49.49
C ALA G 798 -54.58 -64.79 -50.51
N GLU G 799 -54.27 -64.61 -51.79
CA GLU G 799 -55.20 -64.99 -52.85
C GLU G 799 -55.21 -66.49 -53.12
N PHE G 800 -54.21 -67.23 -52.65
CA PHE G 800 -54.17 -68.66 -52.92
C PHE G 800 -55.30 -69.37 -52.20
N GLU G 801 -55.95 -70.31 -52.90
CA GLU G 801 -57.20 -70.88 -52.45
C GLU G 801 -57.04 -72.13 -51.59
N THR G 802 -56.04 -72.96 -51.85
CA THR G 802 -55.86 -74.20 -51.11
C THR G 802 -54.43 -74.27 -50.58
N TRP G 803 -54.29 -74.91 -49.42
CA TRP G 803 -53.00 -75.04 -48.75
C TRP G 803 -52.80 -76.50 -48.36
N GLU G 804 -51.61 -77.03 -48.63
CA GLU G 804 -51.31 -78.44 -48.45
C GLU G 804 -50.07 -78.63 -47.60
N ALA G 805 -49.96 -77.86 -46.52
CA ALA G 805 -48.83 -78.01 -45.61
C ALA G 805 -48.96 -79.29 -44.80
N SER G 806 -47.83 -79.73 -44.25
CA SER G 806 -47.74 -80.98 -43.51
C SER G 806 -46.99 -80.73 -42.21
N GLU G 807 -46.89 -81.79 -41.39
CA GLU G 807 -46.20 -81.67 -40.10
C GLU G 807 -44.73 -81.31 -40.30
N ILE G 808 -44.07 -81.99 -41.23
CA ILE G 808 -42.64 -81.78 -41.43
C ILE G 808 -42.36 -80.37 -41.93
N ASN G 809 -43.35 -79.69 -42.50
CA ASN G 809 -43.13 -78.35 -43.03
C ASN G 809 -42.84 -77.36 -41.91
N PHE G 810 -43.66 -77.36 -40.86
CA PHE G 810 -43.53 -76.45 -39.72
C PHE G 810 -43.48 -77.26 -38.44
N PRO G 811 -42.36 -77.95 -38.18
CA PRO G 811 -42.30 -78.81 -36.99
C PRO G 811 -42.56 -78.09 -35.68
N VAL G 812 -42.11 -76.84 -35.55
CA VAL G 812 -42.17 -76.15 -34.26
C VAL G 812 -43.05 -74.92 -34.36
N LEU G 813 -43.99 -74.92 -35.30
CA LEU G 813 -44.93 -73.82 -35.41
C LEU G 813 -45.69 -73.64 -34.10
N ARG G 814 -45.71 -72.40 -33.60
CA ARG G 814 -46.45 -72.06 -32.40
C ARG G 814 -47.69 -71.22 -32.70
N ASN G 815 -47.57 -70.22 -33.57
CA ASN G 815 -48.67 -69.35 -33.94
C ASN G 815 -48.90 -69.44 -35.44
N LEU G 816 -50.13 -69.75 -35.83
CA LEU G 816 -50.54 -69.76 -37.24
C LEU G 816 -51.64 -68.73 -37.40
N VAL G 817 -51.29 -67.59 -38.00
CA VAL G 817 -52.21 -66.46 -38.13
C VAL G 817 -52.48 -66.24 -39.61
N LEU G 818 -53.75 -66.30 -39.99
CA LEU G 818 -54.18 -66.01 -41.35
C LEU G 818 -55.29 -64.96 -41.28
N MET G 819 -55.16 -63.92 -42.09
CA MET G 819 -56.19 -62.88 -42.13
C MET G 819 -56.52 -62.56 -43.59
N SER G 820 -57.77 -62.14 -43.80
CA SER G 820 -58.25 -61.77 -45.13
C SER G 820 -58.02 -62.89 -46.14
N CYS G 821 -58.13 -64.14 -45.67
CA CYS G 821 -57.99 -65.29 -46.55
C CYS G 821 -59.34 -65.64 -47.19
N ASP G 822 -59.91 -64.63 -47.85
CA ASP G 822 -61.20 -64.82 -48.52
C ASP G 822 -61.10 -65.84 -49.64
N LYS G 823 -59.89 -66.15 -50.11
CA LYS G 823 -59.69 -67.13 -51.17
C LYS G 823 -59.33 -68.51 -50.63
N LEU G 824 -58.62 -68.57 -49.50
CA LEU G 824 -58.16 -69.84 -48.97
C LEU G 824 -59.34 -70.77 -48.70
N GLU G 825 -59.15 -72.06 -48.98
CA GLU G 825 -60.24 -73.03 -48.92
C GLU G 825 -60.29 -73.75 -47.58
N THR G 826 -59.22 -74.42 -47.19
CA THR G 826 -59.20 -75.18 -45.95
C THR G 826 -57.78 -75.23 -45.40
N VAL G 827 -57.64 -74.96 -44.11
CA VAL G 827 -56.34 -75.13 -43.47
C VAL G 827 -55.98 -76.62 -43.49
N PRO G 828 -54.76 -77.00 -43.85
CA PRO G 828 -54.43 -78.44 -43.88
C PRO G 828 -54.65 -79.09 -42.52
N PHE G 829 -55.30 -80.25 -42.54
CA PHE G 829 -55.52 -80.99 -41.30
C PHE G 829 -54.20 -81.45 -40.69
N GLU G 830 -53.17 -81.64 -41.53
CA GLU G 830 -51.92 -82.22 -41.06
C GLU G 830 -51.29 -81.38 -39.96
N LEU G 831 -51.64 -80.09 -39.86
CA LEU G 831 -51.13 -79.27 -38.78
C LEU G 831 -51.67 -79.72 -37.42
N ALA G 832 -52.69 -80.58 -37.41
CA ALA G 832 -53.23 -81.08 -36.15
C ALA G 832 -52.19 -81.88 -35.39
N ASN G 833 -51.39 -82.67 -36.09
CA ASN G 833 -50.38 -83.51 -35.45
C ASN G 833 -49.12 -82.74 -35.07
N LEU G 834 -49.13 -81.42 -35.17
CA LEU G 834 -48.02 -80.59 -34.72
C LEU G 834 -48.18 -80.34 -33.23
N SER G 835 -47.32 -80.97 -32.42
CA SER G 835 -47.42 -80.82 -30.97
C SER G 835 -47.20 -79.36 -30.55
N ASP G 836 -46.23 -78.69 -31.17
CA ASP G 836 -45.89 -77.34 -30.77
C ASP G 836 -47.02 -76.36 -31.07
N LEU G 837 -47.79 -76.60 -32.13
CA LEU G 837 -48.84 -75.67 -32.53
C LEU G 837 -49.90 -75.61 -31.44
N TYR G 838 -49.95 -74.48 -30.72
CA TYR G 838 -50.95 -74.25 -29.70
C TYR G 838 -51.81 -73.02 -29.95
N GLU G 839 -51.39 -72.12 -30.85
CA GLU G 839 -52.15 -70.91 -31.16
C GLU G 839 -52.43 -70.86 -32.66
N MET G 840 -53.58 -70.30 -33.01
CA MET G 840 -53.99 -70.20 -34.40
C MET G 840 -55.15 -69.22 -34.48
N ARG G 841 -55.11 -68.32 -35.46
CA ARG G 841 -56.15 -67.33 -35.62
C ARG G 841 -56.47 -67.16 -37.11
N LEU G 842 -57.76 -67.03 -37.41
CA LEU G 842 -58.23 -66.75 -38.75
C LEU G 842 -59.02 -65.45 -38.72
N GLU G 843 -58.67 -64.52 -39.60
CA GLU G 843 -59.29 -63.19 -39.65
C GLU G 843 -59.88 -62.98 -41.03
N ASN G 844 -61.18 -62.73 -41.09
CA ASN G 844 -61.89 -62.52 -42.35
C ASN G 844 -61.52 -63.60 -43.36
N THR G 845 -61.53 -64.84 -42.90
CA THR G 845 -61.13 -65.99 -43.69
C THR G 845 -62.35 -66.69 -44.29
N SER G 846 -62.14 -67.33 -45.43
CA SER G 846 -63.20 -68.04 -46.14
C SER G 846 -63.47 -69.39 -45.49
N LYS G 847 -64.14 -70.28 -46.22
CA LYS G 847 -64.57 -71.57 -45.72
C LYS G 847 -63.50 -72.24 -44.86
N ALA G 848 -62.23 -71.94 -45.13
CA ALA G 848 -61.14 -72.48 -44.31
C ALA G 848 -61.41 -72.30 -42.82
N VAL G 849 -62.23 -71.33 -42.43
CA VAL G 849 -62.62 -71.19 -41.03
C VAL G 849 -63.31 -72.46 -40.55
N LYS G 850 -64.05 -73.13 -41.45
CA LYS G 850 -64.68 -74.39 -41.07
C LYS G 850 -63.62 -75.42 -40.69
N SER G 851 -62.56 -75.52 -41.49
CA SER G 851 -61.45 -76.40 -41.13
C SER G 851 -60.77 -75.93 -39.85
N ALA G 852 -60.85 -74.63 -39.54
CA ALA G 852 -60.37 -74.16 -38.24
C ALA G 852 -61.20 -74.78 -37.12
N LYS G 853 -62.52 -74.85 -37.30
CA LYS G 853 -63.36 -75.52 -36.31
C LYS G 853 -63.00 -77.00 -36.23
N ALA G 854 -62.71 -77.63 -37.36
CA ALA G 854 -62.34 -79.05 -37.36
C ALA G 854 -61.05 -79.28 -36.58
N ILE G 855 -60.03 -78.44 -36.81
CA ILE G 855 -58.77 -78.57 -36.08
C ILE G 855 -58.98 -78.34 -34.59
N LEU G 856 -59.80 -77.33 -34.25
CA LEU G 856 -60.09 -77.10 -32.84
C LEU G 856 -60.74 -78.33 -32.22
N GLU G 857 -61.71 -78.92 -32.92
CA GLU G 857 -62.39 -80.10 -32.39
C GLU G 857 -61.42 -81.26 -32.22
N SER G 858 -60.54 -81.48 -33.20
CA SER G 858 -59.58 -82.58 -33.11
C SER G 858 -58.64 -82.38 -31.92
N LYS G 859 -58.13 -81.15 -31.75
CA LYS G 859 -57.21 -80.90 -30.65
C LYS G 859 -57.91 -81.02 -29.30
N THR G 860 -59.17 -80.58 -29.23
CA THR G 860 -59.93 -80.75 -27.99
C THR G 860 -60.16 -82.23 -27.69
N ASP G 861 -60.44 -83.02 -28.73
CA ASP G 861 -60.56 -84.46 -28.54
C ASP G 861 -59.26 -85.04 -28.01
N LYS G 862 -58.13 -84.58 -28.54
CA LYS G 862 -56.83 -84.92 -27.95
C LYS G 862 -56.61 -84.22 -26.62
N ASN G 863 -57.49 -83.31 -26.22
CA ASN G 863 -57.38 -82.58 -24.97
C ASN G 863 -56.06 -81.80 -24.93
N ILE G 864 -55.85 -80.99 -25.97
CA ILE G 864 -54.63 -80.21 -26.14
C ILE G 864 -54.98 -78.74 -25.96
N LYS G 865 -54.29 -78.07 -25.05
CA LYS G 865 -54.50 -76.63 -24.85
C LYS G 865 -54.29 -75.91 -26.17
N PHE G 866 -55.36 -75.30 -26.68
CA PHE G 866 -55.33 -74.66 -27.99
C PHE G 866 -56.32 -73.50 -28.01
N ASN G 867 -56.01 -72.50 -28.82
CA ASN G 867 -56.81 -71.29 -28.92
C ASN G 867 -57.08 -70.97 -30.39
N LEU G 868 -58.33 -70.57 -30.67
CA LEU G 868 -58.73 -70.14 -32.00
C LEU G 868 -59.50 -68.83 -31.88
N THR G 869 -59.09 -67.83 -32.66
CA THR G 869 -59.77 -66.55 -32.72
C THR G 869 -60.39 -66.38 -34.10
N ILE G 870 -61.70 -66.14 -34.14
CA ILE G 870 -62.43 -65.94 -35.39
C ILE G 870 -63.16 -64.62 -35.30
N PHE G 871 -63.01 -63.79 -36.32
CA PHE G 871 -63.66 -62.49 -36.40
C PHE G 871 -64.42 -62.38 -37.71
N PRO G 872 -65.62 -61.78 -37.70
CA PRO G 872 -66.33 -61.23 -36.55
C PRO G 872 -67.00 -62.30 -35.70
N GLU H 9 -22.61 13.74 -3.28
CA GLU H 9 -23.24 13.27 -4.54
C GLU H 9 -22.29 12.34 -5.30
N VAL H 10 -21.01 12.71 -5.35
CA VAL H 10 -20.02 11.85 -6.01
C VAL H 10 -19.96 10.51 -5.30
N GLU H 11 -19.80 10.54 -3.97
CA GLU H 11 -19.82 9.31 -3.20
C GLU H 11 -21.17 8.61 -3.32
N ASN H 12 -22.25 9.39 -3.26
CA ASN H 12 -23.58 8.81 -3.39
C ASN H 12 -23.73 8.08 -4.72
N LEU H 13 -23.33 8.73 -5.81
CA LEU H 13 -23.42 8.09 -7.12
C LEU H 13 -22.54 6.84 -7.18
N LEU H 14 -21.33 6.92 -6.62
CA LEU H 14 -20.45 5.76 -6.60
C LEU H 14 -21.13 4.57 -5.91
N GLN H 15 -21.62 4.77 -4.69
CA GLN H 15 -22.23 3.67 -3.97
C GLN H 15 -23.45 3.15 -4.71
N LEU H 16 -24.31 4.04 -5.20
CA LEU H 16 -25.51 3.57 -5.88
C LEU H 16 -25.16 2.73 -7.10
N LEU H 17 -24.27 3.24 -7.95
CA LEU H 17 -23.92 2.49 -9.16
C LEU H 17 -23.27 1.16 -8.83
N THR H 18 -22.39 1.12 -7.83
CA THR H 18 -21.72 -0.14 -7.50
C THR H 18 -22.72 -1.14 -6.91
N ASP H 19 -23.70 -0.67 -6.14
CA ASP H 19 -24.76 -1.57 -5.69
C ASP H 19 -25.54 -2.13 -6.88
N ASN H 20 -25.89 -1.27 -7.83
CA ASN H 20 -26.59 -1.76 -9.02
C ASN H 20 -25.67 -2.63 -9.87
N VAL H 21 -24.40 -2.24 -9.99
CA VAL H 21 -23.44 -3.01 -10.78
C VAL H 21 -23.07 -4.28 -10.03
N SER H 26 -26.02 -5.74 -9.91
CA SER H 26 -25.96 -6.92 -9.06
C SER H 26 -27.18 -7.01 -8.15
N ALA H 27 -28.06 -6.01 -8.23
CA ALA H 27 -29.26 -6.02 -7.40
C ALA H 27 -30.13 -7.23 -7.71
N LYS H 28 -30.07 -7.76 -8.94
CA LYS H 28 -30.88 -8.91 -9.30
C LYS H 28 -30.34 -10.18 -8.66
N GLY H 29 -29.01 -10.36 -8.64
CA GLY H 29 -28.44 -11.51 -7.97
C GLY H 29 -28.70 -11.47 -6.48
N GLU H 30 -28.50 -10.30 -5.86
CA GLU H 30 -28.86 -10.13 -4.46
C GLU H 30 -30.33 -10.44 -4.25
N LEU H 31 -31.18 -10.00 -5.18
CA LEU H 31 -32.61 -10.23 -5.08
C LEU H 31 -32.93 -11.72 -5.05
N GLU H 32 -32.40 -12.46 -6.02
CA GLU H 32 -32.70 -13.88 -6.11
C GLU H 32 -32.13 -14.64 -4.93
N ASN H 33 -30.92 -14.32 -4.51
CA ASN H 33 -30.34 -15.01 -3.37
C ASN H 33 -31.15 -14.74 -2.10
N LEU H 34 -31.55 -13.48 -1.89
CA LEU H 34 -32.41 -13.18 -0.76
C LEU H 34 -33.71 -13.97 -0.84
N LEU H 35 -34.27 -14.11 -2.05
CA LEU H 35 -35.51 -14.85 -2.18
C LEU H 35 -35.31 -16.31 -1.79
N LYS H 36 -34.23 -16.93 -2.26
CA LYS H 36 -33.97 -18.33 -1.88
C LYS H 36 -33.86 -18.46 -0.37
N GLU H 37 -33.08 -17.58 0.25
CA GLU H 37 -32.85 -17.72 1.68
C GLU H 37 -34.13 -17.43 2.48
N VAL H 38 -34.96 -16.53 1.98
CA VAL H 38 -36.24 -16.29 2.64
C VAL H 38 -37.18 -17.47 2.46
N GLN H 39 -37.10 -18.17 1.32
CA GLN H 39 -37.84 -19.41 1.18
C GLN H 39 -37.36 -20.44 2.19
N HIS H 40 -36.05 -20.51 2.41
CA HIS H 40 -35.52 -21.37 3.47
C HIS H 40 -36.14 -21.03 4.81
N LEU H 41 -36.12 -19.75 5.17
CA LEU H 41 -36.66 -19.37 6.47
C LEU H 41 -38.16 -19.63 6.55
N LYS H 42 -38.87 -19.51 5.43
CA LYS H 42 -40.31 -19.78 5.44
C LYS H 42 -40.59 -21.27 5.61
N GLY H 43 -39.78 -22.12 4.97
CA GLY H 43 -39.90 -23.55 5.24
C GLY H 43 -39.61 -23.88 6.69
N PHE H 44 -38.57 -23.26 7.25
CA PHE H 44 -38.32 -23.44 8.67
C PHE H 44 -39.50 -23.01 9.50
N LEU H 45 -40.15 -21.91 9.12
CA LEU H 45 -41.32 -21.45 9.88
C LEU H 45 -42.45 -22.45 9.80
N ASP H 46 -42.69 -23.02 8.62
CA ASP H 46 -43.70 -24.05 8.49
C ASP H 46 -43.37 -25.25 9.36
N ASP H 47 -42.09 -25.56 9.50
CA ASP H 47 -41.67 -26.60 10.45
C ASP H 47 -41.98 -26.18 11.89
N ALA H 48 -41.58 -24.96 12.25
CA ALA H 48 -41.67 -24.52 13.63
C ALA H 48 -43.11 -24.47 14.11
N ALA H 49 -44.01 -24.01 13.25
CA ALA H 49 -45.41 -23.92 13.64
C ALA H 49 -45.92 -25.26 14.15
N LYS H 50 -45.63 -26.33 13.42
CA LYS H 50 -46.08 -27.66 13.84
C LYS H 50 -45.42 -28.06 15.16
N LEU H 51 -44.11 -27.87 15.25
CA LEU H 51 -43.35 -28.35 16.40
C LEU H 51 -43.83 -27.67 17.68
N PRO H 52 -44.22 -28.41 18.71
CA PRO H 52 -44.60 -27.77 19.97
C PRO H 52 -43.38 -27.19 20.67
N SER H 53 -43.53 -25.96 21.15
CA SER H 53 -42.44 -25.25 21.80
C SER H 53 -42.91 -24.62 23.10
N ASP H 54 -41.99 -24.54 24.06
CA ASP H 54 -42.27 -23.90 25.34
C ASP H 54 -41.12 -23.01 25.82
N SER H 55 -40.06 -22.87 25.04
CA SER H 55 -38.89 -22.11 25.46
C SER H 55 -38.99 -20.68 24.93
N GLU H 56 -38.90 -19.72 25.84
CA GLU H 56 -39.04 -18.31 25.45
C GLU H 56 -38.01 -17.92 24.41
N GLN H 57 -36.80 -18.49 24.48
CA GLN H 57 -35.80 -18.20 23.46
C GLN H 57 -36.26 -18.68 22.09
N TRP H 58 -36.90 -19.84 22.02
CA TRP H 58 -37.40 -20.30 20.73
C TRP H 58 -38.51 -19.39 20.21
N LYS H 59 -39.38 -18.90 21.09
CA LYS H 59 -40.37 -17.94 20.62
C LYS H 59 -39.72 -16.65 20.16
N VAL H 60 -38.63 -16.24 20.80
CA VAL H 60 -37.88 -15.08 20.30
C VAL H 60 -37.35 -15.35 18.91
N LEU H 61 -36.77 -16.53 18.70
CA LEU H 61 -36.22 -16.84 17.38
C LEU H 61 -37.31 -16.92 16.32
N VAL H 62 -38.47 -17.48 16.68
CA VAL H 62 -39.55 -17.58 15.70
C VAL H 62 -40.11 -16.19 15.40
N GLU H 63 -40.32 -15.36 16.42
CA GLU H 63 -40.70 -13.99 16.18
C GLU H 63 -39.72 -13.31 15.22
N GLU H 64 -38.42 -13.53 15.46
CA GLU H 64 -37.42 -12.85 14.66
C GLU H 64 -37.41 -13.34 13.22
N ILE H 65 -37.56 -14.65 13.01
CA ILE H 65 -37.58 -15.16 11.64
C ILE H 65 -38.86 -14.70 10.94
N GLN H 66 -39.98 -14.65 11.66
CA GLN H 66 -41.20 -14.14 11.05
C GLN H 66 -41.03 -12.70 10.60
N LYS H 67 -40.49 -11.85 11.49
CA LYS H 67 -40.28 -10.45 11.13
C LYS H 67 -39.30 -10.33 9.97
N THR H 68 -38.22 -11.13 9.99
CA THR H 68 -37.25 -11.04 8.91
C THR H 68 -37.83 -11.47 7.58
N VAL H 69 -38.59 -12.57 7.56
CA VAL H 69 -39.14 -13.05 6.29
C VAL H 69 -40.19 -12.08 5.76
N HIS H 70 -41.03 -11.54 6.65
CA HIS H 70 -42.02 -10.59 6.17
C HIS H 70 -41.38 -9.27 5.75
N THR H 71 -40.33 -8.82 6.46
CA THR H 71 -39.60 -7.63 6.04
C THR H 71 -38.97 -7.83 4.67
N ALA H 72 -38.36 -9.00 4.44
CA ALA H 72 -37.78 -9.28 3.14
C ALA H 72 -38.85 -9.35 2.06
N GLU H 73 -40.03 -9.86 2.40
CA GLU H 73 -41.13 -9.87 1.43
C GLU H 73 -41.57 -8.45 1.08
N ASP H 74 -41.68 -7.57 2.08
CA ASP H 74 -42.01 -6.18 1.78
C ASP H 74 -40.94 -5.55 0.89
N ALA H 75 -39.66 -5.79 1.19
CA ALA H 75 -38.61 -5.21 0.38
C ALA H 75 -38.65 -5.74 -1.05
N VAL H 76 -38.90 -7.04 -1.21
CA VAL H 76 -38.92 -7.64 -2.54
C VAL H 76 -40.08 -7.08 -3.35
N ASP H 77 -41.26 -6.98 -2.73
CA ASP H 77 -42.40 -6.43 -3.45
C ASP H 77 -42.20 -4.96 -3.78
N LYS H 78 -41.57 -4.20 -2.86
CA LYS H 78 -41.23 -2.81 -3.16
C LYS H 78 -40.34 -2.73 -4.40
N PHE H 79 -39.27 -3.54 -4.42
CA PHE H 79 -38.32 -3.45 -5.52
C PHE H 79 -38.97 -3.81 -6.84
N VAL H 80 -39.78 -4.88 -6.85
CA VAL H 80 -40.40 -5.29 -8.12
C VAL H 80 -41.45 -4.27 -8.55
N VAL H 81 -42.22 -3.72 -7.61
CA VAL H 81 -43.22 -2.72 -7.95
C VAL H 81 -42.54 -1.49 -8.55
N GLN H 82 -41.41 -1.10 -7.98
CA GLN H 82 -40.72 0.09 -8.48
C GLN H 82 -40.05 -0.18 -9.83
N ALA H 83 -39.58 -1.40 -10.07
CA ALA H 83 -39.11 -1.75 -11.40
C ALA H 83 -40.24 -1.65 -12.41
N LYS H 84 -41.44 -2.13 -12.04
CA LYS H 84 -42.60 -1.98 -12.91
C LYS H 84 -42.91 -0.51 -13.15
N LEU H 85 -42.83 0.31 -12.11
CA LEU H 85 -43.06 1.74 -12.28
C LEU H 85 -42.07 2.33 -13.28
N HIS H 86 -40.78 2.00 -13.14
CA HIS H 86 -39.78 2.51 -14.07
C HIS H 86 -40.10 2.09 -15.50
N LYS H 87 -40.44 0.82 -15.69
CA LYS H 87 -40.79 0.36 -17.03
C LYS H 87 -42.05 1.06 -17.55
N GLU H 88 -42.92 1.50 -16.65
CA GLU H 88 -44.16 2.15 -17.08
C GLU H 88 -43.91 3.56 -17.61
N LYS H 89 -42.79 4.17 -17.23
CA LYS H 89 -42.48 5.51 -17.71
C LYS H 89 -41.90 5.46 -19.12
N ASN H 90 -41.88 6.62 -19.76
CA ASN H 90 -41.31 6.74 -21.10
C ASN H 90 -39.80 6.56 -21.05
N LYS H 91 -39.21 6.30 -22.22
CA LYS H 91 -37.77 6.11 -22.30
C LYS H 91 -37.03 7.36 -21.83
N MET H 92 -37.50 8.54 -22.25
CA MET H 92 -36.90 9.78 -21.75
C MET H 92 -37.07 9.89 -20.24
N ALA H 93 -38.27 9.59 -19.75
CA ALA H 93 -38.50 9.63 -18.30
C ALA H 93 -37.70 8.56 -17.59
N ARG H 94 -37.54 7.40 -18.22
CA ARG H 94 -36.74 6.33 -17.62
C ARG H 94 -35.29 6.75 -17.45
N ILE H 95 -34.67 7.23 -18.53
CA ILE H 95 -33.26 7.59 -18.48
C ILE H 95 -33.04 8.80 -17.59
N LEU H 96 -33.90 9.80 -17.72
CA LEU H 96 -33.64 11.11 -17.12
C LEU H 96 -33.88 11.13 -15.61
N ASP H 97 -34.86 10.39 -15.12
CA ASP H 97 -35.22 10.47 -13.71
C ASP H 97 -34.04 10.07 -12.83
N VAL H 98 -33.64 10.98 -11.94
CA VAL H 98 -32.49 10.74 -11.06
C VAL H 98 -32.94 10.29 -9.67
N GLY H 99 -33.99 10.90 -9.13
CA GLY H 99 -34.55 10.41 -7.88
C GLY H 99 -34.96 8.96 -7.98
N HIS H 100 -35.40 8.54 -9.17
CA HIS H 100 -35.67 7.12 -9.39
C HIS H 100 -34.42 6.29 -9.19
N LEU H 101 -33.28 6.74 -9.73
CA LEU H 101 -32.02 6.04 -9.50
C LEU H 101 -31.69 5.98 -8.01
N ALA H 102 -31.83 7.11 -7.33
CA ALA H 102 -31.51 7.19 -5.91
C ALA H 102 -32.32 6.17 -5.13
N THR H 103 -33.63 6.15 -5.35
CA THR H 103 -34.49 5.24 -4.58
C THR H 103 -34.31 3.80 -5.03
N VAL H 104 -34.04 3.57 -6.31
CA VAL H 104 -33.74 2.22 -6.77
C VAL H 104 -32.57 1.64 -6.00
N ARG H 105 -31.48 2.41 -5.90
CA ARG H 105 -30.29 1.86 -5.27
C ARG H 105 -30.35 1.91 -3.76
N ASN H 106 -31.15 2.79 -3.17
CA ASN H 106 -31.42 2.68 -1.74
C ASN H 106 -32.19 1.40 -1.42
N LEU H 107 -33.20 1.07 -2.25
CA LEU H 107 -33.91 -0.19 -2.07
C LEU H 107 -32.97 -1.37 -2.26
N ALA H 108 -32.08 -1.28 -3.25
CA ALA H 108 -31.10 -2.34 -3.45
C ALA H 108 -30.22 -2.51 -2.21
N ALA H 109 -29.79 -1.39 -1.62
CA ALA H 109 -28.98 -1.46 -0.41
C ALA H 109 -29.73 -2.11 0.74
N GLU H 110 -31.02 -1.77 0.90
CA GLU H 110 -31.82 -2.41 1.93
C GLU H 110 -31.93 -3.91 1.67
N VAL H 111 -32.08 -4.30 0.41
CA VAL H 111 -32.14 -5.70 0.06
C VAL H 111 -30.83 -6.40 0.41
N LYS H 112 -29.70 -5.76 0.13
CA LYS H 112 -28.41 -6.37 0.50
C LYS H 112 -28.32 -6.55 2.00
N GLY H 113 -28.75 -5.53 2.75
CA GLY H 113 -28.70 -5.63 4.20
C GLY H 113 -29.52 -6.79 4.72
N ILE H 114 -30.75 -6.92 4.25
CA ILE H 114 -31.59 -8.01 4.73
C ILE H 114 -31.10 -9.36 4.21
N HIS H 115 -30.46 -9.40 3.04
CA HIS H 115 -29.91 -10.64 2.54
C HIS H 115 -28.78 -11.13 3.45
N ASP H 116 -27.87 -10.22 3.81
CA ASP H 116 -26.84 -10.60 4.77
C ASP H 116 -27.45 -10.97 6.11
N GLN H 117 -28.53 -10.29 6.50
CA GLN H 117 -29.22 -10.63 7.74
C GLN H 117 -29.74 -12.06 7.70
N VAL H 118 -30.30 -12.48 6.57
CA VAL H 118 -30.80 -13.85 6.45
C VAL H 118 -29.64 -14.83 6.41
N LYS H 119 -28.55 -14.50 5.72
CA LYS H 119 -27.39 -15.38 5.70
C LYS H 119 -26.88 -15.63 7.12
N GLU H 120 -26.75 -14.58 7.91
CA GLU H 120 -26.27 -14.75 9.28
C GLU H 120 -27.35 -15.37 10.17
N LEU H 121 -28.63 -15.15 9.86
CA LEU H 121 -29.69 -15.82 10.61
C LEU H 121 -29.56 -17.33 10.45
N ARG H 122 -29.31 -17.79 9.23
CA ARG H 122 -29.11 -19.21 9.02
C ARG H 122 -27.83 -19.69 9.68
N LEU H 123 -26.71 -19.00 9.45
CA LEU H 123 -25.43 -19.53 9.88
C LEU H 123 -25.31 -19.53 11.40
N ASN H 124 -25.63 -18.41 12.05
CA ASN H 124 -25.43 -18.31 13.49
C ASN H 124 -26.30 -19.29 14.26
N ASN H 125 -27.54 -19.47 13.85
CA ASN H 125 -28.53 -20.23 14.62
C ASN H 125 -28.52 -21.68 14.14
N GLN H 126 -28.15 -22.60 15.03
CA GLN H 126 -28.12 -24.02 14.69
C GLN H 126 -29.53 -24.51 14.34
N ALA H 127 -30.52 -24.07 15.10
CA ALA H 127 -31.90 -24.55 14.95
C ALA H 127 -32.32 -24.69 13.49
N LEU H 128 -31.83 -23.81 12.63
CA LEU H 128 -32.32 -23.71 11.26
C LEU H 128 -31.79 -24.81 10.35
N GLN H 129 -30.85 -25.64 10.80
CA GLN H 129 -30.21 -26.60 9.91
C GLN H 129 -31.24 -27.58 9.35
N ALA H 130 -31.04 -27.97 8.10
CA ALA H 130 -31.98 -28.86 7.43
C ALA H 130 -32.00 -30.22 8.13
N ARG H 131 -33.19 -30.83 8.19
CA ARG H 131 -33.38 -32.11 8.85
C ARG H 131 -34.23 -33.03 7.97
N PRO H 132 -33.84 -34.32 7.83
CA PRO H 132 -34.60 -35.20 6.91
C PRO H 132 -36.08 -35.31 7.22
N THR H 133 -36.43 -35.86 8.38
CA THR H 133 -37.81 -35.91 8.85
C THR H 133 -37.76 -35.67 10.35
N LEU H 134 -37.69 -34.41 10.76
CA LEU H 134 -37.50 -34.11 12.18
C LEU H 134 -38.25 -32.82 12.50
N GLU H 135 -39.51 -32.98 12.90
CA GLU H 135 -40.16 -32.09 13.83
C GLU H 135 -40.46 -32.93 15.06
N LEU H 136 -40.39 -32.32 16.23
CA LEU H 136 -40.42 -33.10 17.46
C LEU H 136 -41.71 -32.86 18.24
N PRO H 137 -42.77 -33.65 17.99
CA PRO H 137 -43.98 -33.52 18.80
C PRO H 137 -43.79 -34.03 20.22
N GLN H 146 -58.77 -37.20 28.86
CA GLN H 146 -59.35 -37.77 30.07
C GLN H 146 -60.65 -37.05 30.41
N GLN H 147 -61.69 -37.82 30.69
CA GLN H 147 -63.03 -37.26 30.85
C GLN H 147 -63.16 -36.54 32.20
N GLY H 148 -64.36 -36.03 32.46
CA GLY H 148 -64.65 -35.37 33.71
C GLY H 148 -65.19 -36.31 34.75
N PRO H 149 -65.77 -35.77 35.82
CA PRO H 149 -66.34 -36.62 36.87
C PRO H 149 -67.33 -37.65 36.34
N ALA H 150 -68.34 -37.16 35.61
CA ALA H 150 -69.47 -37.94 35.09
C ALA H 150 -70.72 -37.59 35.87
N LEU H 151 -71.65 -36.88 35.23
CA LEU H 151 -72.82 -36.38 35.92
C LEU H 151 -73.84 -37.48 36.17
N GLU H 152 -74.85 -37.15 36.96
CA GLU H 152 -76.08 -37.91 37.06
C GLU H 152 -77.22 -37.05 36.51
N ASP H 153 -78.38 -37.67 36.35
CA ASP H 153 -79.45 -37.05 35.56
C ASP H 153 -79.94 -35.73 36.13
N ASP H 154 -79.53 -35.33 37.33
CA ASP H 154 -79.92 -34.03 37.86
C ASP H 154 -78.98 -32.91 37.45
N GLU H 155 -77.70 -33.22 37.20
CA GLU H 155 -76.74 -32.22 36.76
C GLU H 155 -76.84 -31.92 35.28
N VAL H 156 -77.47 -32.77 34.49
CA VAL H 156 -77.66 -32.51 33.07
C VAL H 156 -78.81 -31.53 32.91
N VAL H 157 -78.63 -30.53 32.06
CA VAL H 157 -79.56 -29.42 31.92
C VAL H 157 -80.09 -29.38 30.48
N GLY H 158 -81.40 -29.18 30.35
CA GLY H 158 -82.02 -28.91 29.07
C GLY H 158 -81.90 -30.00 28.04
N PHE H 159 -81.28 -31.12 28.35
CA PHE H 159 -81.16 -32.23 27.42
C PHE H 159 -82.30 -33.22 27.53
N ASP H 160 -83.26 -32.96 28.42
CA ASP H 160 -84.36 -33.91 28.62
C ASP H 160 -85.09 -34.18 27.31
N GLU H 161 -85.53 -33.11 26.64
CA GLU H 161 -86.22 -33.28 25.36
C GLU H 161 -85.29 -33.88 24.31
N GLU H 162 -84.02 -33.44 24.31
CA GLU H 162 -83.07 -34.00 23.35
C GLU H 162 -82.87 -35.49 23.57
N ALA H 163 -82.67 -35.89 24.81
CA ALA H 163 -82.47 -37.31 25.10
C ALA H 163 -83.71 -38.11 24.75
N ASN H 164 -84.89 -37.58 25.07
CA ASN H 164 -86.13 -38.27 24.71
C ASN H 164 -86.25 -38.43 23.21
N LYS H 165 -85.92 -37.38 22.45
CA LYS H 165 -85.97 -37.47 20.99
C LYS H 165 -85.00 -38.53 20.47
N VAL H 166 -83.78 -38.53 21.00
CA VAL H 166 -82.77 -39.47 20.52
C VAL H 166 -83.20 -40.91 20.84
N ILE H 167 -83.70 -41.14 22.04
CA ILE H 167 -84.13 -42.48 22.42
C ILE H 167 -85.34 -42.91 21.61
N ASN H 168 -86.24 -41.97 21.33
CA ASN H 168 -87.39 -42.28 20.47
C ASN H 168 -86.94 -42.70 19.08
N ARG H 169 -85.96 -41.97 18.52
CA ARG H 169 -85.39 -42.40 17.24
C ARG H 169 -84.78 -43.78 17.37
N LEU H 170 -84.10 -44.05 18.49
CA LEU H 170 -83.44 -45.33 18.70
C LEU H 170 -84.44 -46.48 18.68
N VAL H 171 -85.43 -46.44 19.58
CA VAL H 171 -86.29 -47.60 19.84
C VAL H 171 -87.31 -47.84 18.74
N LYS H 172 -87.46 -46.92 17.79
CA LYS H 172 -88.40 -47.15 16.70
C LYS H 172 -88.12 -48.47 16.02
N GLU H 173 -89.16 -49.25 15.78
CA GLU H 173 -88.98 -50.56 15.17
C GLU H 173 -88.53 -50.42 13.73
N SER H 174 -87.42 -51.08 13.39
CA SER H 174 -86.89 -51.09 12.04
C SER H 174 -85.88 -52.21 11.90
N LYS H 175 -86.14 -53.16 10.99
CA LYS H 175 -85.31 -54.36 10.93
C LYS H 175 -83.86 -54.01 10.58
N ASP H 176 -83.67 -53.05 9.68
CA ASP H 176 -82.33 -52.66 9.28
C ASP H 176 -81.58 -52.04 10.46
N LEU H 177 -80.26 -52.20 10.44
CA LEU H 177 -79.39 -51.63 11.48
C LEU H 177 -79.28 -50.13 11.23
N ASP H 178 -80.28 -49.40 11.73
CA ASP H 178 -80.29 -47.96 11.58
C ASP H 178 -79.50 -47.31 12.70
N ILE H 179 -78.71 -46.30 12.35
CA ILE H 179 -77.81 -45.63 13.28
C ILE H 179 -78.42 -44.30 13.66
N ILE H 180 -78.05 -43.81 14.84
CA ILE H 180 -78.54 -42.52 15.35
C ILE H 180 -77.35 -41.71 15.84
N PRO H 181 -76.78 -40.83 15.02
CA PRO H 181 -75.57 -40.09 15.43
C PRO H 181 -75.85 -38.76 16.09
N VAL H 182 -74.89 -38.35 16.93
CA VAL H 182 -74.91 -37.05 17.60
C VAL H 182 -73.67 -36.28 17.17
N VAL H 183 -73.87 -35.05 16.70
CA VAL H 183 -72.82 -34.25 16.10
C VAL H 183 -72.87 -32.83 16.65
N GLY H 184 -71.72 -32.17 16.64
CA GLY H 184 -71.65 -30.79 17.07
C GLY H 184 -70.25 -30.39 17.48
N MET H 185 -70.06 -29.07 17.52
CA MET H 185 -68.76 -28.45 17.71
C MET H 185 -68.08 -28.99 18.97
N PRO H 186 -66.78 -28.74 19.11
CA PRO H 186 -66.06 -29.24 20.30
C PRO H 186 -66.70 -28.74 21.58
N GLY H 187 -66.79 -29.65 22.56
CA GLY H 187 -67.32 -29.28 23.84
C GLY H 187 -68.79 -28.93 23.83
N LEU H 188 -69.55 -29.38 22.83
CA LEU H 188 -70.96 -29.01 22.79
C LEU H 188 -71.77 -29.76 23.83
N GLY H 189 -71.31 -30.94 24.24
CA GLY H 189 -72.01 -31.72 25.25
C GLY H 189 -72.49 -33.06 24.74
N LYS H 190 -71.99 -33.48 23.58
CA LYS H 190 -72.46 -34.70 22.95
C LYS H 190 -72.34 -35.89 23.90
N THR H 191 -71.16 -36.09 24.45
CA THR H 191 -70.98 -37.24 25.33
C THR H 191 -71.94 -37.19 26.51
N THR H 192 -72.32 -36.00 26.95
CA THR H 192 -73.32 -35.91 28.03
C THR H 192 -74.67 -36.42 27.56
N LEU H 193 -75.08 -36.07 26.36
CA LEU H 193 -76.33 -36.60 25.83
C LEU H 193 -76.26 -38.11 25.70
N ALA H 194 -75.14 -38.63 25.22
CA ALA H 194 -74.99 -40.07 25.07
C ALA H 194 -75.02 -40.76 26.43
N ARG H 195 -74.42 -40.16 27.45
CA ARG H 195 -74.45 -40.74 28.79
C ARG H 195 -75.86 -40.69 29.38
N LYS H 196 -76.57 -39.58 29.21
CA LYS H 196 -77.93 -39.49 29.70
C LYS H 196 -78.82 -40.54 29.03
N ILE H 197 -78.63 -40.77 27.73
CA ILE H 197 -79.35 -41.84 27.07
C ILE H 197 -78.94 -43.19 27.65
N TYR H 198 -77.63 -43.38 27.82
CA TYR H 198 -77.09 -44.65 28.29
C TYR H 198 -77.61 -45.04 29.67
N LYS H 199 -77.87 -44.06 30.52
CA LYS H 199 -78.43 -44.31 31.85
C LYS H 199 -79.93 -44.08 31.91
N ASP H 200 -80.59 -43.92 30.77
CA ASP H 200 -82.03 -43.74 30.78
C ASP H 200 -82.71 -45.08 31.03
N PRO H 201 -83.60 -45.20 32.01
CA PRO H 201 -84.23 -46.50 32.27
C PRO H 201 -84.97 -47.06 31.08
N LYS H 202 -85.55 -46.20 30.23
CA LYS H 202 -86.32 -46.69 29.09
C LYS H 202 -85.49 -47.62 28.22
N LEU H 203 -84.25 -47.23 27.92
CA LEU H 203 -83.41 -48.03 27.01
C LEU H 203 -83.31 -49.47 27.49
N SER H 204 -83.31 -49.67 28.82
CA SER H 204 -83.27 -51.03 29.35
C SER H 204 -84.45 -51.85 28.84
N TYR H 205 -85.62 -51.22 28.72
CA TYR H 205 -86.82 -51.97 28.36
C TYR H 205 -86.74 -52.52 26.94
N GLU H 206 -86.28 -51.73 25.98
CA GLU H 206 -86.32 -52.11 24.58
C GLU H 206 -85.05 -52.79 24.10
N PHE H 207 -84.00 -52.83 24.90
CA PHE H 207 -82.74 -53.45 24.50
C PHE H 207 -82.21 -54.32 25.62
N PHE H 208 -81.85 -55.57 25.30
CA PHE H 208 -81.34 -56.48 26.31
C PHE H 208 -80.03 -55.96 26.89
N GLY H 209 -79.07 -55.64 26.01
CA GLY H 209 -77.77 -55.17 26.46
C GLY H 209 -77.32 -53.92 25.75
N VAL H 210 -77.17 -52.84 26.50
CA VAL H 210 -76.68 -51.57 25.98
C VAL H 210 -75.25 -51.40 26.46
N HIS H 211 -74.30 -51.39 25.52
CA HIS H 211 -72.90 -51.23 25.85
C HIS H 211 -72.39 -49.90 25.30
N TRP H 212 -71.27 -49.46 25.88
CA TRP H 212 -70.69 -48.15 25.60
C TRP H 212 -69.23 -48.33 25.18
N VAL H 213 -68.80 -47.51 24.22
CA VAL H 213 -67.43 -47.57 23.73
C VAL H 213 -66.96 -46.17 23.39
N TYR H 214 -65.68 -45.91 23.62
CA TYR H 214 -65.06 -44.63 23.32
C TYR H 214 -64.02 -44.86 22.22
N VAL H 215 -64.10 -44.07 21.15
CA VAL H 215 -63.18 -44.18 20.04
C VAL H 215 -62.22 -43.00 20.05
N GLY H 216 -62.76 -41.78 19.90
CA GLY H 216 -61.91 -40.61 19.76
C GLY H 216 -61.12 -40.65 18.47
N GLN H 217 -60.36 -39.58 18.19
CA GLN H 217 -59.58 -39.57 16.95
C GLN H 217 -58.57 -40.71 16.93
N SER H 218 -57.89 -40.95 18.04
CA SER H 218 -56.86 -41.98 18.14
C SER H 218 -57.44 -43.22 18.80
N TYR H 219 -57.30 -44.36 18.14
CA TYR H 219 -57.88 -45.61 18.61
C TYR H 219 -57.28 -46.74 17.80
N LYS H 220 -57.54 -47.97 18.25
CA LYS H 220 -57.31 -49.16 17.46
C LYS H 220 -58.58 -50.01 17.50
N ILE H 221 -58.92 -50.62 16.37
CA ILE H 221 -60.16 -51.39 16.30
C ILE H 221 -60.14 -52.51 17.31
N LYS H 222 -59.00 -53.21 17.44
CA LYS H 222 -58.95 -54.39 18.28
C LYS H 222 -59.36 -54.09 19.72
N ASP H 223 -58.94 -52.94 20.25
CA ASP H 223 -59.34 -52.58 21.61
C ASP H 223 -60.85 -52.36 21.70
N VAL H 224 -61.44 -51.71 20.69
CA VAL H 224 -62.88 -51.51 20.68
C VAL H 224 -63.60 -52.85 20.68
N PHE H 225 -63.17 -53.77 19.81
CA PHE H 225 -63.79 -55.08 19.74
C PHE H 225 -63.61 -55.84 21.05
N LEU H 226 -62.44 -55.71 21.67
CA LEU H 226 -62.20 -56.41 22.93
C LEU H 226 -63.12 -55.88 24.02
N ASN H 227 -63.32 -54.56 24.09
CA ASN H 227 -64.25 -54.03 25.08
C ASN H 227 -65.68 -54.48 24.81
N ILE H 228 -66.08 -54.47 23.54
CA ILE H 228 -67.42 -54.90 23.18
C ILE H 228 -67.63 -56.36 23.59
N LEU H 229 -66.63 -57.20 23.30
CA LEU H 229 -66.70 -58.61 23.71
C LEU H 229 -66.72 -58.74 25.22
N LYS H 230 -65.91 -57.93 25.92
CA LYS H 230 -65.95 -57.93 27.39
C LYS H 230 -67.38 -57.74 27.87
N PHE H 231 -68.14 -56.87 27.21
CA PHE H 231 -69.53 -56.72 27.62
C PHE H 231 -70.27 -58.05 27.58
N PHE H 232 -70.13 -58.80 26.49
CA PHE H 232 -70.91 -60.02 26.30
C PHE H 232 -70.33 -61.21 27.04
N THR H 233 -69.04 -61.22 27.35
CA THR H 233 -68.44 -62.29 28.12
C THR H 233 -67.24 -61.75 28.87
N ARG H 234 -66.90 -62.40 29.97
CA ARG H 234 -65.77 -62.00 30.79
C ARG H 234 -64.47 -62.69 30.38
N ARG H 235 -64.49 -63.49 29.32
CA ARG H 235 -63.35 -64.29 28.90
C ARG H 235 -62.69 -63.73 27.66
N THR H 236 -62.61 -62.40 27.55
CA THR H 236 -61.90 -61.78 26.44
C THR H 236 -60.45 -62.26 26.39
N GLU H 237 -59.90 -62.67 27.53
CA GLU H 237 -58.54 -63.21 27.55
C GLU H 237 -58.43 -64.43 26.62
N ASP H 238 -59.54 -65.14 26.41
CA ASP H 238 -59.52 -66.31 25.53
C ASP H 238 -59.55 -65.91 24.06
N TYR H 239 -60.20 -64.80 23.73
CA TYR H 239 -60.37 -64.38 22.35
C TYR H 239 -59.40 -63.26 21.96
N GLN H 240 -58.43 -62.95 22.81
CA GLN H 240 -57.47 -61.90 22.49
C GLN H 240 -56.58 -62.26 21.31
N HIS H 241 -56.51 -63.56 20.95
CA HIS H 241 -55.63 -64.03 19.89
C HIS H 241 -56.35 -64.24 18.56
N GLU H 242 -57.61 -63.85 18.46
CA GLU H 242 -58.40 -64.07 17.25
C GLU H 242 -58.27 -62.88 16.30
N ASP H 243 -58.53 -63.15 15.02
CA ASP H 243 -58.41 -62.12 13.99
C ASP H 243 -59.66 -61.25 13.96
N VAL H 244 -59.49 -60.01 13.50
CA VAL H 244 -60.57 -59.02 13.57
C VAL H 244 -61.88 -59.59 13.06
N ASP H 245 -61.83 -60.34 11.97
CA ASP H 245 -63.05 -60.96 11.45
C ASP H 245 -63.54 -62.08 12.36
N ALA H 246 -62.61 -62.82 12.99
CA ALA H 246 -63.03 -63.81 13.98
C ALA H 246 -63.77 -63.14 15.13
N LEU H 247 -63.27 -62.00 15.61
CA LEU H 247 -63.96 -61.27 16.66
C LEU H 247 -65.31 -60.77 16.17
N ALA H 248 -65.38 -60.34 14.90
CA ALA H 248 -66.65 -59.91 14.34
C ALA H 248 -67.67 -61.03 14.41
N LYS H 249 -67.29 -62.23 13.96
CA LYS H 249 -68.21 -63.37 14.01
C LYS H 249 -68.59 -63.71 15.45
N VAL H 250 -67.61 -63.69 16.36
CA VAL H 250 -67.89 -64.03 17.75
C VAL H 250 -68.90 -63.06 18.35
N ILE H 251 -68.69 -61.76 18.11
CA ILE H 251 -69.59 -60.76 18.67
C ILE H 251 -70.96 -60.86 18.01
N ALA H 252 -71.00 -61.19 16.72
CA ALA H 252 -72.29 -61.39 16.07
C ALA H 252 -73.07 -62.51 16.73
N GLY H 253 -72.39 -63.62 17.04
CA GLY H 253 -73.06 -64.71 17.74
C GLY H 253 -73.50 -64.32 19.13
N PHE H 254 -72.63 -63.61 19.87
CA PHE H 254 -73.00 -63.16 21.20
C PHE H 254 -74.23 -62.28 21.17
N ILE H 255 -74.32 -61.40 20.17
CA ILE H 255 -75.48 -60.51 20.06
C ILE H 255 -76.72 -61.30 19.66
N ASN H 256 -76.57 -62.25 18.74
CA ASN H 256 -77.69 -63.13 18.41
C ASN H 256 -78.27 -63.76 19.65
N LYS H 257 -77.39 -64.28 20.52
CA LYS H 257 -77.87 -64.83 21.78
C LYS H 257 -78.52 -63.77 22.64
N GLY H 258 -77.91 -62.58 22.71
CA GLY H 258 -78.46 -61.52 23.53
C GLY H 258 -79.79 -60.99 23.03
N GLY H 259 -79.90 -60.75 21.73
CA GLY H 259 -81.08 -60.14 21.16
C GLY H 259 -80.83 -58.71 20.74
N ARG H 260 -81.87 -57.86 20.82
CA ARG H 260 -81.71 -56.47 20.44
C ARG H 260 -80.64 -55.80 21.30
N CYS H 261 -79.76 -55.05 20.64
CA CYS H 261 -78.63 -54.42 21.32
C CYS H 261 -78.40 -53.03 20.76
N LEU H 262 -78.09 -52.09 21.63
CA LEU H 262 -77.66 -50.75 21.25
C LEU H 262 -76.23 -50.56 21.71
N ILE H 263 -75.38 -50.08 20.81
CA ILE H 263 -73.99 -49.80 21.12
C ILE H 263 -73.77 -48.30 21.03
N CYS H 264 -73.38 -47.70 22.16
CA CYS H 264 -73.06 -46.28 22.21
C CYS H 264 -71.61 -46.10 21.80
N LEU H 265 -71.36 -45.22 20.84
CA LEU H 265 -70.02 -44.93 20.36
C LEU H 265 -69.70 -43.46 20.61
N ASP H 266 -68.56 -43.21 21.23
CA ASP H 266 -68.17 -41.87 21.66
C ASP H 266 -67.04 -41.36 20.77
N ASP H 267 -67.26 -40.23 20.11
CA ASP H 267 -66.21 -39.53 19.36
C ASP H 267 -65.62 -40.43 18.27
N VAL H 268 -66.46 -40.75 17.30
CA VAL H 268 -66.03 -41.47 16.10
C VAL H 268 -65.90 -40.45 14.98
N TRP H 269 -64.70 -40.36 14.40
CA TRP H 269 -64.44 -39.40 13.34
C TRP H 269 -63.99 -40.02 12.03
N GLU H 270 -64.22 -41.31 11.78
CA GLU H 270 -63.79 -41.92 10.54
C GLU H 270 -64.80 -42.97 10.06
N THR H 271 -65.11 -42.90 8.76
CA THR H 271 -66.10 -43.79 8.17
C THR H 271 -65.68 -45.26 8.30
N LYS H 272 -64.38 -45.54 8.18
CA LYS H 272 -63.91 -46.91 8.30
C LYS H 272 -64.38 -47.52 9.61
N VAL H 273 -64.44 -46.72 10.67
CA VAL H 273 -64.89 -47.22 11.97
C VAL H 273 -66.33 -47.69 11.87
N ILE H 274 -67.20 -46.87 11.29
CA ILE H 274 -68.60 -47.27 11.14
C ILE H 274 -68.69 -48.56 10.34
N ASP H 275 -68.02 -48.60 9.19
CA ASP H 275 -68.08 -49.81 8.37
C ASP H 275 -67.50 -51.02 9.09
N TYR H 276 -66.66 -50.81 10.10
CA TYR H 276 -66.26 -51.90 10.97
C TYR H 276 -67.34 -52.26 11.98
N VAL H 277 -68.17 -51.30 12.38
CA VAL H 277 -69.17 -51.57 13.41
C VAL H 277 -70.38 -52.29 12.84
N LYS H 278 -70.73 -52.05 11.58
CA LYS H 278 -71.83 -52.83 10.99
C LYS H 278 -71.53 -54.31 11.03
N THR H 279 -70.25 -54.68 11.08
CA THR H 279 -69.86 -56.08 10.98
C THR H 279 -70.09 -56.84 12.28
N ILE H 280 -70.22 -56.15 13.41
CA ILE H 280 -70.37 -56.82 14.69
C ILE H 280 -71.86 -56.99 15.01
N PHE H 281 -72.71 -56.78 14.02
CA PHE H 281 -74.16 -56.88 14.22
C PHE H 281 -74.72 -57.97 13.33
N PRO H 282 -75.32 -59.02 13.89
CA PRO H 282 -75.83 -60.11 13.05
C PRO H 282 -77.06 -59.69 12.26
N GLU H 283 -77.30 -60.42 11.17
CA GLU H 283 -78.47 -60.20 10.33
C GLU H 283 -79.69 -60.99 10.83
N ASN H 284 -79.97 -60.85 12.12
CA ASN H 284 -81.06 -61.57 12.76
C ASN H 284 -82.38 -60.80 12.70
N GLU H 285 -82.43 -59.73 11.90
CA GLU H 285 -83.65 -58.94 11.73
C GLU H 285 -84.24 -58.57 13.09
N LYS H 286 -83.37 -58.18 14.00
CA LYS H 286 -83.78 -57.67 15.30
C LYS H 286 -83.79 -56.15 15.36
N GLY H 287 -83.39 -55.48 14.30
CA GLY H 287 -83.43 -54.03 14.26
C GLY H 287 -82.54 -53.38 15.31
N HIS H 288 -81.30 -53.85 15.42
CA HIS H 288 -80.39 -53.28 16.39
C HIS H 288 -80.12 -51.81 16.06
N ARG H 289 -79.40 -51.14 16.96
CA ARG H 289 -79.08 -49.73 16.80
C ARG H 289 -77.65 -49.49 17.24
N VAL H 290 -77.05 -48.44 16.68
CA VAL H 290 -75.74 -47.96 17.10
C VAL H 290 -75.85 -46.46 17.29
N MET H 291 -75.47 -45.98 18.46
CA MET H 291 -75.36 -44.55 18.73
C MET H 291 -73.90 -44.16 18.66
N MET H 292 -73.60 -43.16 17.84
CA MET H 292 -72.22 -42.71 17.66
C MET H 292 -72.18 -41.19 17.68
N THR H 293 -71.21 -40.65 18.40
CA THR H 293 -70.99 -39.20 18.44
C THR H 293 -69.79 -38.86 17.58
N THR H 294 -69.99 -37.93 16.64
CA THR H 294 -68.98 -37.57 15.66
C THR H 294 -68.92 -36.07 15.50
N ARG H 295 -67.71 -35.50 15.57
CA ARG H 295 -67.53 -34.08 15.37
C ARG H 295 -67.51 -33.70 13.89
N ASN H 296 -67.85 -34.63 13.00
CA ASN H 296 -67.83 -34.40 11.56
C ASN H 296 -69.25 -34.61 11.03
N LYS H 297 -69.92 -33.51 10.67
CA LYS H 297 -71.31 -33.60 10.26
C LYS H 297 -71.50 -34.58 9.11
N VAL H 298 -70.55 -34.64 8.19
CA VAL H 298 -70.67 -35.55 7.04
C VAL H 298 -70.66 -37.00 7.52
N LEU H 299 -69.78 -37.32 8.47
CA LEU H 299 -69.75 -38.67 9.01
C LEU H 299 -71.07 -39.02 9.68
N ALA H 300 -71.63 -38.09 10.45
CA ALA H 300 -72.97 -38.30 10.99
C ALA H 300 -73.97 -38.58 9.87
N THR H 301 -73.91 -37.78 8.79
CA THR H 301 -74.87 -37.96 7.71
C THR H 301 -74.77 -39.34 7.11
N TYR H 302 -73.54 -39.85 6.92
CA TYR H 302 -73.41 -41.21 6.44
C TYR H 302 -73.97 -42.20 7.45
N ALA H 303 -73.70 -41.98 8.73
CA ALA H 303 -74.21 -42.88 9.76
C ALA H 303 -75.74 -42.97 9.70
N ASN H 304 -76.40 -41.83 9.68
CA ASN H 304 -77.83 -41.75 9.50
C ASN H 304 -78.16 -40.68 8.47
N SER H 305 -79.12 -40.99 7.60
CA SER H 305 -79.52 -40.05 6.55
C SER H 305 -80.21 -38.80 7.08
N ASP H 306 -80.31 -38.65 8.40
CA ASP H 306 -80.92 -37.47 9.01
C ASP H 306 -80.32 -37.28 10.39
N PRO H 307 -79.32 -36.40 10.54
CA PRO H 307 -78.58 -36.37 11.81
C PRO H 307 -79.44 -35.89 12.98
N HIS H 308 -78.82 -35.84 14.16
CA HIS H 308 -79.43 -35.23 15.34
C HIS H 308 -78.42 -34.18 15.82
N ASP H 309 -78.48 -33.00 15.21
CA ASP H 309 -77.55 -31.94 15.59
C ASP H 309 -77.85 -31.52 17.01
N LEU H 310 -76.85 -31.62 17.88
CA LEU H 310 -77.05 -31.31 19.28
C LEU H 310 -77.56 -29.89 19.42
N LYS H 311 -78.63 -29.72 20.18
CA LYS H 311 -79.28 -28.41 20.28
C LYS H 311 -78.31 -27.42 20.89
N PHE H 312 -78.72 -26.16 21.00
CA PHE H 312 -77.93 -25.14 21.66
C PHE H 312 -78.59 -24.77 22.98
N LEU H 313 -77.81 -24.80 24.05
CA LEU H 313 -78.33 -24.38 25.36
C LEU H 313 -78.82 -22.95 25.30
N THR H 314 -80.01 -22.71 25.83
CA THR H 314 -80.51 -21.35 25.91
C THR H 314 -79.83 -20.63 27.07
N PRO H 315 -79.87 -19.30 27.08
CA PRO H 315 -79.14 -18.56 28.13
C PRO H 315 -79.52 -18.98 29.54
N LYS H 316 -80.81 -19.27 29.78
CA LYS H 316 -81.21 -19.72 31.11
C LYS H 316 -80.57 -21.05 31.44
N GLU H 317 -80.46 -21.95 30.46
CA GLU H 317 -79.77 -23.21 30.70
C GLU H 317 -78.32 -22.97 31.08
N SER H 318 -77.65 -22.05 30.38
CA SER H 318 -76.25 -21.77 30.68
C SER H 318 -76.10 -21.17 32.09
N PHE H 319 -77.01 -20.26 32.46
CA PHE H 319 -76.94 -19.69 33.80
C PHE H 319 -77.16 -20.75 34.88
N GLU H 320 -78.15 -21.62 34.67
CA GLU H 320 -78.38 -22.69 35.64
C GLU H 320 -77.17 -23.61 35.71
N LEU H 321 -76.55 -23.89 34.56
CA LEU H 321 -75.38 -24.74 34.54
C LEU H 321 -74.24 -24.12 35.34
N LEU H 322 -73.98 -22.83 35.14
CA LEU H 322 -72.91 -22.18 35.89
C LEU H 322 -73.24 -22.16 37.37
N VAL H 323 -74.52 -21.94 37.71
CA VAL H 323 -74.94 -22.02 39.10
C VAL H 323 -74.57 -23.39 39.67
N LYS H 324 -74.87 -24.44 38.91
CA LYS H 324 -74.51 -25.79 39.35
C LYS H 324 -73.00 -25.91 39.54
N ARG H 325 -72.23 -25.47 38.56
CA ARG H 325 -70.78 -25.70 38.59
C ARG H 325 -70.14 -24.99 39.77
N VAL H 326 -70.53 -23.74 40.02
CA VAL H 326 -69.85 -22.97 41.06
C VAL H 326 -70.45 -23.26 42.43
N PHE H 327 -71.68 -23.78 42.48
CA PHE H 327 -72.36 -23.97 43.75
C PHE H 327 -73.13 -25.29 43.83
N GLY H 328 -72.95 -26.19 42.86
CA GLY H 328 -73.65 -27.46 42.89
C GLY H 328 -75.15 -27.29 43.05
N LYS H 329 -75.68 -27.67 44.20
CA LYS H 329 -77.09 -27.54 44.48
C LYS H 329 -77.43 -26.29 45.28
N LYS H 330 -76.46 -25.74 46.00
CA LYS H 330 -76.69 -24.50 46.71
C LYS H 330 -76.98 -23.38 45.71
N PRO H 331 -77.96 -22.53 45.96
CA PRO H 331 -78.28 -21.48 44.99
C PRO H 331 -77.18 -20.45 44.88
N CYS H 332 -77.08 -19.84 43.71
CA CYS H 332 -76.19 -18.72 43.54
C CYS H 332 -76.67 -17.54 44.39
N PRO H 333 -75.76 -16.79 45.01
CA PRO H 333 -76.21 -15.68 45.85
C PRO H 333 -76.74 -14.52 45.02
N LYS H 334 -77.43 -13.60 45.70
CA LYS H 334 -78.27 -12.64 45.01
C LYS H 334 -77.45 -11.73 44.08
N ASP H 335 -76.40 -11.10 44.61
CA ASP H 335 -75.73 -10.06 43.85
C ASP H 335 -74.96 -10.64 42.66
N LEU H 336 -74.49 -11.87 42.76
CA LEU H 336 -73.76 -12.47 41.65
C LEU H 336 -74.64 -12.70 40.43
N VAL H 337 -75.97 -12.72 40.60
CA VAL H 337 -76.85 -13.08 39.49
C VAL H 337 -76.70 -12.12 38.32
N GLY H 338 -76.57 -10.83 38.59
CA GLY H 338 -76.30 -9.89 37.52
C GLY H 338 -75.07 -10.31 36.75
N HIS H 339 -73.94 -10.38 37.46
CA HIS H 339 -72.71 -10.87 36.87
C HIS H 339 -72.87 -12.31 36.38
N GLY H 340 -73.59 -13.13 37.14
CA GLY H 340 -73.82 -14.50 36.72
C GLY H 340 -74.61 -14.59 35.43
N GLU H 341 -75.66 -13.79 35.30
CA GLU H 341 -76.39 -13.75 34.05
C GLU H 341 -75.49 -13.31 32.91
N SER H 342 -74.69 -12.26 33.14
CA SER H 342 -73.80 -11.79 32.09
C SER H 342 -72.87 -12.90 31.61
N ILE H 343 -72.22 -13.60 32.56
CA ILE H 343 -71.27 -14.64 32.19
C ILE H 343 -71.99 -15.79 31.50
N ALA H 344 -73.23 -16.08 31.92
CA ALA H 344 -73.96 -17.18 31.32
C ALA H 344 -74.38 -16.85 29.89
N GLY H 345 -74.84 -15.63 29.65
CA GLY H 345 -75.39 -15.29 28.35
C GLY H 345 -74.34 -15.00 27.30
N LYS H 346 -73.09 -14.82 27.72
CA LYS H 346 -72.02 -14.47 26.80
C LYS H 346 -71.34 -15.68 26.17
N CYS H 347 -71.74 -16.89 26.53
CA CYS H 347 -71.04 -18.09 26.10
C CYS H 347 -71.55 -18.65 24.78
N GLY H 348 -72.58 -18.05 24.19
CA GLY H 348 -73.03 -18.43 22.87
C GLY H 348 -73.93 -19.65 22.82
N GLY H 349 -74.13 -20.34 23.93
CA GLY H 349 -74.95 -21.54 23.94
C GLY H 349 -74.22 -22.84 23.80
N VAL H 350 -72.96 -22.91 24.23
CA VAL H 350 -72.18 -24.14 24.26
C VAL H 350 -71.82 -24.40 25.71
N PRO H 351 -72.21 -25.53 26.31
CA PRO H 351 -72.03 -25.69 27.75
C PRO H 351 -70.60 -25.64 28.19
N LEU H 352 -69.64 -26.01 27.33
CA LEU H 352 -68.27 -26.16 27.79
C LEU H 352 -67.63 -24.81 28.10
N ALA H 353 -68.01 -23.77 27.37
CA ALA H 353 -67.53 -22.43 27.74
C ALA H 353 -68.01 -22.06 29.14
N VAL H 354 -69.29 -22.31 29.43
CA VAL H 354 -69.83 -22.10 30.77
C VAL H 354 -69.02 -22.90 31.77
N VAL H 355 -68.79 -24.18 31.48
CA VAL H 355 -68.10 -25.05 32.43
C VAL H 355 -66.72 -24.50 32.73
N VAL H 356 -65.98 -24.13 31.69
CA VAL H 356 -64.59 -23.70 31.90
C VAL H 356 -64.56 -22.42 32.71
N ILE H 357 -65.34 -21.41 32.32
CA ILE H 357 -65.30 -20.15 33.05
C ILE H 357 -65.79 -20.33 34.48
N ALA H 358 -66.77 -21.21 34.69
CA ALA H 358 -67.16 -21.56 36.04
C ALA H 358 -65.98 -22.13 36.80
N GLY H 359 -65.20 -22.99 36.13
CA GLY H 359 -63.99 -23.51 36.75
C GLY H 359 -63.07 -22.39 37.21
N ALA H 360 -62.90 -21.37 36.37
CA ALA H 360 -62.13 -20.21 36.79
C ALA H 360 -62.78 -19.50 37.97
N LEU H 361 -64.11 -19.61 38.11
CA LEU H 361 -64.86 -18.94 39.16
C LEU H 361 -65.07 -19.79 40.40
N ARG H 362 -64.51 -21.00 40.44
CA ARG H 362 -64.80 -21.92 41.53
C ARG H 362 -64.38 -21.34 42.86
N GLY H 363 -65.36 -21.06 43.72
CA GLY H 363 -65.09 -20.52 45.02
C GLY H 363 -64.46 -19.13 44.96
N ARG H 364 -65.03 -18.24 44.15
CA ARG H 364 -64.60 -16.84 44.10
C ARG H 364 -65.79 -15.91 44.37
N PRO H 365 -66.57 -16.17 45.43
CA PRO H 365 -67.79 -15.38 45.63
C PRO H 365 -67.53 -13.92 45.94
N ASN H 366 -66.27 -13.50 45.97
CA ASN H 366 -65.94 -12.08 46.11
C ASN H 366 -66.17 -11.39 44.78
N THR H 367 -67.18 -10.52 44.73
CA THR H 367 -67.66 -10.02 43.44
C THR H 367 -66.60 -9.27 42.66
N SER H 368 -65.51 -8.85 43.32
CA SER H 368 -64.38 -8.29 42.57
C SER H 368 -63.95 -9.24 41.47
N ASP H 369 -63.81 -10.52 41.79
CA ASP H 369 -63.35 -11.47 40.79
C ASP H 369 -64.44 -11.81 39.78
N TRP H 370 -65.71 -11.87 40.21
CA TRP H 370 -66.76 -12.11 39.24
C TRP H 370 -66.80 -11.00 38.19
N ILE H 371 -66.57 -9.76 38.62
CA ILE H 371 -66.49 -8.67 37.65
C ILE H 371 -65.23 -8.78 36.82
N ARG H 372 -64.11 -9.17 37.42
CA ARG H 372 -62.92 -9.42 36.61
C ARG H 372 -63.25 -10.35 35.46
N VAL H 373 -63.95 -11.45 35.75
CA VAL H 373 -64.20 -12.45 34.72
C VAL H 373 -65.32 -12.04 33.77
N GLU H 374 -66.25 -11.19 34.20
CA GLU H 374 -67.28 -10.73 33.28
C GLU H 374 -66.77 -9.69 32.31
N ARG H 375 -65.89 -8.78 32.77
CA ARG H 375 -65.38 -7.70 31.93
C ARG H 375 -65.10 -8.22 30.52
N ASN H 376 -64.56 -9.44 30.44
CA ASN H 376 -64.45 -10.17 29.19
C ASN H 376 -64.54 -11.65 29.53
N VAL H 377 -65.30 -12.39 28.74
CA VAL H 377 -65.50 -13.82 29.01
C VAL H 377 -65.17 -14.71 27.84
N VAL H 378 -64.79 -14.18 26.69
CA VAL H 378 -64.38 -15.04 25.59
C VAL H 378 -62.87 -15.22 25.59
N GLN H 379 -62.13 -14.23 26.10
CA GLN H 379 -60.69 -14.38 26.30
C GLN H 379 -60.39 -15.36 27.41
N HIS H 380 -61.22 -15.40 28.44
CA HIS H 380 -60.86 -16.12 29.66
C HIS H 380 -60.55 -17.57 29.36
N LEU H 381 -61.38 -18.22 28.58
CA LEU H 381 -61.08 -19.59 28.20
C LEU H 381 -59.70 -19.59 27.55
N TYR H 382 -59.02 -20.73 27.52
CA TYR H 382 -57.67 -20.83 26.96
C TYR H 382 -56.62 -20.20 27.87
N THR H 383 -56.84 -20.21 29.18
CA THR H 383 -55.89 -19.66 30.14
C THR H 383 -55.84 -20.54 31.37
N ASN H 384 -54.68 -20.50 32.04
CA ASN H 384 -54.47 -21.25 33.28
C ASN H 384 -54.50 -22.76 33.01
N SER H 385 -54.30 -23.57 34.04
CA SER H 385 -54.18 -25.00 33.83
C SER H 385 -55.44 -25.58 33.19
N GLU H 386 -56.60 -25.17 33.67
CA GLU H 386 -57.86 -25.73 33.20
C GLU H 386 -58.38 -24.95 31.99
N GLU H 387 -57.59 -24.93 30.91
CA GLU H 387 -57.93 -24.17 29.71
C GLU H 387 -58.65 -25.03 28.68
N SER H 388 -59.44 -26.01 29.14
CA SER H 388 -59.72 -27.19 28.33
C SER H 388 -60.25 -26.85 26.93
N CYS H 389 -60.83 -25.67 26.73
CA CYS H 389 -61.42 -25.37 25.43
C CYS H 389 -60.36 -25.44 24.33
N LEU H 390 -59.16 -24.91 24.58
CA LEU H 390 -58.13 -24.87 23.56
C LEU H 390 -57.85 -26.26 22.99
N LYS H 391 -57.34 -27.15 23.84
CA LYS H 391 -57.02 -28.50 23.38
C LYS H 391 -58.25 -29.19 22.80
N PHE H 392 -59.43 -28.87 23.32
CA PHE H 392 -60.64 -29.48 22.78
C PHE H 392 -60.83 -29.11 21.32
N VAL H 393 -60.56 -27.85 20.95
CA VAL H 393 -60.69 -27.45 19.55
C VAL H 393 -59.52 -27.97 18.74
N GLU H 394 -58.32 -28.00 19.34
CA GLU H 394 -57.16 -28.55 18.64
C GLU H 394 -57.34 -30.03 18.35
N MET H 395 -58.26 -30.68 19.05
CA MET H 395 -58.57 -32.08 18.78
C MET H 395 -59.07 -32.26 17.36
N SER H 396 -59.54 -31.19 16.72
CA SER H 396 -60.01 -31.23 15.34
C SER H 396 -59.30 -30.27 14.41
N TYR H 397 -58.69 -29.20 14.92
CA TYR H 397 -57.97 -28.31 14.04
C TYR H 397 -56.87 -29.04 13.29
N ASP H 398 -56.06 -29.85 13.99
CA ASP H 398 -55.02 -30.63 13.33
C ASP H 398 -55.61 -31.54 12.27
N HIS H 399 -56.88 -31.91 12.44
CA HIS H 399 -57.66 -32.71 11.49
C HIS H 399 -58.04 -31.90 10.24
N LEU H 400 -57.50 -30.70 10.08
CA LEU H 400 -57.72 -29.91 8.89
C LEU H 400 -56.41 -29.72 8.15
N PRO H 401 -56.35 -29.97 6.83
CA PRO H 401 -55.11 -29.71 6.09
C PRO H 401 -54.73 -28.24 6.14
N GLN H 402 -53.45 -27.98 5.86
CA GLN H 402 -52.91 -26.64 6.08
C GLN H 402 -53.66 -25.59 5.29
N GLU H 403 -54.12 -25.92 4.08
CA GLU H 403 -54.87 -24.95 3.30
C GLU H 403 -56.14 -24.53 4.03
N VAL H 404 -56.94 -25.51 4.47
CA VAL H 404 -58.14 -25.18 5.22
C VAL H 404 -57.79 -24.75 6.63
N GLN H 405 -56.61 -25.13 7.13
CA GLN H 405 -56.16 -24.56 8.38
C GLN H 405 -56.10 -23.04 8.27
N THR H 406 -55.41 -22.55 7.23
CA THR H 406 -55.25 -21.11 7.07
C THR H 406 -56.58 -20.44 6.73
N CYS H 407 -57.30 -20.99 5.75
CA CYS H 407 -58.60 -20.43 5.41
C CYS H 407 -59.51 -20.39 6.63
N PHE H 408 -59.32 -21.32 7.56
CA PHE H 408 -60.03 -21.27 8.84
C PHE H 408 -59.55 -20.11 9.69
N LEU H 409 -58.24 -20.01 9.90
CA LEU H 409 -57.72 -18.96 10.77
C LEU H 409 -58.12 -17.58 10.29
N TYR H 410 -58.41 -17.43 9.00
CA TYR H 410 -58.84 -16.15 8.47
C TYR H 410 -60.35 -15.97 8.50
N CYS H 411 -61.08 -16.93 9.06
CA CYS H 411 -62.39 -16.63 9.60
C CYS H 411 -62.30 -15.95 10.95
N GLY H 412 -61.13 -15.95 11.57
CA GLY H 412 -60.90 -15.35 12.86
C GLY H 412 -60.63 -13.86 12.84
N VAL H 413 -60.87 -13.20 11.71
CA VAL H 413 -60.66 -11.76 11.60
C VAL H 413 -61.97 -10.98 11.63
N PHE H 414 -63.09 -11.63 11.35
CA PHE H 414 -64.37 -10.94 11.40
C PHE H 414 -64.81 -10.72 12.85
N PRO H 415 -65.31 -9.54 13.19
CA PRO H 415 -65.58 -9.24 14.61
C PRO H 415 -66.50 -10.27 15.25
N ARG H 416 -66.36 -10.38 16.58
CA ARG H 416 -67.12 -11.37 17.32
C ARG H 416 -68.61 -11.16 17.13
N GLY H 417 -69.31 -12.21 16.73
CA GLY H 417 -70.72 -12.11 16.41
C GLY H 417 -71.01 -11.58 15.03
N PHE H 418 -69.98 -11.22 14.27
CA PHE H 418 -70.19 -10.72 12.92
C PHE H 418 -70.77 -11.82 12.03
N ASP H 419 -71.42 -11.40 10.95
CA ASP H 419 -71.93 -12.31 9.94
C ASP H 419 -70.94 -12.30 8.78
N ILE H 420 -70.27 -13.42 8.57
CA ILE H 420 -69.17 -13.52 7.61
C ILE H 420 -69.73 -14.01 6.27
N PRO H 421 -70.00 -13.12 5.32
CA PRO H 421 -70.67 -13.57 4.09
C PRO H 421 -69.82 -14.57 3.34
N SER H 422 -70.51 -15.47 2.61
CA SER H 422 -69.81 -16.49 1.85
C SER H 422 -68.90 -15.87 0.80
N TRP H 423 -69.44 -14.94 -0.01
CA TRP H 423 -68.63 -14.36 -1.07
C TRP H 423 -67.52 -13.49 -0.51
N LYS H 424 -67.82 -12.71 0.54
CA LYS H 424 -66.79 -11.87 1.13
C LYS H 424 -65.62 -12.71 1.65
N VAL H 425 -65.90 -13.76 2.41
CA VAL H 425 -64.84 -14.57 2.97
C VAL H 425 -64.12 -15.35 1.88
N ILE H 426 -64.86 -15.82 0.87
CA ILE H 426 -64.23 -16.54 -0.24
C ILE H 426 -63.20 -15.66 -0.92
N ARG H 427 -63.62 -14.44 -1.28
CA ARG H 427 -62.70 -13.52 -1.96
C ARG H 427 -61.63 -13.01 -1.01
N LEU H 428 -61.88 -13.02 0.31
CA LEU H 428 -60.84 -12.61 1.25
C LEU H 428 -59.73 -13.66 1.33
N TRP H 429 -60.11 -14.92 1.50
CA TRP H 429 -59.14 -16.00 1.34
C TRP H 429 -58.38 -15.83 0.05
N ILE H 430 -59.09 -15.87 -1.08
CA ILE H 430 -58.43 -15.86 -2.38
C ILE H 430 -57.64 -14.58 -2.61
N ALA H 431 -57.89 -13.54 -1.83
CA ALA H 431 -57.16 -12.28 -1.96
C ALA H 431 -55.93 -12.24 -1.08
N GLU H 432 -55.97 -12.92 0.07
CA GLU H 432 -54.80 -12.98 0.94
C GLU H 432 -53.72 -13.89 0.40
N GLY H 433 -53.99 -14.64 -0.67
CA GLY H 433 -53.05 -15.60 -1.20
C GLY H 433 -52.99 -16.92 -0.47
N LEU H 434 -53.90 -17.15 0.49
CA LEU H 434 -53.86 -18.37 1.27
C LEU H 434 -54.11 -19.60 0.40
N ILE H 435 -55.10 -19.53 -0.49
CA ILE H 435 -55.43 -20.67 -1.33
C ILE H 435 -54.42 -20.81 -2.45
N LYS H 436 -54.12 -22.05 -2.84
CA LYS H 436 -53.25 -22.32 -3.98
C LYS H 436 -54.05 -22.97 -5.10
N PRO H 437 -53.69 -22.73 -6.36
CA PRO H 437 -54.49 -23.27 -7.47
C PRO H 437 -54.31 -24.78 -7.61
N GLN H 438 -55.27 -25.38 -8.32
CA GLN H 438 -55.27 -26.81 -8.60
C GLN H 438 -55.24 -27.03 -10.11
N GLU H 439 -55.40 -28.29 -10.51
CA GLU H 439 -55.09 -28.72 -11.87
C GLU H 439 -56.26 -28.55 -12.84
N SER H 440 -57.49 -28.68 -12.38
CA SER H 440 -58.66 -28.50 -13.21
C SER H 440 -59.70 -27.57 -12.61
N TYR H 441 -59.43 -26.99 -11.45
CA TYR H 441 -60.45 -26.27 -10.69
C TYR H 441 -60.22 -24.77 -10.79
N THR H 442 -61.18 -24.02 -10.26
CA THR H 442 -61.18 -22.57 -10.30
C THR H 442 -61.29 -22.04 -8.88
N LEU H 443 -60.51 -20.99 -8.58
CA LEU H 443 -60.28 -20.62 -7.19
C LEU H 443 -61.57 -20.41 -6.42
N GLU H 444 -62.60 -19.84 -7.06
CA GLU H 444 -63.84 -19.57 -6.33
C GLU H 444 -64.45 -20.86 -5.81
N GLU H 445 -64.47 -21.91 -6.65
CA GLU H 445 -65.10 -23.16 -6.23
C GLU H 445 -64.22 -23.93 -5.24
N ILE H 446 -62.90 -23.83 -5.35
CA ILE H 446 -62.04 -24.42 -4.33
C ILE H 446 -62.30 -23.78 -2.98
N ALA H 447 -62.43 -22.45 -2.96
CA ALA H 447 -62.68 -21.76 -1.70
C ALA H 447 -64.06 -22.08 -1.15
N GLU H 448 -65.06 -22.16 -2.03
CA GLU H 448 -66.40 -22.54 -1.58
C GLU H 448 -66.38 -23.96 -1.02
N PHE H 449 -65.62 -24.85 -1.64
CA PHE H 449 -65.45 -26.20 -1.10
C PHE H 449 -64.77 -26.16 0.26
N TYR H 450 -63.77 -25.30 0.42
CA TYR H 450 -63.10 -25.21 1.71
C TYR H 450 -64.06 -24.77 2.80
N LEU H 451 -64.89 -23.76 2.53
CA LEU H 451 -65.82 -23.33 3.56
C LEU H 451 -66.94 -24.36 3.76
N ASN H 452 -67.38 -25.01 2.67
CA ASN H 452 -68.33 -26.10 2.80
C ASN H 452 -67.80 -27.15 3.76
N ASP H 453 -66.54 -27.53 3.62
CA ASP H 453 -65.94 -28.47 4.55
C ASP H 453 -65.85 -27.87 5.95
N LEU H 454 -65.48 -26.60 6.05
CA LEU H 454 -65.35 -25.96 7.35
C LEU H 454 -66.69 -25.98 8.08
N VAL H 455 -67.78 -26.16 7.34
CA VAL H 455 -69.06 -26.42 8.00
C VAL H 455 -69.25 -27.92 8.19
N ASN H 456 -68.78 -28.74 7.26
CA ASN H 456 -68.92 -30.19 7.39
C ASN H 456 -68.32 -30.68 8.70
N ARG H 457 -67.17 -30.12 9.07
CA ARG H 457 -66.48 -30.52 10.29
C ARG H 457 -66.99 -29.78 11.52
N ASN H 458 -68.14 -29.12 11.42
CA ASN H 458 -68.72 -28.27 12.46
C ASN H 458 -67.78 -27.14 12.86
N LEU H 459 -66.67 -26.95 12.15
CA LEU H 459 -65.69 -25.98 12.60
C LEU H 459 -66.24 -24.57 12.61
N VAL H 460 -66.99 -24.18 11.60
CA VAL H 460 -67.35 -22.79 11.41
C VAL H 460 -68.83 -22.72 11.10
N ILE H 461 -69.61 -22.16 12.04
CA ILE H 461 -71.06 -22.26 12.00
C ILE H 461 -71.63 -21.66 10.72
N LEU H 462 -72.85 -22.09 10.38
CA LEU H 462 -73.55 -21.66 9.16
C LEU H 462 -75.03 -21.51 9.49
N GLN H 463 -75.50 -20.27 9.60
CA GLN H 463 -76.94 -20.02 9.75
C GLN H 463 -77.37 -19.04 8.66
N GLN H 464 -77.50 -19.58 7.46
CA GLN H 464 -78.23 -18.97 6.35
C GLN H 464 -78.01 -19.87 5.14
N LYS H 465 -78.74 -19.66 4.05
CA LYS H 465 -78.57 -20.52 2.89
C LYS H 465 -79.12 -19.83 1.66
N ARG H 466 -78.26 -19.60 0.66
CA ARG H 466 -78.74 -19.17 -0.64
C ARG H 466 -79.76 -20.16 -1.16
N SER H 467 -80.50 -19.75 -2.20
CA SER H 467 -81.51 -20.64 -2.78
C SER H 467 -80.92 -22.01 -3.09
N ASP H 468 -79.69 -22.05 -3.60
CA ASP H 468 -79.04 -23.32 -3.88
C ASP H 468 -78.73 -24.11 -2.63
N GLY H 469 -78.85 -23.50 -1.44
CA GLY H 469 -78.51 -24.17 -0.22
C GLY H 469 -77.06 -24.07 0.18
N GLN H 470 -76.25 -23.36 -0.58
CA GLN H 470 -74.85 -23.16 -0.21
C GLN H 470 -74.76 -22.10 0.88
N ILE H 471 -73.57 -22.00 1.46
CA ILE H 471 -73.36 -21.07 2.57
C ILE H 471 -73.69 -19.66 2.12
N LYS H 472 -74.54 -18.99 2.91
CA LYS H 472 -74.87 -17.58 2.68
C LYS H 472 -74.38 -16.66 3.79
N THR H 473 -74.40 -17.12 5.03
CA THR H 473 -73.71 -16.42 6.11
C THR H 473 -73.08 -17.46 7.01
N CYS H 474 -71.97 -17.11 7.62
CA CYS H 474 -71.19 -18.04 8.41
C CYS H 474 -70.56 -17.28 9.57
N ARG H 475 -70.54 -17.91 10.74
CA ARG H 475 -70.06 -17.27 11.96
C ARG H 475 -69.05 -18.17 12.64
N LEU H 476 -68.20 -17.52 13.45
CA LEU H 476 -67.22 -18.20 14.28
C LEU H 476 -67.71 -18.14 15.72
N HIS H 477 -67.87 -19.29 16.36
CA HIS H 477 -68.41 -19.30 17.70
C HIS H 477 -67.51 -18.50 18.64
N VAL H 478 -68.13 -17.78 19.57
CA VAL H 478 -67.39 -16.91 20.48
C VAL H 478 -66.11 -17.60 20.98
N MET H 479 -66.24 -18.79 21.52
CA MET H 479 -65.05 -19.54 21.93
C MET H 479 -64.14 -19.82 20.74
N LEU H 480 -64.71 -20.29 19.63
CA LEU H 480 -63.88 -20.52 18.46
C LEU H 480 -63.34 -19.20 17.91
N HIS H 481 -64.07 -18.11 18.06
CA HIS H 481 -63.57 -16.81 17.62
C HIS H 481 -62.32 -16.43 18.37
N GLN H 482 -62.36 -16.54 19.71
CA GLN H 482 -61.18 -16.23 20.50
C GLN H 482 -60.04 -17.19 20.17
N PHE H 483 -60.37 -18.47 19.92
CA PHE H 483 -59.33 -19.42 19.56
C PHE H 483 -58.62 -19.00 18.27
N CYS H 484 -59.40 -18.65 17.25
CA CYS H 484 -58.80 -18.25 15.99
C CYS H 484 -58.01 -16.96 16.14
N LYS H 485 -58.55 -15.98 16.88
CA LYS H 485 -57.84 -14.73 17.05
C LYS H 485 -56.50 -14.97 17.74
N LYS H 486 -56.51 -15.74 18.83
CA LYS H 486 -55.27 -16.01 19.55
C LYS H 486 -54.31 -16.85 18.71
N GLU H 487 -54.84 -17.78 17.90
CA GLU H 487 -53.97 -18.61 17.07
C GLU H 487 -53.29 -17.79 16.00
N ALA H 488 -54.05 -16.93 15.30
CA ALA H 488 -53.45 -16.02 14.34
C ALA H 488 -52.42 -15.13 15.01
N SER H 489 -52.75 -14.58 16.19
CA SER H 489 -51.83 -13.70 16.88
C SER H 489 -50.52 -14.41 17.21
N ASN H 490 -50.61 -15.67 17.67
CA ASN H 490 -49.40 -16.44 17.88
C ASN H 490 -48.62 -16.60 16.58
N LYS H 491 -49.31 -16.98 15.50
CA LYS H 491 -48.66 -17.11 14.21
C LYS H 491 -48.50 -15.77 13.50
N TRP H 492 -49.17 -14.72 13.97
CA TRP H 492 -49.09 -13.35 13.49
C TRP H 492 -49.75 -13.14 12.13
N LEU H 493 -50.52 -14.12 11.63
CA LEU H 493 -51.14 -13.93 10.32
C LEU H 493 -52.00 -12.68 10.29
N PHE H 494 -52.54 -12.28 11.44
CA PHE H 494 -53.16 -10.97 11.62
C PHE H 494 -53.40 -10.76 13.10
N GLN H 495 -54.11 -9.68 13.44
CA GLN H 495 -54.26 -9.29 14.83
C GLN H 495 -55.36 -8.23 14.90
N GLU H 496 -55.84 -7.99 16.12
CA GLU H 496 -56.85 -6.98 16.38
C GLU H 496 -56.28 -5.90 17.31
N VAL H 497 -56.41 -4.65 16.90
CA VAL H 497 -55.94 -3.53 17.73
C VAL H 497 -56.81 -3.43 18.97
N SER H 498 -56.18 -3.13 20.11
CA SER H 498 -56.89 -2.89 21.36
C SER H 498 -56.09 -1.87 22.15
N LEU H 499 -56.69 -1.39 23.24
CA LEU H 499 -56.04 -0.37 24.06
C LEU H 499 -56.74 -0.26 25.41
N THR H 500 -55.97 -0.36 26.48
CA THR H 500 -56.46 -0.06 27.81
C THR H 500 -56.33 1.44 28.06
N PRO H 501 -57.42 2.16 28.35
CA PRO H 501 -57.43 3.62 28.18
C PRO H 501 -56.37 4.17 27.22
N ASP H 502 -55.09 4.06 27.58
CA ASP H 502 -53.99 4.48 26.74
C ASP H 502 -53.40 3.27 26.00
N GLN H 503 -52.23 3.47 25.38
CA GLN H 503 -51.43 2.37 24.85
C GLN H 503 -52.03 1.80 23.58
N ALA H 504 -51.43 0.74 23.04
CA ALA H 504 -51.78 0.22 21.72
C ALA H 504 -52.15 -1.25 21.74
N ILE H 505 -52.47 -1.80 22.91
CA ILE H 505 -52.93 -3.19 22.99
C ILE H 505 -53.96 -3.31 24.12
N ASP H 509 -47.93 -4.89 20.88
CA ASP H 509 -46.92 -4.37 19.98
C ASP H 509 -47.34 -4.58 18.53
N PRO H 510 -48.21 -3.69 18.03
CA PRO H 510 -48.68 -3.83 16.64
C PRO H 510 -47.57 -4.02 15.63
N ASN H 511 -46.33 -3.66 16.00
CA ASN H 511 -45.18 -3.96 15.15
C ASN H 511 -45.13 -5.45 14.85
N LYS H 512 -45.52 -6.29 15.82
CA LYS H 512 -45.64 -7.72 15.63
C LYS H 512 -47.01 -8.13 15.15
N SER H 513 -47.70 -7.24 14.45
CA SER H 513 -49.00 -7.51 13.86
C SER H 513 -48.84 -7.42 12.34
N ARG H 514 -48.64 -8.57 11.70
CA ARG H 514 -48.48 -8.58 10.25
C ARG H 514 -49.67 -7.96 9.56
N ARG H 515 -50.84 -8.01 10.19
CA ARG H 515 -52.00 -7.28 9.71
C ARG H 515 -52.75 -6.72 10.91
N LEU H 516 -53.51 -5.67 10.68
CA LEU H 516 -54.21 -4.96 11.74
C LEU H 516 -55.70 -4.93 11.44
N CYS H 517 -56.49 -5.48 12.36
CA CYS H 517 -57.94 -5.41 12.30
C CYS H 517 -58.40 -4.47 13.42
N ILE H 518 -59.01 -3.36 13.03
CA ILE H 518 -59.39 -2.32 13.98
C ILE H 518 -60.88 -2.10 13.92
N GLN H 519 -61.51 -2.03 15.08
CA GLN H 519 -62.93 -1.71 15.17
C GLN H 519 -63.13 -0.23 14.86
N PRO H 520 -64.28 0.14 14.27
CA PRO H 520 -64.53 1.56 13.99
C PRO H 520 -64.50 2.43 15.23
N SER H 521 -64.96 1.91 16.38
CA SER H 521 -65.04 2.72 17.58
C SER H 521 -63.66 3.23 18.00
N ASN H 522 -62.66 2.36 17.97
CA ASN H 522 -61.30 2.73 18.36
C ASN H 522 -60.46 3.22 17.20
N LEU H 523 -61.02 3.25 15.99
CA LEU H 523 -60.23 3.63 14.82
C LEU H 523 -59.76 5.07 14.90
N LYS H 524 -60.64 5.96 15.36
CA LYS H 524 -60.25 7.36 15.48
C LYS H 524 -59.08 7.55 16.43
N ASP H 525 -59.14 6.88 17.58
CA ASP H 525 -58.04 6.99 18.53
C ASP H 525 -56.76 6.35 17.99
N PHE H 526 -56.91 5.24 17.27
CA PHE H 526 -55.75 4.64 16.62
C PHE H 526 -55.12 5.62 15.63
N LEU H 527 -55.96 6.35 14.89
CA LEU H 527 -55.47 7.36 13.96
C LEU H 527 -54.82 8.52 14.70
N SER H 528 -55.27 8.81 15.93
CA SER H 528 -54.73 9.94 16.67
C SER H 528 -53.24 9.79 16.90
N LYS H 529 -52.78 8.58 17.21
CA LYS H 529 -51.36 8.33 17.41
C LYS H 529 -50.58 8.35 16.10
N LYS H 530 -51.20 8.71 14.97
CA LYS H 530 -50.51 8.81 13.70
C LYS H 530 -49.90 7.46 13.33
N PRO H 531 -50.72 6.46 13.01
CA PRO H 531 -50.17 5.15 12.67
C PRO H 531 -49.29 5.20 11.44
N SER H 532 -48.22 4.40 11.46
CA SER H 532 -47.31 4.31 10.33
C SER H 532 -46.66 2.93 10.37
N ALA H 533 -46.77 2.19 9.27
CA ALA H 533 -46.23 0.84 9.23
C ALA H 533 -45.84 0.49 7.80
N GLU H 534 -44.95 -0.48 7.67
CA GLU H 534 -44.52 -1.02 6.39
C GLU H 534 -44.78 -2.52 6.28
N HIS H 535 -44.63 -3.26 7.39
CA HIS H 535 -44.92 -4.69 7.38
C HIS H 535 -46.41 -4.98 7.29
N VAL H 536 -47.27 -4.04 7.72
CA VAL H 536 -48.70 -4.23 7.57
C VAL H 536 -49.00 -4.53 6.11
N ARG H 537 -49.96 -5.43 5.87
CA ARG H 537 -50.27 -5.85 4.52
C ARG H 537 -51.76 -5.99 4.28
N SER H 538 -52.58 -5.25 5.01
CA SER H 538 -54.02 -5.21 4.80
C SER H 538 -54.60 -4.25 5.82
N PHE H 539 -55.90 -4.00 5.71
CA PHE H 539 -56.60 -3.12 6.64
C PHE H 539 -58.01 -3.63 6.80
N TYR H 540 -58.31 -4.20 7.97
CA TYR H 540 -59.63 -4.73 8.29
C TYR H 540 -60.33 -3.80 9.26
N CYS H 541 -61.46 -3.23 8.84
CA CYS H 541 -62.35 -2.52 9.76
C CYS H 541 -63.77 -2.71 9.24
N PHE H 542 -64.46 -3.70 9.79
CA PHE H 542 -65.80 -4.05 9.37
C PHE H 542 -66.82 -3.41 10.31
N SER H 543 -68.06 -3.33 9.84
CA SER H 543 -69.15 -2.71 10.59
C SER H 543 -70.05 -3.81 11.15
N SER H 544 -69.66 -4.32 12.33
CA SER H 544 -70.54 -5.26 13.02
C SER H 544 -71.87 -4.59 13.37
N LYS H 545 -71.81 -3.37 13.87
CA LYS H 545 -72.99 -2.51 14.00
C LYS H 545 -73.17 -1.81 12.66
N GLU H 546 -73.93 -2.45 11.77
CA GLU H 546 -73.97 -2.03 10.38
C GLU H 546 -74.40 -0.58 10.25
N LYS H 547 -73.69 0.15 9.37
CA LYS H 547 -74.05 1.51 8.98
C LYS H 547 -73.83 2.51 10.11
N GLN H 548 -73.00 2.18 11.09
CA GLN H 548 -72.68 3.10 12.18
C GLN H 548 -71.41 3.89 11.87
N ILE H 549 -71.45 4.60 10.74
CA ILE H 549 -70.29 5.38 10.31
C ILE H 549 -70.08 6.50 11.33
N ARG H 550 -68.96 6.44 12.04
CA ARG H 550 -68.66 7.42 13.07
C ARG H 550 -68.07 8.67 12.43
N GLY H 551 -67.69 9.64 13.25
CA GLY H 551 -67.20 10.91 12.75
C GLY H 551 -65.79 10.83 12.19
N LEU H 552 -65.63 10.13 11.07
CA LEU H 552 -64.34 10.00 10.40
C LEU H 552 -64.23 11.08 9.33
N THR H 553 -63.23 11.95 9.47
CA THR H 553 -63.03 13.08 8.58
C THR H 553 -62.17 12.68 7.39
N PRO H 554 -62.16 13.50 6.34
CA PRO H 554 -61.28 13.20 5.20
C PRO H 554 -59.82 13.01 5.59
N ASN H 555 -59.34 13.82 6.55
CA ASN H 555 -57.98 13.64 7.04
C ASN H 555 -57.77 12.24 7.56
N ASP H 556 -58.79 11.65 8.20
CA ASP H 556 -58.66 10.30 8.70
C ASP H 556 -58.38 9.32 7.56
N ILE H 557 -59.14 9.44 6.46
CA ILE H 557 -58.96 8.53 5.34
C ILE H 557 -57.60 8.75 4.68
N LYS H 558 -57.18 10.01 4.55
CA LYS H 558 -55.87 10.27 3.96
C LYS H 558 -54.76 9.69 4.82
N LEU H 559 -54.84 9.85 6.14
CA LEU H 559 -53.81 9.30 7.01
C LEU H 559 -53.86 7.78 7.03
N ILE H 560 -55.04 7.19 6.82
CA ILE H 560 -55.12 5.75 6.65
C ILE H 560 -54.33 5.33 5.42
N HIS H 561 -54.56 6.02 4.30
CA HIS H 561 -53.77 5.75 3.11
C HIS H 561 -52.28 5.84 3.42
N LYS H 562 -51.88 6.88 4.15
CA LYS H 562 -50.47 7.08 4.44
C LYS H 562 -49.90 5.94 5.29
N ALA H 563 -50.63 5.53 6.32
CA ALA H 563 -50.06 4.65 7.34
C ALA H 563 -49.69 3.30 6.77
N PHE H 564 -50.57 2.73 5.94
CA PHE H 564 -50.40 1.38 5.42
C PHE H 564 -50.10 1.46 3.93
N PRO H 565 -48.83 1.45 3.52
CA PRO H 565 -48.51 1.63 2.09
C PRO H 565 -48.51 0.35 1.29
N LEU H 566 -48.24 -0.79 1.94
CA LEU H 566 -48.10 -2.07 1.26
C LEU H 566 -49.35 -2.93 1.41
N VAL H 567 -50.53 -2.31 1.43
CA VAL H 567 -51.75 -3.06 1.72
C VAL H 567 -52.10 -3.93 0.51
N ARG H 568 -52.25 -5.22 0.75
CA ARG H 568 -52.78 -6.14 -0.24
C ARG H 568 -54.30 -6.23 -0.17
N VAL H 569 -54.86 -6.20 1.04
CA VAL H 569 -56.29 -6.30 1.27
C VAL H 569 -56.72 -5.07 2.05
N LEU H 570 -57.21 -4.06 1.35
CA LEU H 570 -57.72 -2.83 1.97
C LEU H 570 -59.24 -2.96 1.99
N ASP H 571 -59.77 -3.51 3.08
CA ASP H 571 -61.20 -3.78 3.23
C ASP H 571 -61.73 -2.93 4.37
N VAL H 572 -62.50 -1.90 4.04
CA VAL H 572 -63.21 -1.11 5.04
C VAL H 572 -64.49 -0.57 4.44
N GLU H 573 -65.64 -0.94 5.02
CA GLU H 573 -66.91 -0.30 4.68
C GLU H 573 -67.61 0.08 5.98
N SER H 574 -67.12 1.16 6.60
CA SER H 574 -67.97 2.05 7.39
C SER H 574 -67.22 3.38 7.39
N LEU H 575 -67.47 4.19 6.36
CA LEU H 575 -66.58 5.31 6.04
C LEU H 575 -67.14 6.11 4.88
N LYS H 576 -66.48 7.22 4.55
CA LYS H 576 -66.70 7.95 3.30
C LYS H 576 -65.33 8.00 2.62
N PHE H 577 -65.01 6.95 1.86
CA PHE H 577 -63.67 6.82 1.31
C PHE H 577 -63.45 7.81 0.17
N LEU H 578 -62.19 8.24 0.02
CA LEU H 578 -61.80 9.20 -0.99
C LEU H 578 -60.59 8.67 -1.73
N PHE H 579 -60.48 9.01 -3.02
CA PHE H 579 -59.40 8.51 -3.87
C PHE H 579 -58.20 9.46 -3.79
N SER H 580 -57.60 9.52 -2.60
CA SER H 580 -56.44 10.38 -2.40
C SER H 580 -55.32 9.99 -3.35
N LYS H 581 -54.41 10.95 -3.58
CA LYS H 581 -53.27 10.69 -4.44
C LYS H 581 -52.43 9.53 -3.92
N ASP H 582 -52.13 9.55 -2.62
CA ASP H 582 -51.36 8.45 -2.03
C ASP H 582 -52.11 7.14 -2.15
N PHE H 583 -53.42 7.16 -1.90
CA PHE H 583 -54.22 5.95 -2.06
C PHE H 583 -54.05 5.36 -3.45
N ASN H 584 -53.86 6.22 -4.45
CA ASN H 584 -53.67 5.75 -5.81
C ASN H 584 -52.35 5.03 -6.00
N GLN H 585 -51.38 5.22 -5.10
CA GLN H 585 -50.07 4.59 -5.24
C GLN H 585 -50.05 3.14 -4.78
N LEU H 586 -51.07 2.68 -4.05
CA LEU H 586 -51.05 1.37 -3.39
C LEU H 586 -51.15 0.27 -4.45
N PHE H 587 -50.09 0.18 -5.27
CA PHE H 587 -50.11 -0.74 -6.39
C PHE H 587 -50.24 -2.19 -5.93
N HIS H 588 -49.79 -2.51 -4.72
CA HIS H 588 -49.85 -3.88 -4.23
C HIS H 588 -51.27 -4.35 -3.96
N LEU H 589 -52.27 -3.51 -4.17
CA LEU H 589 -53.64 -3.84 -3.76
C LEU H 589 -54.12 -5.10 -4.44
N ARG H 590 -54.85 -5.91 -3.68
CA ARG H 590 -55.46 -7.15 -4.16
C ARG H 590 -56.99 -7.10 -4.11
N TYR H 591 -57.55 -6.71 -2.96
CA TYR H 591 -58.98 -6.80 -2.71
C TYR H 591 -59.40 -5.47 -2.10
N ILE H 592 -60.35 -4.78 -2.72
CA ILE H 592 -60.78 -3.47 -2.28
C ILE H 592 -62.25 -3.54 -1.89
N ALA H 593 -62.56 -3.06 -0.69
CA ALA H 593 -63.93 -2.91 -0.22
C ALA H 593 -64.07 -1.49 0.31
N ILE H 594 -64.52 -0.57 -0.53
CA ILE H 594 -64.62 0.84 -0.19
C ILE H 594 -66.02 1.33 -0.51
N SER H 595 -66.38 2.46 0.11
CA SER H 595 -67.67 3.08 -0.11
C SER H 595 -67.53 4.59 0.03
N GLY H 596 -68.50 5.31 -0.53
CA GLY H 596 -68.47 6.76 -0.51
C GLY H 596 -69.40 7.31 -1.59
N ASP H 597 -69.02 8.47 -2.11
CA ASP H 597 -69.74 9.14 -3.18
C ASP H 597 -68.81 9.23 -4.38
N PHE H 598 -68.91 8.25 -5.28
CA PHE H 598 -68.10 8.19 -6.48
C PHE H 598 -69.00 8.14 -7.70
N ASN H 599 -68.71 8.99 -8.68
CA ASN H 599 -69.48 9.06 -9.92
C ASN H 599 -68.87 8.22 -11.03
N ALA H 600 -67.58 7.91 -10.93
CA ALA H 600 -66.87 7.16 -11.96
C ALA H 600 -65.52 6.72 -11.41
N ILE H 601 -65.14 5.47 -11.64
CA ILE H 601 -63.89 4.95 -11.10
C ILE H 601 -62.75 5.66 -11.82
N PRO H 602 -61.89 6.39 -11.12
CA PRO H 602 -60.81 7.11 -11.82
C PRO H 602 -59.79 6.16 -12.41
N LEU H 603 -59.07 6.67 -13.41
CA LEU H 603 -58.02 5.86 -14.05
C LEU H 603 -56.96 5.44 -13.04
N THR H 604 -56.85 6.15 -11.92
CA THR H 604 -55.91 5.76 -10.89
C THR H 604 -56.04 4.28 -10.53
N PHE H 605 -57.23 3.70 -10.73
CA PHE H 605 -57.44 2.29 -10.44
C PHE H 605 -56.82 1.39 -11.50
N GLY H 606 -56.35 1.95 -12.61
CA GLY H 606 -55.64 1.17 -13.61
C GLY H 606 -54.19 0.91 -13.30
N LYS H 607 -53.67 1.45 -12.20
CA LYS H 607 -52.28 1.25 -11.80
C LYS H 607 -52.13 0.13 -10.78
N PHE H 608 -53.22 -0.53 -10.39
CA PHE H 608 -53.16 -1.61 -9.39
C PHE H 608 -53.09 -2.94 -10.13
N TRP H 609 -51.89 -3.25 -10.64
CA TRP H 609 -51.69 -4.49 -11.37
C TRP H 609 -51.94 -5.72 -10.49
N ASN H 610 -51.65 -5.61 -9.20
CA ASN H 610 -51.85 -6.72 -8.28
C ASN H 610 -53.31 -6.96 -7.94
N LEU H 611 -54.21 -6.04 -8.31
CA LEU H 611 -55.59 -6.13 -7.87
C LEU H 611 -56.24 -7.42 -8.37
N GLN H 612 -57.11 -7.99 -7.53
CA GLN H 612 -57.85 -9.19 -7.89
C GLN H 612 -59.36 -8.95 -7.76
N THR H 613 -59.75 -8.12 -6.80
CA THR H 613 -61.15 -7.88 -6.50
C THR H 613 -61.40 -6.38 -6.32
N LEU H 614 -62.65 -5.98 -6.55
CA LEU H 614 -63.04 -4.59 -6.36
C LEU H 614 -64.53 -4.55 -6.01
N ILE H 615 -64.83 -4.39 -4.72
CA ILE H 615 -66.19 -4.18 -4.25
C ILE H 615 -66.42 -2.69 -4.13
N LEU H 616 -67.50 -2.21 -4.75
CA LEU H 616 -67.81 -0.79 -4.79
C LEU H 616 -69.25 -0.55 -4.36
N ASN H 617 -69.43 0.39 -3.44
CA ASN H 617 -70.74 0.78 -2.94
C ASN H 617 -70.76 2.31 -2.89
N THR H 618 -71.32 2.93 -3.91
CA THR H 618 -71.31 4.38 -4.07
C THR H 618 -72.66 4.96 -3.69
N SER H 619 -72.65 6.02 -2.89
CA SER H 619 -73.86 6.74 -2.51
C SER H 619 -74.26 7.79 -3.55
N THR H 620 -73.52 7.89 -4.65
CA THR H 620 -73.82 8.88 -5.66
C THR H 620 -75.23 8.70 -6.22
N SER H 621 -75.91 9.83 -6.45
CA SER H 621 -77.22 9.81 -7.08
C SER H 621 -77.15 9.45 -8.56
N GLU H 622 -75.95 9.39 -9.13
CA GLU H 622 -75.81 9.07 -10.55
C GLU H 622 -76.45 7.72 -10.86
N SER H 623 -77.14 7.65 -12.00
CA SER H 623 -77.76 6.40 -12.40
C SER H 623 -76.73 5.36 -12.84
N THR H 624 -75.60 5.80 -13.38
CA THR H 624 -74.56 4.90 -13.86
C THR H 624 -73.20 5.38 -13.41
N LEU H 625 -72.30 4.43 -13.20
CA LEU H 625 -70.91 4.68 -12.83
C LEU H 625 -70.02 4.36 -14.02
N ASP H 626 -69.13 5.29 -14.36
CA ASP H 626 -68.22 5.10 -15.48
C ASP H 626 -66.87 4.62 -14.95
N VAL H 627 -66.44 3.46 -15.43
CA VAL H 627 -65.20 2.83 -14.93
C VAL H 627 -64.07 3.36 -15.81
N LYS H 628 -63.59 4.55 -15.45
CA LYS H 628 -62.56 5.19 -16.28
C LYS H 628 -61.27 4.35 -16.30
N ALA H 629 -61.01 3.57 -15.26
CA ALA H 629 -59.83 2.73 -15.25
C ALA H 629 -59.96 1.60 -16.26
N ASP H 630 -58.83 1.27 -16.89
CA ASP H 630 -58.80 0.17 -17.85
C ASP H 630 -58.81 -1.16 -17.11
N ILE H 631 -60.01 -1.68 -16.83
CA ILE H 631 -60.12 -2.97 -16.15
C ILE H 631 -59.47 -4.08 -16.96
N TRP H 632 -59.45 -3.93 -18.29
CA TRP H 632 -58.98 -5.01 -19.14
C TRP H 632 -57.50 -5.32 -18.89
N ASN H 633 -56.68 -4.28 -18.76
CA ASN H 633 -55.24 -4.49 -18.56
C ASN H 633 -54.92 -5.18 -17.24
N MET H 634 -55.80 -5.09 -16.25
CA MET H 634 -55.55 -5.68 -14.93
C MET H 634 -55.71 -7.19 -15.06
N LEU H 635 -54.62 -7.86 -15.42
CA LEU H 635 -54.68 -9.30 -15.66
C LEU H 635 -55.06 -10.05 -14.39
N GLN H 636 -54.52 -9.64 -13.24
CA GLN H 636 -54.82 -10.33 -11.99
C GLN H 636 -56.27 -10.16 -11.56
N LEU H 637 -57.01 -9.24 -12.19
CA LEU H 637 -58.39 -8.99 -11.79
C LEU H 637 -59.22 -10.26 -11.88
N ARG H 638 -60.08 -10.46 -10.89
CA ARG H 638 -60.99 -11.60 -10.90
C ARG H 638 -62.46 -11.20 -10.73
N HIS H 639 -62.75 -10.25 -9.83
CA HIS H 639 -64.14 -9.94 -9.49
C HIS H 639 -64.31 -8.45 -9.22
N LEU H 640 -65.19 -7.81 -9.98
CA LEU H 640 -65.58 -6.43 -9.74
C LEU H 640 -67.02 -6.41 -9.28
N HIS H 641 -67.29 -5.69 -8.20
CA HIS H 641 -68.64 -5.57 -7.64
C HIS H 641 -69.00 -4.10 -7.49
N THR H 642 -70.19 -3.75 -7.94
CA THR H 642 -70.73 -2.41 -7.80
C THR H 642 -72.16 -2.50 -7.32
N ASN H 643 -72.58 -1.50 -6.54
CA ASN H 643 -73.96 -1.46 -6.05
C ASN H 643 -74.92 -0.88 -7.08
N ILE H 644 -74.41 -0.26 -8.13
CA ILE H 644 -75.25 0.31 -9.19
C ILE H 644 -74.71 -0.15 -10.53
N PRO H 645 -75.53 -0.10 -11.59
CA PRO H 645 -75.07 -0.56 -12.90
C PRO H 645 -73.81 0.20 -13.33
N ALA H 646 -72.90 -0.53 -13.97
CA ALA H 646 -71.59 0.01 -14.35
C ALA H 646 -71.55 0.22 -15.86
N LYS H 647 -71.03 1.38 -16.28
CA LYS H 647 -70.88 1.70 -17.69
C LYS H 647 -69.43 1.44 -18.10
N LEU H 648 -69.12 0.16 -18.27
CA LEU H 648 -67.79 -0.24 -18.71
C LEU H 648 -67.49 0.33 -20.09
N GLN H 649 -66.22 0.28 -20.45
CA GLN H 649 -65.71 0.79 -21.72
C GLN H 649 -65.19 -0.37 -22.55
N PRO H 650 -65.61 -0.52 -23.80
CA PRO H 650 -65.21 -1.71 -24.56
C PRO H 650 -63.71 -1.80 -24.65
N PRO H 651 -63.15 -3.02 -24.65
CA PRO H 651 -61.70 -3.16 -24.71
C PRO H 651 -61.16 -2.62 -26.03
N THR H 652 -60.10 -1.84 -25.96
CA THR H 652 -59.50 -1.26 -27.15
C THR H 652 -58.67 -2.32 -27.87
N ALA H 653 -58.19 -1.95 -29.06
CA ALA H 653 -57.40 -2.88 -29.85
C ALA H 653 -56.12 -3.28 -29.12
N THR H 654 -55.48 -2.32 -28.47
CA THR H 654 -54.24 -2.62 -27.74
C THR H 654 -54.51 -3.61 -26.60
N THR H 655 -55.61 -3.43 -25.88
CA THR H 655 -55.95 -4.32 -24.78
C THR H 655 -56.29 -5.73 -25.25
N SER H 656 -56.54 -5.93 -26.54
CA SER H 656 -56.88 -7.26 -27.03
C SER H 656 -55.81 -8.27 -26.68
N GLY H 657 -56.23 -9.42 -26.18
CA GLY H 657 -55.30 -10.47 -25.80
C GLY H 657 -55.99 -11.68 -25.19
N LYS H 658 -55.39 -12.23 -24.13
CA LYS H 658 -55.97 -13.39 -23.48
C LYS H 658 -57.30 -13.03 -22.83
N ALA H 659 -58.17 -14.02 -22.70
CA ALA H 659 -59.43 -13.82 -22.01
C ALA H 659 -59.17 -13.39 -20.57
N SER H 660 -59.92 -12.40 -20.11
CA SER H 660 -59.69 -11.81 -18.81
C SER H 660 -59.94 -12.83 -17.70
N CYS H 661 -59.14 -12.73 -16.63
CA CYS H 661 -59.33 -13.57 -15.45
C CYS H 661 -60.66 -13.29 -14.76
N LEU H 662 -61.29 -12.17 -15.06
CA LEU H 662 -62.54 -11.78 -14.43
C LEU H 662 -63.54 -12.93 -14.46
N GLN H 663 -64.01 -13.33 -13.27
CA GLN H 663 -65.06 -14.34 -13.17
C GLN H 663 -66.43 -13.70 -12.94
N THR H 664 -66.54 -12.85 -11.94
CA THR H 664 -67.82 -12.27 -11.51
C THR H 664 -67.84 -10.78 -11.81
N LEU H 665 -68.88 -10.35 -12.51
CA LEU H 665 -69.08 -8.93 -12.85
C LEU H 665 -70.51 -8.57 -12.48
N CYS H 666 -70.68 -7.82 -11.39
CA CYS H 666 -71.99 -7.54 -10.83
C CYS H 666 -72.42 -6.12 -11.13
N MET H 667 -73.75 -5.95 -11.26
CA MET H 667 -74.36 -4.64 -11.49
C MET H 667 -73.77 -3.97 -12.73
N VAL H 668 -74.05 -4.59 -13.86
CA VAL H 668 -73.59 -4.12 -15.16
C VAL H 668 -74.71 -3.32 -15.81
N ALA H 669 -74.39 -2.14 -16.31
CA ALA H 669 -75.35 -1.41 -17.13
C ALA H 669 -75.50 -2.12 -18.47
N PRO H 670 -76.73 -2.25 -18.99
CA PRO H 670 -76.88 -2.93 -20.29
C PRO H 670 -76.04 -2.31 -21.38
N GLU H 671 -75.89 -0.98 -21.36
CA GLU H 671 -74.98 -0.33 -22.29
C GLU H 671 -73.56 -0.87 -22.15
N SER H 672 -73.20 -1.35 -20.97
CA SER H 672 -71.86 -1.88 -20.71
C SER H 672 -71.73 -3.34 -21.14
N CYS H 673 -72.73 -3.89 -21.81
CA CYS H 673 -72.68 -5.25 -22.34
C CYS H 673 -72.53 -5.14 -23.86
N GLU H 674 -71.30 -5.18 -24.34
CA GLU H 674 -70.99 -5.05 -25.75
C GLU H 674 -70.35 -6.33 -26.26
N LYS H 675 -70.41 -6.52 -27.58
CA LYS H 675 -69.83 -7.72 -28.17
C LYS H 675 -68.36 -7.86 -27.82
N GLU H 676 -67.61 -6.76 -27.92
CA GLU H 676 -66.20 -6.79 -27.58
C GLU H 676 -65.99 -7.04 -26.09
N VAL H 677 -66.82 -6.39 -25.25
CA VAL H 677 -66.69 -6.57 -23.81
C VAL H 677 -66.89 -8.03 -23.44
N LEU H 678 -67.98 -8.62 -23.93
CA LEU H 678 -68.27 -10.01 -23.58
C LEU H 678 -67.27 -10.96 -24.23
N ALA H 679 -66.69 -10.58 -25.37
CA ALA H 679 -65.61 -11.36 -25.95
C ALA H 679 -64.40 -11.37 -25.01
N LYS H 680 -64.07 -10.22 -24.42
CA LYS H 680 -62.93 -10.14 -23.52
C LYS H 680 -63.20 -10.81 -22.18
N ALA H 681 -64.46 -11.10 -21.85
CA ALA H 681 -64.80 -11.70 -20.57
C ALA H 681 -65.58 -12.98 -20.76
N CYS H 682 -65.16 -13.82 -21.71
CA CYS H 682 -65.89 -15.05 -22.00
C CYS H 682 -65.99 -15.94 -20.76
N HIS H 683 -64.94 -15.98 -19.95
CA HIS H 683 -64.96 -16.78 -18.73
C HIS H 683 -65.81 -16.16 -17.63
N LEU H 684 -66.54 -15.08 -17.89
CA LEU H 684 -67.39 -14.49 -16.87
C LEU H 684 -68.45 -15.49 -16.43
N LYS H 685 -68.60 -15.61 -15.11
CA LYS H 685 -69.51 -16.58 -14.50
C LYS H 685 -70.75 -15.95 -13.88
N LYS H 686 -70.59 -14.87 -13.11
CA LYS H 686 -71.69 -14.21 -12.43
C LYS H 686 -71.87 -12.82 -13.04
N LEU H 687 -72.87 -12.67 -13.89
CA LEU H 687 -73.15 -11.41 -14.57
C LEU H 687 -74.52 -10.91 -14.15
N SER H 688 -74.61 -9.63 -13.80
CA SER H 688 -75.86 -8.98 -13.45
C SER H 688 -76.00 -7.69 -14.25
N ILE H 689 -77.19 -7.50 -14.84
CA ILE H 689 -77.45 -6.36 -15.71
C ILE H 689 -78.73 -5.68 -15.24
N ARG H 690 -78.72 -4.35 -15.21
CA ARG H 690 -79.85 -3.59 -14.73
C ARG H 690 -79.97 -2.28 -15.50
N GLY H 691 -81.20 -1.93 -15.85
CA GLY H 691 -81.46 -0.73 -16.63
C GLY H 691 -82.81 -0.78 -17.33
N GLN H 692 -82.85 -0.52 -18.63
CA GLN H 692 -84.04 -0.68 -19.45
C GLN H 692 -83.88 -1.91 -20.32
N MET H 693 -84.89 -2.78 -20.31
CA MET H 693 -84.77 -4.14 -20.84
C MET H 693 -85.28 -4.26 -22.28
N ALA H 694 -86.50 -3.80 -22.57
CA ALA H 694 -87.01 -3.94 -23.92
C ALA H 694 -86.11 -3.25 -24.93
N ALA H 695 -85.50 -2.13 -24.55
CA ALA H 695 -84.47 -1.51 -25.38
C ALA H 695 -83.21 -2.37 -25.46
N PHE H 696 -83.11 -3.41 -24.63
CA PHE H 696 -82.01 -4.35 -24.67
C PHE H 696 -82.38 -5.70 -25.29
N LEU H 697 -83.68 -6.03 -25.36
CA LEU H 697 -84.10 -7.33 -25.87
C LEU H 697 -84.27 -7.35 -27.39
N GLY H 698 -84.36 -6.19 -28.04
CA GLY H 698 -84.63 -6.17 -29.46
C GLY H 698 -83.50 -6.75 -30.29
N ALA H 699 -83.83 -7.01 -31.57
CA ALA H 699 -82.84 -7.60 -32.48
C ALA H 699 -81.64 -6.69 -32.64
N TYR H 700 -81.87 -5.42 -32.97
CA TYR H 700 -80.78 -4.45 -32.97
C TYR H 700 -80.25 -4.21 -31.57
N LYS H 701 -80.96 -4.66 -30.54
CA LYS H 701 -80.49 -4.69 -29.17
C LYS H 701 -79.77 -5.99 -28.85
N GLY H 702 -79.09 -6.57 -29.84
CA GLY H 702 -78.48 -7.89 -29.71
C GLY H 702 -77.42 -7.98 -28.64
N GLY H 703 -77.25 -6.93 -27.85
CA GLY H 703 -76.53 -7.06 -26.59
C GLY H 703 -77.03 -8.30 -25.87
N ILE H 704 -78.33 -8.57 -25.98
CA ILE H 704 -78.86 -9.86 -25.55
C ILE H 704 -78.23 -10.98 -26.36
N ASN H 705 -78.14 -10.81 -27.67
CA ASN H 705 -77.46 -11.79 -28.51
C ASN H 705 -75.95 -11.82 -28.23
N ASN H 706 -75.38 -10.71 -27.76
CA ASN H 706 -73.96 -10.67 -27.48
C ASN H 706 -73.58 -11.58 -26.32
N LEU H 707 -74.55 -12.02 -25.52
CA LEU H 707 -74.26 -12.92 -24.41
C LEU H 707 -73.72 -14.27 -24.89
N VAL H 708 -73.87 -14.59 -26.17
CA VAL H 708 -73.32 -15.83 -26.70
C VAL H 708 -71.82 -15.91 -26.47
N GLU H 709 -71.17 -14.75 -26.31
CA GLU H 709 -69.73 -14.75 -26.07
C GLU H 709 -69.38 -15.45 -24.76
N LEU H 710 -70.15 -15.20 -23.71
CA LEU H 710 -69.84 -15.81 -22.42
C LEU H 710 -69.92 -17.32 -22.52
N LYS H 711 -68.91 -18.00 -21.97
CA LYS H 711 -68.80 -19.46 -22.04
C LYS H 711 -69.25 -20.13 -20.75
N CYS H 712 -68.69 -19.74 -19.61
CA CYS H 712 -68.98 -20.35 -18.33
C CYS H 712 -69.89 -19.48 -17.47
N LEU H 713 -70.75 -18.68 -18.10
CA LEU H 713 -71.69 -17.86 -17.36
C LEU H 713 -72.63 -18.77 -16.56
N GLU H 714 -72.82 -18.44 -15.29
CA GLU H 714 -73.68 -19.23 -14.41
C GLU H 714 -74.87 -18.47 -13.85
N GLN H 715 -74.67 -17.24 -13.39
CA GLN H 715 -75.73 -16.43 -12.80
C GLN H 715 -76.07 -15.26 -13.72
N LEU H 716 -77.35 -14.87 -13.70
CA LEU H 716 -77.80 -13.77 -14.55
C LEU H 716 -78.97 -13.08 -13.86
N LYS H 717 -78.78 -11.84 -13.45
CA LYS H 717 -79.81 -11.05 -12.78
C LYS H 717 -80.22 -9.89 -13.69
N LEU H 718 -81.51 -9.80 -13.98
CA LEU H 718 -82.06 -8.76 -14.85
C LEU H 718 -83.01 -7.89 -14.04
N LEU H 719 -82.71 -6.60 -13.97
CA LEU H 719 -83.46 -5.67 -13.14
C LEU H 719 -83.81 -4.44 -13.96
N ASN H 720 -85.08 -4.06 -13.93
CA ASN H 720 -85.57 -2.87 -14.64
C ASN H 720 -85.68 -1.72 -13.66
N ASP H 721 -84.98 -0.63 -13.94
CA ASP H 721 -85.00 0.54 -13.07
C ASP H 721 -86.18 1.46 -13.32
N VAL H 722 -86.95 1.23 -14.38
CA VAL H 722 -88.10 2.06 -14.72
C VAL H 722 -89.36 1.36 -14.25
N LEU H 723 -90.28 2.12 -13.66
CA LEU H 723 -91.58 1.60 -13.25
C LEU H 723 -92.67 1.84 -14.29
N TYR H 724 -92.48 2.81 -15.19
CA TYR H 724 -93.41 3.08 -16.28
C TYR H 724 -92.73 2.69 -17.58
N MET H 725 -93.12 1.55 -18.13
CA MET H 725 -92.49 0.97 -19.31
C MET H 725 -93.35 1.24 -20.54
N ASN H 726 -92.71 1.71 -21.61
CA ASN H 726 -93.46 2.02 -22.83
C ASN H 726 -94.15 0.78 -23.38
N LYS H 727 -93.43 -0.34 -23.47
CA LYS H 727 -93.97 -1.59 -23.97
C LYS H 727 -93.39 -2.75 -23.18
N ALA H 728 -94.25 -3.69 -22.83
CA ALA H 728 -93.79 -4.86 -22.10
C ALA H 728 -92.81 -5.65 -22.98
N PRO H 729 -91.59 -5.93 -22.51
CA PRO H 729 -90.63 -6.64 -23.37
C PRO H 729 -91.05 -8.07 -23.64
N HIS H 730 -90.25 -8.76 -24.45
CA HIS H 730 -90.56 -10.13 -24.86
C HIS H 730 -89.26 -10.92 -24.92
N LEU H 731 -89.24 -12.06 -24.23
CA LEU H 731 -88.04 -12.87 -24.16
C LEU H 731 -87.68 -13.37 -25.56
N PRO H 732 -86.52 -13.03 -26.11
CA PRO H 732 -86.20 -13.48 -27.46
C PRO H 732 -86.12 -15.00 -27.52
N GLN H 733 -86.62 -15.56 -28.64
CA GLN H 733 -86.61 -17.02 -28.78
C GLN H 733 -85.19 -17.57 -28.65
N THR H 734 -84.21 -16.82 -29.15
CA THR H 734 -82.82 -17.25 -29.00
C THR H 734 -82.41 -17.31 -27.53
N PHE H 735 -83.09 -16.56 -26.66
CA PHE H 735 -82.79 -16.51 -25.24
C PHE H 735 -82.53 -17.91 -24.70
N SER H 736 -83.24 -18.90 -25.25
CA SER H 736 -83.07 -20.28 -24.80
C SER H 736 -81.62 -20.69 -24.86
N GLN H 737 -80.98 -20.51 -26.02
CA GLN H 737 -79.58 -20.86 -26.18
C GLN H 737 -78.63 -19.69 -25.92
N LEU H 738 -79.16 -18.47 -25.79
CA LEU H 738 -78.30 -17.34 -25.42
C LEU H 738 -77.73 -17.55 -24.02
N VAL H 739 -78.54 -18.06 -23.10
CA VAL H 739 -78.16 -18.17 -21.70
C VAL H 739 -78.11 -19.65 -21.31
N ARG H 740 -77.74 -20.49 -22.27
CA ARG H 740 -77.80 -21.93 -22.04
C ARG H 740 -76.95 -22.37 -20.86
N THR H 741 -75.87 -21.65 -20.57
CA THR H 741 -74.96 -22.03 -19.50
C THR H 741 -75.35 -21.47 -18.14
N VAL H 742 -76.42 -20.69 -18.06
CA VAL H 742 -76.77 -19.99 -16.83
C VAL H 742 -77.47 -20.97 -15.88
N LYS H 743 -76.97 -21.04 -14.65
CA LYS H 743 -77.59 -21.88 -13.63
C LYS H 743 -78.53 -21.10 -12.72
N LYS H 744 -78.27 -19.82 -12.50
CA LYS H 744 -79.12 -18.96 -11.69
C LYS H 744 -79.61 -17.79 -12.54
N LEU H 745 -80.91 -17.50 -12.45
CA LEU H 745 -81.52 -16.48 -13.30
C LEU H 745 -82.58 -15.78 -12.47
N THR H 746 -82.29 -14.55 -12.06
CA THR H 746 -83.20 -13.76 -11.24
C THR H 746 -83.75 -12.61 -12.07
N LEU H 747 -85.07 -12.56 -12.22
CA LEU H 747 -85.76 -11.48 -12.90
C LEU H 747 -86.48 -10.63 -11.87
N THR H 748 -86.22 -9.32 -11.90
CA THR H 748 -86.83 -8.39 -10.96
C THR H 748 -87.45 -7.24 -11.72
N ASN H 749 -88.71 -6.91 -11.38
CA ASN H 749 -89.40 -5.78 -11.99
C ASN H 749 -89.42 -5.88 -13.51
N THR H 750 -89.77 -7.06 -14.04
CA THR H 750 -89.75 -7.28 -15.47
C THR H 750 -91.13 -7.33 -16.10
N ARG H 751 -92.19 -7.35 -15.28
CA ARG H 751 -93.57 -7.26 -15.76
C ARG H 751 -93.78 -8.08 -17.03
N PHE H 752 -93.34 -9.33 -16.98
CA PHE H 752 -93.44 -10.25 -18.11
C PHE H 752 -94.73 -11.06 -18.02
N ALA H 753 -95.36 -11.28 -19.17
CA ALA H 753 -96.54 -12.13 -19.22
C ALA H 753 -96.15 -13.58 -18.92
N TRP H 754 -97.00 -14.26 -18.15
CA TRP H 754 -96.69 -15.63 -17.76
C TRP H 754 -96.48 -16.51 -18.99
N SER H 755 -97.07 -16.14 -20.13
CA SER H 755 -96.73 -16.81 -21.37
C SER H 755 -95.23 -16.79 -21.61
N GLU H 756 -94.58 -15.67 -21.28
CA GLU H 756 -93.13 -15.56 -21.41
C GLU H 756 -92.41 -16.51 -20.45
N ALA H 757 -93.03 -16.90 -19.34
CA ALA H 757 -92.42 -17.87 -18.45
C ALA H 757 -92.29 -19.22 -19.13
N ASP H 758 -93.22 -19.55 -20.01
CA ASP H 758 -93.12 -20.79 -20.77
C ASP H 758 -91.78 -20.89 -21.49
N LYS H 759 -91.31 -19.80 -22.09
CA LYS H 759 -90.02 -19.84 -22.76
C LYS H 759 -88.92 -20.16 -21.76
N LEU H 760 -89.15 -19.83 -20.48
CA LEU H 760 -88.18 -20.14 -19.43
C LEU H 760 -88.01 -21.63 -19.22
N GLY H 761 -88.90 -22.45 -19.78
CA GLY H 761 -88.73 -23.88 -19.72
C GLY H 761 -87.76 -24.43 -20.76
N GLN H 762 -87.17 -23.56 -21.56
CA GLN H 762 -86.30 -23.97 -22.66
C GLN H 762 -84.82 -23.82 -22.33
N LEU H 763 -84.47 -23.58 -21.06
CA LEU H 763 -83.08 -23.50 -20.63
C LEU H 763 -82.66 -24.87 -20.09
N GLU H 764 -81.62 -25.44 -20.72
CA GLU H 764 -81.14 -26.76 -20.29
C GLU H 764 -80.52 -26.70 -18.91
N SER H 765 -79.77 -25.64 -18.62
CA SER H 765 -78.97 -25.55 -17.41
C SER H 765 -79.63 -24.75 -16.30
N LEU H 766 -80.89 -24.36 -16.46
CA LEU H 766 -81.57 -23.60 -15.41
C LEU H 766 -81.60 -24.43 -14.14
N GLU H 767 -81.17 -23.81 -13.03
CA GLU H 767 -81.12 -24.48 -11.74
C GLU H 767 -81.81 -23.69 -10.63
N ILE H 768 -81.80 -22.36 -10.72
CA ILE H 768 -82.42 -21.51 -9.71
C ILE H 768 -83.20 -20.41 -10.43
N LEU H 769 -84.33 -20.01 -9.85
CA LEU H 769 -85.25 -19.10 -10.49
C LEU H 769 -85.92 -18.22 -9.45
N LYS H 770 -85.68 -16.91 -9.53
CA LYS H 770 -86.30 -15.94 -8.63
C LYS H 770 -87.12 -14.95 -9.45
N PHE H 771 -88.37 -14.75 -9.03
CA PHE H 771 -89.24 -13.71 -9.57
C PHE H 771 -89.49 -12.72 -8.44
N LYS H 772 -88.88 -11.54 -8.53
CA LYS H 772 -88.91 -10.56 -7.45
C LYS H 772 -89.58 -9.28 -7.91
N GLU H 773 -90.40 -8.69 -7.04
CA GLU H 773 -91.02 -7.39 -7.27
C GLU H 773 -91.79 -7.38 -8.59
N ASN H 774 -92.80 -8.24 -8.66
CA ASN H 774 -93.60 -8.40 -9.87
C ASN H 774 -92.67 -8.60 -11.07
N ALA H 775 -91.96 -9.73 -11.06
CA ALA H 775 -91.11 -10.07 -12.20
C ALA H 775 -91.95 -10.42 -13.42
N PHE H 776 -93.06 -11.12 -13.19
CA PHE H 776 -93.98 -11.52 -14.25
C PHE H 776 -95.34 -10.92 -13.96
N ALA H 777 -95.97 -10.34 -14.99
CA ALA H 777 -97.28 -9.72 -14.87
C ALA H 777 -98.34 -10.68 -15.39
N GLY H 778 -99.33 -10.96 -14.56
CA GLY H 778 -100.41 -11.87 -14.94
C GLY H 778 -101.21 -12.33 -13.75
N ASP H 779 -102.53 -12.38 -13.91
CA ASP H 779 -103.40 -12.79 -12.80
C ASP H 779 -103.13 -14.22 -12.39
N SER H 780 -102.96 -15.12 -13.36
CA SER H 780 -102.73 -16.52 -13.09
C SER H 780 -101.62 -17.05 -13.99
N TRP H 781 -100.91 -18.05 -13.48
CA TRP H 781 -99.81 -18.69 -14.21
C TRP H 781 -100.22 -20.10 -14.57
N LYS H 782 -100.11 -20.45 -15.85
CA LYS H 782 -100.45 -21.77 -16.35
C LYS H 782 -99.26 -22.33 -17.11
N PRO H 783 -98.20 -22.73 -16.40
CA PRO H 783 -97.02 -23.23 -17.09
C PRO H 783 -97.32 -24.51 -17.85
N LYS H 784 -96.66 -24.67 -19.01
CA LYS H 784 -96.78 -25.87 -19.82
C LYS H 784 -95.45 -26.59 -20.01
N MET H 785 -94.40 -25.85 -20.35
CA MET H 785 -93.11 -26.46 -20.59
C MET H 785 -92.48 -26.96 -19.30
N GLY H 786 -91.94 -28.17 -19.36
CA GLY H 786 -91.32 -28.77 -18.19
C GLY H 786 -89.92 -28.23 -17.95
N PHE H 787 -89.60 -28.04 -16.68
CA PHE H 787 -88.28 -27.58 -16.24
C PHE H 787 -87.52 -28.82 -15.77
N SER H 788 -86.80 -29.44 -16.69
CA SER H 788 -86.22 -30.76 -16.45
C SER H 788 -85.13 -30.77 -15.39
N ALA H 789 -84.65 -29.61 -14.96
CA ALA H 789 -83.59 -29.54 -13.97
C ALA H 789 -83.84 -28.54 -12.85
N LEU H 790 -84.94 -27.81 -12.88
CA LEU H 790 -85.17 -26.76 -11.90
C LEU H 790 -85.13 -27.33 -10.49
N ARG H 791 -84.41 -26.64 -9.61
CA ARG H 791 -84.29 -27.05 -8.22
C ARG H 791 -85.00 -26.09 -7.27
N VAL H 792 -84.74 -24.80 -7.37
CA VAL H 792 -85.33 -23.80 -6.49
C VAL H 792 -86.24 -22.94 -7.35
N LEU H 793 -87.55 -23.08 -7.15
CA LEU H 793 -88.52 -22.16 -7.74
C LEU H 793 -88.84 -21.09 -6.72
N TRP H 794 -88.49 -19.85 -7.02
CA TRP H 794 -88.56 -18.75 -6.06
C TRP H 794 -89.38 -17.63 -6.66
N ILE H 795 -90.39 -17.17 -5.91
CA ILE H 795 -91.28 -16.10 -6.33
C ILE H 795 -91.43 -15.14 -5.17
N GLU H 796 -91.26 -13.85 -5.43
CA GLU H 796 -91.36 -12.83 -4.39
C GLU H 796 -92.27 -11.70 -4.88
N ARG H 797 -93.22 -11.31 -4.03
CA ARG H 797 -94.10 -10.18 -4.29
C ARG H 797 -94.71 -10.28 -5.69
N ALA H 798 -95.35 -11.41 -5.96
CA ALA H 798 -95.97 -11.67 -7.24
C ALA H 798 -97.47 -11.47 -7.13
N GLU H 799 -98.03 -10.72 -8.09
CA GLU H 799 -99.44 -10.34 -8.05
C GLU H 799 -100.37 -11.41 -8.59
N PHE H 800 -99.84 -12.49 -9.16
CA PHE H 800 -100.71 -13.51 -9.75
C PHE H 800 -101.58 -14.15 -8.68
N GLU H 801 -102.85 -14.32 -9.01
CA GLU H 801 -103.85 -14.80 -8.05
C GLU H 801 -103.93 -16.32 -7.98
N THR H 802 -103.78 -17.01 -9.12
CA THR H 802 -103.89 -18.47 -9.15
C THR H 802 -102.72 -19.05 -9.93
N TRP H 803 -102.56 -20.37 -9.82
CA TRP H 803 -101.43 -21.06 -10.42
C TRP H 803 -101.82 -22.50 -10.69
N GLU H 804 -101.61 -22.96 -11.91
CA GLU H 804 -102.09 -24.25 -12.38
C GLU H 804 -100.96 -25.08 -12.94
N ALA H 805 -99.83 -25.11 -12.23
CA ALA H 805 -98.70 -25.93 -12.64
C ALA H 805 -98.98 -27.39 -12.36
N SER H 806 -98.33 -28.26 -13.13
CA SER H 806 -98.51 -29.70 -13.06
C SER H 806 -97.18 -30.38 -12.77
N GLU H 807 -97.22 -31.71 -12.67
CA GLU H 807 -96.01 -32.47 -12.36
C GLU H 807 -94.97 -32.32 -13.47
N ILE H 808 -95.40 -32.42 -14.73
CA ILE H 808 -94.47 -32.33 -15.83
C ILE H 808 -93.79 -30.96 -15.89
N ASN H 809 -94.41 -29.94 -15.30
CA ASN H 809 -93.82 -28.61 -15.34
C ASN H 809 -92.50 -28.57 -14.60
N PHE H 810 -92.45 -29.12 -13.40
CA PHE H 810 -91.26 -29.10 -12.54
C PHE H 810 -90.95 -30.53 -12.09
N PRO H 811 -90.50 -31.38 -13.01
CA PRO H 811 -90.29 -32.80 -12.65
C PRO H 811 -89.30 -32.99 -11.52
N VAL H 812 -88.24 -32.17 -11.44
CA VAL H 812 -87.18 -32.35 -10.46
C VAL H 812 -87.17 -31.21 -9.44
N LEU H 813 -88.29 -30.52 -9.27
CA LEU H 813 -88.38 -29.47 -8.27
C LEU H 813 -87.96 -30.00 -6.92
N ARG H 814 -86.88 -29.45 -6.37
CA ARG H 814 -86.43 -29.76 -5.02
C ARG H 814 -86.76 -28.67 -4.01
N ASN H 815 -86.86 -27.42 -4.45
CA ASN H 815 -87.14 -26.30 -3.57
C ASN H 815 -88.19 -25.41 -4.21
N LEU H 816 -89.19 -25.00 -3.43
CA LEU H 816 -90.21 -24.05 -3.86
C LEU H 816 -90.41 -23.04 -2.74
N VAL H 817 -90.09 -21.78 -3.01
CA VAL H 817 -90.17 -20.72 -2.00
C VAL H 817 -90.96 -19.58 -2.59
N LEU H 818 -92.16 -19.33 -2.07
CA LEU H 818 -92.99 -18.22 -2.47
C LEU H 818 -93.10 -17.23 -1.32
N MET H 819 -92.82 -15.96 -1.59
CA MET H 819 -92.87 -14.91 -0.57
C MET H 819 -93.71 -13.75 -1.07
N SER H 820 -94.44 -13.13 -0.13
CA SER H 820 -95.30 -11.99 -0.43
C SER H 820 -96.27 -12.30 -1.56
N CYS H 821 -96.79 -13.51 -1.58
CA CYS H 821 -97.82 -13.90 -2.54
C CYS H 821 -99.21 -13.63 -1.98
N ASP H 822 -99.44 -12.37 -1.58
CA ASP H 822 -100.74 -11.99 -1.01
C ASP H 822 -101.86 -12.10 -2.03
N LYS H 823 -101.52 -12.23 -3.32
CA LYS H 823 -102.54 -12.39 -4.35
C LYS H 823 -102.79 -13.85 -4.68
N LEU H 824 -101.77 -14.70 -4.59
CA LEU H 824 -101.90 -16.10 -4.98
C LEU H 824 -103.03 -16.77 -4.19
N GLU H 825 -103.81 -17.59 -4.89
CA GLU H 825 -104.99 -18.22 -4.30
C GLU H 825 -104.67 -19.58 -3.70
N THR H 826 -104.12 -20.50 -4.50
CA THR H 826 -103.85 -21.84 -4.04
C THR H 826 -102.67 -22.42 -4.81
N VAL H 827 -101.73 -23.02 -4.09
CA VAL H 827 -100.64 -23.74 -4.77
C VAL H 827 -101.24 -24.95 -5.49
N PRO H 828 -100.87 -25.22 -6.74
CA PRO H 828 -101.46 -26.37 -7.45
C PRO H 828 -101.23 -27.65 -6.67
N PHE H 829 -102.30 -28.44 -6.54
CA PHE H 829 -102.22 -29.74 -5.88
C PHE H 829 -101.34 -30.72 -6.65
N GLU H 830 -101.19 -30.51 -7.96
CA GLU H 830 -100.45 -31.47 -8.78
C GLU H 830 -99.01 -31.61 -8.31
N LEU H 831 -98.49 -30.61 -7.60
CA LEU H 831 -97.12 -30.69 -7.11
C LEU H 831 -96.94 -31.76 -6.05
N ALA H 832 -98.04 -32.31 -5.53
CA ALA H 832 -97.94 -33.36 -4.51
C ALA H 832 -97.23 -34.59 -5.06
N ASN H 833 -97.54 -34.99 -6.29
CA ASN H 833 -96.95 -36.20 -6.83
C ASN H 833 -95.43 -36.09 -6.95
N LEU H 834 -94.90 -34.87 -7.03
CA LEU H 834 -93.47 -34.69 -7.23
C LEU H 834 -92.68 -35.35 -6.11
N SER H 835 -91.97 -36.44 -6.44
CA SER H 835 -91.16 -37.11 -5.44
C SER H 835 -89.98 -36.25 -5.03
N ASP H 836 -89.35 -35.56 -5.99
CA ASP H 836 -88.18 -34.75 -5.67
C ASP H 836 -88.53 -33.61 -4.72
N LEU H 837 -89.69 -32.97 -4.94
CA LEU H 837 -90.09 -31.85 -4.10
C LEU H 837 -90.07 -32.26 -2.64
N TYR H 838 -89.18 -31.64 -1.86
CA TYR H 838 -89.09 -31.88 -0.43
C TYR H 838 -89.24 -30.62 0.40
N GLU H 839 -89.06 -29.43 -0.17
CA GLU H 839 -89.14 -28.17 0.54
C GLU H 839 -90.25 -27.31 -0.04
N MET H 840 -90.88 -26.52 0.82
CA MET H 840 -91.90 -25.56 0.38
C MET H 840 -92.11 -24.54 1.49
N ARG H 841 -91.92 -23.26 1.17
CA ARG H 841 -92.06 -22.18 2.14
C ARG H 841 -92.95 -21.09 1.55
N LEU H 842 -93.96 -20.68 2.31
CA LEU H 842 -94.83 -19.56 1.98
C LEU H 842 -94.54 -18.44 2.97
N GLU H 843 -94.02 -17.33 2.48
CA GLU H 843 -93.66 -16.18 3.31
C GLU H 843 -94.64 -15.05 2.99
N ASN H 844 -95.51 -14.73 3.95
CA ASN H 844 -96.53 -13.72 3.77
C ASN H 844 -97.36 -14.00 2.52
N THR H 845 -98.02 -15.16 2.53
CA THR H 845 -98.82 -15.63 1.41
C THR H 845 -100.29 -15.67 1.80
N SER H 846 -101.15 -15.52 0.80
CA SER H 846 -102.60 -15.49 0.99
C SER H 846 -103.15 -16.90 1.15
N LYS H 847 -104.46 -17.05 1.00
CA LYS H 847 -105.18 -18.30 1.27
C LYS H 847 -104.41 -19.52 0.76
N ALA H 848 -103.59 -19.36 -0.27
CA ALA H 848 -102.75 -20.45 -0.74
C ALA H 848 -102.01 -21.14 0.40
N VAL H 849 -101.84 -20.46 1.54
CA VAL H 849 -101.26 -21.12 2.71
C VAL H 849 -102.08 -22.35 3.10
N LYS H 850 -103.41 -22.25 3.00
CA LYS H 850 -104.24 -23.40 3.31
C LYS H 850 -103.93 -24.57 2.39
N SER H 851 -103.75 -24.31 1.10
CA SER H 851 -103.31 -25.37 0.19
C SER H 851 -101.92 -25.87 0.58
N ALA H 852 -101.10 -25.03 1.20
CA ALA H 852 -99.82 -25.50 1.73
C ALA H 852 -100.05 -26.52 2.85
N LYS H 853 -101.02 -26.27 3.72
CA LYS H 853 -101.36 -27.25 4.74
C LYS H 853 -101.88 -28.53 4.10
N ALA H 854 -102.68 -28.40 3.04
CA ALA H 854 -103.19 -29.58 2.35
C ALA H 854 -102.06 -30.41 1.74
N ILE H 855 -101.08 -29.75 1.10
CA ILE H 855 -99.96 -30.47 0.50
C ILE H 855 -99.14 -31.15 1.59
N LEU H 856 -98.91 -30.46 2.72
CA LEU H 856 -98.21 -31.09 3.81
C LEU H 856 -98.96 -32.33 4.31
N GLU H 857 -100.28 -32.22 4.47
CA GLU H 857 -101.06 -33.35 4.95
C GLU H 857 -100.98 -34.52 3.98
N SER H 858 -101.09 -34.24 2.68
CA SER H 858 -101.02 -35.32 1.69
C SER H 858 -99.66 -36.00 1.70
N LYS H 859 -98.58 -35.21 1.78
CA LYS H 859 -97.25 -35.82 1.78
C LYS H 859 -97.01 -36.60 3.08
N THR H 860 -97.50 -36.10 4.20
CA THR H 860 -97.39 -36.84 5.45
C THR H 860 -98.15 -38.15 5.38
N ASP H 861 -99.34 -38.13 4.76
CA ASP H 861 -100.07 -39.37 4.55
C ASP H 861 -99.27 -40.34 3.69
N LYS H 862 -98.63 -39.82 2.63
CA LYS H 862 -97.70 -40.63 1.87
C LYS H 862 -96.40 -40.88 2.65
N ASN H 863 -96.23 -40.20 3.78
CA ASN H 863 -95.05 -40.39 4.63
C ASN H 863 -93.77 -40.09 3.85
N ILE H 864 -93.72 -38.90 3.28
CA ILE H 864 -92.58 -38.42 2.51
C ILE H 864 -91.96 -37.28 3.28
N LYS H 865 -90.63 -37.30 3.42
CA LYS H 865 -89.94 -36.44 4.37
C LYS H 865 -90.00 -34.99 3.94
N PHE H 866 -91.02 -34.26 4.41
CA PHE H 866 -91.34 -32.96 3.86
C PHE H 866 -91.32 -31.91 4.97
N ASN H 867 -90.92 -30.69 4.59
CA ASN H 867 -90.81 -29.56 5.50
C ASN H 867 -91.62 -28.39 4.97
N LEU H 868 -92.34 -27.72 5.87
CA LEU H 868 -93.10 -26.53 5.55
C LEU H 868 -92.76 -25.44 6.55
N THR H 869 -92.54 -24.23 6.05
CA THR H 869 -92.27 -23.06 6.89
C THR H 869 -93.32 -22.00 6.59
N ILE H 870 -93.99 -21.52 7.65
CA ILE H 870 -95.01 -20.49 7.53
C ILE H 870 -94.67 -19.36 8.48
N PHE H 871 -94.68 -18.13 7.96
CA PHE H 871 -94.41 -16.94 8.76
C PHE H 871 -95.55 -15.96 8.58
N PRO H 872 -95.98 -15.28 9.66
CA PRO H 872 -95.49 -15.40 11.04
C PRO H 872 -96.03 -16.63 11.76
N GLU I 9 -8.57 16.32 19.10
CA GLU I 9 -9.93 16.82 18.74
C GLU I 9 -10.30 16.42 17.33
N VAL I 10 -9.36 16.57 16.39
CA VAL I 10 -9.60 16.14 15.01
C VAL I 10 -9.86 14.64 14.98
N GLU I 11 -9.01 13.87 15.65
CA GLU I 11 -9.26 12.43 15.77
C GLU I 11 -10.55 12.17 16.53
N ASN I 12 -10.80 12.92 17.60
CA ASN I 12 -12.02 12.74 18.36
C ASN I 12 -13.24 12.97 17.47
N LEU I 13 -13.23 14.07 16.72
CA LEU I 13 -14.34 14.36 15.82
C LEU I 13 -14.50 13.26 14.78
N LEU I 14 -13.38 12.78 14.22
CA LEU I 14 -13.45 11.70 13.24
C LEU I 14 -14.15 10.48 13.82
N GLN I 15 -13.68 10.00 14.97
CA GLN I 15 -14.28 8.80 15.56
C GLN I 15 -15.74 9.03 15.89
N LEU I 16 -16.09 10.16 16.49
CA LEU I 16 -17.47 10.40 16.89
C LEU I 16 -18.38 10.39 15.66
N LEU I 17 -18.00 11.15 14.62
CA LEU I 17 -18.84 11.22 13.43
C LEU I 17 -18.97 9.85 12.77
N THR I 18 -17.87 9.09 12.66
CA THR I 18 -17.95 7.79 12.00
C THR I 18 -18.82 6.82 12.81
N ASP I 19 -18.78 6.91 14.14
CA ASP I 19 -19.70 6.09 14.93
C ASP I 19 -21.14 6.45 14.64
N ASN I 20 -21.45 7.75 14.57
CA ASN I 20 -22.82 8.16 14.23
C ASN I 20 -23.10 8.15 12.73
N VAL I 21 -22.06 8.11 11.90
CA VAL I 21 -22.27 7.97 10.46
C VAL I 21 -22.38 6.50 10.10
N SER I 26 -24.99 5.77 12.31
CA SER I 26 -25.11 4.32 12.39
C SER I 26 -25.47 3.87 13.81
N ALA I 27 -25.58 4.84 14.73
CA ALA I 27 -25.89 4.50 16.11
C ALA I 27 -27.25 3.83 16.22
N LYS I 28 -28.18 4.14 15.32
CA LYS I 28 -29.53 3.58 15.42
C LYS I 28 -29.55 2.12 14.99
N GLY I 29 -28.81 1.78 13.92
CA GLY I 29 -28.72 0.38 13.53
C GLY I 29 -28.06 -0.46 14.61
N GLU I 30 -26.94 0.03 15.15
CA GLU I 30 -26.31 -0.64 16.28
C GLU I 30 -27.29 -0.77 17.42
N LEU I 31 -28.07 0.28 17.67
CA LEU I 31 -29.03 0.27 18.76
C LEU I 31 -30.05 -0.84 18.58
N GLU I 32 -30.66 -0.92 17.40
CA GLU I 32 -31.71 -1.90 17.17
C GLU I 32 -31.16 -3.31 17.19
N ASN I 33 -29.98 -3.53 16.59
CA ASN I 33 -29.41 -4.87 16.61
C ASN I 33 -29.03 -5.28 18.02
N LEU I 34 -28.51 -4.34 18.83
CA LEU I 34 -28.25 -4.65 20.23
C LEU I 34 -29.53 -5.01 20.95
N LEU I 35 -30.62 -4.29 20.66
CA LEU I 35 -31.89 -4.62 21.31
C LEU I 35 -32.35 -6.03 20.93
N LYS I 36 -32.25 -6.39 19.65
CA LYS I 36 -32.61 -7.74 19.26
C LYS I 36 -31.80 -8.78 20.02
N GLU I 37 -30.48 -8.58 20.05
CA GLU I 37 -29.63 -9.60 20.65
C GLU I 37 -29.82 -9.67 22.16
N VAL I 38 -30.10 -8.53 22.79
CA VAL I 38 -30.39 -8.56 24.22
C VAL I 38 -31.75 -9.20 24.48
N GLN I 39 -32.70 -9.05 23.56
CA GLN I 39 -33.94 -9.81 23.68
C GLN I 39 -33.67 -11.30 23.59
N HIS I 40 -32.76 -11.69 22.70
CA HIS I 40 -32.33 -13.09 22.65
C HIS I 40 -31.80 -13.55 24.00
N LEU I 41 -30.90 -12.78 24.59
CA LEU I 41 -30.32 -13.18 25.87
C LEU I 41 -31.38 -13.18 26.96
N LYS I 42 -32.37 -12.29 26.88
CA LYS I 42 -33.44 -12.28 27.87
C LYS I 42 -34.31 -13.52 27.76
N GLY I 43 -34.62 -13.93 26.53
CA GLY I 43 -35.33 -15.19 26.34
C GLY I 43 -34.54 -16.38 26.87
N PHE I 44 -33.24 -16.39 26.61
CA PHE I 44 -32.40 -17.43 27.18
C PHE I 44 -32.46 -17.41 28.69
N LEU I 45 -32.47 -16.22 29.29
CA LEU I 45 -32.53 -16.13 30.75
C LEU I 45 -33.85 -16.67 31.27
N ASP I 46 -34.95 -16.35 30.59
CA ASP I 46 -36.24 -16.89 31.00
C ASP I 46 -36.23 -18.41 30.91
N ASP I 47 -35.54 -18.96 29.91
CA ASP I 47 -35.35 -20.40 29.86
C ASP I 47 -34.54 -20.88 31.06
N ALA I 48 -33.39 -20.27 31.30
CA ALA I 48 -32.43 -20.81 32.26
C ALA I 48 -32.97 -20.74 33.68
N ALA I 49 -33.80 -19.73 33.97
CA ALA I 49 -34.37 -19.63 35.30
C ALA I 49 -35.18 -20.86 35.65
N LYS I 50 -36.01 -21.32 34.71
CA LYS I 50 -36.80 -22.53 34.96
C LYS I 50 -35.90 -23.74 35.13
N LEU I 51 -34.86 -23.84 34.32
CA LEU I 51 -34.02 -25.03 34.31
C LEU I 51 -33.40 -25.26 35.68
N PRO I 52 -33.44 -26.48 36.21
CA PRO I 52 -32.56 -26.81 37.35
C PRO I 52 -31.10 -26.70 36.94
N SER I 53 -30.29 -26.18 37.87
CA SER I 53 -28.88 -25.96 37.61
C SER I 53 -28.07 -26.32 38.85
N ASP I 54 -26.91 -26.97 38.63
CA ASP I 54 -26.04 -27.34 39.73
C ASP I 54 -24.56 -27.14 39.41
N SER I 55 -24.24 -26.51 38.27
CA SER I 55 -22.86 -26.35 37.84
C SER I 55 -22.43 -24.90 38.04
N GLU I 56 -21.32 -24.71 38.76
CA GLU I 56 -20.83 -23.37 39.04
C GLU I 56 -20.56 -22.60 37.76
N GLN I 57 -20.11 -23.29 36.71
CA GLN I 57 -19.90 -22.62 35.43
C GLN I 57 -21.20 -22.08 34.88
N TRP I 58 -22.29 -22.83 35.03
CA TRP I 58 -23.57 -22.33 34.55
C TRP I 58 -24.04 -21.13 35.35
N LYS I 59 -23.82 -21.14 36.66
CA LYS I 59 -24.15 -19.94 37.44
C LYS I 59 -23.29 -18.76 37.01
N VAL I 60 -22.02 -19.00 36.67
CA VAL I 60 -21.18 -17.94 36.15
C VAL I 60 -21.76 -17.38 34.86
N LEU I 61 -22.17 -18.27 33.95
CA LEU I 61 -22.71 -17.81 32.68
C LEU I 61 -24.02 -17.07 32.87
N VAL I 62 -24.87 -17.52 33.79
CA VAL I 62 -26.14 -16.85 34.02
C VAL I 62 -25.91 -15.48 34.65
N GLU I 63 -25.00 -15.40 35.63
CA GLU I 63 -24.62 -14.10 36.18
C GLU I 63 -24.14 -13.19 35.06
N GLU I 64 -23.30 -13.70 34.17
CA GLU I 64 -22.73 -12.89 33.12
C GLU I 64 -23.81 -12.39 32.16
N ILE I 65 -24.72 -13.27 31.76
CA ILE I 65 -25.77 -12.84 30.83
C ILE I 65 -26.72 -11.86 31.52
N GLN I 66 -27.02 -12.07 32.81
CA GLN I 66 -27.86 -11.12 33.51
C GLN I 66 -27.20 -9.75 33.55
N LYS I 67 -25.92 -9.69 33.90
CA LYS I 67 -25.24 -8.40 33.98
C LYS I 67 -25.12 -7.76 32.60
N THR I 68 -24.81 -8.54 31.57
CA THR I 68 -24.74 -7.98 30.23
C THR I 68 -26.09 -7.47 29.75
N VAL I 69 -27.15 -8.21 30.03
CA VAL I 69 -28.49 -7.81 29.63
C VAL I 69 -28.89 -6.51 30.32
N HIS I 70 -28.65 -6.42 31.63
CA HIS I 70 -29.03 -5.22 32.34
C HIS I 70 -28.13 -4.05 31.97
N THR I 71 -26.84 -4.29 31.72
CA THR I 71 -25.96 -3.24 31.24
C THR I 71 -26.43 -2.69 29.90
N ALA I 72 -26.81 -3.57 28.98
CA ALA I 72 -27.33 -3.12 27.69
C ALA I 72 -28.65 -2.38 27.86
N GLU I 73 -29.48 -2.79 28.81
CA GLU I 73 -30.72 -2.07 29.08
C GLU I 73 -30.42 -0.65 29.58
N ASP I 74 -29.45 -0.51 30.48
CA ASP I 74 -29.07 0.83 30.93
C ASP I 74 -28.56 1.65 29.76
N ALA I 75 -27.72 1.06 28.91
CA ALA I 75 -27.18 1.81 27.78
C ALA I 75 -28.29 2.26 26.84
N VAL I 76 -29.25 1.38 26.55
CA VAL I 76 -30.33 1.73 25.63
C VAL I 76 -31.17 2.86 26.22
N ASP I 77 -31.52 2.75 27.51
CA ASP I 77 -32.35 3.78 28.13
C ASP I 77 -31.59 5.11 28.19
N LYS I 78 -30.29 5.05 28.48
CA LYS I 78 -29.50 6.28 28.49
C LYS I 78 -29.48 6.93 27.12
N PHE I 79 -29.32 6.13 26.07
CA PHE I 79 -29.25 6.69 24.72
C PHE I 79 -30.56 7.35 24.34
N VAL I 80 -31.69 6.70 24.62
CA VAL I 80 -32.97 7.31 24.26
C VAL I 80 -33.22 8.55 25.11
N VAL I 81 -32.80 8.52 26.38
CA VAL I 81 -32.96 9.69 27.24
C VAL I 81 -32.14 10.86 26.71
N GLN I 82 -30.92 10.59 26.27
CA GLN I 82 -30.08 11.65 25.70
C GLN I 82 -30.71 12.21 24.44
N ALA I 83 -31.26 11.34 23.58
CA ALA I 83 -31.94 11.82 22.39
C ALA I 83 -33.11 12.71 22.74
N LYS I 84 -33.91 12.31 23.72
CA LYS I 84 -35.04 13.12 24.15
C LYS I 84 -34.57 14.46 24.71
N LEU I 85 -33.48 14.45 25.49
CA LEU I 85 -32.95 15.69 26.02
C LEU I 85 -32.54 16.64 24.89
N HIS I 86 -31.84 16.11 23.89
CA HIS I 86 -31.45 16.95 22.76
C HIS I 86 -32.67 17.51 22.06
N LYS I 87 -33.67 16.66 21.80
CA LYS I 87 -34.88 17.15 21.13
C LYS I 87 -35.59 18.20 21.97
N GLU I 88 -35.44 18.14 23.30
CA GLU I 88 -36.07 19.14 24.16
C GLU I 88 -35.38 20.49 24.05
N LYS I 89 -34.12 20.52 23.61
CA LYS I 89 -33.41 21.78 23.45
C LYS I 89 -33.85 22.49 22.18
N ASN I 90 -33.60 23.80 22.14
CA ASN I 90 -33.95 24.60 20.98
C ASN I 90 -33.08 24.21 19.78
N LYS I 91 -33.50 24.64 18.59
CA LYS I 91 -32.76 24.30 17.38
C LYS I 91 -31.35 24.86 17.45
N MET I 92 -31.19 26.10 17.90
CA MET I 92 -29.85 26.66 18.09
C MET I 92 -29.08 25.87 19.14
N ALA I 93 -29.72 25.59 20.28
CA ALA I 93 -29.08 24.79 21.30
C ALA I 93 -28.85 23.35 20.83
N ARG I 94 -29.71 22.85 19.95
CA ARG I 94 -29.53 21.51 19.40
C ARG I 94 -28.28 21.45 18.52
N ILE I 95 -28.16 22.38 17.58
CA ILE I 95 -27.05 22.35 16.63
C ILE I 95 -25.74 22.69 17.34
N LEU I 96 -25.76 23.67 18.24
CA LEU I 96 -24.55 24.24 18.79
C LEU I 96 -23.93 23.40 19.90
N ASP I 97 -24.67 22.45 20.48
CA ASP I 97 -24.20 21.75 21.66
C ASP I 97 -23.12 20.72 21.31
N VAL I 98 -21.85 21.13 21.42
CA VAL I 98 -20.74 20.22 21.15
C VAL I 98 -20.63 19.17 22.26
N GLY I 99 -20.85 19.58 23.51
CA GLY I 99 -20.83 18.61 24.60
C GLY I 99 -21.85 17.49 24.38
N HIS I 100 -23.04 17.85 23.89
CA HIS I 100 -24.01 16.84 23.52
C HIS I 100 -23.45 15.89 22.47
N LEU I 101 -22.74 16.43 21.49
CA LEU I 101 -22.10 15.58 20.49
C LEU I 101 -21.16 14.58 21.16
N ALA I 102 -20.32 15.07 22.06
CA ALA I 102 -19.37 14.19 22.73
C ALA I 102 -20.07 13.09 23.49
N THR I 103 -21.06 13.44 24.32
CA THR I 103 -21.76 12.43 25.11
C THR I 103 -22.50 11.45 24.21
N VAL I 104 -23.17 11.95 23.18
CA VAL I 104 -23.95 11.07 22.30
C VAL I 104 -23.03 10.06 21.64
N ARG I 105 -21.89 10.51 21.13
CA ARG I 105 -21.04 9.59 20.41
C ARG I 105 -20.25 8.67 21.33
N ASN I 106 -19.93 9.10 22.55
CA ASN I 106 -19.38 8.15 23.52
C ASN I 106 -20.41 7.09 23.89
N LEU I 107 -21.68 7.49 24.03
CA LEU I 107 -22.72 6.52 24.32
C LEU I 107 -22.89 5.53 23.17
N ALA I 108 -22.80 6.02 21.93
CA ALA I 108 -22.84 5.12 20.79
C ALA I 108 -21.65 4.18 20.78
N ALA I 109 -20.48 4.66 21.21
CA ALA I 109 -19.33 3.78 21.32
C ALA I 109 -19.57 2.68 22.35
N GLU I 110 -20.13 3.03 23.50
CA GLU I 110 -20.45 2.03 24.51
C GLU I 110 -21.48 1.03 24.00
N VAL I 111 -22.50 1.52 23.30
CA VAL I 111 -23.52 0.64 22.75
C VAL I 111 -22.89 -0.32 21.74
N LYS I 112 -22.00 0.18 20.89
CA LYS I 112 -21.31 -0.69 19.95
C LYS I 112 -20.49 -1.75 20.67
N GLY I 113 -19.77 -1.35 21.72
CA GLY I 113 -18.98 -2.31 22.48
C GLY I 113 -19.84 -3.41 23.06
N ILE I 114 -20.95 -3.03 23.70
CA ILE I 114 -21.81 -4.04 24.31
C ILE I 114 -22.51 -4.88 23.25
N HIS I 115 -22.79 -4.30 22.07
CA HIS I 115 -23.38 -5.10 21.01
C HIS I 115 -22.41 -6.20 20.56
N ASP I 116 -21.14 -5.84 20.36
CA ASP I 116 -20.17 -6.88 20.04
C ASP I 116 -20.03 -7.86 21.19
N GLN I 117 -20.17 -7.38 22.44
CA GLN I 117 -20.13 -8.27 23.59
C GLN I 117 -21.26 -9.29 23.51
N VAL I 118 -22.46 -8.86 23.13
CA VAL I 118 -23.58 -9.78 23.03
C VAL I 118 -23.39 -10.73 21.86
N LYS I 119 -22.88 -10.23 20.73
CA LYS I 119 -22.61 -11.10 19.59
C LYS I 119 -21.67 -12.23 19.98
N GLU I 120 -20.57 -11.88 20.64
CA GLU I 120 -19.61 -12.90 21.06
C GLU I 120 -20.15 -13.75 22.20
N LEU I 121 -21.03 -13.20 23.04
CA LEU I 121 -21.67 -13.99 24.07
C LEU I 121 -22.49 -15.11 23.45
N ARG I 122 -23.23 -14.78 22.40
CA ARG I 122 -24.02 -15.81 21.72
C ARG I 122 -23.13 -16.79 20.99
N LEU I 123 -22.16 -16.29 20.23
CA LEU I 123 -21.39 -17.17 19.35
C LEU I 123 -20.45 -18.07 20.14
N ASN I 124 -19.72 -17.52 21.11
CA ASN I 124 -18.73 -18.31 21.83
C ASN I 124 -19.39 -19.43 22.63
N ASN I 125 -20.50 -19.14 23.28
CA ASN I 125 -21.12 -20.05 24.24
C ASN I 125 -22.18 -20.89 23.54
N GLN I 126 -21.96 -22.20 23.50
CA GLN I 126 -22.92 -23.11 22.88
C GLN I 126 -24.26 -23.07 23.60
N ALA I 127 -24.23 -22.99 24.94
CA ALA I 127 -25.43 -23.06 25.77
C ALA I 127 -26.59 -22.27 25.20
N LEU I 128 -26.30 -21.14 24.54
CA LEU I 128 -27.33 -20.19 24.13
C LEU I 128 -28.08 -20.61 22.87
N GLN I 129 -27.67 -21.68 22.20
CA GLN I 129 -28.27 -22.02 20.91
C GLN I 129 -29.77 -22.24 21.05
N ALA I 130 -30.52 -21.75 20.07
CA ALA I 130 -31.97 -21.89 20.10
C ALA I 130 -32.37 -23.35 20.02
N ARG I 131 -33.37 -23.72 20.82
CA ARG I 131 -33.86 -25.10 20.87
C ARG I 131 -35.38 -25.11 20.85
N PRO I 132 -36.02 -26.02 20.10
CA PRO I 132 -37.48 -25.99 20.00
C PRO I 132 -38.19 -26.14 21.33
N THR I 133 -38.00 -27.29 21.98
CA THR I 133 -38.55 -27.54 23.31
C THR I 133 -37.44 -28.23 24.09
N LEU I 134 -36.55 -27.44 24.68
CA LEU I 134 -35.44 -28.00 25.45
C LEU I 134 -35.22 -27.17 26.70
N GLU I 135 -35.97 -27.51 27.73
CA GLU I 135 -35.61 -27.20 29.12
C GLU I 135 -35.73 -28.53 29.85
N LEU I 136 -34.69 -28.91 30.56
CA LEU I 136 -34.60 -30.27 31.08
C LEU I 136 -34.75 -30.30 32.59
N PRO I 137 -35.98 -30.42 33.11
CA PRO I 137 -36.15 -30.58 34.57
C PRO I 137 -35.52 -31.87 35.08
N GLN I 146 -41.83 -37.40 50.33
CA GLN I 146 -41.87 -38.37 51.42
C GLN I 146 -42.14 -37.67 52.75
N GLN I 147 -43.02 -38.27 53.56
CA GLN I 147 -43.45 -37.66 54.81
C GLN I 147 -42.35 -37.85 55.87
N GLY I 148 -42.65 -37.42 57.10
CA GLY I 148 -41.75 -37.62 58.22
C GLY I 148 -41.99 -38.93 58.91
N PRO I 149 -41.51 -39.07 60.14
CA PRO I 149 -41.74 -40.31 60.89
C PRO I 149 -43.21 -40.67 60.99
N ALA I 150 -44.00 -39.74 61.54
CA ALA I 150 -45.40 -39.92 61.89
C ALA I 150 -45.57 -39.72 63.38
N LEU I 151 -46.43 -38.79 63.77
CA LEU I 151 -46.55 -38.39 65.16
C LEU I 151 -47.61 -39.19 65.89
N GLU I 152 -47.59 -39.09 67.22
CA GLU I 152 -48.63 -39.61 68.08
C GLU I 152 -49.22 -38.45 68.87
N ASP I 153 -50.24 -38.74 69.68
CA ASP I 153 -51.03 -37.68 70.28
C ASP I 153 -50.18 -36.76 71.15
N ASP I 154 -49.32 -37.31 72.00
CA ASP I 154 -48.50 -36.49 72.88
C ASP I 154 -47.47 -35.66 72.13
N GLU I 155 -47.26 -35.94 70.84
CA GLU I 155 -46.34 -35.18 69.99
C GLU I 155 -47.05 -34.13 69.16
N VAL I 156 -48.26 -33.74 69.55
CA VAL I 156 -49.03 -32.70 68.87
C VAL I 156 -49.38 -31.63 69.89
N VAL I 157 -49.23 -30.37 69.49
CA VAL I 157 -49.25 -29.24 70.41
C VAL I 157 -50.35 -28.28 69.99
N GLY I 158 -51.17 -27.86 70.96
CA GLY I 158 -52.13 -26.80 70.74
C GLY I 158 -53.15 -27.07 69.66
N PHE I 159 -53.16 -28.27 69.08
CA PHE I 159 -54.15 -28.65 68.09
C PHE I 159 -55.35 -29.35 68.71
N ASP I 160 -55.32 -29.58 70.03
CA ASP I 160 -56.43 -30.28 70.67
C ASP I 160 -57.75 -29.58 70.41
N GLU I 161 -57.81 -28.28 70.69
CA GLU I 161 -59.04 -27.54 70.42
C GLU I 161 -59.35 -27.50 68.93
N GLU I 162 -58.31 -27.36 68.09
CA GLU I 162 -58.54 -27.37 66.64
C GLU I 162 -59.09 -28.71 66.19
N ALA I 163 -58.51 -29.81 66.68
CA ALA I 163 -59.00 -31.13 66.30
C ALA I 163 -60.44 -31.32 66.75
N ASN I 164 -60.75 -30.91 67.98
CA ASN I 164 -62.12 -31.05 68.48
C ASN I 164 -63.09 -30.21 67.65
N LYS I 165 -62.70 -28.99 67.28
CA LYS I 165 -63.55 -28.15 66.46
C LYS I 165 -63.80 -28.80 65.10
N VAL I 166 -62.76 -29.33 64.48
CA VAL I 166 -62.91 -29.96 63.17
C VAL I 166 -63.78 -31.20 63.28
N ILE I 167 -63.63 -31.95 64.38
CA ILE I 167 -64.46 -33.15 64.57
C ILE I 167 -65.92 -32.77 64.77
N ASN I 168 -66.17 -31.70 65.53
CA ASN I 168 -67.55 -31.22 65.68
C ASN I 168 -68.12 -30.83 64.33
N ARG I 169 -67.34 -30.11 63.52
CA ARG I 169 -67.77 -29.79 62.17
C ARG I 169 -68.13 -31.05 61.41
N LEU I 170 -67.29 -32.07 61.52
CA LEU I 170 -67.51 -33.31 60.77
C LEU I 170 -68.80 -33.99 61.20
N VAL I 171 -68.98 -34.19 62.50
CA VAL I 171 -69.99 -35.12 63.00
C VAL I 171 -71.40 -34.54 62.94
N LYS I 172 -71.54 -33.23 62.92
CA LYS I 172 -72.86 -32.60 62.86
C LYS I 172 -73.74 -33.28 61.82
N GLU I 173 -74.87 -33.80 62.26
CA GLU I 173 -75.76 -34.53 61.36
C GLU I 173 -76.26 -33.60 60.26
N SER I 174 -76.23 -34.12 59.03
CA SER I 174 -76.71 -33.36 57.87
C SER I 174 -76.92 -34.35 56.72
N LYS I 175 -78.14 -34.42 56.20
CA LYS I 175 -78.44 -35.40 55.17
C LYS I 175 -77.47 -35.31 54.00
N ASP I 176 -77.09 -34.09 53.63
CA ASP I 176 -76.23 -33.88 52.46
C ASP I 176 -74.79 -34.22 52.77
N LEU I 177 -74.01 -34.44 51.71
CA LEU I 177 -72.57 -34.68 51.83
C LEU I 177 -71.87 -33.34 52.00
N ASP I 178 -71.45 -33.04 53.22
CA ASP I 178 -70.73 -31.81 53.52
C ASP I 178 -69.26 -32.12 53.73
N ILE I 179 -68.42 -31.14 53.45
CA ILE I 179 -66.97 -31.29 53.48
C ILE I 179 -66.43 -30.35 54.53
N ILE I 180 -65.26 -30.70 55.08
CA ILE I 180 -64.59 -29.88 56.08
C ILE I 180 -63.13 -29.72 55.68
N PRO I 181 -62.74 -28.61 55.07
CA PRO I 181 -61.36 -28.46 54.59
C PRO I 181 -60.43 -27.78 55.58
N VAL I 182 -59.16 -28.16 55.50
CA VAL I 182 -58.08 -27.55 56.27
C VAL I 182 -57.10 -26.91 55.30
N VAL I 183 -56.90 -25.60 55.42
CA VAL I 183 -56.12 -24.82 54.48
C VAL I 183 -55.12 -23.93 55.23
N GLY I 184 -54.01 -23.66 54.58
CA GLY I 184 -53.03 -22.75 55.14
C GLY I 184 -51.66 -22.93 54.49
N MET I 185 -50.80 -21.98 54.79
CA MET I 185 -49.50 -21.86 54.13
C MET I 185 -48.71 -23.16 54.21
N PRO I 186 -47.67 -23.29 53.40
CA PRO I 186 -46.85 -24.50 53.42
C PRO I 186 -46.21 -24.73 54.78
N GLY I 187 -46.07 -26.00 55.14
CA GLY I 187 -45.45 -26.34 56.40
C GLY I 187 -46.24 -25.91 57.61
N LEU I 188 -47.50 -25.53 57.44
CA LEU I 188 -48.27 -25.04 58.57
C LEU I 188 -48.69 -26.15 59.53
N GLY I 189 -48.74 -27.40 59.06
CA GLY I 189 -49.06 -28.51 59.93
C GLY I 189 -50.42 -29.11 59.65
N LYS I 190 -50.96 -28.85 58.47
CA LYS I 190 -52.29 -29.33 58.14
C LYS I 190 -52.37 -30.85 58.23
N THR I 191 -51.45 -31.54 57.57
CA THR I 191 -51.49 -32.99 57.61
C THR I 191 -51.42 -33.52 59.03
N THR I 192 -50.76 -32.79 59.94
CA THR I 192 -50.72 -33.23 61.33
C THR I 192 -52.10 -33.14 61.98
N LEU I 193 -52.82 -32.05 61.72
CA LEU I 193 -54.19 -31.96 62.22
C LEU I 193 -55.06 -33.06 61.62
N ALA I 194 -54.88 -33.33 60.33
CA ALA I 194 -55.66 -34.38 59.68
C ALA I 194 -55.37 -35.73 60.30
N ARG I 195 -54.10 -36.04 60.56
CA ARG I 195 -53.75 -37.30 61.22
C ARG I 195 -54.31 -37.35 62.63
N LYS I 196 -54.22 -36.25 63.37
CA LYS I 196 -54.83 -36.20 64.70
C LYS I 196 -56.30 -36.55 64.64
N ILE I 197 -57.03 -35.95 63.68
CA ILE I 197 -58.43 -36.29 63.50
C ILE I 197 -58.58 -37.77 63.17
N TYR I 198 -57.74 -38.27 62.26
CA TYR I 198 -57.84 -39.63 61.77
C TYR I 198 -57.58 -40.67 62.84
N LYS I 199 -57.00 -40.29 63.98
CA LYS I 199 -56.74 -41.22 65.07
C LYS I 199 -57.52 -40.88 66.33
N ASP I 200 -58.56 -40.07 66.23
CA ASP I 200 -59.38 -39.76 67.38
C ASP I 200 -60.51 -40.78 67.53
N PRO I 201 -60.66 -41.41 68.71
CA PRO I 201 -61.72 -42.42 68.84
C PRO I 201 -63.11 -41.88 68.55
N LYS I 202 -63.38 -40.61 68.83
CA LYS I 202 -64.69 -40.05 68.54
C LYS I 202 -65.07 -40.28 67.07
N LEU I 203 -64.09 -40.17 66.18
CA LEU I 203 -64.35 -40.46 64.77
C LEU I 203 -64.81 -41.89 64.59
N SER I 204 -64.18 -42.84 65.28
CA SER I 204 -64.60 -44.22 65.22
C SER I 204 -66.03 -44.37 65.75
N TYR I 205 -66.36 -43.64 66.81
CA TYR I 205 -67.71 -43.71 67.36
C TYR I 205 -68.74 -43.22 66.36
N GLU I 206 -68.42 -42.15 65.64
CA GLU I 206 -69.40 -41.49 64.79
C GLU I 206 -69.41 -42.00 63.35
N PHE I 207 -68.37 -42.72 62.92
CA PHE I 207 -68.26 -43.17 61.55
C PHE I 207 -67.82 -44.63 61.51
N PHE I 208 -68.48 -45.44 60.68
CA PHE I 208 -68.11 -46.84 60.59
C PHE I 208 -66.70 -47.00 60.06
N GLY I 209 -66.41 -46.39 58.91
CA GLY I 209 -65.11 -46.53 58.28
C GLY I 209 -64.51 -45.21 57.88
N VAL I 210 -63.37 -44.86 58.48
CA VAL I 210 -62.64 -43.66 58.15
C VAL I 210 -61.39 -44.09 57.39
N HIS I 211 -61.26 -43.62 56.15
CA HIS I 211 -60.11 -43.93 55.33
C HIS I 211 -59.33 -42.66 55.01
N TRP I 212 -58.06 -42.85 54.66
CA TRP I 212 -57.13 -41.77 54.43
C TRP I 212 -56.56 -41.89 53.03
N VAL I 213 -56.34 -40.74 52.38
CA VAL I 213 -55.79 -40.73 51.03
C VAL I 213 -54.85 -39.54 50.89
N TYR I 214 -53.74 -39.75 50.19
CA TYR I 214 -52.76 -38.72 49.90
C TYR I 214 -52.93 -38.32 48.44
N VAL I 215 -52.93 -37.02 48.17
CA VAL I 215 -53.04 -36.55 46.79
C VAL I 215 -51.82 -35.72 46.44
N GLY I 216 -51.63 -34.60 47.13
CA GLY I 216 -50.55 -33.70 46.78
C GLY I 216 -50.77 -33.05 45.44
N GLN I 217 -49.83 -32.24 44.97
CA GLN I 217 -50.01 -31.60 43.67
C GLN I 217 -50.10 -32.63 42.56
N SER I 218 -49.24 -33.64 42.58
CA SER I 218 -49.17 -34.65 41.53
C SER I 218 -49.82 -35.93 42.02
N TYR I 219 -50.63 -36.54 41.15
CA TYR I 219 -51.42 -37.72 41.50
C TYR I 219 -52.05 -38.24 40.22
N LYS I 220 -52.77 -39.35 40.35
CA LYS I 220 -53.67 -39.83 39.32
C LYS I 220 -54.94 -40.33 39.97
N ILE I 221 -56.09 -40.01 39.36
CA ILE I 221 -57.37 -40.35 39.98
C ILE I 221 -57.47 -41.86 40.18
N LYS I 222 -56.99 -42.64 39.21
CA LYS I 222 -57.13 -44.09 39.29
C LYS I 222 -56.46 -44.64 40.53
N ASP I 223 -55.25 -44.17 40.84
CA ASP I 223 -54.57 -44.64 42.04
C ASP I 223 -55.33 -44.25 43.29
N VAL I 224 -55.90 -43.04 43.31
CA VAL I 224 -56.69 -42.60 44.46
C VAL I 224 -57.88 -43.52 44.66
N PHE I 225 -58.60 -43.81 43.57
CA PHE I 225 -59.79 -44.66 43.67
C PHE I 225 -59.40 -46.07 44.08
N LEU I 226 -58.30 -46.59 43.57
CA LEU I 226 -57.87 -47.94 43.96
C LEU I 226 -57.52 -47.98 45.44
N ASN I 227 -56.80 -46.97 45.93
CA ASN I 227 -56.45 -46.95 47.35
C ASN I 227 -57.68 -46.78 48.22
N ILE I 228 -58.68 -46.05 47.74
CA ILE I 228 -59.93 -45.94 48.48
C ILE I 228 -60.65 -47.29 48.52
N LEU I 229 -60.76 -47.94 47.36
CA LEU I 229 -61.41 -49.23 47.28
C LEU I 229 -60.75 -50.27 48.16
N LYS I 230 -59.42 -50.19 48.32
CA LYS I 230 -58.75 -51.13 49.19
C LYS I 230 -59.34 -51.12 50.59
N PHE I 231 -59.85 -49.98 51.04
CA PHE I 231 -60.42 -49.91 52.39
C PHE I 231 -61.62 -50.83 52.52
N PHE I 232 -62.50 -50.84 51.52
CA PHE I 232 -63.74 -51.60 51.61
C PHE I 232 -63.54 -53.08 51.29
N THR I 233 -62.63 -53.41 50.39
CA THR I 233 -62.35 -54.79 50.04
C THR I 233 -60.86 -54.96 49.78
N ARG I 234 -60.37 -56.18 49.95
CA ARG I 234 -58.98 -56.51 49.72
C ARG I 234 -58.72 -56.99 48.30
N ARG I 235 -59.74 -56.96 47.43
CA ARG I 235 -59.66 -57.51 46.08
C ARG I 235 -59.63 -56.40 45.03
N THR I 236 -58.93 -55.30 45.32
CA THR I 236 -58.75 -54.26 44.31
C THR I 236 -58.14 -54.83 43.04
N GLU I 237 -57.34 -55.89 43.17
CA GLU I 237 -56.77 -56.54 41.99
C GLU I 237 -57.86 -56.98 41.01
N ASP I 238 -59.05 -57.28 41.51
CA ASP I 238 -60.13 -57.71 40.63
C ASP I 238 -60.75 -56.53 39.89
N TYR I 239 -60.77 -55.35 40.50
CA TYR I 239 -61.39 -54.17 39.93
C TYR I 239 -60.39 -53.24 39.27
N GLN I 240 -59.13 -53.67 39.11
CA GLN I 240 -58.13 -52.84 38.45
C GLN I 240 -58.50 -52.53 37.00
N HIS I 241 -59.40 -53.32 36.39
CA HIS I 241 -59.79 -53.15 35.01
C HIS I 241 -61.08 -52.36 34.85
N GLU I 242 -61.67 -51.88 35.93
CA GLU I 242 -62.94 -51.17 35.88
C GLU I 242 -62.71 -49.70 35.58
N ASP I 243 -63.52 -49.14 34.69
CA ASP I 243 -63.40 -47.74 34.32
C ASP I 243 -63.63 -46.86 35.53
N VAL I 244 -63.31 -45.57 35.37
CA VAL I 244 -63.38 -44.64 36.50
C VAL I 244 -64.79 -44.62 37.07
N ASP I 245 -65.80 -44.55 36.20
CA ASP I 245 -67.18 -44.50 36.68
C ASP I 245 -67.63 -45.84 37.24
N ALA I 246 -67.16 -46.95 36.65
CA ALA I 246 -67.45 -48.26 37.24
C ALA I 246 -66.89 -48.35 38.65
N LEU I 247 -65.66 -47.87 38.84
CA LEU I 247 -65.08 -47.84 40.18
C LEU I 247 -65.86 -46.91 41.10
N ALA I 248 -66.35 -45.79 40.57
CA ALA I 248 -67.16 -44.89 41.38
C ALA I 248 -68.42 -45.58 41.87
N LYS I 249 -69.11 -46.29 40.99
CA LYS I 249 -70.31 -47.01 41.39
C LYS I 249 -69.98 -48.11 42.40
N VAL I 250 -68.89 -48.83 42.18
CA VAL I 250 -68.49 -49.89 43.10
C VAL I 250 -68.23 -49.32 44.49
N ILE I 251 -67.50 -48.20 44.55
CA ILE I 251 -67.20 -47.59 45.84
C ILE I 251 -68.47 -47.05 46.48
N ALA I 252 -69.38 -46.51 45.68
CA ALA I 252 -70.65 -46.04 46.23
C ALA I 252 -71.41 -47.20 46.88
N GLY I 253 -71.45 -48.35 46.22
CA GLY I 253 -72.10 -49.50 46.82
C GLY I 253 -71.41 -49.97 48.08
N PHE I 254 -70.07 -50.01 48.06
CA PHE I 254 -69.33 -50.42 49.24
C PHE I 254 -69.62 -49.50 50.41
N ILE I 255 -69.62 -48.19 50.18
CA ILE I 255 -69.91 -47.23 51.25
C ILE I 255 -71.34 -47.40 51.74
N ASN I 256 -72.28 -47.57 50.81
CA ASN I 256 -73.68 -47.74 51.19
C ASN I 256 -73.83 -48.94 52.12
N LYS I 257 -73.16 -50.04 51.79
CA LYS I 257 -73.17 -51.19 52.70
C LYS I 257 -72.51 -50.84 54.03
N GLY I 258 -71.39 -50.13 53.99
CA GLY I 258 -70.63 -49.89 55.20
C GLY I 258 -71.36 -49.01 56.21
N GLY I 259 -71.90 -47.88 55.73
CA GLY I 259 -72.52 -46.92 56.62
C GLY I 259 -71.92 -45.53 56.48
N ARG I 260 -72.09 -44.70 57.50
CA ARG I 260 -71.49 -43.37 57.47
C ARG I 260 -69.99 -43.46 57.32
N CYS I 261 -69.43 -42.67 56.41
CA CYS I 261 -68.01 -42.73 56.08
C CYS I 261 -67.43 -41.32 56.02
N LEU I 262 -66.24 -41.16 56.59
CA LEU I 262 -65.45 -39.94 56.44
C LEU I 262 -64.15 -40.30 55.71
N ILE I 263 -63.86 -39.58 54.64
CA ILE I 263 -62.65 -39.81 53.85
C ILE I 263 -61.72 -38.64 54.08
N CYS I 264 -60.52 -38.93 54.59
CA CYS I 264 -59.49 -37.92 54.80
C CYS I 264 -58.72 -37.75 53.50
N LEU I 265 -58.67 -36.52 52.99
CA LEU I 265 -57.95 -36.20 51.76
C LEU I 265 -56.80 -35.26 52.10
N ASP I 266 -55.59 -35.65 51.72
CA ASP I 266 -54.39 -34.91 52.07
C ASP I 266 -53.90 -34.12 50.86
N ASP I 267 -53.85 -32.80 51.00
CA ASP I 267 -53.14 -31.93 50.06
C ASP I 267 -53.71 -32.07 48.65
N VAL I 268 -54.98 -31.68 48.52
CA VAL I 268 -55.64 -31.64 47.22
C VAL I 268 -55.68 -30.18 46.78
N TRP I 269 -55.21 -29.92 45.56
CA TRP I 269 -55.08 -28.55 45.08
C TRP I 269 -55.90 -28.26 43.83
N GLU I 270 -56.80 -29.14 43.40
CA GLU I 270 -57.55 -28.92 42.17
C GLU I 270 -59.02 -29.25 42.36
N THR I 271 -59.88 -28.38 41.81
CA THR I 271 -61.33 -28.54 41.98
C THR I 271 -61.84 -29.80 41.29
N LYS I 272 -61.28 -30.14 40.13
CA LYS I 272 -61.68 -31.36 39.44
C LYS I 272 -61.63 -32.55 40.39
N VAL I 273 -60.62 -32.60 41.26
CA VAL I 273 -60.52 -33.70 42.20
C VAL I 273 -61.74 -33.75 43.09
N ILE I 274 -62.21 -32.59 43.57
CA ILE I 274 -63.37 -32.58 44.45
C ILE I 274 -64.59 -33.07 43.70
N ASP I 275 -64.79 -32.57 42.48
CA ASP I 275 -65.93 -33.05 41.71
C ASP I 275 -65.82 -34.53 41.42
N TYR I 276 -64.60 -35.08 41.45
CA TYR I 276 -64.44 -36.52 41.31
C TYR I 276 -64.80 -37.27 42.59
N VAL I 277 -64.44 -36.73 43.76
CA VAL I 277 -64.71 -37.42 45.01
C VAL I 277 -66.19 -37.38 45.39
N LYS I 278 -66.91 -36.32 45.01
CA LYS I 278 -68.35 -36.31 45.27
C LYS I 278 -69.02 -37.52 44.66
N THR I 279 -68.46 -38.05 43.57
CA THR I 279 -69.10 -39.15 42.85
C THR I 279 -69.13 -40.43 43.68
N ILE I 280 -68.03 -40.73 44.38
CA ILE I 280 -67.90 -42.03 45.03
C ILE I 280 -68.96 -42.23 46.10
N PHE I 281 -69.53 -41.16 46.62
CA PHE I 281 -70.37 -41.25 47.80
C PHE I 281 -71.81 -41.58 47.41
N PRO I 282 -72.41 -42.64 47.95
CA PRO I 282 -73.79 -42.97 47.59
C PRO I 282 -74.77 -41.94 48.13
N GLU I 283 -75.91 -41.82 47.45
CA GLU I 283 -76.98 -40.90 47.86
C GLU I 283 -77.93 -41.62 48.82
N ASN I 284 -77.45 -41.80 50.05
CA ASN I 284 -78.23 -42.44 51.11
C ASN I 284 -78.54 -41.48 52.24
N GLU I 285 -78.43 -40.17 52.00
CA GLU I 285 -78.81 -39.13 52.95
C GLU I 285 -78.23 -39.37 54.34
N LYS I 286 -77.20 -40.18 54.43
CA LYS I 286 -76.59 -40.49 55.73
C LYS I 286 -75.58 -39.43 56.16
N GLY I 287 -75.40 -38.39 55.36
CA GLY I 287 -74.51 -37.32 55.77
C GLY I 287 -73.05 -37.72 55.84
N HIS I 288 -72.57 -38.46 54.84
CA HIS I 288 -71.16 -38.77 54.80
C HIS I 288 -70.34 -37.48 54.74
N ARG I 289 -69.04 -37.61 54.97
CA ARG I 289 -68.17 -36.45 55.06
C ARG I 289 -66.87 -36.71 54.34
N VAL I 290 -66.25 -35.62 53.88
CA VAL I 290 -64.91 -35.64 53.32
C VAL I 290 -64.12 -34.55 54.03
N MET I 291 -62.95 -34.90 54.54
CA MET I 291 -62.04 -33.95 55.18
C MET I 291 -60.82 -33.84 54.29
N MET I 292 -60.66 -32.68 53.68
CA MET I 292 -59.66 -32.45 52.64
C MET I 292 -58.77 -31.28 53.00
N THR I 293 -57.47 -31.43 52.75
CA THR I 293 -56.52 -30.36 52.99
C THR I 293 -56.01 -29.81 51.66
N THR I 294 -56.00 -28.47 51.56
CA THR I 294 -55.68 -27.79 50.32
C THR I 294 -54.93 -26.51 50.64
N ARG I 295 -53.84 -26.24 49.94
CA ARG I 295 -53.10 -24.99 50.11
C ARG I 295 -53.74 -23.82 49.41
N ASN I 296 -54.87 -24.03 48.73
CA ASN I 296 -55.54 -22.98 47.97
C ASN I 296 -56.82 -22.60 48.71
N LYS I 297 -56.82 -21.42 49.33
CA LYS I 297 -57.98 -21.01 50.13
C LYS I 297 -59.26 -21.04 49.32
N VAL I 298 -59.20 -20.77 48.01
CA VAL I 298 -60.39 -20.82 47.18
C VAL I 298 -60.92 -22.25 47.07
N LEU I 299 -60.00 -23.21 46.88
CA LEU I 299 -60.40 -24.61 46.82
C LEU I 299 -61.05 -25.03 48.13
N ALA I 300 -60.47 -24.65 49.26
CA ALA I 300 -61.10 -24.89 50.55
C ALA I 300 -62.49 -24.26 50.59
N THR I 301 -62.62 -23.03 50.08
CA THR I 301 -63.90 -22.34 50.15
C THR I 301 -64.96 -23.11 49.38
N TYR I 302 -64.61 -23.65 48.20
CA TYR I 302 -65.57 -24.50 47.52
C TYR I 302 -65.85 -25.76 48.32
N ALA I 303 -64.81 -26.40 48.84
CA ALA I 303 -65.01 -27.63 49.60
C ALA I 303 -66.06 -27.43 50.68
N ASN I 304 -65.88 -26.40 51.50
CA ASN I 304 -66.91 -25.96 52.43
C ASN I 304 -67.06 -24.45 52.32
N SER I 305 -68.31 -23.99 52.35
CA SER I 305 -68.61 -22.58 52.21
C SER I 305 -68.10 -21.77 53.41
N ASP I 306 -67.47 -22.45 54.38
CA ASP I 306 -66.90 -21.78 55.54
C ASP I 306 -65.65 -22.56 55.94
N PRO I 307 -64.46 -22.11 55.54
CA PRO I 307 -63.26 -22.94 55.73
C PRO I 307 -62.92 -23.13 57.19
N HIS I 308 -61.84 -23.88 57.44
CA HIS I 308 -61.24 -24.01 58.77
C HIS I 308 -59.76 -23.66 58.59
N ASP I 309 -59.47 -22.36 58.62
CA ASP I 309 -58.10 -21.90 58.45
C ASP I 309 -57.29 -22.39 59.64
N LEU I 310 -56.27 -23.20 59.37
CA LEU I 310 -55.47 -23.78 60.44
C LEU I 310 -54.88 -22.68 61.31
N LYS I 311 -55.07 -22.81 62.61
CA LYS I 311 -54.71 -21.73 63.53
C LYS I 311 -53.20 -21.51 63.47
N PHE I 312 -52.71 -20.53 64.22
CA PHE I 312 -51.29 -20.27 64.32
C PHE I 312 -50.80 -20.68 65.70
N LEU I 313 -49.71 -21.45 65.75
CA LEU I 313 -49.11 -21.81 67.02
C LEU I 313 -48.64 -20.58 67.75
N THR I 314 -48.91 -20.53 69.06
CA THR I 314 -48.44 -19.42 69.87
C THR I 314 -46.97 -19.61 70.20
N PRO I 315 -46.29 -18.54 70.61
CA PRO I 315 -44.86 -18.67 70.93
C PRO I 315 -44.56 -19.73 71.97
N LYS I 316 -45.40 -19.86 73.00
CA LYS I 316 -45.24 -20.95 73.96
C LYS I 316 -45.38 -22.30 73.25
N GLU I 317 -46.38 -22.41 72.37
CA GLU I 317 -46.56 -23.66 71.63
C GLU I 317 -45.34 -23.97 70.77
N SER I 318 -44.78 -22.96 70.11
CA SER I 318 -43.61 -23.19 69.27
C SER I 318 -42.38 -23.57 70.10
N PHE I 319 -42.23 -22.95 71.28
CA PHE I 319 -41.11 -23.31 72.15
C PHE I 319 -41.25 -24.75 72.62
N GLU I 320 -42.47 -25.14 73.03
CA GLU I 320 -42.69 -26.53 73.42
C GLU I 320 -42.42 -27.47 72.25
N LEU I 321 -42.79 -27.05 71.04
CA LEU I 321 -42.52 -27.84 69.86
C LEU I 321 -41.03 -28.08 69.69
N LEU I 322 -40.23 -27.01 69.74
CA LEU I 322 -38.79 -27.15 69.57
C LEU I 322 -38.20 -28.02 70.68
N VAL I 323 -38.67 -27.81 71.92
CA VAL I 323 -38.21 -28.65 73.02
C VAL I 323 -38.46 -30.12 72.70
N LYS I 324 -39.66 -30.41 72.21
CA LYS I 324 -40.01 -31.79 71.86
C LYS I 324 -39.08 -32.32 70.77
N ARG I 325 -38.86 -31.53 69.72
CA ARG I 325 -38.09 -32.03 68.59
C ARG I 325 -36.65 -32.31 68.99
N VAL I 326 -36.00 -31.35 69.63
CA VAL I 326 -34.58 -31.53 69.94
C VAL I 326 -34.40 -32.56 71.05
N PHE I 327 -35.24 -32.51 72.09
CA PHE I 327 -35.02 -33.34 73.27
C PHE I 327 -36.13 -34.34 73.51
N GLY I 328 -37.02 -34.55 72.54
CA GLY I 328 -38.09 -35.51 72.73
C GLY I 328 -38.94 -35.15 73.93
N LYS I 329 -38.80 -35.92 75.01
CA LYS I 329 -39.44 -35.61 76.28
C LYS I 329 -38.47 -35.00 77.29
N LYS I 330 -37.24 -35.49 77.35
CA LYS I 330 -36.24 -34.94 78.26
C LYS I 330 -36.29 -33.40 78.19
N PRO I 331 -36.51 -32.72 79.32
CA PRO I 331 -36.68 -31.27 79.25
C PRO I 331 -35.46 -30.55 78.71
N CYS I 332 -35.70 -29.44 78.03
CA CYS I 332 -34.61 -28.60 77.58
C CYS I 332 -33.84 -28.07 78.78
N PRO I 333 -32.51 -28.02 78.72
CA PRO I 333 -31.74 -27.58 79.89
C PRO I 333 -31.88 -26.08 80.11
N LYS I 334 -31.48 -25.66 81.32
CA LYS I 334 -31.88 -24.35 81.83
C LYS I 334 -31.35 -23.21 80.96
N ASP I 335 -30.06 -23.23 80.61
CA ASP I 335 -29.50 -22.07 79.93
C ASP I 335 -29.93 -22.00 78.47
N LEU I 336 -30.27 -23.14 77.85
CA LEU I 336 -30.75 -23.10 76.48
C LEU I 336 -32.16 -22.53 76.38
N VAL I 337 -32.86 -22.38 77.52
CA VAL I 337 -34.23 -21.90 77.48
C VAL I 337 -34.29 -20.47 76.95
N GLY I 338 -33.41 -19.60 77.42
CA GLY I 338 -33.39 -18.25 76.89
C GLY I 338 -33.19 -18.24 75.39
N HIS I 339 -32.14 -18.93 74.93
CA HIS I 339 -31.95 -19.10 73.49
C HIS I 339 -33.09 -19.90 72.87
N GLY I 340 -33.59 -20.90 73.60
CA GLY I 340 -34.75 -21.64 73.11
C GLY I 340 -35.97 -20.75 72.93
N GLU I 341 -36.20 -19.85 73.87
CA GLU I 341 -37.30 -18.91 73.72
C GLU I 341 -37.07 -18.01 72.51
N SER I 342 -35.85 -17.50 72.34
CA SER I 342 -35.56 -16.65 71.20
C SER I 342 -35.88 -17.36 69.89
N ILE I 343 -35.37 -18.59 69.74
CA ILE I 343 -35.61 -19.34 68.51
C ILE I 343 -37.08 -19.65 68.34
N ALA I 344 -37.78 -19.93 69.45
CA ALA I 344 -39.19 -20.30 69.35
C ALA I 344 -40.03 -19.16 68.81
N GLY I 345 -39.85 -17.95 69.36
CA GLY I 345 -40.68 -16.84 68.96
C GLY I 345 -40.43 -16.39 67.54
N LYS I 346 -39.18 -16.40 67.11
CA LYS I 346 -38.79 -15.80 65.84
C LYS I 346 -39.39 -16.53 64.64
N CYS I 347 -40.09 -17.65 64.88
CA CYS I 347 -40.56 -18.48 63.79
C CYS I 347 -41.91 -18.05 63.23
N GLY I 348 -42.56 -17.06 63.84
CA GLY I 348 -43.77 -16.49 63.28
C GLY I 348 -45.05 -17.18 63.65
N GLY I 349 -44.99 -18.40 64.17
CA GLY I 349 -46.18 -19.15 64.50
C GLY I 349 -46.56 -20.22 63.49
N VAL I 350 -45.59 -20.91 62.91
CA VAL I 350 -45.81 -21.99 61.97
C VAL I 350 -44.89 -23.13 62.37
N PRO I 351 -45.40 -24.34 62.59
CA PRO I 351 -44.55 -25.37 63.19
C PRO I 351 -43.34 -25.73 62.37
N LEU I 352 -43.43 -25.69 61.04
CA LEU I 352 -42.35 -26.23 60.23
C LEU I 352 -41.07 -25.43 60.41
N ALA I 353 -41.19 -24.13 60.66
CA ALA I 353 -40.02 -23.35 61.05
C ALA I 353 -39.33 -23.98 62.25
N VAL I 354 -40.10 -24.21 63.30
CA VAL I 354 -39.56 -24.82 64.52
C VAL I 354 -38.91 -26.15 64.18
N VAL I 355 -39.62 -26.96 63.39
CA VAL I 355 -39.12 -28.29 63.06
C VAL I 355 -37.76 -28.20 62.38
N VAL I 356 -37.64 -27.34 61.37
CA VAL I 356 -36.42 -27.34 60.56
C VAL I 356 -35.26 -26.81 61.38
N ILE I 357 -35.47 -25.71 62.12
CA ILE I 357 -34.33 -25.16 62.86
C ILE I 357 -33.98 -26.09 64.01
N ALA I 358 -34.96 -26.79 64.57
CA ALA I 358 -34.66 -27.83 65.55
C ALA I 358 -33.79 -28.91 64.93
N GLY I 359 -34.13 -29.33 63.71
CA GLY I 359 -33.29 -30.30 63.02
C GLY I 359 -31.86 -29.82 62.92
N ALA I 360 -31.69 -28.55 62.56
CA ALA I 360 -30.35 -27.97 62.56
C ALA I 360 -29.73 -27.99 63.94
N LEU I 361 -30.56 -27.93 64.98
CA LEU I 361 -30.11 -27.88 66.37
C LEU I 361 -29.98 -29.25 67.03
N ARG I 362 -30.23 -30.32 66.30
CA ARG I 362 -30.29 -31.65 66.92
C ARG I 362 -28.98 -31.99 67.59
N GLY I 363 -29.05 -32.32 68.88
CA GLY I 363 -27.88 -32.70 69.63
C GLY I 363 -26.76 -31.69 69.53
N ARG I 364 -27.07 -30.42 69.83
CA ARG I 364 -26.06 -29.35 69.87
C ARG I 364 -26.15 -28.60 71.19
N PRO I 365 -26.09 -29.32 72.32
CA PRO I 365 -26.27 -28.65 73.61
C PRO I 365 -25.13 -27.72 74.00
N ASN I 366 -24.16 -27.52 73.10
CA ASN I 366 -23.10 -26.54 73.31
C ASN I 366 -23.63 -25.17 72.90
N THR I 367 -23.77 -24.27 73.88
CA THR I 367 -24.49 -23.03 73.65
C THR I 367 -23.87 -22.19 72.54
N SER I 368 -22.60 -22.43 72.21
CA SER I 368 -22.00 -21.75 71.07
C SER I 368 -22.87 -21.92 69.84
N ASP I 369 -23.32 -23.16 69.58
CA ASP I 369 -24.13 -23.40 68.40
C ASP I 369 -25.56 -22.92 68.58
N TRP I 370 -26.13 -22.99 69.78
CA TRP I 370 -27.47 -22.44 69.95
C TRP I 370 -27.49 -20.95 69.64
N ILE I 371 -26.41 -20.25 69.97
CA ILE I 371 -26.31 -18.83 69.63
C ILE I 371 -26.03 -18.67 68.14
N ARG I 372 -25.21 -19.54 67.55
CA ARG I 372 -24.98 -19.48 66.11
C ARG I 372 -26.30 -19.61 65.37
N VAL I 373 -27.24 -20.41 65.89
CA VAL I 373 -28.50 -20.60 65.20
C VAL I 373 -29.50 -19.51 65.53
N GLU I 374 -29.43 -18.94 66.74
CA GLU I 374 -30.42 -17.95 67.13
C GLU I 374 -30.30 -16.68 66.30
N ARG I 375 -29.11 -16.05 66.32
CA ARG I 375 -28.96 -14.68 65.86
C ARG I 375 -29.73 -14.40 64.57
N ASN I 376 -29.89 -15.39 63.70
CA ASN I 376 -30.71 -15.24 62.51
C ASN I 376 -31.38 -16.58 62.23
N VAL I 377 -32.70 -16.64 62.44
CA VAL I 377 -33.43 -17.89 62.34
C VAL I 377 -34.30 -17.97 61.10
N VAL I 378 -34.24 -16.99 60.19
CA VAL I 378 -34.93 -17.14 58.91
C VAL I 378 -33.96 -17.61 57.85
N GLN I 379 -32.72 -17.11 57.87
CA GLN I 379 -31.69 -17.59 56.96
C GLN I 379 -31.44 -19.07 57.17
N HIS I 380 -31.48 -19.53 58.42
CA HIS I 380 -31.04 -20.88 58.73
C HIS I 380 -31.81 -21.91 57.92
N LEU I 381 -33.11 -21.73 57.80
CA LEU I 381 -33.85 -22.61 56.92
C LEU I 381 -33.45 -22.31 55.49
N TYR I 382 -33.68 -23.28 54.60
CA TYR I 382 -33.25 -23.23 53.21
C TYR I 382 -31.76 -23.45 53.06
N THR I 383 -31.12 -24.14 54.00
CA THR I 383 -29.70 -24.44 53.94
C THR I 383 -29.46 -25.89 54.33
N ASN I 384 -28.33 -26.42 53.88
CA ASN I 384 -27.92 -27.79 54.23
C ASN I 384 -28.82 -28.81 53.55
N SER I 385 -28.78 -30.06 54.00
CA SER I 385 -29.62 -31.09 53.40
C SER I 385 -31.06 -30.94 53.83
N GLU I 386 -31.29 -30.74 55.14
CA GLU I 386 -32.64 -30.73 55.69
C GLU I 386 -33.22 -29.30 55.66
N GLU I 387 -33.33 -28.77 54.45
CA GLU I 387 -33.81 -27.42 54.21
C GLU I 387 -35.28 -27.42 53.83
N SER I 388 -36.04 -28.34 54.45
CA SER I 388 -37.33 -28.74 53.89
C SER I 388 -38.22 -27.57 53.52
N CYS I 389 -38.04 -26.41 54.17
CA CYS I 389 -38.95 -25.31 53.92
C CYS I 389 -38.91 -24.87 52.46
N LEU I 390 -37.73 -24.83 51.86
CA LEU I 390 -37.61 -24.34 50.49
C LEU I 390 -38.51 -25.11 49.56
N LYS I 391 -38.26 -26.41 49.41
CA LYS I 391 -39.07 -27.23 48.49
C LYS I 391 -40.53 -27.25 48.91
N PHE I 392 -40.80 -27.15 50.21
CA PHE I 392 -42.18 -27.14 50.66
C PHE I 392 -42.93 -25.94 50.11
N VAL I 393 -42.29 -24.75 50.12
CA VAL I 393 -42.92 -23.58 49.53
C VAL I 393 -42.92 -23.67 48.02
N GLU I 394 -41.85 -24.24 47.44
CA GLU I 394 -41.74 -24.33 45.99
C GLU I 394 -42.79 -25.24 45.40
N MET I 395 -43.36 -26.13 46.22
CA MET I 395 -44.43 -27.00 45.72
C MET I 395 -45.63 -26.17 45.26
N SER I 396 -45.73 -24.92 45.69
CA SER I 396 -46.82 -24.04 45.31
C SER I 396 -46.39 -22.86 44.46
N TYR I 397 -45.14 -22.41 44.58
CA TYR I 397 -44.70 -21.28 43.78
C TYR I 397 -44.75 -21.60 42.30
N ASP I 398 -44.36 -22.83 41.91
CA ASP I 398 -44.53 -23.26 40.52
C ASP I 398 -45.98 -23.21 40.10
N HIS I 399 -46.90 -23.22 41.07
CA HIS I 399 -48.34 -23.10 40.86
C HIS I 399 -48.77 -21.64 40.76
N LEU I 400 -47.83 -20.77 40.36
CA LEU I 400 -48.13 -19.40 40.03
C LEU I 400 -47.65 -19.08 38.63
N PRO I 401 -48.49 -18.49 37.78
CA PRO I 401 -48.01 -18.03 36.47
C PRO I 401 -46.90 -16.99 36.63
N GLN I 402 -46.05 -16.90 35.61
CA GLN I 402 -44.83 -16.10 35.74
C GLN I 402 -45.15 -14.67 36.14
N GLU I 403 -46.29 -14.13 35.70
CA GLU I 403 -46.65 -12.77 36.11
C GLU I 403 -46.82 -12.69 37.62
N VAL I 404 -47.65 -13.59 38.18
CA VAL I 404 -47.81 -13.61 39.64
C VAL I 404 -46.55 -14.12 40.30
N GLN I 405 -45.77 -14.95 39.62
CA GLN I 405 -44.47 -15.33 40.16
C GLN I 405 -43.64 -14.09 40.47
N THR I 406 -43.48 -13.21 39.49
CA THR I 406 -42.67 -12.02 39.69
C THR I 406 -43.33 -11.08 40.69
N CYS I 407 -44.64 -10.82 40.51
CA CYS I 407 -45.33 -9.95 41.46
C CYS I 407 -45.13 -10.42 42.89
N PHE I 408 -45.11 -11.74 43.09
CA PHE I 408 -44.86 -12.30 44.41
C PHE I 408 -43.46 -11.93 44.90
N LEU I 409 -42.44 -12.18 44.08
CA LEU I 409 -41.08 -11.96 44.53
C LEU I 409 -40.85 -10.53 44.97
N TYR I 410 -41.64 -9.59 44.46
CA TYR I 410 -41.51 -8.20 44.87
C TYR I 410 -42.39 -7.86 46.06
N CYS I 411 -43.11 -8.83 46.61
CA CYS I 411 -43.48 -8.76 48.01
C CYS I 411 -42.31 -9.08 48.92
N GLY I 412 -41.22 -9.61 48.37
CA GLY I 412 -40.07 -10.01 49.16
C GLY I 412 -39.04 -8.91 49.32
N VAL I 413 -39.48 -7.66 49.16
CA VAL I 413 -38.59 -6.52 49.32
C VAL I 413 -38.95 -5.69 50.55
N PHE I 414 -40.18 -5.77 51.04
CA PHE I 414 -40.55 -5.03 52.23
C PHE I 414 -39.88 -5.65 53.45
N PRO I 415 -39.40 -4.85 54.40
CA PRO I 415 -38.60 -5.40 55.50
C PRO I 415 -39.36 -6.47 56.27
N ARG I 416 -38.61 -7.43 56.82
CA ARG I 416 -39.22 -8.53 57.54
C ARG I 416 -40.09 -8.02 58.67
N GLY I 417 -41.33 -8.49 58.73
CA GLY I 417 -42.29 -7.99 59.66
C GLY I 417 -43.01 -6.73 59.22
N PHE I 418 -42.59 -6.14 58.10
CA PHE I 418 -43.26 -4.96 57.59
C PHE I 418 -44.67 -5.30 57.13
N ASP I 419 -45.57 -4.33 57.24
CA ASP I 419 -46.92 -4.46 56.74
C ASP I 419 -46.99 -3.80 55.37
N ILE I 420 -47.19 -4.61 54.34
CA ILE I 420 -47.09 -4.16 52.96
C ILE I 420 -48.45 -3.59 52.55
N PRO I 421 -48.57 -2.28 52.31
CA PRO I 421 -49.88 -1.74 51.93
C PRO I 421 -50.33 -2.27 50.58
N SER I 422 -51.65 -2.32 50.40
CA SER I 422 -52.22 -2.80 49.14
C SER I 422 -51.88 -1.84 47.99
N TRP I 423 -52.15 -0.55 48.18
CA TRP I 423 -51.89 0.40 47.10
C TRP I 423 -50.39 0.57 46.87
N LYS I 424 -49.61 0.61 47.94
CA LYS I 424 -48.17 0.73 47.79
C LYS I 424 -47.59 -0.42 46.96
N VAL I 425 -47.95 -1.65 47.32
CA VAL I 425 -47.42 -2.81 46.60
C VAL I 425 -47.98 -2.87 45.19
N ILE I 426 -49.24 -2.49 45.00
CA ILE I 426 -49.82 -2.50 43.67
C ILE I 426 -49.05 -1.57 42.75
N ARG I 427 -48.83 -0.33 43.20
CA ARG I 427 -48.11 0.62 42.38
C ARG I 427 -46.64 0.26 42.27
N LEU I 428 -46.09 -0.46 43.26
CA LEU I 428 -44.70 -0.91 43.15
C LEU I 428 -44.57 -1.95 42.05
N TRP I 429 -45.41 -2.97 42.06
CA TRP I 429 -45.48 -3.89 40.94
C TRP I 429 -45.59 -3.11 39.63
N ILE I 430 -46.66 -2.33 39.49
CA ILE I 430 -46.93 -1.66 38.22
C ILE I 430 -45.86 -0.65 37.85
N ALA I 431 -44.99 -0.27 38.79
CA ALA I 431 -43.91 0.66 38.53
C ALA I 431 -42.62 -0.03 38.13
N GLU I 432 -42.40 -1.26 38.58
CA GLU I 432 -41.24 -2.02 38.18
C GLU I 432 -41.37 -2.58 36.76
N GLY I 433 -42.53 -2.47 36.15
CA GLY I 433 -42.77 -3.06 34.84
C GLY I 433 -43.09 -4.53 34.88
N LEU I 434 -43.30 -5.10 36.06
CA LEU I 434 -43.56 -6.53 36.17
C LEU I 434 -44.89 -6.91 35.52
N ILE I 435 -45.93 -6.10 35.74
CA ILE I 435 -47.23 -6.39 35.13
C ILE I 435 -47.17 -6.10 33.64
N LYS I 436 -48.09 -6.70 32.89
CA LYS I 436 -48.25 -6.39 31.47
C LYS I 436 -49.73 -6.17 31.17
N PRO I 437 -50.04 -5.26 30.25
CA PRO I 437 -51.45 -4.89 30.04
C PRO I 437 -52.26 -6.03 29.44
N GLN I 438 -53.56 -5.98 29.68
CA GLN I 438 -54.52 -6.94 29.16
C GLN I 438 -55.45 -6.24 28.17
N GLU I 439 -56.48 -6.96 27.74
CA GLU I 439 -57.25 -6.54 26.57
C GLU I 439 -58.46 -5.68 26.93
N SER I 440 -59.00 -5.79 28.15
CA SER I 440 -60.08 -4.91 28.57
C SER I 440 -59.95 -4.52 30.05
N TYR I 441 -58.73 -4.52 30.59
CA TYR I 441 -58.52 -4.32 32.01
C TYR I 441 -57.52 -3.19 32.24
N THR I 442 -57.60 -2.60 33.42
CA THR I 442 -56.74 -1.50 33.81
C THR I 442 -55.72 -2.00 34.84
N LEU I 443 -54.45 -1.65 34.63
CA LEU I 443 -53.37 -2.25 35.41
C LEU I 443 -53.68 -2.29 36.90
N GLU I 444 -54.41 -1.29 37.40
CA GLU I 444 -54.70 -1.28 38.84
C GLU I 444 -55.47 -2.53 39.25
N GLU I 445 -56.48 -2.92 38.47
CA GLU I 445 -57.31 -4.05 38.85
C GLU I 445 -56.63 -5.38 38.51
N ILE I 446 -55.80 -5.42 37.48
CA ILE I 446 -55.00 -6.62 37.24
C ILE I 446 -54.08 -6.88 38.43
N ALA I 447 -53.42 -5.84 38.93
CA ALA I 447 -52.51 -6.01 40.05
C ALA I 447 -53.26 -6.34 41.34
N GLU I 448 -54.41 -5.70 41.56
CA GLU I 448 -55.20 -6.03 42.73
C GLU I 448 -55.68 -7.47 42.67
N PHE I 449 -56.06 -7.95 41.48
CA PHE I 449 -56.40 -9.36 41.31
C PHE I 449 -55.21 -10.26 41.56
N TYR I 450 -54.02 -9.85 41.12
CA TYR I 450 -52.83 -10.66 41.37
C TYR I 450 -52.60 -10.82 42.87
N LEU I 451 -52.68 -9.72 43.63
CA LEU I 451 -52.48 -9.86 45.07
C LEU I 451 -53.64 -10.61 45.72
N ASN I 452 -54.86 -10.39 45.23
CA ASN I 452 -55.99 -11.16 45.71
C ASN I 452 -55.71 -12.64 45.59
N ASP I 453 -55.20 -13.07 44.44
CA ASP I 453 -54.82 -14.47 44.28
C ASP I 453 -53.68 -14.83 45.22
N LEU I 454 -52.68 -13.96 45.35
CA LEU I 454 -51.54 -14.25 46.20
C LEU I 454 -51.99 -14.47 47.64
N VAL I 455 -53.17 -13.99 47.98
CA VAL I 455 -53.79 -14.36 49.26
C VAL I 455 -54.62 -15.63 49.10
N ASN I 456 -55.28 -15.79 47.96
CA ASN I 456 -56.07 -17.00 47.72
C ASN I 456 -55.21 -18.24 47.90
N ARG I 457 -54.01 -18.23 47.33
CA ARG I 457 -53.11 -19.36 47.41
C ARG I 457 -52.33 -19.40 48.72
N ASN I 458 -52.78 -18.65 49.74
CA ASN I 458 -52.15 -18.51 51.04
C ASN I 458 -50.73 -17.95 50.94
N LEU I 459 -50.33 -17.47 49.76
CA LEU I 459 -48.95 -17.11 49.54
C LEU I 459 -48.55 -15.81 50.22
N VAL I 460 -49.50 -14.97 50.61
CA VAL I 460 -49.17 -13.69 51.22
C VAL I 460 -50.22 -13.39 52.29
N ILE I 461 -49.80 -13.42 53.55
CA ILE I 461 -50.68 -13.15 54.69
C ILE I 461 -51.47 -11.87 54.43
N LEU I 462 -52.70 -11.84 54.92
CA LEU I 462 -53.57 -10.68 54.78
C LEU I 462 -54.30 -10.47 56.11
N GLN I 463 -53.86 -9.49 56.90
CA GLN I 463 -54.59 -9.10 58.11
C GLN I 463 -54.82 -7.59 58.08
N GLN I 464 -55.76 -7.19 57.23
CA GLN I 464 -56.51 -5.94 57.34
C GLN I 464 -57.46 -5.94 56.16
N LYS I 465 -58.69 -5.48 56.34
CA LYS I 465 -59.69 -5.55 55.28
C LYS I 465 -60.26 -4.17 55.03
N ARG I 466 -60.14 -3.70 53.79
CA ARG I 466 -60.86 -2.51 53.39
C ARG I 466 -62.36 -2.74 53.54
N SER I 467 -63.12 -1.65 53.67
CA SER I 467 -64.56 -1.80 53.78
C SER I 467 -65.10 -2.65 52.65
N ASP I 468 -64.61 -2.46 51.42
CA ASP I 468 -65.05 -3.28 50.30
C ASP I 468 -64.65 -4.74 50.46
N GLY I 469 -63.99 -5.12 51.55
CA GLY I 469 -63.54 -6.49 51.71
C GLY I 469 -62.34 -6.83 50.88
N GLN I 470 -61.53 -5.85 50.51
CA GLN I 470 -60.31 -6.06 49.75
C GLN I 470 -59.10 -5.87 50.65
N ILE I 471 -57.94 -6.28 50.13
CA ILE I 471 -56.72 -6.22 50.92
C ILE I 471 -56.43 -4.78 51.32
N LYS I 472 -56.19 -4.58 52.62
CA LYS I 472 -55.72 -3.30 53.12
C LYS I 472 -54.29 -3.34 53.63
N THR I 473 -53.81 -4.50 54.06
CA THR I 473 -52.39 -4.75 54.28
C THR I 473 -52.10 -6.19 53.94
N CYS I 474 -50.82 -6.53 53.90
CA CYS I 474 -50.41 -7.90 53.64
C CYS I 474 -48.95 -8.04 54.02
N ARG I 475 -48.60 -9.20 54.55
CA ARG I 475 -47.25 -9.47 55.03
C ARG I 475 -46.74 -10.75 54.40
N LEU I 476 -45.42 -10.85 54.33
CA LEU I 476 -44.75 -12.07 53.91
C LEU I 476 -44.26 -12.79 55.16
N HIS I 477 -44.66 -14.05 55.35
CA HIS I 477 -44.26 -14.77 56.53
C HIS I 477 -42.74 -14.79 56.62
N VAL I 478 -42.22 -14.57 57.84
CA VAL I 478 -40.77 -14.48 58.04
C VAL I 478 -40.02 -15.48 57.18
N MET I 479 -40.47 -16.75 57.21
CA MET I 479 -39.82 -17.76 56.40
C MET I 479 -40.08 -17.55 54.92
N LEU I 480 -41.34 -17.30 54.53
CA LEU I 480 -41.60 -16.94 53.15
C LEU I 480 -40.86 -15.67 52.77
N HIS I 481 -40.65 -14.77 53.72
CA HIS I 481 -39.88 -13.56 53.44
C HIS I 481 -38.46 -13.92 53.07
N GLN I 482 -37.81 -14.78 53.85
CA GLN I 482 -36.45 -15.19 53.53
C GLN I 482 -36.42 -15.94 52.21
N PHE I 483 -37.45 -16.74 51.93
CA PHE I 483 -37.51 -17.45 50.65
C PHE I 483 -37.57 -16.49 49.48
N CYS I 484 -38.43 -15.48 49.57
CA CYS I 484 -38.51 -14.48 48.51
C CYS I 484 -37.21 -13.73 48.36
N LYS I 485 -36.60 -13.34 49.48
CA LYS I 485 -35.34 -12.60 49.42
C LYS I 485 -34.26 -13.43 48.72
N LYS I 486 -34.10 -14.68 49.14
CA LYS I 486 -33.09 -15.54 48.53
C LYS I 486 -33.41 -15.80 47.06
N GLU I 487 -34.68 -15.98 46.73
CA GLU I 487 -35.05 -16.30 45.34
C GLU I 487 -34.78 -15.11 44.44
N ALA I 488 -35.17 -13.92 44.87
CA ALA I 488 -34.85 -12.71 44.11
C ALA I 488 -33.34 -12.55 43.97
N SER I 489 -32.61 -12.76 45.05
CA SER I 489 -31.15 -12.61 45.01
C SER I 489 -30.54 -13.57 43.99
N ASN I 490 -31.01 -14.81 43.97
CA ASN I 490 -30.54 -15.74 42.95
C ASN I 490 -30.91 -15.24 41.55
N LYS I 491 -32.13 -14.74 41.39
CA LYS I 491 -32.53 -14.14 40.11
C LYS I 491 -32.06 -12.71 39.97
N TRP I 492 -31.62 -12.07 41.06
CA TRP I 492 -31.06 -10.73 41.11
C TRP I 492 -32.10 -9.63 40.91
N LEU I 493 -33.39 -9.97 40.91
CA LEU I 493 -34.40 -8.94 40.68
C LEU I 493 -34.29 -7.82 41.69
N PHE I 494 -33.75 -8.10 42.87
CA PHE I 494 -33.33 -7.07 43.83
C PHE I 494 -32.55 -7.75 44.95
N GLN I 495 -32.22 -6.98 45.98
CA GLN I 495 -31.36 -7.47 47.05
C GLN I 495 -31.42 -6.48 48.20
N GLU I 496 -30.99 -6.93 49.38
CA GLU I 496 -30.94 -6.10 50.57
C GLU I 496 -29.48 -5.94 50.98
N VAL I 497 -29.04 -4.69 51.12
CA VAL I 497 -27.67 -4.41 51.54
C VAL I 497 -27.49 -4.84 52.99
N SER I 498 -26.34 -5.46 53.28
CA SER I 498 -25.99 -5.86 54.63
C SER I 498 -24.48 -5.66 54.80
N LEU I 499 -24.00 -5.92 56.02
CA LEU I 499 -22.59 -5.74 56.32
C LEU I 499 -22.25 -6.38 57.66
N THR I 500 -21.17 -7.17 57.67
CA THR I 500 -20.60 -7.66 58.91
C THR I 500 -19.55 -6.66 59.38
N PRO I 501 -19.65 -6.09 60.58
CA PRO I 501 -18.95 -4.86 60.89
C PRO I 501 -18.50 -4.02 59.68
N ASP I 502 -17.53 -4.53 58.92
CA ASP I 502 -17.07 -3.88 57.71
C ASP I 502 -17.78 -4.47 56.48
N GLN I 503 -17.26 -4.17 55.29
CA GLN I 503 -17.67 -4.84 54.06
C GLN I 503 -19.04 -4.39 53.61
N ALA I 504 -19.57 -5.03 52.54
CA ALA I 504 -20.79 -4.57 51.89
C ALA I 504 -21.86 -5.66 51.81
N ILE I 505 -21.72 -6.72 52.59
CA ILE I 505 -22.75 -7.76 52.64
C ILE I 505 -22.78 -8.37 54.04
N ASP I 509 -21.56 -8.45 47.19
CA ASP I 509 -21.17 -7.77 45.97
C ASP I 509 -22.37 -7.05 45.35
N PRO I 510 -22.75 -5.91 45.93
CA PRO I 510 -23.91 -5.16 45.42
C PRO I 510 -23.90 -4.96 43.91
N ASN I 511 -22.72 -5.04 43.29
CA ASN I 511 -22.65 -4.97 41.84
C ASN I 511 -23.49 -6.07 41.19
N LYS I 512 -23.68 -7.19 41.89
CA LYS I 512 -24.61 -8.23 41.47
C LYS I 512 -25.98 -8.05 42.11
N SER I 513 -26.36 -6.79 42.35
CA SER I 513 -27.65 -6.44 42.90
C SER I 513 -28.30 -5.46 41.93
N ARG I 514 -29.18 -5.97 41.07
CA ARG I 514 -29.85 -5.09 40.12
C ARG I 514 -30.60 -3.98 40.82
N ARG I 515 -30.98 -4.21 42.08
CA ARG I 515 -31.55 -3.17 42.92
C ARG I 515 -30.99 -3.34 44.32
N LEU I 516 -31.07 -2.28 45.11
CA LEU I 516 -30.57 -2.29 46.48
C LEU I 516 -31.68 -1.82 47.41
N CYS I 517 -32.02 -2.67 48.37
CA CYS I 517 -33.02 -2.36 49.39
C CYS I 517 -32.29 -2.20 50.71
N ILE I 518 -32.16 -0.97 51.18
CA ILE I 518 -31.40 -0.66 52.37
C ILE I 518 -32.36 -0.38 53.51
N GLN I 519 -31.80 -0.29 54.71
CA GLN I 519 -32.53 0.04 55.92
C GLN I 519 -31.98 1.33 56.52
N PRO I 520 -32.81 2.12 57.21
CA PRO I 520 -32.31 3.40 57.74
C PRO I 520 -31.10 3.24 58.66
N SER I 521 -31.06 2.17 59.45
CA SER I 521 -29.96 2.01 60.40
C SER I 521 -28.63 1.90 59.68
N ASN I 522 -28.57 1.12 58.60
CA ASN I 522 -27.34 0.90 57.85
C ASN I 522 -27.14 1.89 56.72
N LEU I 523 -28.13 2.76 56.46
CA LEU I 523 -28.03 3.69 55.34
C LEU I 523 -26.84 4.62 55.53
N LYS I 524 -26.64 5.12 56.75
CA LYS I 524 -25.51 6.02 57.01
C LYS I 524 -24.21 5.36 56.64
N ASP I 525 -23.97 4.14 57.12
CA ASP I 525 -22.72 3.45 56.83
C ASP I 525 -22.58 3.16 55.34
N PHE I 526 -23.69 2.78 54.68
CA PHE I 526 -23.63 2.54 53.25
C PHE I 526 -23.13 3.78 52.52
N LEU I 527 -23.51 4.97 53.00
CA LEU I 527 -23.05 6.20 52.39
C LEU I 527 -21.63 6.56 52.81
N SER I 528 -21.14 6.01 53.91
CA SER I 528 -19.76 6.28 54.32
C SER I 528 -18.78 5.79 53.27
N LYS I 529 -19.16 4.76 52.50
CA LYS I 529 -18.32 4.22 51.44
C LYS I 529 -18.54 4.93 50.10
N LYS I 530 -19.39 5.96 50.06
CA LYS I 530 -19.63 6.73 48.84
C LYS I 530 -20.14 5.81 47.74
N PRO I 531 -21.37 5.31 47.86
CA PRO I 531 -21.89 4.40 46.83
C PRO I 531 -22.00 5.08 45.48
N SER I 532 -21.73 4.32 44.43
CA SER I 532 -21.85 4.80 43.06
C SER I 532 -22.17 3.61 42.17
N ALA I 533 -23.34 3.63 41.54
CA ALA I 533 -23.79 2.52 40.72
C ALA I 533 -24.54 3.06 39.52
N GLU I 534 -24.57 2.24 38.47
CA GLU I 534 -25.35 2.51 37.27
C GLU I 534 -26.40 1.45 37.00
N HIS I 535 -26.05 0.17 37.15
CA HIS I 535 -27.01 -0.90 36.96
C HIS I 535 -28.16 -0.83 37.97
N VAL I 536 -27.92 -0.26 39.16
CA VAL I 536 -29.00 -0.07 40.10
C VAL I 536 -30.13 0.67 39.42
N ARG I 537 -31.37 0.25 39.69
CA ARG I 537 -32.53 0.83 39.03
C ARG I 537 -33.67 1.09 40.00
N SER I 538 -33.36 1.36 41.26
CA SER I 538 -34.35 1.74 42.25
C SER I 538 -33.63 1.98 43.57
N PHE I 539 -34.37 2.44 44.57
CA PHE I 539 -33.84 2.59 45.91
C PHE I 539 -34.97 2.33 46.89
N TYR I 540 -34.88 1.23 47.63
CA TYR I 540 -35.87 0.84 48.63
C TYR I 540 -35.30 1.13 50.01
N CYS I 541 -35.93 2.06 50.73
CA CYS I 541 -35.63 2.31 52.14
C CYS I 541 -36.94 2.64 52.83
N PHE I 542 -37.57 1.63 53.41
CA PHE I 542 -38.85 1.76 54.09
C PHE I 542 -38.62 1.88 55.59
N SER I 543 -39.61 2.45 56.27
CA SER I 543 -39.54 2.66 57.71
C SER I 543 -40.38 1.61 58.40
N SER I 544 -39.79 0.43 58.62
CA SER I 544 -40.49 -0.59 59.40
C SER I 544 -40.77 -0.07 60.81
N LYS I 545 -39.78 0.57 61.43
CA LYS I 545 -40.00 1.34 62.66
C LYS I 545 -40.46 2.73 62.22
N GLU I 546 -41.78 2.89 62.12
CA GLU I 546 -42.35 4.07 61.48
C GLU I 546 -41.87 5.35 62.14
N LYS I 547 -41.53 6.33 61.32
CA LYS I 547 -41.19 7.69 61.77
C LYS I 547 -39.90 7.74 62.55
N GLN I 548 -39.02 6.77 62.38
CA GLN I 548 -37.71 6.77 63.05
C GLN I 548 -36.66 7.36 62.11
N ILE I 549 -36.86 8.62 61.77
CA ILE I 549 -35.94 9.32 60.88
C ILE I 549 -34.65 9.58 61.64
N ARG I 550 -33.57 8.94 61.21
CA ARG I 550 -32.28 9.04 61.88
C ARG I 550 -31.59 10.34 61.45
N GLY I 551 -30.33 10.49 61.83
CA GLY I 551 -29.59 11.71 61.53
C GLY I 551 -29.18 11.79 60.08
N LEU I 552 -30.15 11.98 59.19
CA LEU I 552 -29.91 12.06 57.76
C LEU I 552 -29.79 13.53 57.37
N THR I 553 -28.57 13.94 57.02
CA THR I 553 -28.28 15.31 56.64
C THR I 553 -28.57 15.52 55.16
N PRO I 554 -28.76 16.79 54.73
CA PRO I 554 -29.03 17.04 53.31
C PRO I 554 -27.95 16.51 52.39
N ASN I 555 -26.68 16.58 52.81
CA ASN I 555 -25.61 16.01 52.01
C ASN I 555 -25.83 14.51 51.78
N ASP I 556 -26.41 13.82 52.77
CA ASP I 556 -26.71 12.41 52.58
C ASP I 556 -27.73 12.21 51.46
N ILE I 557 -28.75 13.06 51.39
CA ILE I 557 -29.75 12.94 50.34
C ILE I 557 -29.15 13.27 48.99
N LYS I 558 -28.27 14.27 48.93
CA LYS I 558 -27.58 14.58 47.68
C LYS I 558 -26.73 13.39 47.24
N LEU I 559 -26.06 12.73 48.18
CA LEU I 559 -25.26 11.56 47.83
C LEU I 559 -26.16 10.41 47.38
N ILE I 560 -27.35 10.29 47.95
CA ILE I 560 -28.33 9.32 47.44
C ILE I 560 -28.59 9.61 45.97
N HIS I 561 -28.89 10.87 45.66
CA HIS I 561 -29.16 11.24 44.28
C HIS I 561 -27.98 10.87 43.39
N LYS I 562 -26.76 11.11 43.86
CA LYS I 562 -25.57 10.84 43.06
C LYS I 562 -25.41 9.34 42.80
N ALA I 563 -25.56 8.53 43.84
CA ALA I 563 -25.18 7.12 43.74
C ALA I 563 -26.00 6.38 42.71
N PHE I 564 -27.32 6.63 42.68
CA PHE I 564 -28.25 5.90 41.82
C PHE I 564 -28.79 6.84 40.76
N PRO I 565 -28.19 6.86 39.56
CA PRO I 565 -28.64 7.82 38.53
C PRO I 565 -29.78 7.30 37.67
N LEU I 566 -29.88 5.98 37.50
CA LEU I 566 -30.86 5.37 36.62
C LEU I 566 -32.05 4.82 37.37
N VAL I 567 -32.46 5.49 38.45
CA VAL I 567 -33.52 4.96 39.30
C VAL I 567 -34.85 5.03 38.57
N ARG I 568 -35.56 3.90 38.54
CA ARG I 568 -36.95 3.88 38.12
C ARG I 568 -37.88 3.99 39.31
N VAL I 569 -37.50 3.39 40.43
CA VAL I 569 -38.34 3.28 41.62
C VAL I 569 -37.55 3.84 42.80
N LEU I 570 -37.73 5.13 43.08
CA LEU I 570 -37.07 5.81 44.19
C LEU I 570 -38.11 5.95 45.30
N ASP I 571 -38.14 4.98 46.20
CA ASP I 571 -39.13 4.92 47.26
C ASP I 571 -38.41 5.06 48.59
N VAL I 572 -38.53 6.23 49.21
CA VAL I 572 -37.94 6.46 50.52
C VAL I 572 -38.82 7.42 51.31
N GLU I 573 -39.40 6.94 52.41
CA GLU I 573 -40.00 7.83 53.40
C GLU I 573 -39.49 7.44 54.78
N SER I 574 -38.23 7.78 55.05
CA SER I 574 -37.78 8.12 56.40
C SER I 574 -36.56 9.01 56.17
N LEU I 575 -36.79 10.30 56.02
CA LEU I 575 -35.80 11.22 55.48
C LEU I 575 -36.38 12.63 55.53
N LYS I 576 -35.55 13.59 55.15
CA LYS I 576 -35.99 14.95 54.82
C LYS I 576 -35.49 15.22 53.40
N PHE I 577 -36.27 14.80 52.42
CA PHE I 577 -35.84 14.87 51.03
C PHE I 577 -35.80 16.31 50.55
N LEU I 578 -34.99 16.55 49.52
CA LEU I 578 -34.86 17.86 48.90
C LEU I 578 -34.72 17.69 47.40
N PHE I 579 -35.10 18.72 46.66
CA PHE I 579 -35.04 18.69 45.19
C PHE I 579 -33.67 19.19 44.73
N SER I 580 -32.68 18.30 44.86
CA SER I 580 -31.35 18.63 44.37
C SER I 580 -31.35 18.69 42.85
N LYS I 581 -30.39 19.44 42.30
CA LYS I 581 -30.27 19.54 40.85
C LYS I 581 -30.09 18.16 40.23
N ASP I 582 -29.20 17.34 40.81
CA ASP I 582 -28.98 16.01 40.29
C ASP I 582 -30.25 15.16 40.38
N PHE I 583 -30.94 15.23 41.53
CA PHE I 583 -32.20 14.51 41.66
C PHE I 583 -33.19 14.92 40.58
N ASN I 584 -33.11 16.17 40.12
CA ASN I 584 -34.00 16.63 39.07
C ASN I 584 -33.66 16.02 37.71
N GLN I 585 -32.49 15.39 37.56
CA GLN I 585 -32.08 14.81 36.29
C GLN I 585 -32.58 13.39 36.09
N LEU I 586 -33.11 12.74 37.13
CA LEU I 586 -33.44 11.31 37.06
C LEU I 586 -34.67 11.11 36.19
N PHE I 587 -34.45 11.23 34.87
CA PHE I 587 -35.57 11.21 33.93
C PHE I 587 -36.23 9.83 33.85
N HIS I 588 -35.46 8.77 34.04
CA HIS I 588 -35.97 7.41 33.89
C HIS I 588 -37.00 7.07 34.96
N LEU I 589 -37.17 7.99 35.91
CA LEU I 589 -37.90 7.67 37.13
C LEU I 589 -39.36 7.31 36.85
N ARG I 590 -39.88 6.39 37.65
CA ARG I 590 -41.22 5.85 37.51
C ARG I 590 -42.13 6.17 38.68
N TYR I 591 -41.69 5.90 39.91
CA TYR I 591 -42.55 5.94 41.09
C TYR I 591 -41.79 6.65 42.20
N ILE I 592 -42.41 7.68 42.79
CA ILE I 592 -41.82 8.47 43.85
C ILE I 592 -42.52 8.21 45.17
N ALA I 593 -41.73 8.04 46.22
CA ALA I 593 -42.22 8.06 47.61
C ALA I 593 -41.20 8.85 48.41
N ILE I 594 -41.46 10.13 48.63
CA ILE I 594 -40.55 11.03 49.32
C ILE I 594 -41.34 11.87 50.32
N SER I 595 -40.62 12.48 51.26
CA SER I 595 -41.22 13.32 52.27
C SER I 595 -40.26 14.43 52.65
N GLY I 596 -40.80 15.48 53.26
CA GLY I 596 -39.99 16.61 53.66
C GLY I 596 -40.88 17.83 53.90
N ASP I 597 -40.29 18.99 53.72
CA ASP I 597 -40.98 20.28 53.85
C ASP I 597 -40.98 20.95 52.47
N PHE I 598 -42.08 20.77 51.74
CA PHE I 598 -42.22 21.28 50.38
C PHE I 598 -43.48 22.11 50.28
N ASN I 599 -43.36 23.29 49.66
CA ASN I 599 -44.48 24.20 49.48
C ASN I 599 -45.14 24.08 48.11
N ALA I 600 -44.42 23.54 47.12
CA ALA I 600 -44.94 23.43 45.77
C ALA I 600 -44.00 22.55 44.97
N ILE I 601 -44.55 21.67 44.15
CA ILE I 601 -43.74 20.77 43.33
C ILE I 601 -43.11 21.60 42.22
N PRO I 602 -41.78 21.66 42.12
CA PRO I 602 -41.17 22.50 41.09
C PRO I 602 -41.35 21.92 39.71
N LEU I 603 -41.08 22.77 38.70
CA LEU I 603 -41.15 22.33 37.31
C LEU I 603 -40.14 21.22 37.03
N THR I 604 -39.12 21.07 37.88
CA THR I 604 -38.17 19.97 37.71
C THR I 604 -38.88 18.62 37.63
N PHE I 605 -40.10 18.54 38.13
CA PHE I 605 -40.89 17.31 38.04
C PHE I 605 -41.66 17.21 36.74
N GLY I 606 -41.63 18.24 35.90
CA GLY I 606 -42.22 18.21 34.59
C GLY I 606 -41.33 17.62 33.51
N LYS I 607 -40.15 17.14 33.87
CA LYS I 607 -39.21 16.55 32.93
C LYS I 607 -39.04 15.05 33.14
N PHE I 608 -39.81 14.44 34.05
CA PHE I 608 -39.73 13.00 34.29
C PHE I 608 -40.79 12.33 33.44
N TRP I 609 -40.48 12.17 32.15
CA TRP I 609 -41.44 11.57 31.23
C TRP I 609 -41.76 10.13 31.60
N ASN I 610 -40.78 9.38 32.11
CA ASN I 610 -41.00 8.00 32.50
C ASN I 610 -41.86 7.87 33.75
N LEU I 611 -42.13 8.97 34.45
CA LEU I 611 -42.84 8.89 35.72
C LEU I 611 -44.21 8.26 35.53
N GLN I 612 -44.64 7.48 36.54
CA GLN I 612 -45.96 6.89 36.54
C GLN I 612 -46.71 7.23 37.81
N THR I 613 -46.00 7.39 38.93
CA THR I 613 -46.61 7.62 40.23
C THR I 613 -45.86 8.72 40.96
N LEU I 614 -46.55 9.37 41.90
CA LEU I 614 -45.94 10.42 42.72
C LEU I 614 -46.71 10.50 44.03
N ILE I 615 -46.12 9.95 45.09
CA ILE I 615 -46.65 10.07 46.45
C ILE I 615 -45.86 11.15 47.16
N LEU I 616 -46.57 12.11 47.75
CA LEU I 616 -45.97 13.26 48.40
C LEU I 616 -46.52 13.38 49.81
N ASN I 617 -45.62 13.56 50.77
CA ASN I 617 -45.98 13.76 52.17
C ASN I 617 -45.14 14.92 52.68
N THR I 618 -45.72 16.12 52.66
CA THR I 618 -45.00 17.35 52.97
C THR I 618 -45.31 17.79 54.39
N SER I 619 -44.29 18.17 55.14
CA SER I 619 -44.43 18.70 56.49
C SER I 619 -44.70 20.20 56.50
N THR I 620 -44.81 20.82 55.33
CA THR I 620 -45.02 22.25 55.26
C THR I 620 -46.31 22.65 55.97
N SER I 621 -46.27 23.78 56.68
CA SER I 621 -47.47 24.35 57.28
C SER I 621 -48.41 24.95 56.24
N GLU I 622 -47.98 25.05 54.99
CA GLU I 622 -48.84 25.62 53.95
C GLU I 622 -50.15 24.85 53.85
N SER I 623 -51.24 25.60 53.65
CA SER I 623 -52.54 24.97 53.51
C SER I 623 -52.71 24.27 52.17
N THR I 624 -51.99 24.73 51.14
CA THR I 624 -52.10 24.17 49.79
C THR I 624 -50.72 24.03 49.18
N LEU I 625 -50.58 23.03 48.31
CA LEU I 625 -49.34 22.76 47.59
C LEU I 625 -49.56 23.06 46.11
N ASP I 626 -48.67 23.85 45.53
CA ASP I 626 -48.78 24.23 44.13
C ASP I 626 -48.01 23.24 43.28
N VAL I 627 -48.69 22.62 42.31
CA VAL I 627 -48.04 21.67 41.40
C VAL I 627 -47.57 22.49 40.20
N LYS I 628 -46.38 23.09 40.35
CA LYS I 628 -45.83 23.90 39.27
C LYS I 628 -45.52 23.06 38.05
N ALA I 629 -45.06 21.83 38.26
CA ALA I 629 -44.79 20.93 37.14
C ALA I 629 -46.06 20.70 36.34
N ASP I 630 -45.92 20.69 35.01
CA ASP I 630 -47.05 20.45 34.13
C ASP I 630 -47.43 18.99 34.15
N ILE I 631 -48.25 18.60 35.14
CA ILE I 631 -48.66 17.21 35.27
C ILE I 631 -49.34 16.70 34.01
N TRP I 632 -49.89 17.61 33.19
CA TRP I 632 -50.65 17.18 32.03
C TRP I 632 -49.77 16.57 30.94
N ASN I 633 -48.53 17.07 30.80
CA ASN I 633 -47.63 16.57 29.77
C ASN I 633 -47.06 15.20 30.09
N MET I 634 -47.10 14.77 31.35
CA MET I 634 -46.53 13.48 31.75
C MET I 634 -47.52 12.39 31.34
N LEU I 635 -47.36 11.89 30.11
CA LEU I 635 -48.28 10.87 29.60
C LEU I 635 -48.22 9.60 30.43
N GLN I 636 -47.01 9.18 30.82
CA GLN I 636 -46.86 7.94 31.58
C GLN I 636 -47.46 8.05 32.98
N LEU I 637 -47.78 9.26 33.43
CA LEU I 637 -48.33 9.43 34.77
C LEU I 637 -49.59 8.60 34.95
N ARG I 638 -49.73 8.00 36.13
CA ARG I 638 -50.94 7.25 36.46
C ARG I 638 -51.58 7.67 37.77
N HIS I 639 -50.77 7.99 38.79
CA HIS I 639 -51.31 8.24 40.13
C HIS I 639 -50.47 9.29 40.83
N LEU I 640 -51.09 10.42 41.17
CA LEU I 640 -50.48 11.45 42.00
C LEU I 640 -51.12 11.39 43.38
N HIS I 641 -50.27 11.34 44.41
CA HIS I 641 -50.73 11.28 45.79
C HIS I 641 -50.06 12.38 46.60
N THR I 642 -50.86 13.09 47.38
CA THR I 642 -50.37 14.13 48.27
C THR I 642 -51.06 13.98 49.62
N ASN I 643 -50.35 14.33 50.69
CA ASN I 643 -50.94 14.28 52.02
C ASN I 643 -51.82 15.48 52.32
N ILE I 644 -51.68 16.55 51.55
CA ILE I 644 -52.47 17.76 51.75
C ILE I 644 -53.11 18.14 50.41
N PRO I 645 -54.16 18.97 50.44
CA PRO I 645 -54.83 19.32 49.19
C PRO I 645 -53.86 19.95 48.20
N ALA I 646 -54.05 19.61 46.93
CA ALA I 646 -53.14 20.03 45.86
C ALA I 646 -53.81 21.07 44.99
N LYS I 647 -53.09 22.14 44.67
CA LYS I 647 -53.58 23.22 43.81
C LYS I 647 -53.03 22.98 42.41
N LEU I 648 -53.66 22.05 41.69
CA LEU I 648 -53.27 21.75 40.33
C LEU I 648 -53.43 22.99 39.44
N GLN I 649 -52.72 22.98 38.33
CA GLN I 649 -52.77 24.07 37.36
C GLN I 649 -53.55 23.61 36.13
N PRO I 650 -54.57 24.35 35.69
CA PRO I 650 -55.42 23.82 34.62
C PRO I 650 -54.61 23.59 33.36
N PRO I 651 -55.00 22.60 32.55
CA PRO I 651 -54.23 22.30 31.33
C PRO I 651 -54.34 23.44 30.34
N THR I 652 -53.20 23.85 29.79
CA THR I 652 -53.18 24.92 28.81
C THR I 652 -53.64 24.40 27.45
N ALA I 653 -53.78 25.31 26.49
CA ALA I 653 -54.23 24.92 25.16
C ALA I 653 -53.25 23.95 24.51
N THR I 654 -51.94 24.21 24.67
CA THR I 654 -50.94 23.33 24.09
C THR I 654 -51.04 21.92 24.68
N THR I 655 -51.24 21.81 25.99
CA THR I 655 -51.34 20.51 26.64
C THR I 655 -52.58 19.72 26.21
N SER I 656 -53.55 20.37 25.58
CA SER I 656 -54.76 19.68 25.17
C SER I 656 -54.43 18.51 24.25
N GLY I 657 -55.05 17.36 24.53
CA GLY I 657 -54.81 16.17 23.74
C GLY I 657 -55.56 14.95 24.26
N LYS I 658 -54.90 13.80 24.27
CA LYS I 658 -55.53 12.58 24.74
C LYS I 658 -55.82 12.66 26.23
N ALA I 659 -56.83 11.91 26.66
CA ALA I 659 -57.16 11.86 28.08
C ALA I 659 -55.97 11.32 28.88
N SER I 660 -55.70 11.96 30.01
CA SER I 660 -54.52 11.61 30.80
C SER I 660 -54.65 10.20 31.37
N CYS I 661 -53.51 9.52 31.46
CA CYS I 661 -53.45 8.20 32.08
C CYS I 661 -53.76 8.24 33.57
N LEU I 662 -53.78 9.41 34.18
CA LEU I 662 -54.03 9.55 35.60
C LEU I 662 -55.30 8.83 35.99
N GLN I 663 -55.18 7.92 36.98
CA GLN I 663 -56.32 7.23 37.56
C GLN I 663 -56.65 7.73 38.96
N THR I 664 -55.65 7.81 39.83
CA THR I 664 -55.84 8.18 41.22
C THR I 664 -55.26 9.57 41.46
N LEU I 665 -56.11 10.50 41.90
CA LEU I 665 -55.71 11.87 42.19
C LEU I 665 -56.22 12.20 43.59
N CYS I 666 -55.35 12.07 44.58
CA CYS I 666 -55.73 12.16 45.98
C CYS I 666 -55.36 13.53 46.55
N MET I 667 -56.16 13.98 47.52
CA MET I 667 -55.93 15.23 48.23
C MET I 667 -55.87 16.42 47.26
N VAL I 668 -57.02 16.68 46.66
CA VAL I 668 -57.19 17.76 45.69
C VAL I 668 -57.85 18.94 46.39
N ALA I 669 -57.24 20.12 46.27
CA ALA I 669 -57.92 21.31 46.72
C ALA I 669 -59.14 21.58 45.84
N PRO I 670 -60.26 22.00 46.42
CA PRO I 670 -61.45 22.24 45.58
C PRO I 670 -61.18 23.21 44.46
N GLU I 671 -60.35 24.24 44.70
CA GLU I 671 -59.94 25.12 43.62
C GLU I 671 -59.28 24.35 42.49
N SER I 672 -58.56 23.26 42.82
CA SER I 672 -57.85 22.49 41.82
C SER I 672 -58.78 21.64 40.97
N CYS I 673 -60.09 21.70 41.19
CA CYS I 673 -61.07 20.97 40.38
C CYS I 673 -61.74 21.98 39.45
N GLU I 674 -61.37 21.93 38.17
CA GLU I 674 -61.91 22.82 37.15
C GLU I 674 -62.52 22.00 36.03
N LYS I 675 -63.32 22.67 35.20
CA LYS I 675 -63.89 22.03 34.03
C LYS I 675 -62.79 21.45 33.15
N GLU I 676 -61.76 22.24 32.87
CA GLU I 676 -60.68 21.78 31.99
C GLU I 676 -59.86 20.69 32.66
N VAL I 677 -59.57 20.84 33.96
CA VAL I 677 -58.80 19.83 34.67
C VAL I 677 -59.52 18.49 34.62
N LEU I 678 -60.80 18.49 34.98
CA LEU I 678 -61.54 17.24 35.02
C LEU I 678 -61.78 16.69 33.61
N ALA I 679 -61.87 17.57 32.61
CA ALA I 679 -61.92 17.10 31.24
C ALA I 679 -60.64 16.36 30.86
N LYS I 680 -59.49 16.90 31.26
CA LYS I 680 -58.22 16.24 30.97
C LYS I 680 -58.06 14.94 31.73
N ALA I 681 -58.81 14.73 32.81
CA ALA I 681 -58.69 13.54 33.62
C ALA I 681 -60.01 12.78 33.69
N CYS I 682 -60.69 12.64 32.55
CA CYS I 682 -61.99 11.97 32.54
C CYS I 682 -61.88 10.54 33.06
N HIS I 683 -60.75 9.88 32.80
CA HIS I 683 -60.52 8.53 33.28
C HIS I 683 -60.15 8.49 34.76
N LEU I 684 -60.20 9.61 35.46
CA LEU I 684 -59.87 9.61 36.88
C LEU I 684 -60.84 8.73 37.65
N LYS I 685 -60.31 7.93 38.56
CA LYS I 685 -61.09 6.97 39.33
C LYS I 685 -61.12 7.27 40.82
N LYS I 686 -59.99 7.63 41.42
CA LYS I 686 -59.89 7.92 42.85
C LYS I 686 -59.60 9.41 43.02
N LEU I 687 -60.64 10.19 43.29
CA LEU I 687 -60.52 11.63 43.51
C LEU I 687 -60.89 11.96 44.94
N SER I 688 -60.03 12.72 45.62
CA SER I 688 -60.28 13.19 46.97
C SER I 688 -60.11 14.70 47.01
N ILE I 689 -61.07 15.40 47.59
CA ILE I 689 -61.10 16.85 47.62
C ILE I 689 -61.25 17.32 49.05
N ARG I 690 -60.46 18.32 49.44
CA ARG I 690 -60.49 18.83 50.80
C ARG I 690 -60.23 20.32 50.81
N GLY I 691 -60.95 21.04 51.67
CA GLY I 691 -60.80 22.48 51.79
C GLY I 691 -62.02 23.14 52.38
N GLN I 692 -62.51 24.20 51.73
CA GLN I 692 -63.74 24.87 52.13
C GLN I 692 -64.87 24.38 51.24
N MET I 693 -65.94 23.88 51.85
CA MET I 693 -66.99 23.17 51.14
C MET I 693 -68.20 24.05 50.82
N ALA I 694 -68.66 24.85 51.79
CA ALA I 694 -69.87 25.65 51.56
C ALA I 694 -69.74 26.51 50.31
N ALA I 695 -68.53 26.97 50.00
CA ALA I 695 -68.28 27.72 48.78
C ALA I 695 -68.02 26.81 47.59
N PHE I 696 -68.43 25.54 47.67
CA PHE I 696 -68.18 24.57 46.60
C PHE I 696 -69.46 23.97 46.04
N LEU I 697 -70.54 23.93 46.80
CA LEU I 697 -71.78 23.29 46.36
C LEU I 697 -72.71 24.23 45.59
N GLY I 698 -72.42 25.53 45.58
CA GLY I 698 -73.32 26.47 44.93
C GLY I 698 -73.31 26.33 43.42
N ALA I 699 -74.31 26.96 42.79
CA ALA I 699 -74.42 26.91 41.34
C ALA I 699 -73.20 27.52 40.68
N TYR I 700 -72.82 28.73 41.09
CA TYR I 700 -71.56 29.31 40.62
C TYR I 700 -70.36 28.56 41.15
N LYS I 701 -70.57 27.68 42.13
CA LYS I 701 -69.57 26.71 42.56
C LYS I 701 -69.66 25.41 41.79
N GLY I 702 -70.06 25.49 40.53
CA GLY I 702 -70.29 24.32 39.69
C GLY I 702 -69.08 23.42 39.55
N GLY I 703 -67.97 23.76 40.19
CA GLY I 703 -66.90 22.81 40.38
C GLY I 703 -67.46 21.47 40.78
N ILE I 704 -68.53 21.50 41.60
CA ILE I 704 -69.28 20.28 41.87
C ILE I 704 -69.94 19.79 40.60
N ASN I 705 -70.54 20.70 39.82
CA ASN I 705 -71.08 20.31 38.52
C ASN I 705 -69.98 19.88 37.56
N ASN I 706 -68.76 20.41 37.73
CA ASN I 706 -67.65 20.04 36.85
C ASN I 706 -67.31 18.57 36.96
N LEU I 707 -67.73 17.90 38.04
CA LEU I 707 -67.42 16.48 38.20
C LEU I 707 -68.05 15.63 37.12
N VAL I 708 -69.03 16.17 36.38
CA VAL I 708 -69.63 15.43 35.28
C VAL I 708 -68.58 15.02 34.27
N GLU I 709 -67.45 15.75 34.22
CA GLU I 709 -66.39 15.39 33.29
C GLU I 709 -65.82 14.01 33.59
N LEU I 710 -65.64 13.68 34.86
CA LEU I 710 -65.11 12.37 35.21
C LEU I 710 -66.06 11.28 34.75
N LYS I 711 -65.52 10.26 34.08
CA LYS I 711 -66.31 9.16 33.53
C LYS I 711 -66.29 7.92 34.42
N CYS I 712 -65.11 7.47 34.82
CA CYS I 712 -64.94 6.27 35.62
C CYS I 712 -64.54 6.60 37.06
N LEU I 713 -65.04 7.70 37.59
CA LEU I 713 -64.77 8.06 38.97
C LEU I 713 -65.38 7.02 39.90
N GLU I 714 -64.59 6.50 40.83
CA GLU I 714 -65.04 5.47 41.76
C GLU I 714 -65.07 5.96 43.21
N GLN I 715 -63.95 6.46 43.73
CA GLN I 715 -63.86 6.92 45.10
C GLN I 715 -63.98 8.44 45.15
N LEU I 716 -64.51 8.93 46.27
CA LEU I 716 -64.69 10.37 46.44
C LEU I 716 -64.69 10.68 47.94
N LYS I 717 -63.69 11.40 48.39
CA LYS I 717 -63.55 11.79 49.79
C LYS I 717 -63.68 13.30 49.90
N LEU I 718 -64.60 13.76 50.73
CA LEU I 718 -64.86 15.19 50.92
C LEU I 718 -64.53 15.56 52.36
N LEU I 719 -63.60 16.50 52.52
CA LEU I 719 -63.10 16.87 53.84
C LEU I 719 -63.11 18.38 53.96
N ASN I 720 -63.70 18.89 55.05
CA ASN I 720 -63.80 20.33 55.30
C ASN I 720 -62.80 20.69 56.37
N ASP I 721 -61.74 21.41 55.98
CA ASP I 721 -60.70 21.80 56.93
C ASP I 721 -61.16 22.83 57.93
N VAL I 722 -62.32 23.45 57.71
CA VAL I 722 -62.84 24.49 58.61
C VAL I 722 -63.72 23.85 59.66
N LEU I 723 -63.60 24.32 60.90
CA LEU I 723 -64.49 23.90 61.98
C LEU I 723 -65.59 24.90 62.25
N TYR I 724 -65.48 26.13 61.75
CA TYR I 724 -66.50 27.15 61.90
C TYR I 724 -66.99 27.52 60.51
N MET I 725 -68.14 26.99 60.12
CA MET I 725 -68.70 27.21 58.80
C MET I 725 -69.71 28.35 58.85
N ASN I 726 -69.61 29.25 57.86
CA ASN I 726 -70.53 30.39 57.82
C ASN I 726 -71.98 29.92 57.71
N LYS I 727 -72.27 29.04 56.76
CA LYS I 727 -73.61 28.53 56.56
C LYS I 727 -73.55 27.03 56.30
N ALA I 728 -74.44 26.29 56.94
CA ALA I 728 -74.45 24.85 56.79
C ALA I 728 -74.61 24.51 55.30
N PRO I 729 -73.70 23.74 54.72
CA PRO I 729 -73.78 23.46 53.28
C PRO I 729 -74.97 22.58 52.92
N HIS I 730 -75.15 22.28 51.64
CA HIS I 730 -76.30 21.51 51.19
C HIS I 730 -75.94 20.85 49.87
N LEU I 731 -76.07 19.52 49.82
CA LEU I 731 -75.69 18.78 48.63
C LEU I 731 -76.52 19.25 47.44
N PRO I 732 -75.91 19.50 46.28
CA PRO I 732 -76.71 19.91 45.12
C PRO I 732 -77.67 18.79 44.72
N GLN I 733 -78.82 19.18 44.18
CA GLN I 733 -79.79 18.19 43.70
C GLN I 733 -79.16 17.33 42.62
N THR I 734 -78.35 17.94 41.75
CA THR I 734 -77.64 17.18 40.74
C THR I 734 -76.65 16.19 41.35
N PHE I 735 -76.25 16.42 42.61
CA PHE I 735 -75.29 15.56 43.29
C PHE I 735 -75.58 14.09 43.01
N SER I 736 -76.85 13.72 42.95
CA SER I 736 -77.23 12.33 42.71
C SER I 736 -76.58 11.82 41.43
N GLN I 737 -76.76 12.55 40.32
CA GLN I 737 -76.17 12.15 39.06
C GLN I 737 -74.81 12.79 38.80
N LEU I 738 -74.38 13.74 39.63
CA LEU I 738 -73.04 14.28 39.50
C LEU I 738 -71.99 13.21 39.78
N VAL I 739 -72.26 12.36 40.76
CA VAL I 739 -71.30 11.34 41.19
C VAL I 739 -71.89 9.97 40.91
N ARG I 740 -72.68 9.85 39.85
CA ARG I 740 -73.37 8.59 39.57
C ARG I 740 -72.40 7.43 39.47
N THR I 741 -71.16 7.68 39.04
CA THR I 741 -70.17 6.63 38.91
C THR I 741 -69.41 6.35 40.20
N VAL I 742 -69.58 7.19 41.23
CA VAL I 742 -68.82 7.02 42.46
C VAL I 742 -69.23 5.72 43.14
N LYS I 743 -68.24 4.92 43.52
CA LYS I 743 -68.47 3.67 44.25
C LYS I 743 -68.19 3.83 45.75
N LYS I 744 -67.15 4.57 46.12
CA LYS I 744 -66.82 4.84 47.50
C LYS I 744 -66.96 6.34 47.76
N LEU I 745 -67.54 6.68 48.91
CA LEU I 745 -67.82 8.08 49.23
C LEU I 745 -67.63 8.28 50.72
N THR I 746 -66.63 9.06 51.10
CA THR I 746 -66.32 9.33 52.49
C THR I 746 -66.50 10.82 52.77
N LEU I 747 -67.45 11.15 53.64
CA LEU I 747 -67.66 12.52 54.08
C LEU I 747 -67.05 12.70 55.46
N THR I 748 -66.16 13.68 55.59
CA THR I 748 -65.49 13.96 56.86
C THR I 748 -65.68 15.44 57.21
N ASN I 749 -66.11 15.69 58.45
CA ASN I 749 -66.29 17.04 58.95
C ASN I 749 -67.20 17.87 58.05
N THR I 750 -68.24 17.23 57.50
CA THR I 750 -69.16 17.95 56.61
C THR I 750 -70.29 18.62 57.37
N ARG I 751 -70.71 18.06 58.51
CA ARG I 751 -71.76 18.64 59.34
C ARG I 751 -73.02 18.89 58.50
N PHE I 752 -73.59 17.79 58.01
CA PHE I 752 -74.78 17.83 57.18
C PHE I 752 -76.00 17.37 57.96
N ALA I 753 -77.13 18.02 57.72
CA ALA I 753 -78.37 17.60 58.33
C ALA I 753 -78.79 16.24 57.80
N TRP I 754 -79.26 15.38 58.69
CA TRP I 754 -79.61 14.02 58.30
C TRP I 754 -80.66 14.02 57.18
N SER I 755 -81.45 15.07 57.08
CA SER I 755 -82.33 15.23 55.92
C SER I 755 -81.53 15.19 54.63
N GLU I 756 -80.30 15.72 54.65
CA GLU I 756 -79.45 15.64 53.47
C GLU I 756 -79.09 14.19 53.15
N ALA I 757 -79.11 13.32 54.15
CA ALA I 757 -78.74 11.93 53.91
C ALA I 757 -79.71 11.26 52.95
N ASP I 758 -80.99 11.60 53.03
CA ASP I 758 -81.99 10.98 52.16
C ASP I 758 -81.59 11.06 50.69
N LYS I 759 -81.00 12.19 50.28
CA LYS I 759 -80.48 12.29 48.93
C LYS I 759 -79.38 11.27 48.67
N LEU I 760 -78.64 10.91 49.73
CA LEU I 760 -77.57 9.93 49.57
C LEU I 760 -78.12 8.57 49.16
N GLY I 761 -79.42 8.36 49.30
CA GLY I 761 -80.06 7.18 48.76
C GLY I 761 -80.33 7.25 47.27
N GLN I 762 -79.90 8.33 46.61
CA GLN I 762 -80.17 8.53 45.19
C GLN I 762 -78.97 8.22 44.31
N LEU I 763 -77.96 7.54 44.85
CA LEU I 763 -76.79 7.13 44.08
C LEU I 763 -76.95 5.68 43.68
N GLU I 764 -76.83 5.41 42.37
CA GLU I 764 -77.05 4.06 41.86
C GLU I 764 -75.86 3.15 42.18
N SER I 765 -74.65 3.66 42.03
CA SER I 765 -73.44 2.85 42.13
C SER I 765 -72.78 2.91 43.51
N LEU I 766 -73.38 3.59 44.48
CA LEU I 766 -72.79 3.68 45.81
C LEU I 766 -72.70 2.30 46.45
N GLU I 767 -71.55 1.99 47.04
CA GLU I 767 -71.39 0.77 47.81
C GLU I 767 -70.82 1.00 49.19
N ILE I 768 -69.91 1.95 49.35
CA ILE I 768 -69.24 2.19 50.62
C ILE I 768 -69.50 3.63 51.05
N LEU I 769 -69.67 3.82 52.36
CA LEU I 769 -70.17 5.08 52.90
C LEU I 769 -69.52 5.31 54.26
N LYS I 770 -68.67 6.33 54.35
CA LYS I 770 -67.95 6.65 55.58
C LYS I 770 -68.34 8.06 56.04
N PHE I 771 -69.11 8.13 57.13
CA PHE I 771 -69.38 9.39 57.83
C PHE I 771 -68.36 9.52 58.96
N LYS I 772 -67.35 10.34 58.76
CA LYS I 772 -66.24 10.46 59.70
C LYS I 772 -66.23 11.83 60.36
N GLU I 773 -65.98 11.85 61.66
CA GLU I 773 -65.81 13.10 62.42
C GLU I 773 -67.01 14.03 62.24
N ASN I 774 -68.16 13.55 62.74
CA ASN I 774 -69.39 14.36 62.72
C ASN I 774 -69.69 14.83 61.29
N ALA I 775 -69.63 13.89 60.35
CA ALA I 775 -69.91 14.23 58.96
C ALA I 775 -71.33 14.75 58.81
N PHE I 776 -72.29 14.11 59.46
CA PHE I 776 -73.69 14.52 59.42
C PHE I 776 -74.09 15.04 60.80
N ALA I 777 -74.65 16.24 60.82
CA ALA I 777 -75.06 16.89 62.07
C ALA I 777 -76.54 16.66 62.31
N GLY I 778 -76.88 16.26 63.52
CA GLY I 778 -78.26 15.99 63.87
C GLY I 778 -78.38 15.06 65.06
N ASP I 779 -79.35 15.32 65.94
CA ASP I 779 -79.51 14.48 67.12
C ASP I 779 -79.89 13.06 66.74
N SER I 780 -80.78 12.90 65.77
CA SER I 780 -81.24 11.59 65.33
C SER I 780 -81.28 11.54 63.82
N TRP I 781 -81.16 10.32 63.28
CA TRP I 781 -81.17 10.09 61.84
C TRP I 781 -82.39 9.26 61.49
N LYS I 782 -83.20 9.77 60.55
CA LYS I 782 -84.42 9.12 60.10
C LYS I 782 -84.37 8.98 58.59
N PRO I 783 -83.55 8.06 58.07
CA PRO I 783 -83.45 7.91 56.62
C PRO I 783 -84.74 7.38 56.02
N LYS I 784 -85.03 7.82 54.80
CA LYS I 784 -86.21 7.38 54.07
C LYS I 784 -85.87 6.69 52.75
N MET I 785 -84.99 7.28 51.96
CA MET I 785 -84.67 6.71 50.65
C MET I 785 -83.93 5.39 50.81
N GLY I 786 -84.28 4.43 49.97
CA GLY I 786 -83.59 3.16 49.96
C GLY I 786 -82.24 3.24 49.26
N PHE I 787 -81.33 2.38 49.69
CA PHE I 787 -79.99 2.29 49.13
C PHE I 787 -79.89 0.89 48.51
N SER I 788 -80.27 0.79 47.23
CA SER I 788 -80.49 -0.51 46.61
C SER I 788 -79.23 -1.35 46.47
N ALA I 789 -78.04 -0.77 46.69
CA ALA I 789 -76.80 -1.49 46.46
C ALA I 789 -75.77 -1.34 47.58
N LEU I 790 -76.00 -0.48 48.57
CA LEU I 790 -74.99 -0.24 49.58
C LEU I 790 -74.61 -1.54 50.28
N ARG I 791 -73.31 -1.75 50.44
CA ARG I 791 -72.78 -2.94 51.09
C ARG I 791 -72.12 -2.66 52.43
N VAL I 792 -71.42 -1.54 52.59
CA VAL I 792 -70.76 -1.20 53.84
C VAL I 792 -71.30 0.15 54.27
N LEU I 793 -71.88 0.20 55.47
CA LEU I 793 -72.11 1.47 56.16
C LEU I 793 -71.00 1.68 57.16
N TRP I 794 -70.58 2.94 57.32
CA TRP I 794 -69.39 3.24 58.11
C TRP I 794 -69.59 4.62 58.74
N ILE I 795 -69.89 4.62 60.04
CA ILE I 795 -70.15 5.86 60.78
C ILE I 795 -69.12 5.95 61.90
N GLU I 796 -68.37 7.03 61.92
CA GLU I 796 -67.33 7.27 62.92
C GLU I 796 -67.62 8.56 63.65
N ARG I 797 -67.61 8.49 64.98
CA ARG I 797 -67.79 9.66 65.85
C ARG I 797 -69.02 10.46 65.44
N ALA I 798 -70.18 9.81 65.50
CA ALA I 798 -71.44 10.44 65.15
C ALA I 798 -72.09 11.00 66.40
N GLU I 799 -72.30 12.31 66.43
CA GLU I 799 -72.92 12.95 67.58
C GLU I 799 -74.40 12.62 67.70
N PHE I 800 -75.00 12.04 66.65
CA PHE I 800 -76.42 11.73 66.69
C PHE I 800 -76.70 10.63 67.72
N GLU I 801 -77.96 10.52 68.12
CA GLU I 801 -78.36 9.72 69.27
C GLU I 801 -79.24 8.53 68.89
N THR I 802 -80.30 8.74 68.11
CA THR I 802 -81.25 7.69 67.79
C THR I 802 -81.31 7.52 66.27
N TRP I 803 -81.24 6.27 65.82
CA TRP I 803 -81.32 5.93 64.41
C TRP I 803 -82.62 5.17 64.16
N GLU I 804 -83.37 5.60 63.14
CA GLU I 804 -84.68 5.04 62.83
C GLU I 804 -84.70 4.52 61.40
N ALA I 805 -83.62 3.85 61.01
CA ALA I 805 -83.57 3.22 59.70
C ALA I 805 -84.41 1.95 59.67
N SER I 806 -84.79 1.54 58.46
CA SER I 806 -85.63 0.38 58.24
C SER I 806 -85.03 -0.49 57.15
N GLU I 807 -85.72 -1.59 56.84
CA GLU I 807 -85.22 -2.52 55.83
C GLU I 807 -85.15 -1.86 54.45
N ILE I 808 -86.18 -1.10 54.09
CA ILE I 808 -86.21 -0.49 52.76
C ILE I 808 -85.07 0.49 52.60
N ASN I 809 -84.58 1.07 53.71
CA ASN I 809 -83.46 1.99 53.61
C ASN I 809 -82.21 1.30 53.08
N PHE I 810 -81.88 0.13 53.62
CA PHE I 810 -80.63 -0.57 53.31
C PHE I 810 -80.98 -2.01 52.92
N PRO I 811 -81.63 -2.21 51.78
CA PRO I 811 -82.06 -3.57 51.42
C PRO I 811 -80.94 -4.58 51.31
N VAL I 812 -79.77 -4.16 50.85
CA VAL I 812 -78.67 -5.08 50.57
C VAL I 812 -77.50 -4.80 51.51
N LEU I 813 -77.79 -4.31 52.70
CA LEU I 813 -76.74 -4.08 53.68
C LEU I 813 -75.95 -5.37 53.89
N ARG I 814 -74.63 -5.28 53.70
CA ARG I 814 -73.73 -6.39 54.00
C ARG I 814 -72.76 -6.09 55.12
N ASN I 815 -72.49 -4.82 55.39
CA ASN I 815 -71.56 -4.40 56.44
C ASN I 815 -72.11 -3.16 57.12
N LEU I 816 -72.04 -3.15 58.45
CA LEU I 816 -72.41 -1.99 59.24
C LEU I 816 -71.35 -1.77 60.30
N VAL I 817 -70.66 -0.63 60.23
CA VAL I 817 -69.56 -0.30 61.13
C VAL I 817 -69.88 1.04 61.76
N LEU I 818 -70.27 1.03 63.03
CA LEU I 818 -70.50 2.24 63.80
C LEU I 818 -69.42 2.32 64.88
N MET I 819 -68.61 3.37 64.84
CA MET I 819 -67.52 3.53 65.78
C MET I 819 -67.60 4.90 66.46
N SER I 820 -67.16 4.94 67.72
CA SER I 820 -67.14 6.17 68.50
C SER I 820 -68.52 6.82 68.56
N CYS I 821 -69.56 5.99 68.49
CA CYS I 821 -70.93 6.48 68.60
C CYS I 821 -71.37 6.59 70.06
N ASP I 822 -70.60 7.37 70.83
CA ASP I 822 -70.91 7.53 72.25
C ASP I 822 -72.25 8.21 72.46
N LYS I 823 -72.81 8.86 71.43
CA LYS I 823 -74.11 9.48 71.52
C LYS I 823 -75.24 8.59 71.02
N LEU I 824 -74.95 7.67 70.10
CA LEU I 824 -75.98 6.81 69.54
C LEU I 824 -76.67 6.01 70.65
N GLU I 825 -77.98 5.84 70.51
CA GLU I 825 -78.80 5.23 71.55
C GLU I 825 -79.04 3.75 71.28
N THR I 826 -79.60 3.42 70.12
CA THR I 826 -79.93 2.03 69.83
C THR I 826 -80.00 1.85 68.32
N VAL I 827 -79.41 0.76 67.83
CA VAL I 827 -79.55 0.42 66.41
C VAL I 827 -80.98 -0.08 66.18
N PRO I 828 -81.69 0.40 65.15
CA PRO I 828 -83.06 -0.04 64.95
C PRO I 828 -83.15 -1.54 64.76
N PHE I 829 -84.17 -2.14 65.37
CA PHE I 829 -84.40 -3.57 65.23
C PHE I 829 -84.75 -3.96 63.80
N GLU I 830 -85.20 -3.01 62.98
CA GLU I 830 -85.63 -3.33 61.62
C GLU I 830 -84.51 -3.96 60.82
N LEU I 831 -83.25 -3.71 61.18
CA LEU I 831 -82.14 -4.25 60.42
C LEU I 831 -82.02 -5.77 60.59
N ALA I 832 -82.70 -6.33 61.60
CA ALA I 832 -82.71 -7.78 61.75
C ALA I 832 -83.30 -8.47 60.53
N ASN I 833 -84.29 -7.85 59.90
CA ASN I 833 -84.99 -8.46 58.78
C ASN I 833 -84.26 -8.26 57.46
N LEU I 834 -83.00 -7.83 57.49
CA LEU I 834 -82.18 -7.72 56.30
C LEU I 834 -81.41 -9.03 56.14
N SER I 835 -81.82 -9.84 55.16
CA SER I 835 -81.17 -11.12 54.93
C SER I 835 -79.70 -10.94 54.56
N ASP I 836 -79.40 -9.95 53.73
CA ASP I 836 -78.03 -9.74 53.27
C ASP I 836 -77.10 -9.44 54.44
N LEU I 837 -77.55 -8.61 55.38
CA LEU I 837 -76.71 -8.19 56.50
C LEU I 837 -76.16 -9.39 57.25
N TYR I 838 -74.84 -9.48 57.32
CA TYR I 838 -74.18 -10.47 58.17
C TYR I 838 -73.12 -9.87 59.08
N GLU I 839 -72.57 -8.71 58.73
CA GLU I 839 -71.52 -8.06 59.50
C GLU I 839 -72.08 -6.91 60.31
N MET I 840 -71.52 -6.71 61.51
CA MET I 840 -71.93 -5.63 62.38
C MET I 840 -70.82 -5.40 63.39
N ARG I 841 -70.39 -4.15 63.53
CA ARG I 841 -69.31 -3.79 64.43
C ARG I 841 -69.65 -2.49 65.14
N LEU I 842 -69.51 -2.48 66.46
CA LEU I 842 -69.70 -1.28 67.28
C LEU I 842 -68.40 -1.02 68.03
N GLU I 843 -67.71 0.06 67.67
CA GLU I 843 -66.43 0.43 68.26
C GLU I 843 -66.64 1.64 69.15
N ASN I 844 -66.39 1.46 70.45
CA ASN I 844 -66.55 2.54 71.43
C ASN I 844 -67.93 3.18 71.29
N THR I 845 -68.95 2.33 71.28
CA THR I 845 -70.33 2.76 71.09
C THR I 845 -71.07 2.76 72.43
N SER I 846 -72.08 3.62 72.52
CA SER I 846 -72.87 3.77 73.74
C SER I 846 -73.90 2.66 73.85
N LYS I 847 -74.91 2.86 74.71
CA LYS I 847 -75.91 1.85 75.03
C LYS I 847 -76.38 1.07 73.80
N ALA I 848 -76.32 1.71 72.63
CA ALA I 848 -76.65 1.00 71.40
C ALA I 848 -75.96 -0.35 71.28
N VAL I 849 -74.86 -0.55 72.02
CA VAL I 849 -74.22 -1.86 72.05
C VAL I 849 -75.20 -2.92 72.55
N LYS I 850 -76.04 -2.57 73.52
CA LYS I 850 -77.04 -3.51 74.00
C LYS I 850 -78.00 -3.91 72.88
N SER I 851 -78.43 -2.94 72.06
CA SER I 851 -79.21 -3.29 70.89
C SER I 851 -78.41 -4.14 69.91
N ALA I 852 -77.07 -4.01 69.91
CA ALA I 852 -76.25 -4.92 69.14
C ALA I 852 -76.39 -6.35 69.67
N LYS I 853 -76.43 -6.50 70.99
CA LYS I 853 -76.67 -7.82 71.56
C LYS I 853 -78.04 -8.34 71.18
N ALA I 854 -79.05 -7.46 71.18
CA ALA I 854 -80.40 -7.90 70.81
C ALA I 854 -80.46 -8.35 69.35
N ILE I 855 -79.84 -7.60 68.45
CA ILE I 855 -79.83 -7.98 67.03
C ILE I 855 -79.09 -9.31 66.86
N LEU I 856 -77.96 -9.47 67.55
CA LEU I 856 -77.24 -10.74 67.49
C LEU I 856 -78.11 -11.89 67.97
N GLU I 857 -78.81 -11.70 69.10
CA GLU I 857 -79.63 -12.77 69.63
C GLU I 857 -80.76 -13.12 68.68
N SER I 858 -81.41 -12.10 68.10
CA SER I 858 -82.51 -12.37 67.18
C SER I 858 -82.02 -13.12 65.95
N LYS I 859 -80.87 -12.72 65.39
CA LYS I 859 -80.37 -13.41 64.21
C LYS I 859 -79.91 -14.82 64.54
N THR I 860 -79.31 -15.02 65.72
CA THR I 860 -78.94 -16.37 66.14
C THR I 860 -80.17 -17.24 66.29
N ASP I 861 -81.25 -16.69 66.85
CA ASP I 861 -82.51 -17.43 66.91
C ASP I 861 -82.99 -17.79 65.52
N LYS I 862 -82.91 -16.84 64.57
CA LYS I 862 -83.19 -17.16 63.18
C LYS I 862 -82.09 -18.01 62.56
N ASN I 863 -80.95 -18.15 63.25
CA ASN I 863 -79.85 -19.01 62.79
C ASN I 863 -79.35 -18.55 61.42
N ILE I 864 -78.93 -17.30 61.35
CA ILE I 864 -78.36 -16.71 60.15
C ILE I 864 -76.89 -16.43 60.42
N LYS I 865 -76.03 -16.86 59.50
CA LYS I 865 -74.60 -16.59 59.64
C LYS I 865 -74.38 -15.09 59.81
N PHE I 866 -73.90 -14.71 61.00
CA PHE I 866 -73.80 -13.30 61.36
C PHE I 866 -72.63 -13.14 62.33
N ASN I 867 -72.04 -11.94 62.32
CA ASN I 867 -70.88 -11.64 63.16
C ASN I 867 -71.13 -10.38 63.96
N LEU I 868 -70.70 -10.40 65.22
CA LEU I 868 -70.81 -9.25 66.11
C LEU I 868 -69.45 -9.03 66.78
N THR I 869 -68.87 -7.86 66.54
CA THR I 869 -67.59 -7.48 67.12
C THR I 869 -67.80 -6.26 68.02
N ILE I 870 -67.32 -6.36 69.26
CA ILE I 870 -67.43 -5.27 70.23
C ILE I 870 -66.07 -5.06 70.87
N PHE I 871 -65.67 -3.79 70.97
CA PHE I 871 -64.42 -3.40 71.60
C PHE I 871 -64.70 -2.35 72.66
N PRO I 872 -64.01 -2.40 73.82
CA PRO I 872 -63.01 -3.40 74.20
C PRO I 872 -63.64 -4.70 74.69
N GLU J 9 14.17 3.03 22.21
CA GLU J 9 13.37 3.77 23.22
C GLU J 9 12.14 4.41 22.60
N VAL J 10 12.20 4.67 21.29
CA VAL J 10 11.03 5.16 20.57
C VAL J 10 10.04 4.02 20.36
N GLU J 11 10.53 2.87 19.89
CA GLU J 11 9.65 1.74 19.65
C GLU J 11 9.05 1.22 20.95
N ASN J 12 9.86 1.12 22.01
CA ASN J 12 9.34 0.63 23.28
C ASN J 12 8.31 1.61 23.85
N LEU J 13 8.57 2.91 23.75
CA LEU J 13 7.58 3.89 24.20
C LEU J 13 6.29 3.75 23.42
N LEU J 14 6.40 3.62 22.09
CA LEU J 14 5.21 3.40 21.27
C LEU J 14 4.41 2.21 21.79
N GLN J 15 5.08 1.07 21.95
CA GLN J 15 4.39 -0.14 22.37
C GLN J 15 3.74 0.05 23.73
N LEU J 16 4.45 0.64 24.67
CA LEU J 16 3.91 0.78 26.02
C LEU J 16 2.68 1.68 26.03
N LEU J 17 2.77 2.84 25.38
CA LEU J 17 1.61 3.73 25.34
C LEU J 17 0.43 3.07 24.64
N THR J 18 0.65 2.37 23.53
CA THR J 18 -0.46 1.77 22.82
C THR J 18 -1.09 0.64 23.64
N ASP J 19 -0.28 -0.11 24.40
CA ASP J 19 -0.86 -1.08 25.32
C ASP J 19 -1.74 -0.39 26.36
N ASN J 20 -1.26 0.71 26.94
CA ASN J 20 -2.07 1.40 27.93
C ASN J 20 -3.19 2.22 27.28
N VAL J 21 -2.95 2.72 26.07
CA VAL J 21 -3.98 3.45 25.34
C VAL J 21 -5.02 2.47 24.80
N SER J 26 -6.11 1.20 27.88
CA SER J 26 -6.93 0.02 27.65
C SER J 26 -6.59 -1.10 28.63
N ALA J 27 -5.65 -0.83 29.53
CA ALA J 27 -5.26 -1.85 30.50
C ALA J 27 -6.42 -2.25 31.39
N LYS J 28 -7.34 -1.32 31.68
CA LYS J 28 -8.47 -1.65 32.53
C LYS J 28 -9.47 -2.57 31.82
N GLY J 29 -9.72 -2.31 30.53
CA GLY J 29 -10.60 -3.20 29.79
C GLY J 29 -10.03 -4.60 29.65
N GLU J 30 -8.75 -4.69 29.28
CA GLU J 30 -8.08 -5.99 29.26
C GLU J 30 -8.15 -6.65 30.62
N LEU J 31 -7.95 -5.85 31.67
CA LEU J 31 -7.98 -6.37 33.03
C LEU J 31 -9.34 -6.99 33.35
N GLU J 32 -10.42 -6.26 33.06
CA GLU J 32 -11.75 -6.75 33.38
C GLU J 32 -12.09 -7.98 32.56
N ASN J 33 -11.75 -7.97 31.27
CA ASN J 33 -12.05 -9.14 30.44
C ASN J 33 -11.28 -10.35 30.93
N LEU J 34 -10.00 -10.18 31.27
CA LEU J 34 -9.23 -11.30 31.80
C LEU J 34 -9.84 -11.81 33.10
N LEU J 35 -10.24 -10.90 33.99
CA LEU J 35 -10.80 -11.34 35.26
C LEU J 35 -12.11 -12.10 35.06
N LYS J 36 -12.98 -11.61 34.18
CA LYS J 36 -14.23 -12.30 33.92
C LYS J 36 -13.98 -13.69 33.33
N GLU J 37 -13.06 -13.78 32.37
CA GLU J 37 -12.81 -15.09 31.76
C GLU J 37 -12.12 -16.04 32.74
N VAL J 38 -11.30 -15.50 33.65
CA VAL J 38 -10.72 -16.35 34.68
C VAL J 38 -11.77 -16.79 35.68
N GLN J 39 -12.79 -15.94 35.92
CA GLN J 39 -13.94 -16.41 36.70
C GLN J 39 -14.63 -17.57 36.00
N HIS J 40 -14.77 -17.48 34.68
CA HIS J 40 -15.29 -18.60 33.91
C HIS J 40 -14.48 -19.87 34.17
N LEU J 41 -13.16 -19.76 34.05
CA LEU J 41 -12.32 -20.94 34.23
C LEU J 41 -12.38 -21.45 35.66
N LYS J 42 -12.55 -20.55 36.63
CA LYS J 42 -12.68 -20.99 38.03
C LYS J 42 -13.98 -21.74 38.25
N GLY J 43 -15.07 -21.27 37.65
CA GLY J 43 -16.30 -22.03 37.70
C GLY J 43 -16.15 -23.39 37.06
N PHE J 44 -15.49 -23.46 35.90
CA PHE J 44 -15.22 -24.76 35.29
C PHE J 44 -14.43 -25.64 36.24
N LEU J 45 -13.45 -25.06 36.94
CA LEU J 45 -12.64 -25.86 37.85
C LEU J 45 -13.46 -26.40 39.00
N ASP J 46 -14.34 -25.58 39.56
CA ASP J 46 -15.23 -26.06 40.61
C ASP J 46 -16.10 -27.19 40.09
N ASP J 47 -16.52 -27.10 38.82
CA ASP J 47 -17.24 -28.21 38.20
C ASP J 47 -16.36 -29.45 38.12
N ALA J 48 -15.16 -29.30 37.58
CA ALA J 48 -14.33 -30.46 37.24
C ALA J 48 -13.86 -31.18 38.49
N ALA J 49 -13.59 -30.44 39.57
CA ALA J 49 -13.14 -31.08 40.80
C ALA J 49 -14.16 -32.12 41.28
N LYS J 50 -15.44 -31.76 41.25
CA LYS J 50 -16.48 -32.69 41.67
C LYS J 50 -16.56 -33.87 40.70
N LEU J 51 -16.51 -33.58 39.40
CA LEU J 51 -16.70 -34.62 38.40
C LEU J 51 -15.57 -35.65 38.50
N PRO J 52 -15.87 -36.93 38.64
CA PRO J 52 -14.80 -37.93 38.66
C PRO J 52 -14.09 -38.02 37.32
N SER J 53 -12.77 -38.11 37.37
CA SER J 53 -11.94 -38.15 36.18
C SER J 53 -10.93 -39.27 36.27
N ASP J 54 -10.67 -39.91 35.13
CA ASP J 54 -9.66 -40.96 35.06
C ASP J 54 -8.84 -40.89 33.77
N SER J 55 -8.98 -39.83 32.98
CA SER J 55 -8.28 -39.70 31.71
C SER J 55 -7.11 -38.74 31.87
N GLU J 56 -5.91 -39.20 31.50
CA GLU J 56 -4.72 -38.38 31.69
C GLU J 56 -4.83 -37.05 30.96
N GLN J 57 -5.50 -37.03 29.81
CA GLN J 57 -5.70 -35.78 29.10
C GLN J 57 -6.52 -34.81 29.94
N TRP J 58 -7.55 -35.31 30.63
CA TRP J 58 -8.34 -34.43 31.47
C TRP J 58 -7.54 -33.89 32.64
N LYS J 59 -6.68 -34.74 33.24
CA LYS J 59 -5.81 -34.22 34.28
C LYS J 59 -4.86 -33.16 33.74
N VAL J 60 -4.37 -33.35 32.51
CA VAL J 60 -3.53 -32.33 31.89
C VAL J 60 -4.31 -31.03 31.74
N LEU J 61 -5.54 -31.11 31.26
CA LEU J 61 -6.33 -29.90 31.05
C LEU J 61 -6.66 -29.22 32.38
N VAL J 62 -6.94 -30.00 33.42
CA VAL J 62 -7.23 -29.42 34.72
C VAL J 62 -5.98 -28.75 35.29
N GLU J 63 -4.83 -29.43 35.20
CA GLU J 63 -3.58 -28.81 35.60
C GLU J 63 -3.40 -27.49 34.86
N GLU J 64 -3.66 -27.48 33.56
CA GLU J 64 -3.41 -26.29 32.76
C GLU J 64 -4.35 -25.16 33.15
N ILE J 65 -5.63 -25.45 33.36
CA ILE J 65 -6.56 -24.40 33.75
C ILE J 65 -6.23 -23.89 35.15
N GLN J 66 -5.82 -24.78 36.05
CA GLN J 66 -5.44 -24.33 37.39
C GLN J 66 -4.24 -23.39 37.31
N LYS J 67 -3.21 -23.76 36.55
CA LYS J 67 -2.03 -22.92 36.46
C LYS J 67 -2.33 -21.60 35.76
N THR J 68 -3.14 -21.64 34.69
CA THR J 68 -3.52 -20.41 34.01
C THR J 68 -4.33 -19.50 34.93
N VAL J 69 -5.24 -20.08 35.72
CA VAL J 69 -6.06 -19.30 36.62
C VAL J 69 -5.21 -18.64 37.70
N HIS J 70 -4.30 -19.41 38.30
CA HIS J 70 -3.45 -18.83 39.33
C HIS J 70 -2.48 -17.81 38.75
N THR J 71 -1.98 -18.05 37.54
CA THR J 71 -1.12 -17.07 36.87
C THR J 71 -1.87 -15.76 36.65
N ALA J 72 -3.12 -15.85 36.17
CA ALA J 72 -3.91 -14.64 35.97
C ALA J 72 -4.21 -13.95 37.29
N GLU J 73 -4.42 -14.72 38.35
CA GLU J 73 -4.62 -14.11 39.67
C GLU J 73 -3.38 -13.35 40.12
N ASP J 74 -2.20 -13.93 39.92
CA ASP J 74 -0.97 -13.21 40.25
C ASP J 74 -0.86 -11.93 39.42
N ALA J 75 -1.15 -12.02 38.13
CA ALA J 75 -1.04 -10.83 37.29
C ALA J 75 -1.99 -9.74 37.74
N VAL J 76 -3.23 -10.11 38.07
CA VAL J 76 -4.21 -9.12 38.49
C VAL J 76 -3.78 -8.46 39.79
N ASP J 77 -3.33 -9.26 40.76
CA ASP J 77 -2.91 -8.68 42.03
C ASP J 77 -1.70 -7.78 41.84
N LYS J 78 -0.76 -8.19 40.99
CA LYS J 78 0.40 -7.34 40.71
C LYS J 78 -0.03 -6.02 40.11
N PHE J 79 -0.98 -6.05 39.17
CA PHE J 79 -1.41 -4.81 38.52
C PHE J 79 -2.07 -3.88 39.52
N VAL J 80 -2.96 -4.39 40.37
CA VAL J 80 -3.59 -3.51 41.34
C VAL J 80 -2.57 -3.00 42.36
N VAL J 81 -1.57 -3.82 42.71
CA VAL J 81 -0.53 -3.37 43.62
C VAL J 81 0.26 -2.22 43.00
N GLN J 82 0.59 -2.32 41.71
CA GLN J 82 1.28 -1.24 41.03
C GLN J 82 0.42 0.02 41.00
N ALA J 83 -0.87 -0.13 40.75
CA ALA J 83 -1.76 1.03 40.75
C ALA J 83 -1.74 1.72 42.11
N LYS J 84 -1.88 0.94 43.18
CA LYS J 84 -1.89 1.53 44.51
C LYS J 84 -0.54 2.18 44.84
N LEU J 85 0.56 1.53 44.46
CA LEU J 85 1.87 2.10 44.72
C LEU J 85 2.03 3.44 44.02
N HIS J 86 1.62 3.51 42.76
CA HIS J 86 1.70 4.79 42.05
C HIS J 86 0.83 5.84 42.73
N LYS J 87 -0.38 5.47 43.13
CA LYS J 87 -1.22 6.43 43.83
C LYS J 87 -0.58 6.91 45.13
N GLU J 88 0.21 6.05 45.77
CA GLU J 88 0.89 6.45 47.00
C GLU J 88 1.92 7.54 46.72
N LYS J 89 2.64 7.45 45.61
CA LYS J 89 3.69 8.41 45.30
C LYS J 89 3.09 9.79 45.07
N ASN J 90 3.90 10.82 45.33
CA ASN J 90 3.46 12.18 45.12
C ASN J 90 3.21 12.44 43.63
N LYS J 91 2.49 13.54 43.36
CA LYS J 91 2.16 13.87 41.98
C LYS J 91 3.41 14.04 41.13
N MET J 92 4.43 14.70 41.68
CA MET J 92 5.71 14.79 40.98
C MET J 92 6.34 13.41 40.83
N ALA J 93 6.29 12.60 41.90
CA ALA J 93 6.84 11.25 41.83
C ALA J 93 5.94 10.34 41.01
N ARG J 94 4.70 10.75 40.76
CA ARG J 94 3.82 9.96 39.91
C ARG J 94 4.08 10.22 38.43
N ILE J 95 4.06 11.50 38.04
CA ILE J 95 4.24 11.86 36.63
C ILE J 95 5.64 11.48 36.16
N LEU J 96 6.64 11.70 37.02
CA LEU J 96 8.03 11.62 36.62
C LEU J 96 8.58 10.20 36.61
N ASP J 97 7.83 9.22 37.08
CA ASP J 97 8.35 7.86 37.27
C ASP J 97 8.30 7.11 35.93
N VAL J 98 9.40 7.19 35.18
CA VAL J 98 9.49 6.44 33.93
C VAL J 98 9.63 4.95 34.19
N GLY J 99 10.37 4.57 35.23
CA GLY J 99 10.47 3.17 35.58
C GLY J 99 9.11 2.55 35.86
N HIS J 100 8.26 3.27 36.58
CA HIS J 100 6.90 2.79 36.81
C HIS J 100 6.17 2.61 35.48
N LEU J 101 6.33 3.55 34.56
CA LEU J 101 5.75 3.40 33.24
C LEU J 101 6.17 2.07 32.62
N ALA J 102 7.48 1.82 32.62
CA ALA J 102 7.99 0.58 32.02
C ALA J 102 7.35 -0.64 32.67
N THR J 103 7.40 -0.73 34.01
CA THR J 103 6.89 -1.92 34.67
C THR J 103 5.39 -2.10 34.45
N VAL J 104 4.62 -1.03 34.60
CA VAL J 104 3.17 -1.17 34.50
C VAL J 104 2.78 -1.55 33.07
N ARG J 105 3.48 -1.02 32.07
CA ARG J 105 3.11 -1.36 30.71
C ARG J 105 3.58 -2.76 30.31
N ASN J 106 4.71 -3.23 30.86
CA ASN J 106 5.04 -4.65 30.70
C ASN J 106 3.97 -5.53 31.36
N LEU J 107 3.48 -5.10 32.53
CA LEU J 107 2.43 -5.86 33.21
C LEU J 107 1.16 -5.90 32.37
N ALA J 108 0.81 -4.78 31.73
CA ALA J 108 -0.35 -4.76 30.84
C ALA J 108 -0.13 -5.69 29.65
N ALA J 109 1.10 -5.73 29.13
CA ALA J 109 1.40 -6.67 28.05
C ALA J 109 1.19 -8.11 28.50
N GLU J 110 1.68 -8.44 29.70
CA GLU J 110 1.52 -9.80 30.21
C GLU J 110 0.05 -10.13 30.45
N VAL J 111 -0.71 -9.17 30.97
CA VAL J 111 -2.13 -9.39 31.20
C VAL J 111 -2.84 -9.62 29.88
N LYS J 112 -2.50 -8.85 28.85
CA LYS J 112 -3.09 -9.08 27.53
C LYS J 112 -2.74 -10.48 27.02
N GLY J 113 -1.49 -10.89 27.18
CA GLY J 113 -1.09 -12.21 26.73
C GLY J 113 -1.90 -13.31 27.42
N ILE J 114 -2.04 -13.21 28.74
CA ILE J 114 -2.77 -14.24 29.46
C ILE J 114 -4.26 -14.16 29.17
N HIS J 115 -4.79 -12.97 28.89
CA HIS J 115 -6.20 -12.89 28.47
C HIS J 115 -6.42 -13.61 27.16
N ASP J 116 -5.52 -13.42 26.19
CA ASP J 116 -5.66 -14.20 24.96
C ASP J 116 -5.48 -15.68 25.22
N GLN J 117 -4.60 -16.03 26.17
CA GLN J 117 -4.44 -17.43 26.56
C GLN J 117 -5.76 -18.00 27.07
N VAL J 118 -6.49 -17.23 27.88
CA VAL J 118 -7.76 -17.70 28.40
C VAL J 118 -8.80 -17.80 27.28
N LYS J 119 -8.82 -16.81 26.38
CA LYS J 119 -9.74 -16.87 25.26
C LYS J 119 -9.53 -18.14 24.44
N GLU J 120 -8.28 -18.45 24.11
CA GLU J 120 -8.01 -19.67 23.35
C GLU J 120 -8.21 -20.92 24.19
N LEU J 121 -8.00 -20.84 25.51
CA LEU J 121 -8.27 -21.98 26.36
C LEU J 121 -9.75 -22.34 26.30
N ARG J 122 -10.61 -21.34 26.35
CA ARG J 122 -12.05 -21.60 26.26
C ARG J 122 -12.42 -22.09 24.85
N LEU J 123 -11.95 -21.40 23.82
CA LEU J 123 -12.44 -21.70 22.48
C LEU J 123 -11.89 -23.02 21.95
N ASN J 124 -10.60 -23.26 22.11
CA ASN J 124 -9.99 -24.46 21.55
C ASN J 124 -10.54 -25.72 22.23
N ASN J 125 -10.67 -25.69 23.54
CA ASN J 125 -11.03 -26.88 24.31
C ASN J 125 -12.54 -26.96 24.48
N GLN J 126 -13.14 -28.00 23.91
CA GLN J 126 -14.58 -28.16 23.94
C GLN J 126 -15.07 -28.36 25.37
N ALA J 127 -14.29 -29.07 26.19
CA ALA J 127 -14.70 -29.45 27.54
C ALA J 127 -15.29 -28.28 28.31
N LEU J 128 -14.80 -27.07 28.05
CA LEU J 128 -15.16 -25.90 28.85
C LEU J 128 -16.55 -25.36 28.56
N GLN J 129 -17.24 -25.86 27.54
CA GLN J 129 -18.51 -25.27 27.14
C GLN J 129 -19.50 -25.29 28.29
N ALA J 130 -20.23 -24.18 28.45
CA ALA J 130 -21.21 -24.07 29.52
C ALA J 130 -22.28 -25.14 29.37
N ARG J 131 -22.66 -25.76 30.50
CA ARG J 131 -23.68 -26.78 30.50
C ARG J 131 -24.69 -26.51 31.62
N PRO J 132 -25.98 -26.77 31.39
CA PRO J 132 -26.99 -26.37 32.37
C PRO J 132 -26.89 -27.08 33.71
N THR J 133 -27.00 -28.41 33.69
CA THR J 133 -26.88 -29.24 34.89
C THR J 133 -26.09 -30.47 34.45
N LEU J 134 -24.77 -30.39 34.52
CA LEU J 134 -23.99 -31.44 33.87
C LEU J 134 -22.69 -31.65 34.66
N GLU J 135 -22.76 -32.54 35.63
CA GLU J 135 -21.62 -33.30 36.14
C GLU J 135 -21.94 -34.79 36.00
N LEU J 136 -20.90 -35.61 35.91
CA LEU J 136 -21.02 -37.06 35.67
C LEU J 136 -20.40 -37.83 36.83
N PRO J 137 -21.12 -37.96 37.95
CA PRO J 137 -20.62 -38.75 39.09
C PRO J 137 -20.63 -40.24 38.81
N GLN J 146 -19.49 -53.68 49.82
CA GLN J 146 -19.36 -54.98 50.47
C GLN J 146 -18.30 -54.94 51.56
N GLN J 147 -18.65 -55.42 52.75
CA GLN J 147 -17.75 -55.39 53.89
C GLN J 147 -16.72 -56.51 53.74
N GLY J 148 -15.92 -56.73 54.79
CA GLY J 148 -14.96 -57.80 54.80
C GLY J 148 -15.62 -59.14 55.07
N PRO J 149 -14.81 -60.19 55.21
CA PRO J 149 -15.37 -61.53 55.44
C PRO J 149 -16.41 -61.56 56.54
N ALA J 150 -16.02 -61.12 57.74
CA ALA J 150 -16.80 -61.23 58.98
C ALA J 150 -15.96 -61.96 60.02
N LEU J 151 -15.81 -61.36 61.19
CA LEU J 151 -14.88 -61.86 62.19
C LEU J 151 -15.60 -62.74 63.21
N GLU J 152 -14.80 -63.47 63.98
CA GLU J 152 -15.25 -64.20 65.15
C GLU J 152 -14.50 -63.68 66.37
N ASP J 153 -15.01 -64.01 67.55
CA ASP J 153 -14.58 -63.34 68.77
C ASP J 153 -13.08 -63.48 69.02
N ASP J 154 -12.44 -64.49 68.44
CA ASP J 154 -11.00 -64.64 68.55
C ASP J 154 -10.25 -63.71 67.61
N GLU J 155 -10.96 -63.04 66.69
CA GLU J 155 -10.37 -62.09 65.76
C GLU J 155 -10.68 -60.65 66.13
N VAL J 156 -11.12 -60.40 67.36
CA VAL J 156 -11.42 -59.05 67.84
C VAL J 156 -10.48 -58.75 69.00
N VAL J 157 -9.86 -57.58 68.97
CA VAL J 157 -8.73 -57.25 69.84
C VAL J 157 -9.13 -56.07 70.73
N GLY J 158 -8.93 -56.23 72.03
CA GLY J 158 -9.07 -55.13 72.95
C GLY J 158 -10.45 -54.51 72.99
N PHE J 159 -11.43 -55.14 72.36
CA PHE J 159 -12.81 -54.68 72.42
C PHE J 159 -13.62 -55.43 73.47
N ASP J 160 -13.00 -56.39 74.17
CA ASP J 160 -13.72 -57.15 75.18
C ASP J 160 -14.29 -56.21 76.23
N GLU J 161 -13.45 -55.35 76.81
CA GLU J 161 -13.94 -54.39 77.78
C GLU J 161 -14.93 -53.42 77.14
N GLU J 162 -14.66 -52.99 75.90
CA GLU J 162 -15.59 -52.10 75.21
C GLU J 162 -16.94 -52.79 74.98
N ALA J 163 -16.91 -54.03 74.49
CA ALA J 163 -18.17 -54.74 74.26
C ALA J 163 -18.93 -54.93 75.55
N ASN J 164 -18.23 -55.30 76.63
CA ASN J 164 -18.90 -55.47 77.92
C ASN J 164 -19.49 -54.16 78.41
N LYS J 165 -18.77 -53.06 78.24
CA LYS J 165 -19.30 -51.76 78.65
C LYS J 165 -20.55 -51.41 77.87
N VAL J 166 -20.54 -51.62 76.56
CA VAL J 166 -21.70 -51.29 75.75
C VAL J 166 -22.88 -52.17 76.12
N ILE J 167 -22.64 -53.47 76.32
CA ILE J 167 -23.73 -54.37 76.67
C ILE J 167 -24.29 -54.04 78.04
N ASN J 168 -23.41 -53.65 78.98
CA ASN J 168 -23.88 -53.22 80.30
C ASN J 168 -24.75 -51.98 80.19
N ARG J 169 -24.31 -51.00 79.39
CA ARG J 169 -25.14 -49.84 79.14
C ARG J 169 -26.49 -50.26 78.56
N LEU J 170 -26.48 -51.29 77.72
CA LEU J 170 -27.70 -51.74 77.06
C LEU J 170 -28.67 -52.35 78.07
N VAL J 171 -28.25 -53.42 78.74
CA VAL J 171 -29.19 -54.25 79.50
C VAL J 171 -29.78 -53.53 80.70
N LYS J 172 -29.14 -52.47 81.18
CA LYS J 172 -29.64 -51.73 82.33
C LYS J 172 -31.14 -51.49 82.20
N GLU J 173 -31.89 -51.95 83.20
CA GLU J 173 -33.34 -51.85 83.15
C GLU J 173 -33.77 -50.38 83.12
N SER J 174 -34.71 -50.08 82.24
CA SER J 174 -35.26 -48.74 82.12
C SER J 174 -36.54 -48.77 81.29
N LYS J 175 -37.64 -48.25 81.83
CA LYS J 175 -38.91 -48.32 81.12
C LYS J 175 -38.83 -47.68 79.75
N ASP J 176 -38.05 -46.60 79.62
CA ASP J 176 -37.98 -45.85 78.38
C ASP J 176 -37.13 -46.56 77.34
N LEU J 177 -37.29 -46.15 76.09
CA LEU J 177 -36.50 -46.66 74.97
C LEU J 177 -35.21 -45.85 74.92
N ASP J 178 -34.20 -46.32 75.64
CA ASP J 178 -32.92 -45.63 75.70
C ASP J 178 -31.99 -46.16 74.62
N ILE J 179 -31.31 -45.25 73.94
CA ILE J 179 -30.43 -45.59 72.84
C ILE J 179 -28.99 -45.67 73.33
N ILE J 180 -28.20 -46.51 72.67
CA ILE J 180 -26.78 -46.68 72.99
C ILE J 180 -25.98 -46.58 71.70
N PRO J 181 -25.51 -45.39 71.32
CA PRO J 181 -24.81 -45.22 70.05
C PRO J 181 -23.31 -45.39 70.15
N VAL J 182 -22.73 -45.86 69.04
CA VAL J 182 -21.28 -46.01 68.89
C VAL J 182 -20.83 -45.07 67.79
N VAL J 183 -19.91 -44.16 68.12
CA VAL J 183 -19.47 -43.11 67.21
C VAL J 183 -17.95 -43.05 67.23
N GLY J 184 -17.38 -42.56 66.14
CA GLY J 184 -15.95 -42.45 66.03
C GLY J 184 -15.54 -41.88 64.68
N MET J 185 -14.40 -42.33 64.20
CA MET J 185 -13.81 -41.89 62.95
C MET J 185 -14.01 -42.95 61.88
N PRO J 186 -13.77 -42.60 60.62
CA PRO J 186 -13.89 -43.60 59.54
C PRO J 186 -12.98 -44.78 59.77
N GLY J 187 -13.50 -45.97 59.51
CA GLY J 187 -12.70 -47.17 59.64
C GLY J 187 -12.15 -47.39 61.03
N LEU J 188 -12.88 -46.95 62.06
CA LEU J 188 -12.41 -47.15 63.43
C LEU J 188 -12.80 -48.51 63.99
N GLY J 189 -13.60 -49.29 63.26
CA GLY J 189 -14.02 -50.60 63.71
C GLY J 189 -15.35 -50.64 64.42
N LYS J 190 -16.18 -49.61 64.27
CA LYS J 190 -17.44 -49.56 64.99
C LYS J 190 -18.33 -50.75 64.64
N THR J 191 -18.50 -51.02 63.35
CA THR J 191 -19.33 -52.14 62.95
C THR J 191 -18.83 -53.43 63.58
N THR J 192 -17.51 -53.57 63.77
CA THR J 192 -16.99 -54.76 64.42
C THR J 192 -17.41 -54.83 65.88
N LEU J 193 -17.39 -53.70 66.58
CA LEU J 193 -17.87 -53.69 67.95
C LEU J 193 -19.34 -54.09 68.01
N ALA J 194 -20.15 -53.53 67.12
CA ALA J 194 -21.57 -53.86 67.10
C ALA J 194 -21.79 -55.34 66.80
N ARG J 195 -21.11 -55.85 65.78
CA ARG J 195 -21.26 -57.26 65.43
C ARG J 195 -20.83 -58.17 66.57
N LYS J 196 -19.72 -57.83 67.24
CA LYS J 196 -19.37 -58.56 68.45
C LYS J 196 -20.51 -58.53 69.45
N ILE J 197 -20.89 -57.33 69.89
CA ILE J 197 -22.02 -57.14 70.79
C ILE J 197 -23.20 -57.97 70.28
N TYR J 198 -23.41 -57.95 68.97
CA TYR J 198 -24.53 -58.66 68.37
C TYR J 198 -24.44 -60.17 68.60
N LYS J 199 -23.24 -60.69 68.88
CA LYS J 199 -23.04 -62.13 69.03
C LYS J 199 -22.68 -62.55 70.45
N ASP J 200 -22.80 -61.66 71.43
CA ASP J 200 -22.57 -62.06 72.81
C ASP J 200 -23.74 -62.91 73.31
N PRO J 201 -23.48 -64.06 73.95
CA PRO J 201 -24.60 -64.80 74.54
C PRO J 201 -25.40 -63.99 75.54
N LYS J 202 -24.74 -63.14 76.34
CA LYS J 202 -25.44 -62.35 77.33
C LYS J 202 -26.59 -61.57 76.68
N LEU J 203 -26.29 -60.87 75.59
CA LEU J 203 -27.33 -60.13 74.88
C LEU J 203 -28.52 -61.02 74.56
N SER J 204 -28.26 -62.27 74.15
CA SER J 204 -29.34 -63.20 73.94
C SER J 204 -30.09 -63.47 75.24
N TYR J 205 -29.37 -63.56 76.36
CA TYR J 205 -30.01 -63.83 77.64
C TYR J 205 -30.99 -62.73 78.00
N GLU J 206 -30.59 -61.47 77.82
CA GLU J 206 -31.40 -60.35 78.29
C GLU J 206 -32.40 -59.84 77.25
N PHE J 207 -32.33 -60.31 76.01
CA PHE J 207 -33.25 -59.85 74.97
C PHE J 207 -33.75 -61.03 74.17
N PHE J 208 -35.08 -61.06 73.95
CA PHE J 208 -35.66 -62.17 73.19
C PHE J 208 -35.17 -62.17 71.76
N GLY J 209 -35.28 -61.02 71.08
CA GLY J 209 -34.95 -60.94 69.67
C GLY J 209 -34.05 -59.77 69.34
N VAL J 210 -32.85 -60.06 68.86
CA VAL J 210 -31.90 -59.05 68.42
C VAL J 210 -31.78 -59.15 66.91
N HIS J 211 -32.00 -58.04 66.22
CA HIS J 211 -31.90 -58.00 64.76
C HIS J 211 -30.89 -56.94 64.35
N TRP J 212 -30.30 -57.15 63.18
CA TRP J 212 -29.23 -56.34 62.65
C TRP J 212 -29.68 -55.63 61.39
N VAL J 213 -29.35 -54.34 61.28
CA VAL J 213 -29.74 -53.53 60.13
C VAL J 213 -28.59 -52.60 59.78
N TYR J 214 -28.35 -52.43 58.49
CA TYR J 214 -27.32 -51.54 57.97
C TYR J 214 -28.00 -50.44 57.16
N VAL J 215 -27.60 -49.19 57.42
CA VAL J 215 -28.16 -48.04 56.73
C VAL J 215 -27.13 -47.37 55.82
N GLY J 216 -26.05 -46.85 56.40
CA GLY J 216 -25.09 -46.07 55.64
C GLY J 216 -25.67 -44.73 55.23
N GLN J 217 -24.86 -43.96 54.50
CA GLN J 217 -25.33 -42.65 54.06
C GLN J 217 -26.55 -42.78 53.15
N SER J 218 -26.51 -43.74 52.23
CA SER J 218 -27.58 -43.96 51.26
C SER J 218 -28.40 -45.17 51.66
N TYR J 219 -29.72 -45.02 51.64
CA TYR J 219 -30.64 -46.07 52.08
C TYR J 219 -32.04 -45.66 51.67
N LYS J 220 -33.01 -46.51 51.99
CA LYS J 220 -34.41 -46.16 51.94
C LYS J 220 -35.08 -46.70 53.20
N ILE J 221 -36.01 -45.94 53.76
CA ILE J 221 -36.67 -46.37 54.99
C ILE J 221 -37.41 -47.68 54.75
N LYS J 222 -38.10 -47.80 53.62
CA LYS J 222 -38.92 -48.98 53.38
C LYS J 222 -38.07 -50.24 53.36
N ASP J 223 -36.88 -50.18 52.75
CA ASP J 223 -35.98 -51.33 52.78
C ASP J 223 -35.63 -51.69 54.21
N VAL J 224 -35.32 -50.69 55.03
CA VAL J 224 -34.95 -50.95 56.42
C VAL J 224 -36.11 -51.62 57.16
N PHE J 225 -37.31 -51.08 56.98
CA PHE J 225 -38.48 -51.62 57.67
C PHE J 225 -38.79 -53.03 57.22
N LEU J 226 -38.66 -53.31 55.92
CA LEU J 226 -38.90 -54.66 55.43
C LEU J 226 -37.88 -55.64 56.01
N ASN J 227 -36.60 -55.25 56.03
CA ASN J 227 -35.60 -56.14 56.59
C ASN J 227 -35.80 -56.34 58.09
N ILE J 228 -36.29 -55.32 58.79
CA ILE J 228 -36.62 -55.48 60.21
C ILE J 228 -37.78 -56.44 60.37
N LEU J 229 -38.85 -56.24 59.59
CA LEU J 229 -40.02 -57.10 59.67
C LEU J 229 -39.69 -58.54 59.36
N LYS J 230 -38.71 -58.80 58.48
CA LYS J 230 -38.33 -60.17 58.20
C LYS J 230 -37.94 -60.91 59.47
N PHE J 231 -37.42 -60.18 60.47
CA PHE J 231 -36.99 -60.83 61.70
C PHE J 231 -38.16 -61.48 62.42
N PHE J 232 -39.30 -60.78 62.50
CA PHE J 232 -40.44 -61.29 63.27
C PHE J 232 -41.33 -62.22 62.46
N THR J 233 -41.32 -62.10 61.14
CA THR J 233 -42.11 -62.98 60.29
C THR J 233 -41.36 -63.21 58.99
N ARG J 234 -41.62 -64.35 58.36
CA ARG J 234 -41.06 -64.67 57.07
C ARG J 234 -41.96 -64.26 55.92
N ARG J 235 -43.09 -63.61 56.21
CA ARG J 235 -44.09 -63.24 55.22
C ARG J 235 -44.04 -61.75 54.89
N THR J 236 -42.83 -61.18 54.83
CA THR J 236 -42.69 -59.80 54.39
C THR J 236 -43.29 -59.60 53.01
N GLU J 237 -43.37 -60.66 52.19
CA GLU J 237 -44.06 -60.56 50.92
C GLU J 237 -45.50 -60.12 51.09
N ASP J 238 -46.10 -60.38 52.25
CA ASP J 238 -47.48 -59.99 52.49
C ASP J 238 -47.62 -58.53 52.86
N TYR J 239 -46.61 -57.95 53.52
CA TYR J 239 -46.67 -56.57 53.98
C TYR J 239 -45.84 -55.63 53.11
N GLN J 240 -45.33 -56.09 51.97
CA GLN J 240 -44.58 -55.20 51.09
C GLN J 240 -45.45 -54.06 50.58
N HIS J 241 -46.77 -54.24 50.57
CA HIS J 241 -47.68 -53.21 50.07
C HIS J 241 -48.14 -52.25 51.16
N GLU J 242 -47.80 -52.51 52.42
CA GLU J 242 -48.24 -51.64 53.50
C GLU J 242 -47.43 -50.35 53.51
N ASP J 243 -48.07 -49.28 53.97
CA ASP J 243 -47.41 -47.98 54.03
C ASP J 243 -46.43 -47.93 55.19
N VAL J 244 -45.68 -46.82 55.27
CA VAL J 244 -44.66 -46.68 56.31
C VAL J 244 -45.29 -46.79 57.69
N ASP J 245 -46.41 -46.10 57.91
CA ASP J 245 -47.04 -46.14 59.23
C ASP J 245 -47.70 -47.49 59.51
N ALA J 246 -48.31 -48.10 58.50
CA ALA J 246 -48.87 -49.43 58.68
C ALA J 246 -47.76 -50.42 59.05
N LEU J 247 -46.62 -50.32 58.36
CA LEU J 247 -45.48 -51.18 58.69
C LEU J 247 -44.97 -50.88 60.10
N ALA J 248 -44.95 -49.61 60.50
CA ALA J 248 -44.52 -49.27 61.85
C ALA J 248 -45.42 -49.92 62.88
N LYS J 249 -46.73 -49.84 62.68
CA LYS J 249 -47.66 -50.46 63.62
C LYS J 249 -47.50 -51.98 63.63
N VAL J 250 -47.31 -52.58 62.46
CA VAL J 250 -47.15 -54.03 62.38
C VAL J 250 -45.92 -54.46 63.15
N ILE J 251 -44.79 -53.76 62.96
CA ILE J 251 -43.57 -54.11 63.66
C ILE J 251 -43.72 -53.86 65.15
N ALA J 252 -44.46 -52.80 65.53
CA ALA J 252 -44.69 -52.55 66.94
C ALA J 252 -45.43 -53.72 67.57
N GLY J 253 -46.47 -54.22 66.89
CA GLY J 253 -47.19 -55.38 67.42
C GLY J 253 -46.32 -56.61 67.48
N PHE J 254 -45.52 -56.84 66.43
CA PHE J 254 -44.62 -58.00 66.43
C PHE J 254 -43.67 -57.95 67.61
N ILE J 255 -43.08 -56.78 67.87
CA ILE J 255 -42.16 -56.63 68.99
C ILE J 255 -42.90 -56.83 70.30
N ASN J 256 -44.08 -56.23 70.43
CA ASN J 256 -44.86 -56.37 71.66
C ASN J 256 -45.09 -57.83 71.97
N LYS J 257 -45.43 -58.63 70.96
CA LYS J 257 -45.55 -60.06 71.17
C LYS J 257 -44.21 -60.68 71.54
N GLY J 258 -43.14 -60.27 70.86
CA GLY J 258 -41.85 -60.90 71.07
C GLY J 258 -41.30 -60.68 72.47
N GLY J 259 -41.34 -59.44 72.94
CA GLY J 259 -40.73 -59.08 74.22
C GLY J 259 -39.64 -58.05 74.06
N ARG J 260 -38.73 -57.98 75.04
CA ARG J 260 -37.63 -57.03 74.97
C ARG J 260 -36.82 -57.27 73.71
N CYS J 261 -36.52 -56.18 73.00
CA CYS J 261 -35.83 -56.27 71.71
C CYS J 261 -34.71 -55.24 71.66
N LEU J 262 -33.57 -55.65 71.10
CA LEU J 262 -32.48 -54.75 70.76
C LEU J 262 -32.31 -54.78 69.24
N ILE J 263 -32.20 -53.61 68.64
CA ILE J 263 -32.03 -53.49 67.19
C ILE J 263 -30.67 -52.86 66.93
N CYS J 264 -29.83 -53.55 66.18
CA CYS J 264 -28.53 -53.04 65.81
C CYS J 264 -28.68 -52.22 64.53
N LEU J 265 -28.21 -50.98 64.57
CA LEU J 265 -28.27 -50.07 63.43
C LEU J 265 -26.86 -49.73 63.01
N ASP J 266 -26.49 -50.14 61.81
CA ASP J 266 -25.13 -49.93 61.30
C ASP J 266 -25.10 -48.65 60.47
N ASP J 267 -24.28 -47.68 60.90
CA ASP J 267 -23.91 -46.54 60.09
C ASP J 267 -25.15 -45.72 59.67
N VAL J 268 -25.79 -45.15 60.68
CA VAL J 268 -26.87 -44.19 60.48
C VAL J 268 -26.31 -42.79 60.72
N TRP J 269 -26.48 -41.90 59.75
CA TRP J 269 -25.92 -40.57 59.82
C TRP J 269 -26.94 -39.45 59.87
N GLU J 270 -28.24 -39.73 59.78
CA GLU J 270 -29.25 -38.68 59.69
C GLU J 270 -30.29 -38.82 60.79
N THR J 271 -30.57 -37.70 61.47
CA THR J 271 -31.50 -37.72 62.60
C THR J 271 -32.88 -38.20 62.20
N LYS J 272 -33.31 -37.90 60.98
CA LYS J 272 -34.63 -38.35 60.54
C LYS J 272 -34.79 -39.85 60.75
N VAL J 273 -33.73 -40.62 60.50
CA VAL J 273 -33.81 -42.06 60.67
C VAL J 273 -34.12 -42.42 62.12
N ILE J 274 -33.40 -41.81 63.06
CA ILE J 274 -33.62 -42.12 64.47
C ILE J 274 -35.03 -41.71 64.87
N ASP J 275 -35.53 -40.61 64.31
CA ASP J 275 -36.93 -40.26 64.53
C ASP J 275 -37.85 -41.33 63.96
N TYR J 276 -37.42 -42.02 62.91
CA TYR J 276 -38.24 -43.11 62.37
C TYR J 276 -38.19 -44.34 63.26
N VAL J 277 -37.00 -44.69 63.76
CA VAL J 277 -36.85 -45.96 64.47
C VAL J 277 -37.61 -45.95 65.79
N LYS J 278 -37.75 -44.78 66.44
CA LYS J 278 -38.54 -44.73 67.66
C LYS J 278 -39.96 -45.22 67.42
N THR J 279 -40.44 -45.13 66.18
CA THR J 279 -41.84 -45.45 65.90
C THR J 279 -42.08 -46.96 65.90
N ILE J 280 -41.09 -47.76 65.51
CA ILE J 280 -41.31 -49.20 65.39
C ILE J 280 -41.46 -49.88 66.75
N PHE J 281 -41.20 -49.18 67.85
CA PHE J 281 -41.13 -49.81 69.15
C PHE J 281 -42.43 -49.62 69.90
N PRO J 282 -43.10 -50.69 70.34
CA PRO J 282 -44.33 -50.53 71.11
C PRO J 282 -44.06 -49.91 72.47
N GLU J 283 -45.07 -49.21 72.99
CA GLU J 283 -44.97 -48.56 74.29
C GLU J 283 -45.47 -49.51 75.39
N ASN J 284 -44.66 -50.55 75.63
CA ASN J 284 -44.95 -51.53 76.67
C ASN J 284 -44.04 -51.36 77.88
N GLU J 285 -43.32 -50.25 77.96
CA GLU J 285 -42.50 -49.92 79.13
C GLU J 285 -41.64 -51.09 79.58
N LYS J 286 -41.16 -51.88 78.63
CA LYS J 286 -40.24 -52.97 78.93
C LYS J 286 -38.78 -52.56 78.76
N GLY J 287 -38.52 -51.39 78.19
CA GLY J 287 -37.15 -50.93 78.06
C GLY J 287 -36.41 -51.44 76.85
N HIS J 288 -37.09 -51.52 75.70
CA HIS J 288 -36.42 -51.92 74.48
C HIS J 288 -35.23 -51.00 74.21
N ARG J 289 -34.32 -51.48 73.38
CA ARG J 289 -33.09 -50.76 73.10
C ARG J 289 -32.83 -50.76 71.60
N VAL J 290 -32.14 -49.72 71.15
CA VAL J 290 -31.59 -49.66 69.80
C VAL J 290 -30.16 -49.13 69.92
N MET J 291 -29.20 -49.89 69.42
CA MET J 291 -27.80 -49.51 69.43
C MET J 291 -27.42 -49.20 68.00
N MET J 292 -27.00 -47.96 67.75
CA MET J 292 -26.79 -47.44 66.40
C MET J 292 -25.38 -46.89 66.28
N THR J 293 -24.76 -47.15 65.12
CA THR J 293 -23.44 -46.62 64.82
C THR J 293 -23.58 -45.43 63.89
N THR J 294 -23.00 -44.29 64.29
CA THR J 294 -23.09 -43.06 63.53
C THR J 294 -21.73 -42.38 63.51
N ARG J 295 -21.30 -41.94 62.32
CA ARG J 295 -20.03 -41.24 62.18
C ARG J 295 -20.14 -39.77 62.55
N ASN J 296 -21.33 -39.31 62.94
CA ASN J 296 -21.57 -37.92 63.30
C ASN J 296 -21.78 -37.85 64.82
N LYS J 297 -20.82 -37.26 65.53
CA LYS J 297 -20.90 -37.22 66.98
C LYS J 297 -22.19 -36.56 67.46
N VAL J 298 -22.67 -35.53 66.76
CA VAL J 298 -23.90 -34.87 67.17
C VAL J 298 -25.07 -35.82 67.10
N LEU J 299 -25.14 -36.62 66.04
CA LEU J 299 -26.21 -37.61 65.91
C LEU J 299 -26.16 -38.60 67.05
N ALA J 300 -24.96 -39.09 67.38
CA ALA J 300 -24.81 -39.96 68.54
C ALA J 300 -25.32 -39.28 69.80
N THR J 301 -24.97 -38.01 69.99
CA THR J 301 -25.38 -37.31 71.21
C THR J 301 -26.89 -37.23 71.30
N TYR J 302 -27.55 -36.94 70.18
CA TYR J 302 -29.01 -36.95 70.19
C TYR J 302 -29.53 -38.34 70.51
N ALA J 303 -28.92 -39.37 69.93
CA ALA J 303 -29.35 -40.74 70.19
C ALA J 303 -29.28 -41.04 71.68
N ASN J 304 -28.12 -40.83 72.29
CA ASN J 304 -27.98 -40.95 73.73
C ASN J 304 -27.28 -39.70 74.27
N SER J 305 -27.80 -39.18 75.38
CA SER J 305 -27.23 -37.99 75.99
C SER J 305 -25.78 -38.18 76.44
N ASP J 306 -25.25 -39.40 76.35
CA ASP J 306 -23.87 -39.69 76.73
C ASP J 306 -23.32 -40.73 75.78
N PRO J 307 -22.55 -40.31 74.76
CA PRO J 307 -22.16 -41.27 73.71
C PRO J 307 -21.23 -42.35 74.21
N HIS J 308 -20.83 -43.26 73.31
CA HIS J 308 -19.82 -44.27 73.57
C HIS J 308 -18.78 -44.12 72.47
N ASP J 309 -17.85 -43.17 72.66
CA ASP J 309 -16.81 -42.94 71.68
C ASP J 309 -15.92 -44.17 71.63
N LEU J 310 -15.84 -44.79 70.46
CA LEU J 310 -15.05 -46.01 70.31
C LEU J 310 -13.62 -45.76 70.75
N LYS J 311 -13.11 -46.64 71.60
CA LYS J 311 -11.80 -46.42 72.19
C LYS J 311 -10.75 -46.41 71.09
N PHE J 312 -9.50 -46.15 71.44
CA PHE J 312 -8.40 -46.19 70.50
C PHE J 312 -7.52 -47.38 70.83
N LEU J 313 -7.27 -48.24 69.84
CA LEU J 313 -6.40 -49.38 70.06
C LEU J 313 -5.01 -48.92 70.46
N THR J 314 -4.42 -49.63 71.41
CA THR J 314 -3.05 -49.34 71.82
C THR J 314 -2.08 -49.94 70.83
N PRO J 315 -0.82 -49.47 70.83
CA PRO J 315 0.16 -50.02 69.87
C PRO J 315 0.31 -51.53 69.96
N LYS J 316 0.26 -52.08 71.17
CA LYS J 316 0.26 -53.54 71.31
C LYS J 316 -0.95 -54.14 70.61
N GLU J 317 -2.13 -53.52 70.78
CA GLU J 317 -3.32 -54.03 70.11
C GLU J 317 -3.15 -53.98 68.60
N SER J 318 -2.60 -52.88 68.07
CA SER J 318 -2.42 -52.78 66.63
C SER J 318 -1.40 -53.80 66.12
N PHE J 319 -0.34 -54.05 66.88
CA PHE J 319 0.63 -55.05 66.47
C PHE J 319 0.00 -56.43 66.45
N GLU J 320 -0.77 -56.78 67.48
CA GLU J 320 -1.45 -58.06 67.48
C GLU J 320 -2.41 -58.15 66.30
N LEU J 321 -3.10 -57.05 66.00
CA LEU J 321 -4.00 -57.01 64.86
C LEU J 321 -3.27 -57.36 63.57
N LEU J 322 -2.16 -56.66 63.30
CA LEU J 322 -1.43 -56.91 62.06
C LEU J 322 -0.87 -58.32 62.04
N VAL J 323 -0.39 -58.81 63.19
CA VAL J 323 0.09 -60.19 63.26
C VAL J 323 -1.01 -61.13 62.80
N LYS J 324 -2.22 -60.94 63.32
CA LYS J 324 -3.34 -61.79 62.94
C LYS J 324 -3.63 -61.66 61.44
N ARG J 325 -3.67 -60.44 60.93
CA ARG J 325 -4.06 -60.25 59.54
C ARG J 325 -3.08 -60.92 58.59
N VAL J 326 -1.78 -60.66 58.78
CA VAL J 326 -0.80 -61.19 57.83
C VAL J 326 -0.63 -62.70 58.04
N PHE J 327 -0.64 -63.15 59.29
CA PHE J 327 -0.30 -64.54 59.59
C PHE J 327 -1.43 -65.30 60.29
N GLY J 328 -2.64 -64.76 60.31
CA GLY J 328 -3.73 -65.47 60.93
C GLY J 328 -3.45 -65.79 62.38
N LYS J 329 -3.18 -67.06 62.67
CA LYS J 329 -2.75 -67.49 64.00
C LYS J 329 -1.34 -68.03 64.02
N LYS J 330 -0.71 -68.25 62.88
CA LYS J 330 0.70 -68.57 62.86
C LYS J 330 1.48 -67.37 63.38
N PRO J 331 2.34 -67.52 64.38
CA PRO J 331 3.00 -66.35 64.96
C PRO J 331 3.85 -65.64 63.92
N CYS J 332 3.93 -64.33 64.04
CA CYS J 332 4.77 -63.55 63.15
C CYS J 332 6.23 -63.95 63.36
N PRO J 333 7.02 -64.09 62.30
CA PRO J 333 8.42 -64.50 62.49
C PRO J 333 9.22 -63.46 63.26
N LYS J 334 10.40 -63.88 63.72
CA LYS J 334 11.13 -63.11 64.72
C LYS J 334 11.61 -61.77 64.18
N ASP J 335 12.20 -61.76 62.98
CA ASP J 335 12.82 -60.52 62.52
C ASP J 335 11.79 -59.52 62.04
N LEU J 336 10.63 -59.98 61.58
CA LEU J 336 9.57 -59.05 61.19
C LEU J 336 8.96 -58.33 62.38
N VAL J 337 9.24 -58.78 63.61
CA VAL J 337 8.66 -58.15 64.78
C VAL J 337 9.14 -56.72 64.93
N GLY J 338 10.43 -56.48 64.72
CA GLY J 338 10.94 -55.12 64.76
C GLY J 338 10.18 -54.25 63.79
N HIS J 339 10.23 -54.62 62.51
CA HIS J 339 9.48 -53.88 61.51
C HIS J 339 7.97 -53.94 61.77
N GLY J 340 7.48 -55.09 62.24
CA GLY J 340 6.07 -55.18 62.59
C GLY J 340 5.70 -54.25 63.73
N GLU J 341 6.55 -54.15 64.74
CA GLU J 341 6.29 -53.18 65.81
C GLU J 341 6.26 -51.78 65.25
N SER J 342 7.20 -51.46 64.36
CA SER J 342 7.19 -50.13 63.74
C SER J 342 5.87 -49.87 63.03
N ILE J 343 5.43 -50.82 62.20
CA ILE J 343 4.23 -50.60 61.39
C ILE J 343 3.00 -50.51 62.28
N ALA J 344 3.00 -51.23 63.40
CA ALA J 344 1.85 -51.22 64.29
C ALA J 344 1.67 -49.86 64.95
N GLY J 345 2.75 -49.32 65.52
CA GLY J 345 2.65 -48.06 66.24
C GLY J 345 2.30 -46.89 65.35
N LYS J 346 2.80 -46.88 64.12
CA LYS J 346 2.67 -45.72 63.24
C LYS J 346 1.23 -45.46 62.80
N CYS J 347 0.31 -46.39 63.03
CA CYS J 347 -1.04 -46.24 62.51
C CYS J 347 -1.92 -45.35 63.38
N GLY J 348 -1.41 -44.85 64.50
CA GLY J 348 -2.13 -43.89 65.31
C GLY J 348 -3.14 -44.50 66.27
N GLY J 349 -3.43 -45.80 66.14
CA GLY J 349 -4.38 -46.45 67.02
C GLY J 349 -5.76 -46.63 66.41
N VAL J 350 -5.82 -47.01 65.13
CA VAL J 350 -7.08 -47.35 64.48
C VAL J 350 -6.90 -48.65 63.69
N PRO J 351 -7.72 -49.68 63.93
CA PRO J 351 -7.59 -50.90 63.15
C PRO J 351 -7.42 -50.68 61.66
N LEU J 352 -8.34 -49.93 61.03
CA LEU J 352 -8.42 -50.00 59.57
C LEU J 352 -7.10 -49.67 58.89
N ALA J 353 -6.32 -48.75 59.45
CA ALA J 353 -5.00 -48.49 58.90
C ALA J 353 -4.12 -49.73 58.98
N VAL J 354 -4.14 -50.39 60.15
CA VAL J 354 -3.42 -51.65 60.31
C VAL J 354 -3.89 -52.65 59.25
N VAL J 355 -5.20 -52.75 59.07
CA VAL J 355 -5.76 -53.70 58.14
C VAL J 355 -5.28 -53.43 56.72
N VAL J 356 -5.29 -52.16 56.31
CA VAL J 356 -4.93 -51.83 54.94
C VAL J 356 -3.45 -52.11 54.69
N ILE J 357 -2.60 -51.69 55.62
CA ILE J 357 -1.18 -51.95 55.40
C ILE J 357 -0.89 -53.45 55.46
N ALA J 358 -1.59 -54.19 56.32
CA ALA J 358 -1.47 -55.64 56.30
C ALA J 358 -1.86 -56.19 54.94
N GLY J 359 -2.96 -55.68 54.37
CA GLY J 359 -3.33 -56.08 53.03
C GLY J 359 -2.20 -55.86 52.04
N ALA J 360 -1.51 -54.73 52.16
CA ALA J 360 -0.33 -54.50 51.32
C ALA J 360 0.77 -55.51 51.63
N LEU J 361 0.84 -55.99 52.87
CA LEU J 361 1.89 -56.89 53.34
C LEU J 361 1.55 -58.36 53.22
N ARG J 362 0.40 -58.71 52.64
CA ARG J 362 -0.05 -60.10 52.68
C ARG J 362 0.96 -61.01 51.99
N GLY J 363 1.45 -62.00 52.73
CA GLY J 363 2.37 -62.95 52.16
C GLY J 363 3.61 -62.30 51.59
N ARG J 364 4.27 -61.46 52.38
CA ARG J 364 5.54 -60.83 51.99
C ARG J 364 6.57 -61.03 53.08
N PRO J 365 6.88 -62.28 53.41
CA PRO J 365 7.85 -62.53 54.50
C PRO J 365 9.28 -62.19 54.11
N ASN J 366 9.50 -61.60 52.95
CA ASN J 366 10.81 -61.11 52.54
C ASN J 366 11.01 -59.72 53.11
N THR J 367 11.96 -59.58 54.04
CA THR J 367 12.07 -58.34 54.82
C THR J 367 12.31 -57.12 53.95
N SER J 368 12.78 -57.31 52.72
CA SER J 368 12.91 -56.18 51.80
C SER J 368 11.60 -55.42 51.71
N ASP J 369 10.50 -56.15 51.53
CA ASP J 369 9.22 -55.48 51.37
C ASP J 369 8.67 -54.94 52.70
N TRP J 370 8.91 -55.64 53.82
CA TRP J 370 8.46 -55.08 55.09
C TRP J 370 9.16 -53.75 55.35
N ILE J 371 10.44 -53.65 55.01
CA ILE J 371 11.13 -52.37 55.18
C ILE J 371 10.62 -51.34 54.17
N ARG J 372 10.35 -51.77 52.95
CA ARG J 372 9.72 -50.85 52.00
C ARG J 372 8.48 -50.23 52.62
N VAL J 373 7.60 -51.05 53.17
CA VAL J 373 6.33 -50.54 53.66
C VAL J 373 6.52 -49.73 54.94
N GLU J 374 7.49 -50.10 55.79
CA GLU J 374 7.71 -49.33 57.00
C GLU J 374 8.25 -47.94 56.70
N ARG J 375 9.22 -47.84 55.78
CA ARG J 375 9.91 -46.57 55.52
C ARG J 375 8.94 -45.41 55.57
N ASN J 376 7.73 -45.61 55.04
CA ASN J 376 6.63 -44.67 55.21
C ASN J 376 5.35 -45.49 55.17
N VAL J 377 4.52 -45.33 56.20
CA VAL J 377 3.34 -46.17 56.37
C VAL J 377 2.03 -45.40 56.28
N VAL J 378 2.04 -44.09 56.07
CA VAL J 378 0.79 -43.37 55.88
C VAL J 378 0.52 -43.19 54.39
N GLN J 379 1.58 -43.03 53.59
CA GLN J 379 1.41 -42.98 52.14
C GLN J 379 0.84 -44.28 51.59
N HIS J 380 1.21 -45.41 52.20
CA HIS J 380 0.82 -46.69 51.63
C HIS J 380 -0.68 -46.84 51.55
N LEU J 381 -1.40 -46.43 52.58
CA LEU J 381 -2.84 -46.35 52.43
C LEU J 381 -3.14 -45.42 51.27
N TYR J 382 -4.29 -45.64 50.61
CA TYR J 382 -4.70 -44.87 49.44
C TYR J 382 -3.89 -45.20 48.20
N THR J 383 -3.44 -46.45 48.07
CA THR J 383 -2.71 -46.89 46.89
C THR J 383 -3.18 -48.28 46.47
N ASN J 384 -2.95 -48.61 45.20
CA ASN J 384 -3.25 -49.93 44.67
C ASN J 384 -4.76 -50.17 44.65
N SER J 385 -5.18 -51.42 44.46
CA SER J 385 -6.61 -51.73 44.43
C SER J 385 -7.22 -51.62 45.82
N GLU J 386 -6.58 -52.22 46.81
CA GLU J 386 -7.13 -52.28 48.16
C GLU J 386 -6.74 -51.03 48.95
N GLU J 387 -7.17 -49.86 48.48
CA GLU J 387 -6.83 -48.57 49.09
C GLU J 387 -7.94 -48.11 50.02
N SER J 388 -8.58 -49.06 50.70
CA SER J 388 -9.92 -48.83 51.22
C SER J 388 -10.04 -47.58 52.07
N CYS J 389 -8.93 -47.12 52.67
CA CYS J 389 -9.03 -45.96 53.55
C CYS J 389 -9.58 -44.75 52.81
N LEU J 390 -9.14 -44.54 51.56
CA LEU J 390 -9.56 -43.35 50.82
C LEU J 390 -11.08 -43.26 50.73
N LYS J 391 -11.69 -44.22 50.05
CA LYS J 391 -13.15 -44.20 49.89
C LYS J 391 -13.84 -44.22 51.24
N PHE J 392 -13.24 -44.86 52.23
CA PHE J 392 -13.84 -44.88 53.56
C PHE J 392 -13.97 -43.47 54.12
N VAL J 393 -12.95 -42.63 53.92
CA VAL J 393 -13.05 -41.25 54.39
C VAL J 393 -13.94 -40.43 53.48
N GLU J 394 -13.88 -40.68 52.17
CA GLU J 394 -14.73 -39.96 51.23
C GLU J 394 -16.19 -40.23 51.52
N MET J 395 -16.49 -41.30 52.27
CA MET J 395 -17.85 -41.62 52.62
C MET J 395 -18.51 -40.48 53.40
N SER J 396 -17.70 -39.60 54.01
CA SER J 396 -18.22 -38.46 54.75
C SER J 396 -17.67 -37.12 54.28
N TYR J 397 -16.59 -37.11 53.48
CA TYR J 397 -16.10 -35.84 52.96
C TYR J 397 -17.16 -35.17 52.11
N ASP J 398 -17.85 -35.94 51.25
CA ASP J 398 -18.99 -35.40 50.53
C ASP J 398 -20.08 -34.93 51.48
N HIS J 399 -20.03 -35.38 52.73
CA HIS J 399 -20.91 -34.94 53.81
C HIS J 399 -20.35 -33.66 54.46
N LEU J 400 -19.62 -32.87 53.68
CA LEU J 400 -19.20 -31.54 54.09
C LEU J 400 -19.58 -30.55 53.00
N PRO J 401 -20.23 -29.44 53.35
CA PRO J 401 -20.41 -28.37 52.36
C PRO J 401 -19.06 -27.85 51.89
N GLN J 402 -19.05 -27.29 50.69
CA GLN J 402 -17.78 -26.92 50.06
C GLN J 402 -16.95 -26.00 50.95
N GLU J 403 -17.62 -25.13 51.74
CA GLU J 403 -16.86 -24.25 52.62
C GLU J 403 -16.08 -25.06 53.66
N VAL J 404 -16.76 -25.97 54.35
CA VAL J 404 -16.07 -26.82 55.32
C VAL J 404 -15.21 -27.83 54.60
N GLN J 405 -15.55 -28.19 53.35
CA GLN J 405 -14.64 -29.01 52.57
C GLN J 405 -13.27 -28.36 52.48
N THR J 406 -13.24 -27.10 52.05
CA THR J 406 -11.97 -26.40 51.91
C THR J 406 -11.32 -26.19 53.27
N CYS J 407 -12.08 -25.68 54.23
CA CYS J 407 -11.52 -25.47 55.58
C CYS J 407 -10.85 -26.74 56.09
N PHE J 408 -11.48 -27.89 55.82
CA PHE J 408 -10.88 -29.15 56.23
C PHE J 408 -9.54 -29.38 55.55
N LEU J 409 -9.50 -29.25 54.23
CA LEU J 409 -8.27 -29.55 53.51
C LEU J 409 -7.10 -28.72 54.03
N TYR J 410 -7.38 -27.55 54.60
CA TYR J 410 -6.32 -26.72 55.14
C TYR J 410 -6.02 -27.02 56.59
N CYS J 411 -6.69 -28.00 57.19
CA CYS J 411 -6.11 -28.69 58.33
C CYS J 411 -5.01 -29.64 57.92
N GLY J 412 -4.92 -29.98 56.64
CA GLY J 412 -3.94 -30.91 56.12
C GLY J 412 -2.58 -30.31 55.83
N VAL J 413 -2.33 -29.08 56.28
CA VAL J 413 -1.04 -28.46 56.08
C VAL J 413 -0.17 -28.50 57.33
N PHE J 414 -0.76 -28.70 58.49
CA PHE J 414 0.03 -28.79 59.70
C PHE J 414 0.77 -30.13 59.73
N PRO J 415 2.04 -30.17 60.12
CA PRO J 415 2.82 -31.41 59.97
C PRO J 415 2.19 -32.58 60.71
N ARG J 416 2.41 -33.78 60.16
CA ARG J 416 1.82 -34.98 60.75
C ARG J 416 2.28 -35.12 62.19
N GLY J 417 1.32 -35.37 63.08
CA GLY J 417 1.58 -35.38 64.50
C GLY J 417 1.54 -34.01 65.14
N PHE J 418 1.52 -32.94 64.36
CA PHE J 418 1.43 -31.60 64.90
C PHE J 418 0.09 -31.39 65.59
N ASP J 419 0.08 -30.49 66.56
CA ASP J 419 -1.15 -30.08 67.26
C ASP J 419 -1.54 -28.70 66.76
N ILE J 420 -2.73 -28.61 66.18
CA ILE J 420 -3.17 -27.41 65.47
C ILE J 420 -3.96 -26.54 66.43
N PRO J 421 -3.46 -25.39 66.84
CA PRO J 421 -4.22 -24.54 67.75
C PRO J 421 -5.50 -24.04 67.09
N SER J 422 -6.51 -23.78 67.94
CA SER J 422 -7.79 -23.29 67.43
C SER J 422 -7.63 -21.92 66.79
N TRP J 423 -7.00 -20.98 67.50
CA TRP J 423 -6.88 -19.63 66.96
C TRP J 423 -5.98 -19.61 65.73
N LYS J 424 -4.90 -20.37 65.75
CA LYS J 424 -4.00 -20.40 64.59
C LYS J 424 -4.74 -20.89 63.35
N VAL J 425 -5.45 -22.02 63.46
CA VAL J 425 -6.14 -22.57 62.29
C VAL J 425 -7.30 -21.67 61.87
N ILE J 426 -7.97 -21.05 62.83
CA ILE J 426 -9.07 -20.15 62.49
C ILE J 426 -8.55 -18.99 61.66
N ARG J 427 -7.51 -18.32 62.15
CA ARG J 427 -6.97 -17.19 61.41
C ARG J 427 -6.25 -17.64 60.15
N LEU J 428 -5.84 -18.90 60.07
CA LEU J 428 -5.26 -19.43 58.83
C LEU J 428 -6.33 -19.58 57.77
N TRP J 429 -7.39 -20.33 58.07
CA TRP J 429 -8.55 -20.36 57.19
C TRP J 429 -8.90 -18.95 56.74
N ILE J 430 -9.21 -18.08 57.69
CA ILE J 430 -9.69 -16.74 57.36
C ILE J 430 -8.64 -15.91 56.63
N ALA J 431 -7.37 -16.30 56.72
CA ALA J 431 -6.31 -15.60 56.01
C ALA J 431 -6.10 -16.12 54.61
N GLU J 432 -6.47 -17.37 54.34
CA GLU J 432 -6.36 -17.93 53.01
C GLU J 432 -7.50 -17.51 52.09
N GLY J 433 -8.52 -16.83 52.62
CA GLY J 433 -9.67 -16.48 51.81
C GLY J 433 -10.64 -17.62 51.61
N LEU J 434 -10.53 -18.69 52.38
CA LEU J 434 -11.41 -19.84 52.20
C LEU J 434 -12.81 -19.55 52.73
N ILE J 435 -12.92 -18.88 53.87
CA ILE J 435 -14.23 -18.53 54.42
C ILE J 435 -14.84 -17.41 53.58
N LYS J 436 -16.16 -17.26 53.66
CA LYS J 436 -16.85 -16.14 53.06
C LYS J 436 -17.81 -15.54 54.08
N PRO J 437 -18.02 -14.23 54.04
CA PRO J 437 -18.82 -13.59 55.09
C PRO J 437 -20.27 -14.00 55.03
N GLN J 438 -20.93 -13.95 56.18
CA GLN J 438 -22.34 -14.25 56.31
C GLN J 438 -23.10 -13.02 56.75
N GLU J 439 -24.43 -13.16 56.82
CA GLU J 439 -25.30 -11.98 56.86
C GLU J 439 -25.30 -11.33 58.24
N SER J 440 -24.96 -12.07 59.30
CA SER J 440 -24.94 -11.50 60.64
C SER J 440 -23.80 -12.03 61.51
N TYR J 441 -22.80 -12.69 60.94
CA TYR J 441 -21.74 -13.30 61.73
C TYR J 441 -20.39 -12.69 61.37
N THR J 442 -19.40 -13.02 62.20
CA THR J 442 -18.04 -12.51 62.05
C THR J 442 -17.10 -13.67 61.74
N LEU J 443 -16.24 -13.47 60.75
CA LEU J 443 -15.44 -14.58 60.21
C LEU J 443 -14.83 -15.44 61.31
N GLU J 444 -14.46 -14.84 62.44
CA GLU J 444 -13.89 -15.63 63.53
C GLU J 444 -14.87 -16.69 64.00
N GLU J 445 -16.13 -16.30 64.24
CA GLU J 445 -17.08 -17.25 64.79
C GLU J 445 -17.60 -18.21 63.73
N ILE J 446 -17.66 -17.78 62.47
CA ILE J 446 -17.99 -18.72 61.40
C ILE J 446 -16.92 -19.80 61.31
N ALA J 447 -15.64 -19.40 61.37
CA ALA J 447 -14.57 -20.38 61.29
C ALA J 447 -14.56 -21.30 62.51
N GLU J 448 -14.82 -20.75 63.69
CA GLU J 448 -14.90 -21.60 64.87
C GLU J 448 -16.05 -22.57 64.77
N PHE J 449 -17.19 -22.13 64.23
CA PHE J 449 -18.30 -23.04 63.97
C PHE J 449 -17.89 -24.13 62.99
N TYR J 450 -17.14 -23.77 61.95
CA TYR J 450 -16.70 -24.76 60.98
C TYR J 450 -15.83 -25.81 61.64
N LEU J 451 -14.88 -25.39 62.48
CA LEU J 451 -14.03 -26.39 63.13
C LEU J 451 -14.81 -27.19 64.17
N ASN J 452 -15.72 -26.54 64.88
CA ASN J 452 -16.59 -27.26 65.81
C ASN J 452 -17.34 -28.36 65.09
N ASP J 453 -17.86 -28.06 63.90
CA ASP J 453 -18.50 -29.10 63.11
C ASP J 453 -17.50 -30.14 62.66
N LEU J 454 -16.30 -29.71 62.26
CA LEU J 454 -15.28 -30.65 61.80
C LEU J 454 -14.90 -31.62 62.91
N VAL J 455 -15.23 -31.27 64.16
CA VAL J 455 -15.15 -32.25 65.23
C VAL J 455 -16.47 -33.00 65.37
N ASN J 456 -17.60 -32.31 65.20
CA ASN J 456 -18.90 -32.97 65.29
C ASN J 456 -18.95 -34.18 64.39
N ARG J 457 -18.44 -34.05 63.17
CA ARG J 457 -18.41 -35.14 62.20
C ARG J 457 -17.23 -36.07 62.41
N ASN J 458 -16.58 -36.00 63.57
CA ASN J 458 -15.39 -36.78 63.92
C ASN J 458 -14.27 -36.60 62.92
N LEU J 459 -14.35 -35.58 62.07
CA LEU J 459 -13.41 -35.40 60.99
C LEU J 459 -12.06 -34.92 61.46
N VAL J 460 -11.98 -34.26 62.60
CA VAL J 460 -10.73 -33.69 63.05
C VAL J 460 -10.61 -33.84 64.56
N ILE J 461 -9.67 -34.68 65.00
CA ILE J 461 -9.46 -35.00 66.41
C ILE J 461 -9.43 -33.71 67.22
N LEU J 462 -9.92 -33.77 68.45
CA LEU J 462 -9.96 -32.62 69.35
C LEU J 462 -9.63 -33.10 70.75
N GLN J 463 -8.38 -32.92 71.19
CA GLN J 463 -8.01 -33.21 72.57
C GLN J 463 -7.26 -32.01 73.16
N GLN J 464 -8.02 -30.95 73.43
CA GLN J 464 -7.71 -29.96 74.46
C GLN J 464 -8.89 -28.99 74.49
N LYS J 465 -9.47 -28.74 75.64
CA LYS J 465 -10.66 -27.89 75.74
C LYS J 465 -10.32 -26.66 76.55
N ARG J 466 -10.52 -25.49 75.95
CA ARG J 466 -10.41 -24.23 76.67
C ARG J 466 -11.37 -24.24 77.85
N SER J 467 -11.20 -23.30 78.79
CA SER J 467 -12.13 -23.20 79.90
C SER J 467 -13.57 -23.17 79.42
N ASP J 468 -13.85 -22.35 78.40
CA ASP J 468 -15.20 -22.28 77.86
C ASP J 468 -15.69 -23.64 77.38
N GLY J 469 -14.78 -24.54 77.02
CA GLY J 469 -15.14 -25.80 76.45
C GLY J 469 -15.05 -25.86 74.93
N GLN J 470 -14.42 -24.89 74.30
CA GLN J 470 -14.23 -24.90 72.86
C GLN J 470 -12.82 -25.39 72.53
N ILE J 471 -12.61 -25.66 71.24
CA ILE J 471 -11.38 -26.30 70.79
C ILE J 471 -10.17 -25.49 71.23
N LYS J 472 -9.16 -26.18 71.76
CA LYS J 472 -7.86 -25.58 72.04
C LYS J 472 -6.74 -26.21 71.23
N THR J 473 -6.80 -27.50 70.93
CA THR J 473 -5.89 -28.12 69.99
C THR J 473 -6.62 -29.22 69.25
N CYS J 474 -6.56 -29.18 67.93
CA CYS J 474 -7.15 -30.21 67.08
C CYS J 474 -6.07 -30.82 66.21
N ARG J 475 -6.13 -32.14 66.08
CA ARG J 475 -5.20 -32.88 65.23
C ARG J 475 -6.01 -33.60 64.16
N LEU J 476 -5.32 -34.02 63.11
CA LEU J 476 -5.92 -34.79 62.04
C LEU J 476 -5.21 -36.13 61.98
N HIS J 477 -5.98 -37.22 61.97
CA HIS J 477 -5.37 -38.52 62.15
C HIS J 477 -4.40 -38.82 61.01
N VAL J 478 -3.38 -39.62 61.31
CA VAL J 478 -2.32 -39.88 60.34
C VAL J 478 -2.89 -40.31 59.00
N MET J 479 -3.83 -41.26 59.03
CA MET J 479 -4.53 -41.63 57.80
C MET J 479 -5.25 -40.43 57.21
N LEU J 480 -5.96 -39.67 58.04
CA LEU J 480 -6.60 -38.47 57.54
C LEU J 480 -5.57 -37.43 57.13
N HIS J 481 -4.37 -37.46 57.72
CA HIS J 481 -3.35 -36.51 57.30
C HIS J 481 -2.91 -36.78 55.87
N GLN J 482 -2.58 -38.03 55.56
CA GLN J 482 -2.22 -38.34 54.19
C GLN J 482 -3.40 -38.15 53.24
N PHE J 483 -4.63 -38.40 53.71
CA PHE J 483 -5.79 -38.10 52.87
C PHE J 483 -5.84 -36.62 52.52
N CYS J 484 -5.73 -35.75 53.53
CA CYS J 484 -5.77 -34.32 53.27
C CYS J 484 -4.63 -33.88 52.36
N LYS J 485 -3.42 -34.36 52.64
CA LYS J 485 -2.28 -33.90 51.85
C LYS J 485 -2.40 -34.33 50.41
N LYS J 486 -2.77 -35.60 50.18
CA LYS J 486 -2.94 -36.08 48.81
C LYS J 486 -4.08 -35.35 48.11
N GLU J 487 -5.18 -35.08 48.83
CA GLU J 487 -6.32 -34.42 48.19
C GLU J 487 -5.97 -32.99 47.80
N ALA J 488 -5.34 -32.24 48.71
CA ALA J 488 -4.89 -30.90 48.38
C ALA J 488 -3.92 -30.94 47.20
N SER J 489 -2.95 -31.85 47.24
CA SER J 489 -1.98 -31.94 46.15
C SER J 489 -2.66 -32.20 44.82
N ASN J 490 -3.66 -33.07 44.80
CA ASN J 490 -4.42 -33.26 43.57
C ASN J 490 -5.11 -31.97 43.16
N LYS J 491 -5.71 -31.25 44.11
CA LYS J 491 -6.30 -29.94 43.81
C LYS J 491 -5.28 -28.81 43.85
N TRP J 492 -4.08 -29.06 44.37
CA TRP J 492 -2.97 -28.12 44.43
C TRP J 492 -3.21 -26.96 45.39
N LEU J 493 -4.22 -27.02 46.25
CA LEU J 493 -4.46 -25.92 47.16
C LEU J 493 -3.24 -25.64 48.02
N PHE J 494 -2.40 -26.65 48.24
CA PHE J 494 -1.06 -26.48 48.80
C PHE J 494 -0.32 -27.80 48.66
N GLN J 495 0.86 -27.88 49.25
CA GLN J 495 1.72 -29.04 49.04
C GLN J 495 2.83 -29.02 50.08
N GLU J 496 3.50 -30.16 50.24
CA GLU J 496 4.63 -30.31 51.14
C GLU J 496 5.88 -30.62 50.34
N VAL J 497 6.92 -29.81 50.53
CA VAL J 497 8.18 -30.02 49.80
C VAL J 497 8.90 -31.22 50.40
N SER J 498 9.47 -32.04 49.52
CA SER J 498 10.25 -33.20 49.93
C SER J 498 11.35 -33.43 48.91
N LEU J 499 12.13 -34.48 49.12
CA LEU J 499 13.24 -34.78 48.22
C LEU J 499 13.83 -36.14 48.57
N THR J 500 14.24 -36.86 47.52
CA THR J 500 15.02 -38.09 47.66
C THR J 500 16.49 -37.74 47.44
N PRO J 501 17.38 -38.00 48.41
CA PRO J 501 18.67 -37.30 48.44
C PRO J 501 18.72 -35.99 47.65
N ASP J 502 18.66 -36.07 46.32
CA ASP J 502 18.63 -34.88 45.48
C ASP J 502 17.18 -34.54 45.13
N GLN J 503 16.99 -33.66 44.14
CA GLN J 503 15.68 -33.39 43.55
C GLN J 503 14.81 -32.59 44.51
N ALA J 504 13.55 -32.34 44.10
CA ALA J 504 12.69 -31.41 44.82
C ALA J 504 11.34 -32.03 45.18
N ILE J 505 11.27 -33.35 45.25
CA ILE J 505 10.06 -34.03 45.71
C ILE J 505 10.44 -35.32 46.42
N ASP J 509 7.57 -31.45 41.36
CA ASP J 509 7.48 -30.23 40.57
C ASP J 509 6.75 -29.15 41.36
N PRO J 510 7.46 -28.50 42.30
CA PRO J 510 6.83 -27.45 43.11
C PRO J 510 6.14 -26.38 42.27
N ASN J 511 6.48 -26.29 40.98
CA ASN J 511 5.77 -25.37 40.10
C ASN J 511 4.30 -25.71 39.98
N LYS J 512 3.92 -26.95 40.28
CA LYS J 512 2.53 -27.36 40.39
C LYS J 512 2.07 -27.36 41.84
N SER J 513 2.56 -26.40 42.60
CA SER J 513 2.23 -26.25 44.02
C SER J 513 1.84 -24.79 44.23
N ARG J 514 0.54 -24.53 44.34
CA ARG J 514 0.09 -23.17 44.60
C ARG J 514 0.61 -22.67 45.94
N ARG J 515 1.05 -23.57 46.81
CA ARG J 515 1.69 -23.20 48.06
C ARG J 515 2.70 -24.26 48.45
N LEU J 516 3.64 -23.89 49.30
CA LEU J 516 4.71 -24.78 49.74
C LEU J 516 4.70 -24.86 51.26
N CYS J 517 4.67 -26.09 51.78
CA CYS J 517 4.84 -26.37 53.20
C CYS J 517 6.15 -27.12 53.35
N ILE J 518 7.14 -26.48 53.97
CA ILE J 518 8.48 -27.00 54.07
C ILE J 518 8.79 -27.26 55.53
N GLN J 519 9.35 -28.42 55.82
CA GLN J 519 9.81 -28.71 57.17
C GLN J 519 11.11 -27.95 57.46
N PRO J 520 11.33 -27.54 58.72
CA PRO J 520 12.56 -26.79 59.03
C PRO J 520 13.82 -27.56 58.68
N SER J 521 13.84 -28.88 58.86
CA SER J 521 15.06 -29.64 58.63
C SER J 521 15.52 -29.53 57.18
N ASN J 522 14.59 -29.62 56.24
CA ASN J 522 14.92 -29.56 54.82
C ASN J 522 14.94 -28.13 54.29
N LEU J 523 14.64 -27.13 55.12
CA LEU J 523 14.54 -25.76 54.62
C LEU J 523 15.87 -25.26 54.09
N LYS J 524 16.96 -25.55 54.81
CA LYS J 524 18.27 -25.07 54.36
C LYS J 524 18.62 -25.64 53.01
N ASP J 525 18.42 -26.95 52.82
CA ASP J 525 18.75 -27.57 51.54
C ASP J 525 17.82 -27.06 50.43
N PHE J 526 16.54 -26.89 50.74
CA PHE J 526 15.61 -26.34 49.75
C PHE J 526 16.06 -24.96 49.32
N LEU J 527 16.53 -24.15 50.28
CA LEU J 527 17.07 -22.84 49.96
C LEU J 527 18.36 -22.94 49.15
N SER J 528 19.11 -24.04 49.33
CA SER J 528 20.37 -24.19 48.63
C SER J 528 20.18 -24.13 47.12
N LYS J 529 19.08 -24.70 46.62
CA LYS J 529 18.78 -24.63 45.19
C LYS J 529 18.30 -23.26 44.75
N LYS J 530 18.34 -22.25 45.62
CA LYS J 530 17.94 -20.89 45.27
C LYS J 530 16.49 -20.90 44.80
N PRO J 531 15.54 -21.17 45.69
CA PRO J 531 14.13 -21.21 45.28
C PRO J 531 13.68 -19.87 44.74
N SER J 532 12.85 -19.92 43.71
CA SER J 532 12.27 -18.72 43.10
C SER J 532 10.93 -19.09 42.51
N ALA J 533 9.88 -18.39 42.93
CA ALA J 533 8.54 -18.68 42.44
C ALA J 533 7.71 -17.40 42.48
N GLU J 534 6.65 -17.40 41.68
CA GLU J 534 5.67 -16.33 41.64
C GLU J 534 4.27 -16.81 41.98
N HIS J 535 3.88 -17.98 41.46
CA HIS J 535 2.58 -18.54 41.77
C HIS J 535 2.40 -18.88 43.24
N VAL J 536 3.50 -19.18 43.95
CA VAL J 536 3.38 -19.48 45.37
C VAL J 536 2.72 -18.30 46.05
N ARG J 537 1.88 -18.59 47.05
CA ARG J 537 1.15 -17.54 47.73
C ARG J 537 1.12 -17.77 49.24
N SER J 538 2.18 -18.37 49.78
CA SER J 538 2.30 -18.57 51.21
C SER J 538 3.64 -19.24 51.49
N PHE J 539 3.95 -19.39 52.78
CA PHE J 539 5.16 -20.07 53.20
C PHE J 539 4.92 -20.66 54.58
N TYR J 540 4.79 -21.98 54.64
CA TYR J 540 4.53 -22.70 55.88
C TYR J 540 5.79 -23.41 56.36
N CYS J 541 6.21 -23.09 57.58
CA CYS J 541 7.25 -23.87 58.26
C CYS J 541 6.92 -23.82 59.75
N PHE J 542 6.25 -24.86 60.22
CA PHE J 542 5.86 -24.99 61.62
C PHE J 542 6.88 -25.86 62.34
N SER J 543 7.08 -25.58 63.62
CA SER J 543 8.06 -26.29 64.44
C SER J 543 7.33 -27.39 65.20
N SER J 544 7.14 -28.53 64.54
CA SER J 544 6.58 -29.68 65.24
C SER J 544 7.46 -30.09 66.42
N LYS J 545 8.77 -30.13 66.21
CA LYS J 545 9.75 -30.21 67.29
C LYS J 545 9.97 -28.79 67.78
N GLU J 546 9.15 -28.38 68.75
CA GLU J 546 9.06 -26.99 69.13
C GLU J 546 10.42 -26.44 69.55
N LYS J 547 10.74 -25.24 69.08
CA LYS J 547 11.92 -24.48 69.46
C LYS J 547 13.22 -25.10 68.96
N GLN J 548 13.15 -25.92 67.91
CA GLN J 548 14.35 -26.51 67.32
C GLN J 548 14.84 -25.65 66.15
N ILE J 549 15.16 -24.40 66.45
CA ILE J 549 15.63 -23.46 65.43
C ILE J 549 17.00 -23.92 64.96
N ARG J 550 17.09 -24.36 63.71
CA ARG J 550 18.33 -24.88 63.15
C ARG J 550 19.22 -23.72 62.71
N GLY J 551 20.34 -24.04 62.08
CA GLY J 551 21.30 -23.03 61.68
C GLY J 551 20.85 -22.22 60.48
N LEU J 552 19.82 -21.41 60.65
CA LEU J 552 19.31 -20.53 59.60
C LEU J 552 19.95 -19.15 59.77
N THR J 553 20.80 -18.79 58.83
CA THR J 553 21.49 -17.50 58.86
C THR J 553 20.59 -16.40 58.33
N PRO J 554 20.90 -15.14 58.63
CA PRO J 554 20.08 -14.04 58.07
C PRO J 554 20.01 -14.07 56.55
N ASN J 555 21.08 -14.49 55.89
CA ASN J 555 21.02 -14.68 54.44
C ASN J 555 19.92 -15.66 54.06
N ASP J 556 19.72 -16.70 54.87
CA ASP J 556 18.64 -17.64 54.59
C ASP J 556 17.28 -16.94 54.61
N ILE J 557 17.06 -16.07 55.60
CA ILE J 557 15.79 -15.37 55.70
C ILE J 557 15.62 -14.40 54.53
N LYS J 558 16.71 -13.73 54.12
CA LYS J 558 16.63 -12.84 52.97
C LYS J 558 16.28 -13.61 51.70
N LEU J 559 16.93 -14.76 51.48
CA LEU J 559 16.61 -15.55 50.29
C LEU J 559 15.19 -16.10 50.37
N ILE J 560 14.69 -16.40 51.57
CA ILE J 560 13.29 -16.78 51.71
C ILE J 560 12.39 -15.65 51.25
N HIS J 561 12.65 -14.44 51.73
CA HIS J 561 11.91 -13.29 51.26
C HIS J 561 11.94 -13.21 49.73
N LYS J 562 13.11 -13.47 49.15
CA LYS J 562 13.25 -13.35 47.70
C LYS J 562 12.41 -14.41 46.98
N ALA J 563 12.47 -15.65 47.44
CA ALA J 563 11.91 -16.76 46.67
C ALA J 563 10.41 -16.61 46.50
N PHE J 564 9.70 -16.16 47.54
CA PHE J 564 8.25 -16.09 47.53
C PHE J 564 7.82 -14.63 47.60
N PRO J 565 7.58 -13.96 46.45
CA PRO J 565 7.28 -12.53 46.48
C PRO J 565 5.80 -12.20 46.67
N LEU J 566 4.92 -13.10 46.24
CA LEU J 566 3.48 -12.87 46.29
C LEU J 566 2.82 -13.54 47.49
N VAL J 567 3.54 -13.66 48.60
CA VAL J 567 3.04 -14.43 49.72
C VAL J 567 1.84 -13.72 50.33
N ARG J 568 0.74 -14.45 50.48
CA ARG J 568 -0.39 -14.01 51.28
C ARG J 568 -0.29 -14.49 52.72
N VAL J 569 0.29 -15.67 52.93
CA VAL J 569 0.30 -16.33 54.23
C VAL J 569 1.75 -16.74 54.50
N LEU J 570 2.48 -15.89 55.20
CA LEU J 570 3.88 -16.15 55.57
C LEU J 570 3.88 -16.49 57.06
N ASP J 571 3.87 -17.79 57.36
CA ASP J 571 3.76 -18.28 58.72
C ASP J 571 4.97 -19.14 59.04
N VAL J 572 5.88 -18.62 59.87
CA VAL J 572 6.99 -19.41 60.36
C VAL J 572 7.44 -18.90 61.72
N GLU J 573 7.48 -19.80 62.71
CA GLU J 573 8.19 -19.54 63.96
C GLU J 573 9.08 -20.74 64.26
N SER J 574 10.19 -20.85 63.54
CA SER J 574 11.42 -21.44 64.04
C SER J 574 12.53 -20.83 63.20
N LEU J 575 13.02 -19.66 63.65
CA LEU J 575 13.86 -18.81 62.83
C LEU J 575 14.32 -17.61 63.63
N LYS J 576 15.17 -16.78 63.03
CA LYS J 576 15.47 -15.44 63.54
C LYS J 576 15.11 -14.47 62.40
N PHE J 577 13.85 -14.09 62.34
CA PHE J 577 13.37 -13.28 61.24
C PHE J 577 13.89 -11.84 61.34
N LEU J 578 13.94 -11.18 60.20
CA LEU J 578 14.36 -9.79 60.13
C LEU J 578 13.50 -9.07 59.09
N PHE J 579 13.39 -7.75 59.23
CA PHE J 579 12.52 -6.95 58.36
C PHE J 579 13.31 -6.45 57.15
N SER J 580 13.72 -7.40 56.31
CA SER J 580 14.50 -7.07 55.14
C SER J 580 13.74 -6.08 54.24
N LYS J 581 14.50 -5.35 53.43
CA LYS J 581 13.88 -4.42 52.48
C LYS J 581 12.93 -5.17 51.55
N ASP J 582 13.38 -6.29 50.99
CA ASP J 582 12.51 -7.07 50.13
C ASP J 582 11.29 -7.56 50.89
N PHE J 583 11.48 -8.06 52.11
CA PHE J 583 10.34 -8.48 52.91
C PHE J 583 9.37 -7.34 53.13
N ASN J 584 9.86 -6.10 53.15
CA ASN J 584 8.99 -4.95 53.32
C ASN J 584 8.14 -4.68 52.09
N GLN J 585 8.51 -5.24 50.94
CA GLN J 585 7.75 -5.04 49.71
C GLN J 585 6.46 -5.85 49.67
N LEU J 586 6.33 -6.89 50.49
CA LEU J 586 5.24 -7.86 50.35
C LEU J 586 3.93 -7.21 50.80
N PHE J 587 3.33 -6.46 49.86
CA PHE J 587 2.07 -5.78 50.16
C PHE J 587 0.88 -6.74 50.16
N HIS J 588 0.97 -7.86 49.44
CA HIS J 588 -0.12 -8.82 49.37
C HIS J 588 -0.38 -9.50 50.70
N LEU J 589 0.47 -9.26 51.68
CA LEU J 589 0.52 -10.07 52.88
C LEU J 589 -0.81 -10.03 53.64
N ARG J 590 -1.21 -11.20 54.16
CA ARG J 590 -2.48 -11.37 54.86
C ARG J 590 -2.29 -11.70 56.34
N TYR J 591 -1.44 -12.67 56.64
CA TYR J 591 -1.30 -13.19 58.00
C TYR J 591 0.17 -13.53 58.21
N ILE J 592 0.77 -12.95 59.24
CA ILE J 592 2.18 -13.13 59.55
C ILE J 592 2.34 -13.79 60.91
N ALA J 593 3.18 -14.81 60.94
CA ALA J 593 3.63 -15.46 62.18
C ALA J 593 5.14 -15.53 62.10
N ILE J 594 5.83 -14.59 62.75
CA ILE J 594 7.29 -14.50 62.72
C ILE J 594 7.80 -14.30 64.13
N SER J 595 9.11 -14.54 64.29
CA SER J 595 9.77 -14.38 65.57
C SER J 595 11.19 -13.86 65.33
N GLY J 596 11.78 -13.29 66.38
CA GLY J 596 13.11 -12.74 66.30
C GLY J 596 13.36 -11.80 67.46
N ASP J 597 14.20 -10.80 67.20
CA ASP J 597 14.53 -9.77 68.18
C ASP J 597 14.17 -8.42 67.56
N PHE J 598 12.94 -7.98 67.82
CA PHE J 598 12.42 -6.71 67.32
C PHE J 598 12.00 -5.84 68.48
N ASN J 599 12.49 -4.59 68.48
CA ASN J 599 12.18 -3.64 69.54
C ASN J 599 10.97 -2.79 69.24
N ALA J 600 10.57 -2.71 67.96
CA ALA J 600 9.46 -1.86 67.54
C ALA J 600 9.08 -2.23 66.11
N ILE J 601 7.79 -2.41 65.85
CA ILE J 601 7.35 -2.80 64.51
C ILE J 601 7.67 -1.65 63.57
N PRO J 602 8.46 -1.87 62.52
CA PRO J 602 8.81 -0.76 61.63
C PRO J 602 7.60 -0.29 60.83
N LEU J 603 7.70 0.95 60.34
CA LEU J 603 6.64 1.52 59.51
C LEU J 603 6.47 0.75 58.22
N THR J 604 7.44 -0.10 57.86
CA THR J 604 7.31 -0.90 56.65
C THR J 604 6.02 -1.71 56.65
N PHE J 605 5.54 -2.09 57.84
CA PHE J 605 4.28 -2.80 57.95
C PHE J 605 3.08 -1.92 57.68
N GLY J 606 3.28 -0.60 57.56
CA GLY J 606 2.22 0.28 57.16
C GLY J 606 1.87 0.22 55.69
N LYS J 607 2.66 -0.50 54.89
CA LYS J 607 2.38 -0.69 53.48
C LYS J 607 1.60 -1.97 53.20
N PHE J 608 1.45 -2.84 54.19
CA PHE J 608 0.77 -4.13 53.99
C PHE J 608 -0.74 -3.92 54.12
N TRP J 609 -1.31 -3.30 53.08
CA TRP J 609 -2.73 -3.03 53.05
C TRP J 609 -3.56 -4.31 53.12
N ASN J 610 -3.11 -5.35 52.42
CA ASN J 610 -3.82 -6.64 52.44
C ASN J 610 -3.77 -7.31 53.81
N LEU J 611 -2.94 -6.82 54.72
CA LEU J 611 -2.71 -7.49 55.98
C LEU J 611 -4.02 -7.69 56.75
N GLN J 612 -4.18 -8.89 57.30
CA GLN J 612 -5.31 -9.24 58.14
C GLN J 612 -4.92 -9.64 59.56
N THR J 613 -3.81 -10.36 59.71
CA THR J 613 -3.38 -10.83 61.03
C THR J 613 -1.89 -10.60 61.20
N LEU J 614 -1.48 -10.35 62.44
CA LEU J 614 -0.08 -10.17 62.80
C LEU J 614 0.19 -10.83 64.15
N ILE J 615 0.84 -11.98 64.12
CA ILE J 615 1.31 -12.64 65.33
C ILE J 615 2.79 -12.34 65.49
N LEU J 616 3.18 -11.85 66.67
CA LEU J 616 4.53 -11.41 66.94
C LEU J 616 5.03 -12.09 68.20
N ASN J 617 6.23 -12.66 68.13
CA ASN J 617 6.91 -13.28 69.27
C ASN J 617 8.36 -12.79 69.22
N THR J 618 8.64 -11.72 69.95
CA THR J 618 9.95 -11.08 69.91
C THR J 618 10.75 -11.47 71.14
N SER J 619 12.04 -11.75 70.92
CA SER J 619 12.95 -12.14 71.99
C SER J 619 13.63 -10.94 72.65
N THR J 620 13.26 -9.72 72.27
CA THR J 620 13.91 -8.54 72.82
C THR J 620 13.74 -8.45 74.33
N SER J 621 14.77 -7.97 75.00
CA SER J 621 14.69 -7.71 76.43
C SER J 621 13.84 -6.48 76.75
N GLU J 622 13.46 -5.70 75.74
CA GLU J 622 12.66 -4.51 75.97
C GLU J 622 11.34 -4.87 76.66
N SER J 623 10.94 -4.01 77.61
CA SER J 623 9.70 -4.25 78.33
C SER J 623 8.48 -3.99 77.46
N THR J 624 8.59 -3.08 76.48
CA THR J 624 7.49 -2.73 75.62
C THR J 624 7.95 -2.65 74.16
N LEU J 625 7.04 -2.98 73.26
CA LEU J 625 7.26 -2.89 71.82
C LEU J 625 6.47 -1.72 71.27
N ASP J 626 7.13 -0.87 70.49
CA ASP J 626 6.50 0.31 69.94
C ASP J 626 6.08 0.01 68.49
N VAL J 627 4.78 0.13 68.21
CA VAL J 627 4.25 -0.22 66.89
C VAL J 627 4.33 1.05 66.05
N LYS J 628 5.45 1.21 65.35
CA LYS J 628 5.64 2.38 64.51
C LYS J 628 4.67 2.39 63.34
N ALA J 629 4.38 1.23 62.77
CA ALA J 629 3.43 1.14 61.66
C ALA J 629 2.07 1.67 62.09
N ASP J 630 1.44 2.44 61.20
CA ASP J 630 0.12 2.99 61.48
C ASP J 630 -0.93 1.89 61.36
N ILE J 631 -1.10 1.12 62.43
CA ILE J 631 -2.06 0.02 62.42
C ILE J 631 -3.46 0.49 62.07
N TRP J 632 -3.75 1.78 62.29
CA TRP J 632 -5.13 2.26 62.11
C TRP J 632 -5.51 2.35 60.64
N ASN J 633 -4.55 2.58 59.75
CA ASN J 633 -4.82 2.70 58.33
C ASN J 633 -5.07 1.35 57.66
N MET J 634 -4.63 0.25 58.26
CA MET J 634 -4.76 -1.08 57.66
C MET J 634 -6.19 -1.54 57.85
N LEU J 635 -7.04 -1.22 56.88
CA LEU J 635 -8.45 -1.55 56.99
C LEU J 635 -8.68 -3.06 57.04
N GLN J 636 -7.95 -3.80 56.21
CA GLN J 636 -8.11 -5.25 56.17
C GLN J 636 -7.68 -5.92 57.47
N LEU J 637 -6.95 -5.21 58.33
CA LEU J 637 -6.45 -5.82 59.55
C LEU J 637 -7.60 -6.34 60.40
N ARG J 638 -7.38 -7.50 61.02
CA ARG J 638 -8.37 -8.08 61.93
C ARG J 638 -7.80 -8.41 63.30
N HIS J 639 -6.58 -8.92 63.38
CA HIS J 639 -6.04 -9.40 64.65
C HIS J 639 -4.54 -9.13 64.70
N LEU J 640 -4.12 -8.43 65.75
CA LEU J 640 -2.70 -8.24 66.06
C LEU J 640 -2.37 -9.01 67.32
N HIS J 641 -1.30 -9.79 67.28
CA HIS J 641 -0.88 -10.61 68.42
C HIS J 641 0.59 -10.37 68.68
N THR J 642 0.93 -10.14 69.95
CA THR J 642 2.30 -9.94 70.38
C THR J 642 2.53 -10.77 71.63
N ASN J 643 3.79 -11.15 71.87
CA ASN J 643 4.14 -11.88 73.07
C ASN J 643 4.41 -10.96 74.26
N ILE J 644 4.56 -9.66 74.03
CA ILE J 644 4.81 -8.70 75.10
C ILE J 644 3.88 -7.52 74.90
N PRO J 645 3.69 -6.70 75.93
CA PRO J 645 2.78 -5.56 75.81
C PRO J 645 3.18 -4.66 74.65
N ALA J 646 2.17 -4.13 73.96
CA ALA J 646 2.37 -3.31 72.77
C ALA J 646 2.06 -1.85 73.10
N LYS J 647 3.00 -0.97 72.76
CA LYS J 647 2.81 0.47 72.94
C LYS J 647 2.29 1.08 71.64
N LEU J 648 1.01 0.79 71.38
CA LEU J 648 0.37 1.28 70.18
C LEU J 648 0.39 2.80 70.14
N GLN J 649 0.41 3.34 68.92
CA GLN J 649 0.43 4.78 68.71
C GLN J 649 -0.98 5.27 68.42
N PRO J 650 -1.50 6.24 69.18
CA PRO J 650 -2.91 6.58 69.02
C PRO J 650 -3.21 7.07 67.62
N PRO J 651 -4.41 6.81 67.11
CA PRO J 651 -4.76 7.26 65.76
C PRO J 651 -4.73 8.79 65.69
N THR J 652 -4.24 9.30 64.56
CA THR J 652 -4.19 10.73 64.34
C THR J 652 -5.52 11.21 63.77
N ALA J 653 -5.64 12.53 63.58
CA ALA J 653 -6.87 13.10 63.05
C ALA J 653 -7.14 12.57 61.64
N THR J 654 -6.10 12.46 60.82
CA THR J 654 -6.29 11.97 59.46
C THR J 654 -6.80 10.54 59.46
N THR J 655 -6.26 9.69 60.34
CA THR J 655 -6.68 8.30 60.42
C THR J 655 -8.13 8.14 60.86
N SER J 656 -8.74 9.19 61.41
CA SER J 656 -10.12 9.08 61.88
C SER J 656 -11.04 8.66 60.75
N GLY J 657 -11.92 7.70 61.05
CA GLY J 657 -12.85 7.19 60.06
C GLY J 657 -13.71 6.06 60.58
N LYS J 658 -13.92 5.03 59.76
CA LYS J 658 -14.74 3.90 60.17
C LYS J 658 -14.06 3.13 61.29
N ALA J 659 -14.88 2.45 62.09
CA ALA J 659 -14.36 1.62 63.16
C ALA J 659 -13.46 0.53 62.58
N SER J 660 -12.33 0.30 63.23
CA SER J 660 -11.35 -0.64 62.71
C SER J 660 -11.89 -2.06 62.69
N CYS J 661 -11.47 -2.83 61.69
CA CYS J 661 -11.84 -4.23 61.59
C CYS J 661 -11.23 -5.07 62.71
N LEU J 662 -10.27 -4.53 63.44
CA LEU J 662 -9.58 -5.27 64.48
C LEU J 662 -10.56 -5.92 65.46
N GLN J 663 -10.40 -7.23 65.66
CA GLN J 663 -11.16 -7.95 66.67
C GLN J 663 -10.33 -8.30 67.88
N THR J 664 -9.15 -8.90 67.67
CA THR J 664 -8.30 -9.40 68.74
C THR J 664 -7.05 -8.55 68.85
N LEU J 665 -6.81 -7.99 70.03
CA LEU J 665 -5.64 -7.16 70.30
C LEU J 665 -5.01 -7.67 71.59
N CYS J 666 -4.05 -8.58 71.47
CA CYS J 666 -3.49 -9.29 72.61
C CYS J 666 -2.16 -8.66 73.03
N MET J 667 -1.84 -8.82 74.32
CA MET J 667 -0.59 -8.32 74.90
C MET J 667 -0.44 -6.82 74.64
N VAL J 668 -1.34 -6.07 75.28
CA VAL J 668 -1.37 -4.62 75.17
C VAL J 668 -0.66 -4.01 76.38
N ALA J 669 0.10 -2.95 76.14
CA ALA J 669 0.59 -2.13 77.23
C ALA J 669 -0.52 -1.18 77.68
N PRO J 670 -0.75 -1.02 78.99
CA PRO J 670 -1.83 -0.11 79.42
C PRO J 670 -1.67 1.30 78.88
N GLU J 671 -0.43 1.75 78.68
CA GLU J 671 -0.21 3.07 78.09
C GLU J 671 -0.91 3.19 76.75
N SER J 672 -0.94 2.11 75.97
CA SER J 672 -1.56 2.12 74.66
C SER J 672 -3.06 1.87 74.72
N CYS J 673 -3.69 2.07 75.88
CA CYS J 673 -5.13 2.01 76.03
C CYS J 673 -5.61 3.44 76.30
N GLU J 674 -5.86 4.18 75.23
CA GLU J 674 -6.29 5.57 75.30
C GLU J 674 -7.71 5.71 74.80
N LYS J 675 -8.36 6.79 75.22
CA LYS J 675 -9.76 7.03 74.84
C LYS J 675 -9.92 6.99 73.33
N GLU J 676 -9.10 7.75 72.62
CA GLU J 676 -9.17 7.75 71.15
C GLU J 676 -8.83 6.37 70.59
N VAL J 677 -7.85 5.69 71.18
CA VAL J 677 -7.45 4.37 70.68
C VAL J 677 -8.60 3.39 70.80
N LEU J 678 -9.20 3.31 71.99
CA LEU J 678 -10.31 2.38 72.19
C LEU J 678 -11.53 2.80 71.38
N ALA J 679 -11.67 4.09 71.10
CA ALA J 679 -12.70 4.53 70.17
C ALA J 679 -12.46 3.97 68.77
N LYS J 680 -11.20 3.97 68.34
CA LYS J 680 -10.85 3.44 67.02
C LYS J 680 -10.99 1.92 66.94
N ALA J 681 -11.15 1.24 68.08
CA ALA J 681 -11.28 -0.21 68.12
C ALA J 681 -12.49 -0.61 68.94
N CYS J 682 -13.62 0.08 68.73
CA CYS J 682 -14.83 -0.22 69.50
C CYS J 682 -15.27 -1.66 69.30
N HIS J 683 -15.07 -2.21 68.10
CA HIS J 683 -15.39 -3.60 67.84
C HIS J 683 -14.35 -4.56 68.38
N LEU J 684 -13.37 -4.08 69.16
CA LEU J 684 -12.37 -4.96 69.72
C LEU J 684 -13.02 -6.00 70.61
N LYS J 685 -12.55 -7.24 70.50
CA LYS J 685 -13.15 -8.37 71.19
C LYS J 685 -12.21 -9.02 72.21
N LYS J 686 -10.98 -9.33 71.81
CA LYS J 686 -10.01 -9.97 72.69
C LYS J 686 -8.92 -8.96 73.01
N LEU J 687 -8.99 -8.37 74.21
CA LEU J 687 -8.03 -7.39 74.67
C LEU J 687 -7.30 -7.92 75.88
N SER J 688 -5.97 -7.89 75.85
CA SER J 688 -5.13 -8.30 76.96
C SER J 688 -4.14 -7.18 77.26
N ILE J 689 -4.09 -6.75 78.52
CA ILE J 689 -3.28 -5.61 78.95
C ILE J 689 -2.34 -6.08 80.04
N ARG J 690 -1.06 -5.74 79.91
CA ARG J 690 -0.04 -6.14 80.88
C ARG J 690 0.84 -4.94 81.21
N GLY J 691 1.22 -4.83 82.48
CA GLY J 691 2.10 -3.76 82.91
C GLY J 691 1.95 -3.44 84.38
N GLN J 692 1.83 -2.16 84.71
CA GLN J 692 1.56 -1.70 86.07
C GLN J 692 0.10 -1.32 86.17
N MET J 693 -0.60 -1.91 87.14
CA MET J 693 -2.05 -1.83 87.22
C MET J 693 -2.55 -0.64 88.04
N ALA J 694 -2.03 -0.45 89.26
CA ALA J 694 -2.54 0.63 90.10
C ALA J 694 -2.42 1.98 89.40
N ALA J 695 -1.38 2.16 88.60
CA ALA J 695 -1.31 3.35 87.75
C ALA J 695 -2.38 3.35 86.66
N PHE J 696 -3.16 2.27 86.57
CA PHE J 696 -4.26 2.17 85.61
C PHE J 696 -5.63 2.23 86.26
N LEU J 697 -5.75 1.81 87.52
CA LEU J 697 -7.05 1.75 88.19
C LEU J 697 -7.55 3.10 88.66
N GLY J 698 -6.67 4.09 88.83
CA GLY J 698 -7.08 5.35 89.42
C GLY J 698 -8.03 6.13 88.52
N ALA J 699 -8.68 7.12 89.14
CA ALA J 699 -9.63 7.95 88.39
C ALA J 699 -8.95 8.68 87.25
N TYR J 700 -7.85 9.39 87.55
CA TYR J 700 -7.05 9.98 86.48
C TYR J 700 -6.39 8.91 85.61
N LYS J 701 -6.40 7.66 86.06
CA LYS J 701 -6.02 6.51 85.25
C LYS J 701 -7.22 5.94 84.50
N GLY J 702 -8.17 6.79 84.15
CA GLY J 702 -9.39 6.39 83.50
C GLY J 702 -9.21 5.64 82.19
N GLY J 703 -7.96 5.43 81.77
CA GLY J 703 -7.68 4.49 80.72
C GLY J 703 -8.50 3.24 80.92
N ILE J 704 -8.65 2.82 82.18
CA ILE J 704 -9.60 1.77 82.51
C ILE J 704 -11.03 2.24 82.24
N ASN J 705 -11.34 3.48 82.63
CA ASN J 705 -12.64 4.04 82.30
C ASN J 705 -12.82 4.17 80.79
N ASN J 706 -11.72 4.31 80.05
CA ASN J 706 -11.80 4.40 78.60
C ASN J 706 -12.25 3.11 77.96
N LEU J 707 -12.28 2.00 78.71
CA LEU J 707 -12.74 0.74 78.17
C LEU J 707 -14.21 0.80 77.78
N VAL J 708 -14.94 1.81 78.24
CA VAL J 708 -16.34 2.00 77.86
C VAL J 708 -16.46 2.09 76.35
N GLU J 709 -15.37 2.49 75.68
CA GLU J 709 -15.38 2.58 74.23
C GLU J 709 -15.63 1.21 73.60
N LEU J 710 -14.98 0.17 74.12
CA LEU J 710 -15.13 -1.16 73.53
C LEU J 710 -16.58 -1.62 73.67
N LYS J 711 -17.17 -2.03 72.54
CA LYS J 711 -18.58 -2.41 72.50
C LYS J 711 -18.76 -3.92 72.62
N CYS J 712 -17.95 -4.71 71.92
CA CYS J 712 -18.08 -6.16 71.88
C CYS J 712 -16.82 -6.82 72.42
N LEU J 713 -16.30 -6.32 73.53
CA LEU J 713 -15.10 -6.85 74.15
C LEU J 713 -15.42 -8.20 74.79
N GLU J 714 -14.90 -9.28 74.20
CA GLU J 714 -15.20 -10.62 74.71
C GLU J 714 -14.31 -10.96 75.91
N GLN J 715 -13.00 -11.04 75.68
CA GLN J 715 -12.04 -11.45 76.70
C GLN J 715 -11.32 -10.23 77.26
N LEU J 716 -10.70 -10.42 78.43
CA LEU J 716 -9.95 -9.33 79.05
C LEU J 716 -8.98 -9.96 80.05
N LYS J 717 -7.68 -9.86 79.78
CA LYS J 717 -6.65 -10.45 80.62
C LYS J 717 -5.83 -9.36 81.29
N LEU J 718 -5.66 -9.46 82.61
CA LEU J 718 -4.87 -8.51 83.39
C LEU J 718 -3.62 -9.21 83.93
N LEU J 719 -2.47 -8.60 83.67
CA LEU J 719 -1.19 -9.17 84.07
C LEU J 719 -0.29 -8.06 84.59
N ASN J 720 0.16 -8.20 85.84
CA ASN J 720 1.04 -7.22 86.47
C ASN J 720 2.47 -7.72 86.40
N ASP J 721 3.34 -6.95 85.74
CA ASP J 721 4.73 -7.35 85.57
C ASP J 721 5.58 -7.06 86.80
N VAL J 722 5.06 -6.30 87.77
CA VAL J 722 5.82 -5.95 88.96
C VAL J 722 5.45 -6.91 90.08
N LEU J 723 6.46 -7.35 90.82
CA LEU J 723 6.27 -8.20 91.99
C LEU J 723 6.28 -7.42 93.30
N TYR J 724 7.07 -6.34 93.37
CA TYR J 724 7.11 -5.45 94.53
C TYR J 724 6.22 -4.26 94.21
N MET J 725 5.03 -4.23 94.83
CA MET J 725 4.00 -3.27 94.49
C MET J 725 3.92 -2.19 95.57
N ASN J 726 3.90 -0.92 95.14
CA ASN J 726 3.88 0.18 96.10
C ASN J 726 2.58 0.15 96.92
N LYS J 727 1.43 0.03 96.25
CA LYS J 727 0.16 -0.06 96.93
C LYS J 727 -0.75 -1.01 96.17
N ALA J 728 -1.63 -1.69 96.91
CA ALA J 728 -2.56 -2.63 96.30
C ALA J 728 -3.74 -1.88 95.70
N PRO J 729 -3.95 -1.92 94.38
CA PRO J 729 -5.07 -1.18 93.79
C PRO J 729 -6.42 -1.73 94.23
N HIS J 730 -7.49 -1.17 93.69
CA HIS J 730 -8.85 -1.54 94.05
C HIS J 730 -9.73 -1.55 92.82
N LEU J 731 -10.60 -2.54 92.71
CA LEU J 731 -11.48 -2.67 91.54
C LEU J 731 -12.46 -1.51 91.50
N PRO J 732 -12.33 -0.55 90.58
CA PRO J 732 -13.21 0.62 90.62
C PRO J 732 -14.67 0.21 90.56
N GLN J 733 -15.50 0.94 91.31
CA GLN J 733 -16.92 0.60 91.36
C GLN J 733 -17.53 0.59 89.97
N THR J 734 -17.03 1.43 89.08
CA THR J 734 -17.48 1.40 87.69
C THR J 734 -17.06 0.10 87.00
N PHE J 735 -16.02 -0.56 87.52
CA PHE J 735 -15.54 -1.80 86.90
C PHE J 735 -16.68 -2.76 86.59
N SER J 736 -17.75 -2.71 87.38
CA SER J 736 -18.89 -3.58 87.13
C SER J 736 -19.45 -3.35 85.73
N GLN J 737 -19.63 -2.08 85.35
CA GLN J 737 -20.14 -1.74 84.03
C GLN J 737 -19.05 -1.37 83.04
N LEU J 738 -17.83 -1.10 83.51
CA LEU J 738 -16.75 -0.82 82.57
C LEU J 738 -16.50 -2.02 81.66
N VAL J 739 -16.62 -3.23 82.20
CA VAL J 739 -16.34 -4.44 81.44
C VAL J 739 -17.62 -5.25 81.33
N ARG J 740 -18.77 -4.57 81.29
CA ARG J 740 -20.04 -5.27 81.25
C ARG J 740 -20.12 -6.25 80.08
N THR J 741 -19.42 -5.96 78.99
CA THR J 741 -19.45 -6.82 77.81
C THR J 741 -18.40 -7.93 77.86
N VAL J 742 -17.59 -8.00 78.91
CA VAL J 742 -16.55 -9.02 79.00
C VAL J 742 -17.16 -10.35 79.39
N LYS J 743 -16.64 -11.42 78.80
CA LYS J 743 -17.07 -12.78 79.10
C LYS J 743 -15.96 -13.66 79.65
N LYS J 744 -14.70 -13.39 79.30
CA LYS J 744 -13.55 -14.08 79.87
C LYS J 744 -12.67 -13.04 80.53
N LEU J 745 -12.24 -13.33 81.77
CA LEU J 745 -11.51 -12.35 82.57
C LEU J 745 -10.47 -13.11 83.38
N THR J 746 -9.21 -13.03 82.95
CA THR J 746 -8.11 -13.70 83.62
C THR J 746 -7.27 -12.66 84.35
N LEU J 747 -7.21 -12.77 85.67
CA LEU J 747 -6.37 -11.92 86.50
C LEU J 747 -5.10 -12.70 86.87
N THR J 748 -3.95 -12.10 86.59
CA THR J 748 -2.66 -12.72 86.89
C THR J 748 -1.80 -11.74 87.66
N ASN J 749 -1.25 -12.19 88.79
CA ASN J 749 -0.33 -11.39 89.60
C ASN J 749 -0.96 -10.06 90.02
N THR J 750 -2.25 -10.08 90.36
CA THR J 750 -2.94 -8.87 90.77
C THR J 750 -2.93 -8.66 92.28
N ARG J 751 -2.83 -9.74 93.07
CA ARG J 751 -2.72 -9.63 94.52
C ARG J 751 -3.87 -8.81 95.10
N PHE J 752 -5.09 -9.10 94.64
CA PHE J 752 -6.25 -8.35 95.07
C PHE J 752 -6.88 -9.01 96.30
N ALA J 753 -7.33 -8.18 97.23
CA ALA J 753 -7.99 -8.69 98.43
C ALA J 753 -9.31 -9.35 98.05
N TRP J 754 -9.60 -10.48 98.72
CA TRP J 754 -10.83 -11.20 98.40
C TRP J 754 -12.06 -10.33 98.58
N SER J 755 -11.97 -9.30 99.42
CA SER J 755 -13.01 -8.29 99.46
C SER J 755 -13.21 -7.64 98.10
N GLU J 756 -12.17 -7.66 97.25
CA GLU J 756 -12.33 -7.22 95.88
C GLU J 756 -13.02 -8.26 95.01
N ALA J 757 -13.07 -9.52 95.46
CA ALA J 757 -13.79 -10.54 94.69
C ALA J 757 -15.28 -10.26 94.66
N ASP J 758 -15.80 -9.56 95.68
CA ASP J 758 -17.21 -9.18 95.66
C ASP J 758 -17.53 -8.25 94.49
N LYS J 759 -16.60 -7.37 94.13
CA LYS J 759 -16.83 -6.52 92.96
C LYS J 759 -16.87 -7.33 91.68
N LEU J 760 -16.27 -8.53 91.69
CA LEU J 760 -16.29 -9.42 90.53
C LEU J 760 -17.65 -10.07 90.33
N GLY J 761 -18.57 -9.93 91.29
CA GLY J 761 -19.91 -10.45 91.14
C GLY J 761 -20.89 -9.52 90.45
N GLN J 762 -20.43 -8.37 89.96
CA GLN J 762 -21.29 -7.38 89.34
C GLN J 762 -21.08 -7.31 87.82
N LEU J 763 -20.71 -8.44 87.20
CA LEU J 763 -20.58 -8.53 85.75
C LEU J 763 -21.70 -9.42 85.24
N GLU J 764 -22.50 -8.88 84.32
CA GLU J 764 -23.66 -9.62 83.83
C GLU J 764 -23.25 -10.72 82.86
N SER J 765 -22.31 -10.42 81.95
CA SER J 765 -21.93 -11.33 80.89
C SER J 765 -20.72 -12.19 81.23
N LEU J 766 -20.16 -12.07 82.43
CA LEU J 766 -19.01 -12.87 82.80
C LEU J 766 -19.38 -14.36 82.83
N GLU J 767 -18.53 -15.19 82.23
CA GLU J 767 -18.75 -16.63 82.25
C GLU J 767 -17.50 -17.42 82.59
N ILE J 768 -16.32 -16.84 82.38
CA ILE J 768 -15.06 -17.51 82.66
C ILE J 768 -14.23 -16.64 83.58
N LEU J 769 -13.50 -17.27 84.49
CA LEU J 769 -12.83 -16.57 85.57
C LEU J 769 -11.55 -17.30 85.93
N LYS J 770 -10.41 -16.65 85.71
CA LYS J 770 -9.11 -17.24 86.01
C LYS J 770 -8.37 -16.38 87.03
N PHE J 771 -7.89 -17.01 88.10
CA PHE J 771 -7.01 -16.39 89.08
C PHE J 771 -5.68 -17.12 89.00
N LYS J 772 -4.71 -16.52 88.31
CA LYS J 772 -3.42 -17.15 88.06
C LYS J 772 -2.32 -16.44 88.83
N GLU J 773 -1.44 -17.24 89.46
CA GLU J 773 -0.26 -16.72 90.16
C GLU J 773 -0.65 -15.73 91.25
N ASN J 774 -1.39 -16.23 92.24
CA ASN J 774 -1.78 -15.43 93.40
C ASN J 774 -2.45 -14.13 92.93
N ALA J 775 -3.40 -14.27 92.02
CA ALA J 775 -4.10 -13.09 91.50
C ALA J 775 -4.82 -12.35 92.62
N PHE J 776 -5.47 -13.09 93.51
CA PHE J 776 -6.13 -12.52 94.67
C PHE J 776 -5.33 -12.86 95.92
N ALA J 777 -5.02 -11.84 96.72
CA ALA J 777 -4.22 -12.00 97.93
C ALA J 777 -5.13 -12.09 99.14
N GLY J 778 -4.91 -13.09 99.97
CA GLY J 778 -5.72 -13.28 101.17
C GLY J 778 -5.64 -14.70 101.69
N ASP J 779 -5.68 -14.85 103.01
CA ASP J 779 -5.62 -16.19 103.60
C ASP J 779 -6.85 -17.01 103.24
N SER J 780 -8.02 -16.39 103.22
CA SER J 780 -9.26 -17.11 102.94
C SER J 780 -10.18 -16.22 102.12
N TRP J 781 -11.07 -16.85 101.37
CA TRP J 781 -12.01 -16.17 100.50
C TRP J 781 -13.42 -16.45 101.00
N LYS J 782 -14.19 -15.38 101.25
CA LYS J 782 -15.56 -15.47 101.74
C LYS J 782 -16.46 -14.68 100.79
N PRO J 783 -16.74 -15.23 99.61
CA PRO J 783 -17.57 -14.48 98.64
C PRO J 783 -18.99 -14.30 99.16
N LYS J 784 -19.59 -13.18 98.79
CA LYS J 784 -20.97 -12.88 99.13
C LYS J 784 -21.84 -12.68 97.90
N MET J 785 -21.36 -11.92 96.91
CA MET J 785 -22.16 -11.64 95.73
C MET J 785 -22.37 -12.92 94.91
N GLY J 786 -23.60 -13.11 94.45
CA GLY J 786 -23.89 -14.24 93.59
C GLY J 786 -23.46 -13.98 92.15
N PHE J 787 -22.92 -15.02 91.53
CA PHE J 787 -22.45 -14.96 90.15
C PHE J 787 -23.49 -15.67 89.28
N SER J 788 -24.44 -14.88 88.78
CA SER J 788 -25.65 -15.44 88.18
C SER J 788 -25.40 -16.20 86.89
N ALA J 789 -24.20 -16.11 86.31
CA ALA J 789 -23.95 -16.69 84.99
C ALA J 789 -22.66 -17.49 84.85
N LEU J 790 -21.71 -17.39 85.77
CA LEU J 790 -20.40 -17.98 85.53
C LEU J 790 -20.50 -19.48 85.29
N ARG J 791 -19.71 -19.95 84.32
CA ARG J 791 -19.63 -21.34 83.93
C ARG J 791 -18.33 -22.01 84.33
N VAL J 792 -17.21 -21.29 84.25
CA VAL J 792 -15.89 -21.85 84.54
C VAL J 792 -15.22 -20.99 85.60
N LEU J 793 -14.82 -21.60 86.71
CA LEU J 793 -13.97 -20.97 87.71
C LEU J 793 -12.60 -21.63 87.66
N TRP J 794 -11.55 -20.81 87.57
CA TRP J 794 -10.19 -21.30 87.33
C TRP J 794 -9.23 -20.59 88.28
N ILE J 795 -8.99 -21.20 89.44
CA ILE J 795 -8.08 -20.66 90.43
C ILE J 795 -6.77 -21.44 90.35
N GLU J 796 -5.67 -20.73 90.12
CA GLU J 796 -4.36 -21.34 89.94
C GLU J 796 -3.37 -20.74 90.93
N ARG J 797 -2.62 -21.60 91.61
CA ARG J 797 -1.58 -21.17 92.55
C ARG J 797 -2.12 -20.14 93.53
N ALA J 798 -3.25 -20.48 94.15
CA ALA J 798 -3.89 -19.60 95.11
C ALA J 798 -3.34 -19.88 96.50
N GLU J 799 -2.85 -18.82 97.16
CA GLU J 799 -2.28 -18.96 98.49
C GLU J 799 -3.33 -18.99 99.58
N PHE J 800 -4.59 -18.64 99.28
CA PHE J 800 -5.61 -18.61 100.30
C PHE J 800 -5.96 -20.02 100.77
N GLU J 801 -6.13 -20.19 102.07
CA GLU J 801 -6.18 -21.50 102.69
C GLU J 801 -7.58 -22.07 102.79
N THR J 802 -8.60 -21.24 102.99
CA THR J 802 -9.97 -21.71 103.15
C THR J 802 -10.91 -20.92 102.24
N TRP J 803 -11.92 -21.61 101.73
CA TRP J 803 -12.93 -21.01 100.87
C TRP J 803 -14.30 -21.33 101.45
N GLU J 804 -15.17 -20.33 101.49
CA GLU J 804 -16.49 -20.43 102.10
C GLU J 804 -17.58 -19.96 101.14
N ALA J 805 -17.46 -20.34 99.88
CA ALA J 805 -18.49 -20.01 98.91
C ALA J 805 -19.72 -20.90 99.14
N SER J 806 -20.88 -20.37 98.73
CA SER J 806 -22.16 -21.03 98.97
C SER J 806 -22.88 -21.19 97.62
N GLU J 807 -24.09 -21.76 97.69
CA GLU J 807 -24.87 -21.97 96.48
C GLU J 807 -25.24 -20.65 95.83
N ILE J 808 -25.69 -19.68 96.63
CA ILE J 808 -26.09 -18.38 96.08
C ILE J 808 -24.90 -17.69 95.44
N ASN J 809 -23.69 -17.98 95.90
CA ASN J 809 -22.51 -17.39 95.30
C ASN J 809 -22.37 -17.82 93.85
N PHE J 810 -22.63 -19.09 93.55
CA PHE J 810 -22.40 -19.66 92.22
C PHE J 810 -23.62 -20.44 91.79
N PRO J 811 -24.74 -19.76 91.50
CA PRO J 811 -25.96 -20.48 91.14
C PRO J 811 -25.81 -21.38 89.93
N VAL J 812 -25.06 -20.97 88.91
CA VAL J 812 -24.98 -21.70 87.65
C VAL J 812 -23.55 -22.14 87.35
N LEU J 813 -22.69 -22.16 88.35
CA LEU J 813 -21.32 -22.65 88.16
C LEU J 813 -21.36 -24.03 87.50
N ARG J 814 -20.82 -24.11 86.29
CA ARG J 814 -20.76 -25.35 85.54
C ARG J 814 -19.39 -26.00 85.59
N ASN J 815 -18.33 -25.21 85.72
CA ASN J 815 -16.96 -25.72 85.74
C ASN J 815 -16.21 -25.05 86.86
N LEU J 816 -15.57 -25.84 87.72
CA LEU J 816 -14.81 -25.33 88.85
C LEU J 816 -13.45 -26.01 88.84
N VAL J 817 -12.41 -25.26 88.47
CA VAL J 817 -11.07 -25.80 88.30
C VAL J 817 -10.14 -25.06 89.24
N LEU J 818 -9.57 -25.78 90.21
CA LEU J 818 -8.59 -25.25 91.14
C LEU J 818 -7.30 -26.04 90.98
N MET J 819 -6.20 -25.34 90.69
CA MET J 819 -4.92 -25.98 90.44
C MET J 819 -3.83 -25.30 91.28
N SER J 820 -2.84 -26.09 91.67
CA SER J 820 -1.73 -25.60 92.48
C SER J 820 -2.23 -24.94 93.75
N CYS J 821 -3.34 -25.44 94.29
CA CYS J 821 -3.91 -24.90 95.53
C CYS J 821 -3.29 -25.61 96.74
N ASP J 822 -1.96 -25.54 96.81
CA ASP J 822 -1.24 -26.18 97.91
C ASP J 822 -1.52 -25.52 99.25
N LYS J 823 -2.15 -24.35 99.26
CA LYS J 823 -2.53 -23.68 100.50
C LYS J 823 -3.99 -23.90 100.87
N LEU J 824 -4.87 -24.06 99.88
CA LEU J 824 -6.29 -24.21 100.14
C LEU J 824 -6.56 -25.43 101.03
N GLU J 825 -7.55 -25.29 101.92
CA GLU J 825 -7.82 -26.32 102.92
C GLU J 825 -8.90 -27.29 102.48
N THR J 826 -10.10 -26.79 102.19
CA THR J 826 -11.22 -27.64 101.82
C THR J 826 -12.18 -26.87 100.94
N VAL J 827 -12.64 -27.50 99.87
CA VAL J 827 -13.70 -26.92 99.05
C VAL J 827 -15.00 -26.92 99.86
N PRO J 828 -15.74 -25.82 99.93
CA PRO J 828 -16.97 -25.81 100.73
C PRO J 828 -17.95 -26.87 100.25
N PHE J 829 -18.59 -27.53 101.23
CA PHE J 829 -19.61 -28.53 100.90
C PHE J 829 -20.81 -27.90 100.19
N GLU J 830 -21.04 -26.60 100.39
CA GLU J 830 -22.23 -25.96 99.85
C GLU J 830 -22.32 -26.14 98.34
N LEU J 831 -21.18 -26.25 97.66
CA LEU J 831 -21.19 -26.39 96.20
C LEU J 831 -21.81 -27.72 95.78
N ALA J 832 -21.85 -28.71 96.66
CA ALA J 832 -22.44 -30.00 96.31
C ALA J 832 -23.92 -29.85 95.94
N ASN J 833 -24.58 -28.81 96.46
CA ASN J 833 -25.99 -28.60 96.24
C ASN J 833 -26.29 -27.84 94.95
N LEU J 834 -25.29 -27.63 94.10
CA LEU J 834 -25.47 -26.94 92.84
C LEU J 834 -25.83 -27.96 91.76
N SER J 835 -27.06 -27.89 91.26
CA SER J 835 -27.49 -28.82 90.22
C SER J 835 -26.68 -28.63 88.94
N ASP J 836 -26.39 -27.38 88.58
CA ASP J 836 -25.67 -27.11 87.33
C ASP J 836 -24.27 -27.70 87.37
N LEU J 837 -23.58 -27.58 88.51
CA LEU J 837 -22.20 -28.02 88.61
C LEU J 837 -22.10 -29.50 88.27
N TYR J 838 -21.18 -29.84 87.35
CA TYR J 838 -20.85 -31.23 87.07
C TYR J 838 -19.35 -31.49 87.02
N GLU J 839 -18.51 -30.48 86.87
CA GLU J 839 -17.08 -30.64 86.65
C GLU J 839 -16.28 -30.25 87.89
N MET J 840 -15.18 -30.95 88.09
CA MET J 840 -14.25 -30.64 89.19
C MET J 840 -12.90 -31.23 88.85
N ARG J 841 -11.90 -30.37 88.67
CA ARG J 841 -10.52 -30.80 88.50
C ARG J 841 -9.66 -30.11 89.55
N LEU J 842 -8.89 -30.90 90.30
CA LEU J 842 -8.03 -30.40 91.36
C LEU J 842 -6.60 -30.83 91.06
N GLU J 843 -5.75 -29.86 90.74
CA GLU J 843 -4.38 -30.13 90.32
C GLU J 843 -3.42 -29.60 91.37
N ASN J 844 -2.56 -30.49 91.89
CA ASN J 844 -1.53 -30.13 92.86
C ASN J 844 -2.12 -29.28 93.98
N THR J 845 -3.03 -29.90 94.73
CA THR J 845 -3.77 -29.22 95.78
C THR J 845 -3.55 -29.91 97.11
N SER J 846 -3.72 -29.13 98.18
CA SER J 846 -3.57 -29.61 99.55
C SER J 846 -4.80 -30.37 100.00
N LYS J 847 -4.95 -30.56 101.31
CA LYS J 847 -5.98 -31.42 101.88
C LYS J 847 -7.35 -31.21 101.25
N ALA J 848 -7.58 -30.05 100.62
CA ALA J 848 -8.83 -29.83 99.91
C ALA J 848 -9.19 -30.97 98.98
N VAL J 849 -8.22 -31.80 98.57
CA VAL J 849 -8.54 -32.96 97.75
C VAL J 849 -9.51 -33.88 98.48
N LYS J 850 -9.33 -34.04 99.79
CA LYS J 850 -10.24 -34.88 100.55
C LYS J 850 -11.67 -34.35 100.50
N SER J 851 -11.83 -33.02 100.63
CA SER J 851 -13.15 -32.43 100.49
C SER J 851 -13.70 -32.64 99.09
N ALA J 852 -12.83 -32.69 98.08
CA ALA J 852 -13.29 -33.03 96.74
C ALA J 852 -13.84 -34.46 96.71
N LYS J 853 -13.17 -35.38 97.41
CA LYS J 853 -13.69 -36.74 97.50
C LYS J 853 -15.05 -36.76 98.20
N ALA J 854 -15.21 -35.95 99.25
CA ALA J 854 -16.50 -35.86 99.93
C ALA J 854 -17.58 -35.34 98.98
N ILE J 855 -17.25 -34.31 98.20
CA ILE J 855 -18.21 -33.78 97.23
C ILE J 855 -18.59 -34.85 96.22
N LEU J 856 -17.60 -35.59 95.73
CA LEU J 856 -17.86 -36.64 94.76
C LEU J 856 -18.76 -37.72 95.35
N GLU J 857 -18.49 -38.12 96.59
CA GLU J 857 -19.32 -39.14 97.24
C GLU J 857 -20.75 -38.65 97.42
N SER J 858 -20.90 -37.40 97.86
CA SER J 858 -22.25 -36.86 98.08
C SER J 858 -23.03 -36.81 96.76
N LYS J 859 -22.38 -36.36 95.69
CA LYS J 859 -23.07 -36.26 94.41
C LYS J 859 -23.38 -37.64 93.84
N THR J 860 -22.47 -38.61 94.02
CA THR J 860 -22.75 -39.96 93.59
C THR J 860 -23.94 -40.54 94.36
N ASP J 861 -24.01 -40.26 95.66
CA ASP J 861 -25.19 -40.67 96.44
C ASP J 861 -26.44 -40.03 95.87
N LYS J 862 -26.38 -38.73 95.54
CA LYS J 862 -27.48 -38.09 94.84
C LYS J 862 -27.58 -38.56 93.40
N ASN J 863 -26.57 -39.26 92.89
CA ASN J 863 -26.58 -39.82 91.54
C ASN J 863 -26.77 -38.73 90.50
N ILE J 864 -25.87 -37.75 90.53
CA ILE J 864 -25.85 -36.66 89.57
C ILE J 864 -24.61 -36.82 88.70
N LYS J 865 -24.79 -36.71 87.38
CA LYS J 865 -23.67 -36.83 86.47
C LYS J 865 -22.60 -35.81 86.84
N PHE J 866 -21.45 -36.29 87.31
CA PHE J 866 -20.42 -35.41 87.84
C PHE J 866 -19.06 -36.07 87.63
N ASN J 867 -18.06 -35.24 87.36
CA ASN J 867 -16.71 -35.71 87.07
C ASN J 867 -15.72 -35.05 88.03
N LEU J 868 -14.80 -35.86 88.54
CA LEU J 868 -13.73 -35.39 89.42
C LEU J 868 -12.40 -35.88 88.87
N THR J 869 -11.45 -34.96 88.72
CA THR J 869 -10.11 -35.28 88.22
C THR J 869 -9.10 -34.90 89.29
N ILE J 870 -8.18 -35.82 89.58
CA ILE J 870 -7.12 -35.59 90.57
C ILE J 870 -5.79 -35.98 89.93
N PHE J 871 -4.80 -35.11 90.08
CA PHE J 871 -3.45 -35.35 89.60
C PHE J 871 -2.47 -35.13 90.74
N PRO J 872 -1.42 -35.96 90.87
CA PRO J 872 -1.11 -37.13 90.04
C PRO J 872 -1.97 -38.35 90.39
N GLU K 9 22.86 -13.18 3.14
CA GLU K 9 23.31 -13.07 4.55
C GLU K 9 22.55 -11.98 5.29
N VAL K 10 21.87 -11.12 4.54
CA VAL K 10 21.00 -10.13 5.15
C VAL K 10 19.65 -10.77 5.49
N GLU K 11 19.05 -11.46 4.53
CA GLU K 11 17.79 -12.14 4.78
C GLU K 11 17.94 -13.18 5.88
N ASN K 12 19.04 -13.94 5.85
CA ASN K 12 19.20 -15.00 6.84
C ASN K 12 19.33 -14.41 8.25
N LEU K 13 20.14 -13.37 8.41
CA LEU K 13 20.25 -12.73 9.71
C LEU K 13 18.91 -12.16 10.15
N LEU K 14 18.19 -11.54 9.22
CA LEU K 14 16.85 -11.04 9.55
C LEU K 14 15.98 -12.14 10.12
N GLN K 15 15.89 -13.28 9.41
CA GLN K 15 14.93 -14.29 9.83
C GLN K 15 15.38 -14.95 11.12
N LEU K 16 16.68 -15.15 11.31
CA LEU K 16 17.16 -15.71 12.56
C LEU K 16 16.81 -14.79 13.72
N LEU K 17 17.13 -13.49 13.60
CA LEU K 17 16.88 -12.57 14.69
C LEU K 17 15.39 -12.48 15.00
N THR K 18 14.54 -12.42 13.97
CA THR K 18 13.11 -12.31 14.25
C THR K 18 12.56 -13.60 14.86
N ASP K 19 13.13 -14.75 14.50
CA ASP K 19 12.74 -15.98 15.20
C ASP K 19 13.10 -15.90 16.68
N ASN K 20 14.31 -15.44 17.00
CA ASN K 20 14.68 -15.32 18.40
C ASN K 20 14.03 -14.10 19.06
N VAL K 21 13.79 -13.05 18.29
CA VAL K 21 13.12 -11.87 18.81
C VAL K 21 11.62 -12.13 18.88
N SER K 26 11.99 -14.70 21.45
CA SER K 26 10.68 -15.32 21.53
C SER K 26 10.77 -16.85 21.40
N ALA K 27 11.99 -17.35 21.17
CA ALA K 27 12.16 -18.79 21.06
C ALA K 27 11.74 -19.49 22.34
N LYS K 28 11.89 -18.84 23.49
CA LYS K 28 11.51 -19.48 24.76
C LYS K 28 10.00 -19.60 24.88
N GLY K 29 9.26 -18.59 24.43
CA GLY K 29 7.81 -18.70 24.44
C GLY K 29 7.32 -19.80 23.51
N GLU K 30 7.89 -19.87 22.31
CA GLU K 30 7.56 -20.97 21.41
C GLU K 30 7.90 -22.31 22.06
N LEU K 31 9.04 -22.38 22.73
CA LEU K 31 9.45 -23.62 23.40
C LEU K 31 8.42 -24.03 24.45
N GLU K 32 8.02 -23.08 25.28
CA GLU K 32 7.08 -23.40 26.36
C GLU K 32 5.72 -23.82 25.80
N ASN K 33 5.22 -23.09 24.80
CA ASN K 33 3.94 -23.46 24.21
C ASN K 33 4.02 -24.84 23.56
N LEU K 34 5.10 -25.12 22.85
CA LEU K 34 5.28 -26.45 22.27
C LEU K 34 5.29 -27.51 23.34
N LEU K 35 5.96 -27.23 24.47
CA LEU K 35 6.02 -28.22 25.53
C LEU K 35 4.63 -28.48 26.13
N LYS K 36 3.85 -27.41 26.34
CA LYS K 36 2.48 -27.60 26.83
C LYS K 36 1.68 -28.47 25.87
N GLU K 37 1.73 -28.15 24.58
CA GLU K 37 0.90 -28.89 23.63
C GLU K 37 1.38 -30.32 23.47
N VAL K 38 2.69 -30.56 23.60
CA VAL K 38 3.19 -31.93 23.56
C VAL K 38 2.81 -32.68 24.82
N GLN K 39 2.71 -32.00 25.96
CA GLN K 39 2.14 -32.63 27.14
C GLN K 39 0.69 -33.02 26.91
N HIS K 40 -0.06 -32.16 26.22
CA HIS K 40 -1.42 -32.51 25.84
C HIS K 40 -1.45 -33.79 25.02
N LEU K 41 -0.60 -33.86 24.00
CA LEU K 41 -0.59 -35.07 23.17
C LEU K 41 -0.10 -36.28 23.95
N LYS K 42 0.77 -36.07 24.94
CA LYS K 42 1.18 -37.18 25.80
C LYS K 42 0.01 -37.70 26.62
N GLY K 43 -0.79 -36.80 27.17
CA GLY K 43 -1.99 -37.23 27.87
C GLY K 43 -2.94 -37.97 26.96
N PHE K 44 -3.12 -37.47 25.74
CA PHE K 44 -3.95 -38.19 24.79
C PHE K 44 -3.40 -39.57 24.50
N LEU K 45 -2.08 -39.70 24.36
CA LEU K 45 -1.49 -41.00 24.09
C LEU K 45 -1.71 -41.95 25.26
N ASP K 46 -1.54 -41.46 26.48
CA ASP K 46 -1.80 -42.29 27.65
C ASP K 46 -3.26 -42.75 27.65
N ASP K 47 -4.18 -41.88 27.25
CA ASP K 47 -5.57 -42.30 27.09
C ASP K 47 -5.70 -43.37 26.02
N ALA K 48 -5.17 -43.11 24.83
CA ALA K 48 -5.42 -43.96 23.68
C ALA K 48 -4.82 -45.35 23.86
N ALA K 49 -3.72 -45.45 24.60
CA ALA K 49 -3.12 -46.76 24.83
C ALA K 49 -4.11 -47.69 25.53
N LYS K 50 -4.79 -47.18 26.55
CA LYS K 50 -5.79 -47.98 27.25
C LYS K 50 -6.96 -48.32 26.34
N LEU K 51 -7.36 -47.38 25.50
CA LEU K 51 -8.52 -47.58 24.65
C LEU K 51 -8.35 -48.84 23.80
N PRO K 52 -9.36 -49.70 23.70
CA PRO K 52 -9.35 -50.73 22.66
C PRO K 52 -9.62 -50.10 21.31
N SER K 53 -8.74 -50.39 20.34
CA SER K 53 -8.84 -49.79 19.02
C SER K 53 -8.71 -50.87 17.96
N ASP K 54 -9.50 -50.71 16.90
CA ASP K 54 -9.47 -51.64 15.77
C ASP K 54 -9.57 -50.94 14.43
N SER K 55 -9.55 -49.61 14.39
CA SER K 55 -9.73 -48.86 13.15
C SER K 55 -8.37 -48.40 12.64
N GLU K 56 -8.07 -48.73 11.39
CA GLU K 56 -6.77 -48.42 10.82
C GLU K 56 -6.49 -46.92 10.88
N GLN K 57 -7.52 -46.10 10.70
CA GLN K 57 -7.33 -44.66 10.77
C GLN K 57 -6.89 -44.24 12.16
N TRP K 58 -7.45 -44.86 13.20
CA TRP K 58 -7.03 -44.51 14.55
C TRP K 58 -5.59 -44.92 14.81
N LYS K 59 -5.17 -46.08 14.28
CA LYS K 59 -3.77 -46.44 14.41
C LYS K 59 -2.88 -45.46 13.67
N VAL K 60 -3.33 -44.95 12.52
CA VAL K 60 -2.59 -43.92 11.81
C VAL K 60 -2.44 -42.69 12.68
N LEU K 61 -3.54 -42.25 13.29
CA LEU K 61 -3.49 -41.05 14.12
C LEU K 61 -2.60 -41.25 15.34
N VAL K 62 -2.64 -42.44 15.93
CA VAL K 62 -1.79 -42.71 17.10
C VAL K 62 -0.33 -42.74 16.69
N GLU K 63 -0.01 -43.41 15.58
CA GLU K 63 1.34 -43.38 15.05
C GLU K 63 1.80 -41.94 14.85
N GLU K 64 0.92 -41.11 14.28
CA GLU K 64 1.30 -39.75 13.96
C GLU K 64 1.52 -38.92 15.22
N ILE K 65 0.67 -39.08 16.22
CA ILE K 65 0.86 -38.33 17.45
C ILE K 65 2.12 -38.80 18.16
N GLN K 66 2.39 -40.11 18.13
CA GLN K 66 3.62 -40.61 18.73
C GLN K 66 4.84 -40.00 18.06
N LYS K 67 4.86 -40.00 16.73
CA LYS K 67 6.03 -39.47 16.02
C LYS K 67 6.16 -37.97 16.22
N THR K 68 5.04 -37.23 16.19
CA THR K 68 5.10 -35.80 16.44
C THR K 68 5.58 -35.51 17.85
N VAL K 69 5.09 -36.27 18.82
CA VAL K 69 5.50 -36.08 20.22
C VAL K 69 6.99 -36.31 20.38
N HIS K 70 7.49 -37.41 19.81
CA HIS K 70 8.91 -37.70 19.98
C HIS K 70 9.77 -36.76 19.15
N THR K 71 9.29 -36.30 18.00
CA THR K 71 9.99 -35.26 17.25
C THR K 71 10.11 -33.99 18.08
N ALA K 72 9.02 -33.58 18.73
CA ALA K 72 9.08 -32.39 19.58
C ALA K 72 10.02 -32.61 20.75
N GLU K 73 10.06 -33.83 21.29
CA GLU K 73 11.00 -34.12 22.38
C GLU K 73 12.45 -34.01 21.90
N ASP K 74 12.75 -34.52 20.72
CA ASP K 74 14.10 -34.34 20.18
C ASP K 74 14.42 -32.86 20.01
N ALA K 75 13.48 -32.09 19.47
CA ALA K 75 13.74 -30.67 19.27
C ALA K 75 13.99 -29.97 20.59
N VAL K 76 13.18 -30.26 21.61
CA VAL K 76 13.34 -29.59 22.90
C VAL K 76 14.68 -29.95 23.53
N ASP K 77 15.04 -31.24 23.51
CA ASP K 77 16.31 -31.64 24.10
C ASP K 77 17.48 -31.05 23.34
N LYS K 78 17.40 -31.00 22.01
CA LYS K 78 18.47 -30.37 21.23
C LYS K 78 18.61 -28.91 21.58
N PHE K 79 17.49 -28.19 21.70
CA PHE K 79 17.57 -26.76 22.00
C PHE K 79 18.19 -26.53 23.37
N VAL K 80 17.78 -27.30 24.38
CA VAL K 80 18.33 -27.10 25.72
C VAL K 80 19.81 -27.48 25.74
N VAL K 81 20.18 -28.54 25.02
CA VAL K 81 21.59 -28.94 24.98
C VAL K 81 22.43 -27.85 24.33
N GLN K 82 21.93 -27.26 23.23
CA GLN K 82 22.66 -26.18 22.58
C GLN K 82 22.77 -24.96 23.49
N ALA K 83 21.72 -24.64 24.24
CA ALA K 83 21.79 -23.54 25.18
C ALA K 83 22.87 -23.80 26.24
N LYS K 84 22.91 -25.03 26.77
CA LYS K 84 23.94 -25.36 27.74
C LYS K 84 25.32 -25.25 27.12
N LEU K 85 25.48 -25.73 25.89
CA LEU K 85 26.78 -25.64 25.23
C LEU K 85 27.22 -24.18 25.08
N HIS K 86 26.31 -23.31 24.65
CA HIS K 86 26.65 -21.90 24.53
C HIS K 86 27.05 -21.32 25.87
N LYS K 87 26.28 -21.62 26.92
CA LYS K 87 26.63 -21.12 28.25
C LYS K 87 27.98 -21.65 28.70
N GLU K 88 28.38 -22.82 28.21
CA GLU K 88 29.67 -23.38 28.59
C GLU K 88 30.83 -22.66 27.91
N LYS K 89 30.58 -22.04 26.75
CA LYS K 89 31.62 -21.30 26.06
C LYS K 89 31.93 -20.00 26.79
N ASN K 90 33.12 -19.47 26.53
CA ASN K 90 33.53 -18.21 27.13
C ASN K 90 32.70 -17.06 26.58
N LYS K 91 32.70 -15.94 27.30
CA LYS K 91 31.94 -14.78 26.86
C LYS K 91 32.38 -14.34 25.46
N MET K 92 33.69 -14.35 25.20
CA MET K 92 34.18 -14.10 23.85
C MET K 92 33.75 -15.23 22.92
N ALA K 93 33.82 -16.48 23.38
CA ALA K 93 33.36 -17.60 22.57
C ALA K 93 31.84 -17.67 22.52
N ARG K 94 31.14 -16.89 23.35
CA ARG K 94 29.69 -16.85 23.30
C ARG K 94 29.20 -15.79 22.31
N ILE K 95 29.64 -14.55 22.49
CA ILE K 95 29.20 -13.46 21.62
C ILE K 95 29.68 -13.70 20.20
N LEU K 96 30.93 -14.13 20.05
CA LEU K 96 31.56 -14.16 18.74
C LEU K 96 31.09 -15.33 17.87
N ASP K 97 30.48 -16.34 18.46
CA ASP K 97 30.14 -17.56 17.73
C ASP K 97 28.95 -17.28 16.81
N VAL K 98 29.20 -17.26 15.50
CA VAL K 98 28.15 -17.03 14.51
C VAL K 98 27.50 -18.34 14.07
N GLY K 99 28.30 -19.39 13.93
CA GLY K 99 27.73 -20.70 13.65
C GLY K 99 26.75 -21.12 14.73
N HIS K 100 27.08 -20.83 15.99
CA HIS K 100 26.12 -21.10 17.06
C HIS K 100 24.83 -20.35 16.83
N LEU K 101 24.91 -19.08 16.40
CA LEU K 101 23.71 -18.31 16.10
C LEU K 101 22.89 -19.01 15.02
N ALA K 102 23.55 -19.43 13.94
CA ALA K 102 22.84 -20.08 12.85
C ALA K 102 22.12 -21.32 13.33
N THR K 103 22.81 -22.21 14.04
CA THR K 103 22.18 -23.43 14.51
C THR K 103 21.07 -23.13 15.53
N VAL K 104 21.30 -22.17 16.43
CA VAL K 104 20.31 -21.85 17.44
C VAL K 104 19.00 -21.43 16.77
N ARG K 105 19.09 -20.52 15.80
CA ARG K 105 17.88 -20.01 15.19
C ARG K 105 17.27 -20.98 14.18
N ASN K 106 18.07 -21.86 13.56
CA ASN K 106 17.48 -22.96 12.79
C ASN K 106 16.69 -23.90 13.70
N LEU K 107 17.23 -24.20 14.88
CA LEU K 107 16.52 -25.02 15.84
C LEU K 107 15.23 -24.33 16.29
N ALA K 108 15.29 -23.02 16.50
CA ALA K 108 14.09 -22.27 16.84
C ALA K 108 13.06 -22.34 15.72
N ALA K 109 13.51 -22.25 14.47
CA ALA K 109 12.59 -22.39 13.34
C ALA K 109 11.92 -23.75 13.34
N GLU K 110 12.71 -24.81 13.58
CA GLU K 110 12.15 -26.15 13.65
C GLU K 110 11.14 -26.27 14.79
N VAL K 111 11.45 -25.66 15.94
CA VAL K 111 10.55 -25.69 17.08
C VAL K 111 9.24 -24.98 16.74
N LYS K 112 9.32 -23.84 16.06
CA LYS K 112 8.11 -23.16 15.62
C LYS K 112 7.29 -24.04 14.69
N GLY K 113 7.98 -24.70 13.74
CA GLY K 113 7.27 -25.57 12.83
C GLY K 113 6.53 -26.68 13.55
N ILE K 114 7.21 -27.34 14.48
CA ILE K 114 6.58 -28.45 15.19
C ILE K 114 5.49 -27.95 16.13
N HIS K 115 5.65 -26.75 16.70
CA HIS K 115 4.60 -26.20 17.55
C HIS K 115 3.34 -25.95 16.74
N ASP K 116 3.48 -25.36 15.56
CA ASP K 116 2.30 -25.18 14.71
C ASP K 116 1.74 -26.53 14.29
N GLN K 117 2.62 -27.51 14.05
CA GLN K 117 2.17 -28.86 13.74
C GLN K 117 1.28 -29.40 14.85
N VAL K 118 1.68 -29.21 16.11
CA VAL K 118 0.88 -29.71 17.22
C VAL K 118 -0.41 -28.91 17.36
N LYS K 119 -0.35 -27.60 17.15
CA LYS K 119 -1.55 -26.78 17.22
C LYS K 119 -2.59 -27.29 16.22
N GLU K 120 -2.17 -27.52 14.98
CA GLU K 120 -3.12 -28.02 13.97
C GLU K 120 -3.47 -29.48 14.21
N LEU K 121 -2.59 -30.25 14.84
CA LEU K 121 -2.93 -31.62 15.21
C LEU K 121 -4.12 -31.63 16.17
N ARG K 122 -4.07 -30.76 17.17
CA ARG K 122 -5.18 -30.67 18.11
C ARG K 122 -6.42 -30.11 17.43
N LEU K 123 -6.29 -28.99 16.72
CA LEU K 123 -7.47 -28.31 16.19
C LEU K 123 -8.17 -29.14 15.12
N ASN K 124 -7.40 -29.76 14.22
CA ASN K 124 -7.99 -30.47 13.10
C ASN K 124 -8.73 -31.73 13.55
N ASN K 125 -8.16 -32.46 14.50
CA ASN K 125 -8.64 -33.80 14.84
C ASN K 125 -9.52 -33.73 16.08
N GLN K 126 -10.79 -34.10 15.89
CA GLN K 126 -11.75 -34.14 16.99
C GLN K 126 -11.36 -35.18 18.05
N ALA K 127 -10.59 -36.20 17.65
CA ALA K 127 -10.27 -37.28 18.59
C ALA K 127 -9.62 -36.76 19.86
N LEU K 128 -8.91 -35.64 19.76
CA LEU K 128 -8.05 -35.18 20.85
C LEU K 128 -8.78 -34.36 21.91
N GLN K 129 -10.05 -34.04 21.71
CA GLN K 129 -10.72 -33.12 22.62
C GLN K 129 -10.79 -33.71 24.03
N ALA K 130 -10.64 -32.84 25.03
CA ALA K 130 -10.63 -33.27 26.41
C ALA K 130 -11.97 -33.90 26.78
N ARG K 131 -11.94 -34.97 27.56
CA ARG K 131 -13.14 -35.65 28.03
C ARG K 131 -13.05 -35.89 29.53
N PRO K 132 -14.13 -35.64 30.29
CA PRO K 132 -14.06 -35.79 31.75
C PRO K 132 -13.60 -37.17 32.19
N THR K 133 -14.42 -38.18 31.90
CA THR K 133 -14.08 -39.58 32.19
C THR K 133 -14.53 -40.37 30.96
N LEU K 134 -13.66 -40.46 29.96
CA LEU K 134 -14.01 -41.15 28.72
C LEU K 134 -12.78 -41.88 28.19
N GLU K 135 -12.61 -43.13 28.62
CA GLU K 135 -11.79 -44.10 27.92
C GLU K 135 -12.65 -45.35 27.74
N LEU K 136 -13.13 -45.54 26.50
CA LEU K 136 -14.24 -46.44 26.21
C LEU K 136 -13.73 -47.87 26.03
N PRO K 137 -13.91 -48.76 27.02
CA PRO K 137 -13.39 -50.12 26.85
C PRO K 137 -14.36 -51.03 26.10
N GLN K 146 -14.09 -68.80 28.22
CA GLN K 146 -14.54 -70.18 28.14
C GLN K 146 -13.36 -71.13 28.01
N GLN K 147 -13.33 -72.15 28.87
CA GLN K 147 -12.26 -73.13 28.84
C GLN K 147 -12.37 -74.01 27.59
N GLY K 148 -11.30 -74.74 27.32
CA GLY K 148 -11.31 -75.71 26.24
C GLY K 148 -12.24 -76.86 26.54
N PRO K 149 -12.11 -77.95 25.78
CA PRO K 149 -13.01 -79.10 25.99
C PRO K 149 -12.72 -79.88 27.27
N ALA K 150 -11.77 -79.45 28.09
CA ALA K 150 -11.39 -80.21 29.29
C ALA K 150 -10.84 -81.57 28.88
N LEU K 151 -10.14 -82.22 29.79
CA LEU K 151 -9.42 -83.46 29.48
C LEU K 151 -9.89 -84.60 30.35
N GLU K 152 -9.45 -85.80 29.98
CA GLU K 152 -9.46 -86.97 30.83
C GLU K 152 -8.03 -87.37 31.15
N ASP K 153 -7.89 -88.40 31.99
CA ASP K 153 -6.59 -88.70 32.56
C ASP K 153 -5.53 -88.94 31.49
N ASP K 154 -5.86 -89.75 30.48
CA ASP K 154 -4.85 -90.09 29.48
C ASP K 154 -4.37 -88.86 28.72
N GLU K 155 -5.24 -87.86 28.53
CA GLU K 155 -4.85 -86.67 27.79
C GLU K 155 -3.78 -85.87 28.53
N VAL K 156 -3.90 -85.73 29.84
CA VAL K 156 -2.92 -84.99 30.62
C VAL K 156 -1.57 -85.68 30.56
N VAL K 157 -0.51 -84.89 30.67
CA VAL K 157 0.86 -85.38 30.50
C VAL K 157 1.72 -84.86 31.64
N GLY K 158 2.56 -85.75 32.19
CA GLY K 158 3.62 -85.36 33.10
C GLY K 158 3.17 -84.77 34.42
N PHE K 159 1.86 -84.70 34.66
CA PHE K 159 1.33 -84.19 35.91
C PHE K 159 0.98 -85.30 36.89
N ASP K 160 1.25 -86.56 36.54
CA ASP K 160 0.93 -87.66 37.45
C ASP K 160 1.64 -87.49 38.78
N GLU K 161 2.96 -87.33 38.74
CA GLU K 161 3.72 -87.12 39.97
C GLU K 161 3.29 -85.83 40.64
N GLU K 162 3.04 -84.78 39.87
CA GLU K 162 2.61 -83.51 40.45
C GLU K 162 1.26 -83.67 41.12
N ALA K 163 0.32 -84.35 40.45
CA ALA K 163 -1.00 -84.54 41.05
C ALA K 163 -0.90 -85.35 42.33
N ASN K 164 -0.08 -86.41 42.32
CA ASN K 164 0.09 -87.21 43.52
C ASN K 164 0.71 -86.41 44.66
N LYS K 165 1.70 -85.58 44.34
CA LYS K 165 2.33 -84.74 45.35
C LYS K 165 1.34 -83.76 45.95
N VAL K 166 0.52 -83.14 45.10
CA VAL K 166 -0.47 -82.18 45.58
C VAL K 166 -1.50 -82.88 46.46
N ILE K 167 -1.92 -84.08 46.05
CA ILE K 167 -2.91 -84.82 46.83
C ILE K 167 -2.34 -85.21 48.17
N ASN K 168 -1.07 -85.65 48.20
CA ASN K 168 -0.43 -85.99 49.45
C ASN K 168 -0.34 -84.77 50.36
N ARG K 169 0.04 -83.62 49.80
CA ARG K 169 0.02 -82.38 50.58
C ARG K 169 -1.37 -82.12 51.14
N LEU K 170 -2.40 -82.40 50.34
CA LEU K 170 -3.78 -82.16 50.77
C LEU K 170 -4.15 -83.03 51.96
N VAL K 171 -3.93 -84.34 51.85
CA VAL K 171 -4.60 -85.31 52.72
C VAL K 171 -3.91 -85.52 54.06
N LYS K 172 -2.77 -84.89 54.30
CA LYS K 172 -2.12 -85.02 55.60
C LYS K 172 -3.09 -84.62 56.70
N GLU K 173 -3.19 -85.46 57.73
CA GLU K 173 -4.07 -85.14 58.84
C GLU K 173 -3.55 -83.91 59.57
N SER K 174 -4.45 -82.95 59.81
CA SER K 174 -4.10 -81.72 60.51
C SER K 174 -5.38 -81.06 60.96
N LYS K 175 -5.54 -80.86 62.27
CA LYS K 175 -6.78 -80.33 62.80
C LYS K 175 -7.16 -79.00 62.14
N ASP K 176 -6.16 -78.23 61.71
CA ASP K 176 -6.41 -76.91 61.15
C ASP K 176 -6.79 -76.99 59.68
N LEU K 177 -7.34 -75.89 59.17
CA LEU K 177 -7.68 -75.77 57.75
C LEU K 177 -6.45 -75.27 57.01
N ASP K 178 -5.76 -76.19 56.33
CA ASP K 178 -4.54 -75.86 55.60
C ASP K 178 -4.84 -75.85 54.11
N ILE K 179 -4.47 -74.75 53.45
CA ILE K 179 -4.73 -74.58 52.03
C ILE K 179 -3.56 -75.13 51.24
N ILE K 180 -3.83 -75.57 50.01
CA ILE K 180 -2.80 -76.10 49.11
C ILE K 180 -2.89 -75.35 47.78
N PRO K 181 -2.09 -74.30 47.57
CA PRO K 181 -2.24 -73.50 46.34
C PRO K 181 -1.34 -73.95 45.20
N VAL K 182 -1.84 -73.76 43.98
CA VAL K 182 -1.10 -74.03 42.75
C VAL K 182 -0.91 -72.70 42.03
N VAL K 183 0.35 -72.33 41.81
CA VAL K 183 0.71 -71.02 41.27
C VAL K 183 1.67 -71.19 40.11
N GLY K 184 1.64 -70.22 39.20
CA GLY K 184 2.54 -70.26 38.05
C GLY K 184 2.22 -69.13 37.08
N MET K 185 2.75 -69.27 35.87
CA MET K 185 2.57 -68.27 34.84
C MET K 185 1.29 -68.52 34.06
N PRO K 186 0.87 -67.57 33.22
CA PRO K 186 -0.33 -67.78 32.42
C PRO K 186 -0.19 -69.00 31.51
N GLY K 187 -1.28 -69.73 31.37
CA GLY K 187 -1.28 -70.88 30.49
C GLY K 187 -0.34 -71.99 30.90
N LEU K 188 0.01 -72.08 32.18
CA LEU K 188 0.96 -73.09 32.61
C LEU K 188 0.31 -74.46 32.80
N GLY K 189 -1.01 -74.53 32.87
CA GLY K 189 -1.70 -75.78 33.09
C GLY K 189 -2.26 -75.97 34.48
N LYS K 190 -2.34 -74.91 35.28
CA LYS K 190 -2.82 -75.03 36.65
C LYS K 190 -4.21 -75.64 36.71
N THR K 191 -5.14 -75.10 35.92
CA THR K 191 -6.50 -75.63 35.95
C THR K 191 -6.51 -77.11 35.60
N THR K 192 -5.64 -77.55 34.69
CA THR K 192 -5.59 -78.97 34.37
C THR K 192 -5.11 -79.79 35.56
N LEU K 193 -4.09 -79.33 36.28
CA LEU K 193 -3.65 -80.04 37.46
C LEU K 193 -4.77 -80.14 38.48
N ALA K 194 -5.47 -79.03 38.73
CA ALA K 194 -6.56 -79.05 39.70
C ALA K 194 -7.68 -79.99 39.24
N ARG K 195 -8.02 -79.95 37.96
CA ARG K 195 -9.05 -80.85 37.44
C ARG K 195 -8.63 -82.30 37.65
N LYS K 196 -7.36 -82.61 37.41
CA LYS K 196 -6.89 -83.96 37.67
C LYS K 196 -7.14 -84.33 39.12
N ILE K 197 -6.50 -83.60 40.05
CA ILE K 197 -6.69 -83.83 41.47
C ILE K 197 -8.17 -83.97 41.76
N TYR K 198 -8.98 -83.10 41.14
CA TYR K 198 -10.42 -83.14 41.35
C TYR K 198 -11.04 -84.48 40.98
N LYS K 199 -10.37 -85.26 40.12
CA LYS K 199 -10.91 -86.52 39.65
C LYS K 199 -10.15 -87.75 40.12
N ASP K 200 -9.14 -87.59 40.97
CA ASP K 200 -8.46 -88.76 41.53
C ASP K 200 -9.39 -89.48 42.50
N PRO K 201 -9.59 -90.80 42.35
CA PRO K 201 -10.38 -91.53 43.35
C PRO K 201 -9.81 -91.41 44.75
N LYS K 202 -8.48 -91.31 44.90
CA LYS K 202 -7.89 -91.16 46.22
C LYS K 202 -8.50 -89.99 46.96
N LEU K 203 -8.63 -88.85 46.28
CA LEU K 203 -9.26 -87.69 46.89
C LEU K 203 -10.68 -88.01 47.34
N SER K 204 -11.43 -88.77 46.54
CA SER K 204 -12.76 -89.19 46.95
C SER K 204 -12.71 -90.03 48.22
N TYR K 205 -11.73 -90.93 48.31
CA TYR K 205 -11.61 -91.75 49.51
C TYR K 205 -11.33 -90.90 50.74
N GLU K 206 -10.45 -89.90 50.61
CA GLU K 206 -10.05 -89.11 51.76
C GLU K 206 -11.07 -88.04 52.15
N PHE K 207 -11.97 -87.65 51.25
CA PHE K 207 -12.91 -86.58 51.52
C PHE K 207 -14.32 -86.99 51.09
N PHE K 208 -15.30 -86.67 51.94
CA PHE K 208 -16.67 -87.02 51.64
C PHE K 208 -17.17 -86.29 50.40
N GLY K 209 -17.01 -84.96 50.36
CA GLY K 209 -17.52 -84.17 49.28
C GLY K 209 -16.54 -83.12 48.80
N VAL K 210 -16.14 -83.22 47.53
CA VAL K 210 -15.24 -82.27 46.91
C VAL K 210 -16.03 -81.44 45.91
N HIS K 211 -15.97 -80.13 46.06
CA HIS K 211 -16.65 -79.22 45.14
C HIS K 211 -15.63 -78.34 44.44
N TRP K 212 -16.00 -77.86 43.26
CA TRP K 212 -15.13 -77.08 42.39
C TRP K 212 -15.76 -75.72 42.14
N VAL K 213 -14.94 -74.68 42.13
CA VAL K 213 -15.42 -73.32 41.90
C VAL K 213 -14.39 -72.55 41.09
N TYR K 214 -14.87 -71.71 40.18
CA TYR K 214 -14.03 -70.87 39.33
C TYR K 214 -14.34 -69.42 39.68
N VAL K 215 -13.28 -68.65 39.96
CA VAL K 215 -13.45 -67.25 40.34
C VAL K 215 -12.86 -66.34 39.27
N GLY K 216 -11.64 -66.63 38.81
CA GLY K 216 -10.98 -65.74 37.89
C GLY K 216 -10.75 -64.36 38.49
N GLN K 217 -10.17 -63.44 37.72
CA GLN K 217 -9.94 -62.10 38.24
C GLN K 217 -11.26 -61.42 38.59
N SER K 218 -12.25 -61.53 37.71
CA SER K 218 -13.54 -60.88 37.90
C SER K 218 -14.55 -61.90 38.43
N TYR K 219 -15.24 -61.52 39.50
CA TYR K 219 -16.16 -62.42 40.18
C TYR K 219 -17.00 -61.61 41.13
N LYS K 220 -17.99 -62.28 41.73
CA LYS K 220 -18.74 -61.76 42.85
C LYS K 220 -18.84 -62.84 43.91
N ILE K 221 -18.66 -62.46 45.17
CA ILE K 221 -18.64 -63.44 46.25
C ILE K 221 -19.94 -64.22 46.28
N LYS K 222 -21.07 -63.52 46.19
CA LYS K 222 -22.37 -64.17 46.30
C LYS K 222 -22.51 -65.31 45.29
N ASP K 223 -22.00 -65.10 44.07
CA ASP K 223 -22.01 -66.18 43.08
C ASP K 223 -21.22 -67.38 43.59
N VAL K 224 -20.03 -67.12 44.15
CA VAL K 224 -19.20 -68.21 44.63
C VAL K 224 -19.91 -68.98 45.74
N PHE K 225 -20.50 -68.23 46.68
CA PHE K 225 -21.17 -68.88 47.81
C PHE K 225 -22.40 -69.67 47.35
N LEU K 226 -23.15 -69.13 46.39
CA LEU K 226 -24.31 -69.86 45.88
C LEU K 226 -23.88 -71.14 45.19
N ASN K 227 -22.84 -71.07 44.35
CA ASN K 227 -22.36 -72.26 43.68
C ASN K 227 -21.83 -73.28 44.67
N ILE K 228 -21.20 -72.80 45.76
CA ILE K 228 -20.74 -73.69 46.80
C ILE K 228 -21.92 -74.38 47.47
N LEU K 229 -22.92 -73.58 47.88
CA LEU K 229 -24.10 -74.12 48.54
C LEU K 229 -24.84 -75.12 47.68
N LYS K 230 -24.84 -74.94 46.37
CA LYS K 230 -25.49 -75.89 45.49
C LYS K 230 -24.99 -77.31 45.74
N PHE K 231 -23.71 -77.45 46.08
CA PHE K 231 -23.14 -78.78 46.29
C PHE K 231 -23.81 -79.49 47.46
N PHE K 232 -24.08 -78.76 48.55
CA PHE K 232 -24.61 -79.38 49.75
C PHE K 232 -26.14 -79.45 49.76
N THR K 233 -26.81 -78.65 48.94
CA THR K 233 -28.26 -78.71 48.84
C THR K 233 -28.68 -78.15 47.49
N ARG K 234 -29.71 -78.76 46.90
CA ARG K 234 -30.24 -78.33 45.62
C ARG K 234 -31.31 -77.26 45.75
N ARG K 235 -31.38 -76.59 46.90
CA ARG K 235 -32.39 -75.57 47.16
C ARG K 235 -31.74 -74.21 47.37
N THR K 236 -30.72 -73.89 46.57
CA THR K 236 -30.08 -72.58 46.67
C THR K 236 -31.09 -71.46 46.44
N GLU K 237 -32.13 -71.71 45.63
CA GLU K 237 -33.15 -70.69 45.43
C GLU K 237 -33.79 -70.28 46.74
N ASP K 238 -33.81 -71.18 47.73
CA ASP K 238 -34.35 -70.83 49.04
C ASP K 238 -33.41 -69.89 49.79
N TYR K 239 -32.11 -70.02 49.58
CA TYR K 239 -31.12 -69.24 50.30
C TYR K 239 -30.51 -68.11 49.47
N GLN K 240 -31.08 -67.81 48.30
CA GLN K 240 -30.57 -66.72 47.49
C GLN K 240 -30.68 -65.38 48.22
N HIS K 241 -31.58 -65.27 49.19
CA HIS K 241 -31.80 -64.03 49.92
C HIS K 241 -30.96 -63.93 51.18
N GLU K 242 -30.31 -65.00 51.61
CA GLU K 242 -29.52 -64.96 52.83
C GLU K 242 -28.28 -64.10 52.62
N ASP K 243 -27.96 -63.27 53.62
CA ASP K 243 -26.81 -62.40 53.53
C ASP K 243 -25.52 -63.22 53.46
N VAL K 244 -24.40 -62.53 53.27
CA VAL K 244 -23.13 -63.22 53.12
C VAL K 244 -22.81 -64.03 54.36
N ASP K 245 -23.01 -63.45 55.54
CA ASP K 245 -22.71 -64.17 56.77
C ASP K 245 -23.71 -65.28 57.04
N ALA K 246 -24.99 -65.06 56.72
CA ALA K 246 -25.97 -66.13 56.84
C ALA K 246 -25.60 -67.30 55.94
N LEU K 247 -25.19 -67.00 54.70
CA LEU K 247 -24.74 -68.05 53.80
C LEU K 247 -23.49 -68.74 54.34
N ALA K 248 -22.58 -67.98 54.94
CA ALA K 248 -21.39 -68.58 55.51
C ALA K 248 -21.75 -69.57 56.60
N LYS K 249 -22.66 -69.18 57.50
CA LYS K 249 -23.08 -70.09 58.56
C LYS K 249 -23.79 -71.31 57.99
N VAL K 250 -24.64 -71.11 56.98
CA VAL K 250 -25.36 -72.22 56.37
C VAL K 250 -24.38 -73.22 55.78
N ILE K 251 -23.40 -72.74 55.03
CA ILE K 251 -22.43 -73.63 54.41
C ILE K 251 -21.57 -74.30 55.47
N ALA K 252 -21.25 -73.59 56.55
CA ALA K 252 -20.50 -74.20 57.63
C ALA K 252 -21.26 -75.38 58.22
N GLY K 253 -22.56 -75.20 58.46
CA GLY K 253 -23.36 -76.30 58.96
C GLY K 253 -23.46 -77.45 57.97
N PHE K 254 -23.64 -77.13 56.69
CA PHE K 254 -23.72 -78.17 55.67
C PHE K 254 -22.43 -78.98 55.63
N ILE K 255 -21.28 -78.31 55.67
CA ILE K 255 -20.01 -79.02 55.67
C ILE K 255 -19.86 -79.86 56.94
N ASN K 256 -20.23 -79.29 58.09
CA ASN K 256 -20.14 -80.03 59.34
C ASN K 256 -20.93 -81.33 59.26
N LYS K 257 -22.13 -81.26 58.69
CA LYS K 257 -22.90 -82.49 58.47
C LYS K 257 -22.18 -83.41 57.49
N GLY K 258 -21.63 -82.86 56.41
CA GLY K 258 -21.04 -83.69 55.37
C GLY K 258 -19.80 -84.44 55.83
N GLY K 259 -18.91 -83.75 56.52
CA GLY K 259 -17.63 -84.31 56.92
C GLY K 259 -16.47 -83.55 56.34
N ARG K 260 -15.33 -84.24 56.25
CA ARG K 260 -14.14 -83.64 55.67
C ARG K 260 -14.41 -83.21 54.24
N CYS K 261 -14.01 -81.98 53.90
CA CYS K 261 -14.30 -81.39 52.62
C CYS K 261 -13.06 -80.72 52.05
N LEU K 262 -12.81 -80.93 50.76
CA LEU K 262 -11.80 -80.18 50.01
C LEU K 262 -12.51 -79.38 48.93
N ILE K 263 -12.28 -78.08 48.93
CA ILE K 263 -12.88 -77.19 47.94
C ILE K 263 -11.80 -76.77 46.96
N CYS K 264 -12.05 -77.01 45.67
CA CYS K 264 -11.11 -76.64 44.62
C CYS K 264 -11.49 -75.26 44.13
N LEU K 265 -10.62 -74.28 44.37
CA LEU K 265 -10.79 -72.93 43.87
C LEU K 265 -9.86 -72.72 42.68
N ASP K 266 -10.40 -72.19 41.60
CA ASP K 266 -9.68 -72.05 40.33
C ASP K 266 -9.34 -70.58 40.14
N ASP K 267 -8.04 -70.28 40.14
CA ASP K 267 -7.52 -68.99 39.66
C ASP K 267 -8.07 -67.83 40.49
N VAL K 268 -7.68 -67.82 41.76
CA VAL K 268 -7.98 -66.73 42.68
C VAL K 268 -6.77 -65.80 42.71
N TRP K 269 -7.03 -64.48 42.76
CA TRP K 269 -5.95 -63.50 42.77
C TRP K 269 -5.92 -62.60 44.00
N GLU K 270 -7.04 -62.41 44.70
CA GLU K 270 -7.11 -61.41 45.76
C GLU K 270 -7.25 -62.06 47.13
N THR K 271 -6.44 -61.60 48.09
CA THR K 271 -6.46 -62.17 49.43
C THR K 271 -7.84 -62.08 50.07
N LYS K 272 -8.60 -61.03 49.75
CA LYS K 272 -9.92 -60.88 50.33
C LYS K 272 -10.74 -62.15 50.11
N VAL K 273 -10.59 -62.77 48.94
CA VAL K 273 -11.35 -63.98 48.64
C VAL K 273 -11.00 -65.08 49.62
N ILE K 274 -9.70 -65.28 49.87
CA ILE K 274 -9.29 -66.36 50.75
C ILE K 274 -9.77 -66.09 52.16
N ASP K 275 -9.62 -64.85 52.62
CA ASP K 275 -10.16 -64.49 53.93
C ASP K 275 -11.66 -64.68 53.99
N TYR K 276 -12.34 -64.62 52.84
CA TYR K 276 -13.76 -64.95 52.78
C TYR K 276 -14.01 -66.45 52.85
N VAL K 277 -13.10 -67.26 52.33
CA VAL K 277 -13.36 -68.69 52.21
C VAL K 277 -13.11 -69.45 53.51
N LYS K 278 -12.20 -68.98 54.36
CA LYS K 278 -12.05 -69.63 55.66
C LYS K 278 -13.36 -69.60 56.42
N THR K 279 -14.22 -68.61 56.13
CA THR K 279 -15.45 -68.46 56.88
C THR K 279 -16.38 -69.65 56.68
N ILE K 280 -16.52 -70.12 55.44
CA ILE K 280 -17.50 -71.16 55.14
C ILE K 280 -17.17 -72.48 55.82
N PHE K 281 -15.96 -72.65 56.33
CA PHE K 281 -15.54 -73.94 56.85
C PHE K 281 -15.83 -74.02 58.34
N PRO K 282 -16.59 -75.02 58.81
CA PRO K 282 -16.88 -75.12 60.24
C PRO K 282 -15.63 -75.49 61.04
N GLU K 283 -15.63 -75.08 62.30
CA GLU K 283 -14.52 -75.38 63.22
C GLU K 283 -14.78 -76.71 63.92
N ASN K 284 -14.66 -77.78 63.14
CA ASN K 284 -14.84 -79.14 63.64
C ASN K 284 -13.53 -79.91 63.71
N GLU K 285 -12.40 -79.21 63.56
CA GLU K 285 -11.08 -79.81 63.74
C GLU K 285 -10.94 -81.12 62.99
N LYS K 286 -11.58 -81.22 61.82
CA LYS K 286 -11.44 -82.40 60.96
C LYS K 286 -10.41 -82.20 59.86
N GLY K 287 -9.70 -81.08 59.87
CA GLY K 287 -8.66 -80.83 58.89
C GLY K 287 -9.17 -80.70 57.47
N HIS K 288 -10.22 -79.91 57.28
CA HIS K 288 -10.66 -79.62 55.93
C HIS K 288 -9.54 -78.96 55.14
N ARG K 289 -9.72 -78.90 53.82
CA ARG K 289 -8.70 -78.35 52.94
C ARG K 289 -9.35 -77.47 51.88
N VAL K 290 -8.57 -76.52 51.38
CA VAL K 290 -8.96 -75.70 50.25
C VAL K 290 -7.80 -75.75 49.25
N MET K 291 -8.12 -76.01 47.99
CA MET K 291 -7.15 -75.94 46.90
C MET K 291 -7.50 -74.73 46.06
N MET K 292 -6.58 -73.78 45.96
CA MET K 292 -6.78 -72.55 45.21
C MET K 292 -5.63 -72.35 44.25
N THR K 293 -5.94 -72.12 42.98
CA THR K 293 -4.94 -71.76 42.00
C THR K 293 -4.89 -70.24 41.89
N THR K 294 -3.68 -69.70 41.75
CA THR K 294 -3.49 -68.26 41.81
C THR K 294 -2.28 -67.88 40.99
N ARG K 295 -2.41 -66.88 40.13
CA ARG K 295 -1.30 -66.39 39.33
C ARG K 295 -0.45 -65.37 40.07
N ASN K 296 -0.54 -65.32 41.39
CA ASN K 296 0.20 -64.35 42.21
C ASN K 296 0.93 -65.12 43.30
N LYS K 297 2.24 -65.28 43.15
CA LYS K 297 3.00 -66.12 44.07
C LYS K 297 2.82 -65.68 45.51
N VAL K 298 2.68 -64.37 45.76
CA VAL K 298 2.51 -63.88 47.12
C VAL K 298 1.18 -64.38 47.69
N LEU K 299 0.12 -64.34 46.88
CA LEU K 299 -1.16 -64.87 47.30
C LEU K 299 -1.06 -66.35 47.66
N ALA K 300 -0.40 -67.12 46.79
CA ALA K 300 -0.16 -68.53 47.10
C ALA K 300 0.56 -68.66 48.44
N THR K 301 1.57 -67.83 48.66
CA THR K 301 2.33 -67.92 49.90
C THR K 301 1.46 -67.68 51.11
N TYR K 302 0.57 -66.69 51.04
CA TYR K 302 -0.37 -66.49 52.14
C TYR K 302 -1.27 -67.70 52.30
N ALA K 303 -1.77 -68.24 51.18
CA ALA K 303 -2.65 -69.39 51.24
C ALA K 303 -1.99 -70.55 51.97
N ASN K 304 -0.78 -70.90 51.56
CA ASN K 304 0.03 -71.89 52.24
C ASN K 304 1.45 -71.35 52.41
N SER K 305 2.03 -71.61 53.58
CA SER K 305 3.38 -71.12 53.85
C SER K 305 4.44 -71.80 52.99
N ASP K 306 4.06 -72.68 52.08
CA ASP K 306 4.99 -73.36 51.18
C ASP K 306 4.26 -73.65 49.87
N PRO K 307 4.40 -72.78 48.86
CA PRO K 307 3.59 -72.94 47.65
C PRO K 307 3.89 -74.23 46.92
N HIS K 308 3.10 -74.53 45.90
CA HIS K 308 3.35 -75.64 44.98
C HIS K 308 3.52 -75.03 43.60
N ASP K 309 4.74 -74.56 43.30
CA ASP K 309 4.99 -73.95 42.01
C ASP K 309 4.80 -75.01 40.94
N LEU K 310 3.79 -74.83 40.10
CA LEU K 310 3.46 -75.81 39.07
C LEU K 310 4.69 -76.10 38.22
N LYS K 311 5.09 -77.37 38.19
CA LYS K 311 6.36 -77.73 37.61
C LYS K 311 6.44 -77.26 36.16
N PHE K 312 7.64 -77.34 35.60
CA PHE K 312 7.87 -77.02 34.20
C PHE K 312 7.95 -78.32 33.40
N LEU K 313 7.11 -78.44 32.38
CA LEU K 313 7.13 -79.64 31.54
C LEU K 313 8.48 -79.78 30.86
N THR K 314 8.97 -81.02 30.80
CA THR K 314 10.19 -81.28 30.07
C THR K 314 9.90 -81.29 28.57
N PRO K 315 10.94 -81.10 27.74
CA PRO K 315 10.69 -81.03 26.29
C PRO K 315 9.99 -82.26 25.72
N LYS K 316 10.32 -83.45 26.21
CA LYS K 316 9.66 -84.65 25.69
C LYS K 316 8.19 -84.66 26.07
N GLU K 317 7.85 -84.17 27.27
CA GLU K 317 6.45 -83.99 27.62
C GLU K 317 5.76 -83.03 26.66
N SER K 318 6.43 -81.95 26.28
CA SER K 318 5.85 -81.02 25.33
C SER K 318 5.65 -81.66 23.96
N PHE K 319 6.61 -82.49 23.51
CA PHE K 319 6.43 -83.17 22.23
C PHE K 319 5.27 -84.15 22.28
N GLU K 320 5.15 -84.89 23.38
CA GLU K 320 4.00 -85.78 23.53
C GLU K 320 2.70 -84.98 23.53
N LEU K 321 2.70 -83.83 24.20
CA LEU K 321 1.52 -82.97 24.20
C LEU K 321 1.13 -82.58 22.78
N LEU K 322 2.09 -82.06 22.01
CA LEU K 322 1.77 -81.62 20.65
C LEU K 322 1.34 -82.80 19.78
N VAL K 323 1.94 -83.96 19.99
CA VAL K 323 1.50 -85.15 19.27
C VAL K 323 0.03 -85.42 19.56
N LYS K 324 -0.34 -85.36 20.85
CA LYS K 324 -1.74 -85.50 21.22
C LYS K 324 -2.60 -84.47 20.50
N ARG K 325 -2.19 -83.20 20.55
CA ARG K 325 -3.07 -82.14 20.09
C ARG K 325 -3.30 -82.21 18.59
N VAL K 326 -2.25 -82.50 17.81
CA VAL K 326 -2.42 -82.56 16.37
C VAL K 326 -3.07 -83.88 15.97
N PHE K 327 -2.55 -85.00 16.46
CA PHE K 327 -3.00 -86.29 15.96
C PHE K 327 -3.80 -87.07 17.00
N GLY K 328 -3.78 -86.66 18.25
CA GLY K 328 -4.53 -87.37 19.27
C GLY K 328 -3.93 -88.73 19.59
N LYS K 329 -4.79 -89.73 19.74
CA LYS K 329 -4.31 -91.07 20.06
C LYS K 329 -3.40 -91.60 18.96
N LYS K 330 -3.67 -91.26 17.70
CA LYS K 330 -2.88 -91.77 16.61
C LYS K 330 -1.47 -91.20 16.66
N PRO K 331 -0.46 -91.98 16.27
CA PRO K 331 0.92 -91.49 16.32
C PRO K 331 1.16 -90.38 15.32
N CYS K 332 2.14 -89.54 15.62
CA CYS K 332 2.58 -88.55 14.66
C CYS K 332 3.43 -89.22 13.59
N PRO K 333 3.19 -88.94 12.31
CA PRO K 333 3.99 -89.57 11.26
C PRO K 333 5.48 -89.31 11.44
N LYS K 334 6.28 -90.00 10.62
CA LYS K 334 7.72 -90.07 10.87
C LYS K 334 8.41 -88.73 10.63
N ASP K 335 8.33 -88.21 9.41
CA ASP K 335 9.16 -87.06 9.06
C ASP K 335 8.81 -85.83 9.88
N LEU K 336 7.57 -85.75 10.36
CA LEU K 336 7.17 -84.58 11.15
C LEU K 336 7.89 -84.53 12.50
N VAL K 337 8.46 -85.65 12.94
CA VAL K 337 9.05 -85.70 14.27
C VAL K 337 10.23 -84.73 14.39
N GLY K 338 11.06 -84.64 13.35
CA GLY K 338 12.13 -83.66 13.34
C GLY K 338 11.58 -82.28 13.63
N HIS K 339 10.73 -81.80 12.72
CA HIS K 339 10.06 -80.52 12.94
C HIS K 339 9.21 -80.56 14.20
N GLY K 340 8.60 -81.71 14.49
CA GLY K 340 7.82 -81.84 15.72
C GLY K 340 8.67 -81.64 16.96
N GLU K 341 9.84 -82.27 17.00
CA GLU K 341 10.74 -82.06 18.13
C GLU K 341 11.16 -80.60 18.21
N SER K 342 11.49 -80.00 17.08
CA SER K 342 11.89 -78.60 17.08
C SER K 342 10.81 -77.73 17.71
N ILE K 343 9.55 -77.93 17.29
CA ILE K 343 8.47 -77.09 17.79
C ILE K 343 8.18 -77.39 19.25
N ALA K 344 8.37 -78.64 19.67
CA ALA K 344 8.08 -78.99 21.05
C ALA K 344 9.10 -78.38 22.01
N GLY K 345 10.38 -78.47 21.67
CA GLY K 345 11.40 -77.96 22.56
C GLY K 345 11.38 -76.45 22.68
N LYS K 346 11.04 -75.76 21.58
CA LYS K 346 11.17 -74.31 21.54
C LYS K 346 10.15 -73.60 22.43
N CYS K 347 9.17 -74.30 22.98
CA CYS K 347 8.10 -73.64 23.72
C CYS K 347 8.48 -73.31 25.17
N GLY K 348 9.67 -73.70 25.62
CA GLY K 348 10.15 -73.33 26.93
C GLY K 348 9.64 -74.18 28.08
N GLY K 349 8.70 -75.09 27.83
CA GLY K 349 8.19 -75.93 28.89
C GLY K 349 6.93 -75.38 29.52
N VAL K 350 5.99 -74.94 28.71
CA VAL K 350 4.69 -74.48 29.17
C VAL K 350 3.63 -75.05 28.23
N PRO K 351 2.71 -75.88 28.71
CA PRO K 351 1.82 -76.59 27.79
C PRO K 351 0.98 -75.67 26.91
N LEU K 352 0.67 -74.45 27.34
CA LEU K 352 -0.22 -73.62 26.53
C LEU K 352 0.41 -73.21 25.22
N ALA K 353 1.71 -72.91 25.23
CA ALA K 353 2.39 -72.58 23.98
C ALA K 353 2.34 -73.76 23.01
N VAL K 354 2.64 -74.95 23.51
CA VAL K 354 2.52 -76.16 22.70
C VAL K 354 1.11 -76.27 22.15
N VAL K 355 0.11 -76.11 23.01
CA VAL K 355 -1.27 -76.29 22.60
C VAL K 355 -1.62 -75.33 21.48
N VAL K 356 -1.25 -74.06 21.65
CA VAL K 356 -1.63 -73.06 20.66
C VAL K 356 -0.98 -73.32 19.32
N ILE K 357 0.35 -73.53 19.32
CA ILE K 357 1.02 -73.72 18.04
C ILE K 357 0.55 -75.00 17.38
N ALA K 358 0.28 -76.05 18.16
CA ALA K 358 -0.34 -77.24 17.61
C ALA K 358 -1.70 -76.90 17.01
N GLY K 359 -2.44 -75.99 17.64
CA GLY K 359 -3.69 -75.53 17.07
C GLY K 359 -3.49 -74.96 15.68
N ALA K 360 -2.47 -74.13 15.52
CA ALA K 360 -2.16 -73.61 14.19
C ALA K 360 -1.76 -74.75 13.25
N LEU K 361 -1.26 -75.85 13.81
CA LEU K 361 -0.80 -77.00 13.02
C LEU K 361 -1.88 -78.03 12.74
N ARG K 362 -3.11 -77.81 13.22
CA ARG K 362 -4.11 -78.87 13.21
C ARG K 362 -4.39 -79.35 11.80
N GLY K 363 -4.09 -80.62 11.55
CA GLY K 363 -4.32 -81.20 10.24
C GLY K 363 -3.53 -80.54 9.14
N ARG K 364 -2.24 -80.30 9.35
CA ARG K 364 -1.39 -79.77 8.29
C ARG K 364 -0.21 -80.71 8.02
N PRO K 365 -0.47 -82.01 7.83
CA PRO K 365 0.64 -82.96 7.66
C PRO K 365 1.50 -82.68 6.43
N ASN K 366 1.13 -81.67 5.65
CA ASN K 366 1.99 -81.22 4.54
C ASN K 366 3.18 -80.49 5.15
N THR K 367 4.36 -81.12 5.08
CA THR K 367 5.49 -80.64 5.86
C THR K 367 5.93 -79.24 5.48
N SER K 368 5.47 -78.73 4.32
CA SER K 368 5.70 -77.33 4.01
C SER K 368 5.20 -76.44 5.14
N ASP K 369 3.99 -76.71 5.64
CA ASP K 369 3.45 -75.88 6.70
C ASP K 369 4.12 -76.17 8.04
N TRP K 370 4.50 -77.41 8.31
CA TRP K 370 5.21 -77.68 9.55
C TRP K 370 6.52 -76.90 9.58
N ILE K 371 7.19 -76.78 8.43
CA ILE K 371 8.42 -75.99 8.38
C ILE K 371 8.11 -74.51 8.48
N ARG K 372 7.00 -74.06 7.89
CA ARG K 372 6.59 -72.67 8.09
C ARG K 372 6.48 -72.37 9.57
N VAL K 373 5.77 -73.23 10.31
CA VAL K 373 5.50 -72.94 11.71
C VAL K 373 6.76 -73.06 12.55
N GLU K 374 7.62 -74.04 12.24
CA GLU K 374 8.80 -74.25 13.07
C GLU K 374 9.75 -73.06 13.00
N ARG K 375 10.05 -72.59 11.79
CA ARG K 375 11.13 -71.63 11.55
C ARG K 375 11.15 -70.55 12.63
N ASN K 376 9.97 -70.14 13.11
CA ASN K 376 9.88 -69.24 14.24
C ASN K 376 8.61 -69.59 15.01
N VAL K 377 8.77 -70.12 16.22
CA VAL K 377 7.65 -70.64 16.99
C VAL K 377 7.31 -69.78 18.20
N VAL K 378 7.86 -68.58 18.31
CA VAL K 378 7.43 -67.66 19.36
C VAL K 378 6.52 -66.58 18.80
N GLN K 379 6.77 -66.17 17.55
CA GLN K 379 5.91 -65.21 16.88
C GLN K 379 4.53 -65.80 16.60
N HIS K 380 4.47 -67.09 16.29
CA HIS K 380 3.23 -67.68 15.83
C HIS K 380 2.11 -67.47 16.82
N LEU K 381 2.40 -67.69 18.10
CA LEU K 381 1.44 -67.36 19.13
C LEU K 381 1.12 -65.88 18.98
N TYR K 382 -0.06 -65.45 19.44
CA TYR K 382 -0.50 -64.06 19.34
C TYR K 382 -0.91 -63.68 17.91
N THR K 383 -1.45 -64.63 17.15
CA THR K 383 -2.00 -64.34 15.83
C THR K 383 -3.23 -65.19 15.59
N ASN K 384 -4.06 -64.73 14.66
CA ASN K 384 -5.24 -65.48 14.24
C ASN K 384 -6.28 -65.52 15.36
N SER K 385 -7.34 -66.32 15.17
CA SER K 385 -8.39 -66.39 16.18
C SER K 385 -7.88 -67.02 17.46
N GLU K 386 -7.19 -68.15 17.35
CA GLU K 386 -6.72 -68.89 18.52
C GLU K 386 -5.36 -68.39 19.02
N GLU K 387 -5.25 -67.08 19.25
CA GLU K 387 -4.04 -66.45 19.75
C GLU K 387 -3.91 -66.55 21.26
N SER K 388 -4.66 -67.47 21.88
CA SER K 388 -5.05 -67.37 23.28
C SER K 388 -3.94 -66.92 24.21
N CYS K 389 -2.67 -67.16 23.85
CA CYS K 389 -1.58 -66.73 24.73
C CYS K 389 -1.68 -65.24 25.03
N LEU K 390 -1.98 -64.43 24.03
CA LEU K 390 -2.01 -62.97 24.19
C LEU K 390 -2.98 -62.59 25.30
N LYS K 391 -4.26 -62.87 25.09
CA LYS K 391 -5.27 -62.49 26.08
C LYS K 391 -5.02 -63.19 27.41
N PHE K 392 -4.50 -64.41 27.36
CA PHE K 392 -4.22 -65.12 28.59
C PHE K 392 -3.21 -64.37 29.45
N VAL K 393 -2.17 -63.81 28.83
CA VAL K 393 -1.18 -63.03 29.58
C VAL K 393 -1.76 -61.67 29.95
N GLU K 394 -2.53 -61.07 29.04
CA GLU K 394 -3.13 -59.77 29.33
C GLU K 394 -4.05 -59.85 30.53
N MET K 395 -4.52 -61.06 30.85
CA MET K 395 -5.30 -61.31 32.05
C MET K 395 -4.57 -60.81 33.29
N SER K 396 -3.26 -60.62 33.21
CA SER K 396 -2.44 -60.20 34.34
C SER K 396 -1.63 -58.94 34.08
N TYR K 397 -1.10 -58.75 32.87
CA TYR K 397 -0.33 -57.53 32.61
C TYR K 397 -1.13 -56.31 33.00
N ASP K 398 -2.41 -56.28 32.63
CA ASP K 398 -3.31 -55.22 33.09
C ASP K 398 -3.33 -55.12 34.60
N HIS K 399 -3.11 -56.24 35.29
CA HIS K 399 -3.09 -56.30 36.75
C HIS K 399 -1.78 -55.72 37.32
N LEU K 400 -1.03 -55.00 36.51
CA LEU K 400 0.14 -54.27 36.95
C LEU K 400 -0.09 -52.78 36.81
N PRO K 401 0.22 -51.97 37.81
CA PRO K 401 0.14 -50.52 37.64
C PRO K 401 1.01 -50.04 36.49
N GLN K 402 0.74 -48.82 36.03
CA GLN K 402 1.42 -48.33 34.82
C GLN K 402 2.93 -48.28 35.01
N GLU K 403 3.40 -47.96 36.22
CA GLU K 403 4.84 -47.91 36.45
C GLU K 403 5.45 -49.29 36.25
N VAL K 404 4.89 -50.31 36.93
CA VAL K 404 5.39 -51.67 36.74
C VAL K 404 5.01 -52.19 35.36
N GLN K 405 3.94 -51.66 34.76
CA GLN K 405 3.65 -52.00 33.37
C GLN K 405 4.83 -51.65 32.49
N THR K 406 5.28 -50.40 32.54
CA THR K 406 6.36 -49.96 31.67
C THR K 406 7.67 -50.61 32.06
N CYS K 407 7.97 -50.71 33.36
CA CYS K 407 9.16 -51.44 33.77
C CYS K 407 9.16 -52.84 33.20
N PHE K 408 7.99 -53.47 33.16
CA PHE K 408 7.86 -54.81 32.59
C PHE K 408 8.20 -54.80 31.10
N LEU K 409 7.58 -53.90 30.35
CA LEU K 409 7.76 -53.91 28.89
C LEU K 409 9.23 -53.77 28.52
N TYR K 410 10.03 -53.16 29.39
CA TYR K 410 11.46 -53.02 29.13
C TYR K 410 12.28 -54.15 29.70
N CYS K 411 11.64 -55.17 30.25
CA CYS K 411 12.25 -56.49 30.31
C CYS K 411 12.17 -57.20 28.96
N GLY K 412 11.36 -56.70 28.03
CA GLY K 412 11.18 -57.28 26.73
C GLY K 412 12.17 -56.83 25.68
N VAL K 413 13.34 -56.33 26.10
CA VAL K 413 14.35 -55.85 25.16
C VAL K 413 15.54 -56.80 25.19
N PHE K 414 15.72 -57.50 26.30
CA PHE K 414 16.82 -58.45 26.39
C PHE K 414 16.57 -59.64 25.47
N PRO K 415 17.58 -60.10 24.73
CA PRO K 415 17.33 -61.11 23.69
C PRO K 415 16.72 -62.38 24.25
N ARG K 416 15.94 -63.06 23.41
CA ARG K 416 15.23 -64.25 23.86
C ARG K 416 16.22 -65.28 24.41
N GLY K 417 15.90 -65.82 25.58
CA GLY K 417 16.80 -66.71 26.27
C GLY K 417 17.89 -66.01 27.05
N PHE K 418 18.05 -64.69 26.88
CA PHE K 418 19.04 -63.95 27.64
C PHE K 418 18.69 -63.97 29.12
N ASP K 419 19.72 -63.96 29.96
CA ASP K 419 19.56 -63.84 31.41
C ASP K 419 19.74 -62.38 31.79
N ILE K 420 18.66 -61.76 32.27
CA ILE K 420 18.61 -60.32 32.49
C ILE K 420 19.15 -60.05 33.90
N PRO K 421 20.30 -59.41 34.06
CA PRO K 421 20.82 -59.17 35.40
C PRO K 421 19.91 -58.24 36.19
N SER K 422 19.95 -58.40 37.51
CA SER K 422 19.15 -57.56 38.38
C SER K 422 19.62 -56.11 38.33
N TRP K 423 20.92 -55.88 38.52
CA TRP K 423 21.42 -54.51 38.52
C TRP K 423 21.34 -53.90 37.13
N LYS K 424 21.65 -54.67 36.09
CA LYS K 424 21.56 -54.14 34.73
C LYS K 424 20.15 -53.68 34.41
N VAL K 425 19.15 -54.52 34.69
CA VAL K 425 17.77 -54.14 34.37
C VAL K 425 17.30 -53.01 35.28
N ILE K 426 17.73 -53.02 36.55
CA ILE K 426 17.34 -51.95 37.45
C ILE K 426 17.81 -50.61 36.90
N ARG K 427 19.09 -50.54 36.54
CA ARG K 427 19.63 -49.28 36.04
C ARG K 427 19.13 -48.97 34.64
N LEU K 428 18.71 -49.98 33.86
CA LEU K 428 18.12 -49.70 32.56
C LEU K 428 16.75 -49.06 32.73
N TRP K 429 15.90 -49.63 33.57
CA TRP K 429 14.68 -48.96 33.95
C TRP K 429 14.97 -47.53 34.39
N ILE K 430 15.76 -47.37 35.44
CA ILE K 430 15.99 -46.06 36.02
C ILE K 430 16.71 -45.11 35.07
N ALA K 431 17.29 -45.63 33.99
CA ALA K 431 17.97 -44.81 33.00
C ALA K 431 17.08 -44.47 31.81
N GLU K 432 16.05 -45.27 31.54
CA GLU K 432 15.11 -44.95 30.48
C GLU K 432 14.14 -43.85 30.88
N GLY K 433 14.13 -43.44 32.14
CA GLY K 433 13.16 -42.46 32.61
C GLY K 433 11.82 -43.03 32.98
N LEU K 434 11.71 -44.35 33.10
CA LEU K 434 10.42 -44.98 33.35
C LEU K 434 9.98 -44.78 34.79
N ILE K 435 10.90 -44.93 35.75
CA ILE K 435 10.54 -44.79 37.16
C ILE K 435 10.29 -43.33 37.47
N LYS K 436 9.59 -43.07 38.57
CA LYS K 436 9.43 -41.73 39.09
C LYS K 436 9.71 -41.74 40.59
N PRO K 437 10.29 -40.68 41.12
CA PRO K 437 10.71 -40.70 42.53
C PRO K 437 9.53 -40.79 43.47
N GLN K 438 9.77 -41.38 44.64
CA GLN K 438 8.77 -41.47 45.69
C GLN K 438 9.21 -40.61 46.87
N GLU K 439 8.32 -40.52 47.86
CA GLU K 439 8.42 -39.46 48.86
C GLU K 439 9.43 -39.76 49.96
N SER K 440 9.82 -41.02 50.16
CA SER K 440 10.88 -41.32 51.11
C SER K 440 11.78 -42.47 50.62
N TYR K 441 11.81 -42.71 49.31
CA TYR K 441 12.48 -43.88 48.77
C TYR K 441 13.53 -43.45 47.75
N THR K 442 14.39 -44.41 47.39
CA THR K 442 15.51 -44.18 46.49
C THR K 442 15.35 -45.06 45.26
N LEU K 443 15.53 -44.45 44.08
CA LEU K 443 15.13 -45.10 42.84
C LEU K 443 15.60 -46.55 42.75
N GLU K 444 16.80 -46.85 43.27
CA GLU K 444 17.29 -48.21 43.17
C GLU K 444 16.35 -49.19 43.88
N GLU K 445 15.89 -48.82 45.07
CA GLU K 445 15.03 -49.74 45.83
C GLU K 445 13.61 -49.77 45.28
N ILE K 446 13.12 -48.66 44.72
CA ILE K 446 11.83 -48.70 44.04
C ILE K 446 11.88 -49.66 42.87
N ALA K 447 12.96 -49.60 42.09
CA ALA K 447 13.07 -50.48 40.93
C ALA K 447 13.27 -51.93 41.34
N GLU K 448 14.05 -52.17 42.41
CA GLU K 448 14.20 -53.53 42.91
C GLU K 448 12.86 -54.07 43.40
N PHE K 449 12.06 -53.22 44.06
CA PHE K 449 10.73 -53.63 44.46
C PHE K 449 9.85 -53.93 43.24
N TYR K 450 9.98 -53.13 42.19
CA TYR K 450 9.19 -53.38 40.99
C TYR K 450 9.52 -54.74 40.40
N LEU K 451 10.80 -55.07 40.29
CA LEU K 451 11.15 -56.38 39.76
C LEU K 451 10.77 -57.49 40.74
N ASN K 452 10.93 -57.23 42.05
CA ASN K 452 10.47 -58.19 43.05
C ASN K 452 9.01 -58.54 42.81
N ASP K 453 8.17 -57.53 42.63
CA ASP K 453 6.76 -57.79 42.34
C ASP K 453 6.60 -58.50 41.00
N LEU K 454 7.38 -58.08 40.01
CA LEU K 454 7.27 -58.70 38.69
C LEU K 454 7.59 -60.19 38.77
N VAL K 455 8.26 -60.60 39.85
CA VAL K 455 8.40 -62.03 40.12
C VAL K 455 7.22 -62.51 40.98
N ASN K 456 6.77 -61.70 41.93
CA ASN K 456 5.64 -62.08 42.77
C ASN K 456 4.46 -62.49 41.91
N ARG K 457 4.19 -61.72 40.86
CA ARG K 457 3.07 -61.99 39.96
C ARG K 457 3.40 -63.05 38.92
N ASN K 458 4.48 -63.82 39.12
CA ASN K 458 4.97 -64.81 38.17
C ASN K 458 5.30 -64.22 36.81
N LEU K 459 5.28 -62.88 36.70
CA LEU K 459 5.42 -62.29 35.38
C LEU K 459 6.77 -62.58 34.77
N VAL K 460 7.83 -62.50 35.56
CA VAL K 460 9.20 -62.53 35.04
C VAL K 460 9.98 -63.57 35.83
N ILE K 461 10.40 -64.63 35.15
CA ILE K 461 11.12 -65.75 35.76
C ILE K 461 12.26 -65.22 36.61
N LEU K 462 12.56 -65.91 37.71
CA LEU K 462 13.68 -65.59 38.58
C LEU K 462 14.40 -66.89 38.94
N GLN K 463 15.49 -67.19 38.24
CA GLN K 463 16.30 -68.35 38.58
C GLN K 463 17.73 -67.89 38.84
N GLN K 464 17.93 -67.28 40.00
CA GLN K 464 19.22 -67.12 40.64
C GLN K 464 18.98 -66.27 41.88
N LYS K 465 19.89 -66.30 42.85
CA LYS K 465 19.67 -65.55 44.09
C LYS K 465 21.00 -65.14 44.67
N ARG K 466 21.22 -63.83 44.80
CA ARG K 466 22.36 -63.33 45.58
C ARG K 466 22.27 -63.90 46.98
N SER K 467 23.36 -63.82 47.74
CA SER K 467 23.38 -64.35 49.10
C SER K 467 22.19 -63.83 49.88
N ASP K 468 21.85 -62.56 49.70
CA ASP K 468 20.71 -61.97 50.39
C ASP K 468 19.40 -62.65 50.03
N GLY K 469 19.33 -63.39 48.91
CA GLY K 469 18.08 -63.94 48.46
C GLY K 469 17.26 -63.01 47.61
N GLN K 470 17.87 -61.98 47.04
CA GLN K 470 17.19 -61.09 46.11
C GLN K 470 17.46 -61.54 44.68
N ILE K 471 16.75 -60.92 43.74
CA ILE K 471 16.89 -61.29 42.34
C ILE K 471 18.33 -61.12 41.90
N LYS K 472 18.88 -62.16 41.27
CA LYS K 472 20.20 -62.11 40.68
C LYS K 472 20.20 -62.30 39.18
N THR K 473 19.23 -63.05 38.63
CA THR K 473 18.97 -63.06 37.20
C THR K 473 17.48 -63.32 37.01
N CYS K 474 16.90 -62.62 36.04
CA CYS K 474 15.51 -62.83 35.67
C CYS K 474 15.42 -62.98 34.16
N ARG K 475 14.48 -63.81 33.72
CA ARG K 475 14.30 -64.07 32.30
C ARG K 475 12.85 -63.82 31.93
N LEU K 476 12.63 -63.57 30.64
CA LEU K 476 11.30 -63.43 30.09
C LEU K 476 10.97 -64.69 29.30
N HIS K 477 9.88 -65.36 29.68
CA HIS K 477 9.54 -66.61 29.01
C HIS K 477 9.36 -66.37 27.53
N VAL K 478 9.85 -67.31 26.72
CA VAL K 478 9.78 -67.19 25.26
C VAL K 478 8.46 -66.60 24.81
N MET K 479 7.35 -67.20 25.24
CA MET K 479 6.04 -66.64 24.94
C MET K 479 5.91 -65.22 25.51
N LEU K 480 6.25 -65.03 26.78
CA LEU K 480 6.17 -63.69 27.36
C LEU K 480 7.16 -62.76 26.69
N HIS K 481 8.30 -63.27 26.23
CA HIS K 481 9.25 -62.42 25.53
C HIS K 481 8.63 -61.88 24.25
N GLN K 482 8.03 -62.75 23.45
CA GLN K 482 7.39 -62.29 22.23
C GLN K 482 6.25 -61.34 22.53
N PHE K 483 5.51 -61.61 23.61
CA PHE K 483 4.42 -60.71 24.00
C PHE K 483 4.95 -59.32 24.31
N CYS K 484 6.00 -59.25 25.12
CA CYS K 484 6.57 -57.94 25.47
C CYS K 484 7.12 -57.23 24.24
N LYS K 485 7.83 -57.98 23.38
CA LYS K 485 8.40 -57.35 22.19
C LYS K 485 7.30 -56.77 21.30
N LYS K 486 6.25 -57.56 21.05
CA LYS K 486 5.16 -57.09 20.20
C LYS K 486 4.41 -55.94 20.86
N GLU K 487 4.26 -55.97 22.19
CA GLU K 487 3.53 -54.91 22.89
C GLU K 487 4.31 -53.60 22.82
N ALA K 488 5.61 -53.66 23.08
CA ALA K 488 6.45 -52.47 22.92
C ALA K 488 6.39 -51.96 21.48
N SER K 489 6.49 -52.86 20.51
CA SER K 489 6.45 -52.45 19.12
C SER K 489 5.14 -51.74 18.78
N ASN K 490 4.02 -52.25 19.28
CA ASN K 490 2.75 -51.55 19.10
C ASN K 490 2.81 -50.17 19.74
N LYS K 491 3.33 -50.09 20.98
CA LYS K 491 3.48 -48.80 21.64
C LYS K 491 4.74 -48.07 21.21
N TRP K 492 5.67 -48.74 20.53
CA TRP K 492 6.90 -48.20 19.98
C TRP K 492 7.93 -47.85 21.05
N LEU K 493 7.73 -48.25 22.30
CA LEU K 493 8.69 -47.90 23.34
C LEU K 493 10.09 -48.37 22.95
N PHE K 494 10.18 -49.44 22.18
CA PHE K 494 11.43 -49.84 21.51
C PHE K 494 11.07 -50.92 20.50
N GLN K 495 12.09 -51.54 19.91
CA GLN K 495 11.87 -52.49 18.82
C GLN K 495 13.18 -53.23 18.58
N GLU K 496 13.07 -54.36 17.88
CA GLU K 496 14.23 -55.16 17.50
C GLU K 496 14.41 -55.11 15.99
N VAL K 497 15.60 -54.70 15.55
CA VAL K 497 15.89 -54.63 14.13
C VAL K 497 15.98 -56.04 13.57
N SER K 498 15.38 -56.27 12.41
CA SER K 498 15.41 -57.56 11.74
C SER K 498 15.52 -57.32 10.23
N LEU K 499 15.60 -58.40 9.47
CA LEU K 499 15.74 -58.29 8.02
C LEU K 499 15.57 -59.66 7.39
N THR K 500 14.84 -59.68 6.26
CA THR K 500 14.75 -60.85 5.41
C THR K 500 15.74 -60.68 4.26
N PRO K 501 16.70 -61.60 4.08
CA PRO K 501 17.91 -61.27 3.29
C PRO K 501 18.20 -59.78 3.12
N ASP K 502 17.35 -59.07 2.36
CA ASP K 502 17.49 -57.64 2.19
C ASP K 502 16.58 -56.91 3.19
N GLN K 503 16.38 -55.61 2.98
CA GLN K 503 15.37 -54.84 3.69
C GLN K 503 15.78 -54.57 5.13
N ALA K 504 14.87 -53.98 5.92
CA ALA K 504 15.23 -53.51 7.26
C ALA K 504 14.29 -54.04 8.35
N ILE K 505 13.50 -55.08 8.05
CA ILE K 505 12.65 -55.68 9.07
C ILE K 505 12.53 -57.17 8.78
N ASP K 509 9.95 -50.57 9.12
CA ASP K 509 10.21 -49.14 9.10
C ASP K 509 10.79 -48.69 10.43
N PRO K 510 12.09 -48.91 10.62
CA PRO K 510 12.73 -48.50 11.88
C PRO K 510 12.47 -47.06 12.26
N ASN K 511 12.04 -46.24 11.30
CA ASN K 511 11.66 -44.86 11.62
C ASN K 511 10.48 -44.82 12.58
N LYS K 512 9.70 -45.90 12.67
CA LYS K 512 8.66 -46.04 13.68
C LYS K 512 9.15 -46.87 14.86
N SER K 513 10.42 -46.69 15.22
CA SER K 513 11.05 -47.41 16.32
C SER K 513 11.74 -46.37 17.19
N ARG K 514 11.14 -46.02 18.32
CA ARG K 514 11.74 -45.03 19.20
C ARG K 514 13.10 -45.49 19.70
N ARG K 515 13.38 -46.79 19.64
CA ARG K 515 14.68 -47.33 19.98
C ARG K 515 14.96 -48.54 19.13
N LEU K 516 16.23 -48.87 18.98
CA LEU K 516 16.69 -49.99 18.15
C LEU K 516 17.51 -50.95 19.01
N CYS K 517 17.00 -52.16 19.17
CA CYS K 517 17.74 -53.24 19.81
C CYS K 517 18.16 -54.22 18.72
N ILE K 518 19.46 -54.33 18.48
CA ILE K 518 19.98 -55.13 17.38
C ILE K 518 20.90 -56.20 17.94
N GLN K 519 20.70 -57.43 17.50
CA GLN K 519 21.63 -58.50 17.79
C GLN K 519 22.97 -58.23 17.09
N PRO K 520 24.08 -58.66 17.68
CA PRO K 520 25.39 -58.38 17.05
C PRO K 520 25.52 -58.97 15.65
N SER K 521 24.92 -60.12 15.39
CA SER K 521 25.15 -60.80 14.12
C SER K 521 24.76 -59.94 12.93
N ASN K 522 23.59 -59.31 13.00
CA ASN K 522 23.11 -58.44 11.93
C ASN K 522 23.63 -57.02 12.04
N LEU K 523 24.42 -56.72 13.08
CA LEU K 523 24.84 -55.33 13.31
C LEU K 523 25.64 -54.79 12.13
N LYS K 524 26.60 -55.57 11.63
CA LYS K 524 27.45 -55.08 10.56
C LYS K 524 26.65 -54.75 9.31
N ASP K 525 25.79 -55.68 8.87
CA ASP K 525 24.97 -55.42 7.70
C ASP K 525 24.02 -54.26 7.94
N PHE K 526 23.43 -54.19 9.13
CA PHE K 526 22.61 -53.04 9.49
C PHE K 526 23.43 -51.77 9.40
N LEU K 527 24.68 -51.83 9.85
CA LEU K 527 25.59 -50.69 9.72
C LEU K 527 25.97 -50.46 8.26
N SER K 528 25.91 -51.49 7.44
CA SER K 528 26.31 -51.34 6.03
C SER K 528 25.41 -50.35 5.31
N LYS K 529 24.12 -50.34 5.63
CA LYS K 529 23.18 -49.40 5.03
C LYS K 529 23.37 -47.97 5.55
N LYS K 530 24.41 -47.71 6.33
CA LYS K 530 24.69 -46.36 6.81
C LYS K 530 23.53 -45.85 7.65
N PRO K 531 23.27 -46.48 8.80
CA PRO K 531 22.14 -46.06 9.63
C PRO K 531 22.28 -44.60 10.08
N SER K 532 21.17 -43.89 10.08
CA SER K 532 21.12 -42.52 10.55
C SER K 532 19.73 -42.25 11.10
N ALA K 533 19.67 -41.76 12.33
CA ALA K 533 18.39 -41.50 12.98
C ALA K 533 18.55 -40.37 13.98
N GLU K 534 17.42 -39.73 14.29
CA GLU K 534 17.35 -38.70 15.31
C GLU K 534 16.39 -39.07 16.43
N HIS K 535 15.21 -39.60 16.07
CA HIS K 535 14.25 -40.01 17.07
C HIS K 535 14.77 -41.14 17.96
N VAL K 536 15.69 -41.97 17.43
CA VAL K 536 16.28 -43.02 18.26
C VAL K 536 16.86 -42.40 19.51
N ARG K 537 16.67 -43.09 20.65
CA ARG K 537 17.15 -42.58 21.93
C ARG K 537 17.80 -43.67 22.77
N SER K 538 18.45 -44.64 22.13
CA SER K 538 19.22 -45.66 22.82
C SER K 538 19.84 -46.57 21.77
N PHE K 539 20.67 -47.50 22.23
CA PHE K 539 21.23 -48.52 21.36
C PHE K 539 21.45 -49.77 22.19
N TYR K 540 20.59 -50.75 22.03
CA TYR K 540 20.70 -52.02 22.75
C TYR K 540 21.35 -53.05 21.83
N CYS K 541 22.52 -53.54 22.24
CA CYS K 541 23.20 -54.65 21.55
C CYS K 541 23.91 -55.45 22.63
N PHE K 542 23.23 -56.48 23.13
CA PHE K 542 23.77 -57.35 24.16
C PHE K 542 24.34 -58.61 23.54
N SER K 543 25.11 -59.35 24.33
CA SER K 543 25.79 -60.56 23.88
C SER K 543 25.12 -61.76 24.55
N SER K 544 24.05 -62.26 23.93
CA SER K 544 23.45 -63.50 24.40
C SER K 544 24.44 -64.64 24.32
N LYS K 545 25.17 -64.73 23.21
CA LYS K 545 26.33 -65.60 23.10
C LYS K 545 27.52 -64.82 23.64
N GLU K 546 27.77 -64.96 24.93
CA GLU K 546 28.70 -64.10 25.63
C GLU K 546 30.09 -64.14 24.99
N LYS K 547 30.70 -62.97 24.84
CA LYS K 547 32.08 -62.82 24.41
C LYS K 547 32.28 -63.22 22.95
N GLN K 548 31.21 -63.23 22.14
CA GLN K 548 31.32 -63.55 20.72
C GLN K 548 31.47 -62.26 19.90
N ILE K 549 32.50 -61.49 20.24
CA ILE K 549 32.75 -60.22 19.55
C ILE K 549 33.10 -60.54 18.10
N ARG K 550 32.23 -60.12 17.18
CA ARG K 550 32.43 -60.41 15.76
C ARG K 550 33.41 -59.39 15.17
N GLY K 551 33.55 -59.41 13.85
CA GLY K 551 34.50 -58.53 13.18
C GLY K 551 34.00 -57.11 13.04
N LEU K 552 33.96 -56.38 14.16
CA LEU K 552 33.53 -54.98 14.17
C LEU K 552 34.78 -54.11 14.17
N THR K 553 35.01 -53.43 13.05
CA THR K 553 36.16 -52.54 12.93
C THR K 553 35.88 -51.20 13.63
N PRO K 554 36.93 -50.43 13.94
CA PRO K 554 36.69 -49.12 14.56
C PRO K 554 35.79 -48.23 13.74
N ASN K 555 35.86 -48.32 12.41
CA ASN K 555 34.93 -47.58 11.57
C ASN K 555 33.48 -47.93 11.90
N ASP K 556 33.22 -49.20 12.24
CA ASP K 556 31.86 -49.59 12.63
C ASP K 556 31.43 -48.83 13.88
N ILE K 557 32.30 -48.72 14.87
CA ILE K 557 31.96 -48.02 16.10
C ILE K 557 31.76 -46.53 15.82
N LYS K 558 32.58 -45.95 14.94
CA LYS K 558 32.39 -44.56 14.58
C LYS K 558 31.05 -44.33 13.89
N LEU K 559 30.69 -45.22 12.96
CA LEU K 559 29.40 -45.07 12.28
C LEU K 559 28.25 -45.25 13.27
N ILE K 560 28.41 -46.15 14.24
CA ILE K 560 27.39 -46.29 15.28
C ILE K 560 27.24 -44.97 16.03
N HIS K 561 28.36 -44.37 16.43
CA HIS K 561 28.30 -43.05 17.06
C HIS K 561 27.53 -42.07 16.20
N LYS K 562 27.79 -42.10 14.89
CA LYS K 562 27.13 -41.17 13.98
C LYS K 562 25.62 -41.40 13.95
N ALA K 563 25.19 -42.66 13.90
CA ALA K 563 23.80 -42.97 13.59
C ALA K 563 22.85 -42.43 14.65
N PHE K 564 23.21 -42.59 15.93
CA PHE K 564 22.32 -42.29 17.05
C PHE K 564 22.85 -41.09 17.82
N PRO K 565 22.52 -39.86 17.42
CA PRO K 565 23.12 -38.69 18.07
C PRO K 565 22.43 -38.31 19.38
N LEU K 566 21.13 -38.59 19.48
CA LEU K 566 20.36 -38.29 20.68
C LEU K 566 20.30 -39.48 21.63
N VAL K 567 21.27 -40.39 21.54
CA VAL K 567 21.24 -41.61 22.33
C VAL K 567 21.18 -41.26 23.81
N ARG K 568 20.22 -41.85 24.51
CA ARG K 568 20.15 -41.76 25.97
C ARG K 568 20.73 -42.98 26.66
N VAL K 569 20.50 -44.18 26.10
CA VAL K 569 20.96 -45.43 26.68
C VAL K 569 21.79 -46.12 25.62
N LEU K 570 23.11 -45.90 25.65
CA LEU K 570 24.06 -46.52 24.74
C LEU K 570 24.67 -47.71 25.48
N ASP K 571 24.03 -48.86 25.36
CA ASP K 571 24.43 -50.07 26.07
C ASP K 571 24.91 -51.08 25.05
N VAL K 572 26.23 -51.22 24.93
CA VAL K 572 26.83 -52.18 24.01
C VAL K 572 28.08 -52.75 24.67
N GLU K 573 28.04 -54.01 25.07
CA GLU K 573 29.25 -54.73 25.43
C GLU K 573 29.28 -56.04 24.62
N SER K 574 29.59 -55.91 23.34
CA SER K 574 30.26 -56.96 22.59
C SER K 574 30.94 -56.22 21.43
N LEU K 575 32.15 -55.71 21.68
CA LEU K 575 32.76 -54.72 20.81
C LEU K 575 34.16 -54.37 21.29
N LYS K 576 34.86 -53.54 20.53
CA LYS K 576 36.07 -52.83 20.97
C LYS K 576 35.76 -51.34 20.83
N PHE K 577 35.15 -50.77 21.87
CA PHE K 577 34.67 -49.40 21.79
C PHE K 577 35.84 -48.41 21.87
N LEU K 578 35.60 -47.23 21.31
CA LEU K 578 36.57 -46.15 21.35
C LEU K 578 35.84 -44.83 21.60
N PHE K 579 36.58 -43.85 22.12
CA PHE K 579 35.98 -42.57 22.51
C PHE K 579 36.13 -41.57 21.36
N SER K 580 35.40 -41.84 20.28
CA SER K 580 35.45 -40.96 19.12
C SER K 580 35.02 -39.55 19.50
N LYS K 581 35.44 -38.59 18.66
CA LYS K 581 35.04 -37.21 18.88
C LYS K 581 33.52 -37.07 18.86
N ASP K 582 32.87 -37.66 17.86
CA ASP K 582 31.41 -37.59 17.80
C ASP K 582 30.78 -38.24 19.01
N PHE K 583 31.30 -39.40 19.44
CA PHE K 583 30.76 -40.06 20.62
C PHE K 583 30.82 -39.15 21.84
N ASN K 584 31.75 -38.20 21.85
CA ASN K 584 31.89 -37.29 22.97
C ASN K 584 30.85 -36.18 22.98
N GLN K 585 30.10 -36.00 21.90
CA GLN K 585 29.10 -34.95 21.79
C GLN K 585 27.73 -35.39 22.32
N LEU K 586 27.57 -36.66 22.68
CA LEU K 586 26.25 -37.21 23.02
C LEU K 586 25.86 -36.74 24.43
N PHE K 587 25.58 -35.44 24.53
CA PHE K 587 25.30 -34.84 25.83
C PHE K 587 23.98 -35.33 26.44
N HIS K 588 23.07 -35.87 25.63
CA HIS K 588 21.83 -36.42 26.15
C HIS K 588 22.01 -37.77 26.81
N LEU K 589 23.26 -38.21 26.99
CA LEU K 589 23.52 -39.56 27.45
C LEU K 589 23.03 -39.77 28.86
N ARG K 590 22.40 -40.93 29.10
CA ARG K 590 21.94 -41.34 30.41
C ARG K 590 22.74 -42.51 30.98
N TYR K 591 23.05 -43.52 30.17
CA TYR K 591 23.57 -44.78 30.67
C TYR K 591 24.55 -45.37 29.66
N ILE K 592 25.69 -45.86 30.15
CA ILE K 592 26.73 -46.48 29.31
C ILE K 592 27.02 -47.90 29.76
N ALA K 593 27.23 -48.77 28.77
CA ALA K 593 27.78 -50.10 28.96
C ALA K 593 28.70 -50.34 27.77
N ILE K 594 30.00 -50.12 27.96
CA ILE K 594 30.98 -50.25 26.89
C ILE K 594 32.19 -51.02 27.38
N SER K 595 32.97 -51.53 26.43
CA SER K 595 34.18 -52.27 26.71
C SER K 595 35.22 -51.94 25.66
N GLY K 596 36.48 -52.20 26.01
CA GLY K 596 37.59 -51.93 25.10
C GLY K 596 38.90 -51.92 25.86
N ASP K 597 39.85 -51.15 25.32
CA ASP K 597 41.17 -50.96 25.93
C ASP K 597 41.32 -49.49 26.27
N PHE K 598 40.93 -49.13 27.49
CA PHE K 598 41.00 -47.76 27.98
C PHE K 598 41.88 -47.71 29.21
N ASN K 599 42.86 -46.81 29.20
CA ASN K 599 43.76 -46.61 30.33
C ASN K 599 43.27 -45.56 31.31
N ALA K 600 42.37 -44.67 30.87
CA ALA K 600 41.90 -43.58 31.69
C ALA K 600 40.69 -42.96 31.00
N ILE K 601 39.65 -42.65 31.78
CA ILE K 601 38.43 -42.11 31.22
C ILE K 601 38.72 -40.69 30.75
N PRO K 602 38.53 -40.37 29.47
CA PRO K 602 38.84 -39.02 29.01
C PRO K 602 37.89 -37.99 29.60
N LEU K 603 38.36 -36.75 29.67
CA LEU K 603 37.54 -35.66 30.18
C LEU K 603 36.28 -35.48 29.36
N THR K 604 36.26 -35.97 28.12
CA THR K 604 35.06 -35.89 27.30
C THR K 604 33.83 -36.39 28.06
N PHE K 605 34.03 -37.28 29.03
CA PHE K 605 32.93 -37.78 29.84
C PHE K 605 32.44 -36.76 30.87
N GLY K 606 33.19 -35.68 31.08
CA GLY K 606 32.74 -34.61 31.94
C GLY K 606 31.72 -33.68 31.31
N LYS K 607 31.45 -33.86 30.02
CA LYS K 607 30.45 -33.06 29.31
C LYS K 607 29.08 -33.71 29.30
N PHE K 608 28.97 -34.98 29.66
CA PHE K 608 27.70 -35.70 29.62
C PHE K 608 26.90 -35.35 30.88
N TRP K 609 26.34 -34.14 30.86
CA TRP K 609 25.55 -33.65 32.00
C TRP K 609 24.39 -34.58 32.32
N ASN K 610 23.77 -35.19 31.31
CA ASN K 610 22.62 -36.05 31.52
C ASN K 610 22.98 -37.41 32.09
N LEU K 611 24.27 -37.72 32.21
CA LEU K 611 24.70 -39.06 32.60
C LEU K 611 24.09 -39.45 33.95
N GLN K 612 23.73 -40.72 34.08
CA GLN K 612 23.26 -41.27 35.34
C GLN K 612 24.07 -42.50 35.74
N THR K 613 24.56 -43.25 34.75
CA THR K 613 25.27 -44.50 35.01
C THR K 613 26.44 -44.63 34.05
N LEU K 614 27.44 -45.39 34.47
CA LEU K 614 28.60 -45.67 33.63
C LEU K 614 29.18 -47.02 34.02
N ILE K 615 28.94 -48.04 33.20
CA ILE K 615 29.51 -49.36 33.38
C ILE K 615 30.74 -49.46 32.49
N LEU K 616 31.86 -49.84 33.07
CA LEU K 616 33.13 -49.89 32.36
C LEU K 616 33.77 -51.26 32.53
N ASN K 617 34.27 -51.81 31.43
CA ASN K 617 34.96 -53.10 31.40
C ASN K 617 36.11 -52.96 30.41
N THR K 618 37.30 -52.64 30.92
CA THR K 618 38.46 -52.35 30.11
C THR K 618 39.42 -53.53 30.10
N SER K 619 39.94 -53.86 28.93
CA SER K 619 40.92 -54.91 28.76
C SER K 619 42.35 -54.42 28.97
N THR K 620 42.53 -53.16 29.33
CA THR K 620 43.87 -52.61 29.51
C THR K 620 44.64 -53.38 30.57
N SER K 621 45.93 -53.60 30.30
CA SER K 621 46.82 -54.21 31.28
C SER K 621 47.14 -53.28 32.45
N GLU K 622 46.76 -52.01 32.35
CA GLU K 622 47.04 -51.06 33.42
C GLU K 622 46.43 -51.55 34.73
N SER K 623 47.18 -51.38 35.83
CA SER K 623 46.69 -51.79 37.13
C SER K 623 45.59 -50.87 37.64
N THR K 624 45.63 -49.59 37.27
CA THR K 624 44.66 -48.61 37.74
C THR K 624 44.18 -47.76 36.57
N LEU K 625 42.88 -47.47 36.55
CA LEU K 625 42.29 -46.59 35.55
C LEU K 625 42.14 -45.19 36.14
N ASP K 626 42.62 -44.19 35.40
CA ASP K 626 42.55 -42.81 35.84
C ASP K 626 41.28 -42.18 35.28
N VAL K 627 40.40 -41.72 36.17
CA VAL K 627 39.13 -41.11 35.77
C VAL K 627 39.42 -39.63 35.58
N LYS K 628 39.89 -39.27 34.38
CA LYS K 628 40.22 -37.88 34.12
C LYS K 628 38.98 -36.99 34.16
N ALA K 629 37.84 -37.51 33.71
CA ALA K 629 36.61 -36.74 33.72
C ALA K 629 36.22 -36.37 35.15
N ASP K 630 35.74 -35.14 35.32
CA ASP K 630 35.29 -34.68 36.62
C ASP K 630 33.93 -35.28 36.94
N ILE K 631 33.94 -36.45 37.57
CA ILE K 631 32.69 -37.11 37.93
C ILE K 631 31.87 -36.26 38.88
N TRP K 632 32.54 -35.43 39.68
CA TRP K 632 31.85 -34.68 40.73
C TRP K 632 30.83 -33.71 40.13
N ASN K 633 31.19 -33.01 39.07
CA ASN K 633 30.30 -32.03 38.47
C ASN K 633 29.05 -32.67 37.87
N MET K 634 29.09 -33.95 37.52
CA MET K 634 27.96 -34.63 36.90
C MET K 634 26.92 -34.88 37.98
N LEU K 635 26.02 -33.91 38.17
CA LEU K 635 25.02 -34.02 39.23
C LEU K 635 24.10 -35.21 39.01
N GLN K 636 23.67 -35.43 37.76
CA GLN K 636 22.74 -36.52 37.48
C GLN K 636 23.36 -37.89 37.70
N LEU K 637 24.69 -37.96 37.83
CA LEU K 637 25.35 -39.25 37.99
C LEU K 637 24.81 -40.00 39.20
N ARG K 638 24.64 -41.31 39.04
CA ARG K 638 24.19 -42.16 40.15
C ARG K 638 25.10 -43.35 40.41
N HIS K 639 25.62 -44.00 39.37
CA HIS K 639 26.37 -45.23 39.54
C HIS K 639 27.48 -45.33 38.51
N LEU K 640 28.71 -45.50 38.98
CA LEU K 640 29.86 -45.78 38.13
C LEU K 640 30.34 -47.20 38.42
N HIS K 641 30.54 -47.98 37.36
CA HIS K 641 30.98 -49.36 37.48
C HIS K 641 32.21 -49.57 36.63
N THR K 642 33.24 -50.16 37.22
CA THR K 642 34.49 -50.47 36.53
C THR K 642 34.91 -51.88 36.87
N ASN K 643 35.55 -52.54 35.91
CA ASN K 643 36.03 -53.90 36.14
C ASN K 643 37.35 -53.95 36.89
N ILE K 644 38.06 -52.83 36.98
CA ILE K 644 39.34 -52.77 37.69
C ILE K 644 39.32 -51.57 38.62
N PRO K 645 40.21 -51.55 39.61
CA PRO K 645 40.20 -50.44 40.57
C PRO K 645 40.36 -49.10 39.87
N ALA K 646 39.64 -48.10 40.37
CA ALA K 646 39.60 -46.77 39.77
C ALA K 646 40.35 -45.78 40.63
N LYS K 647 41.22 -44.99 39.98
CA LYS K 647 41.98 -43.94 40.66
C LYS K 647 41.26 -42.61 40.44
N LEU K 648 40.21 -42.39 41.22
CA LEU K 648 39.45 -41.16 41.13
C LEU K 648 40.31 -39.96 41.51
N GLN K 649 39.80 -38.77 41.21
CA GLN K 649 40.47 -37.53 41.61
C GLN K 649 39.67 -36.83 42.70
N PRO K 650 40.31 -36.34 43.76
CA PRO K 650 39.55 -35.73 44.85
C PRO K 650 38.77 -34.53 44.37
N PRO K 651 37.59 -34.27 44.94
CA PRO K 651 36.81 -33.11 44.53
C PRO K 651 37.52 -31.81 44.88
N THR K 652 37.65 -30.93 43.90
CA THR K 652 38.33 -29.65 44.10
C THR K 652 37.41 -28.68 44.85
N ALA K 653 37.96 -27.52 45.19
CA ALA K 653 37.19 -26.52 45.93
C ALA K 653 35.99 -26.06 45.13
N THR K 654 36.18 -25.82 43.82
CA THR K 654 35.07 -25.36 42.99
C THR K 654 33.96 -26.39 42.94
N THR K 655 34.32 -27.67 42.83
CA THR K 655 33.32 -28.73 42.77
C THR K 655 32.56 -28.90 44.08
N SER K 656 33.04 -28.31 45.18
CA SER K 656 32.38 -28.45 46.46
C SER K 656 30.94 -27.96 46.37
N GLY K 657 30.02 -28.75 46.94
CA GLY K 657 28.61 -28.41 46.91
C GLY K 657 27.75 -29.48 47.55
N LYS K 658 26.58 -29.74 46.95
CA LYS K 658 25.69 -30.75 47.47
C LYS K 658 26.34 -32.14 47.38
N ALA K 659 25.96 -33.01 48.32
CA ALA K 659 26.47 -34.37 48.28
C ALA K 659 26.09 -35.04 46.96
N SER K 660 27.03 -35.78 46.40
CA SER K 660 26.84 -36.36 45.07
C SER K 660 25.69 -37.37 45.07
N CYS K 661 24.99 -37.44 43.93
CA CYS K 661 23.94 -38.42 43.74
C CYS K 661 24.46 -39.85 43.65
N LEU K 662 25.78 -40.02 43.53
CA LEU K 662 26.39 -41.33 43.38
C LEU K 662 25.95 -42.28 44.49
N GLN K 663 25.34 -43.41 44.11
CA GLN K 663 24.98 -44.44 45.06
C GLN K 663 25.97 -45.60 45.04
N THR K 664 26.31 -46.09 43.85
CA THR K 664 27.13 -47.27 43.68
C THR K 664 28.46 -46.87 43.04
N LEU K 665 29.56 -47.21 43.72
CA LEU K 665 30.91 -46.92 43.23
C LEU K 665 31.71 -48.20 43.38
N CYS K 666 31.93 -48.90 42.26
CA CYS K 666 32.50 -50.23 42.25
C CYS K 666 33.94 -50.20 41.75
N MET K 667 34.74 -51.12 42.27
CA MET K 667 36.14 -51.29 41.86
C MET K 667 36.91 -49.97 42.01
N VAL K 668 37.05 -49.56 43.26
CA VAL K 668 37.75 -48.34 43.63
C VAL K 668 39.17 -48.69 44.06
N ALA K 669 40.14 -47.92 43.60
CA ALA K 669 41.50 -48.05 44.11
C ALA K 669 41.56 -47.47 45.51
N PRO K 670 42.20 -48.14 46.47
CA PRO K 670 42.25 -47.58 47.83
C PRO K 670 42.83 -46.17 47.87
N GLU K 671 43.81 -45.88 47.02
CA GLU K 671 44.33 -44.52 46.92
C GLU K 671 43.20 -43.53 46.61
N SER K 672 42.21 -43.95 45.82
CA SER K 672 41.14 -43.06 45.41
C SER K 672 40.15 -42.77 46.54
N CYS K 673 40.29 -43.44 47.69
CA CYS K 673 39.37 -43.24 48.82
C CYS K 673 40.03 -42.32 49.84
N GLU K 674 40.03 -41.03 49.53
CA GLU K 674 40.52 -40.01 50.45
C GLU K 674 39.34 -39.38 51.20
N LYS K 675 39.68 -38.45 52.10
CA LYS K 675 38.64 -37.80 52.90
C LYS K 675 37.69 -37.01 52.02
N GLU K 676 38.23 -36.30 51.03
CA GLU K 676 37.40 -35.39 50.24
C GLU K 676 36.39 -36.15 49.38
N VAL K 677 36.83 -37.21 48.71
CA VAL K 677 35.93 -37.99 47.87
C VAL K 677 34.78 -38.54 48.72
N LEU K 678 35.10 -39.15 49.85
CA LEU K 678 34.05 -39.76 50.67
C LEU K 678 33.15 -38.70 51.29
N ALA K 679 33.69 -37.51 51.56
CA ALA K 679 32.83 -36.40 51.97
C ALA K 679 31.85 -36.03 50.86
N LYS K 680 32.33 -35.99 49.61
CA LYS K 680 31.45 -35.67 48.50
C LYS K 680 30.42 -36.77 48.25
N ALA K 681 30.80 -38.03 48.48
CA ALA K 681 29.95 -39.17 48.18
C ALA K 681 29.43 -39.82 49.47
N CYS K 682 29.06 -38.99 50.45
CA CYS K 682 28.58 -39.52 51.73
C CYS K 682 27.37 -40.42 51.55
N HIS K 683 26.55 -40.16 50.54
CA HIS K 683 25.39 -41.00 50.25
C HIS K 683 25.76 -42.27 49.49
N LEU K 684 27.04 -42.58 49.36
CA LEU K 684 27.46 -43.78 48.66
C LEU K 684 26.96 -45.02 49.40
N LYS K 685 26.45 -45.99 48.64
CA LYS K 685 25.88 -47.20 49.20
C LYS K 685 26.66 -48.46 48.86
N LYS K 686 27.10 -48.61 47.62
CA LYS K 686 27.84 -49.79 47.17
C LYS K 686 29.27 -49.35 46.85
N LEU K 687 30.20 -49.65 47.75
CA LEU K 687 31.61 -49.29 47.59
C LEU K 687 32.44 -50.56 47.56
N SER K 688 33.33 -50.65 46.58
CA SER K 688 34.28 -51.76 46.46
C SER K 688 35.68 -51.20 46.28
N ILE K 689 36.64 -51.74 47.04
CA ILE K 689 38.00 -51.26 47.03
C ILE K 689 38.94 -52.43 46.84
N ARG K 690 39.95 -52.25 45.98
CA ARG K 690 40.87 -53.33 45.66
C ARG K 690 42.27 -52.77 45.39
N GLY K 691 43.28 -53.50 45.88
CA GLY K 691 44.66 -53.09 45.70
C GLY K 691 45.57 -53.73 46.73
N GLN K 692 46.42 -52.93 47.38
CA GLN K 692 47.24 -53.38 48.50
C GLN K 692 46.61 -52.88 49.78
N MET K 693 46.36 -53.81 50.71
CA MET K 693 45.60 -53.50 51.91
C MET K 693 46.48 -53.05 53.07
N ALA K 694 47.55 -53.80 53.38
CA ALA K 694 48.37 -53.47 54.55
C ALA K 694 48.71 -51.99 54.62
N ALA K 695 48.87 -51.35 53.46
CA ALA K 695 49.06 -49.91 53.41
C ALA K 695 47.75 -49.13 53.47
N PHE K 696 46.66 -49.77 53.92
CA PHE K 696 45.34 -49.17 53.98
C PHE K 696 44.75 -49.19 55.38
N LEU K 697 45.07 -50.22 56.17
CA LEU K 697 44.51 -50.35 57.51
C LEU K 697 45.27 -49.55 58.56
N GLY K 698 46.45 -49.02 58.24
CA GLY K 698 47.24 -48.33 59.22
C GLY K 698 46.63 -47.01 59.64
N ALA K 699 47.14 -46.46 60.75
CA ALA K 699 46.63 -45.20 61.27
C ALA K 699 46.86 -44.06 60.28
N TYR K 700 48.10 -43.91 59.80
CA TYR K 700 48.35 -42.96 58.72
C TYR K 700 47.71 -43.40 57.42
N LYS K 701 47.24 -44.65 57.36
CA LYS K 701 46.38 -45.13 56.29
C LYS K 701 44.91 -44.91 56.63
N GLY K 702 44.60 -43.85 57.36
CA GLY K 702 43.26 -43.57 57.82
C GLY K 702 42.23 -43.45 56.72
N GLY K 703 42.65 -43.61 55.47
CA GLY K 703 41.71 -43.86 54.40
C GLY K 703 40.63 -44.83 54.87
N ILE K 704 41.04 -45.81 55.68
CA ILE K 704 40.06 -46.66 56.34
C ILE K 704 39.23 -45.84 57.33
N ASN K 705 39.87 -44.96 58.09
CA ASN K 705 39.13 -44.03 58.94
C ASN K 705 38.32 -43.04 58.12
N ASN K 706 38.72 -42.77 56.88
CA ASN K 706 37.97 -41.84 56.04
C ASN K 706 36.59 -42.39 55.71
N LEU K 707 36.38 -43.70 55.87
CA LEU K 707 35.09 -44.29 55.56
C LEU K 707 33.98 -43.76 56.47
N VAL K 708 34.34 -43.11 57.57
CA VAL K 708 33.34 -42.51 58.46
C VAL K 708 32.48 -41.52 57.69
N GLU K 709 33.00 -40.95 56.61
CA GLU K 709 32.24 -39.99 55.83
C GLU K 709 31.00 -40.63 55.23
N LEU K 710 31.12 -41.85 54.72
CA LEU K 710 29.97 -42.52 54.12
C LEU K 710 28.86 -42.70 55.15
N LYS K 711 27.63 -42.36 54.76
CA LYS K 711 26.48 -42.38 55.66
C LYS K 711 25.64 -43.63 55.49
N CYS K 712 25.19 -43.91 54.27
CA CYS K 712 24.30 -45.03 53.97
C CYS K 712 25.03 -46.12 53.19
N LEU K 713 26.30 -46.35 53.51
CA LEU K 713 27.05 -47.43 52.90
C LEU K 713 26.46 -48.78 53.30
N GLU K 714 26.32 -49.68 52.32
CA GLU K 714 25.80 -51.02 52.58
C GLU K 714 26.77 -52.12 52.18
N GLN K 715 27.36 -52.06 50.98
CA GLN K 715 28.25 -53.11 50.49
C GLN K 715 29.70 -52.65 50.57
N LEU K 716 30.59 -53.58 50.83
CA LEU K 716 32.01 -53.26 50.99
C LEU K 716 32.82 -54.50 50.66
N LYS K 717 33.47 -54.50 49.51
CA LYS K 717 34.25 -55.64 49.04
C LYS K 717 35.74 -55.28 49.12
N LEU K 718 36.51 -56.11 49.80
CA LEU K 718 37.95 -55.92 49.97
C LEU K 718 38.68 -56.99 49.16
N LEU K 719 39.50 -56.56 48.22
CA LEU K 719 40.22 -57.45 47.33
C LEU K 719 41.69 -57.05 47.31
N ASN K 720 42.57 -58.03 47.53
CA ASN K 720 44.02 -57.79 47.56
C ASN K 720 44.63 -58.38 46.31
N ASP K 721 45.12 -57.52 45.41
CA ASP K 721 45.72 -57.98 44.16
C ASP K 721 47.08 -58.61 44.36
N VAL K 722 47.66 -58.51 45.55
CA VAL K 722 48.99 -59.03 45.82
C VAL K 722 48.86 -60.40 46.49
N LEU K 723 49.61 -61.38 45.98
CA LEU K 723 49.67 -62.69 46.60
C LEU K 723 50.82 -62.84 47.58
N TYR K 724 51.76 -61.89 47.60
CA TYR K 724 52.88 -61.89 48.54
C TYR K 724 52.86 -60.56 49.29
N MET K 725 52.18 -60.54 50.43
CA MET K 725 52.12 -59.36 51.28
C MET K 725 53.24 -59.43 52.31
N ASN K 726 53.97 -58.32 52.48
CA ASN K 726 55.09 -58.30 53.39
C ASN K 726 54.68 -58.66 54.81
N LYS K 727 53.58 -58.06 55.29
CA LYS K 727 53.08 -58.32 56.62
C LYS K 727 51.58 -58.54 56.59
N ALA K 728 51.11 -59.52 57.34
CA ALA K 728 49.68 -59.83 57.37
C ALA K 728 48.92 -58.61 57.90
N PRO K 729 47.88 -58.15 57.21
CA PRO K 729 47.15 -56.97 57.67
C PRO K 729 46.40 -57.24 58.97
N HIS K 730 45.78 -56.19 59.49
CA HIS K 730 45.06 -56.26 60.75
C HIS K 730 43.89 -55.29 60.69
N LEU K 731 42.67 -55.79 60.96
CA LEU K 731 41.49 -54.94 60.95
C LEU K 731 41.60 -53.87 62.03
N PRO K 732 41.48 -52.58 61.70
CA PRO K 732 41.54 -51.57 62.75
C PRO K 732 40.44 -51.78 63.78
N GLN K 733 40.76 -51.53 65.04
CA GLN K 733 39.76 -51.67 66.10
C GLN K 733 38.55 -50.80 65.80
N THR K 734 38.77 -49.63 65.22
CA THR K 734 37.67 -48.77 64.80
C THR K 734 36.81 -49.43 63.73
N PHE K 735 37.35 -50.41 63.01
CA PHE K 735 36.64 -51.08 61.92
C PHE K 735 35.21 -51.43 62.33
N SER K 736 34.99 -51.67 63.62
CA SER K 736 33.65 -51.98 64.09
C SER K 736 32.68 -50.85 63.75
N GLN K 737 33.05 -49.61 64.07
CA GLN K 737 32.19 -48.47 63.78
C GLN K 737 32.54 -47.77 62.48
N LEU K 738 33.72 -48.05 61.90
CA LEU K 738 34.04 -47.47 60.60
C LEU K 738 33.02 -47.89 59.56
N VAL K 739 32.56 -49.13 59.62
CA VAL K 739 31.66 -49.69 58.61
C VAL K 739 30.35 -50.07 59.28
N ARG K 740 29.96 -49.33 60.32
CA ARG K 740 28.76 -49.69 61.07
C ARG K 740 27.54 -49.80 60.18
N THR K 741 27.49 -49.03 59.09
CA THR K 741 26.33 -49.05 58.20
C THR K 741 26.43 -50.16 57.14
N VAL K 742 27.58 -50.83 57.03
CA VAL K 742 27.74 -51.86 56.01
C VAL K 742 26.78 -53.01 56.28
N LYS K 743 26.06 -53.43 55.23
CA LYS K 743 25.18 -54.59 55.32
C LYS K 743 25.80 -55.81 54.65
N LYS K 744 26.52 -55.63 53.54
CA LYS K 744 27.21 -56.71 52.87
C LYS K 744 28.71 -56.43 52.90
N LEU K 745 29.50 -57.49 53.05
CA LEU K 745 30.94 -57.35 53.20
C LEU K 745 31.61 -58.61 52.67
N THR K 746 32.31 -58.49 51.55
CA THR K 746 33.00 -59.62 50.94
C THR K 746 34.50 -59.41 51.06
N LEU K 747 35.17 -60.36 51.72
CA LEU K 747 36.62 -60.33 51.88
C LEU K 747 37.22 -61.38 50.94
N THR K 748 38.15 -60.93 50.09
CA THR K 748 38.77 -61.81 49.12
C THR K 748 40.29 -61.64 49.17
N ASN K 749 41.01 -62.76 49.23
CA ASN K 749 42.47 -62.76 49.22
C ASN K 749 43.03 -61.84 50.31
N THR K 750 42.45 -61.91 51.50
CA THR K 750 42.87 -61.06 52.60
C THR K 750 43.90 -61.73 53.52
N ARG K 751 43.86 -63.06 53.62
CA ARG K 751 44.81 -63.81 54.44
C ARG K 751 44.86 -63.24 55.86
N PHE K 752 43.70 -63.29 56.52
CA PHE K 752 43.53 -62.75 57.85
C PHE K 752 43.46 -63.88 58.87
N ALA K 753 44.07 -63.65 60.04
CA ALA K 753 43.98 -64.62 61.12
C ALA K 753 42.54 -64.72 61.61
N TRP K 754 42.10 -65.95 61.88
CA TRP K 754 40.74 -66.16 62.33
C TRP K 754 40.46 -65.41 63.63
N SER K 755 41.51 -65.09 64.38
CA SER K 755 41.35 -64.18 65.51
C SER K 755 40.79 -62.84 65.06
N GLU K 756 41.15 -62.39 63.85
CA GLU K 756 40.59 -61.15 63.33
C GLU K 756 39.10 -61.28 63.05
N ALA K 757 38.61 -62.50 62.78
CA ALA K 757 37.19 -62.67 62.52
C ALA K 757 36.36 -62.34 63.75
N ASP K 758 36.94 -62.45 64.95
CA ASP K 758 36.21 -62.07 66.16
C ASP K 758 35.84 -60.60 66.13
N LYS K 759 36.75 -59.75 65.64
CA LYS K 759 36.42 -58.33 65.48
C LYS K 759 35.33 -58.12 64.45
N LEU K 760 35.24 -59.00 63.45
CA LEU K 760 34.18 -58.88 62.46
C LEU K 760 32.81 -59.04 63.09
N GLY K 761 32.71 -59.64 64.27
CA GLY K 761 31.45 -59.73 64.97
C GLY K 761 30.99 -58.47 65.66
N GLN K 762 31.72 -57.37 65.51
CA GLN K 762 31.37 -56.11 66.15
C GLN K 762 30.57 -55.17 65.26
N LEU K 763 30.19 -55.61 64.05
CA LEU K 763 29.34 -54.80 63.17
C LEU K 763 27.89 -55.06 63.52
N GLU K 764 27.18 -53.99 63.88
CA GLU K 764 25.77 -54.13 64.24
C GLU K 764 24.93 -54.51 63.03
N SER K 765 25.24 -53.95 61.86
CA SER K 765 24.41 -54.11 60.67
C SER K 765 24.95 -55.17 59.71
N LEU K 766 25.95 -55.95 60.13
CA LEU K 766 26.47 -57.01 59.28
C LEU K 766 25.35 -57.97 58.91
N GLU K 767 25.07 -58.11 57.61
CA GLU K 767 23.99 -58.96 57.13
C GLU K 767 24.44 -60.04 56.18
N ILE K 768 25.50 -59.82 55.40
CA ILE K 768 26.03 -60.83 54.49
C ILE K 768 27.55 -60.86 54.66
N LEU K 769 28.14 -62.01 54.35
CA LEU K 769 29.53 -62.26 54.68
C LEU K 769 30.09 -63.30 53.72
N LYS K 770 31.01 -62.87 52.85
CA LYS K 770 31.67 -63.76 51.89
C LYS K 770 33.18 -63.75 52.15
N PHE K 771 33.75 -64.95 52.27
CA PHE K 771 35.20 -65.16 52.33
C PHE K 771 35.60 -65.93 51.09
N LYS K 772 36.24 -65.24 50.15
CA LYS K 772 36.61 -65.83 48.87
C LYS K 772 38.11 -65.90 48.71
N GLU K 773 38.59 -67.05 48.23
CA GLU K 773 40.00 -67.26 47.93
C GLU K 773 40.87 -67.06 49.16
N ASN K 774 40.64 -67.91 50.16
CA ASN K 774 41.42 -67.91 51.40
C ASN K 774 41.48 -66.50 51.98
N ALA K 775 40.29 -65.94 52.21
CA ALA K 775 40.22 -64.60 52.79
C ALA K 775 40.85 -64.57 54.17
N PHE K 776 40.58 -65.59 54.99
CA PHE K 776 41.14 -65.71 56.33
C PHE K 776 42.15 -66.84 56.36
N ALA K 777 43.33 -66.56 56.90
CA ALA K 777 44.40 -67.54 57.00
C ALA K 777 44.37 -68.21 58.37
N GLY K 778 44.35 -69.54 58.38
CA GLY K 778 44.31 -70.29 59.61
C GLY K 778 43.92 -71.73 59.41
N ASP K 779 44.49 -72.63 60.21
CA ASP K 779 44.17 -74.05 60.08
C ASP K 779 42.74 -74.34 60.50
N SER K 780 42.24 -73.63 61.51
CA SER K 780 40.89 -73.85 62.00
C SER K 780 40.33 -72.53 62.52
N TRP K 781 39.01 -72.44 62.53
CA TRP K 781 38.30 -71.24 62.96
C TRP K 781 37.54 -71.54 64.25
N LYS K 782 37.78 -70.72 65.27
CA LYS K 782 37.11 -70.84 66.56
C LYS K 782 36.48 -69.49 66.91
N PRO K 783 35.37 -69.14 66.26
CA PRO K 783 34.74 -67.85 66.56
C PRO K 783 34.25 -67.78 67.99
N LYS K 784 34.40 -66.60 68.60
CA LYS K 784 33.95 -66.37 69.98
C LYS K 784 32.82 -65.36 70.04
N MET K 785 33.03 -64.15 69.52
CA MET K 785 32.00 -63.12 69.53
C MET K 785 30.95 -63.47 68.49
N GLY K 786 29.67 -63.38 68.90
CA GLY K 786 28.58 -63.75 68.02
C GLY K 786 28.24 -62.67 67.03
N PHE K 787 27.33 -63.03 66.12
CA PHE K 787 26.86 -62.14 65.06
C PHE K 787 25.34 -62.03 65.21
N SER K 788 24.91 -60.99 65.92
CA SER K 788 23.53 -60.89 66.36
C SER K 788 22.53 -60.74 65.22
N ALA K 789 23.01 -60.46 63.99
CA ALA K 789 22.12 -60.25 62.87
C ALA K 789 22.54 -60.98 61.60
N LEU K 790 23.67 -61.68 61.61
CA LEU K 790 24.17 -62.31 60.40
C LEU K 790 23.12 -63.23 59.81
N ARG K 791 22.88 -63.09 58.50
CA ARG K 791 21.88 -63.88 57.80
C ARG K 791 22.51 -64.96 56.93
N VAL K 792 23.40 -64.59 56.02
CA VAL K 792 23.95 -65.52 55.03
C VAL K 792 25.45 -65.57 55.25
N LEU K 793 25.92 -66.54 56.02
CA LEU K 793 27.34 -66.81 56.13
C LEU K 793 27.83 -67.50 54.86
N TRP K 794 28.92 -67.00 54.30
CA TRP K 794 29.40 -67.48 53.01
C TRP K 794 30.92 -67.60 53.06
N ILE K 795 31.43 -68.80 52.80
CA ILE K 795 32.86 -69.07 52.80
C ILE K 795 33.21 -69.82 51.52
N GLU K 796 34.23 -69.33 50.82
CA GLU K 796 34.67 -69.86 49.53
C GLU K 796 36.15 -70.21 49.62
N ARG K 797 36.52 -71.39 49.13
CA ARG K 797 37.91 -71.79 48.98
C ARG K 797 38.70 -71.44 50.24
N ALA K 798 38.19 -71.92 51.38
CA ALA K 798 38.82 -71.66 52.67
C ALA K 798 39.70 -72.85 53.05
N GLU K 799 40.96 -72.56 53.40
CA GLU K 799 41.92 -73.61 53.70
C GLU K 799 41.84 -74.13 55.12
N PHE K 800 41.11 -73.47 56.01
CA PHE K 800 41.07 -73.92 57.40
C PHE K 800 40.30 -75.23 57.51
N GLU K 801 40.89 -76.16 58.27
CA GLU K 801 40.48 -77.56 58.25
C GLU K 801 39.33 -77.88 59.20
N THR K 802 39.27 -77.22 60.36
CA THR K 802 38.25 -77.51 61.36
C THR K 802 37.57 -76.21 61.77
N TRP K 803 36.32 -76.36 62.22
CA TRP K 803 35.49 -75.23 62.60
C TRP K 803 34.72 -75.60 63.86
N GLU K 804 34.75 -74.73 64.85
CA GLU K 804 34.17 -75.00 66.17
C GLU K 804 33.28 -73.85 66.61
N ALA K 805 32.48 -73.33 65.70
CA ALA K 805 31.51 -72.31 66.04
C ALA K 805 30.40 -72.91 66.90
N SER K 806 29.64 -72.04 67.55
CA SER K 806 28.63 -72.44 68.52
C SER K 806 27.32 -71.70 68.23
N GLU K 807 26.30 -72.00 69.03
CA GLU K 807 25.00 -71.39 68.82
C GLU K 807 25.06 -69.88 69.01
N ILE K 808 25.73 -69.43 70.08
CA ILE K 808 25.81 -68.00 70.36
C ILE K 808 26.55 -67.26 69.25
N ASN K 809 27.39 -67.96 68.49
CA ASN K 809 28.19 -67.28 67.48
C ASN K 809 27.31 -66.71 66.37
N PHE K 810 26.34 -67.49 65.89
CA PHE K 810 25.45 -67.08 64.80
C PHE K 810 24.01 -67.27 65.25
N PRO K 811 23.53 -66.44 66.18
CA PRO K 811 22.17 -66.65 66.73
C PRO K 811 21.08 -66.62 65.68
N VAL K 812 21.21 -65.79 64.65
CA VAL K 812 20.15 -65.62 63.65
C VAL K 812 20.61 -66.04 62.27
N LEU K 813 21.61 -66.90 62.19
CA LEU K 813 22.07 -67.41 60.90
C LEU K 813 20.90 -68.00 60.13
N ARG K 814 20.68 -67.49 58.92
CA ARG K 814 19.64 -68.00 58.04
C ARG K 814 20.17 -68.82 56.87
N ASN K 815 21.37 -68.50 56.37
CA ASN K 815 21.98 -69.25 55.28
C ASN K 815 23.45 -69.47 55.59
N LEU K 816 23.93 -70.69 55.35
CA LEU K 816 25.33 -71.05 55.54
C LEU K 816 25.83 -71.71 54.26
N VAL K 817 26.57 -70.96 53.46
CA VAL K 817 27.09 -71.45 52.19
C VAL K 817 28.59 -71.60 52.33
N LEU K 818 29.06 -72.85 52.28
CA LEU K 818 30.48 -73.16 52.25
C LEU K 818 30.78 -73.86 50.94
N MET K 819 31.73 -73.34 50.19
CA MET K 819 32.05 -73.92 48.89
C MET K 819 33.55 -74.02 48.72
N SER K 820 33.99 -75.02 47.96
CA SER K 820 35.40 -75.31 47.78
C SER K 820 36.11 -75.47 49.13
N CYS K 821 35.42 -76.06 50.10
CA CYS K 821 36.00 -76.32 51.41
C CYS K 821 36.68 -77.68 51.46
N ASP K 822 37.62 -77.89 50.53
CA ASP K 822 38.31 -79.17 50.47
C ASP K 822 39.20 -79.42 51.68
N LYS K 823 39.48 -78.38 52.47
CA LYS K 823 40.28 -78.54 53.67
C LYS K 823 39.43 -78.73 54.91
N LEU K 824 38.23 -78.14 54.94
CA LEU K 824 37.37 -78.22 56.12
C LEU K 824 37.07 -79.67 56.49
N GLU K 825 37.04 -79.93 57.79
CA GLU K 825 36.89 -81.29 58.31
C GLU K 825 35.44 -81.60 58.66
N THR K 826 34.84 -80.80 59.54
CA THR K 826 33.49 -81.07 60.01
C THR K 826 32.82 -79.76 60.42
N VAL K 827 31.61 -79.55 59.92
CA VAL K 827 30.81 -78.41 60.40
C VAL K 827 30.42 -78.67 61.85
N PRO K 828 30.59 -77.72 62.77
CA PRO K 828 30.25 -77.99 64.17
C PRO K 828 28.79 -78.38 64.31
N PHE K 829 28.55 -79.40 65.14
CA PHE K 829 27.18 -79.83 65.42
C PHE K 829 26.38 -78.73 66.11
N GLU K 830 27.06 -77.80 66.78
CA GLU K 830 26.35 -76.77 67.55
C GLU K 830 25.38 -75.98 66.69
N LEU K 831 25.66 -75.85 65.40
CA LEU K 831 24.79 -75.09 64.52
C LEU K 831 23.43 -75.75 64.35
N ALA K 832 23.30 -77.02 64.73
CA ALA K 832 22.01 -77.71 64.60
C ALA K 832 20.94 -77.03 65.43
N ASN K 833 21.29 -76.59 66.65
CA ASN K 833 20.28 -76.01 67.54
C ASN K 833 19.64 -74.77 66.93
N LEU K 834 20.34 -74.07 66.04
CA LEU K 834 19.86 -72.80 65.52
C LEU K 834 18.49 -72.94 64.88
N SER K 835 17.47 -72.36 65.52
CA SER K 835 16.12 -72.42 64.97
C SER K 835 16.01 -71.62 63.68
N ASP K 836 16.65 -70.44 63.64
CA ASP K 836 16.57 -69.60 62.44
C ASP K 836 17.24 -70.25 61.24
N LEU K 837 18.21 -71.13 61.46
CA LEU K 837 18.95 -71.74 60.36
C LEU K 837 18.06 -72.75 59.64
N TYR K 838 17.81 -72.51 58.35
CA TYR K 838 17.13 -73.48 57.50
C TYR K 838 17.91 -73.82 56.24
N GLU K 839 18.85 -72.97 55.82
CA GLU K 839 19.59 -73.16 54.58
C GLU K 839 21.05 -73.49 54.90
N MET K 840 21.64 -74.37 54.11
CA MET K 840 23.05 -74.70 54.28
C MET K 840 23.48 -75.43 53.01
N ARG K 841 24.63 -75.04 52.45
CA ARG K 841 25.10 -75.60 51.19
C ARG K 841 26.60 -75.85 51.27
N LEU K 842 27.01 -77.08 50.93
CA LEU K 842 28.42 -77.46 50.84
C LEU K 842 28.72 -77.73 49.37
N GLU K 843 29.55 -76.89 48.77
CA GLU K 843 29.92 -77.00 47.36
C GLU K 843 31.39 -77.38 47.27
N ASN K 844 31.67 -78.57 46.74
CA ASN K 844 33.03 -79.10 46.67
C ASN K 844 33.70 -79.01 48.04
N THR K 845 33.10 -79.69 49.01
CA THR K 845 33.57 -79.69 50.39
C THR K 845 34.06 -81.07 50.77
N SER K 846 35.03 -81.09 51.70
CA SER K 846 35.63 -82.33 52.16
C SER K 846 34.74 -83.00 53.20
N LYS K 847 35.30 -83.94 53.97
CA LYS K 847 34.54 -84.80 54.88
C LYS K 847 33.46 -84.04 55.64
N ALA K 848 33.65 -82.73 55.84
CA ALA K 848 32.62 -81.92 56.46
C ALA K 848 31.25 -82.15 55.82
N VAL K 849 31.20 -82.65 54.59
CA VAL K 849 29.93 -83.01 53.98
C VAL K 849 29.19 -84.03 54.85
N LYS K 850 29.92 -84.99 55.41
CA LYS K 850 29.28 -85.99 56.27
C LYS K 850 28.65 -85.33 57.49
N SER K 851 29.34 -84.38 58.11
CA SER K 851 28.76 -83.65 59.22
C SER K 851 27.55 -82.85 58.78
N ALA K 852 27.52 -82.40 57.53
CA ALA K 852 26.32 -81.75 57.01
C ALA K 852 25.16 -82.74 56.94
N LYS K 853 25.45 -83.99 56.55
CA LYS K 853 24.41 -85.02 56.58
C LYS K 853 23.93 -85.26 58.00
N ALA K 854 24.84 -85.25 58.97
CA ALA K 854 24.44 -85.40 60.36
C ALA K 854 23.55 -84.26 60.81
N ILE K 855 23.88 -83.03 60.41
CA ILE K 855 23.06 -81.88 60.75
C ILE K 855 21.67 -82.03 60.14
N LEU K 856 21.62 -82.45 58.87
CA LEU K 856 20.34 -82.65 58.21
C LEU K 856 19.51 -83.71 58.92
N GLU K 857 20.15 -84.81 59.30
CA GLU K 857 19.43 -85.88 60.01
C GLU K 857 18.90 -85.39 61.34
N SER K 858 19.71 -84.63 62.09
CA SER K 858 19.27 -84.12 63.38
C SER K 858 18.08 -83.18 63.23
N LYS K 859 18.15 -82.30 62.23
CA LYS K 859 17.05 -81.35 62.03
C LYS K 859 15.80 -82.05 61.54
N THR K 860 15.96 -83.07 60.69
CA THR K 860 14.79 -83.85 60.27
C THR K 860 14.16 -84.57 61.45
N ASP K 861 14.98 -85.11 62.35
CA ASP K 861 14.46 -85.70 63.57
C ASP K 861 13.70 -84.66 64.38
N LYS K 862 14.26 -83.46 64.51
CA LYS K 862 13.52 -82.36 65.11
C LYS K 862 12.42 -81.84 64.21
N ASN K 863 12.41 -82.26 62.94
CA ASN K 863 11.37 -81.90 61.99
C ASN K 863 11.30 -80.38 61.82
N ILE K 864 12.44 -79.78 61.46
CA ILE K 864 12.55 -78.36 61.19
C ILE K 864 12.79 -78.19 59.70
N LYS K 865 12.04 -77.28 59.08
CA LYS K 865 12.20 -77.03 57.65
C LYS K 865 13.63 -76.63 57.36
N PHE K 866 14.36 -77.49 56.65
CA PHE K 866 15.77 -77.28 56.39
C PHE K 866 16.12 -77.83 55.01
N ASN K 867 17.14 -77.23 54.39
CA ASN K 867 17.57 -77.61 53.06
C ASN K 867 19.08 -77.77 53.02
N LEU K 868 19.55 -78.85 52.39
CA LEU K 868 20.97 -79.11 52.19
C LEU K 868 21.19 -79.39 50.71
N THR K 869 22.10 -78.65 50.10
CA THR K 869 22.48 -78.84 48.70
C THR K 869 23.92 -79.35 48.65
N ILE K 870 24.13 -80.45 47.93
CA ILE K 870 25.44 -81.05 47.78
C ILE K 870 25.73 -81.23 46.30
N PHE K 871 26.91 -80.80 45.87
CA PHE K 871 27.37 -80.93 44.50
C PHE K 871 28.74 -81.60 44.48
N PRO K 872 28.99 -82.50 43.52
CA PRO K 872 28.09 -82.98 42.49
C PRO K 872 27.07 -83.99 43.00
N GLU L 9 8.53 -16.23 -19.24
CA GLU L 9 9.70 -16.98 -18.69
C GLU L 9 10.10 -16.42 -17.33
N VAL L 10 10.05 -15.10 -17.18
CA VAL L 10 10.38 -14.48 -15.90
C VAL L 10 9.40 -14.94 -14.84
N GLU L 11 8.10 -14.83 -15.13
CA GLU L 11 7.10 -15.35 -14.20
C GLU L 11 7.23 -16.85 -14.05
N ASN L 12 7.56 -17.55 -15.14
CA ASN L 12 7.73 -19.00 -15.08
C ASN L 12 8.87 -19.37 -14.13
N LEU L 13 10.03 -18.76 -14.31
CA LEU L 13 11.16 -19.05 -13.43
C LEU L 13 10.84 -18.66 -11.99
N LEU L 14 10.18 -17.51 -11.80
CA LEU L 14 9.80 -17.10 -10.46
C LEU L 14 8.94 -18.16 -9.79
N GLN L 15 7.85 -18.56 -10.44
CA GLN L 15 6.92 -19.49 -9.81
C GLN L 15 7.58 -20.82 -9.56
N LEU L 16 8.35 -21.33 -10.53
CA LEU L 16 9.02 -22.61 -10.33
C LEU L 16 9.96 -22.52 -9.12
N LEU L 17 10.92 -21.61 -9.15
CA LEU L 17 11.93 -21.58 -8.10
C LEU L 17 11.30 -21.34 -6.74
N THR L 18 10.21 -20.56 -6.68
CA THR L 18 9.58 -20.32 -5.39
C THR L 18 8.82 -21.55 -4.91
N ASP L 19 8.22 -22.31 -5.83
CA ASP L 19 7.65 -23.61 -5.44
C ASP L 19 8.72 -24.51 -4.85
N ASN L 20 9.89 -24.59 -5.50
CA ASN L 20 10.96 -25.42 -4.94
C ASN L 20 11.52 -24.82 -3.67
N VAL L 21 11.62 -23.49 -3.59
CA VAL L 21 12.11 -22.83 -2.40
C VAL L 21 11.09 -23.02 -1.27
N SER L 26 11.10 -26.52 -1.01
CA SER L 26 9.91 -26.84 -0.21
C SER L 26 9.18 -28.06 -0.78
N ALA L 27 9.62 -28.52 -1.95
CA ALA L 27 8.97 -29.68 -2.56
C ALA L 27 9.07 -30.91 -1.66
N LYS L 28 10.13 -31.03 -0.87
CA LYS L 28 10.24 -32.18 0.03
C LYS L 28 9.27 -32.07 1.20
N GLY L 29 9.13 -30.88 1.77
CA GLY L 29 8.15 -30.70 2.84
C GLY L 29 6.73 -30.92 2.36
N GLU L 30 6.38 -30.31 1.23
CA GLU L 30 5.09 -30.58 0.62
C GLU L 30 4.91 -32.06 0.36
N LEU L 31 5.97 -32.71 -0.12
CA LEU L 31 5.91 -34.13 -0.43
C LEU L 31 5.57 -34.94 0.81
N GLU L 32 6.29 -34.69 1.91
CA GLU L 32 6.08 -35.46 3.13
C GLU L 32 4.71 -35.18 3.74
N ASN L 33 4.29 -33.92 3.73
CA ASN L 33 2.95 -33.61 4.26
C ASN L 33 1.87 -34.30 3.43
N LEU L 34 2.00 -34.27 2.11
CA LEU L 34 1.05 -34.98 1.27
C LEU L 34 1.08 -36.48 1.56
N LEU L 35 2.27 -37.03 1.78
CA LEU L 35 2.38 -38.46 2.02
C LEU L 35 1.68 -38.84 3.32
N LYS L 36 1.90 -38.08 4.39
CA LYS L 36 1.24 -38.40 5.65
C LYS L 36 -0.28 -38.25 5.54
N GLU L 37 -0.74 -37.20 4.87
CA GLU L 37 -2.19 -37.02 4.74
C GLU L 37 -2.79 -38.13 3.87
N VAL L 38 -2.07 -38.58 2.86
CA VAL L 38 -2.57 -39.70 2.06
C VAL L 38 -2.53 -40.99 2.85
N GLN L 39 -1.59 -41.13 3.79
CA GLN L 39 -1.64 -42.26 4.72
C GLN L 39 -2.92 -42.19 5.55
N HIS L 40 -3.28 -40.99 6.00
CA HIS L 40 -4.55 -40.81 6.69
C HIS L 40 -5.71 -41.30 5.84
N LEU L 41 -5.77 -40.86 4.59
CA LEU L 41 -6.89 -41.26 3.74
C LEU L 41 -6.87 -42.75 3.46
N LYS L 42 -5.68 -43.35 3.39
CA LYS L 42 -5.61 -44.80 3.17
C LYS L 42 -6.11 -45.56 4.38
N GLY L 43 -5.77 -45.10 5.59
CA GLY L 43 -6.35 -45.69 6.78
C GLY L 43 -7.86 -45.56 6.80
N PHE L 44 -8.37 -44.39 6.43
CA PHE L 44 -9.81 -44.22 6.34
C PHE L 44 -10.40 -45.21 5.34
N LEU L 45 -9.74 -45.41 4.21
CA LEU L 45 -10.26 -46.35 3.22
C LEU L 45 -10.28 -47.77 3.76
N ASP L 46 -9.23 -48.17 4.47
CA ASP L 46 -9.22 -49.49 5.09
C ASP L 46 -10.36 -49.63 6.07
N ASP L 47 -10.69 -48.55 6.79
CA ASP L 47 -11.88 -48.57 7.64
C ASP L 47 -13.14 -48.74 6.80
N ALA L 48 -13.30 -47.89 5.78
CA ALA L 48 -14.57 -47.81 5.07
C ALA L 48 -14.86 -49.10 4.30
N ALA L 49 -13.82 -49.80 3.87
CA ALA L 49 -14.03 -51.08 3.19
C ALA L 49 -14.78 -52.05 4.09
N LYS L 50 -14.36 -52.15 5.35
CA LYS L 50 -15.07 -53.01 6.29
C LYS L 50 -16.50 -52.55 6.51
N LEU L 51 -16.70 -51.25 6.60
CA LEU L 51 -18.02 -50.71 6.90
C LEU L 51 -19.03 -51.19 5.87
N PRO L 52 -20.19 -51.69 6.29
CA PRO L 52 -21.31 -51.80 5.35
C PRO L 52 -21.79 -50.41 4.95
N SER L 53 -22.20 -50.30 3.69
CA SER L 53 -22.61 -49.01 3.14
C SER L 53 -23.76 -49.21 2.16
N ASP L 54 -24.71 -48.28 2.20
CA ASP L 54 -25.86 -48.33 1.29
C ASP L 54 -26.24 -46.96 0.77
N SER L 55 -25.46 -45.92 1.06
CA SER L 55 -25.80 -44.56 0.67
C SER L 55 -24.95 -44.14 -0.54
N GLU L 56 -25.63 -43.70 -1.59
CA GLU L 56 -24.92 -43.32 -2.80
C GLU L 56 -23.90 -42.22 -2.54
N GLN L 57 -24.20 -41.31 -1.60
CA GLN L 57 -23.25 -40.26 -1.26
C GLN L 57 -21.98 -40.85 -0.66
N TRP L 58 -22.12 -41.88 0.17
CA TRP L 58 -20.93 -42.50 0.74
C TRP L 58 -20.10 -43.21 -0.32
N LYS L 59 -20.76 -43.86 -1.28
CA LYS L 59 -20.00 -44.46 -2.38
C LYS L 59 -19.31 -43.39 -3.20
N VAL L 60 -19.95 -42.23 -3.37
CA VAL L 60 -19.29 -41.12 -4.06
C VAL L 60 -18.05 -40.69 -3.30
N LEU L 61 -18.17 -40.55 -1.97
CA LEU L 61 -17.02 -40.12 -1.18
C LEU L 61 -15.91 -41.15 -1.21
N VAL L 62 -16.25 -42.44 -1.17
CA VAL L 62 -15.22 -43.47 -1.21
C VAL L 62 -14.55 -43.49 -2.57
N GLU L 63 -15.33 -43.39 -3.66
CA GLU L 63 -14.73 -43.26 -4.98
C GLU L 63 -13.76 -42.09 -5.01
N GLU L 64 -14.18 -40.95 -4.44
CA GLU L 64 -13.35 -39.75 -4.50
C GLU L 64 -12.08 -39.92 -3.69
N ILE L 65 -12.16 -40.51 -2.50
CA ILE L 65 -10.96 -40.68 -1.70
C ILE L 65 -10.04 -41.70 -2.34
N GLN L 66 -10.59 -42.75 -2.95
CA GLN L 66 -9.75 -43.71 -3.66
C GLN L 66 -9.00 -43.03 -4.80
N LYS L 67 -9.72 -42.25 -5.62
CA LYS L 67 -9.08 -41.60 -6.75
C LYS L 67 -8.04 -40.58 -6.27
N THR L 68 -8.36 -39.81 -5.23
CA THR L 68 -7.39 -38.85 -4.71
C THR L 68 -6.16 -39.54 -4.15
N VAL L 69 -6.36 -40.64 -3.43
CA VAL L 69 -5.23 -41.38 -2.85
C VAL L 69 -4.34 -41.93 -3.96
N HIS L 70 -4.94 -42.53 -4.97
CA HIS L 70 -4.14 -43.09 -6.05
C HIS L 70 -3.50 -42.00 -6.89
N THR L 71 -4.17 -40.86 -7.09
CA THR L 71 -3.57 -39.74 -7.78
C THR L 71 -2.34 -39.24 -7.02
N ALA L 72 -2.46 -39.10 -5.69
CA ALA L 72 -1.32 -38.68 -4.90
C ALA L 72 -0.19 -39.69 -4.97
N GLU L 73 -0.53 -40.99 -5.02
CA GLU L 73 0.52 -42.00 -5.14
C GLU L 73 1.23 -41.91 -6.48
N ASP L 74 0.48 -41.67 -7.56
CA ASP L 74 1.13 -41.47 -8.85
C ASP L 74 2.05 -40.25 -8.80
N ALA L 75 1.59 -39.16 -8.19
CA ALA L 75 2.41 -37.97 -8.13
C ALA L 75 3.68 -38.21 -7.31
N VAL L 76 3.57 -38.90 -6.18
CA VAL L 76 4.74 -39.16 -5.36
C VAL L 76 5.75 -40.02 -6.10
N ASP L 77 5.27 -41.09 -6.77
CA ASP L 77 6.19 -41.95 -7.50
C ASP L 77 6.82 -41.20 -8.67
N LYS L 78 6.06 -40.37 -9.36
CA LYS L 78 6.63 -39.56 -10.44
C LYS L 78 7.73 -38.65 -9.91
N PHE L 79 7.47 -38.01 -8.77
CA PHE L 79 8.45 -37.06 -8.24
C PHE L 79 9.75 -37.77 -7.83
N VAL L 80 9.63 -38.92 -7.16
CA VAL L 80 10.86 -39.62 -6.76
C VAL L 80 11.58 -40.16 -7.98
N VAL L 81 10.84 -40.59 -9.01
CA VAL L 81 11.47 -41.04 -10.24
C VAL L 81 12.23 -39.90 -10.89
N GLN L 82 11.64 -38.71 -10.91
CA GLN L 82 12.32 -37.55 -11.48
C GLN L 82 13.57 -37.21 -10.69
N ALA L 83 13.50 -37.28 -9.37
CA ALA L 83 14.69 -37.03 -8.55
C ALA L 83 15.80 -38.04 -8.86
N LYS L 84 15.43 -39.31 -8.98
CA LYS L 84 16.44 -40.32 -9.30
C LYS L 84 17.05 -40.07 -10.69
N LEU L 85 16.20 -39.69 -11.66
CA LEU L 85 16.71 -39.37 -12.98
C LEU L 85 17.70 -38.21 -12.91
N HIS L 86 17.37 -37.17 -12.13
CA HIS L 86 18.30 -36.07 -11.94
C HIS L 86 19.63 -36.59 -11.40
N LYS L 87 19.58 -37.39 -10.33
CA LYS L 87 20.82 -37.90 -9.75
C LYS L 87 21.60 -38.75 -10.74
N GLU L 88 20.91 -39.41 -11.66
CA GLU L 88 21.60 -40.24 -12.65
C GLU L 88 22.44 -39.37 -13.60
N LYS L 89 21.93 -38.21 -13.99
CA LYS L 89 22.63 -37.36 -14.95
C LYS L 89 23.91 -36.82 -14.33
N ASN L 90 24.87 -36.51 -15.20
CA ASN L 90 26.14 -35.95 -14.76
C ASN L 90 25.92 -34.58 -14.13
N LYS L 91 26.90 -34.14 -13.35
CA LYS L 91 26.79 -32.84 -12.67
C LYS L 91 26.55 -31.73 -13.69
N MET L 92 27.25 -31.76 -14.82
CA MET L 92 26.99 -30.79 -15.87
C MET L 92 25.57 -30.96 -16.42
N ALA L 93 25.16 -32.21 -16.65
CA ALA L 93 23.80 -32.45 -17.13
C ALA L 93 22.76 -32.12 -16.06
N ARG L 94 23.13 -32.30 -14.79
CA ARG L 94 22.21 -31.94 -13.70
C ARG L 94 21.98 -30.45 -13.64
N ILE L 95 23.06 -29.66 -13.64
CA ILE L 95 22.94 -28.21 -13.48
C ILE L 95 22.35 -27.59 -14.75
N LEU L 96 22.81 -28.03 -15.91
CA LEU L 96 22.52 -27.34 -17.15
C LEU L 96 21.08 -27.56 -17.63
N ASP L 97 20.50 -28.72 -17.35
CA ASP L 97 19.19 -29.06 -17.91
C ASP L 97 18.14 -28.06 -17.40
N VAL L 98 17.45 -27.42 -18.33
CA VAL L 98 16.45 -26.40 -18.01
C VAL L 98 15.03 -26.95 -18.14
N GLY L 99 14.77 -27.73 -19.18
CA GLY L 99 13.48 -28.40 -19.27
C GLY L 99 13.22 -29.29 -18.07
N HIS L 100 14.26 -30.01 -17.64
CA HIS L 100 14.14 -30.82 -16.42
C HIS L 100 13.69 -29.98 -15.24
N LEU L 101 14.21 -28.76 -15.12
CA LEU L 101 13.79 -27.85 -14.06
C LEU L 101 12.30 -27.56 -14.16
N ALA L 102 11.83 -27.28 -15.37
CA ALA L 102 10.41 -26.99 -15.56
C ALA L 102 9.54 -28.18 -15.17
N THR L 103 9.93 -29.38 -15.60
CA THR L 103 9.15 -30.56 -15.22
C THR L 103 9.18 -30.78 -13.73
N VAL L 104 10.35 -30.59 -13.10
CA VAL L 104 10.44 -30.78 -11.66
C VAL L 104 9.43 -29.89 -10.94
N ARG L 105 9.40 -28.61 -11.30
CA ARG L 105 8.50 -27.72 -10.56
C ARG L 105 7.05 -27.80 -11.01
N ASN L 106 6.76 -28.28 -12.24
CA ASN L 106 5.39 -28.62 -12.57
C ASN L 106 4.90 -29.78 -11.71
N LEU L 107 5.75 -30.80 -11.54
CA LEU L 107 5.40 -31.91 -10.66
C LEU L 107 5.21 -31.42 -9.24
N ALA L 108 6.07 -30.50 -8.78
CA ALA L 108 5.90 -29.94 -7.45
C ALA L 108 4.59 -29.20 -7.32
N ALA L 109 4.20 -28.43 -8.35
CA ALA L 109 2.93 -27.73 -8.33
C ALA L 109 1.76 -28.70 -8.26
N GLU L 110 1.82 -29.79 -9.03
CA GLU L 110 0.77 -30.81 -8.95
C GLU L 110 0.71 -31.40 -7.56
N VAL L 111 1.87 -31.63 -6.94
CA VAL L 111 1.90 -32.18 -5.58
C VAL L 111 1.25 -31.21 -4.61
N LYS L 112 1.52 -29.91 -4.76
CA LYS L 112 0.87 -28.93 -3.88
C LYS L 112 -0.64 -28.96 -4.07
N GLY L 113 -1.08 -29.05 -5.32
CA GLY L 113 -2.51 -29.14 -5.57
C GLY L 113 -3.14 -30.33 -4.90
N ILE L 114 -2.51 -31.50 -5.03
CA ILE L 114 -3.08 -32.71 -4.42
C ILE L 114 -3.03 -32.62 -2.90
N HIS L 115 -1.97 -32.03 -2.36
CA HIS L 115 -1.89 -31.88 -0.91
C HIS L 115 -3.00 -30.98 -0.38
N ASP L 116 -3.25 -29.87 -1.05
CA ASP L 116 -4.36 -29.01 -0.63
C ASP L 116 -5.68 -29.74 -0.78
N GLN L 117 -5.82 -30.54 -1.84
CA GLN L 117 -7.04 -31.34 -2.00
C GLN L 117 -7.23 -32.29 -0.84
N VAL L 118 -6.15 -32.90 -0.36
CA VAL L 118 -6.25 -33.82 0.77
C VAL L 118 -6.59 -33.07 2.06
N LYS L 119 -5.97 -31.90 2.26
CA LYS L 119 -6.28 -31.09 3.44
C LYS L 119 -7.76 -30.75 3.47
N GLU L 120 -8.29 -30.28 2.34
CA GLU L 120 -9.71 -29.92 2.29
C GLU L 120 -10.60 -31.15 2.31
N LEU L 121 -10.12 -32.28 1.80
CA LEU L 121 -10.89 -33.52 1.90
C LEU L 121 -11.09 -33.90 3.35
N ARG L 122 -10.03 -33.81 4.14
CA ARG L 122 -10.15 -34.11 5.56
C ARG L 122 -11.03 -33.08 6.27
N LEU L 123 -10.79 -31.79 6.05
CA LEU L 123 -11.47 -30.78 6.84
C LEU L 123 -12.94 -30.67 6.47
N ASN L 124 -13.25 -30.62 5.17
CA ASN L 124 -14.63 -30.41 4.75
C ASN L 124 -15.52 -31.57 5.15
N ASN L 125 -15.03 -32.80 4.97
CA ASN L 125 -15.87 -33.99 5.12
C ASN L 125 -15.75 -34.51 6.56
N GLN L 126 -16.86 -34.49 7.28
CA GLN L 126 -16.88 -34.97 8.65
C GLN L 126 -16.52 -36.45 8.72
N ALA L 127 -17.03 -37.24 7.77
CA ALA L 127 -16.87 -38.69 7.77
C ALA L 127 -15.47 -39.13 8.16
N LEU L 128 -14.45 -38.35 7.78
CA LEU L 128 -13.06 -38.76 7.91
C LEU L 128 -12.51 -38.61 9.31
N GLN L 129 -13.27 -38.04 10.25
CA GLN L 129 -12.70 -37.74 11.56
C GLN L 129 -12.23 -39.00 12.26
N ALA L 130 -11.10 -38.88 12.95
CA ALA L 130 -10.54 -40.02 13.67
C ALA L 130 -11.50 -40.47 14.77
N ARG L 131 -11.56 -41.78 14.99
CA ARG L 131 -12.45 -42.36 16.00
C ARG L 131 -11.78 -43.59 16.60
N PRO L 132 -11.91 -43.80 17.92
CA PRO L 132 -11.12 -44.86 18.56
C PRO L 132 -11.46 -46.27 18.08
N THR L 133 -12.71 -46.68 18.27
CA THR L 133 -13.18 -47.98 17.81
C THR L 133 -14.56 -47.75 17.22
N LEU L 134 -14.59 -47.37 15.94
CA LEU L 134 -15.87 -47.17 15.26
C LEU L 134 -15.76 -47.69 13.84
N GLU L 135 -16.02 -48.98 13.68
CA GLU L 135 -16.48 -49.57 12.43
C GLU L 135 -17.83 -50.17 12.74
N LEU L 136 -18.86 -49.75 12.01
CA LEU L 136 -20.25 -50.00 12.38
C LEU L 136 -20.85 -51.06 11.46
N PRO L 137 -20.87 -52.34 11.86
CA PRO L 137 -21.41 -53.38 10.97
C PRO L 137 -22.93 -53.48 11.05
N GLN L 146 -31.90 -68.61 7.25
CA GLN L 146 -32.84 -69.71 7.05
C GLN L 146 -32.54 -70.42 5.74
N GLN L 147 -32.44 -71.75 5.81
CA GLN L 147 -32.12 -72.56 4.63
C GLN L 147 -33.35 -72.60 3.72
N GLY L 148 -33.24 -73.37 2.64
CA GLY L 148 -34.34 -73.54 1.72
C GLY L 148 -35.41 -74.42 2.32
N PRO L 149 -36.47 -74.69 1.55
CA PRO L 149 -37.58 -75.51 2.06
C PRO L 149 -37.10 -76.78 2.75
N ALA L 150 -36.34 -77.60 2.03
CA ALA L 150 -35.84 -78.90 2.46
C ALA L 150 -36.27 -79.96 1.45
N LEU L 151 -35.30 -80.59 0.79
CA LEU L 151 -35.60 -81.52 -0.27
C LEU L 151 -35.94 -82.90 0.28
N GLU L 152 -36.48 -83.74 -0.60
CA GLU L 152 -36.65 -85.16 -0.35
C GLU L 152 -35.78 -85.92 -1.34
N ASP L 153 -35.82 -87.24 -1.26
CA ASP L 153 -34.87 -88.08 -2.02
C ASP L 153 -35.05 -88.01 -3.51
N ASP L 154 -36.11 -87.39 -4.04
CA ASP L 154 -36.24 -87.22 -5.48
C ASP L 154 -35.80 -85.84 -5.94
N GLU L 155 -35.60 -84.89 -5.03
CA GLU L 155 -35.07 -83.58 -5.36
C GLU L 155 -33.56 -83.50 -5.23
N VAL L 156 -32.89 -84.60 -4.87
CA VAL L 156 -31.45 -84.65 -4.74
C VAL L 156 -30.90 -85.40 -5.94
N VAL L 157 -30.00 -84.77 -6.68
CA VAL L 157 -29.54 -85.26 -7.98
C VAL L 157 -28.10 -85.70 -7.85
N GLY L 158 -27.81 -86.92 -8.33
CA GLY L 158 -26.45 -87.39 -8.48
C GLY L 158 -25.70 -87.63 -7.20
N PHE L 159 -26.34 -87.48 -6.04
CA PHE L 159 -25.70 -87.71 -4.76
C PHE L 159 -25.97 -89.10 -4.21
N ASP L 160 -26.78 -89.91 -4.91
CA ASP L 160 -27.11 -91.23 -4.39
C ASP L 160 -25.85 -92.06 -4.14
N GLU L 161 -24.95 -92.09 -5.12
CA GLU L 161 -23.69 -92.81 -4.90
C GLU L 161 -22.86 -92.14 -3.82
N GLU L 162 -22.86 -90.80 -3.78
CA GLU L 162 -22.13 -90.11 -2.73
C GLU L 162 -22.70 -90.44 -1.35
N ALA L 163 -24.03 -90.41 -1.23
CA ALA L 163 -24.66 -90.73 0.04
C ALA L 163 -24.34 -92.16 0.45
N ASN L 164 -24.38 -93.10 -0.50
CA ASN L 164 -24.06 -94.49 -0.20
C ASN L 164 -22.61 -94.62 0.27
N LYS L 165 -21.69 -93.93 -0.39
CA LYS L 165 -20.29 -93.99 -0.01
C LYS L 165 -20.08 -93.44 1.39
N VAL L 166 -20.72 -92.31 1.69
CA VAL L 166 -20.56 -91.70 3.01
C VAL L 166 -21.16 -92.59 4.08
N ILE L 167 -22.31 -93.21 3.80
CA ILE L 167 -22.94 -94.10 4.76
C ILE L 167 -22.06 -95.32 5.01
N ASN L 168 -21.49 -95.88 3.95
CA ASN L 168 -20.59 -97.01 4.11
C ASN L 168 -19.37 -96.62 4.94
N ARG L 169 -18.81 -95.43 4.70
CA ARG L 169 -17.74 -94.94 5.55
C ARG L 169 -18.20 -94.89 7.00
N LEU L 170 -19.42 -94.41 7.23
CA LEU L 170 -19.93 -94.28 8.59
C LEU L 170 -20.00 -95.64 9.29
N VAL L 171 -20.65 -96.62 8.64
CA VAL L 171 -21.08 -97.82 9.35
C VAL L 171 -19.99 -98.85 9.56
N LYS L 172 -18.80 -98.65 9.01
CA LYS L 172 -17.71 -99.60 9.23
C LYS L 172 -17.48 -99.78 10.72
N GLU L 173 -17.42 -101.03 11.15
CA GLU L 173 -17.20 -101.31 12.57
C GLU L 173 -15.79 -100.88 12.96
N SER L 174 -15.69 -100.10 14.03
CA SER L 174 -14.40 -99.63 14.52
C SER L 174 -14.59 -99.15 15.95
N LYS L 175 -13.91 -99.80 16.90
CA LYS L 175 -14.13 -99.50 18.31
C LYS L 175 -13.98 -98.00 18.58
N ASP L 176 -13.03 -97.35 17.91
CA ASP L 176 -12.76 -95.95 18.15
C ASP L 176 -13.85 -95.07 17.54
N LEU L 177 -13.96 -93.85 18.08
CA LEU L 177 -14.87 -92.83 17.53
C LEU L 177 -14.22 -92.24 16.29
N ASP L 178 -14.73 -92.62 15.12
CA ASP L 178 -14.23 -92.11 13.85
C ASP L 178 -15.24 -91.15 13.24
N ILE L 179 -14.72 -90.10 12.61
CA ILE L 179 -15.54 -89.03 12.05
C ILE L 179 -15.52 -89.16 10.54
N ILE L 180 -16.59 -88.70 9.90
CA ILE L 180 -16.70 -88.72 8.45
C ILE L 180 -17.08 -87.32 7.97
N PRO L 181 -16.12 -86.48 7.58
CA PRO L 181 -16.45 -85.10 7.21
C PRO L 181 -16.76 -84.91 5.73
N VAL L 182 -17.70 -84.00 5.46
CA VAL L 182 -18.07 -83.60 4.11
C VAL L 182 -17.61 -82.17 3.93
N VAL L 183 -16.63 -81.95 3.06
CA VAL L 183 -16.00 -80.65 2.86
C VAL L 183 -16.02 -80.31 1.39
N GLY L 184 -16.03 -79.01 1.09
CA GLY L 184 -16.04 -78.56 -0.28
C GLY L 184 -16.01 -77.05 -0.35
N MET L 185 -16.63 -76.52 -1.40
CA MET L 185 -16.66 -75.08 -1.64
C MET L 185 -18.00 -74.51 -1.19
N PRO L 186 -18.13 -73.18 -1.22
CA PRO L 186 -19.40 -72.57 -0.84
C PRO L 186 -20.56 -73.06 -1.70
N GLY L 187 -21.69 -73.32 -1.05
CA GLY L 187 -22.89 -73.70 -1.76
C GLY L 187 -22.71 -74.91 -2.66
N LEU L 188 -21.83 -75.84 -2.27
CA LEU L 188 -21.58 -77.00 -3.11
C LEU L 188 -22.62 -78.09 -2.95
N GLY L 189 -23.40 -78.08 -1.88
CA GLY L 189 -24.36 -79.12 -1.61
C GLY L 189 -24.11 -79.92 -0.36
N LYS L 190 -23.18 -79.50 0.48
CA LYS L 190 -22.79 -80.30 1.64
C LYS L 190 -23.98 -80.61 2.54
N THR L 191 -24.73 -79.58 2.93
CA THR L 191 -25.85 -79.81 3.82
C THR L 191 -26.88 -80.74 3.18
N THR L 192 -27.00 -80.73 1.85
CA THR L 192 -27.96 -81.62 1.22
C THR L 192 -27.48 -83.07 1.27
N LEU L 193 -26.19 -83.30 1.03
CA LEU L 193 -25.66 -84.65 1.19
C LEU L 193 -25.83 -85.11 2.62
N ALA L 194 -25.60 -84.23 3.58
CA ALA L 194 -25.77 -84.59 4.99
C ALA L 194 -27.23 -84.93 5.30
N ARG L 195 -28.17 -84.15 4.76
CA ARG L 195 -29.57 -84.46 4.96
C ARG L 195 -29.91 -85.81 4.35
N LYS L 196 -29.37 -86.10 3.17
CA LYS L 196 -29.64 -87.38 2.54
C LYS L 196 -29.09 -88.52 3.39
N ILE L 197 -27.87 -88.35 3.89
CA ILE L 197 -27.29 -89.33 4.80
C ILE L 197 -28.17 -89.49 6.03
N TYR L 198 -28.80 -88.41 6.47
CA TYR L 198 -29.60 -88.38 7.67
C TYR L 198 -31.00 -88.96 7.50
N LYS L 199 -31.48 -89.08 6.26
CA LYS L 199 -32.82 -89.59 6.00
C LYS L 199 -32.83 -90.93 5.26
N ASP L 200 -31.73 -91.68 5.27
CA ASP L 200 -31.76 -93.01 4.67
C ASP L 200 -32.36 -94.01 5.64
N PRO L 201 -33.23 -94.92 5.19
CA PRO L 201 -33.62 -96.04 6.06
C PRO L 201 -32.43 -96.89 6.47
N LYS L 202 -31.40 -96.99 5.62
CA LYS L 202 -30.22 -97.77 5.96
C LYS L 202 -29.61 -97.30 7.26
N LEU L 203 -29.33 -96.00 7.36
CA LEU L 203 -28.64 -95.47 8.54
C LEU L 203 -29.39 -95.80 9.82
N SER L 204 -30.72 -95.90 9.75
CA SER L 204 -31.50 -96.22 10.94
C SER L 204 -31.12 -97.60 11.50
N TYR L 205 -30.64 -98.50 10.65
CA TYR L 205 -30.42 -99.88 11.08
C TYR L 205 -29.20 -100.00 11.97
N GLU L 206 -28.10 -99.30 11.63
CA GLU L 206 -26.84 -99.48 12.34
C GLU L 206 -26.65 -98.53 13.50
N PHE L 207 -27.52 -97.52 13.66
CA PHE L 207 -27.39 -96.56 14.75
C PHE L 207 -28.74 -96.35 15.39
N PHE L 208 -28.80 -96.48 16.72
CA PHE L 208 -30.06 -96.31 17.44
C PHE L 208 -30.57 -94.89 17.29
N GLY L 209 -29.74 -93.91 17.58
CA GLY L 209 -30.16 -92.52 17.57
C GLY L 209 -29.26 -91.63 16.72
N VAL L 210 -29.83 -91.10 15.65
CA VAL L 210 -29.15 -90.15 14.78
C VAL L 210 -29.76 -88.77 15.03
N HIS L 211 -28.94 -87.84 15.50
CA HIS L 211 -29.38 -86.48 15.78
C HIS L 211 -28.64 -85.50 14.90
N TRP L 212 -29.31 -84.39 14.59
CA TRP L 212 -28.80 -83.38 13.67
C TRP L 212 -28.58 -82.08 14.41
N VAL L 213 -27.47 -81.41 14.12
CA VAL L 213 -27.12 -80.15 14.76
C VAL L 213 -26.50 -79.21 13.73
N TYR L 214 -26.91 -77.95 13.78
CA TYR L 214 -26.33 -76.88 12.96
C TYR L 214 -25.31 -76.14 13.79
N VAL L 215 -24.22 -75.71 13.14
CA VAL L 215 -23.22 -74.90 13.82
C VAL L 215 -23.02 -73.60 13.05
N GLY L 216 -22.56 -73.68 11.80
CA GLY L 216 -22.26 -72.48 11.04
C GLY L 216 -21.04 -71.77 11.60
N GLN L 217 -20.67 -70.64 10.99
CA GLN L 217 -19.50 -69.91 11.48
C GLN L 217 -19.71 -69.45 12.92
N SER L 218 -20.88 -68.89 13.21
CA SER L 218 -21.19 -68.34 14.52
C SER L 218 -22.12 -69.26 15.28
N TYR L 219 -21.78 -69.51 16.54
CA TYR L 219 -22.50 -70.48 17.36
C TYR L 219 -22.06 -70.27 18.81
N LYS L 220 -22.78 -70.93 19.72
CA LYS L 220 -22.34 -71.08 21.10
C LYS L 220 -22.42 -72.56 21.46
N ILE L 221 -21.40 -73.05 22.16
CA ILE L 221 -21.34 -74.48 22.48
C ILE L 221 -22.60 -74.89 23.25
N LYS L 222 -22.94 -74.13 24.29
CA LYS L 222 -24.04 -74.53 25.17
C LYS L 222 -25.31 -74.76 24.36
N ASP L 223 -25.56 -73.95 23.34
CA ASP L 223 -26.69 -74.20 22.47
C ASP L 223 -26.57 -75.57 21.81
N VAL L 224 -25.39 -75.90 21.31
CA VAL L 224 -25.20 -77.18 20.63
C VAL L 224 -25.44 -78.33 21.60
N PHE L 225 -24.88 -78.23 22.80
CA PHE L 225 -25.02 -79.30 23.78
C PHE L 225 -26.48 -79.45 24.22
N LEU L 226 -27.18 -78.33 24.40
CA LEU L 226 -28.58 -78.41 24.78
C LEU L 226 -29.41 -79.06 23.68
N ASN L 227 -29.19 -78.67 22.42
CA ASN L 227 -29.93 -79.28 21.33
C ASN L 227 -29.58 -80.75 21.18
N ILE L 228 -28.35 -81.13 21.50
CA ILE L 228 -27.97 -82.54 21.48
C ILE L 228 -28.71 -83.29 22.57
N LEU L 229 -28.70 -82.74 23.79
CA LEU L 229 -29.37 -83.37 24.92
C LEU L 229 -30.87 -83.52 24.69
N LYS L 230 -31.48 -82.57 23.98
CA LYS L 230 -32.91 -82.68 23.70
C LYS L 230 -33.24 -84.03 23.06
N PHE L 231 -32.34 -84.55 22.23
CA PHE L 231 -32.62 -85.81 21.55
C PHE L 231 -32.81 -86.95 22.53
N PHE L 232 -31.93 -87.05 23.53
CA PHE L 232 -31.98 -88.17 24.47
C PHE L 232 -33.00 -87.97 25.57
N THR L 233 -33.36 -86.73 25.88
CA THR L 233 -34.37 -86.45 26.89
C THR L 233 -35.00 -85.11 26.58
N ARG L 234 -36.32 -85.03 26.78
CA ARG L 234 -37.07 -83.80 26.51
C ARG L 234 -37.08 -82.85 27.69
N ARG L 235 -36.28 -83.13 28.72
CA ARG L 235 -36.22 -82.31 29.94
C ARG L 235 -34.96 -81.47 29.97
N THR L 236 -34.54 -80.95 28.82
CA THR L 236 -33.39 -80.05 28.80
C THR L 236 -33.63 -78.84 29.69
N GLU L 237 -34.89 -78.49 29.94
CA GLU L 237 -35.19 -77.41 30.87
C GLU L 237 -34.58 -77.67 32.24
N ASP L 238 -34.42 -78.94 32.60
CA ASP L 238 -33.83 -79.27 33.91
C ASP L 238 -32.32 -79.09 33.90
N TYR L 239 -31.67 -79.43 32.80
CA TYR L 239 -30.21 -79.44 32.73
C TYR L 239 -29.63 -78.16 32.16
N GLN L 240 -30.45 -77.14 31.91
CA GLN L 240 -29.94 -75.87 31.43
C GLN L 240 -29.02 -75.20 32.45
N HIS L 241 -29.07 -75.62 33.71
CA HIS L 241 -28.29 -75.02 34.79
C HIS L 241 -26.95 -75.72 35.00
N GLU L 242 -26.65 -76.76 34.23
CA GLU L 242 -25.46 -77.56 34.45
C GLU L 242 -24.29 -77.01 33.63
N ASP L 243 -23.07 -77.29 34.11
CA ASP L 243 -21.87 -76.78 33.48
C ASP L 243 -21.49 -77.62 32.25
N VAL L 244 -20.72 -76.99 31.35
CA VAL L 244 -20.42 -77.61 30.06
C VAL L 244 -19.97 -79.05 30.23
N ASP L 245 -19.06 -79.29 31.17
CA ASP L 245 -18.58 -80.66 31.39
C ASP L 245 -19.66 -81.52 32.03
N ALA L 246 -20.53 -80.91 32.84
CA ALA L 246 -21.67 -81.64 33.37
C ALA L 246 -22.56 -82.13 32.23
N LEU L 247 -22.82 -81.27 31.25
CA LEU L 247 -23.58 -81.69 30.08
C LEU L 247 -22.83 -82.75 29.29
N ALA L 248 -21.51 -82.62 29.22
CA ALA L 248 -20.72 -83.64 28.53
C ALA L 248 -20.95 -85.01 29.16
N LYS L 249 -20.83 -85.08 30.48
CA LYS L 249 -21.03 -86.36 31.17
C LYS L 249 -22.46 -86.86 31.00
N VAL L 250 -23.43 -85.95 31.10
CA VAL L 250 -24.83 -86.35 30.98
C VAL L 250 -25.10 -86.95 29.61
N ILE L 251 -24.62 -86.28 28.55
CA ILE L 251 -24.85 -86.77 27.20
C ILE L 251 -24.07 -88.06 26.97
N ALA L 252 -22.88 -88.19 27.56
CA ALA L 252 -22.14 -89.43 27.45
C ALA L 252 -22.96 -90.59 28.01
N GLY L 253 -23.54 -90.39 29.19
CA GLY L 253 -24.38 -91.43 29.78
C GLY L 253 -25.62 -91.71 28.94
N PHE L 254 -26.25 -90.67 28.43
CA PHE L 254 -27.44 -90.86 27.60
C PHE L 254 -27.12 -91.69 26.37
N ILE L 255 -26.00 -91.36 25.70
CA ILE L 255 -25.60 -92.13 24.53
C ILE L 255 -25.26 -93.56 24.92
N ASN L 256 -24.55 -93.73 26.03
CA ASN L 256 -24.21 -95.08 26.49
C ASN L 256 -25.45 -95.92 26.66
N LYS L 257 -26.49 -95.35 27.26
CA LYS L 257 -27.76 -96.06 27.35
C LYS L 257 -28.35 -96.32 25.97
N GLY L 258 -28.31 -95.31 25.09
CA GLY L 258 -28.96 -95.45 23.80
C GLY L 258 -28.35 -96.51 22.92
N GLY L 259 -27.02 -96.51 22.80
CA GLY L 259 -26.32 -97.39 21.89
C GLY L 259 -25.48 -96.62 20.89
N ARG L 260 -25.18 -97.30 19.78
CA ARG L 260 -24.41 -96.67 18.71
C ARG L 260 -25.15 -95.42 18.22
N CYS L 261 -24.41 -94.33 18.07
CA CYS L 261 -24.99 -93.04 17.71
C CYS L 261 -24.15 -92.38 16.63
N LEU L 262 -24.83 -91.79 15.65
CA LEU L 262 -24.19 -90.93 14.66
C LEU L 262 -24.76 -89.53 14.81
N ILE L 263 -23.89 -88.55 15.01
CA ILE L 263 -24.30 -87.17 15.19
C ILE L 263 -23.95 -86.39 13.93
N CYS L 264 -24.93 -85.70 13.38
CA CYS L 264 -24.74 -84.86 12.21
C CYS L 264 -24.35 -83.46 12.67
N LEU L 265 -23.31 -82.90 12.05
CA LEU L 265 -22.84 -81.56 12.36
C LEU L 265 -22.76 -80.78 11.06
N ASP L 266 -23.50 -79.67 11.01
CA ASP L 266 -23.58 -78.84 9.81
C ASP L 266 -22.67 -77.64 9.97
N ASP L 267 -21.73 -77.47 9.04
CA ASP L 267 -20.95 -76.25 8.89
C ASP L 267 -20.16 -75.95 10.18
N VAL L 268 -19.23 -76.83 10.48
CA VAL L 268 -18.34 -76.64 11.62
C VAL L 268 -17.00 -76.11 11.09
N TRP L 269 -16.64 -74.90 11.51
CA TRP L 269 -15.41 -74.27 11.04
C TRP L 269 -14.44 -73.97 12.17
N GLU L 270 -14.25 -74.89 13.13
CA GLU L 270 -13.28 -74.64 14.20
C GLU L 270 -12.91 -75.93 14.90
N THR L 271 -11.60 -76.21 14.96
CA THR L 271 -11.11 -77.42 15.61
C THR L 271 -11.58 -77.52 17.05
N LYS L 272 -11.63 -76.39 17.75
CA LYS L 272 -12.11 -76.38 19.13
C LYS L 272 -13.45 -77.10 19.22
N VAL L 273 -14.33 -76.86 18.25
CA VAL L 273 -15.65 -77.48 18.27
C VAL L 273 -15.52 -79.00 18.24
N ILE L 274 -14.64 -79.51 17.38
CA ILE L 274 -14.50 -80.95 17.24
C ILE L 274 -13.96 -81.55 18.52
N ASP L 275 -12.94 -80.91 19.09
CA ASP L 275 -12.42 -81.39 20.36
C ASP L 275 -13.45 -81.28 21.46
N TYR L 276 -14.45 -80.42 21.29
CA TYR L 276 -15.57 -80.41 22.22
C TYR L 276 -16.49 -81.60 22.00
N VAL L 277 -16.75 -81.95 20.74
CA VAL L 277 -17.72 -82.99 20.44
C VAL L 277 -17.22 -84.37 20.86
N LYS L 278 -15.92 -84.64 20.74
CA LYS L 278 -15.42 -85.95 21.17
C LYS L 278 -15.75 -86.20 22.64
N THR L 279 -15.93 -85.13 23.42
CA THR L 279 -16.19 -85.28 24.84
C THR L 279 -17.54 -85.97 25.10
N ILE L 280 -18.57 -85.59 24.36
CA ILE L 280 -19.92 -86.06 24.64
C ILE L 280 -20.09 -87.55 24.41
N PHE L 281 -19.12 -88.20 23.77
CA PHE L 281 -19.29 -89.59 23.37
C PHE L 281 -18.71 -90.52 24.43
N PRO L 282 -19.48 -91.47 24.96
CA PRO L 282 -18.93 -92.39 25.95
C PRO L 282 -17.89 -93.32 25.34
N GLU L 283 -16.98 -93.78 26.18
CA GLU L 283 -15.90 -94.67 25.75
C GLU L 283 -16.36 -96.13 25.80
N ASN L 284 -17.51 -96.42 25.18
CA ASN L 284 -18.06 -97.77 25.18
C ASN L 284 -17.66 -98.57 23.95
N GLU L 285 -16.60 -98.14 23.26
CA GLU L 285 -16.01 -98.88 22.15
C GLU L 285 -17.06 -99.52 21.25
N LYS L 286 -18.13 -98.80 20.97
CA LYS L 286 -19.15 -99.25 20.02
C LYS L 286 -18.99 -98.62 18.65
N GLY L 287 -17.93 -97.85 18.45
CA GLY L 287 -17.71 -97.23 17.16
C GLY L 287 -18.75 -96.18 16.79
N HIS L 288 -19.09 -95.31 17.74
CA HIS L 288 -19.97 -94.20 17.44
C HIS L 288 -19.35 -93.35 16.34
N ARG L 289 -20.15 -92.51 15.69
CA ARG L 289 -19.67 -91.74 14.55
C ARG L 289 -20.15 -90.30 14.65
N VAL L 290 -19.37 -89.41 14.05
CA VAL L 290 -19.75 -88.02 13.83
C VAL L 290 -19.51 -87.71 12.37
N MET L 291 -20.53 -87.24 11.68
CA MET L 291 -20.39 -86.77 10.30
C MET L 291 -20.60 -85.26 10.34
N MET L 292 -19.57 -84.51 9.95
CA MET L 292 -19.49 -83.08 10.20
C MET L 292 -18.98 -82.36 8.96
N THR L 293 -19.65 -81.28 8.58
CA THR L 293 -19.35 -80.56 7.35
C THR L 293 -18.58 -79.28 7.67
N THR L 294 -17.50 -79.04 6.93
CA THR L 294 -16.65 -77.88 7.11
C THR L 294 -16.27 -77.31 5.76
N ARG L 295 -16.11 -75.99 5.69
CA ARG L 295 -15.59 -75.34 4.49
C ARG L 295 -14.08 -75.22 4.49
N ASN L 296 -13.42 -75.80 5.49
CA ASN L 296 -11.97 -75.73 5.63
C ASN L 296 -11.42 -77.14 5.45
N LYS L 297 -10.77 -77.39 4.31
CA LYS L 297 -10.29 -78.74 4.02
C LYS L 297 -9.44 -79.28 5.15
N VAL L 298 -8.66 -78.42 5.81
CA VAL L 298 -7.80 -78.87 6.90
C VAL L 298 -8.65 -79.35 8.07
N LEU L 299 -9.76 -78.65 8.34
CA LEU L 299 -10.65 -79.08 9.42
C LEU L 299 -11.20 -80.47 9.14
N ALA L 300 -11.62 -80.71 7.90
CA ALA L 300 -12.03 -82.06 7.52
C ALA L 300 -10.89 -83.05 7.70
N THR L 301 -9.68 -82.66 7.32
CA THR L 301 -8.55 -83.57 7.41
C THR L 301 -8.32 -84.00 8.85
N TYR L 302 -8.38 -83.05 9.79
CA TYR L 302 -8.27 -83.42 11.19
C TYR L 302 -9.45 -84.29 11.62
N ALA L 303 -10.66 -83.93 11.19
CA ALA L 303 -11.85 -84.68 11.55
C ALA L 303 -11.69 -86.15 11.16
N ASN L 304 -11.34 -86.39 9.90
CA ASN L 304 -10.95 -87.71 9.43
C ASN L 304 -9.67 -87.58 8.62
N SER L 305 -8.74 -88.51 8.83
CA SER L 305 -7.46 -88.44 8.11
C SER L 305 -7.64 -88.53 6.61
N ASP L 306 -8.78 -89.02 6.14
CA ASP L 306 -9.06 -89.13 4.70
C ASP L 306 -10.44 -88.53 4.44
N PRO L 307 -10.49 -87.28 3.98
CA PRO L 307 -11.80 -86.61 3.86
C PRO L 307 -12.71 -87.25 2.84
N HIS L 308 -13.92 -86.72 2.72
CA HIS L 308 -14.84 -87.06 1.63
C HIS L 308 -15.19 -85.75 0.94
N ASP L 309 -14.33 -85.34 0.01
CA ASP L 309 -14.59 -84.10 -0.72
C ASP L 309 -15.87 -84.25 -1.50
N LEU L 310 -16.81 -83.34 -1.26
CA LEU L 310 -18.09 -83.40 -1.95
C LEU L 310 -17.84 -83.38 -3.45
N LYS L 311 -18.38 -84.37 -4.15
CA LYS L 311 -18.04 -84.55 -5.55
C LYS L 311 -18.45 -83.32 -6.34
N PHE L 312 -18.13 -83.28 -7.62
CA PHE L 312 -18.54 -82.20 -8.49
C PHE L 312 -19.67 -82.68 -9.39
N LEU L 313 -20.82 -82.04 -9.31
CA LEU L 313 -21.95 -82.40 -10.15
C LEU L 313 -21.56 -82.32 -11.62
N THR L 314 -21.93 -83.33 -12.38
CA THR L 314 -21.69 -83.31 -13.81
C THR L 314 -22.65 -82.31 -14.46
N PRO L 315 -22.30 -81.80 -15.65
CA PRO L 315 -23.18 -80.81 -16.28
C PRO L 315 -24.60 -81.31 -16.48
N LYS L 316 -24.77 -82.60 -16.79
CA LYS L 316 -26.11 -83.14 -16.91
C LYS L 316 -26.86 -83.06 -15.58
N GLU L 317 -26.17 -83.34 -14.48
CA GLU L 317 -26.80 -83.19 -13.17
C GLU L 317 -27.26 -81.75 -12.96
N SER L 318 -26.44 -80.78 -13.37
CA SER L 318 -26.85 -79.38 -13.27
C SER L 318 -28.08 -79.10 -14.12
N PHE L 319 -28.14 -79.67 -15.33
CA PHE L 319 -29.31 -79.46 -16.18
C PHE L 319 -30.56 -80.03 -15.53
N GLU L 320 -30.47 -81.25 -14.99
CA GLU L 320 -31.61 -81.84 -14.31
C GLU L 320 -32.02 -81.00 -13.11
N LEU L 321 -31.05 -80.48 -12.36
CA LEU L 321 -31.37 -79.65 -11.22
C LEU L 321 -32.12 -78.40 -11.65
N LEU L 322 -31.64 -77.73 -12.70
CA LEU L 322 -32.33 -76.52 -13.17
C LEU L 322 -33.74 -76.86 -13.66
N VAL L 323 -33.88 -77.98 -14.39
CA VAL L 323 -35.19 -78.39 -14.84
C VAL L 323 -36.12 -78.57 -13.65
N LYS L 324 -35.62 -79.22 -12.60
CA LYS L 324 -36.43 -79.41 -11.39
C LYS L 324 -36.81 -78.07 -10.78
N ARG L 325 -35.83 -77.19 -10.61
CA ARG L 325 -36.08 -75.95 -9.87
C ARG L 325 -37.07 -75.07 -10.60
N VAL L 326 -37.01 -75.01 -11.93
CA VAL L 326 -37.90 -74.12 -12.66
C VAL L 326 -39.26 -74.78 -12.88
N PHE L 327 -39.27 -76.08 -13.16
CA PHE L 327 -40.51 -76.77 -13.49
C PHE L 327 -40.82 -77.94 -12.57
N GLY L 328 -40.14 -78.07 -11.44
CA GLY L 328 -40.42 -79.15 -10.52
C GLY L 328 -40.35 -80.50 -11.19
N LYS L 329 -41.49 -81.17 -11.31
CA LYS L 329 -41.57 -82.45 -12.00
C LYS L 329 -42.07 -82.33 -13.43
N LYS L 330 -42.74 -81.23 -13.76
CA LYS L 330 -43.15 -81.01 -15.14
C LYS L 330 -41.91 -80.86 -16.01
N PRO L 331 -41.78 -81.63 -17.10
CA PRO L 331 -40.56 -81.54 -17.91
C PRO L 331 -40.39 -80.15 -18.49
N CYS L 332 -39.13 -79.74 -18.63
CA CYS L 332 -38.83 -78.46 -19.25
C CYS L 332 -39.29 -78.51 -20.72
N PRO L 333 -39.86 -77.41 -21.23
CA PRO L 333 -40.31 -77.43 -22.64
C PRO L 333 -39.14 -77.64 -23.59
N LYS L 334 -39.49 -77.98 -24.84
CA LYS L 334 -38.49 -78.44 -25.79
C LYS L 334 -37.48 -77.34 -26.12
N ASP L 335 -37.96 -76.15 -26.51
CA ASP L 335 -37.05 -75.15 -27.04
C ASP L 335 -36.17 -74.55 -25.95
N LEU L 336 -36.67 -74.52 -24.71
CA LEU L 336 -35.84 -74.03 -23.62
C LEU L 336 -34.68 -74.98 -23.32
N VAL L 337 -34.70 -76.19 -23.88
CA VAL L 337 -33.65 -77.16 -23.60
C VAL L 337 -32.30 -76.64 -24.05
N GLY L 338 -32.24 -76.06 -25.25
CA GLY L 338 -31.00 -75.47 -25.73
C GLY L 338 -30.44 -74.48 -24.73
N HIS L 339 -31.19 -73.42 -24.47
CA HIS L 339 -30.73 -72.39 -23.54
C HIS L 339 -30.56 -72.94 -22.13
N GLY L 340 -31.51 -73.75 -21.67
CA GLY L 340 -31.38 -74.35 -20.36
C GLY L 340 -30.12 -75.20 -20.24
N GLU L 341 -29.87 -76.04 -21.24
CA GLU L 341 -28.62 -76.79 -21.25
C GLU L 341 -27.44 -75.85 -21.15
N SER L 342 -27.44 -74.80 -21.97
CA SER L 342 -26.33 -73.85 -21.93
C SER L 342 -26.10 -73.34 -20.51
N ILE L 343 -27.18 -73.06 -19.78
CA ILE L 343 -27.03 -72.68 -18.38
C ILE L 343 -26.37 -73.80 -17.60
N ALA L 344 -26.85 -75.03 -17.78
CA ALA L 344 -26.40 -76.14 -16.95
C ALA L 344 -24.88 -76.28 -17.02
N GLY L 345 -24.33 -76.33 -18.24
CA GLY L 345 -22.89 -76.50 -18.38
C GLY L 345 -22.11 -75.30 -17.88
N LYS L 346 -22.69 -74.11 -17.97
CA LYS L 346 -21.95 -72.89 -17.66
C LYS L 346 -21.71 -72.70 -16.18
N CYS L 347 -22.31 -73.51 -15.32
CA CYS L 347 -22.24 -73.28 -13.89
C CYS L 347 -21.06 -73.96 -13.22
N GLY L 348 -20.22 -74.67 -13.98
CA GLY L 348 -18.99 -75.19 -13.45
C GLY L 348 -19.11 -76.49 -12.67
N GLY L 349 -20.32 -76.97 -12.41
CA GLY L 349 -20.51 -78.22 -11.69
C GLY L 349 -20.68 -78.09 -10.18
N VAL L 350 -21.30 -77.02 -9.71
CA VAL L 350 -21.63 -76.78 -8.31
C VAL L 350 -23.09 -76.35 -8.27
N PRO L 351 -23.95 -77.00 -7.48
CA PRO L 351 -25.39 -76.85 -7.72
C PRO L 351 -25.95 -75.49 -7.40
N LEU L 352 -25.24 -74.65 -6.63
CA LEU L 352 -25.90 -73.47 -6.09
C LEU L 352 -26.13 -72.40 -7.15
N ALA L 353 -25.27 -72.25 -8.16
CA ALA L 353 -25.66 -71.36 -9.26
C ALA L 353 -26.83 -71.92 -10.06
N VAL L 354 -26.85 -73.23 -10.30
CA VAL L 354 -28.00 -73.80 -10.98
C VAL L 354 -29.25 -73.36 -10.24
N VAL L 355 -29.20 -73.43 -8.91
CA VAL L 355 -30.34 -73.03 -8.10
C VAL L 355 -30.60 -71.53 -8.23
N VAL L 356 -29.56 -70.70 -8.15
CA VAL L 356 -29.75 -69.25 -8.14
C VAL L 356 -30.30 -68.77 -9.48
N ILE L 357 -29.69 -69.20 -10.58
CA ILE L 357 -30.14 -68.78 -11.89
C ILE L 357 -31.52 -69.36 -12.18
N ALA L 358 -31.81 -70.56 -11.68
CA ALA L 358 -33.16 -71.07 -11.74
C ALA L 358 -34.12 -70.11 -11.05
N GLY L 359 -33.76 -69.69 -9.84
CA GLY L 359 -34.55 -68.69 -9.15
C GLY L 359 -34.81 -67.48 -10.02
N ALA L 360 -33.77 -67.01 -10.70
CA ALA L 360 -33.94 -65.89 -11.62
C ALA L 360 -34.92 -66.23 -12.74
N LEU L 361 -34.92 -67.49 -13.18
CA LEU L 361 -35.77 -67.92 -14.30
C LEU L 361 -37.14 -68.41 -13.88
N ARG L 362 -37.47 -68.36 -12.59
CA ARG L 362 -38.69 -68.99 -12.10
C ARG L 362 -39.90 -68.50 -12.88
N GLY L 363 -40.50 -69.41 -13.63
CA GLY L 363 -41.65 -69.06 -14.43
C GLY L 363 -41.36 -67.96 -15.43
N ARG L 364 -40.31 -68.13 -16.24
CA ARG L 364 -40.03 -67.20 -17.33
C ARG L 364 -39.99 -67.94 -18.66
N PRO L 365 -41.00 -68.75 -18.98
CA PRO L 365 -40.93 -69.56 -20.20
C PRO L 365 -40.92 -68.74 -21.48
N ASN L 366 -40.94 -67.42 -21.40
CA ASN L 366 -40.78 -66.58 -22.57
C ASN L 366 -39.30 -66.57 -22.95
N THR L 367 -38.96 -67.26 -24.03
CA THR L 367 -37.56 -67.56 -24.32
C THR L 367 -36.71 -66.31 -24.50
N SER L 368 -37.32 -65.15 -24.76
CA SER L 368 -36.56 -63.91 -24.74
C SER L 368 -35.79 -63.78 -23.43
N ASP L 369 -36.47 -64.03 -22.31
CA ASP L 369 -35.79 -63.93 -21.01
C ASP L 369 -34.79 -65.05 -20.82
N TRP L 370 -35.09 -66.27 -21.27
CA TRP L 370 -34.12 -67.34 -21.12
C TRP L 370 -32.83 -67.00 -21.84
N ILE L 371 -32.93 -66.36 -23.00
CA ILE L 371 -31.72 -65.94 -23.72
C ILE L 371 -31.05 -64.80 -22.98
N ARG L 372 -31.82 -63.85 -22.46
CA ARG L 372 -31.22 -62.81 -21.62
C ARG L 372 -30.37 -63.44 -20.54
N VAL L 373 -30.88 -64.49 -19.91
CA VAL L 373 -30.18 -65.12 -18.80
C VAL L 373 -28.94 -65.87 -19.30
N GLU L 374 -29.08 -66.59 -20.41
CA GLU L 374 -27.96 -67.40 -20.88
C GLU L 374 -26.80 -66.53 -21.36
N ARG L 375 -27.09 -65.48 -22.14
CA ARG L 375 -26.04 -64.72 -22.83
C ARG L 375 -24.86 -64.47 -21.91
N ASN L 376 -25.12 -64.37 -20.61
CA ASN L 376 -24.09 -64.39 -19.58
C ASN L 376 -24.73 -64.86 -18.30
N VAL L 377 -24.09 -65.79 -17.60
CA VAL L 377 -24.69 -66.45 -16.44
C VAL L 377 -23.95 -66.10 -15.15
N VAL L 378 -22.62 -66.00 -15.20
CA VAL L 378 -21.87 -65.77 -13.98
C VAL L 378 -22.26 -64.44 -13.35
N GLN L 379 -22.50 -63.42 -14.18
CA GLN L 379 -22.95 -62.13 -13.65
C GLN L 379 -24.30 -62.25 -12.96
N HIS L 380 -25.17 -63.12 -13.47
CA HIS L 380 -26.53 -63.17 -12.96
C HIS L 380 -26.55 -63.45 -11.47
N LEU L 381 -25.70 -64.34 -11.01
CA LEU L 381 -25.52 -64.48 -9.58
C LEU L 381 -24.95 -63.18 -9.03
N TYR L 382 -25.22 -62.92 -7.76
CA TYR L 382 -24.78 -61.71 -7.06
C TYR L 382 -25.58 -60.48 -7.45
N THR L 383 -26.81 -60.66 -7.93
CA THR L 383 -27.72 -59.56 -8.20
C THR L 383 -29.10 -59.90 -7.67
N ASN L 384 -29.87 -58.84 -7.36
CA ASN L 384 -31.25 -59.00 -6.91
C ASN L 384 -31.31 -59.53 -5.49
N SER L 385 -32.51 -59.91 -5.04
CA SER L 385 -32.69 -60.32 -3.66
C SER L 385 -32.19 -61.74 -3.43
N GLU L 386 -32.34 -62.62 -4.41
CA GLU L 386 -32.06 -64.05 -4.26
C GLU L 386 -30.69 -64.40 -4.82
N GLU L 387 -29.70 -63.54 -4.61
CA GLU L 387 -28.34 -63.69 -5.13
C GLU L 387 -27.46 -64.52 -4.21
N SER L 388 -28.07 -65.41 -3.42
CA SER L 388 -27.46 -65.95 -2.21
C SER L 388 -26.01 -66.37 -2.40
N CYS L 389 -25.59 -66.64 -3.64
CA CYS L 389 -24.19 -67.01 -3.86
C CYS L 389 -23.24 -66.02 -3.20
N LEU L 390 -23.54 -64.72 -3.33
CA LEU L 390 -22.64 -63.70 -2.78
C LEU L 390 -22.42 -63.92 -1.29
N LYS L 391 -23.49 -63.77 -0.50
CA LYS L 391 -23.36 -63.91 0.94
C LYS L 391 -22.87 -65.30 1.33
N PHE L 392 -23.21 -66.30 0.52
CA PHE L 392 -22.72 -67.64 0.82
C PHE L 392 -21.21 -67.70 0.76
N VAL L 393 -20.60 -67.08 -0.25
CA VAL L 393 -19.14 -67.04 -0.31
C VAL L 393 -18.60 -66.11 0.76
N GLU L 394 -19.29 -65.00 1.02
CA GLU L 394 -18.78 -64.02 1.96
C GLU L 394 -18.75 -64.57 3.38
N MET L 395 -19.57 -65.58 3.65
CA MET L 395 -19.48 -66.27 4.93
C MET L 395 -18.08 -66.81 5.19
N SER L 396 -17.24 -66.89 4.15
CA SER L 396 -15.86 -67.33 4.30
C SER L 396 -14.83 -66.30 3.86
N TYR L 397 -15.08 -65.50 2.82
CA TYR L 397 -14.09 -64.51 2.43
C TYR L 397 -13.72 -63.66 3.63
N ASP L 398 -14.68 -63.37 4.51
CA ASP L 398 -14.38 -62.83 5.82
C ASP L 398 -13.41 -63.70 6.60
N HIS L 399 -13.52 -65.04 6.46
CA HIS L 399 -12.66 -66.02 7.14
C HIS L 399 -11.20 -65.83 6.83
N LEU L 400 -10.81 -64.94 5.92
CA LEU L 400 -9.41 -64.73 5.61
C LEU L 400 -8.91 -63.43 6.21
N PRO L 401 -7.70 -63.41 6.76
CA PRO L 401 -7.10 -62.14 7.18
C PRO L 401 -6.90 -61.21 5.97
N GLN L 402 -6.62 -59.94 6.27
CA GLN L 402 -6.57 -58.95 5.20
C GLN L 402 -5.49 -59.29 4.18
N GLU L 403 -4.38 -59.87 4.60
CA GLU L 403 -3.33 -60.21 3.65
C GLU L 403 -3.81 -61.24 2.65
N VAL L 404 -4.34 -62.36 3.14
CA VAL L 404 -4.88 -63.39 2.25
C VAL L 404 -6.16 -62.90 1.60
N GLN L 405 -6.89 -62.01 2.27
CA GLN L 405 -8.02 -61.35 1.60
C GLN L 405 -7.56 -60.74 0.29
N THR L 406 -6.63 -59.79 0.36
CA THR L 406 -6.19 -59.09 -0.84
C THR L 406 -5.54 -60.05 -1.82
N CYS L 407 -4.69 -60.95 -1.33
CA CYS L 407 -4.09 -61.94 -2.22
C CYS L 407 -5.15 -62.71 -2.98
N PHE L 408 -6.28 -63.00 -2.33
CA PHE L 408 -7.36 -63.70 -2.98
C PHE L 408 -7.99 -62.86 -4.08
N LEU L 409 -8.30 -61.60 -3.78
CA LEU L 409 -8.97 -60.77 -4.77
C LEU L 409 -8.17 -60.68 -6.05
N TYR L 410 -6.86 -60.88 -5.98
CA TYR L 410 -6.01 -60.83 -7.15
C TYR L 410 -5.83 -62.19 -7.80
N CYS L 411 -6.51 -63.22 -7.30
CA CYS L 411 -6.80 -64.38 -8.13
C CYS L 411 -7.96 -64.11 -9.09
N GLY L 412 -8.70 -63.03 -8.87
CA GLY L 412 -9.85 -62.70 -9.69
C GLY L 412 -9.50 -61.83 -10.89
N VAL L 413 -8.25 -61.91 -11.34
CA VAL L 413 -7.82 -61.17 -12.51
C VAL L 413 -7.52 -62.09 -13.69
N PHE L 414 -7.25 -63.36 -13.46
CA PHE L 414 -7.01 -64.28 -14.55
C PHE L 414 -8.34 -64.60 -15.24
N PRO L 415 -8.35 -64.71 -16.58
CA PRO L 415 -9.62 -64.86 -17.30
C PRO L 415 -10.37 -66.12 -16.86
N ARG L 416 -11.70 -66.06 -16.97
CA ARG L 416 -12.54 -67.15 -16.50
C ARG L 416 -12.14 -68.45 -17.19
N GLY L 417 -11.96 -69.50 -16.39
CA GLY L 417 -11.49 -70.77 -16.90
C GLY L 417 -9.99 -70.85 -17.09
N PHE L 418 -9.26 -69.77 -16.84
CA PHE L 418 -7.82 -69.79 -16.99
C PHE L 418 -7.19 -70.69 -15.93
N ASP L 419 -5.98 -71.16 -16.23
CA ASP L 419 -5.18 -71.94 -15.29
C ASP L 419 -4.12 -71.02 -14.71
N ILE L 420 -4.28 -70.65 -13.44
CA ILE L 420 -3.45 -69.66 -12.79
C ILE L 420 -2.20 -70.35 -12.23
N PRO L 421 -1.04 -70.23 -12.88
CA PRO L 421 0.13 -70.97 -12.40
C PRO L 421 0.52 -70.52 -11.00
N SER L 422 1.10 -71.46 -10.25
CA SER L 422 1.52 -71.16 -8.88
C SER L 422 2.58 -70.08 -8.86
N TRP L 423 3.64 -70.25 -9.65
CA TRP L 423 4.71 -69.25 -9.65
C TRP L 423 4.23 -67.93 -10.23
N LYS L 424 3.43 -67.96 -11.29
CA LYS L 424 2.92 -66.74 -11.88
C LYS L 424 2.11 -65.94 -10.87
N VAL L 425 1.14 -66.59 -10.21
CA VAL L 425 0.31 -65.87 -9.25
C VAL L 425 1.11 -65.45 -8.03
N ILE L 426 2.08 -66.26 -7.61
CA ILE L 426 2.90 -65.90 -6.47
C ILE L 426 3.65 -64.61 -6.76
N ARG L 427 4.32 -64.56 -7.91
CA ARG L 427 5.07 -63.36 -8.25
C ARG L 427 4.16 -62.19 -8.59
N LEU L 428 2.93 -62.46 -9.03
CA LEU L 428 1.99 -61.38 -9.26
C LEU L 428 1.57 -60.74 -7.95
N TRP L 429 1.16 -61.55 -6.98
CA TRP L 429 0.96 -61.04 -5.63
C TRP L 429 2.16 -60.23 -5.18
N ILE L 430 3.34 -60.85 -5.11
CA ILE L 430 4.51 -60.19 -4.58
C ILE L 430 4.96 -59.00 -5.41
N ALA L 431 4.46 -58.87 -6.63
CA ALA L 431 4.79 -57.75 -7.50
C ALA L 431 3.80 -56.61 -7.42
N GLU L 432 2.60 -56.87 -6.90
CA GLU L 432 1.62 -55.82 -6.71
C GLU L 432 1.79 -55.09 -5.38
N GLY L 433 2.72 -55.53 -4.54
CA GLY L 433 2.88 -54.98 -3.22
C GLY L 433 1.88 -55.46 -2.20
N LEU L 434 1.04 -56.44 -2.56
CA LEU L 434 0.01 -56.91 -1.64
C LEU L 434 0.62 -57.57 -0.41
N ILE L 435 1.65 -58.40 -0.61
CA ILE L 435 2.28 -59.08 0.52
C ILE L 435 3.10 -58.08 1.32
N LYS L 436 3.31 -58.37 2.60
CA LYS L 436 4.22 -57.61 3.44
C LYS L 436 5.19 -58.57 4.10
N PRO L 437 6.45 -58.18 4.28
CA PRO L 437 7.46 -59.13 4.74
C PRO L 437 7.23 -59.54 6.19
N GLN L 438 7.75 -60.71 6.53
CA GLN L 438 7.72 -61.22 7.89
C GLN L 438 9.15 -61.39 8.41
N GLU L 439 9.25 -61.87 9.65
CA GLU L 439 10.48 -61.67 10.41
C GLU L 439 11.53 -62.74 10.10
N SER L 440 11.12 -63.90 9.61
CA SER L 440 12.07 -64.95 9.24
C SER L 440 11.63 -65.69 7.98
N TYR L 441 10.90 -65.01 7.08
CA TYR L 441 10.38 -65.67 5.90
C TYR L 441 10.67 -64.83 4.66
N THR L 442 10.64 -65.49 3.51
CA THR L 442 10.89 -64.85 2.22
C THR L 442 9.57 -64.74 1.45
N LEU L 443 9.35 -63.56 0.87
CA LEU L 443 8.05 -63.27 0.25
C LEU L 443 7.53 -64.43 -0.58
N GLU L 444 8.41 -65.16 -1.27
CA GLU L 444 7.96 -66.27 -2.08
C GLU L 444 7.26 -67.32 -1.23
N GLU L 445 7.85 -67.69 -0.08
CA GLU L 445 7.26 -68.75 0.72
C GLU L 445 6.04 -68.26 1.50
N ILE L 446 6.03 -66.98 1.90
CA ILE L 446 4.82 -66.43 2.50
C ILE L 446 3.67 -66.51 1.51
N ALA L 447 3.92 -66.14 0.26
CA ALA L 447 2.87 -66.15 -0.74
C ALA L 447 2.44 -67.57 -1.09
N GLU L 448 3.39 -68.50 -1.14
CA GLU L 448 3.02 -69.90 -1.39
C GLU L 448 2.17 -70.44 -0.25
N PHE L 449 2.50 -70.07 1.00
CA PHE L 449 1.66 -70.44 2.12
C PHE L 449 0.28 -69.81 2.01
N TYR L 450 0.21 -68.56 1.57
CA TYR L 450 -1.08 -67.91 1.42
C TYR L 450 -1.96 -68.67 0.42
N LEU L 451 -1.40 -69.02 -0.72
CA LEU L 451 -2.19 -69.77 -1.70
C LEU L 451 -2.50 -71.18 -1.18
N ASN L 452 -1.55 -71.79 -0.48
CA ASN L 452 -1.81 -73.08 0.14
C ASN L 452 -3.06 -73.00 1.01
N ASP L 453 -3.15 -71.97 1.84
CA ASP L 453 -4.34 -71.77 2.65
C ASP L 453 -5.55 -71.51 1.78
N LEU L 454 -5.39 -70.70 0.74
CA LEU L 454 -6.51 -70.36 -0.12
C LEU L 454 -7.07 -71.61 -0.78
N VAL L 455 -6.29 -72.69 -0.79
CA VAL L 455 -6.82 -73.99 -1.17
C VAL L 455 -7.36 -74.72 0.06
N ASN L 456 -6.70 -74.56 1.20
CA ASN L 456 -7.16 -75.19 2.43
C ASN L 456 -8.60 -74.81 2.71
N ARG L 457 -8.92 -73.53 2.60
CA ARG L 457 -10.26 -73.02 2.82
C ARG L 457 -11.17 -73.21 1.61
N ASN L 458 -10.77 -74.08 0.67
CA ASN L 458 -11.50 -74.40 -0.53
C ASN L 458 -11.77 -73.19 -1.39
N LEU L 459 -11.09 -72.07 -1.13
CA LEU L 459 -11.40 -70.81 -1.79
C LEU L 459 -10.81 -70.72 -3.19
N VAL L 460 -9.83 -71.54 -3.52
CA VAL L 460 -9.18 -71.48 -4.83
C VAL L 460 -8.91 -72.91 -5.29
N ILE L 461 -9.66 -73.37 -6.29
CA ILE L 461 -9.51 -74.73 -6.79
C ILE L 461 -8.05 -75.01 -7.07
N LEU L 462 -7.65 -76.26 -6.85
CA LEU L 462 -6.29 -76.73 -7.11
C LEU L 462 -6.36 -78.09 -7.79
N GLN L 463 -6.19 -78.11 -9.11
CA GLN L 463 -6.09 -79.38 -9.84
C GLN L 463 -4.78 -79.36 -10.64
N GLN L 464 -3.68 -79.54 -9.91
CA GLN L 464 -2.39 -79.96 -10.43
C GLN L 464 -1.44 -80.00 -9.24
N LYS L 465 -0.48 -80.92 -9.25
CA LYS L 465 0.43 -81.07 -8.12
C LYS L 465 1.85 -81.21 -8.64
N ARG L 466 2.71 -80.29 -8.22
CA ARG L 466 4.13 -80.46 -8.45
C ARG L 466 4.58 -81.81 -7.88
N SER L 467 5.75 -82.26 -8.33
CA SER L 467 6.29 -83.51 -7.80
C SER L 467 6.32 -83.48 -6.29
N ASP L 468 6.66 -82.33 -5.69
CA ASP L 468 6.66 -82.18 -4.25
C ASP L 468 5.26 -82.27 -3.65
N GLY L 469 4.22 -82.22 -4.47
CA GLY L 469 2.86 -82.15 -3.96
C GLY L 469 2.41 -80.74 -3.65
N GLN L 470 2.99 -79.75 -4.32
CA GLN L 470 2.61 -78.35 -4.13
C GLN L 470 1.74 -77.90 -5.29
N ILE L 471 1.15 -76.72 -5.12
CA ILE L 471 0.26 -76.18 -6.14
C ILE L 471 1.04 -75.99 -7.44
N LYS L 472 0.57 -76.63 -8.51
CA LYS L 472 1.12 -76.42 -9.84
C LYS L 472 0.15 -75.69 -10.76
N THR L 473 -1.14 -75.69 -10.46
CA THR L 473 -2.10 -74.77 -11.07
C THR L 473 -3.17 -74.48 -10.04
N CYS L 474 -4.07 -73.56 -10.39
CA CYS L 474 -5.19 -73.23 -9.53
C CYS L 474 -6.14 -72.36 -10.32
N ARG L 475 -7.44 -72.56 -10.10
CA ARG L 475 -8.47 -71.85 -10.83
C ARG L 475 -9.44 -71.22 -9.85
N LEU L 476 -10.12 -70.17 -10.31
CA LEU L 476 -11.18 -69.54 -9.55
C LEU L 476 -12.51 -70.01 -10.11
N HIS L 477 -13.36 -70.54 -9.26
CA HIS L 477 -14.59 -71.10 -9.77
C HIS L 477 -15.39 -69.99 -10.46
N VAL L 478 -15.99 -70.32 -11.61
CA VAL L 478 -16.74 -69.33 -12.39
C VAL L 478 -17.51 -68.37 -11.50
N MET L 479 -18.31 -68.93 -10.59
CA MET L 479 -18.98 -68.12 -9.58
C MET L 479 -17.99 -67.34 -8.74
N LEU L 480 -17.04 -68.02 -8.13
CA LEU L 480 -16.06 -67.30 -7.34
C LEU L 480 -15.27 -66.33 -8.21
N HIS L 481 -15.10 -66.64 -9.49
CA HIS L 481 -14.40 -65.72 -10.38
C HIS L 481 -15.18 -64.42 -10.53
N GLN L 482 -16.48 -64.52 -10.80
CA GLN L 482 -17.30 -63.32 -10.91
C GLN L 482 -17.36 -62.58 -9.58
N PHE L 483 -17.39 -63.31 -8.47
CA PHE L 483 -17.37 -62.68 -7.16
C PHE L 483 -16.10 -61.86 -6.96
N CYS L 484 -14.95 -62.45 -7.28
CA CYS L 484 -13.69 -61.74 -7.14
C CYS L 484 -13.64 -60.54 -8.06
N LYS L 485 -14.08 -60.70 -9.32
CA LYS L 485 -14.04 -59.59 -10.26
C LYS L 485 -14.89 -58.44 -9.76
N LYS L 486 -16.12 -58.73 -9.34
CA LYS L 486 -17.00 -57.67 -8.85
C LYS L 486 -16.47 -57.05 -7.56
N GLU L 487 -15.84 -57.86 -6.70
CA GLU L 487 -15.33 -57.34 -5.44
C GLU L 487 -14.16 -56.40 -5.68
N ALA L 488 -13.21 -56.80 -6.52
CA ALA L 488 -12.13 -55.91 -6.90
C ALA L 488 -12.67 -54.64 -7.54
N SER L 489 -13.63 -54.78 -8.46
CA SER L 489 -14.19 -53.62 -9.12
C SER L 489 -14.81 -52.64 -8.12
N ASN L 490 -15.54 -53.16 -7.14
CA ASN L 490 -16.08 -52.29 -6.10
C ASN L 490 -14.94 -51.61 -5.35
N LYS L 491 -13.91 -52.37 -4.98
CA LYS L 491 -12.75 -51.80 -4.31
C LYS L 491 -11.77 -51.16 -5.30
N TRP L 492 -11.92 -51.41 -6.59
CA TRP L 492 -11.15 -50.85 -7.69
C TRP L 492 -9.73 -51.38 -7.76
N LEU L 493 -9.39 -52.44 -7.01
CA LEU L 493 -8.02 -52.93 -7.05
C LEU L 493 -7.61 -53.32 -8.46
N PHE L 494 -8.58 -53.67 -9.30
CA PHE L 494 -8.37 -53.80 -10.75
C PHE L 494 -9.75 -53.98 -11.39
N GLN L 495 -9.75 -54.27 -12.69
CA GLN L 495 -10.99 -54.33 -13.45
C GLN L 495 -10.70 -54.97 -14.81
N GLU L 496 -11.75 -55.44 -15.46
CA GLU L 496 -11.67 -56.06 -16.78
C GLU L 496 -12.35 -55.17 -17.81
N VAL L 497 -11.61 -54.79 -18.86
CA VAL L 497 -12.22 -53.97 -19.91
C VAL L 497 -13.33 -54.77 -20.58
N SER L 498 -14.37 -54.05 -21.00
CA SER L 498 -15.45 -54.64 -21.76
C SER L 498 -16.09 -53.53 -22.59
N LEU L 499 -16.96 -53.94 -23.51
CA LEU L 499 -17.62 -52.99 -24.38
C LEU L 499 -18.81 -53.67 -25.05
N THR L 500 -19.92 -52.93 -25.13
CA THR L 500 -21.08 -53.33 -25.89
C THR L 500 -21.01 -52.64 -27.25
N PRO L 501 -20.99 -53.38 -28.37
CA PRO L 501 -20.50 -52.81 -29.62
C PRO L 501 -19.59 -51.59 -29.49
N ASP L 502 -20.14 -50.45 -29.06
CA ASP L 502 -19.37 -49.24 -28.82
C ASP L 502 -18.99 -49.16 -27.34
N GLN L 503 -18.53 -47.98 -26.91
CA GLN L 503 -18.37 -47.66 -25.49
C GLN L 503 -17.17 -48.39 -24.88
N ALA L 504 -16.99 -48.23 -23.57
CA ALA L 504 -15.77 -48.70 -22.92
C ALA L 504 -16.05 -49.59 -21.70
N ILE L 505 -17.25 -50.11 -21.56
CA ILE L 505 -17.55 -51.05 -20.48
C ILE L 505 -18.58 -52.06 -20.96
N ASP L 509 -16.55 -46.72 -16.82
CA ASP L 509 -15.58 -45.63 -16.73
C ASP L 509 -14.22 -46.17 -16.31
N PRO L 510 -13.45 -46.68 -17.28
CA PRO L 510 -12.12 -47.20 -16.96
C PRO L 510 -11.27 -46.27 -16.12
N ASN L 511 -11.61 -44.97 -16.13
CA ASN L 511 -10.91 -44.04 -15.24
C ASN L 511 -11.06 -44.43 -13.78
N LYS L 512 -12.16 -45.13 -13.45
CA LYS L 512 -12.35 -45.70 -12.12
C LYS L 512 -11.81 -47.11 -12.01
N SER L 513 -10.77 -47.41 -12.77
CA SER L 513 -10.12 -48.73 -12.78
C SER L 513 -8.64 -48.51 -12.51
N ARG L 514 -8.23 -48.76 -11.26
CA ARG L 514 -6.83 -48.58 -10.89
C ARG L 514 -5.91 -49.45 -11.73
N ARG L 515 -6.43 -50.54 -12.29
CA ARG L 515 -5.70 -51.37 -13.22
C ARG L 515 -6.66 -51.84 -14.28
N LEU L 516 -6.11 -52.29 -15.41
CA LEU L 516 -6.93 -52.62 -16.55
C LEU L 516 -6.57 -54.01 -17.04
N CYS L 517 -7.51 -54.94 -16.95
CA CYS L 517 -7.34 -56.28 -17.50
C CYS L 517 -8.15 -56.36 -18.79
N ILE L 518 -7.47 -56.71 -19.89
CA ILE L 518 -8.07 -56.68 -21.22
C ILE L 518 -7.83 -58.02 -21.89
N GLN L 519 -8.88 -58.55 -22.50
CA GLN L 519 -8.77 -59.77 -23.28
C GLN L 519 -8.08 -59.48 -24.61
N PRO L 520 -7.31 -60.45 -25.14
CA PRO L 520 -6.62 -60.19 -26.42
C PRO L 520 -7.57 -59.83 -27.55
N SER L 521 -8.75 -60.44 -27.59
CA SER L 521 -9.67 -60.21 -28.70
C SER L 521 -10.08 -58.74 -28.77
N ASN L 522 -10.37 -58.14 -27.62
CA ASN L 522 -10.80 -56.75 -27.55
C ASN L 522 -9.64 -55.77 -27.47
N LEU L 523 -8.40 -56.26 -27.38
CA LEU L 523 -7.26 -55.37 -27.16
C LEU L 523 -7.11 -54.39 -28.31
N LYS L 524 -7.25 -54.87 -29.54
CA LYS L 524 -7.12 -53.99 -30.70
C LYS L 524 -8.17 -52.88 -30.68
N ASP L 525 -9.41 -53.24 -30.36
CA ASP L 525 -10.48 -52.24 -30.33
C ASP L 525 -10.26 -51.25 -29.19
N PHE L 526 -9.84 -51.73 -28.02
CA PHE L 526 -9.50 -50.83 -26.93
C PHE L 526 -8.41 -49.87 -27.35
N LEU L 527 -7.43 -50.36 -28.11
CA LEU L 527 -6.36 -49.51 -28.62
C LEU L 527 -6.88 -48.48 -29.60
N SER L 528 -7.87 -48.87 -30.42
CA SER L 528 -8.37 -47.97 -31.47
C SER L 528 -8.84 -46.65 -30.89
N LYS L 529 -9.39 -46.67 -29.68
CA LYS L 529 -9.80 -45.44 -29.02
C LYS L 529 -8.61 -44.64 -28.49
N LYS L 530 -7.37 -45.06 -28.79
CA LYS L 530 -6.18 -44.35 -28.35
C LYS L 530 -6.18 -44.26 -26.84
N PRO L 531 -6.02 -45.38 -26.13
CA PRO L 531 -6.04 -45.34 -24.67
C PRO L 531 -4.93 -44.47 -24.11
N SER L 532 -5.26 -43.73 -23.05
CA SER L 532 -4.29 -42.87 -22.38
C SER L 532 -4.69 -42.79 -20.92
N ALA L 533 -3.80 -43.25 -20.03
CA ALA L 533 -4.09 -43.25 -18.60
C ALA L 533 -2.80 -42.99 -17.83
N GLU L 534 -2.97 -42.51 -16.60
CA GLU L 534 -1.87 -42.28 -15.67
C GLU L 534 -2.03 -43.07 -14.38
N HIS L 535 -3.25 -43.16 -13.86
CA HIS L 535 -3.52 -43.93 -12.65
C HIS L 535 -3.40 -45.43 -12.87
N VAL L 536 -3.54 -45.90 -14.11
CA VAL L 536 -3.33 -47.31 -14.39
C VAL L 536 -1.94 -47.70 -13.92
N ARG L 537 -1.83 -48.87 -13.30
CA ARG L 537 -0.56 -49.31 -12.74
C ARG L 537 -0.29 -50.78 -13.03
N SER L 538 -0.74 -51.25 -14.20
CA SER L 538 -0.44 -52.60 -14.65
C SER L 538 -1.09 -52.79 -16.01
N PHE L 539 -0.82 -53.95 -16.62
CA PHE L 539 -1.42 -54.30 -17.91
C PHE L 539 -1.59 -55.81 -17.92
N TYR L 540 -2.84 -56.26 -17.77
CA TYR L 540 -3.17 -57.68 -17.76
C TYR L 540 -3.83 -58.03 -19.09
N CYS L 541 -3.16 -58.88 -19.87
CA CYS L 541 -3.78 -59.50 -21.04
C CYS L 541 -3.14 -60.88 -21.18
N PHE L 542 -3.81 -61.89 -20.66
CA PHE L 542 -3.33 -63.27 -20.68
C PHE L 542 -3.98 -64.02 -21.83
N SER L 543 -3.33 -65.12 -22.22
CA SER L 543 -3.80 -65.92 -23.36
C SER L 543 -4.52 -67.16 -22.82
N SER L 544 -5.79 -66.98 -22.49
CA SER L 544 -6.61 -68.12 -22.11
C SER L 544 -6.66 -69.14 -23.23
N LYS L 545 -6.88 -68.67 -24.46
CA LYS L 545 -6.68 -69.49 -25.66
C LYS L 545 -5.21 -69.39 -26.02
N GLU L 546 -4.42 -70.31 -25.48
CA GLU L 546 -2.98 -70.20 -25.52
C GLU L 546 -2.48 -70.09 -26.96
N LYS L 547 -1.52 -69.17 -27.16
CA LYS L 547 -0.81 -69.02 -28.44
C LYS L 547 -1.71 -68.49 -29.55
N GLN L 548 -2.81 -67.83 -29.21
CA GLN L 548 -3.69 -67.22 -30.20
C GLN L 548 -3.34 -65.75 -30.40
N ILE L 549 -2.09 -65.51 -30.85
CA ILE L 549 -1.61 -64.15 -31.06
C ILE L 549 -2.35 -63.57 -32.26
N ARG L 550 -3.18 -62.56 -32.02
CA ARG L 550 -3.98 -61.96 -33.07
C ARG L 550 -3.13 -60.96 -33.85
N GLY L 551 -3.77 -60.22 -34.75
CA GLY L 551 -3.06 -59.27 -35.59
C GLY L 551 -2.67 -58.01 -34.87
N LEU L 552 -1.71 -58.11 -33.95
CA LEU L 552 -1.20 -56.98 -33.20
C LEU L 552 0.07 -56.48 -33.89
N THR L 553 -0.02 -55.33 -34.55
CA THR L 553 1.12 -54.75 -35.22
C THR L 553 2.06 -54.09 -34.22
N PRO L 554 3.31 -53.85 -34.61
CA PRO L 554 4.24 -53.16 -33.68
C PRO L 554 3.71 -51.82 -33.21
N ASN L 555 2.98 -51.09 -34.07
CA ASN L 555 2.34 -49.86 -33.62
C ASN L 555 1.42 -50.11 -32.43
N ASP L 556 0.75 -51.27 -32.41
CA ASP L 556 -0.09 -51.59 -31.26
C ASP L 556 0.73 -51.65 -29.98
N ILE L 557 1.89 -52.31 -30.04
CA ILE L 557 2.73 -52.43 -28.86
C ILE L 557 3.27 -51.07 -28.44
N LYS L 558 3.63 -50.23 -29.41
CA LYS L 558 4.11 -48.89 -29.08
C LYS L 558 3.02 -48.07 -28.39
N LEU L 559 1.79 -48.12 -28.92
CA LEU L 559 0.71 -47.37 -28.30
C LEU L 559 0.38 -47.93 -26.91
N ILE L 560 0.51 -49.25 -26.73
CA ILE L 560 0.34 -49.83 -25.40
C ILE L 560 1.37 -49.25 -24.44
N HIS L 561 2.63 -49.21 -24.88
CA HIS L 561 3.66 -48.55 -24.08
C HIS L 561 3.24 -47.14 -23.71
N LYS L 562 2.71 -46.40 -24.68
CA LYS L 562 2.32 -45.01 -24.45
C LYS L 562 1.22 -44.91 -23.40
N ALA L 563 0.20 -45.77 -23.50
CA ALA L 563 -1.03 -45.56 -22.75
C ALA L 563 -0.82 -45.72 -21.25
N PHE L 564 0.01 -46.69 -20.84
CA PHE L 564 0.17 -47.07 -19.45
C PHE L 564 1.57 -46.69 -18.98
N PRO L 565 1.82 -45.42 -18.65
CA PRO L 565 3.20 -44.98 -18.39
C PRO L 565 3.69 -45.30 -16.99
N LEU L 566 2.78 -45.35 -16.02
CA LEU L 566 3.13 -45.68 -14.64
C LEU L 566 2.98 -47.17 -14.35
N VAL L 567 3.12 -48.01 -15.35
CA VAL L 567 2.84 -49.43 -15.20
C VAL L 567 3.82 -50.02 -14.18
N ARG L 568 3.27 -50.76 -13.22
CA ARG L 568 4.08 -51.56 -12.30
C ARG L 568 4.13 -53.01 -12.71
N VAL L 569 3.01 -53.55 -13.20
CA VAL L 569 2.88 -54.95 -13.54
C VAL L 569 2.45 -55.02 -15.00
N LEU L 570 3.43 -55.13 -15.90
CA LEU L 570 3.20 -55.22 -17.34
C LEU L 570 3.39 -56.68 -17.71
N ASP L 571 2.29 -57.43 -17.72
CA ASP L 571 2.31 -58.88 -17.92
C ASP L 571 1.44 -59.19 -19.12
N VAL L 572 2.06 -59.53 -20.25
CA VAL L 572 1.32 -59.96 -21.43
C VAL L 572 2.17 -60.91 -22.26
N GLU L 573 1.65 -62.12 -22.52
CA GLU L 573 2.21 -63.00 -23.53
C GLU L 573 1.08 -63.47 -24.44
N SER L 574 0.65 -62.60 -25.35
CA SER L 574 0.13 -62.99 -26.65
C SER L 574 0.35 -61.77 -27.54
N LEU L 575 1.54 -61.71 -28.14
CA LEU L 575 2.02 -60.47 -28.75
C LEU L 575 3.38 -60.71 -29.42
N LYS L 576 3.90 -59.70 -30.10
CA LYS L 576 5.30 -59.66 -30.53
C LYS L 576 5.86 -58.37 -29.94
N PHE L 577 6.33 -58.46 -28.70
CA PHE L 577 6.78 -57.27 -27.98
C PHE L 577 8.11 -56.77 -28.54
N LEU L 578 8.34 -55.47 -28.37
CA LEU L 578 9.58 -54.83 -28.77
C LEU L 578 9.99 -53.83 -27.70
N PHE L 579 11.30 -53.55 -27.64
CA PHE L 579 11.84 -52.67 -26.61
C PHE L 579 11.84 -51.22 -27.10
N SER L 580 10.64 -50.67 -27.21
CA SER L 580 10.49 -49.31 -27.68
C SER L 580 11.17 -48.33 -26.73
N LYS L 581 11.51 -47.16 -27.25
CA LYS L 581 12.12 -46.12 -26.44
C LYS L 581 11.23 -45.76 -25.25
N ASP L 582 9.95 -45.53 -25.52
CA ASP L 582 9.02 -45.21 -24.44
C ASP L 582 8.93 -46.36 -23.44
N PHE L 583 8.85 -47.60 -23.94
CA PHE L 583 8.80 -48.75 -23.03
C PHE L 583 10.02 -48.78 -22.13
N ASN L 584 11.15 -48.25 -22.60
CA ASN L 584 12.35 -48.20 -21.78
C ASN L 584 12.27 -47.21 -20.64
N GLN L 585 11.36 -46.25 -20.71
CA GLN L 585 11.23 -45.22 -19.69
C GLN L 585 10.55 -45.71 -18.42
N LEU L 586 9.82 -46.82 -18.48
CA LEU L 586 8.92 -47.21 -17.40
C LEU L 586 9.74 -47.67 -16.18
N PHE L 587 10.29 -46.67 -15.47
CA PHE L 587 11.14 -46.95 -14.33
C PHE L 587 10.37 -47.54 -13.16
N HIS L 588 9.08 -47.27 -13.04
CA HIS L 588 8.27 -47.79 -11.94
C HIS L 588 8.08 -49.29 -12.01
N LEU L 589 8.66 -49.95 -13.01
CA LEU L 589 8.25 -51.30 -13.36
C LEU L 589 8.63 -52.31 -12.28
N ARG L 590 7.78 -53.32 -12.11
CA ARG L 590 7.93 -54.35 -11.10
C ARG L 590 8.05 -55.75 -11.67
N TYR L 591 7.21 -56.11 -12.64
CA TYR L 591 7.06 -57.50 -13.06
C TYR L 591 6.77 -57.49 -14.56
N ILE L 592 7.65 -58.12 -15.34
CA ILE L 592 7.50 -58.22 -16.79
C ILE L 592 7.23 -59.65 -17.19
N ALA L 593 6.22 -59.82 -18.06
CA ALA L 593 5.99 -61.09 -18.75
C ALA L 593 5.76 -60.71 -20.22
N ILE L 594 6.81 -60.83 -21.04
CA ILE L 594 6.75 -60.45 -22.43
C ILE L 594 7.36 -61.56 -23.29
N SER L 595 7.06 -61.50 -24.58
CA SER L 595 7.58 -62.46 -25.54
C SER L 595 7.82 -61.75 -26.88
N GLY L 596 8.65 -62.37 -27.70
CA GLY L 596 9.01 -61.80 -28.98
C GLY L 596 10.26 -62.46 -29.54
N ASP L 597 11.00 -61.69 -30.32
CA ASP L 597 12.27 -62.13 -30.91
C ASP L 597 13.36 -61.19 -30.41
N PHE L 598 14.01 -61.58 -29.31
CA PHE L 598 15.08 -60.79 -28.70
C PHE L 598 16.34 -61.64 -28.64
N ASN L 599 17.46 -61.07 -29.08
CA ASN L 599 18.75 -61.74 -29.05
C ASN L 599 19.55 -61.44 -27.79
N ALA L 600 19.24 -60.33 -27.11
CA ALA L 600 19.98 -59.92 -25.93
C ALA L 600 19.20 -58.81 -25.23
N ILE L 601 19.11 -58.87 -23.90
CA ILE L 601 18.33 -57.89 -23.15
C ILE L 601 19.05 -56.55 -23.25
N PRO L 602 18.41 -55.51 -23.80
CA PRO L 602 19.09 -54.22 -23.90
C PRO L 602 19.36 -53.61 -22.53
N LEU L 603 20.37 -52.76 -22.49
CA LEU L 603 20.72 -52.08 -21.25
C LEU L 603 19.57 -51.22 -20.73
N THR L 604 18.63 -50.86 -21.60
CA THR L 604 17.47 -50.10 -21.16
C THR L 604 16.82 -50.71 -19.92
N PHE L 605 16.88 -52.04 -19.80
CA PHE L 605 16.38 -52.68 -18.59
C PHE L 605 17.25 -52.38 -17.38
N GLY L 606 18.43 -51.79 -17.57
CA GLY L 606 19.26 -51.39 -16.45
C GLY L 606 18.77 -50.16 -15.72
N LYS L 607 17.75 -49.49 -16.26
CA LYS L 607 17.15 -48.34 -15.60
C LYS L 607 15.91 -48.69 -14.79
N PHE L 608 15.36 -49.90 -14.95
CA PHE L 608 14.15 -50.31 -14.25
C PHE L 608 14.53 -50.70 -12.83
N TRP L 609 14.79 -49.68 -12.01
CA TRP L 609 15.21 -49.90 -10.63
C TRP L 609 14.11 -50.60 -9.82
N ASN L 610 12.86 -50.22 -10.05
CA ASN L 610 11.76 -50.82 -9.31
C ASN L 610 11.55 -52.29 -9.61
N LEU L 611 12.19 -52.81 -10.67
CA LEU L 611 11.92 -54.17 -11.12
C LEU L 611 12.14 -55.18 -9.99
N GLN L 612 11.26 -56.18 -9.95
CA GLN L 612 11.40 -57.29 -9.03
C GLN L 612 11.48 -58.61 -9.78
N THR L 613 10.83 -58.69 -10.94
CA THR L 613 10.73 -59.93 -11.69
C THR L 613 10.89 -59.65 -13.18
N LEU L 614 11.27 -60.68 -13.92
CA LEU L 614 11.39 -60.59 -15.38
C LEU L 614 11.23 -61.98 -15.97
N ILE L 615 10.12 -62.21 -16.66
CA ILE L 615 9.88 -63.43 -17.42
C ILE L 615 10.16 -63.14 -18.89
N LEU L 616 10.93 -64.01 -19.53
CA LEU L 616 11.31 -63.83 -20.92
C LEU L 616 11.04 -65.10 -21.70
N ASN L 617 10.40 -64.95 -22.85
CA ASN L 617 10.12 -66.06 -23.77
C ASN L 617 10.42 -65.54 -25.17
N THR L 618 11.64 -65.77 -25.63
CA THR L 618 12.13 -65.22 -26.90
C THR L 618 12.04 -66.29 -27.98
N SER L 619 11.55 -65.90 -29.15
CA SER L 619 11.48 -66.79 -30.31
C SER L 619 12.77 -66.78 -31.12
N THR L 620 13.79 -66.06 -30.67
CA THR L 620 15.04 -65.97 -31.41
C THR L 620 15.66 -67.34 -31.59
N SER L 621 16.23 -67.56 -32.78
CA SER L 621 17.00 -68.77 -33.04
C SER L 621 18.34 -68.78 -32.34
N GLU L 622 18.74 -67.67 -31.74
CA GLU L 622 20.04 -67.60 -31.06
C GLU L 622 20.13 -68.68 -29.99
N SER L 623 21.31 -69.30 -29.90
CA SER L 623 21.52 -70.34 -28.90
C SER L 623 21.62 -69.75 -27.49
N THR L 624 22.07 -68.50 -27.38
CA THR L 624 22.25 -67.87 -26.08
C THR L 624 21.76 -66.42 -26.13
N LEU L 625 21.10 -66.00 -25.07
CA LEU L 625 20.67 -64.62 -24.90
C LEU L 625 21.65 -63.91 -23.98
N ASP L 626 22.15 -62.75 -24.42
CA ASP L 626 23.13 -62.00 -23.65
C ASP L 626 22.43 -60.89 -22.89
N VAL L 627 22.61 -60.87 -21.57
CA VAL L 627 21.89 -59.92 -20.71
C VAL L 627 22.78 -58.69 -20.62
N LYS L 628 22.59 -57.77 -21.56
CA LYS L 628 23.37 -56.54 -21.56
C LYS L 628 23.07 -55.69 -20.33
N ALA L 629 21.79 -55.64 -19.92
CA ALA L 629 21.42 -54.89 -18.73
C ALA L 629 22.17 -55.44 -17.51
N ASP L 630 22.68 -54.53 -16.69
CA ASP L 630 23.42 -54.92 -15.50
C ASP L 630 22.45 -55.40 -14.42
N ILE L 631 22.16 -56.71 -14.41
CA ILE L 631 21.21 -57.25 -13.45
C ILE L 631 21.68 -57.03 -12.02
N TRP L 632 22.98 -56.81 -11.82
CA TRP L 632 23.51 -56.69 -10.47
C TRP L 632 23.03 -55.41 -9.80
N ASN L 633 22.95 -54.31 -10.54
CA ASN L 633 22.55 -53.04 -9.94
C ASN L 633 21.06 -52.98 -9.62
N MET L 634 20.25 -53.88 -10.18
CA MET L 634 18.82 -53.94 -9.85
C MET L 634 18.69 -54.56 -8.47
N LEU L 635 18.75 -53.71 -7.45
CA LEU L 635 18.67 -54.21 -6.07
C LEU L 635 17.32 -54.85 -5.81
N GLN L 636 16.24 -54.27 -6.32
CA GLN L 636 14.91 -54.80 -6.07
C GLN L 636 14.67 -56.13 -6.78
N LEU L 637 15.48 -56.47 -7.78
CA LEU L 637 15.24 -57.68 -8.57
C LEU L 637 15.20 -58.90 -7.66
N ARG L 638 14.21 -59.75 -7.89
CA ARG L 638 14.06 -61.01 -7.16
C ARG L 638 14.15 -62.24 -8.05
N HIS L 639 13.52 -62.23 -9.22
CA HIS L 639 13.43 -63.43 -10.06
C HIS L 639 13.53 -63.06 -11.52
N LEU L 640 14.48 -63.66 -12.23
CA LEU L 640 14.63 -63.51 -13.66
C LEU L 640 14.34 -64.85 -14.32
N HIS L 641 13.54 -64.84 -15.38
CA HIS L 641 13.15 -66.05 -16.08
C HIS L 641 13.36 -65.88 -17.58
N THR L 642 13.92 -66.91 -18.21
CA THR L 642 14.08 -66.96 -19.65
C THR L 642 13.68 -68.35 -20.12
N ASN L 643 13.25 -68.43 -21.39
CA ASN L 643 12.94 -69.72 -21.97
C ASN L 643 14.17 -70.42 -22.53
N ILE L 644 15.28 -69.69 -22.68
CA ILE L 644 16.52 -70.26 -23.19
C ILE L 644 17.65 -69.84 -22.28
N PRO L 645 18.80 -70.52 -22.35
CA PRO L 645 19.91 -70.19 -21.45
C PRO L 645 20.30 -68.72 -21.57
N ALA L 646 20.68 -68.15 -20.44
CA ALA L 646 21.05 -66.75 -20.35
C ALA L 646 22.56 -66.63 -20.17
N LYS L 647 23.20 -65.81 -21.00
CA LYS L 647 24.62 -65.55 -20.89
C LYS L 647 24.83 -64.29 -20.05
N LEU L 648 24.59 -64.45 -18.75
CA LEU L 648 24.77 -63.40 -17.77
C LEU L 648 26.15 -62.78 -17.86
N GLN L 649 26.31 -61.57 -17.35
CA GLN L 649 27.58 -60.87 -17.34
C GLN L 649 28.10 -60.78 -15.91
N PRO L 650 29.33 -61.21 -15.63
CA PRO L 650 29.78 -61.26 -14.24
C PRO L 650 29.73 -59.90 -13.59
N PRO L 651 29.50 -59.84 -12.28
CA PRO L 651 29.42 -58.53 -11.62
C PRO L 651 30.78 -57.86 -11.59
N THR L 652 30.82 -56.59 -12.01
CA THR L 652 32.06 -55.83 -12.03
C THR L 652 32.43 -55.40 -10.62
N ALA L 653 33.61 -54.79 -10.50
CA ALA L 653 34.08 -54.36 -9.19
C ALA L 653 33.14 -53.30 -8.60
N THR L 654 32.67 -52.37 -9.43
CA THR L 654 31.77 -51.33 -8.94
C THR L 654 30.48 -51.93 -8.41
N THR L 655 29.93 -52.93 -9.12
CA THR L 655 28.69 -53.56 -8.70
C THR L 655 28.83 -54.35 -7.40
N SER L 656 30.06 -54.62 -6.96
CA SER L 656 30.27 -55.39 -5.74
C SER L 656 29.56 -54.71 -4.56
N GLY L 657 28.83 -55.51 -3.78
CA GLY L 657 28.10 -55.00 -2.65
C GLY L 657 27.33 -56.07 -1.91
N LYS L 658 26.12 -55.72 -1.46
CA LYS L 658 25.28 -56.67 -0.75
C LYS L 658 24.87 -57.81 -1.67
N ALA L 659 24.57 -58.96 -1.06
CA ALA L 659 24.08 -60.09 -1.82
C ALA L 659 22.78 -59.72 -2.52
N SER L 660 22.67 -60.11 -3.78
CA SER L 660 21.52 -59.71 -4.59
C SER L 660 20.23 -60.31 -4.05
N CYS L 661 19.13 -59.56 -4.21
CA CYS L 661 17.81 -60.04 -3.83
C CYS L 661 17.36 -61.23 -4.70
N LEU L 662 18.05 -61.48 -5.80
CA LEU L 662 17.67 -62.55 -6.72
C LEU L 662 17.52 -63.86 -5.98
N GLN L 663 16.33 -64.46 -6.08
CA GLN L 663 16.07 -65.79 -5.53
C GLN L 663 16.07 -66.86 -6.62
N THR L 664 15.27 -66.65 -7.67
CA THR L 664 15.08 -67.62 -8.73
C THR L 664 15.75 -67.14 -10.01
N LEU L 665 16.67 -67.94 -10.53
CA LEU L 665 17.38 -67.63 -11.78
C LEU L 665 17.25 -68.84 -12.69
N CYS L 666 16.34 -68.75 -13.65
CA CYS L 666 15.96 -69.88 -14.49
C CYS L 666 16.60 -69.75 -15.86
N MET L 667 16.92 -70.91 -16.44
CA MET L 667 17.45 -71.01 -17.80
C MET L 667 18.76 -70.24 -17.95
N VAL L 668 19.77 -70.73 -17.23
CA VAL L 668 21.10 -70.14 -17.21
C VAL L 668 22.02 -70.90 -18.14
N ALA L 669 22.81 -70.18 -18.91
CA ALA L 669 23.87 -70.82 -19.69
C ALA L 669 25.02 -71.17 -18.75
N PRO L 670 25.65 -72.34 -18.91
CA PRO L 670 26.76 -72.67 -18.00
C PRO L 670 27.88 -71.65 -18.04
N GLU L 671 28.13 -71.05 -19.20
CA GLU L 671 29.11 -69.95 -19.26
C GLU L 671 28.73 -68.82 -18.33
N SER L 672 27.43 -68.67 -18.04
CA SER L 672 26.95 -67.60 -17.17
C SER L 672 27.05 -67.96 -15.70
N CYS L 673 27.59 -69.13 -15.37
CA CYS L 673 27.80 -69.55 -13.98
C CYS L 673 29.30 -69.44 -13.69
N GLU L 674 29.68 -68.36 -13.02
CA GLU L 674 31.07 -68.10 -12.67
C GLU L 674 31.19 -67.86 -11.16
N LYS L 675 32.42 -67.91 -10.67
CA LYS L 675 32.66 -67.66 -9.25
C LYS L 675 32.05 -66.34 -8.82
N GLU L 676 32.23 -65.29 -9.62
CA GLU L 676 31.74 -63.97 -9.25
C GLU L 676 30.22 -63.89 -9.34
N VAL L 677 29.64 -64.45 -10.41
CA VAL L 677 28.18 -64.44 -10.56
C VAL L 677 27.52 -65.12 -9.37
N LEU L 678 27.98 -66.34 -9.05
CA LEU L 678 27.38 -67.09 -7.96
C LEU L 678 27.70 -66.44 -6.61
N ALA L 679 28.85 -65.77 -6.50
CA ALA L 679 29.14 -65.03 -5.28
C ALA L 679 28.13 -63.91 -5.08
N LYS L 680 27.80 -63.19 -6.15
CA LYS L 680 26.82 -62.11 -6.03
C LYS L 680 25.40 -62.64 -5.81
N ALA L 681 25.15 -63.92 -6.09
CA ALA L 681 23.83 -64.49 -5.95
C ALA L 681 23.84 -65.66 -4.97
N CYS L 682 24.53 -65.50 -3.83
CA CYS L 682 24.62 -66.58 -2.86
C CYS L 682 23.24 -67.00 -2.37
N HIS L 683 22.32 -66.04 -2.25
CA HIS L 683 20.96 -66.33 -1.83
C HIS L 683 20.12 -66.95 -2.95
N LEU L 684 20.72 -67.28 -4.10
CA LEU L 684 19.96 -67.87 -5.18
C LEU L 684 19.39 -69.22 -4.75
N LYS L 685 18.13 -69.44 -5.11
CA LYS L 685 17.40 -70.65 -4.72
C LYS L 685 17.08 -71.57 -5.89
N LYS L 686 16.41 -71.05 -6.92
CA LYS L 686 16.01 -71.84 -8.08
C LYS L 686 16.95 -71.52 -9.24
N LEU L 687 17.92 -72.40 -9.47
CA LEU L 687 18.90 -72.25 -10.54
C LEU L 687 18.72 -73.36 -11.56
N SER L 688 18.72 -72.99 -12.84
CA SER L 688 18.65 -73.95 -13.93
C SER L 688 19.72 -73.61 -14.97
N ILE L 689 20.48 -74.61 -15.39
CA ILE L 689 21.60 -74.43 -16.29
C ILE L 689 21.43 -75.39 -17.47
N ARG L 690 21.55 -74.86 -18.69
CA ARG L 690 21.42 -75.71 -19.88
C ARG L 690 22.54 -75.37 -20.83
N GLY L 691 23.07 -76.37 -21.52
CA GLY L 691 24.10 -76.14 -22.51
C GLY L 691 24.94 -77.37 -22.77
N GLN L 692 26.25 -77.22 -22.74
CA GLN L 692 27.18 -78.34 -22.88
C GLN L 692 27.75 -78.67 -21.51
N MET L 693 27.61 -79.93 -21.11
CA MET L 693 27.96 -80.39 -19.78
C MET L 693 29.33 -81.06 -19.70
N ALA L 694 29.72 -81.86 -20.69
CA ALA L 694 31.03 -82.50 -20.63
C ALA L 694 32.15 -81.48 -20.45
N ALA L 695 32.00 -80.30 -21.06
CA ALA L 695 32.91 -79.20 -20.82
C ALA L 695 32.57 -78.43 -19.55
N PHE L 696 31.74 -79.01 -18.66
CA PHE L 696 31.30 -78.35 -17.45
C PHE L 696 31.65 -79.12 -16.19
N LEU L 697 31.68 -80.45 -16.25
CA LEU L 697 31.96 -81.27 -15.07
C LEU L 697 33.45 -81.33 -14.73
N GLY L 698 34.33 -80.87 -15.61
CA GLY L 698 35.75 -81.01 -15.37
C GLY L 698 36.25 -80.13 -14.24
N ALA L 699 37.46 -80.45 -13.77
CA ALA L 699 38.05 -79.66 -12.68
C ALA L 699 38.30 -78.22 -13.11
N TYR L 700 38.96 -78.02 -14.25
CA TYR L 700 39.06 -76.68 -14.82
C TYR L 700 37.71 -76.16 -15.26
N LYS L 701 36.71 -77.03 -15.34
CA LYS L 701 35.32 -76.64 -15.47
C LYS L 701 34.66 -76.43 -14.11
N GLY L 702 35.45 -75.99 -13.12
CA GLY L 702 35.00 -75.85 -11.76
C GLY L 702 33.84 -74.89 -11.59
N GLY L 703 33.32 -74.34 -12.69
CA GLY L 703 32.02 -73.72 -12.65
C GLY L 703 31.06 -74.58 -11.84
N ILE L 704 31.20 -75.89 -11.94
CA ILE L 704 30.49 -76.79 -11.04
C ILE L 704 30.98 -76.59 -9.61
N ASN L 705 32.31 -76.47 -9.42
CA ASN L 705 32.83 -76.14 -8.11
C ASN L 705 32.42 -74.75 -7.66
N ASN L 706 32.13 -73.84 -8.60
CA ASN L 706 31.69 -72.51 -8.25
C ASN L 706 30.32 -72.50 -7.57
N LEU L 707 29.55 -73.59 -7.72
CA LEU L 707 28.23 -73.65 -7.11
C LEU L 707 28.31 -73.59 -5.58
N VAL L 708 29.49 -73.81 -5.01
CA VAL L 708 29.65 -73.70 -3.56
C VAL L 708 29.26 -72.30 -3.09
N GLU L 709 29.33 -71.31 -3.98
CA GLU L 709 28.95 -69.96 -3.61
C GLU L 709 27.49 -69.88 -3.20
N LEU L 710 26.62 -70.65 -3.86
CA LEU L 710 25.20 -70.62 -3.52
C LEU L 710 24.98 -71.20 -2.13
N LYS L 711 24.20 -70.50 -1.32
CA LYS L 711 23.94 -70.91 0.06
C LYS L 711 22.60 -71.62 0.21
N CYS L 712 21.52 -71.02 -0.32
CA CYS L 712 20.18 -71.55 -0.18
C CYS L 712 19.64 -72.05 -1.51
N LEU L 713 20.52 -72.56 -2.38
CA LEU L 713 20.08 -73.14 -3.64
C LEU L 713 19.19 -74.34 -3.35
N GLU L 714 18.03 -74.39 -4.02
CA GLU L 714 17.07 -75.46 -3.82
C GLU L 714 16.87 -76.28 -5.09
N GLN L 715 16.51 -75.66 -6.21
CA GLN L 715 16.25 -76.38 -7.45
C GLN L 715 17.47 -76.27 -8.37
N LEU L 716 17.75 -77.36 -9.10
CA LEU L 716 18.90 -77.41 -9.98
C LEU L 716 18.57 -78.33 -11.15
N LYS L 717 18.28 -77.75 -12.31
CA LYS L 717 17.89 -78.50 -13.49
C LYS L 717 19.07 -78.51 -14.46
N LEU L 718 19.46 -79.70 -14.92
CA LEU L 718 20.55 -79.87 -15.87
C LEU L 718 19.96 -80.34 -17.20
N LEU L 719 20.26 -79.61 -18.26
CA LEU L 719 19.73 -79.89 -19.58
C LEU L 719 20.84 -79.75 -20.61
N ASN L 720 21.09 -80.81 -21.38
CA ASN L 720 22.14 -80.82 -22.38
C ASN L 720 21.52 -80.57 -23.75
N ASP L 721 21.98 -79.52 -24.43
CA ASP L 721 21.45 -79.15 -25.74
C ASP L 721 21.96 -80.05 -26.85
N VAL L 722 23.04 -80.77 -26.62
CA VAL L 722 23.66 -81.58 -27.65
C VAL L 722 23.18 -83.02 -27.51
N LEU L 723 22.92 -83.66 -28.65
CA LEU L 723 22.57 -85.08 -28.68
C LEU L 723 23.77 -85.96 -29.00
N TYR L 724 24.85 -85.40 -29.54
CA TYR L 724 26.08 -86.13 -29.84
C TYR L 724 27.17 -85.57 -28.94
N MET L 725 27.46 -86.26 -27.85
CA MET L 725 28.46 -85.81 -26.89
C MET L 725 29.80 -86.47 -27.21
N ASN L 726 30.87 -85.68 -27.10
CA ASN L 726 32.21 -86.19 -27.40
C ASN L 726 32.60 -87.30 -26.44
N LYS L 727 32.39 -87.08 -25.14
CA LYS L 727 32.71 -88.05 -24.09
C LYS L 727 31.62 -87.95 -23.03
N ALA L 728 31.12 -89.08 -22.54
CA ALA L 728 30.04 -89.04 -21.55
C ALA L 728 30.55 -88.43 -20.23
N PRO L 729 29.99 -87.32 -19.77
CA PRO L 729 30.45 -86.71 -18.51
C PRO L 729 30.47 -87.71 -17.35
N HIS L 730 30.84 -87.17 -16.19
CA HIS L 730 30.89 -87.90 -14.94
C HIS L 730 30.66 -86.94 -13.80
N LEU L 731 29.79 -87.32 -12.86
CA LEU L 731 29.44 -86.42 -11.75
C LEU L 731 30.65 -86.27 -10.83
N PRO L 732 31.19 -85.07 -10.65
CA PRO L 732 32.40 -84.93 -9.83
C PRO L 732 32.15 -85.41 -8.41
N GLN L 733 33.18 -86.03 -7.81
CA GLN L 733 33.04 -86.54 -6.44
C GLN L 733 32.59 -85.44 -5.50
N THR L 734 33.03 -84.20 -5.76
CA THR L 734 32.55 -83.07 -4.97
C THR L 734 31.08 -82.79 -5.21
N PHE L 735 30.53 -83.21 -6.35
CA PHE L 735 29.12 -82.96 -6.66
C PHE L 735 28.22 -83.27 -5.48
N SER L 736 28.63 -84.21 -4.63
CA SER L 736 27.83 -84.56 -3.46
C SER L 736 27.63 -83.35 -2.57
N GLN L 737 28.72 -82.68 -2.20
CA GLN L 737 28.64 -81.50 -1.35
C GLN L 737 28.59 -80.19 -2.14
N LEU L 738 28.80 -80.24 -3.46
CA LEU L 738 28.64 -79.04 -4.26
C LEU L 738 27.20 -78.56 -4.24
N VAL L 739 26.25 -79.50 -4.25
CA VAL L 739 24.83 -79.18 -4.33
C VAL L 739 24.15 -79.65 -3.05
N ARG L 740 24.87 -79.61 -1.93
CA ARG L 740 24.33 -80.14 -0.68
C ARG L 740 23.02 -79.45 -0.30
N THR L 741 22.83 -78.20 -0.73
CA THR L 741 21.62 -77.47 -0.41
C THR L 741 20.49 -77.73 -1.39
N VAL L 742 20.75 -78.41 -2.50
CA VAL L 742 19.72 -78.65 -3.51
C VAL L 742 18.64 -79.58 -2.95
N LYS L 743 17.39 -79.28 -3.27
CA LYS L 743 16.27 -80.15 -2.91
C LYS L 743 15.54 -80.72 -4.12
N LYS L 744 15.46 -79.99 -5.22
CA LYS L 744 14.93 -80.49 -6.48
C LYS L 744 16.04 -80.51 -7.51
N LEU L 745 16.15 -81.61 -8.25
CA LEU L 745 17.29 -81.80 -9.15
C LEU L 745 16.80 -82.63 -10.34
N THR L 746 16.51 -81.95 -11.46
CA THR L 746 16.03 -82.60 -12.66
C THR L 746 17.16 -82.70 -13.68
N LEU L 747 17.45 -83.91 -14.12
CA LEU L 747 18.46 -84.16 -15.14
C LEU L 747 17.76 -84.50 -16.45
N THR L 748 18.07 -83.76 -17.52
CA THR L 748 17.47 -83.98 -18.82
C THR L 748 18.56 -84.13 -19.86
N ASN L 749 18.44 -85.18 -20.67
CA ASN L 749 19.40 -85.48 -21.74
C ASN L 749 20.83 -85.58 -21.23
N THR L 750 21.00 -86.14 -20.03
CA THR L 750 22.33 -86.24 -19.45
C THR L 750 23.00 -87.59 -19.74
N ARG L 751 22.22 -88.59 -20.16
CA ARG L 751 22.76 -89.84 -20.69
C ARG L 751 23.90 -90.37 -19.80
N PHE L 752 23.63 -90.44 -18.51
CA PHE L 752 24.62 -90.81 -17.51
C PHE L 752 24.53 -92.29 -17.20
N ALA L 753 25.69 -92.91 -16.96
CA ALA L 753 25.72 -94.31 -16.57
C ALA L 753 25.11 -94.49 -15.18
N TRP L 754 24.29 -95.53 -15.03
CA TRP L 754 23.61 -95.76 -13.76
C TRP L 754 24.61 -95.89 -12.62
N SER L 755 25.85 -96.29 -12.92
CA SER L 755 26.89 -96.23 -11.90
C SER L 755 27.02 -94.83 -11.32
N GLU L 756 26.75 -93.81 -12.13
CA GLU L 756 26.75 -92.44 -11.62
C GLU L 756 25.59 -92.21 -10.67
N ALA L 757 24.50 -92.95 -10.83
CA ALA L 757 23.35 -92.78 -9.95
C ALA L 757 23.70 -93.09 -8.50
N ASP L 758 24.70 -93.94 -8.28
CA ASP L 758 25.10 -94.27 -6.91
C ASP L 758 25.55 -93.04 -6.16
N LYS L 759 26.33 -92.17 -6.81
CA LYS L 759 26.70 -90.90 -6.20
C LYS L 759 25.46 -90.08 -5.88
N LEU L 760 24.39 -90.27 -6.64
CA LEU L 760 23.17 -89.49 -6.43
C LEU L 760 22.52 -89.82 -5.09
N GLY L 761 22.94 -90.90 -4.45
CA GLY L 761 22.50 -91.19 -3.10
C GLY L 761 23.25 -90.46 -2.01
N GLN L 762 24.17 -89.58 -2.40
CA GLN L 762 25.05 -88.89 -1.46
C GLN L 762 24.62 -87.46 -1.20
N LEU L 763 23.41 -87.07 -1.60
CA LEU L 763 22.89 -85.74 -1.35
C LEU L 763 21.98 -85.79 -0.13
N GLU L 764 22.30 -84.97 0.89
CA GLU L 764 21.54 -85.01 2.13
C GLU L 764 20.15 -84.41 1.95
N SER L 765 20.04 -83.30 1.22
CA SER L 765 18.82 -82.53 1.13
C SER L 765 18.00 -82.85 -0.12
N LEU L 766 18.41 -83.83 -0.91
CA LEU L 766 17.67 -84.16 -2.13
C LEU L 766 16.30 -84.71 -1.78
N GLU L 767 15.28 -84.24 -2.46
CA GLU L 767 13.91 -84.71 -2.27
C GLU L 767 13.23 -85.10 -3.56
N ILE L 768 13.50 -84.41 -4.67
CA ILE L 768 12.82 -84.62 -5.93
C ILE L 768 13.87 -84.99 -6.97
N LEU L 769 13.55 -85.95 -7.82
CA LEU L 769 14.52 -86.52 -8.74
C LEU L 769 13.82 -86.86 -10.05
N LYS L 770 14.13 -86.10 -11.10
CA LYS L 770 13.56 -86.31 -12.42
C LYS L 770 14.66 -86.73 -13.40
N PHE L 771 14.41 -87.82 -14.12
CA PHE L 771 15.26 -88.29 -15.21
C PHE L 771 14.45 -88.15 -16.50
N LYS L 772 14.68 -87.07 -17.23
CA LYS L 772 13.88 -86.73 -18.39
C LYS L 772 14.70 -86.93 -19.66
N GLU L 773 14.10 -87.61 -20.65
CA GLU L 773 14.70 -87.78 -21.97
C GLU L 773 16.07 -88.45 -21.87
N ASN L 774 16.06 -89.70 -21.42
CA ASN L 774 17.28 -90.51 -21.34
C ASN L 774 18.34 -89.80 -20.51
N ALA L 775 17.94 -89.34 -19.32
CA ALA L 775 18.88 -88.66 -18.43
C ALA L 775 20.01 -89.60 -18.03
N PHE L 776 19.68 -90.85 -17.72
CA PHE L 776 20.67 -91.86 -17.36
C PHE L 776 20.70 -92.94 -18.43
N ALA L 777 21.90 -93.27 -18.89
CA ALA L 777 22.11 -94.29 -19.91
C ALA L 777 22.45 -95.61 -19.26
N GLY L 778 21.83 -96.69 -19.74
CA GLY L 778 22.08 -98.01 -19.22
C GLY L 778 20.90 -98.94 -19.38
N ASP L 779 21.18 -100.20 -19.76
CA ASP L 779 20.09 -101.15 -19.95
C ASP L 779 19.34 -101.41 -18.66
N SER L 780 20.06 -101.52 -17.54
CA SER L 780 19.44 -101.76 -16.25
C SER L 780 20.07 -100.86 -15.20
N TRP L 781 19.29 -100.55 -14.17
CA TRP L 781 19.73 -99.71 -13.07
C TRP L 781 19.79 -100.57 -11.80
N LYS L 782 20.95 -100.57 -11.15
CA LYS L 782 21.19 -101.35 -9.94
C LYS L 782 21.72 -100.41 -8.86
N PRO L 783 20.87 -99.57 -8.29
CA PRO L 783 21.35 -98.62 -7.27
C PRO L 783 21.79 -99.35 -6.01
N LYS L 784 22.79 -98.76 -5.33
CA LYS L 784 23.29 -99.29 -4.08
C LYS L 784 23.14 -98.30 -2.93
N MET L 785 23.49 -97.04 -3.15
CA MET L 785 23.45 -96.06 -2.07
C MET L 785 22.02 -95.79 -1.65
N GLY L 786 21.80 -95.71 -0.34
CA GLY L 786 20.51 -95.35 0.18
C GLY L 786 20.21 -93.88 0.01
N PHE L 787 18.93 -93.56 -0.13
CA PHE L 787 18.44 -92.19 -0.29
C PHE L 787 17.60 -91.88 0.94
N SER L 788 18.28 -91.42 2.00
CA SER L 788 17.66 -91.36 3.32
C SER L 788 16.51 -90.38 3.40
N ALA L 789 16.35 -89.50 2.42
CA ALA L 789 15.33 -88.46 2.49
C ALA L 789 14.47 -88.34 1.24
N LEU L 790 14.84 -88.97 0.14
CA LEU L 790 14.09 -88.79 -1.11
C LEU L 790 12.63 -89.16 -0.90
N ARG L 791 11.74 -88.28 -1.35
CA ARG L 791 10.30 -88.50 -1.24
C ARG L 791 9.63 -88.70 -2.59
N VAL L 792 10.15 -88.09 -3.65
CA VAL L 792 9.58 -88.22 -4.98
C VAL L 792 10.67 -88.71 -5.92
N LEU L 793 10.48 -89.89 -6.48
CA LEU L 793 11.26 -90.34 -7.63
C LEU L 793 10.48 -90.03 -8.90
N TRP L 794 11.21 -89.85 -9.99
CA TRP L 794 10.59 -89.39 -11.23
C TRP L 794 11.51 -89.76 -12.39
N ILE L 795 11.00 -90.59 -13.30
CA ILE L 795 11.76 -91.06 -14.45
C ILE L 795 10.86 -90.90 -15.68
N GLU L 796 11.40 -90.27 -16.73
CA GLU L 796 10.66 -90.03 -17.96
C GLU L 796 11.46 -90.52 -19.15
N ARG L 797 10.82 -91.27 -20.03
CA ARG L 797 11.42 -91.70 -21.30
C ARG L 797 12.80 -92.31 -21.06
N ALA L 798 12.84 -93.31 -20.20
CA ALA L 798 14.09 -93.98 -19.83
C ALA L 798 14.22 -95.29 -20.58
N GLU L 799 15.39 -95.51 -21.18
CA GLU L 799 15.62 -96.69 -22.00
C GLU L 799 16.04 -97.92 -21.19
N PHE L 800 16.28 -97.78 -19.89
CA PHE L 800 16.75 -98.92 -19.10
C PHE L 800 15.65 -99.97 -19.00
N GLU L 801 16.03 -101.22 -19.26
CA GLU L 801 15.04 -102.30 -19.38
C GLU L 801 14.63 -102.85 -18.02
N THR L 802 15.54 -102.90 -17.06
CA THR L 802 15.25 -103.47 -15.76
C THR L 802 15.78 -102.55 -14.66
N TRP L 803 15.32 -102.78 -13.44
CA TRP L 803 15.69 -101.95 -12.31
C TRP L 803 15.68 -102.82 -11.06
N GLU L 804 16.76 -102.77 -10.30
CA GLU L 804 16.91 -103.65 -9.13
C GLU L 804 17.11 -102.85 -7.85
N ALA L 805 16.34 -101.78 -7.68
CA ALA L 805 16.39 -101.02 -6.45
C ALA L 805 15.78 -101.83 -5.30
N SER L 806 16.29 -101.60 -4.09
CA SER L 806 15.90 -102.33 -2.90
C SER L 806 15.34 -101.36 -1.86
N GLU L 807 14.96 -101.91 -0.71
CA GLU L 807 14.40 -101.09 0.36
C GLU L 807 15.42 -100.08 0.86
N ILE L 808 16.66 -100.52 1.09
CA ILE L 808 17.68 -99.64 1.64
C ILE L 808 17.99 -98.51 0.66
N ASN L 809 17.82 -98.76 -0.65
CA ASN L 809 18.11 -97.72 -1.63
C ASN L 809 17.19 -96.52 -1.45
N PHE L 810 15.90 -96.75 -1.24
CA PHE L 810 14.90 -95.68 -1.14
C PHE L 810 14.11 -95.85 0.15
N PRO L 811 14.75 -95.65 1.30
CA PRO L 811 14.06 -95.92 2.58
C PRO L 811 12.80 -95.11 2.79
N VAL L 812 12.76 -93.85 2.34
CA VAL L 812 11.65 -92.97 2.66
C VAL L 812 10.92 -92.58 1.38
N LEU L 813 10.95 -93.45 0.38
CA LEU L 813 10.21 -93.23 -0.85
C LEU L 813 8.76 -92.91 -0.53
N ARG L 814 8.31 -91.73 -0.94
CA ARG L 814 6.91 -91.35 -0.81
C ARG L 814 6.18 -91.29 -2.14
N ASN L 815 6.89 -90.98 -3.23
CA ASN L 815 6.28 -90.90 -4.55
C ASN L 815 7.24 -91.52 -5.56
N LEU L 816 6.68 -92.31 -6.49
CA LEU L 816 7.46 -92.92 -7.56
C LEU L 816 6.70 -92.72 -8.86
N VAL L 817 7.35 -92.12 -9.85
CA VAL L 817 6.74 -91.84 -11.14
C VAL L 817 7.69 -92.30 -12.23
N LEU L 818 7.19 -93.15 -13.13
CA LEU L 818 7.95 -93.60 -14.29
C LEU L 818 7.03 -93.49 -15.50
N MET L 819 7.33 -92.55 -16.41
CA MET L 819 6.52 -92.38 -17.61
C MET L 819 7.37 -92.62 -18.85
N SER L 820 6.70 -93.09 -19.90
CA SER L 820 7.35 -93.44 -21.16
C SER L 820 8.46 -94.46 -20.94
N CYS L 821 8.26 -95.34 -19.98
CA CYS L 821 9.21 -96.43 -19.70
C CYS L 821 8.89 -97.67 -20.53
N ASP L 822 8.84 -97.48 -21.85
CA ASP L 822 8.53 -98.58 -22.75
C ASP L 822 9.61 -99.65 -22.73
N LYS L 823 10.78 -99.34 -22.17
CA LYS L 823 11.86 -100.31 -22.08
C LYS L 823 11.86 -101.06 -20.76
N LEU L 824 11.41 -100.41 -19.69
CA LEU L 824 11.45 -101.02 -18.36
C LEU L 824 10.70 -102.34 -18.35
N GLU L 825 11.29 -103.34 -17.67
CA GLU L 825 10.71 -104.68 -17.61
C GLU L 825 9.78 -104.84 -16.41
N THR L 826 10.29 -104.60 -15.20
CA THR L 826 9.51 -104.81 -13.99
C THR L 826 10.04 -103.92 -12.88
N VAL L 827 9.13 -103.27 -12.16
CA VAL L 827 9.52 -102.55 -10.94
C VAL L 827 9.88 -103.56 -9.87
N PRO L 828 11.02 -103.44 -9.20
CA PRO L 828 11.41 -104.46 -8.22
C PRO L 828 10.37 -104.60 -7.12
N PHE L 829 10.11 -105.85 -6.73
CA PHE L 829 9.19 -106.12 -5.64
C PHE L 829 9.71 -105.60 -4.30
N GLU L 830 11.02 -105.34 -4.22
CA GLU L 830 11.61 -104.93 -2.94
C GLU L 830 10.97 -103.64 -2.42
N LEU L 831 10.49 -102.79 -3.33
CA LEU L 831 9.88 -101.53 -2.90
C LEU L 831 8.59 -101.76 -2.10
N ALA L 832 8.06 -102.98 -2.12
CA ALA L 832 6.81 -103.24 -1.42
C ALA L 832 6.95 -103.00 0.08
N ASN L 833 8.07 -103.44 0.66
CA ASN L 833 8.25 -103.30 2.10
C ASN L 833 8.23 -101.84 2.55
N LEU L 834 8.51 -100.90 1.63
CA LEU L 834 8.59 -99.49 2.01
C LEU L 834 7.25 -99.00 2.54
N SER L 835 7.21 -98.73 3.86
CA SER L 835 5.98 -98.23 4.46
C SER L 835 5.66 -96.82 3.97
N ASP L 836 6.68 -95.99 3.80
CA ASP L 836 6.46 -94.61 3.40
C ASP L 836 5.78 -94.55 2.03
N LEU L 837 6.23 -95.38 1.10
CA LEU L 837 5.68 -95.37 -0.25
C LEU L 837 4.18 -95.60 -0.21
N TYR L 838 3.42 -94.60 -0.67
CA TYR L 838 1.97 -94.73 -0.83
C TYR L 838 1.52 -94.56 -2.27
N GLU L 839 2.33 -93.95 -3.12
CA GLU L 839 1.93 -93.62 -4.48
C GLU L 839 2.94 -94.19 -5.47
N MET L 840 2.44 -94.61 -6.63
CA MET L 840 3.25 -95.18 -7.69
C MET L 840 2.51 -95.05 -9.00
N ARG L 841 3.12 -94.39 -9.98
CA ARG L 841 2.49 -94.06 -11.24
C ARG L 841 3.33 -94.56 -12.41
N LEU L 842 2.66 -95.21 -13.37
CA LEU L 842 3.29 -95.69 -14.59
C LEU L 842 2.50 -95.16 -15.77
N GLU L 843 3.12 -94.27 -16.54
CA GLU L 843 2.48 -93.60 -17.68
C GLU L 843 3.15 -94.08 -18.97
N ASN L 844 2.40 -94.79 -19.80
CA ASN L 844 2.91 -95.36 -21.03
C ASN L 844 4.14 -96.23 -20.76
N THR L 845 3.99 -97.14 -19.80
CA THR L 845 5.07 -98.03 -19.38
C THR L 845 4.84 -99.43 -19.93
N SER L 846 5.94 -100.16 -20.08
CA SER L 846 5.92 -101.51 -20.64
C SER L 846 5.49 -102.53 -19.58
N LYS L 847 5.75 -103.80 -19.83
CA LYS L 847 5.30 -104.91 -18.99
C LYS L 847 5.43 -104.60 -17.50
N ALA L 848 6.39 -103.74 -17.14
CA ALA L 848 6.52 -103.32 -15.75
C ALA L 848 5.19 -102.89 -15.14
N VAL L 849 4.21 -102.52 -15.97
CA VAL L 849 2.88 -102.22 -15.44
C VAL L 849 2.32 -103.44 -14.71
N LYS L 850 2.58 -104.65 -15.22
CA LYS L 850 2.10 -105.84 -14.54
C LYS L 850 2.72 -105.95 -13.15
N SER L 851 4.02 -105.66 -13.02
CA SER L 851 4.62 -105.62 -11.70
C SER L 851 4.00 -104.52 -10.85
N ALA L 852 3.51 -103.44 -11.49
CA ALA L 852 2.75 -102.44 -10.75
C ALA L 852 1.48 -103.04 -10.16
N LYS L 853 0.80 -103.88 -10.95
CA LYS L 853 -0.38 -104.58 -10.42
C LYS L 853 0.01 -105.50 -9.28
N ALA L 854 1.15 -106.19 -9.40
CA ALA L 854 1.59 -107.08 -8.33
C ALA L 854 1.86 -106.33 -7.04
N ILE L 855 2.56 -105.19 -7.13
CA ILE L 855 2.83 -104.40 -5.93
C ILE L 855 1.53 -103.86 -5.34
N LEU L 856 0.61 -103.40 -6.20
CA LEU L 856 -0.68 -102.95 -5.71
C LEU L 856 -1.39 -104.06 -4.95
N GLU L 857 -1.41 -105.27 -5.51
CA GLU L 857 -2.08 -106.38 -4.85
C GLU L 857 -1.41 -106.71 -3.53
N SER L 858 -0.08 -106.71 -3.49
CA SER L 858 0.63 -107.03 -2.25
C SER L 858 0.33 -106.00 -1.17
N LYS L 859 0.34 -104.72 -1.54
CA LYS L 859 0.07 -103.68 -0.53
C LYS L 859 -1.39 -103.71 -0.08
N THR L 860 -2.32 -104.02 -1.00
CA THR L 860 -3.71 -104.17 -0.61
C THR L 860 -3.88 -105.34 0.35
N ASP L 861 -3.17 -106.44 0.10
CA ASP L 861 -3.20 -107.55 1.04
C ASP L 861 -2.65 -107.12 2.40
N LYS L 862 -1.55 -106.36 2.40
CA LYS L 862 -1.09 -105.75 3.65
C LYS L 862 -2.00 -104.62 4.11
N ASN L 863 -2.93 -104.19 3.25
CA ASN L 863 -3.92 -103.17 3.60
C ASN L 863 -3.23 -101.86 4.03
N ILE L 864 -2.29 -101.41 3.19
CA ILE L 864 -1.61 -100.14 3.37
C ILE L 864 -2.22 -99.14 2.40
N LYS L 865 -2.59 -97.97 2.91
CA LYS L 865 -3.14 -96.92 2.06
C LYS L 865 -2.17 -96.64 0.92
N PHE L 866 -2.58 -96.95 -0.31
CA PHE L 866 -1.70 -96.86 -1.45
C PHE L 866 -2.52 -96.51 -2.69
N ASN L 867 -1.87 -95.83 -3.64
CA ASN L 867 -2.52 -95.39 -4.87
C ASN L 867 -1.73 -95.86 -6.08
N LEU L 868 -2.44 -96.35 -7.09
CA LEU L 868 -1.84 -96.76 -8.35
C LEU L 868 -2.69 -96.18 -9.48
N THR L 869 -2.06 -95.41 -10.36
CA THR L 869 -2.72 -94.83 -11.52
C THR L 869 -2.01 -95.29 -12.77
N ILE L 870 -2.78 -95.79 -13.74
CA ILE L 870 -2.24 -96.30 -15.00
C ILE L 870 -2.98 -95.63 -16.15
N PHE L 871 -2.21 -95.20 -17.16
CA PHE L 871 -2.74 -94.57 -18.35
C PHE L 871 -2.25 -95.31 -19.58
N PRO L 872 -3.08 -95.49 -20.62
CA PRO L 872 -4.50 -95.09 -20.68
C PRO L 872 -5.43 -96.04 -19.94
#